data_6J5I
#
_entry.id   6J5I
#
_cell.length_a   1.00
_cell.length_b   1.00
_cell.length_c   1.00
_cell.angle_alpha   90.00
_cell.angle_beta   90.00
_cell.angle_gamma   90.00
#
_symmetry.space_group_name_H-M   'P 1'
#
loop_
_entity.id
_entity.type
_entity.pdbx_description
1 polymer 'ATP synthase subunit alpha, mitochondrial'
2 polymer 'ATP synthase subunit beta'
3 polymer 'ATPase inhibitor, mitochondrial'
4 polymer 'ATP synthase subunit gamma'
5 polymer 'ATP synthase subunit delta, mitochondrial'
6 polymer 'ATP synthase F1 subunit epsilon'
7 polymer 'ATP synthase subunit O, mitochondrial'
8 polymer 'ATP synthase peripheral stalk-membrane subunit b'
9 polymer 'ATP synthase-coupling factor 6, mitochondrial'
10 polymer 'ATP synthase subunit d, mitochondrial'
11 polymer 'ATP synthase subunit e'
12 polymer 'ATP synthase subunit f, mitochondrial'
13 polymer 'ATP synthase subunit g'
14 polymer 'ATP synthase membrane subunit DAPIT'
15 polymer 'subunit k analog'
16 polymer 'ATP synthase protein 8'
17 polymer 'ATP synthase subunit a'
18 polymer 'Mitochondrial H+ transporting ATP synthase subunit c isoform 1'
19 polymer 'ATP synthase membrane subunit 6.8PL'
20 non-polymer "ADENOSINE-5'-TRIPHOSPHATE"
21 non-polymer 'MAGNESIUM ION'
22 non-polymer "ADENOSINE-5'-DIPHOSPHATE"
#
loop_
_entity_poly.entity_id
_entity_poly.type
_entity_poly.pdbx_seq_one_letter_code
_entity_poly.pdbx_strand_id
1 'polypeptide(L)'
;KTGTAEVSSILEERILGADTSVDLEETGRVLSIGDGIARVHGLRNVQAEEMVEFSSGLKGMSLNLEPDNVGVVVFGNDKL
IKEGDIVKRTGAIVDVPVGEELLGRVVDALGNAIDGKGPIGSKTRRRVGLKAPGIIPRISVREPMQTGIKAVDSLVPIGR
GQRELIIGDRQTGKTSIAIDTIINQKRFNDGTDEKKKLYCIYVAIGQKRSTVAQLVKRLTDADAMKYTIVVSATASDAAP
LQYLAPYSGCSMGEYFRDNGKHALIIYDDLSKQAVAYRQMSLLLRRPPGREAYPGDVFYLHSRLLERAAKMNDAFGGGSL
TALPVIETQAGDVSAYIPTNVISITDGQIFLETELFYKGIRPAINVGLSVSRVGSAAQTRAMKQVAGTMKLELAQYREVA
AFAQFGSDLDAATQQLLSRGVRLTELLKQGQYAPMAIEEQVAVIYAGVRGYLDKLEPSKITKFENAFLSHVISQHQALLG
KIRADGKISEETDAKLKEIVTNFLAGFEA
;
A,B,C
2 'polypeptide(L)'
;QPSPSPKAGAATGRIVAVIGAVVDVQFDEGLPPILNALEVQGRETRLVLEVAQHLGESTVRTIAMDGTEGLVRGQKVLDS
GAPIKIPVGPETLGRIMNVIGEPIDERGPIKTKQFAAIHAEAPEFMEMSVEQEILVTGIKVVDLLAPYAKGGKIGLFGGA
GVGKTVLIMELINNVAKAHGGYSVFAGVGERTREGNDLYHEMIESGVINLKDATSKVALVYGQMNEPPGARARVALTGLT
VAEYFRDQEGQDVLLFIDNIFRFTQAGSEVSALLGRIPSAVGYQPTLATDMGTMQERITTTKKGSITSVQAIYVPADDLT
DPAPATTFAHLDATTVLSRAIAELGIYPAVDPLDSTSRIMDPNIVGSEHYDVARGVQKILQDYKSLQDIIAILGMDELSE
EDKLTVSRARKIQRFLSQPFQVAEVFTGHLGKLVPLKETIKGFQQILAGEYDHLPEQAFYMVGPIEEAVAKADKLAEEHS
;
D,E,F
3 'polypeptide(L)'
;SSDTPEGVRSGAGAVRDAGGAFGKKEQADEERYFRARAREQLAALKKHHENEISHHVKEIERLQKEIERHKQSIKKLKND
DDD
;
J
4 'polypeptide(L)'
;ATLKDITRRLKSIKNIQKITKSMKMVAAAKYARAERDLKPARVYGIGSLALYEKADIKVPEDKKKHLIIGVSSDRGLCGA
IHSSVAKQIKSEVANLTAAGKEVKIVGVGDKIRGILHRTHSDQFLVTFKEVGRKPPTFGDASVIALELLNSGYEFDEGSI
IFNRFRSVISYKTEEKPIFSLDTVASAESMSIYDDIDADVLRNYQEYSLANIIYYSLKESTTSEQSARMTAMDNASKNAS
EMIDKLTLTFNRTRQAVITKELIEIISGAAAL
;
G
5 'polypeptide(L)'
;GQMSFTFASPTQVFFNGANVRQVDVPTQTGAFGILASHVPTLQVLRPGLVVVHAEDGTTSKYFVSSGSVTVNADSSVQLL
AEEAVTLDMLDPGVAKANLEKAQSELLGAADEASRAEIQIRIEANEALVKAL
;
H
6 'polypeptide(L)' VAYWRQAGLSYIRYSQICAKAVRDALKAEFKANAEKTSGSNVKIVKVK I
7 'polypeptide(L)'
;FAKLVRPPVQIYGIEGRYATALYSAASKQNKLEQVEKELLRVAQILKEPKVAASIMNPYVKRSVKVKSLSDMTAKEKFSP
LTSNLINLLAENGRLSSTPGVISAFSTMMSVHRGEVPCSVTTASPLDEATLTELKTVLKSFLSKGQILKLEVKVDPSIMG
GMIVRIGEKYVDMSAKTKIQKLSRAMR
;
S
8 'polypeptide(L)'
;PPLPEHGGKVRLGLIPEEFFQFLYPKTGVTGPYVLGTGLILYLLSKEIYVITAETFSAISTIGVLVYIVKKYGASIGAFA
DKLNEQKIAQLEEVKQASIKQIQDAIDLEKSQQALVQKRHYLFDVQRNNIAMALEVTYRERLHRVYKEIKNRLDYHISVQ
NMMRQKEQEHMIRWVEKHVVQSISAQQEKETIAKCIADLKLLAKKAQAQ
;
b
9 'polypeptide(L)' VQKLFVDKIREYRTKRQTSGGPVDAGPEYQQDLDRELFKLKQMYGKADMNTFPNFTFEDPKFEAVEKPQS c
10 'polypeptide(L)'
;RKLALKAIDWVAFGEIIPRNQKAIANSLKSWNETLSTRLAALPEKPPAIDWAYYKATVAKAGLVDDFEKKFNALKVPVPE
DKYTALVDAEEQEDVKRCAEFLSLSKARIEAYEKELEKMKNIIPFDQMTIEDLNEVFPETKLDKKKY
;
d
11 'polypeptide(L)'
;(UNK)(UNK)(UNK)(UNK)(UNK)(UNK)(UNK)(UNK)(UNK)(UNK)(UNK)(UNK)(UNK)(UNK)(UNK)(UNK)
(UNK)(UNK)(UNK)(UNK)(UNK)(UNK)(UNK)(UNK)(UNK)(UNK)(UNK)(UNK)(UNK)(UNK)(UNK)(UNK)
(UNK)(UNK)(UNK)(UNK)(UNK)(UNK)(UNK)(UNK)(UNK)(UNK)(UNK)(UNK)(UNK)(UNK)(UNK)(UNK)
(UNK)(UNK)(UNK)(UNK)(UNK)(UNK)(UNK)(UNK)(UNK)(UNK)(UNK)(UNK)(UNK)(UNK)(UNK)
;
e
12 'polypeptide(L)'
;ASVVPLKDRRLLEVKLGELPSWILMRDFTPSGIAGAFQRGYYRYYNKYVNVKKGSVAGLSMVLAAYVVFNYCRSYKELKH
ERLRKYH
;
f
13 'polypeptide(L)'
;(UNK)(UNK)(UNK)(UNK)(UNK)(UNK)(UNK)(UNK)(UNK)(UNK)(UNK)(UNK)(UNK)(UNK)(UNK)(UNK)
(UNK)(UNK)(UNK)(UNK)(UNK)(UNK)(UNK)(UNK)(UNK)(UNK)(UNK)(UNK)(UNK)(UNK)(UNK)(UNK)
(UNK)(UNK)(UNK)(UNK)(UNK)(UNK)(UNK)(UNK)(UNK)(UNK)(UNK)(UNK)(UNK)(UNK)(UNK)(UNK)
(UNK)(UNK)(UNK)(UNK)(UNK)(UNK)(UNK)(UNK)(UNK)(UNK)(UNK)(UNK)(UNK)(UNK)(UNK)(UNK)
(UNK)(UNK)(UNK)(UNK)(UNK)(UNK)(UNK)(UNK)(UNK)(UNK)(UNK)(UNK)(UNK)(UNK)(UNK)(UNK)
(UNK)(UNK)(UNK)(UNK)
;
g
14 'polypeptide(L)' QFQFTGIKKYFNSYTLTGRMNCVLATYGGIALLVLYFKLRSK i
15 'polypeptide(L)'
;(UNK)(UNK)(UNK)(UNK)(UNK)(UNK)(UNK)(UNK)(UNK)(UNK)(UNK)(UNK)(UNK)(UNK)(UNK)(UNK)
(UNK)(UNK)(UNK)(UNK)(UNK)(UNK)(UNK)(UNK)(UNK)(UNK)(UNK)(UNK)(UNK)
;
k
16 'polypeptide(L)' MPQLDTSTWFITITSMIMTLFILFQLKISNYSYPASPESIELKTQKHSTPWEMKWTKIYLPLLLPPR 8
17 'polypeptide(L)'
;MNENLFASFIAPTMMGLPIVTLIIMFPSLLFPTPKRLINNRTISIQQWLIQLTSKQMMAIHNQKGQTWSLMLMSLIMFIG
STNILGLLPHSFTPTTQLSMNLGMAIPLWSATVFTGFRYKTKTSLAHFLPQGTPALLIPMLVIIETISLFIQPVALAVRL
TANITAGHLLIHLIGGATLALLNINTMTAFITFTILILLTILEFAVALIQAYVFTLLVSLYLHDNT
;
a
18 'polypeptide(L)' IDTAAKFIGAGAATVGVAGSGAGIGTVFGSMIIGYARNPSLKQQLFSYAILGFALSEAMGLFCLMVAFLILF K,L,M,N,O,P,Q,R
19 'polypeptide(L)'
;(UNK)(UNK)(UNK)(UNK)(UNK)(UNK)(UNK)(UNK)(UNK)(UNK)(UNK)(UNK)(UNK)(UNK)(UNK)(UNK)
(UNK)(UNK)(UNK)(UNK)(UNK)(UNK)(UNK)(UNK)(UNK)(UNK)(UNK)(UNK)(UNK)(UNK)(UNK)(UNK)
(UNK)(UNK)(UNK)(UNK)(UNK)(UNK)(UNK)(UNK)(UNK)(UNK)
;
u
#
loop_
_chem_comp.id
_chem_comp.type
_chem_comp.name
_chem_comp.formula
ADP non-polymer ADENOSINE-5'-DIPHOSPHATE 'C10 H15 N5 O10 P2'
ATP non-polymer ADENOSINE-5'-TRIPHOSPHATE 'C10 H16 N5 O13 P3'
MG non-polymer 'MAGNESIUM ION' 'Mg 2'
#
# COMPACT_ATOMS: atom_id res chain seq x y z
N LYS A 1 50.67 35.28 -33.76
CA LYS A 1 50.05 36.42 -34.41
C LYS A 1 50.61 36.63 -35.80
N THR A 2 49.72 36.71 -36.78
CA THR A 2 50.11 36.97 -38.17
C THR A 2 49.35 38.13 -38.78
N GLY A 3 48.10 38.34 -38.41
CA GLY A 3 47.32 39.40 -39.00
C GLY A 3 46.58 38.91 -40.23
N THR A 4 45.35 39.36 -40.44
CA THR A 4 44.52 38.77 -41.48
C THR A 4 44.94 39.23 -42.88
N ALA A 5 45.25 40.51 -43.03
CA ALA A 5 45.60 41.06 -44.33
C ALA A 5 47.09 41.04 -44.59
N GLU A 6 47.81 40.07 -44.03
CA GLU A 6 49.25 39.91 -44.25
C GLU A 6 49.53 38.79 -45.23
N VAL A 7 48.64 38.57 -46.17
CA VAL A 7 48.80 37.46 -47.11
C VAL A 7 49.86 37.81 -48.14
N SER A 8 50.23 36.80 -48.93
CA SER A 8 51.39 36.95 -49.81
C SER A 8 51.10 37.78 -51.05
N SER A 9 49.85 38.21 -51.24
CA SER A 9 49.52 39.01 -52.40
C SER A 9 49.35 40.49 -52.04
N ILE A 10 49.07 40.76 -50.76
CA ILE A 10 48.96 42.15 -50.30
C ILE A 10 50.34 42.78 -50.18
N LEU A 11 51.28 42.05 -49.59
CA LEU A 11 52.64 42.55 -49.42
C LEU A 11 53.37 42.65 -50.75
N GLU A 12 52.94 41.84 -51.73
CA GLU A 12 53.71 41.69 -52.96
C GLU A 12 53.64 42.94 -53.82
N GLU A 13 52.53 43.66 -53.78
CA GLU A 13 52.42 44.88 -54.58
C GLU A 13 53.16 46.04 -53.92
N ARG A 14 53.22 46.05 -52.58
CA ARG A 14 53.87 47.17 -51.89
C ARG A 14 55.37 47.16 -52.06
N ILE A 15 55.96 46.01 -52.39
CA ILE A 15 57.36 45.97 -52.75
C ILE A 15 57.58 46.55 -54.15
N LEU A 16 56.63 46.36 -55.07
CA LEU A 16 56.72 46.97 -56.40
C LEU A 16 56.69 48.50 -56.32
N GLY A 17 55.58 49.06 -55.86
CA GLY A 17 55.48 50.50 -55.80
C GLY A 17 54.34 51.03 -54.94
N ALA A 18 53.91 52.25 -55.22
CA ALA A 18 52.77 52.83 -54.54
C ALA A 18 51.48 52.32 -55.16
N ASP A 19 50.42 52.31 -54.34
CA ASP A 19 49.13 51.79 -54.77
C ASP A 19 48.29 52.92 -55.33
N THR A 20 48.59 53.27 -56.58
CA THR A 20 47.84 54.25 -57.34
C THR A 20 46.75 53.61 -58.19
N SER A 21 46.94 52.34 -58.55
CA SER A 21 46.02 51.67 -59.48
C SER A 21 44.66 51.42 -58.83
N VAL A 22 44.66 51.01 -57.57
CA VAL A 22 43.45 50.97 -56.76
C VAL A 22 43.56 52.06 -55.71
N ASP A 23 42.43 52.65 -55.35
CA ASP A 23 42.47 53.84 -54.51
C ASP A 23 42.34 53.52 -53.02
N LEU A 24 41.53 52.51 -52.68
CA LEU A 24 41.33 51.96 -51.33
C LEU A 24 40.65 52.92 -50.37
N GLU A 25 40.41 54.16 -50.78
CA GLU A 25 39.63 55.07 -49.96
C GLU A 25 38.15 54.79 -50.11
N GLU A 26 37.76 54.22 -51.25
CA GLU A 26 36.37 53.98 -51.58
C GLU A 26 36.05 52.55 -51.98
N THR A 27 36.97 51.83 -52.62
CA THR A 27 36.74 50.45 -53.05
C THR A 27 37.81 49.55 -52.47
N GLY A 28 37.41 48.37 -51.99
CA GLY A 28 38.34 47.42 -51.44
C GLY A 28 38.10 45.99 -51.86
N ARG A 29 39.17 45.27 -52.22
CA ARG A 29 39.03 43.90 -52.69
C ARG A 29 38.80 42.94 -51.52
N VAL A 30 38.33 41.74 -51.84
CA VAL A 30 37.89 40.75 -50.85
C VAL A 30 39.04 39.78 -50.61
N LEU A 31 39.35 39.53 -49.33
CA LEU A 31 40.45 38.61 -48.99
C LEU A 31 39.97 37.17 -48.93
N SER A 32 38.83 36.92 -48.28
CA SER A 32 38.42 35.57 -47.95
C SER A 32 36.94 35.54 -47.59
N ILE A 33 36.18 34.70 -48.30
CA ILE A 33 34.74 34.53 -48.06
C ILE A 33 34.49 33.14 -47.48
N GLY A 34 33.60 33.07 -46.50
CA GLY A 34 33.15 31.77 -46.01
C GLY A 34 31.98 31.84 -45.06
N ASP A 35 30.93 31.07 -45.40
CA ASP A 35 29.70 30.93 -44.61
C ASP A 35 29.03 32.27 -44.31
N GLY A 36 28.92 33.11 -45.33
CA GLY A 36 28.21 34.36 -45.21
C GLY A 36 28.95 35.47 -44.51
N ILE A 37 30.27 35.35 -44.35
CA ILE A 37 31.10 36.37 -43.73
C ILE A 37 32.24 36.64 -44.68
N ALA A 38 32.46 37.91 -45.02
CA ALA A 38 33.50 38.29 -45.95
C ALA A 38 34.59 39.03 -45.20
N ARG A 39 35.78 39.08 -45.82
CA ARG A 39 36.90 39.89 -45.34
C ARG A 39 37.42 40.72 -46.50
N VAL A 40 37.48 42.04 -46.31
CA VAL A 40 37.72 42.99 -47.39
C VAL A 40 38.97 43.82 -47.08
N HIS A 41 39.92 43.82 -48.01
CA HIS A 41 41.13 44.62 -47.91
C HIS A 41 40.91 45.98 -48.54
N GLY A 42 40.90 47.01 -47.73
CA GLY A 42 40.67 48.35 -48.20
C GLY A 42 39.54 48.99 -47.43
N LEU A 43 38.81 49.86 -48.15
CA LEU A 43 37.63 50.57 -47.68
C LEU A 43 37.92 51.39 -46.44
N ARG A 44 38.86 52.34 -46.52
CA ARG A 44 39.32 53.03 -45.32
C ARG A 44 38.29 53.96 -44.73
N ASN A 45 37.30 54.41 -45.51
CA ASN A 45 36.37 55.44 -45.08
C ASN A 45 34.99 54.89 -44.71
N VAL A 46 34.88 53.59 -44.49
CA VAL A 46 33.58 52.95 -44.25
C VAL A 46 33.14 53.23 -42.82
N GLN A 47 31.92 53.74 -42.66
CA GLN A 47 31.42 53.94 -41.32
C GLN A 47 30.96 52.61 -40.73
N ALA A 48 30.89 52.57 -39.41
CA ALA A 48 30.36 51.38 -38.76
C ALA A 48 28.85 51.32 -38.96
N GLU A 49 28.35 50.11 -39.25
CA GLU A 49 26.95 49.83 -39.61
C GLU A 49 26.55 50.55 -40.89
N GLU A 50 27.34 50.34 -41.94
CA GLU A 50 27.12 50.92 -43.27
C GLU A 50 26.93 49.81 -44.28
N MET A 51 25.92 49.94 -45.14
CA MET A 51 25.74 49.00 -46.23
C MET A 51 26.83 49.14 -47.27
N VAL A 52 27.38 48.00 -47.70
CA VAL A 52 28.25 47.95 -48.86
C VAL A 52 27.51 47.16 -49.92
N GLU A 53 28.11 47.03 -51.08
CA GLU A 53 27.42 46.50 -52.25
C GLU A 53 28.42 45.76 -53.12
N PHE A 54 28.32 44.43 -53.12
CA PHE A 54 29.36 43.59 -53.68
C PHE A 54 29.34 43.65 -55.20
N SER A 55 30.26 42.89 -55.81
CA SER A 55 30.45 42.98 -57.25
C SER A 55 29.38 42.19 -58.00
N SER A 56 28.85 41.13 -57.38
CA SER A 56 27.88 40.28 -58.04
C SER A 56 26.44 40.75 -57.86
N GLY A 57 26.23 41.94 -57.31
CA GLY A 57 24.89 42.48 -57.17
C GLY A 57 24.29 42.38 -55.79
N LEU A 58 24.88 41.61 -54.89
CA LEU A 58 24.34 41.47 -53.55
C LEU A 58 24.62 42.71 -52.72
N LYS A 59 24.20 42.67 -51.46
CA LYS A 59 24.43 43.76 -50.54
C LYS A 59 25.26 43.27 -49.36
N GLY A 60 25.45 44.14 -48.37
CA GLY A 60 26.23 43.79 -47.20
C GLY A 60 25.85 44.67 -46.03
N MET A 61 26.59 44.53 -44.95
CA MET A 61 26.48 45.36 -43.76
C MET A 61 27.76 45.25 -42.96
N SER A 62 28.36 46.40 -42.65
CA SER A 62 29.68 46.43 -42.01
C SER A 62 29.54 46.35 -40.49
N LEU A 63 30.20 45.36 -39.90
CA LEU A 63 30.05 45.10 -38.46
C LEU A 63 31.38 45.09 -37.71
N ASN A 64 32.46 44.62 -38.32
CA ASN A 64 33.78 44.59 -37.71
C ASN A 64 34.72 45.52 -38.46
N LEU A 65 35.08 46.63 -37.82
CA LEU A 65 36.12 47.52 -38.32
C LEU A 65 37.42 47.16 -37.60
N GLU A 66 38.37 46.63 -38.34
CA GLU A 66 39.60 46.06 -37.80
C GLU A 66 40.79 46.77 -38.44
N PRO A 67 41.97 46.76 -37.79
CA PRO A 67 43.07 47.60 -38.27
C PRO A 67 43.69 47.20 -39.59
N ASP A 68 43.31 46.08 -40.19
CA ASP A 68 43.81 45.76 -41.52
C ASP A 68 42.75 45.31 -42.50
N ASN A 69 41.54 44.97 -42.04
CA ASN A 69 40.48 44.58 -42.95
C ASN A 69 39.15 44.95 -42.32
N VAL A 70 38.07 44.69 -43.06
CA VAL A 70 36.73 44.89 -42.54
C VAL A 70 35.92 43.61 -42.81
N GLY A 71 35.16 43.18 -41.81
CA GLY A 71 34.34 42.00 -41.91
C GLY A 71 32.88 42.36 -42.05
N VAL A 72 32.29 41.94 -43.17
CA VAL A 72 30.96 42.37 -43.61
C VAL A 72 30.10 41.13 -43.83
N VAL A 73 28.91 41.13 -43.21
CA VAL A 73 27.95 40.04 -43.40
C VAL A 73 27.27 40.19 -44.75
N VAL A 74 26.92 39.07 -45.38
CA VAL A 74 26.39 39.07 -46.74
C VAL A 74 24.92 38.72 -46.69
N PHE A 75 24.10 39.48 -47.42
CA PHE A 75 22.70 39.14 -47.65
C PHE A 75 22.63 38.22 -48.86
N GLY A 76 22.02 37.07 -48.69
CA GLY A 76 21.81 36.18 -49.81
C GLY A 76 22.78 35.01 -49.80
N ASN A 77 22.85 34.34 -50.95
CA ASN A 77 23.70 33.18 -51.09
C ASN A 77 25.16 33.60 -51.11
N ASP A 78 26.05 32.66 -50.84
CA ASP A 78 27.47 32.95 -50.85
C ASP A 78 28.18 32.35 -52.04
N LYS A 79 27.46 31.75 -52.98
CA LYS A 79 28.12 31.16 -54.15
C LYS A 79 28.30 32.20 -55.26
N LEU A 80 28.05 33.47 -54.95
CA LEU A 80 28.25 34.54 -55.93
C LEU A 80 29.47 35.38 -55.60
N ILE A 81 29.85 35.43 -54.31
CA ILE A 81 31.03 36.15 -53.88
C ILE A 81 32.26 35.26 -54.03
N LYS A 82 33.41 35.86 -54.32
CA LYS A 82 34.64 35.11 -54.45
C LYS A 82 35.81 35.92 -53.90
N GLU A 83 37.02 35.47 -54.22
CA GLU A 83 38.21 36.14 -53.73
C GLU A 83 38.84 36.98 -54.83
N GLY A 84 38.82 38.30 -54.65
CA GLY A 84 39.21 39.22 -55.68
C GLY A 84 38.08 40.05 -56.25
N ASP A 85 36.98 40.20 -55.54
CA ASP A 85 35.82 40.91 -56.04
C ASP A 85 35.72 42.29 -55.41
N ILE A 86 35.67 43.32 -56.26
CA ILE A 86 35.66 44.70 -55.78
C ILE A 86 34.36 44.99 -55.03
N VAL A 87 34.48 45.68 -53.91
CA VAL A 87 33.35 46.09 -53.09
C VAL A 87 33.30 47.60 -53.16
N LYS A 88 32.10 48.16 -53.12
CA LYS A 88 31.96 49.60 -53.15
C LYS A 88 31.11 50.05 -51.97
N ARG A 89 30.87 51.35 -51.90
CA ARG A 89 30.15 51.97 -50.80
C ARG A 89 28.83 52.53 -51.31
N THR A 90 27.85 52.62 -50.42
CA THR A 90 26.68 53.43 -50.71
C THR A 90 26.77 54.77 -50.02
N GLY A 91 27.21 54.79 -48.77
CA GLY A 91 27.40 56.02 -48.05
C GLY A 91 26.42 56.30 -46.94
N ALA A 92 25.68 55.30 -46.49
CA ALA A 92 24.67 55.52 -45.47
C ALA A 92 24.38 54.24 -44.70
N ILE A 93 23.84 54.41 -43.50
CA ILE A 93 23.19 53.31 -42.79
C ILE A 93 21.95 52.91 -43.56
N VAL A 94 21.58 51.62 -43.44
CA VAL A 94 20.49 51.04 -44.22
C VAL A 94 19.17 51.72 -43.92
N ASP A 95 18.36 51.88 -44.96
CA ASP A 95 17.09 52.58 -44.90
C ASP A 95 16.02 51.76 -45.61
N VAL A 96 14.77 51.98 -45.25
CA VAL A 96 13.65 51.18 -45.73
C VAL A 96 12.51 52.11 -46.15
N PRO A 97 11.77 51.78 -47.20
CA PRO A 97 10.56 52.53 -47.54
C PRO A 97 9.54 52.53 -46.43
N VAL A 98 8.83 53.63 -46.27
CA VAL A 98 7.88 53.87 -45.19
C VAL A 98 6.81 54.83 -45.71
N GLY A 99 5.54 54.52 -45.46
CA GLY A 99 4.50 55.48 -45.74
C GLY A 99 3.15 54.96 -45.28
N GLU A 100 2.14 55.24 -46.10
CA GLU A 100 0.89 54.50 -46.08
C GLU A 100 0.64 53.77 -47.39
N GLU A 101 1.66 53.69 -48.24
CA GLU A 101 1.57 52.89 -49.45
C GLU A 101 1.97 51.44 -49.16
N LEU A 102 2.16 51.12 -47.88
CA LEU A 102 2.49 49.76 -47.47
C LEU A 102 1.24 48.99 -47.09
N LEU A 103 0.17 49.69 -46.70
CA LEU A 103 -1.02 49.07 -46.17
C LEU A 103 -1.69 48.17 -47.18
N GLY A 104 -1.90 46.91 -46.80
CA GLY A 104 -2.45 45.95 -47.71
C GLY A 104 -1.42 45.24 -48.55
N ARG A 105 -0.16 45.62 -48.44
CA ARG A 105 0.90 44.99 -49.20
C ARG A 105 1.69 44.07 -48.28
N VAL A 106 2.48 43.20 -48.91
CA VAL A 106 3.34 42.25 -48.21
C VAL A 106 4.77 42.53 -48.63
N VAL A 107 5.62 42.86 -47.65
CA VAL A 107 6.98 43.31 -47.89
C VAL A 107 7.95 42.39 -47.18
N ASP A 108 9.18 42.32 -47.67
CA ASP A 108 10.21 41.60 -46.93
C ASP A 108 10.95 42.59 -46.03
N ALA A 109 12.11 42.20 -45.51
CA ALA A 109 12.75 42.99 -44.46
C ALA A 109 13.57 44.14 -45.04
N LEU A 110 13.67 44.25 -46.36
CA LEU A 110 14.33 45.37 -46.99
C LEU A 110 13.35 46.31 -47.67
N GLY A 111 12.04 46.14 -47.45
CA GLY A 111 11.03 46.99 -48.03
C GLY A 111 10.62 46.64 -49.45
N ASN A 112 11.14 45.58 -50.03
CA ASN A 112 10.76 45.22 -51.39
C ASN A 112 9.37 44.58 -51.41
N ALA A 113 8.92 44.20 -52.60
CA ALA A 113 7.58 43.69 -52.80
C ALA A 113 7.65 42.22 -53.17
N ILE A 114 6.80 41.40 -52.53
CA ILE A 114 6.78 39.98 -52.82
C ILE A 114 5.41 39.45 -53.22
N ASP A 115 4.33 40.20 -52.99
CA ASP A 115 3.01 39.67 -53.28
C ASP A 115 2.64 39.80 -54.75
N GLY A 116 3.49 40.45 -55.53
CA GLY A 116 3.31 40.47 -56.96
C GLY A 116 2.28 41.46 -57.48
N LYS A 117 1.74 42.31 -56.62
CA LYS A 117 0.88 43.38 -57.11
C LYS A 117 1.67 44.40 -57.92
N GLY A 118 2.63 45.06 -57.29
CA GLY A 118 3.46 46.03 -57.96
C GLY A 118 4.38 46.74 -56.99
N PRO A 119 5.24 47.62 -57.50
CA PRO A 119 6.20 48.31 -56.64
C PRO A 119 5.52 49.29 -55.70
N ILE A 120 6.17 49.50 -54.55
CA ILE A 120 5.61 50.39 -53.53
C ILE A 120 5.73 51.83 -54.04
N GLY A 121 4.71 52.63 -53.73
CA GLY A 121 4.66 54.00 -54.20
C GLY A 121 4.96 55.06 -53.16
N SER A 122 5.79 54.77 -52.15
CA SER A 122 6.00 55.74 -51.09
C SER A 122 7.07 56.74 -51.48
N LYS A 123 6.99 57.93 -50.90
CA LYS A 123 7.91 59.02 -51.16
C LYS A 123 8.72 59.41 -49.93
N THR A 124 8.92 58.50 -48.99
CA THR A 124 9.62 58.76 -47.75
C THR A 124 10.57 57.61 -47.47
N ARG A 125 11.56 57.85 -46.61
CA ARG A 125 12.46 56.82 -46.12
C ARG A 125 12.68 56.99 -44.63
N ARG A 126 13.42 56.05 -44.05
CA ARG A 126 13.75 56.07 -42.63
C ARG A 126 14.89 55.11 -42.38
N ARG A 127 15.79 55.48 -41.49
CA ARG A 127 16.89 54.64 -41.06
C ARG A 127 16.38 53.64 -40.04
N VAL A 128 16.87 52.40 -40.11
CA VAL A 128 16.33 51.36 -39.22
C VAL A 128 16.90 51.50 -37.81
N GLY A 129 18.04 52.17 -37.66
CA GLY A 129 18.78 52.13 -36.42
C GLY A 129 18.62 53.32 -35.51
N LEU A 130 17.48 53.99 -35.51
CA LEU A 130 17.32 55.19 -34.69
C LEU A 130 17.05 54.87 -33.23
N LYS A 131 16.79 55.89 -32.42
CA LYS A 131 16.73 55.76 -30.98
C LYS A 131 15.30 55.87 -30.49
N ALA A 132 15.12 55.56 -29.21
CA ALA A 132 13.85 55.72 -28.56
C ALA A 132 13.61 57.20 -28.26
N PRO A 133 12.39 57.57 -27.89
CA PRO A 133 12.20 58.85 -27.21
C PRO A 133 12.80 58.80 -25.81
N GLY A 134 12.92 59.98 -25.21
CA GLY A 134 13.55 60.14 -23.92
C GLY A 134 12.57 59.98 -22.79
N ILE A 135 12.96 60.49 -21.63
CA ILE A 135 12.08 60.47 -20.46
C ILE A 135 10.92 61.43 -20.67
N ILE A 136 11.17 62.56 -21.29
CA ILE A 136 10.23 63.67 -21.41
C ILE A 136 9.15 63.48 -22.48
N PRO A 137 9.44 63.04 -23.76
CA PRO A 137 8.36 63.08 -24.76
C PRO A 137 7.28 62.01 -24.64
N ARG A 138 7.16 61.33 -23.51
CA ARG A 138 6.14 60.31 -23.31
C ARG A 138 5.12 60.76 -22.27
N ILE A 139 4.10 59.94 -22.08
CA ILE A 139 3.13 60.10 -21.00
C ILE A 139 2.61 58.72 -20.65
N SER A 140 2.03 58.60 -19.44
CA SER A 140 1.54 57.32 -18.95
C SER A 140 0.35 56.84 -19.78
N VAL A 141 0.28 55.52 -19.98
CA VAL A 141 -0.68 54.97 -20.93
C VAL A 141 -2.08 54.96 -20.32
N ARG A 142 -3.07 55.30 -21.13
CA ARG A 142 -4.45 55.41 -20.69
C ARG A 142 -5.43 54.83 -21.70
N GLU A 143 -4.96 54.37 -22.87
CA GLU A 143 -5.85 53.97 -23.95
C GLU A 143 -6.09 52.47 -23.93
N PRO A 144 -7.34 52.04 -23.94
CA PRO A 144 -7.63 50.61 -24.14
C PRO A 144 -7.20 50.15 -25.51
N MET A 145 -6.69 48.93 -25.56
CA MET A 145 -6.47 48.23 -26.82
C MET A 145 -7.15 46.88 -26.67
N GLN A 146 -8.14 46.62 -27.51
CA GLN A 146 -9.05 45.51 -27.31
C GLN A 146 -8.68 44.37 -28.24
N THR A 147 -8.71 43.16 -27.70
CA THR A 147 -8.37 41.94 -28.41
C THR A 147 -9.60 41.13 -28.82
N GLY A 148 -10.68 41.21 -28.04
CA GLY A 148 -11.86 40.42 -28.31
C GLY A 148 -11.90 39.10 -27.59
N ILE A 149 -10.91 38.81 -26.77
CA ILE A 149 -10.84 37.57 -25.99
C ILE A 149 -11.28 37.90 -24.58
N LYS A 150 -12.17 37.09 -24.01
CA LYS A 150 -12.74 37.42 -22.70
C LYS A 150 -11.69 37.26 -21.60
N ALA A 151 -10.62 36.52 -21.86
CA ALA A 151 -9.59 36.34 -20.87
C ALA A 151 -8.57 37.47 -20.92
N VAL A 152 -8.14 37.84 -22.12
CA VAL A 152 -7.08 38.82 -22.30
C VAL A 152 -7.60 40.22 -21.98
N ASP A 153 -8.89 40.47 -22.21
CA ASP A 153 -9.42 41.81 -21.96
C ASP A 153 -9.91 41.98 -20.53
N SER A 154 -10.03 40.89 -19.77
CA SER A 154 -10.65 41.02 -18.45
C SER A 154 -9.70 40.58 -17.34
N LEU A 155 -8.68 39.81 -17.67
CA LEU A 155 -7.77 39.33 -16.64
C LEU A 155 -6.36 39.87 -16.78
N VAL A 156 -5.82 39.92 -18.00
CA VAL A 156 -4.50 40.50 -18.23
C VAL A 156 -4.57 41.54 -19.35
N PRO A 157 -5.02 42.75 -19.06
CA PRO A 157 -5.30 43.70 -20.15
C PRO A 157 -4.06 44.40 -20.67
N ILE A 158 -4.13 44.81 -21.93
CA ILE A 158 -3.08 45.53 -22.64
C ILE A 158 -3.56 46.97 -22.81
N GLY A 159 -2.62 47.92 -22.81
CA GLY A 159 -2.93 49.27 -23.22
C GLY A 159 -2.18 49.66 -24.48
N ARG A 160 -2.34 50.91 -24.88
CA ARG A 160 -1.61 51.40 -26.06
C ARG A 160 -0.32 52.06 -25.62
N GLY A 161 0.79 51.57 -26.16
CA GLY A 161 2.10 51.95 -25.67
C GLY A 161 2.63 51.07 -24.56
N GLN A 162 2.56 49.76 -24.74
CA GLN A 162 2.94 48.79 -23.73
C GLN A 162 3.52 47.58 -24.44
N ARG A 163 4.48 46.91 -23.81
CA ARG A 163 4.94 45.63 -24.31
C ARG A 163 4.23 44.52 -23.55
N GLU A 164 3.86 43.46 -24.25
CA GLU A 164 3.22 42.31 -23.61
C GLU A 164 3.70 41.03 -24.28
N LEU A 165 4.27 40.15 -23.49
CA LEU A 165 5.02 39.00 -23.98
C LEU A 165 4.10 37.80 -24.10
N ILE A 166 3.99 37.23 -25.29
CA ILE A 166 3.22 36.01 -25.50
C ILE A 166 4.21 34.87 -25.36
N ILE A 167 4.20 34.20 -24.22
CA ILE A 167 5.20 33.19 -23.90
C ILE A 167 4.48 31.88 -23.62
N GLY A 168 5.08 30.79 -24.07
CA GLY A 168 4.47 29.49 -23.91
C GLY A 168 5.14 28.48 -24.80
N ASP A 169 4.78 27.22 -24.58
CA ASP A 169 5.46 26.08 -25.19
C ASP A 169 5.04 25.94 -26.63
N ARG A 170 5.47 24.88 -27.31
CA ARG A 170 5.05 24.69 -28.69
C ARG A 170 3.62 24.18 -28.75
N GLN A 171 2.95 24.48 -29.87
CA GLN A 171 1.63 23.96 -30.23
C GLN A 171 0.55 24.33 -29.22
N THR A 172 0.53 25.60 -28.82
CA THR A 172 -0.25 26.01 -27.67
C THR A 172 -1.32 27.06 -27.97
N GLY A 173 -1.20 27.78 -29.09
CA GLY A 173 -2.15 28.83 -29.40
C GLY A 173 -1.53 30.20 -29.33
N LYS A 174 -0.26 30.31 -29.72
CA LYS A 174 0.47 31.56 -29.61
C LYS A 174 0.17 32.49 -30.77
N THR A 175 0.34 31.99 -31.99
CA THR A 175 0.03 32.68 -33.24
C THR A 175 -1.44 33.03 -33.38
N SER A 176 -2.32 32.50 -32.54
CA SER A 176 -3.75 32.73 -32.66
C SER A 176 -4.30 33.69 -31.61
N ILE A 177 -3.56 34.02 -30.56
CA ILE A 177 -3.95 35.17 -29.74
C ILE A 177 -3.73 36.44 -30.53
N ALA A 178 -2.70 36.44 -31.38
CA ALA A 178 -2.28 37.61 -32.13
C ALA A 178 -2.77 37.59 -33.56
N ILE A 179 -3.93 36.98 -33.82
CA ILE A 179 -4.45 37.00 -35.17
C ILE A 179 -5.92 37.37 -35.12
N ASP A 180 -6.52 37.30 -33.93
CA ASP A 180 -7.77 37.98 -33.68
C ASP A 180 -7.60 39.20 -32.82
N THR A 181 -6.37 39.51 -32.41
CA THR A 181 -6.06 40.88 -32.04
C THR A 181 -6.14 41.78 -33.25
N ILE A 182 -5.78 41.25 -34.41
CA ILE A 182 -5.82 42.01 -35.66
C ILE A 182 -7.25 42.13 -36.16
N ILE A 183 -7.98 41.02 -36.20
CA ILE A 183 -9.29 40.94 -36.82
C ILE A 183 -10.32 41.73 -36.01
N ASN A 184 -10.09 41.89 -34.71
CA ASN A 184 -11.00 42.64 -33.86
C ASN A 184 -11.03 44.13 -34.20
N GLN A 185 -10.01 44.67 -34.85
CA GLN A 185 -9.95 46.10 -35.04
C GLN A 185 -10.83 46.61 -36.18
N LYS A 186 -11.41 45.72 -36.97
CA LYS A 186 -12.27 46.10 -38.09
C LYS A 186 -13.56 46.78 -37.65
N ARG A 187 -13.95 46.62 -36.38
CA ARG A 187 -15.07 47.36 -35.81
C ARG A 187 -14.85 48.86 -35.88
N PHE A 188 -13.65 49.31 -35.56
CA PHE A 188 -13.31 50.71 -35.43
C PHE A 188 -12.69 51.30 -36.67
N ASN A 189 -12.08 50.46 -37.49
CA ASN A 189 -11.25 50.89 -38.60
C ASN A 189 -12.03 51.11 -39.88
N ASP A 190 -13.35 50.99 -39.84
CA ASP A 190 -14.19 51.35 -40.95
C ASP A 190 -15.16 52.48 -40.63
N GLY A 191 -15.33 52.81 -39.35
CA GLY A 191 -16.18 53.90 -38.94
C GLY A 191 -15.62 55.29 -39.23
N THR A 192 -16.02 56.28 -38.44
CA THR A 192 -15.68 57.67 -38.72
C THR A 192 -14.73 58.28 -37.72
N ASP A 193 -14.64 57.75 -36.50
CA ASP A 193 -13.71 58.26 -35.50
C ASP A 193 -12.27 57.99 -35.92
N GLU A 194 -11.38 58.86 -35.46
CA GLU A 194 -9.97 58.83 -35.85
C GLU A 194 -9.03 58.46 -34.71
N LYS A 195 -9.38 58.76 -33.47
CA LYS A 195 -8.55 58.39 -32.34
C LYS A 195 -8.94 57.04 -31.74
N LYS A 196 -9.62 56.20 -32.51
CA LYS A 196 -9.88 54.82 -32.14
C LYS A 196 -9.43 53.86 -33.21
N LYS A 197 -8.87 54.35 -34.32
CA LYS A 197 -8.40 53.46 -35.36
C LYS A 197 -7.13 52.77 -34.91
N LEU A 198 -6.67 51.81 -35.71
CA LEU A 198 -5.43 51.13 -35.44
C LEU A 198 -4.93 50.52 -36.74
N TYR A 199 -3.62 50.43 -36.89
CA TYR A 199 -3.00 49.96 -38.13
C TYR A 199 -1.96 48.92 -37.74
N CYS A 200 -2.19 47.66 -38.07
CA CYS A 200 -1.42 46.57 -37.51
C CYS A 200 -0.30 46.15 -38.43
N ILE A 201 0.78 45.64 -37.85
CA ILE A 201 1.93 45.09 -38.58
C ILE A 201 2.21 43.71 -38.02
N TYR A 202 2.49 42.76 -38.90
CA TYR A 202 2.84 41.40 -38.50
C TYR A 202 4.23 41.09 -39.06
N VAL A 203 5.15 40.69 -38.18
CA VAL A 203 6.51 40.34 -38.57
C VAL A 203 6.69 38.85 -38.38
N ALA A 204 7.10 38.15 -39.43
CA ALA A 204 7.32 36.71 -39.39
C ALA A 204 8.80 36.43 -39.56
N ILE A 205 9.43 35.88 -38.52
CA ILE A 205 10.87 35.67 -38.48
C ILE A 205 11.13 34.18 -38.45
N GLY A 206 11.62 33.63 -39.56
CA GLY A 206 12.08 32.27 -39.60
C GLY A 206 11.02 31.20 -39.78
N GLN A 207 9.74 31.57 -39.92
CA GLN A 207 8.69 30.61 -40.21
C GLN A 207 8.83 30.09 -41.63
N LYS A 208 8.12 29.02 -41.96
CA LYS A 208 8.17 28.57 -43.34
C LYS A 208 7.16 29.39 -44.14
N ARG A 209 7.40 29.45 -45.45
CA ARG A 209 6.70 30.42 -46.31
C ARG A 209 5.21 30.14 -46.37
N SER A 210 4.83 28.86 -46.42
CA SER A 210 3.43 28.48 -46.55
C SER A 210 2.71 28.43 -45.22
N THR A 211 3.22 29.07 -44.18
CA THR A 211 2.41 29.46 -43.03
C THR A 211 2.07 30.93 -43.09
N VAL A 212 2.91 31.71 -43.79
CA VAL A 212 2.55 33.08 -44.12
C VAL A 212 1.47 33.09 -45.18
N ALA A 213 1.55 32.16 -46.15
CA ALA A 213 0.57 32.12 -47.23
C ALA A 213 -0.80 31.69 -46.73
N GLN A 214 -0.86 30.91 -45.66
CA GLN A 214 -2.08 30.59 -44.96
C GLN A 214 -2.50 31.68 -43.99
N LEU A 215 -1.77 32.79 -43.94
CA LEU A 215 -2.14 33.92 -43.10
C LEU A 215 -2.58 35.15 -43.88
N VAL A 216 -2.10 35.33 -45.11
CA VAL A 216 -2.67 36.36 -45.95
C VAL A 216 -4.05 35.94 -46.45
N LYS A 217 -4.36 34.64 -46.45
CA LYS A 217 -5.68 34.16 -46.80
C LYS A 217 -6.61 34.04 -45.61
N ARG A 218 -6.08 33.96 -44.41
CA ARG A 218 -6.97 34.04 -43.26
C ARG A 218 -7.46 35.47 -43.06
N LEU A 219 -6.63 36.45 -43.41
CA LEU A 219 -6.92 37.84 -43.12
C LEU A 219 -7.64 38.55 -44.25
N THR A 220 -7.45 38.10 -45.49
CA THR A 220 -8.23 38.62 -46.60
C THR A 220 -9.70 38.25 -46.46
N ASP A 221 -9.97 36.98 -46.14
CA ASP A 221 -11.35 36.50 -46.04
C ASP A 221 -12.08 37.08 -44.85
N ALA A 222 -11.37 37.42 -43.79
CA ALA A 222 -11.96 38.14 -42.67
C ALA A 222 -11.87 39.63 -42.83
N ASP A 223 -11.36 40.10 -43.98
CA ASP A 223 -11.35 41.50 -44.41
C ASP A 223 -10.55 42.39 -43.46
N ALA A 224 -9.27 42.05 -43.29
CA ALA A 224 -8.38 42.84 -42.47
C ALA A 224 -6.99 42.95 -43.07
N MET A 225 -6.89 42.93 -44.39
CA MET A 225 -5.66 43.24 -45.11
C MET A 225 -5.81 44.50 -45.95
N LYS A 226 -6.53 45.47 -45.41
CA LYS A 226 -6.50 46.82 -45.92
C LYS A 226 -5.91 47.78 -44.90
N TYR A 227 -5.49 47.26 -43.74
CA TYR A 227 -4.73 48.04 -42.77
C TYR A 227 -3.65 47.19 -42.11
N THR A 228 -3.14 46.16 -42.78
CA THR A 228 -2.14 45.29 -42.19
C THR A 228 -0.97 45.12 -43.14
N ILE A 229 0.22 45.49 -42.66
CA ILE A 229 1.48 45.23 -43.35
C ILE A 229 2.01 43.88 -42.88
N VAL A 230 2.58 43.11 -43.79
CA VAL A 230 3.17 41.83 -43.45
C VAL A 230 4.64 41.89 -43.84
N VAL A 231 5.52 41.77 -42.85
CA VAL A 231 6.97 41.77 -43.07
C VAL A 231 7.46 40.34 -42.85
N SER A 232 8.19 39.81 -43.82
CA SER A 232 8.44 38.36 -43.81
C SER A 232 9.88 38.04 -44.21
N ALA A 233 10.74 37.90 -43.21
CA ALA A 233 12.02 37.22 -43.36
C ALA A 233 11.80 35.77 -42.96
N THR A 234 11.65 34.89 -43.94
CA THR A 234 11.32 33.50 -43.67
C THR A 234 12.59 32.68 -43.56
N ALA A 235 12.46 31.36 -43.54
CA ALA A 235 13.55 30.52 -43.07
C ALA A 235 14.61 30.28 -44.13
N SER A 236 14.25 30.35 -45.41
CA SER A 236 15.21 30.00 -46.45
C SER A 236 16.21 31.11 -46.76
N ASP A 237 16.15 32.23 -46.04
CA ASP A 237 16.92 33.41 -46.35
C ASP A 237 18.36 33.31 -45.86
N ALA A 238 19.03 34.45 -45.78
CA ALA A 238 20.27 34.54 -45.04
C ALA A 238 19.96 35.04 -43.63
N ALA A 239 20.90 34.80 -42.74
CA ALA A 239 20.80 35.18 -41.34
C ALA A 239 20.76 36.66 -40.98
N PRO A 240 21.33 37.62 -41.72
CA PRO A 240 21.15 39.02 -41.31
C PRO A 240 19.82 39.60 -41.70
N LEU A 241 19.16 39.05 -42.72
CA LEU A 241 17.84 39.51 -43.11
C LEU A 241 16.81 39.22 -42.04
N GLN A 242 17.01 38.17 -41.27
CA GLN A 242 16.19 37.87 -40.11
C GLN A 242 16.65 38.63 -38.88
N TYR A 243 17.82 39.26 -38.94
CA TYR A 243 18.28 40.10 -37.85
C TYR A 243 17.71 41.51 -37.96
N LEU A 244 17.56 42.03 -39.19
CA LEU A 244 17.04 43.38 -39.38
C LEU A 244 15.53 43.44 -39.25
N ALA A 245 14.84 42.36 -39.57
CA ALA A 245 13.40 42.26 -39.77
C ALA A 245 12.51 42.75 -38.63
N PRO A 246 12.93 42.81 -37.37
CA PRO A 246 12.13 43.58 -36.41
C PRO A 246 12.52 45.04 -36.30
N TYR A 247 13.70 45.43 -36.77
CA TYR A 247 14.00 46.85 -36.84
C TYR A 247 13.37 47.46 -38.06
N SER A 248 13.38 46.72 -39.17
CA SER A 248 12.68 47.10 -40.39
C SER A 248 11.18 47.23 -40.19
N GLY A 249 10.60 46.55 -39.23
CA GLY A 249 9.18 46.68 -38.99
C GLY A 249 8.86 47.64 -37.88
N CYS A 250 9.85 48.03 -37.08
CA CYS A 250 9.62 49.01 -36.03
C CYS A 250 9.90 50.43 -36.48
N SER A 251 10.46 50.60 -37.68
CA SER A 251 10.53 51.90 -38.33
C SER A 251 9.34 52.13 -39.24
N MET A 252 8.77 51.06 -39.79
CA MET A 252 7.51 51.17 -40.52
C MET A 252 6.36 51.56 -39.59
N GLY A 253 6.46 51.26 -38.32
CA GLY A 253 5.41 51.60 -37.39
C GLY A 253 5.74 52.76 -36.50
N GLU A 254 6.74 53.55 -36.86
CA GLU A 254 7.04 54.77 -36.13
C GLU A 254 6.55 56.01 -36.86
N TYR A 255 6.37 55.92 -38.17
CA TYR A 255 5.72 56.99 -38.92
C TYR A 255 4.27 57.16 -38.48
N PHE A 256 3.61 56.07 -38.12
CA PHE A 256 2.29 56.15 -37.53
C PHE A 256 2.32 56.62 -36.09
N ARG A 257 3.50 56.68 -35.47
CA ARG A 257 3.64 57.20 -34.11
C ARG A 257 3.97 58.67 -34.08
N ASP A 258 4.71 59.17 -35.07
CA ASP A 258 5.10 60.57 -35.10
C ASP A 258 4.01 61.47 -35.63
N ASN A 259 2.85 60.94 -36.03
CA ASN A 259 1.84 61.71 -36.74
C ASN A 259 0.47 61.60 -36.11
N GLY A 260 0.37 61.31 -34.83
CA GLY A 260 -0.92 61.31 -34.16
C GLY A 260 -1.81 60.14 -34.47
N LYS A 261 -1.30 59.13 -35.15
CA LYS A 261 -2.01 57.88 -35.41
C LYS A 261 -1.57 56.83 -34.40
N HIS A 262 -2.04 55.60 -34.56
CA HIS A 262 -1.71 54.53 -33.64
C HIS A 262 -1.34 53.30 -34.44
N ALA A 263 -0.61 52.38 -33.80
CA ALA A 263 -0.23 51.16 -34.48
C ALA A 263 -0.05 50.05 -33.46
N LEU A 264 0.34 48.88 -33.95
CA LEU A 264 0.50 47.67 -33.15
C LEU A 264 1.34 46.68 -33.94
N ILE A 265 2.42 46.21 -33.36
CA ILE A 265 3.37 45.35 -34.05
C ILE A 265 3.51 44.04 -33.28
N ILE A 266 3.69 42.94 -34.02
CA ILE A 266 3.69 41.59 -33.48
C ILE A 266 4.93 40.91 -34.01
N TYR A 267 5.96 40.78 -33.16
CA TYR A 267 7.16 40.03 -33.52
C TYR A 267 6.90 38.55 -33.28
N ASP A 268 7.12 37.75 -34.32
CA ASP A 268 6.71 36.34 -34.30
C ASP A 268 7.79 35.52 -35.01
N ASP A 269 8.76 35.00 -34.26
CA ASP A 269 8.90 35.20 -32.81
C ASP A 269 10.29 35.72 -32.49
N LEU A 270 10.46 36.31 -31.32
CA LEU A 270 11.75 36.93 -30.99
C LEU A 270 12.79 35.92 -30.55
N SER A 271 12.48 34.63 -30.50
CA SER A 271 13.46 33.60 -30.20
C SER A 271 14.09 33.02 -31.46
N LYS A 272 13.92 33.67 -32.60
CA LYS A 272 14.63 33.30 -33.81
C LYS A 272 15.44 34.44 -34.38
N GLN A 273 15.22 35.66 -33.92
CA GLN A 273 16.18 36.73 -34.14
C GLN A 273 17.44 36.47 -33.33
N ALA A 274 17.27 36.10 -32.05
CA ALA A 274 18.38 35.90 -31.15
C ALA A 274 19.25 34.71 -31.53
N VAL A 275 18.72 33.74 -32.26
CA VAL A 275 19.54 32.67 -32.82
C VAL A 275 20.16 33.09 -34.15
N ALA A 276 19.54 34.04 -34.85
CA ALA A 276 20.11 34.56 -36.09
C ALA A 276 21.26 35.51 -35.82
N TYR A 277 21.23 36.21 -34.70
CA TYR A 277 22.37 37.03 -34.30
C TYR A 277 23.53 36.16 -33.86
N ARG A 278 23.24 35.08 -33.12
CA ARG A 278 24.27 34.21 -32.55
C ARG A 278 25.06 33.49 -33.63
N GLN A 279 24.42 33.14 -34.73
CA GLN A 279 25.15 32.56 -35.86
C GLN A 279 26.13 33.58 -36.44
N MET A 280 25.74 34.85 -36.46
CA MET A 280 26.57 35.90 -37.05
C MET A 280 27.74 36.28 -36.15
N SER A 281 27.55 36.24 -34.83
CA SER A 281 28.64 36.60 -33.94
C SER A 281 29.74 35.56 -33.93
N LEU A 282 29.39 34.29 -33.76
CA LEU A 282 30.39 33.24 -33.60
C LEU A 282 31.08 32.83 -34.88
N LEU A 283 30.75 33.45 -36.01
CA LEU A 283 31.57 33.34 -37.21
C LEU A 283 32.43 34.57 -37.42
N LEU A 284 32.09 35.68 -36.78
CA LEU A 284 32.93 36.86 -36.64
C LEU A 284 33.88 36.75 -35.47
N ARG A 285 33.86 35.60 -34.79
CA ARG A 285 34.76 35.24 -33.70
C ARG A 285 34.65 36.19 -32.52
N ARG A 286 33.47 36.76 -32.32
CA ARG A 286 33.22 37.49 -31.09
C ARG A 286 33.09 36.49 -29.95
N PRO A 287 33.63 36.82 -28.77
CA PRO A 287 33.71 35.85 -27.67
C PRO A 287 32.35 35.45 -27.14
N PRO A 288 32.15 34.17 -26.84
CA PRO A 288 30.84 33.67 -26.42
C PRO A 288 30.55 34.00 -24.96
N GLY A 289 29.41 33.51 -24.51
CA GLY A 289 29.03 33.62 -23.11
C GLY A 289 28.24 32.40 -22.74
N ARG A 290 27.20 32.58 -21.94
CA ARG A 290 26.35 31.47 -21.55
C ARG A 290 25.47 31.04 -22.72
N GLU A 291 25.44 29.73 -22.98
CA GLU A 291 24.74 29.10 -24.11
C GLU A 291 25.22 29.62 -25.45
N ALA A 292 26.49 29.98 -25.53
CA ALA A 292 27.18 30.49 -26.73
C ALA A 292 26.52 31.72 -27.33
N TYR A 293 25.77 32.46 -26.56
CA TYR A 293 25.30 33.76 -27.01
C TYR A 293 26.37 34.80 -26.74
N PRO A 294 26.51 35.80 -27.61
CA PRO A 294 27.45 36.89 -27.32
C PRO A 294 27.00 37.73 -26.13
N GLY A 295 27.87 38.65 -25.75
CA GLY A 295 27.61 39.45 -24.57
C GLY A 295 26.55 40.50 -24.79
N ASP A 296 26.42 41.00 -26.01
CA ASP A 296 25.53 42.10 -26.33
C ASP A 296 24.14 41.65 -26.77
N VAL A 297 23.64 40.52 -26.26
CA VAL A 297 22.36 40.02 -26.73
C VAL A 297 21.21 40.47 -25.85
N PHE A 298 21.48 40.97 -24.65
CA PHE A 298 20.48 41.81 -23.98
C PHE A 298 20.39 43.16 -24.67
N TYR A 299 21.47 43.59 -25.32
CA TYR A 299 21.44 44.84 -26.06
C TYR A 299 20.69 44.73 -27.39
N LEU A 300 20.36 43.53 -27.83
CA LEU A 300 19.52 43.36 -29.01
C LEU A 300 18.08 43.67 -28.71
N HIS A 301 17.54 43.08 -27.66
CA HIS A 301 16.13 43.16 -27.35
C HIS A 301 15.80 44.27 -26.39
N SER A 302 16.77 45.11 -26.04
CA SER A 302 16.47 46.27 -25.21
C SER A 302 16.36 47.54 -26.00
N ARG A 303 17.21 47.72 -27.00
CA ARG A 303 17.07 48.90 -27.85
C ARG A 303 15.94 48.76 -28.86
N LEU A 304 15.45 47.55 -29.11
CA LEU A 304 14.30 47.34 -30.00
C LEU A 304 12.98 47.53 -29.28
N LEU A 305 12.82 46.91 -28.12
CA LEU A 305 11.55 46.91 -27.44
C LEU A 305 11.36 48.11 -26.54
N GLU A 306 12.14 49.17 -26.74
CA GLU A 306 11.93 50.43 -26.03
C GLU A 306 11.56 51.55 -26.98
N ARG A 307 11.46 51.25 -28.27
CA ARG A 307 10.94 52.18 -29.25
C ARG A 307 9.42 52.21 -29.26
N ALA A 308 8.77 51.28 -28.58
CA ALA A 308 7.33 51.32 -28.43
C ALA A 308 6.99 52.31 -27.34
N ALA A 309 6.37 53.43 -27.70
CA ALA A 309 6.13 54.50 -26.76
C ALA A 309 4.73 55.05 -26.92
N LYS A 310 4.31 55.83 -25.92
CA LYS A 310 3.08 56.62 -25.99
C LYS A 310 3.49 58.08 -25.87
N MET A 311 3.54 58.78 -27.01
CA MET A 311 3.98 60.17 -27.02
C MET A 311 2.88 61.08 -26.50
N ASN A 312 3.15 62.37 -26.45
CA ASN A 312 2.25 63.29 -25.76
C ASN A 312 1.69 64.33 -26.73
N ASP A 313 1.00 65.32 -26.16
CA ASP A 313 0.22 66.26 -26.96
C ASP A 313 1.10 67.23 -27.74
N ALA A 314 2.28 67.53 -27.24
CA ALA A 314 3.18 68.45 -27.92
C ALA A 314 4.02 67.77 -29.00
N PHE A 315 3.91 66.46 -29.17
CA PHE A 315 4.64 65.75 -30.21
C PHE A 315 3.73 65.07 -31.21
N GLY A 316 2.43 65.07 -31.01
CA GLY A 316 1.49 64.52 -31.97
C GLY A 316 0.40 63.66 -31.35
N GLY A 317 0.74 62.94 -30.29
CA GLY A 317 -0.23 62.04 -29.68
C GLY A 317 -0.24 60.64 -30.23
N GLY A 318 0.87 60.16 -30.77
CA GLY A 318 0.93 58.85 -31.38
C GLY A 318 0.94 57.73 -30.37
N SER A 319 1.28 56.54 -30.86
CA SER A 319 1.43 55.34 -30.04
C SER A 319 2.11 54.26 -30.85
N LEU A 320 2.60 53.26 -30.14
CA LEU A 320 3.07 52.00 -30.72
C LEU A 320 3.01 50.96 -29.62
N THR A 321 2.32 49.86 -29.90
CA THR A 321 2.21 48.74 -28.98
C THR A 321 2.92 47.55 -29.60
N ALA A 322 3.63 46.78 -28.78
CA ALA A 322 4.39 45.64 -29.29
C ALA A 322 3.99 44.41 -28.51
N LEU A 323 3.67 43.34 -29.24
CA LEU A 323 3.45 42.01 -28.66
C LEU A 323 4.56 41.09 -29.19
N PRO A 324 5.62 40.85 -28.43
CA PRO A 324 6.62 39.89 -28.86
C PRO A 324 6.27 38.47 -28.43
N VAL A 325 6.62 37.52 -29.30
CA VAL A 325 6.32 36.12 -29.08
C VAL A 325 7.62 35.39 -28.77
N ILE A 326 7.61 34.54 -27.73
CA ILE A 326 8.77 33.78 -27.28
C ILE A 326 8.33 32.36 -26.97
N GLU A 327 9.04 31.37 -27.52
CA GLU A 327 8.74 29.96 -27.29
C GLU A 327 9.72 29.36 -26.30
N THR A 328 9.21 28.85 -25.17
CA THR A 328 10.05 28.16 -24.22
C THR A 328 10.19 26.70 -24.62
N GLN A 329 10.96 25.94 -23.85
CA GLN A 329 11.17 24.52 -24.10
C GLN A 329 10.86 23.78 -22.81
N ALA A 330 9.66 23.19 -22.76
CA ALA A 330 9.13 22.42 -21.63
C ALA A 330 9.10 23.26 -20.35
N GLY A 331 8.40 24.38 -20.44
CA GLY A 331 8.09 25.19 -19.28
C GLY A 331 9.27 25.84 -18.61
N ASP A 332 10.42 25.91 -19.30
CA ASP A 332 11.66 26.39 -18.73
C ASP A 332 11.75 27.87 -19.05
N VAL A 333 11.27 28.71 -18.13
CA VAL A 333 11.27 30.15 -18.30
C VAL A 333 12.49 30.72 -17.60
N SER A 334 13.51 29.89 -17.41
CA SER A 334 14.74 30.27 -16.73
C SER A 334 15.95 30.01 -17.59
N ALA A 335 15.77 29.89 -18.90
CA ALA A 335 16.90 29.84 -19.81
C ALA A 335 17.36 31.26 -20.09
N TYR A 336 18.31 31.41 -21.02
CA TYR A 336 19.00 32.69 -21.15
C TYR A 336 18.14 33.74 -21.84
N ILE A 337 17.72 33.47 -23.09
CA ILE A 337 16.84 34.42 -23.80
C ILE A 337 15.47 34.58 -23.16
N PRO A 338 14.78 33.54 -22.66
CA PRO A 338 13.51 33.81 -21.96
C PRO A 338 13.63 34.56 -20.65
N THR A 339 14.83 34.88 -20.16
CA THR A 339 14.99 35.68 -18.95
C THR A 339 15.48 37.09 -19.20
N ASN A 340 16.10 37.34 -20.35
CA ASN A 340 16.25 38.71 -20.82
C ASN A 340 14.87 39.34 -21.03
N VAL A 341 14.07 38.74 -21.92
CA VAL A 341 12.84 39.35 -22.42
C VAL A 341 11.71 39.36 -21.41
N ILE A 342 11.80 38.60 -20.33
CA ILE A 342 10.82 38.77 -19.27
C ILE A 342 11.17 40.02 -18.46
N SER A 343 12.47 40.34 -18.35
CA SER A 343 12.88 41.50 -17.58
C SER A 343 12.61 42.81 -18.30
N ILE A 344 12.63 42.79 -19.63
CA ILE A 344 12.43 44.01 -20.41
C ILE A 344 10.96 44.42 -20.42
N THR A 345 10.07 43.52 -20.83
CA THR A 345 8.69 43.86 -21.18
C THR A 345 7.86 44.12 -19.94
N ASP A 346 6.57 44.41 -20.16
CA ASP A 346 5.66 44.88 -19.13
C ASP A 346 4.63 43.83 -18.72
N GLY A 347 4.94 42.55 -18.84
CA GLY A 347 4.01 41.50 -18.50
C GLY A 347 4.09 40.35 -19.48
N GLN A 348 3.54 39.21 -19.07
CA GLN A 348 3.50 38.08 -19.97
C GLN A 348 2.15 37.37 -19.89
N ILE A 349 1.81 36.69 -20.98
CA ILE A 349 0.60 35.87 -21.10
C ILE A 349 1.07 34.44 -21.35
N PHE A 350 0.73 33.53 -20.42
CA PHE A 350 1.40 32.24 -20.34
C PHE A 350 0.42 31.12 -20.69
N LEU A 351 0.69 30.43 -21.78
CA LEU A 351 -0.19 29.39 -22.32
C LEU A 351 0.43 28.02 -22.13
N GLU A 352 -0.35 27.07 -21.57
CA GLU A 352 0.11 25.73 -21.26
C GLU A 352 -0.60 24.69 -22.11
N THR A 353 0.06 23.54 -22.33
CA THR A 353 -0.55 22.49 -23.13
C THR A 353 -1.25 21.45 -22.27
N GLU A 354 -1.21 21.60 -20.95
CA GLU A 354 -2.06 20.78 -20.10
C GLU A 354 -3.49 21.29 -20.13
N LEU A 355 -3.67 22.61 -20.12
CA LEU A 355 -5.00 23.18 -20.14
C LEU A 355 -5.64 23.07 -21.52
N PHE A 356 -4.82 22.85 -22.55
CA PHE A 356 -5.32 22.79 -23.91
C PHE A 356 -6.09 21.50 -24.15
N TYR A 357 -5.77 20.44 -23.40
CA TYR A 357 -6.40 19.15 -23.58
C TYR A 357 -7.46 18.85 -22.54
N LYS A 358 -7.47 19.58 -21.43
CA LYS A 358 -8.52 19.48 -20.44
C LYS A 358 -9.78 20.24 -20.83
N GLY A 359 -9.83 20.81 -22.02
CA GLY A 359 -11.02 21.44 -22.52
C GLY A 359 -11.09 22.94 -22.37
N ILE A 360 -10.00 23.60 -22.00
CA ILE A 360 -9.96 25.04 -21.85
C ILE A 360 -9.17 25.60 -23.01
N ARG A 361 -9.86 26.22 -23.97
CA ARG A 361 -9.22 26.83 -25.12
C ARG A 361 -9.89 28.18 -25.35
N PRO A 362 -9.12 29.30 -25.39
CA PRO A 362 -7.67 29.53 -25.42
C PRO A 362 -6.94 29.16 -24.13
N ALA A 363 -5.78 28.53 -24.27
CA ALA A 363 -5.22 27.71 -23.20
C ALA A 363 -4.41 28.56 -22.23
N ILE A 364 -5.03 29.61 -21.70
CA ILE A 364 -4.35 30.63 -20.92
C ILE A 364 -4.27 30.15 -19.48
N ASN A 365 -3.08 30.17 -18.90
CA ASN A 365 -2.92 30.11 -17.46
C ASN A 365 -3.16 31.51 -16.91
N VAL A 366 -4.01 31.60 -15.90
CA VAL A 366 -4.30 32.90 -15.31
C VAL A 366 -3.36 33.17 -14.14
N GLY A 367 -2.91 32.11 -13.49
CA GLY A 367 -2.05 32.28 -12.32
C GLY A 367 -0.66 32.74 -12.67
N LEU A 368 -0.09 32.19 -13.73
CA LEU A 368 1.25 32.56 -14.15
C LEU A 368 1.27 33.63 -15.24
N SER A 369 0.28 34.51 -15.28
CA SER A 369 0.26 35.62 -16.22
C SER A 369 0.03 36.91 -15.48
N VAL A 370 0.59 37.99 -15.99
CA VAL A 370 0.47 39.31 -15.38
C VAL A 370 0.58 40.36 -16.46
N SER A 371 -0.03 41.51 -16.20
CA SER A 371 0.25 42.75 -16.92
C SER A 371 0.58 43.79 -15.87
N ARG A 372 1.65 44.55 -16.09
CA ARG A 372 2.13 45.42 -15.03
C ARG A 372 1.30 46.70 -14.93
N VAL A 373 0.76 47.17 -16.05
CA VAL A 373 -0.11 48.34 -16.00
C VAL A 373 -1.50 47.97 -15.49
N GLY A 374 -2.21 47.14 -16.25
CA GLY A 374 -3.41 46.51 -15.71
C GLY A 374 -4.63 47.40 -15.75
N SER A 375 -5.09 47.79 -14.56
CA SER A 375 -6.45 48.30 -14.41
C SER A 375 -6.61 49.72 -14.94
N ALA A 376 -5.50 50.38 -15.26
CA ALA A 376 -5.60 51.71 -15.87
C ALA A 376 -5.82 51.59 -17.37
N ALA A 377 -5.47 50.45 -17.95
CA ALA A 377 -5.59 50.25 -19.39
C ALA A 377 -6.88 49.54 -19.76
N GLN A 378 -7.95 49.77 -19.00
CA GLN A 378 -9.24 49.16 -19.23
C GLN A 378 -10.31 50.24 -19.31
N THR A 379 -11.41 49.92 -19.96
CA THR A 379 -12.59 50.77 -19.97
C THR A 379 -13.24 50.77 -18.59
N ARG A 380 -14.04 51.78 -18.31
CA ARG A 380 -14.63 51.92 -16.98
C ARG A 380 -15.71 50.88 -16.67
N ALA A 381 -16.16 50.10 -17.64
CA ALA A 381 -17.14 49.06 -17.40
C ALA A 381 -16.51 47.68 -17.24
N MET A 382 -15.46 47.38 -18.02
CA MET A 382 -14.73 46.14 -17.84
C MET A 382 -13.97 46.15 -16.53
N LYS A 383 -13.61 47.34 -16.04
CA LYS A 383 -13.02 47.48 -14.70
C LYS A 383 -14.04 47.14 -13.62
N GLN A 384 -15.31 47.34 -13.91
CA GLN A 384 -16.33 47.19 -12.88
C GLN A 384 -16.63 45.72 -12.59
N VAL A 385 -16.60 44.87 -13.61
CA VAL A 385 -17.04 43.50 -13.41
C VAL A 385 -15.85 42.56 -13.17
N ALA A 386 -14.66 42.93 -13.66
CA ALA A 386 -13.52 42.03 -13.52
C ALA A 386 -12.87 42.14 -12.15
N GLY A 387 -13.18 43.20 -11.42
CA GLY A 387 -12.67 43.31 -10.05
C GLY A 387 -13.37 42.36 -9.10
N THR A 388 -14.57 41.93 -9.47
CA THR A 388 -15.22 40.85 -8.73
C THR A 388 -14.89 39.50 -9.34
N MET A 389 -14.35 39.48 -10.56
CA MET A 389 -14.16 38.23 -11.26
C MET A 389 -12.76 37.68 -11.05
N LYS A 390 -11.74 38.55 -11.10
CA LYS A 390 -10.37 38.10 -10.92
C LYS A 390 -10.14 37.63 -9.50
N LEU A 391 -10.85 38.21 -8.55
CA LEU A 391 -10.74 37.79 -7.16
C LEU A 391 -11.37 36.42 -6.94
N GLU A 392 -12.53 36.17 -7.57
CA GLU A 392 -13.27 34.95 -7.29
C GLU A 392 -12.75 33.76 -8.10
N LEU A 393 -12.04 34.01 -9.20
CA LEU A 393 -11.35 32.93 -9.87
C LEU A 393 -9.99 32.70 -9.24
N ALA A 394 -9.63 33.53 -8.25
CA ALA A 394 -8.39 33.31 -7.50
C ALA A 394 -8.65 32.50 -6.23
N GLN A 395 -9.86 32.60 -5.70
CA GLN A 395 -10.22 31.79 -4.53
C GLN A 395 -10.49 30.35 -4.94
N TYR A 396 -10.82 30.13 -6.22
CA TYR A 396 -11.04 28.77 -6.69
C TYR A 396 -9.73 28.01 -6.82
N ARG A 397 -8.63 28.72 -7.03
CA ARG A 397 -7.35 28.06 -7.25
C ARG A 397 -6.77 27.47 -5.96
N GLU A 398 -7.13 28.04 -4.81
CA GLU A 398 -6.64 27.50 -3.55
C GLU A 398 -7.40 26.25 -3.14
N VAL A 399 -8.67 26.16 -3.51
CA VAL A 399 -9.45 25.00 -3.15
C VAL A 399 -9.58 24.04 -4.33
N ALA A 400 -8.70 24.18 -5.32
CA ALA A 400 -8.83 23.38 -6.54
C ALA A 400 -8.33 21.96 -6.37
N ALA A 401 -7.73 21.63 -5.21
CA ALA A 401 -7.30 20.25 -4.97
C ALA A 401 -8.45 19.42 -4.42
N PHE A 402 -9.33 20.04 -3.62
CA PHE A 402 -10.41 19.35 -2.93
C PHE A 402 -11.46 18.78 -3.88
N ALA A 403 -11.50 19.25 -5.12
CA ALA A 403 -12.63 18.96 -5.99
C ALA A 403 -12.64 17.54 -6.53
N GLN A 404 -11.51 16.84 -6.49
CA GLN A 404 -11.43 15.53 -7.11
C GLN A 404 -12.22 14.48 -6.34
N PHE A 405 -11.92 14.31 -5.06
CA PHE A 405 -12.70 13.44 -4.20
C PHE A 405 -13.25 14.33 -3.09
N GLY A 406 -14.40 14.93 -3.36
CA GLY A 406 -15.06 15.73 -2.36
C GLY A 406 -16.56 15.75 -2.44
N SER A 407 -17.21 15.30 -1.35
CA SER A 407 -18.57 15.69 -1.03
C SER A 407 -18.75 15.95 0.46
N ASP A 408 -17.83 15.51 1.30
CA ASP A 408 -17.90 15.70 2.75
C ASP A 408 -17.14 16.95 3.20
N LEU A 409 -17.42 18.09 2.58
CA LEU A 409 -16.73 19.34 2.89
C LEU A 409 -17.75 20.34 3.43
N ASP A 410 -17.28 21.55 3.71
CA ASP A 410 -18.15 22.59 4.21
C ASP A 410 -18.90 23.24 3.05
N ALA A 411 -20.07 23.81 3.34
CA ALA A 411 -20.92 24.42 2.33
C ALA A 411 -20.27 25.66 1.71
N ALA A 412 -19.33 26.29 2.41
CA ALA A 412 -18.58 27.39 1.81
C ALA A 412 -17.56 26.89 0.81
N THR A 413 -16.87 25.78 1.14
CA THR A 413 -15.90 25.22 0.20
C THR A 413 -16.62 24.56 -0.97
N GLN A 414 -17.83 24.06 -0.74
CA GLN A 414 -18.61 23.51 -1.86
C GLN A 414 -19.21 24.62 -2.70
N GLN A 415 -19.12 25.87 -2.24
CA GLN A 415 -19.58 27.00 -3.06
C GLN A 415 -18.50 27.46 -4.02
N LEU A 416 -17.25 27.50 -3.55
CA LEU A 416 -16.14 27.95 -4.40
C LEU A 416 -15.87 26.95 -5.51
N LEU A 417 -16.19 25.69 -5.27
CA LEU A 417 -16.11 24.70 -6.33
C LEU A 417 -17.26 24.86 -7.30
N SER A 418 -18.34 25.51 -6.87
CA SER A 418 -19.48 25.73 -7.75
C SER A 418 -19.30 26.96 -8.61
N ARG A 419 -19.12 28.13 -7.99
CA ARG A 419 -19.04 29.39 -8.73
C ARG A 419 -17.79 29.46 -9.60
N GLY A 420 -16.71 28.83 -9.17
CA GLY A 420 -15.47 28.93 -9.92
C GLY A 420 -15.46 28.09 -11.19
N VAL A 421 -16.40 27.16 -11.31
CA VAL A 421 -16.39 26.32 -12.50
C VAL A 421 -17.41 26.83 -13.51
N ARG A 422 -18.26 27.77 -13.10
CA ARG A 422 -19.08 28.46 -14.09
C ARG A 422 -18.30 29.55 -14.79
N LEU A 423 -17.46 30.28 -14.05
CA LEU A 423 -16.67 31.36 -14.64
C LEU A 423 -15.59 30.82 -15.55
N THR A 424 -15.12 29.60 -15.31
CA THR A 424 -14.18 28.96 -16.22
C THR A 424 -14.86 28.58 -17.52
N GLU A 425 -16.16 28.31 -17.47
CA GLU A 425 -16.87 27.89 -18.68
C GLU A 425 -17.25 29.09 -19.54
N LEU A 426 -17.37 30.27 -18.93
CA LEU A 426 -17.61 31.48 -19.69
C LEU A 426 -16.41 31.82 -20.58
N LEU A 427 -15.20 31.64 -20.05
CA LEU A 427 -14.01 32.13 -20.73
C LEU A 427 -13.59 31.26 -21.90
N LYS A 428 -14.31 30.18 -22.19
CA LYS A 428 -14.02 29.45 -23.40
C LYS A 428 -14.51 30.25 -24.60
N GLN A 429 -13.85 30.04 -25.74
CA GLN A 429 -14.05 30.90 -26.90
C GLN A 429 -13.50 30.25 -28.14
N GLY A 430 -14.30 30.23 -29.20
CA GLY A 430 -13.90 29.58 -30.42
C GLY A 430 -12.94 30.40 -31.23
N GLN A 431 -12.20 29.70 -32.08
CA GLN A 431 -11.18 30.31 -32.90
C GLN A 431 -11.80 31.24 -33.94
N TYR A 432 -11.10 32.36 -34.19
CA TYR A 432 -11.46 33.37 -35.19
C TYR A 432 -12.82 34.01 -34.93
N ALA A 433 -13.18 34.19 -33.66
CA ALA A 433 -14.39 34.92 -33.28
C ALA A 433 -14.07 35.98 -32.23
N PRO A 434 -13.54 37.13 -32.64
CA PRO A 434 -13.41 38.24 -31.69
C PRO A 434 -14.76 38.83 -31.37
N MET A 435 -14.87 39.38 -30.16
CA MET A 435 -16.11 39.96 -29.68
C MET A 435 -15.98 41.46 -29.49
N ALA A 436 -17.08 42.18 -29.62
CA ALA A 436 -17.10 43.57 -29.24
C ALA A 436 -17.01 43.69 -27.73
N ILE A 437 -16.57 44.85 -27.26
CA ILE A 437 -16.26 45.02 -25.85
C ILE A 437 -17.53 45.03 -25.00
N GLU A 438 -18.57 45.75 -25.41
CA GLU A 438 -19.77 45.86 -24.58
C GLU A 438 -20.61 44.60 -24.63
N GLU A 439 -20.32 43.70 -25.59
CA GLU A 439 -20.96 42.40 -25.57
C GLU A 439 -20.34 41.50 -24.52
N GLN A 440 -19.02 41.60 -24.32
CA GLN A 440 -18.36 40.83 -23.26
C GLN A 440 -18.78 41.31 -21.89
N VAL A 441 -19.19 42.57 -21.78
CA VAL A 441 -19.70 43.09 -20.51
C VAL A 441 -21.11 42.57 -20.27
N ALA A 442 -21.77 42.03 -21.30
CA ALA A 442 -23.06 41.38 -21.07
C ALA A 442 -22.87 39.97 -20.52
N VAL A 443 -22.01 39.18 -21.16
CA VAL A 443 -21.81 37.77 -20.80
C VAL A 443 -21.22 37.64 -19.39
N ILE A 444 -20.19 38.44 -19.10
CA ILE A 444 -19.52 38.37 -17.80
C ILE A 444 -20.43 38.91 -16.70
N TYR A 445 -21.39 39.76 -17.06
CA TYR A 445 -22.34 40.24 -16.06
C TYR A 445 -23.31 39.14 -15.62
N ALA A 446 -23.53 38.15 -16.49
CA ALA A 446 -24.44 37.07 -16.14
C ALA A 446 -23.81 36.12 -15.12
N GLY A 447 -22.53 35.77 -15.32
CA GLY A 447 -21.90 34.78 -14.48
C GLY A 447 -21.57 35.28 -13.09
N VAL A 448 -21.00 36.49 -13.00
CA VAL A 448 -20.42 36.93 -11.74
C VAL A 448 -21.48 37.50 -10.82
N ARG A 449 -22.71 37.67 -11.31
CA ARG A 449 -23.73 38.31 -10.49
C ARG A 449 -24.63 37.28 -9.81
N GLY A 450 -24.72 36.08 -10.37
CA GLY A 450 -25.42 34.98 -9.75
C GLY A 450 -26.46 34.33 -10.63
N TYR A 451 -26.47 34.62 -11.93
CA TYR A 451 -27.52 34.13 -12.79
C TYR A 451 -27.05 32.91 -13.59
N LEU A 452 -26.17 32.10 -13.01
CA LEU A 452 -25.78 30.88 -13.66
C LEU A 452 -25.57 29.72 -12.69
N ASP A 453 -25.87 29.89 -11.41
CA ASP A 453 -25.57 28.82 -10.45
C ASP A 453 -26.55 27.66 -10.55
N LYS A 454 -27.79 27.92 -11.00
CA LYS A 454 -28.81 26.89 -11.06
C LYS A 454 -28.79 26.11 -12.37
N LEU A 455 -27.66 26.02 -13.04
CA LEU A 455 -27.57 25.36 -14.34
C LEU A 455 -26.48 24.30 -14.28
N GLU A 456 -26.44 23.48 -15.27
CA GLU A 456 -25.55 22.36 -15.50
C GLU A 456 -24.33 22.81 -16.30
N PRO A 457 -23.12 22.30 -15.99
CA PRO A 457 -21.92 22.91 -16.58
C PRO A 457 -21.71 22.61 -18.06
N SER A 458 -22.42 21.66 -18.66
CA SER A 458 -22.38 21.58 -20.11
C SER A 458 -23.47 22.41 -20.74
N LYS A 459 -24.29 23.06 -19.90
CA LYS A 459 -25.32 23.97 -20.41
C LYS A 459 -24.90 25.42 -20.24
N ILE A 460 -23.67 25.67 -19.79
CA ILE A 460 -23.18 27.04 -19.69
C ILE A 460 -22.70 27.53 -21.05
N THR A 461 -21.99 26.67 -21.78
CA THR A 461 -21.46 27.05 -23.08
C THR A 461 -22.52 26.99 -24.17
N LYS A 462 -23.75 26.61 -23.82
CA LYS A 462 -24.88 26.77 -24.72
C LYS A 462 -25.65 28.04 -24.38
N PHE A 463 -25.77 28.34 -23.08
CA PHE A 463 -26.56 29.47 -22.62
C PHE A 463 -25.96 30.80 -23.05
N GLU A 464 -24.62 30.87 -23.07
CA GLU A 464 -23.93 32.09 -23.48
C GLU A 464 -24.21 32.41 -24.94
N ASN A 465 -24.21 31.39 -25.80
CA ASN A 465 -24.45 31.60 -27.22
C ASN A 465 -25.91 31.95 -27.49
N ALA A 466 -26.83 31.52 -26.62
CA ALA A 466 -28.23 31.86 -26.80
C ALA A 466 -28.58 33.17 -26.13
N PHE A 467 -27.75 33.61 -25.19
CA PHE A 467 -27.99 34.91 -24.55
C PHE A 467 -27.48 36.04 -25.42
N LEU A 468 -26.48 35.75 -26.26
CA LEU A 468 -25.88 36.79 -27.07
C LEU A 468 -26.72 37.10 -28.30
N SER A 469 -27.27 36.05 -28.93
CA SER A 469 -28.05 36.26 -30.15
C SER A 469 -29.41 36.87 -29.85
N HIS A 470 -29.87 36.76 -28.61
CA HIS A 470 -31.09 37.45 -28.20
C HIS A 470 -30.83 38.93 -27.93
N VAL A 471 -29.61 39.27 -27.51
CA VAL A 471 -29.37 40.64 -27.06
C VAL A 471 -28.78 41.48 -28.19
N ILE A 472 -28.18 40.84 -29.20
CA ILE A 472 -27.74 41.57 -30.39
C ILE A 472 -28.95 42.08 -31.17
N SER A 473 -29.90 41.18 -31.45
CA SER A 473 -30.99 41.54 -32.34
C SER A 473 -32.07 42.33 -31.63
N GLN A 474 -32.58 41.82 -30.52
CA GLN A 474 -33.71 42.44 -29.85
C GLN A 474 -33.30 43.49 -28.83
N HIS A 475 -32.01 43.77 -28.67
CA HIS A 475 -31.61 44.82 -27.74
C HIS A 475 -30.43 45.65 -28.23
N GLN A 476 -30.31 45.88 -29.53
CA GLN A 476 -29.18 46.57 -30.14
C GLN A 476 -29.06 48.02 -29.67
N ALA A 477 -30.16 48.59 -29.18
CA ALA A 477 -30.12 49.94 -28.66
C ALA A 477 -29.43 50.04 -27.31
N LEU A 478 -29.21 48.91 -26.62
CA LEU A 478 -28.55 48.94 -25.32
C LEU A 478 -27.10 48.46 -25.39
N LEU A 479 -26.68 47.90 -26.54
CA LEU A 479 -25.27 47.67 -26.82
C LEU A 479 -24.66 48.80 -27.63
N GLY A 480 -25.19 49.99 -27.50
CA GLY A 480 -24.58 51.19 -28.03
C GLY A 480 -24.68 52.28 -27.01
N LYS A 481 -25.36 51.97 -25.90
CA LYS A 481 -25.40 52.84 -24.75
C LYS A 481 -24.28 52.54 -23.76
N ILE A 482 -23.56 51.44 -23.96
CA ILE A 482 -22.30 51.19 -23.26
C ILE A 482 -21.13 51.54 -24.14
N ARG A 483 -21.25 51.34 -25.45
CA ARG A 483 -20.19 51.69 -26.39
C ARG A 483 -20.03 53.20 -26.55
N ALA A 484 -20.97 53.99 -26.06
CA ALA A 484 -20.84 55.45 -26.07
C ALA A 484 -20.55 56.02 -24.70
N ASP A 485 -21.38 55.68 -23.71
CA ASP A 485 -21.22 56.23 -22.37
C ASP A 485 -19.95 55.68 -21.72
N GLY A 486 -19.67 54.40 -21.92
CA GLY A 486 -18.49 53.80 -21.33
C GLY A 486 -18.77 53.13 -20.01
N LYS A 487 -19.36 53.85 -19.07
CA LYS A 487 -19.60 53.32 -17.73
C LYS A 487 -21.04 52.82 -17.60
N ILE A 488 -21.19 51.68 -16.93
CA ILE A 488 -22.52 51.15 -16.63
C ILE A 488 -23.12 51.99 -15.52
N SER A 489 -24.08 52.84 -15.88
CA SER A 489 -24.83 53.58 -14.89
C SER A 489 -25.84 52.67 -14.20
N GLU A 490 -26.46 53.18 -13.14
CA GLU A 490 -27.49 52.42 -12.46
C GLU A 490 -28.75 52.28 -13.31
N GLU A 491 -28.96 53.18 -14.27
CA GLU A 491 -30.09 53.08 -15.17
C GLU A 491 -29.92 51.99 -16.20
N THR A 492 -28.69 51.50 -16.38
CA THR A 492 -28.41 50.29 -17.15
C THR A 492 -28.16 49.09 -16.27
N ASP A 493 -27.69 49.30 -15.04
CA ASP A 493 -27.52 48.20 -14.11
C ASP A 493 -28.85 47.63 -13.63
N ALA A 494 -29.93 48.40 -13.72
CA ALA A 494 -31.25 47.90 -13.40
C ALA A 494 -31.99 47.36 -14.61
N LYS A 495 -31.50 47.64 -15.81
CA LYS A 495 -32.15 47.16 -17.03
C LYS A 495 -31.63 45.80 -17.47
N LEU A 496 -30.35 45.50 -17.23
CA LEU A 496 -29.85 44.17 -17.52
C LEU A 496 -30.32 43.14 -16.51
N LYS A 497 -30.80 43.57 -15.34
CA LYS A 497 -31.44 42.63 -14.42
C LYS A 497 -32.77 42.14 -14.97
N GLU A 498 -33.44 42.96 -15.78
CA GLU A 498 -34.71 42.58 -16.38
C GLU A 498 -34.55 41.92 -17.75
N ILE A 499 -33.31 41.65 -18.17
CA ILE A 499 -33.07 40.89 -19.38
C ILE A 499 -32.63 39.47 -19.06
N VAL A 500 -31.72 39.31 -18.11
CA VAL A 500 -31.14 37.99 -17.85
C VAL A 500 -32.13 37.10 -17.12
N THR A 501 -32.84 37.66 -16.14
CA THR A 501 -33.84 36.88 -15.43
C THR A 501 -35.08 36.63 -16.29
N ASN A 502 -35.41 37.54 -17.20
CA ASN A 502 -36.49 37.33 -18.16
C ASN A 502 -36.04 36.60 -19.40
N PHE A 503 -34.84 36.03 -19.39
CA PHE A 503 -34.39 35.06 -20.38
C PHE A 503 -34.05 33.72 -19.75
N LEU A 504 -33.64 33.72 -18.49
CA LEU A 504 -33.35 32.49 -17.77
C LEU A 504 -34.59 31.65 -17.52
N ALA A 505 -35.77 32.27 -17.55
CA ALA A 505 -37.00 31.49 -17.46
C ALA A 505 -37.25 30.72 -18.75
N GLY A 506 -37.38 31.42 -19.85
CA GLY A 506 -37.67 30.76 -21.11
C GLY A 506 -36.44 30.33 -21.87
N PHE A 507 -35.55 29.59 -21.22
CA PHE A 507 -34.39 29.01 -21.89
C PHE A 507 -34.41 27.50 -21.91
N GLU A 508 -34.60 26.87 -20.75
CA GLU A 508 -34.36 25.44 -20.58
C GLU A 508 -35.48 24.64 -21.25
N ALA A 509 -35.38 24.52 -22.57
CA ALA A 509 -36.33 23.75 -23.35
C ALA A 509 -35.65 23.23 -24.61
N SER B 21 72.82 54.14 -23.62
CA SER B 21 73.26 54.33 -22.24
C SER B 21 72.29 53.70 -21.25
N VAL B 22 71.58 52.67 -21.70
CA VAL B 22 70.58 51.99 -20.89
C VAL B 22 71.20 50.77 -20.24
N ASP B 23 70.66 50.40 -19.07
CA ASP B 23 71.21 49.29 -18.31
C ASP B 23 70.83 47.95 -18.92
N LEU B 24 69.52 47.66 -18.96
CA LEU B 24 68.92 46.45 -19.54
C LEU B 24 69.40 45.16 -18.87
N GLU B 25 69.90 45.24 -17.64
CA GLU B 25 70.27 44.05 -16.88
C GLU B 25 69.72 44.17 -15.48
N GLU B 26 69.47 45.38 -15.03
CA GLU B 26 68.93 45.62 -13.71
C GLU B 26 67.68 46.47 -13.72
N THR B 27 67.30 47.02 -14.88
CA THR B 27 66.09 47.82 -15.03
C THR B 27 65.40 47.42 -16.32
N GLY B 28 64.13 47.79 -16.43
CA GLY B 28 63.36 47.47 -17.62
C GLY B 28 62.22 48.43 -17.83
N ARG B 29 61.44 48.18 -18.88
CA ARG B 29 60.32 49.05 -19.26
C ARG B 29 59.04 48.25 -19.41
N VAL B 30 57.95 48.74 -18.79
CA VAL B 30 56.67 48.06 -18.82
C VAL B 30 56.07 48.13 -20.22
N LEU B 31 55.60 46.98 -20.73
CA LEU B 31 55.00 46.93 -22.06
C LEU B 31 53.48 47.04 -22.07
N SER B 32 52.79 46.36 -21.17
CA SER B 32 51.34 46.26 -21.22
C SER B 32 50.82 46.19 -19.80
N ILE B 33 49.53 46.45 -19.64
CA ILE B 33 48.97 46.57 -18.31
C ILE B 33 47.45 46.43 -18.44
N GLY B 34 46.77 46.12 -17.34
CA GLY B 34 45.33 46.16 -17.30
C GLY B 34 44.67 44.82 -17.17
N ASP B 35 45.36 43.74 -17.53
CA ASP B 35 44.80 42.41 -17.51
C ASP B 35 45.36 41.58 -16.35
N GLY B 36 45.60 42.20 -15.19
CA GLY B 36 46.27 41.49 -14.11
C GLY B 36 47.78 41.71 -14.10
N ILE B 37 48.47 40.81 -14.78
CA ILE B 37 49.91 40.88 -15.01
C ILE B 37 50.31 42.17 -15.71
N ALA B 38 51.59 42.49 -15.61
CA ALA B 38 52.21 43.62 -16.27
C ALA B 38 53.45 43.12 -17.00
N ARG B 39 53.31 42.81 -18.29
CA ARG B 39 54.44 42.31 -19.06
C ARG B 39 55.51 43.39 -19.19
N VAL B 40 56.75 43.03 -18.83
CA VAL B 40 57.86 43.96 -18.61
C VAL B 40 59.02 43.54 -19.50
N HIS B 41 59.63 44.50 -20.21
CA HIS B 41 60.72 44.23 -21.12
C HIS B 41 62.01 44.78 -20.55
N GLY B 42 63.08 43.98 -20.63
CA GLY B 42 64.33 44.27 -19.95
C GLY B 42 64.66 43.19 -18.94
N LEU B 43 65.22 43.61 -17.80
CA LEU B 43 65.28 42.85 -16.55
C LEU B 43 65.96 41.50 -16.72
N ARG B 44 67.18 41.51 -17.25
CA ARG B 44 67.81 40.27 -17.68
C ARG B 44 68.33 39.46 -16.49
N ASN B 45 68.60 40.12 -15.37
CA ASN B 45 69.14 39.44 -14.20
C ASN B 45 68.21 39.46 -13.00
N VAL B 46 66.92 39.22 -13.19
CA VAL B 46 66.00 39.09 -12.07
C VAL B 46 65.79 37.61 -11.77
N GLN B 47 65.68 37.28 -10.48
CA GLN B 47 65.44 35.89 -10.08
C GLN B 47 63.95 35.57 -10.13
N ALA B 48 63.64 34.28 -10.14
CA ALA B 48 62.25 33.87 -10.04
C ALA B 48 61.70 34.17 -8.66
N GLU B 49 60.41 34.44 -8.58
CA GLU B 49 59.66 34.75 -7.35
C GLU B 49 60.21 35.97 -6.61
N GLU B 50 60.95 36.83 -7.30
CA GLU B 50 61.67 37.94 -6.70
C GLU B 50 60.86 39.23 -6.82
N MET B 51 60.76 39.98 -5.72
CA MET B 51 60.09 41.26 -5.76
C MET B 51 60.90 42.27 -6.56
N VAL B 52 60.18 43.10 -7.34
CA VAL B 52 60.76 44.20 -8.11
C VAL B 52 60.04 45.49 -7.72
N GLU B 53 60.64 46.63 -8.06
CA GLU B 53 60.10 47.95 -7.74
C GLU B 53 59.78 48.71 -9.02
N PHE B 54 58.61 49.34 -9.05
CA PHE B 54 58.13 50.04 -10.25
C PHE B 54 58.49 51.51 -10.20
N SER B 55 57.98 52.27 -11.18
CA SER B 55 58.31 53.67 -11.29
C SER B 55 57.58 54.51 -10.24
N SER B 56 56.39 54.08 -9.84
CA SER B 56 55.56 54.84 -8.92
C SER B 56 55.58 54.30 -7.50
N GLY B 57 56.48 53.37 -7.19
CA GLY B 57 56.58 52.85 -5.84
C GLY B 57 55.84 51.57 -5.58
N LEU B 58 55.06 51.08 -6.54
CA LEU B 58 54.42 49.78 -6.38
C LEU B 58 55.45 48.68 -6.52
N LYS B 59 55.24 47.61 -5.76
CA LYS B 59 56.09 46.44 -5.81
C LYS B 59 55.54 45.46 -6.84
N GLY B 60 56.04 44.23 -6.85
CA GLY B 60 55.53 43.24 -7.77
C GLY B 60 56.42 42.03 -7.92
N MET B 61 55.84 40.83 -7.99
CA MET B 61 56.60 39.60 -7.93
C MET B 61 56.87 39.05 -9.31
N SER B 62 58.12 38.69 -9.58
CA SER B 62 58.54 38.20 -10.87
C SER B 62 58.03 36.78 -11.05
N LEU B 63 56.78 36.66 -11.50
CA LEU B 63 56.08 35.39 -11.46
C LEU B 63 56.58 34.43 -12.54
N ASN B 64 56.87 34.95 -13.72
CA ASN B 64 56.83 34.09 -14.91
C ASN B 64 57.89 34.62 -15.87
N LEU B 65 59.04 33.99 -15.87
CA LEU B 65 60.17 34.43 -16.69
C LEU B 65 60.00 33.84 -18.08
N GLU B 66 59.58 34.64 -19.04
CA GLU B 66 59.48 34.16 -20.42
C GLU B 66 60.78 34.45 -21.16
N PRO B 67 61.05 33.80 -22.29
CA PRO B 67 62.28 34.11 -23.04
C PRO B 67 62.29 35.45 -23.75
N ASP B 68 61.27 36.29 -23.58
CA ASP B 68 61.22 37.61 -24.22
C ASP B 68 60.90 38.69 -23.21
N ASN B 69 60.14 38.36 -22.17
CA ASN B 69 59.72 39.35 -21.18
C ASN B 69 59.64 38.70 -19.81
N VAL B 70 59.16 39.48 -18.84
CA VAL B 70 58.90 39.06 -17.47
C VAL B 70 57.44 39.37 -17.18
N GLY B 71 56.77 38.50 -16.45
CA GLY B 71 55.39 38.78 -16.11
C GLY B 71 55.24 39.10 -14.64
N VAL B 72 54.99 40.35 -14.33
CA VAL B 72 55.05 40.85 -12.96
C VAL B 72 53.63 40.96 -12.43
N VAL B 73 53.24 40.04 -11.56
CA VAL B 73 52.04 40.18 -10.77
C VAL B 73 52.15 41.39 -9.89
N VAL B 74 51.17 42.28 -9.94
CA VAL B 74 51.26 43.60 -9.33
C VAL B 74 50.50 43.60 -8.02
N PHE B 75 51.19 43.92 -6.92
CA PHE B 75 50.56 44.01 -5.60
C PHE B 75 49.93 45.38 -5.43
N GLY B 76 48.88 45.63 -6.19
CA GLY B 76 48.18 46.89 -6.11
C GLY B 76 47.38 47.13 -7.37
N ASN B 77 46.71 48.28 -7.40
CA ASN B 77 45.86 48.66 -8.53
C ASN B 77 46.72 48.92 -9.76
N ASP B 78 46.43 48.21 -10.85
CA ASP B 78 47.21 48.35 -12.07
C ASP B 78 46.68 49.47 -12.97
N LYS B 79 45.90 50.39 -12.41
CA LYS B 79 45.69 51.69 -13.04
C LYS B 79 46.97 52.51 -13.03
N LEU B 80 47.72 52.46 -11.92
CA LEU B 80 48.83 53.36 -11.67
C LEU B 80 50.08 53.01 -12.46
N ILE B 81 50.03 52.01 -13.32
CA ILE B 81 51.15 51.60 -14.15
C ILE B 81 50.77 51.88 -15.59
N LYS B 82 51.44 52.84 -16.21
CA LYS B 82 51.24 53.12 -17.62
C LYS B 82 52.15 52.20 -18.44
N GLU B 83 52.27 52.47 -19.72
CA GLU B 83 53.23 51.77 -20.56
C GLU B 83 54.42 52.71 -20.78
N GLY B 84 55.62 52.18 -20.57
CA GLY B 84 56.82 52.99 -20.66
C GLY B 84 57.43 53.34 -19.33
N ASP B 85 56.81 52.97 -18.21
CA ASP B 85 57.41 53.15 -16.90
C ASP B 85 58.68 52.34 -16.76
N ILE B 86 59.55 52.74 -15.84
CA ILE B 86 60.83 52.07 -15.62
C ILE B 86 60.75 51.34 -14.29
N VAL B 87 61.07 50.05 -14.32
CA VAL B 87 60.93 49.14 -13.19
C VAL B 87 62.33 48.73 -12.71
N LYS B 88 62.55 48.85 -11.40
CA LYS B 88 63.87 48.60 -10.80
C LYS B 88 63.86 47.26 -10.11
N ARG B 89 64.96 46.54 -10.21
CA ARG B 89 65.09 45.20 -9.63
C ARG B 89 65.60 45.30 -8.21
N THR B 90 64.95 44.60 -7.27
CA THR B 90 65.33 44.69 -5.87
C THR B 90 66.44 43.71 -5.51
N GLY B 91 66.29 42.44 -5.86
CA GLY B 91 67.27 41.44 -5.45
C GLY B 91 66.83 40.58 -4.30
N ALA B 92 65.60 40.73 -3.82
CA ALA B 92 65.11 40.01 -2.66
C ALA B 92 63.87 39.22 -3.05
N ILE B 93 63.92 37.91 -2.82
CA ILE B 93 62.73 37.07 -2.88
C ILE B 93 61.75 37.56 -1.83
N VAL B 94 60.44 37.38 -2.10
CA VAL B 94 59.40 38.19 -1.47
C VAL B 94 59.36 37.93 0.02
N ASP B 95 59.87 38.89 0.77
CA ASP B 95 60.15 38.71 2.19
C ASP B 95 59.36 39.72 3.01
N VAL B 96 59.19 39.41 4.29
CA VAL B 96 58.31 40.16 5.17
C VAL B 96 59.13 40.58 6.39
N PRO B 97 59.02 41.82 6.86
CA PRO B 97 59.63 42.18 8.15
C PRO B 97 59.02 41.36 9.28
N VAL B 98 59.88 40.78 10.11
CA VAL B 98 59.45 39.82 11.11
C VAL B 98 60.27 40.02 12.37
N GLY B 99 59.60 40.00 13.52
CA GLY B 99 60.33 40.19 14.77
C GLY B 99 59.39 40.26 15.96
N GLU B 100 59.96 40.72 17.07
CA GLU B 100 59.19 40.87 18.30
C GLU B 100 58.46 42.20 18.33
N GLU B 101 58.89 43.15 17.50
CA GLU B 101 58.30 44.48 17.53
C GLU B 101 57.07 44.60 16.64
N LEU B 102 56.61 43.49 16.06
CA LEU B 102 55.37 43.49 15.27
C LEU B 102 54.15 43.31 16.16
N LEU B 103 54.34 43.15 17.46
CA LEU B 103 53.22 43.00 18.36
C LEU B 103 52.52 44.33 18.57
N GLY B 104 51.23 44.37 18.27
CA GLY B 104 50.45 45.58 18.45
C GLY B 104 50.28 46.42 17.22
N ARG B 105 50.82 46.00 16.08
CA ARG B 105 50.82 46.80 14.87
C ARG B 105 50.04 46.12 13.77
N VAL B 106 49.01 46.80 13.28
CA VAL B 106 48.27 46.35 12.10
C VAL B 106 49.10 46.65 10.86
N VAL B 107 49.40 45.62 10.09
CA VAL B 107 50.12 45.79 8.84
C VAL B 107 49.22 45.33 7.70
N ASP B 108 49.70 45.53 6.48
CA ASP B 108 49.09 44.94 5.31
C ASP B 108 49.97 43.78 4.82
N ALA B 109 49.69 43.30 3.61
CA ALA B 109 50.24 42.02 3.17
C ALA B 109 51.69 42.11 2.69
N LEU B 110 52.34 43.25 2.88
CA LEU B 110 53.74 43.36 2.51
C LEU B 110 54.61 43.93 3.62
N GLY B 111 54.07 44.11 4.82
CA GLY B 111 54.83 44.63 5.92
C GLY B 111 54.82 46.13 6.07
N ASN B 112 53.77 46.81 5.65
CA ASN B 112 53.69 48.26 5.75
C ASN B 112 52.59 48.62 6.73
N ALA B 113 52.93 49.39 7.75
CA ALA B 113 51.99 49.67 8.82
C ALA B 113 50.93 50.67 8.37
N ILE B 114 49.68 50.34 8.64
CA ILE B 114 48.55 51.15 8.21
C ILE B 114 47.70 51.61 9.38
N ASP B 115 48.22 51.52 10.60
CA ASP B 115 47.52 52.06 11.76
C ASP B 115 48.00 53.46 12.11
N GLY B 116 48.92 54.03 11.34
CA GLY B 116 49.37 55.39 11.55
C GLY B 116 50.11 55.61 12.86
N LYS B 117 51.16 54.83 13.10
CA LYS B 117 51.99 54.98 14.30
C LYS B 117 53.47 54.82 13.99
N GLY B 118 53.95 55.42 12.92
CA GLY B 118 55.35 55.38 12.59
C GLY B 118 55.73 54.07 11.94
N PRO B 119 56.96 53.98 11.44
CA PRO B 119 57.43 52.72 10.87
C PRO B 119 57.70 51.70 11.95
N ILE B 120 57.77 50.44 11.54
CA ILE B 120 57.92 49.34 12.49
C ILE B 120 59.36 49.26 12.99
N GLY B 121 60.33 49.41 12.09
CA GLY B 121 61.72 49.43 12.48
C GLY B 121 62.25 48.12 12.98
N SER B 122 62.04 47.03 12.24
CA SER B 122 62.57 45.74 12.66
C SER B 122 63.82 45.39 11.88
N LYS B 123 64.37 44.21 12.16
CA LYS B 123 65.75 43.89 11.84
C LYS B 123 65.93 42.61 11.05
N THR B 124 64.92 41.75 10.95
CA THR B 124 65.08 40.44 10.36
C THR B 124 64.04 40.23 9.27
N ARG B 125 64.41 39.47 8.24
CA ARG B 125 63.58 39.25 7.07
C ARG B 125 63.46 37.78 6.74
N ARG B 126 62.24 37.25 6.83
CA ARG B 126 61.93 35.87 6.49
C ARG B 126 61.28 35.84 5.12
N ARG B 127 61.56 34.80 4.35
CA ARG B 127 60.84 34.59 3.09
C ARG B 127 59.42 34.12 3.37
N VAL B 128 58.58 34.18 2.34
CA VAL B 128 57.21 33.68 2.46
C VAL B 128 57.04 32.31 1.85
N GLY B 129 57.95 31.88 0.98
CA GLY B 129 57.91 30.55 0.41
C GLY B 129 58.77 29.54 1.13
N LEU B 130 58.91 29.66 2.45
CA LEU B 130 59.72 28.72 3.20
C LEU B 130 58.95 27.42 3.46
N LYS B 131 59.60 26.29 3.18
CA LYS B 131 58.97 24.99 3.29
C LYS B 131 58.74 24.60 4.74
N ALA B 132 57.82 23.67 4.94
CA ALA B 132 57.47 23.15 6.24
C ALA B 132 58.55 22.19 6.74
N PRO B 133 58.63 21.98 8.07
CA PRO B 133 59.58 20.99 8.59
C PRO B 133 59.23 19.58 8.18
N GLY B 134 60.21 18.69 8.31
CA GLY B 134 60.11 17.33 7.82
C GLY B 134 59.43 16.38 8.78
N ILE B 135 59.88 15.12 8.74
CA ILE B 135 59.34 14.09 9.62
C ILE B 135 60.08 14.05 10.94
N ILE B 136 61.41 14.22 10.89
CA ILE B 136 62.23 14.08 12.11
C ILE B 136 62.00 15.20 13.13
N PRO B 137 62.00 16.50 12.78
CA PRO B 137 61.91 17.50 13.86
C PRO B 137 60.53 17.69 14.46
N ARG B 138 59.58 16.78 14.27
CA ARG B 138 58.29 16.93 14.92
C ARG B 138 58.18 16.00 16.13
N ILE B 139 57.08 16.17 16.87
CA ILE B 139 56.77 15.33 18.02
C ILE B 139 55.26 15.38 18.23
N SER B 140 54.73 14.41 18.99
CA SER B 140 53.29 14.35 19.21
C SER B 140 52.86 15.44 20.17
N VAL B 141 51.63 15.93 19.99
CA VAL B 141 51.20 17.12 20.71
C VAL B 141 50.92 16.77 22.16
N ARG B 142 51.27 17.67 23.08
CA ARG B 142 51.26 17.34 24.49
C ARG B 142 50.79 18.44 25.42
N GLU B 143 50.46 19.62 24.91
CA GLU B 143 50.11 20.71 25.79
C GLU B 143 48.69 21.20 25.50
N PRO B 144 47.88 21.45 26.52
CA PRO B 144 46.50 21.85 26.28
C PRO B 144 46.38 23.33 25.92
N MET B 145 45.70 23.58 24.80
CA MET B 145 45.37 24.93 24.34
C MET B 145 43.97 25.26 24.82
N GLN B 146 43.86 26.15 25.78
CA GLN B 146 42.59 26.50 26.37
C GLN B 146 41.89 27.50 25.46
N THR B 147 40.93 27.01 24.67
CA THR B 147 40.09 27.89 23.89
C THR B 147 39.24 28.78 24.78
N GLY B 148 38.53 28.20 25.72
CA GLY B 148 37.81 28.97 26.71
C GLY B 148 36.32 28.77 26.73
N ILE B 149 35.75 28.18 25.69
CA ILE B 149 34.32 27.85 25.65
C ILE B 149 34.17 26.37 25.95
N LYS B 150 33.05 26.01 26.57
CA LYS B 150 32.92 24.70 27.18
C LYS B 150 32.77 23.61 26.13
N ALA B 151 32.24 23.96 24.96
CA ALA B 151 31.90 22.95 23.98
C ALA B 151 33.12 22.53 23.16
N VAL B 152 34.24 23.23 23.31
CA VAL B 152 35.45 22.83 22.60
C VAL B 152 36.47 22.29 23.57
N ASP B 153 36.43 22.72 24.82
CA ASP B 153 37.38 22.18 25.78
C ASP B 153 36.97 20.79 26.24
N SER B 154 35.67 20.57 26.39
CA SER B 154 35.19 19.28 26.88
C SER B 154 35.25 18.22 25.80
N LEU B 155 34.53 18.42 24.71
CA LEU B 155 34.19 17.34 23.80
C LEU B 155 35.00 17.33 22.50
N VAL B 156 35.67 18.43 22.16
CA VAL B 156 36.50 18.45 20.95
C VAL B 156 37.78 19.24 21.23
N PRO B 157 38.70 18.71 22.05
CA PRO B 157 39.83 19.53 22.51
C PRO B 157 40.95 19.65 21.47
N ILE B 158 41.73 20.72 21.63
CA ILE B 158 42.81 21.11 20.70
C ILE B 158 44.10 21.13 21.51
N GLY B 159 45.23 20.87 20.84
CA GLY B 159 46.53 20.97 21.48
C GLY B 159 47.52 21.71 20.63
N ARG B 160 48.67 22.10 21.18
CA ARG B 160 49.57 22.99 20.45
C ARG B 160 50.35 22.25 19.37
N GLY B 161 50.29 22.78 18.16
CA GLY B 161 50.90 22.15 17.02
C GLY B 161 49.94 21.41 16.13
N GLN B 162 48.66 21.74 16.18
CA GLN B 162 47.60 20.97 15.56
C GLN B 162 46.76 21.85 14.67
N ARG B 163 46.56 21.40 13.44
CA ARG B 163 45.64 22.06 12.53
C ARG B 163 44.22 21.69 12.89
N GLU B 164 43.32 22.65 12.85
CA GLU B 164 41.93 22.42 13.23
C GLU B 164 41.03 23.37 12.48
N LEU B 165 40.00 22.82 11.85
CA LEU B 165 39.15 23.56 10.93
C LEU B 165 37.90 24.02 11.64
N ILE B 166 37.40 25.21 11.28
CA ILE B 166 36.09 25.68 11.67
C ILE B 166 35.28 25.85 10.41
N ILE B 167 34.02 25.41 10.42
CA ILE B 167 33.20 25.37 9.22
C ILE B 167 31.74 25.60 9.60
N GLY B 168 31.04 26.35 8.77
CA GLY B 168 29.66 26.67 9.05
C GLY B 168 29.10 27.49 7.92
N ASP B 169 27.83 27.85 8.08
CA ASP B 169 27.22 28.80 7.15
C ASP B 169 27.41 30.21 7.71
N ARG B 170 27.08 31.21 6.89
CA ARG B 170 27.35 32.58 7.30
C ARG B 170 26.38 33.03 8.38
N GLN B 171 26.89 33.90 9.25
CA GLN B 171 26.24 34.35 10.47
C GLN B 171 25.83 33.17 11.35
N THR B 172 26.84 32.39 11.74
CA THR B 172 26.69 31.29 12.68
C THR B 172 27.62 31.38 13.88
N GLY B 173 28.66 32.18 13.81
CA GLY B 173 29.60 32.23 14.91
C GLY B 173 30.91 31.55 14.61
N LYS B 174 31.48 31.74 13.43
CA LYS B 174 32.81 31.21 13.17
C LYS B 174 33.92 32.20 13.48
N THR B 175 33.61 33.49 13.57
CA THR B 175 34.59 34.49 13.94
C THR B 175 34.39 34.96 15.37
N SER B 176 33.18 34.94 15.89
CA SER B 176 33.00 35.20 17.32
C SER B 176 33.46 34.03 18.24
N ILE B 177 34.12 33.02 17.71
CA ILE B 177 34.81 32.00 18.50
C ILE B 177 36.31 32.21 18.48
N ALA B 178 36.87 32.48 17.29
CA ALA B 178 38.30 32.75 17.13
C ALA B 178 38.77 34.02 17.81
N ILE B 179 37.85 34.87 18.27
CA ILE B 179 38.22 36.04 19.07
C ILE B 179 38.32 35.68 20.55
N ASP B 180 37.41 34.84 21.06
CA ASP B 180 37.52 34.38 22.43
C ASP B 180 38.60 33.34 22.63
N THR B 181 39.14 32.78 21.55
CA THR B 181 40.42 32.09 21.64
C THR B 181 41.50 33.05 22.10
N ILE B 182 41.54 34.25 21.53
CA ILE B 182 42.61 35.19 21.78
C ILE B 182 42.36 35.99 23.06
N ILE B 183 41.11 36.20 23.44
CA ILE B 183 40.83 36.93 24.68
C ILE B 183 41.20 36.09 25.90
N ASN B 184 41.16 34.76 25.78
CA ASN B 184 41.53 33.90 26.89
C ASN B 184 43.03 33.92 27.16
N GLN B 185 43.86 34.23 26.16
CA GLN B 185 45.31 34.14 26.30
C GLN B 185 45.91 35.29 27.09
N LYS B 186 45.08 36.21 27.60
CA LYS B 186 45.56 37.34 28.37
C LYS B 186 46.12 36.90 29.72
N ARG B 187 45.51 35.88 30.32
CA ARG B 187 45.87 35.41 31.65
C ARG B 187 47.14 34.57 31.67
N PHE B 188 47.58 34.06 30.52
CA PHE B 188 48.80 33.26 30.49
C PHE B 188 50.04 34.13 30.35
N ASN B 189 49.99 35.12 29.47
CA ASN B 189 51.12 36.01 29.22
C ASN B 189 51.35 37.01 30.34
N ASP B 190 50.41 37.15 31.27
CA ASP B 190 50.50 38.13 32.35
C ASP B 190 51.17 37.59 33.61
N GLY B 191 51.49 36.31 33.65
CA GLY B 191 52.19 35.73 34.78
C GLY B 191 53.69 35.74 34.61
N THR B 192 54.34 34.62 34.93
CA THR B 192 55.78 34.51 34.73
C THR B 192 56.25 33.21 34.11
N ASP B 193 55.39 32.19 33.99
CA ASP B 193 55.79 30.94 33.38
C ASP B 193 55.99 31.18 31.89
N GLU B 194 57.24 31.09 31.45
CA GLU B 194 57.61 31.49 30.11
C GLU B 194 57.13 30.52 29.04
N LYS B 195 56.67 29.32 29.40
CA LYS B 195 56.36 28.30 28.41
C LYS B 195 54.87 28.01 28.28
N LYS B 196 54.00 28.81 28.89
CA LYS B 196 52.59 28.77 28.52
C LYS B 196 52.14 30.10 27.93
N LYS B 197 53.08 30.95 27.57
CA LYS B 197 52.75 32.17 26.85
C LYS B 197 52.43 31.83 25.40
N LEU B 198 51.35 32.43 24.89
CA LEU B 198 50.97 32.32 23.49
C LEU B 198 50.93 33.72 22.91
N TYR B 199 51.42 33.85 21.69
CA TYR B 199 51.30 35.07 20.91
C TYR B 199 50.45 34.78 19.68
N CYS B 200 49.32 35.47 19.56
CA CYS B 200 48.34 35.20 18.52
C CYS B 200 48.60 36.04 17.27
N ILE B 201 48.01 35.61 16.16
CA ILE B 201 48.07 36.30 14.87
C ILE B 201 46.72 36.11 14.19
N TYR B 202 46.03 37.20 13.87
CA TYR B 202 44.69 37.11 13.28
C TYR B 202 44.74 37.69 11.87
N VAL B 203 44.80 36.83 10.87
CA VAL B 203 44.81 37.25 9.48
C VAL B 203 43.38 37.55 9.06
N ALA B 204 43.21 38.47 8.10
CA ALA B 204 41.87 38.91 7.67
C ALA B 204 41.84 39.06 6.16
N ILE B 205 41.38 38.02 5.46
CA ILE B 205 41.22 38.04 4.01
C ILE B 205 39.75 38.30 3.70
N GLY B 206 39.50 39.16 2.72
CA GLY B 206 38.20 39.27 2.10
C GLY B 206 37.20 40.16 2.78
N GLN B 207 37.39 40.48 4.06
CA GLN B 207 36.35 41.11 4.84
C GLN B 207 36.19 42.59 4.48
N LYS B 208 35.18 43.21 5.09
CA LYS B 208 34.99 44.64 4.97
C LYS B 208 36.08 45.37 5.74
N ARG B 209 36.41 46.57 5.29
CA ARG B 209 37.38 47.37 6.03
C ARG B 209 36.80 47.97 7.30
N SER B 210 35.49 47.91 7.48
CA SER B 210 34.88 48.42 8.69
C SER B 210 34.51 47.32 9.68
N THR B 211 34.55 46.06 9.28
CA THR B 211 34.45 44.99 10.27
C THR B 211 35.81 44.58 10.78
N VAL B 212 36.85 44.71 9.96
CA VAL B 212 38.22 44.57 10.43
C VAL B 212 38.52 45.66 11.45
N ALA B 213 38.19 46.90 11.14
CA ALA B 213 38.52 48.02 12.01
C ALA B 213 37.46 48.32 13.06
N GLN B 214 36.40 47.53 13.15
CA GLN B 214 35.59 47.47 14.36
C GLN B 214 36.04 46.35 15.29
N LEU B 215 36.77 45.37 14.74
CA LEU B 215 37.28 44.26 15.53
C LEU B 215 38.45 44.69 16.40
N VAL B 216 39.36 45.49 15.84
CA VAL B 216 40.54 45.91 16.58
C VAL B 216 40.17 46.87 17.71
N LYS B 217 38.98 47.48 17.67
CA LYS B 217 38.51 48.19 18.86
C LYS B 217 38.12 47.20 19.96
N ARG B 218 37.65 46.01 19.61
CA ARG B 218 37.35 45.01 20.63
C ARG B 218 38.64 44.38 21.16
N LEU B 219 39.70 44.32 20.34
CA LEU B 219 40.98 43.80 20.78
C LEU B 219 41.78 44.81 21.57
N THR B 220 41.29 46.04 21.72
CA THR B 220 41.99 47.08 22.47
C THR B 220 41.37 47.33 23.83
N ASP B 221 40.05 47.26 23.93
CA ASP B 221 39.39 47.44 25.23
C ASP B 221 39.63 46.26 26.17
N ALA B 222 40.03 45.10 25.65
CA ALA B 222 40.26 43.92 26.47
C ALA B 222 41.75 43.63 26.66
N ASP B 223 42.61 44.63 26.38
CA ASP B 223 44.06 44.59 26.62
C ASP B 223 44.75 43.49 25.81
N ALA B 224 44.14 43.07 24.71
CA ALA B 224 44.63 41.92 23.97
C ALA B 224 45.47 42.33 22.78
N MET B 225 46.09 43.51 22.81
CA MET B 225 46.82 44.00 21.65
C MET B 225 48.34 43.87 21.77
N LYS B 226 48.88 43.73 22.98
CA LYS B 226 50.32 43.69 23.13
C LYS B 226 50.97 42.39 22.65
N TYR B 227 50.19 41.43 22.13
CA TYR B 227 50.77 40.21 21.58
C TYR B 227 50.06 39.78 20.30
N THR B 228 49.36 40.68 19.61
CA THR B 228 48.45 40.31 18.54
C THR B 228 48.81 41.05 17.26
N ILE B 229 49.53 40.39 16.35
CA ILE B 229 49.61 40.88 14.99
C ILE B 229 48.24 40.78 14.34
N VAL B 230 47.87 41.78 13.56
CA VAL B 230 46.64 41.74 12.76
C VAL B 230 47.04 42.10 11.34
N VAL B 231 47.22 41.09 10.49
CA VAL B 231 47.41 41.34 9.07
C VAL B 231 46.05 41.68 8.48
N SER B 232 46.04 42.44 7.39
CA SER B 232 44.78 42.85 6.78
C SER B 232 44.94 42.98 5.28
N ALA B 233 44.01 42.36 4.55
CA ALA B 233 43.85 42.56 3.12
C ALA B 233 42.35 42.51 2.85
N THR B 234 41.71 43.68 2.83
CA THR B 234 40.26 43.75 2.89
C THR B 234 39.67 43.75 1.49
N ALA B 235 38.37 44.06 1.38
CA ALA B 235 37.59 43.71 0.20
C ALA B 235 37.92 44.59 -1.00
N SER B 236 38.27 45.85 -0.77
CA SER B 236 38.60 46.77 -1.86
C SER B 236 40.00 46.61 -2.37
N ASP B 237 40.80 45.74 -1.79
CA ASP B 237 42.18 45.56 -2.23
C ASP B 237 42.20 44.72 -3.49
N ALA B 238 43.38 44.54 -4.05
CA ALA B 238 43.51 43.88 -5.34
C ALA B 238 43.37 42.38 -5.16
N ALA B 239 43.57 41.63 -6.23
CA ALA B 239 43.65 40.18 -6.07
C ALA B 239 44.90 39.76 -5.32
N PRO B 240 46.16 40.09 -5.76
CA PRO B 240 47.32 39.41 -5.16
C PRO B 240 47.68 39.86 -3.75
N LEU B 241 46.86 40.69 -3.14
CA LEU B 241 46.98 40.96 -1.71
C LEU B 241 46.08 40.05 -0.91
N GLN B 242 44.98 39.59 -1.48
CA GLN B 242 44.16 38.60 -0.84
C GLN B 242 44.68 37.18 -1.03
N TYR B 243 45.62 37.00 -1.94
CA TYR B 243 46.30 35.72 -2.12
C TYR B 243 47.59 35.63 -1.30
N LEU B 244 48.12 36.76 -0.84
CA LEU B 244 49.41 36.81 -0.18
C LEU B 244 49.33 36.92 1.33
N ALA B 245 48.29 37.52 1.85
CA ALA B 245 48.08 37.70 3.28
C ALA B 245 48.08 36.43 4.13
N PRO B 246 47.77 35.24 3.61
CA PRO B 246 48.14 34.04 4.38
C PRO B 246 49.64 33.83 4.56
N TYR B 247 50.44 33.96 3.50
CA TYR B 247 51.87 33.70 3.57
C TYR B 247 52.65 34.81 4.24
N SER B 248 52.00 35.88 4.68
CA SER B 248 52.65 36.93 5.45
C SER B 248 52.35 36.81 6.93
N GLY B 249 51.10 36.57 7.31
CA GLY B 249 50.78 36.26 8.69
C GLY B 249 51.31 34.93 9.17
N CYS B 250 51.77 34.07 8.28
CA CYS B 250 52.33 32.78 8.65
C CYS B 250 53.80 32.92 9.03
N SER B 251 54.60 33.56 8.18
CA SER B 251 56.02 33.69 8.44
C SER B 251 56.33 34.59 9.62
N MET B 252 55.38 35.41 10.05
CA MET B 252 55.51 36.08 11.32
C MET B 252 55.40 35.11 12.48
N GLY B 253 54.61 34.06 12.34
CA GLY B 253 54.39 33.09 13.39
C GLY B 253 55.38 31.95 13.37
N GLU B 254 56.05 31.72 12.24
CA GLU B 254 57.13 30.75 12.20
C GLU B 254 58.38 31.22 12.91
N TYR B 255 58.50 32.51 13.20
CA TYR B 255 59.66 33.01 13.93
C TYR B 255 59.56 32.69 15.40
N PHE B 256 58.36 32.82 15.98
CA PHE B 256 58.17 32.39 17.35
C PHE B 256 58.32 30.88 17.49
N ARG B 257 58.11 30.13 16.41
CA ARG B 257 58.30 28.68 16.45
C ARG B 257 59.76 28.33 16.62
N ASP B 258 60.63 28.87 15.78
CA ASP B 258 62.02 28.44 15.76
C ASP B 258 62.88 29.03 16.85
N ASN B 259 62.31 29.76 17.80
CA ASN B 259 63.07 30.29 18.93
C ASN B 259 62.50 29.81 20.25
N GLY B 260 61.82 28.67 20.24
CA GLY B 260 61.33 28.09 21.48
C GLY B 260 60.15 28.78 22.10
N LYS B 261 59.36 29.51 21.33
CA LYS B 261 58.17 30.16 21.84
C LYS B 261 56.93 29.52 21.21
N HIS B 262 55.76 29.88 21.73
CA HIS B 262 54.51 29.24 21.35
C HIS B 262 53.60 30.26 20.68
N ALA B 263 53.19 29.97 19.45
CA ALA B 263 52.45 30.88 18.59
C ALA B 263 51.04 30.37 18.32
N LEU B 264 50.26 31.15 17.57
CA LEU B 264 48.91 30.81 17.14
C LEU B 264 48.53 31.72 15.99
N ILE B 265 47.99 31.14 14.92
CA ILE B 265 47.56 31.89 13.76
C ILE B 265 46.12 31.51 13.43
N ILE B 266 45.33 32.48 12.97
CA ILE B 266 43.92 32.28 12.64
C ILE B 266 43.66 32.95 11.30
N TYR B 267 43.18 32.18 10.33
CA TYR B 267 42.83 32.74 9.04
C TYR B 267 41.33 32.97 8.98
N ASP B 268 40.92 34.04 8.30
CA ASP B 268 39.50 34.35 8.20
C ASP B 268 39.25 35.09 6.88
N ASP B 269 38.94 34.36 5.81
CA ASP B 269 38.81 32.91 5.74
C ASP B 269 39.43 32.38 4.47
N LEU B 270 39.61 31.07 4.38
CA LEU B 270 40.40 30.52 3.28
C LEU B 270 39.57 30.25 2.03
N SER B 271 38.26 30.47 2.07
CA SER B 271 37.46 30.34 0.86
C SER B 271 37.50 31.60 0.01
N LYS B 272 37.93 32.73 0.59
CA LYS B 272 38.07 33.98 -0.13
C LYS B 272 39.46 34.20 -0.67
N GLN B 273 40.45 33.49 -0.13
CA GLN B 273 41.74 33.37 -0.80
C GLN B 273 41.63 32.50 -2.04
N ALA B 274 40.64 31.62 -2.11
CA ALA B 274 40.49 30.75 -3.26
C ALA B 274 39.62 31.34 -4.35
N VAL B 275 38.74 32.30 -4.05
CA VAL B 275 38.06 33.02 -5.11
C VAL B 275 38.91 34.15 -5.66
N ALA B 276 39.93 34.59 -4.92
CA ALA B 276 40.88 35.60 -5.36
C ALA B 276 42.13 34.98 -5.96
N TYR B 277 42.24 33.66 -5.94
CA TYR B 277 43.24 32.96 -6.72
C TYR B 277 42.65 32.38 -7.98
N ARG B 278 41.35 32.07 -7.98
CA ARG B 278 40.65 31.70 -9.21
C ARG B 278 40.65 32.84 -10.21
N GLN B 279 40.39 34.06 -9.73
CA GLN B 279 40.45 35.25 -10.57
C GLN B 279 41.84 35.46 -11.14
N MET B 280 42.87 35.27 -10.33
CA MET B 280 44.25 35.43 -10.77
C MET B 280 44.68 34.37 -11.76
N SER B 281 43.94 33.28 -11.89
CA SER B 281 44.30 32.19 -12.78
C SER B 281 43.39 32.07 -13.97
N LEU B 282 42.16 32.60 -13.89
CA LEU B 282 41.32 32.72 -15.06
C LEU B 282 41.85 33.81 -15.99
N LEU B 283 42.31 34.93 -15.41
CA LEU B 283 42.73 36.08 -16.20
C LEU B 283 44.04 35.86 -16.94
N LEU B 284 44.82 34.85 -16.56
CA LEU B 284 45.99 34.44 -17.31
C LEU B 284 45.71 33.21 -18.15
N ARG B 285 44.44 32.81 -18.22
CA ARG B 285 43.92 31.77 -19.11
C ARG B 285 44.59 30.42 -18.86
N ARG B 286 44.37 29.92 -17.67
CA ARG B 286 44.70 28.60 -17.18
C ARG B 286 43.43 27.77 -17.08
N PRO B 287 43.48 26.48 -17.44
CA PRO B 287 42.26 25.67 -17.55
C PRO B 287 41.55 25.49 -16.22
N PRO B 288 40.23 25.70 -16.17
CA PRO B 288 39.50 25.56 -14.91
C PRO B 288 39.07 24.14 -14.62
N GLY B 289 38.33 23.94 -13.53
CA GLY B 289 37.90 22.61 -13.12
C GLY B 289 36.50 22.54 -12.55
N ARG B 290 36.31 21.83 -11.44
CA ARG B 290 35.03 21.85 -10.76
C ARG B 290 34.78 23.25 -10.19
N GLU B 291 33.60 23.80 -10.50
CA GLU B 291 33.19 25.16 -10.13
C GLU B 291 34.18 26.22 -10.63
N ALA B 292 34.81 25.94 -11.78
CA ALA B 292 35.78 26.80 -12.46
C ALA B 292 36.97 27.14 -11.59
N TYR B 293 37.32 26.27 -10.65
CA TYR B 293 38.51 26.39 -9.84
C TYR B 293 39.71 25.85 -10.59
N PRO B 294 40.89 26.42 -10.38
CA PRO B 294 42.08 25.93 -11.09
C PRO B 294 42.49 24.54 -10.60
N GLY B 295 43.42 23.94 -11.33
CA GLY B 295 43.84 22.58 -11.03
C GLY B 295 44.54 22.41 -9.69
N ASP B 296 45.05 23.49 -9.11
CA ASP B 296 45.88 23.43 -7.92
C ASP B 296 45.32 24.31 -6.81
N VAL B 297 44.03 24.16 -6.50
CA VAL B 297 43.46 24.83 -5.34
C VAL B 297 43.64 23.98 -4.09
N PHE B 298 44.28 22.82 -4.20
CA PHE B 298 44.65 22.00 -3.06
C PHE B 298 46.02 22.40 -2.54
N TYR B 299 47.01 22.46 -3.43
CA TYR B 299 48.37 22.81 -3.09
C TYR B 299 48.48 24.24 -2.59
N LEU B 300 47.50 25.10 -2.92
CA LEU B 300 47.41 26.41 -2.30
C LEU B 300 47.25 26.30 -0.79
N HIS B 301 46.39 25.40 -0.33
CA HIS B 301 46.05 25.31 1.08
C HIS B 301 46.83 24.26 1.84
N SER B 302 47.44 23.29 1.16
CA SER B 302 48.22 22.28 1.83
C SER B 302 49.58 22.82 2.25
N ARG B 303 50.26 23.52 1.35
CA ARG B 303 51.56 24.06 1.70
C ARG B 303 51.46 25.24 2.66
N LEU B 304 50.27 25.82 2.82
CA LEU B 304 50.10 26.81 3.87
C LEU B 304 49.86 26.16 5.23
N LEU B 305 49.07 25.09 5.28
CA LEU B 305 48.71 24.47 6.55
C LEU B 305 49.66 23.36 6.97
N GLU B 306 50.67 23.05 6.17
CA GLU B 306 51.71 22.13 6.59
C GLU B 306 52.71 22.76 7.54
N ARG B 307 52.65 24.06 7.72
CA ARG B 307 53.65 24.80 8.46
C ARG B 307 53.31 24.96 9.93
N ALA B 308 52.18 24.43 10.36
CA ALA B 308 51.81 24.44 11.77
C ALA B 308 52.28 23.12 12.36
N ALA B 309 53.35 23.18 13.14
CA ALA B 309 54.03 21.99 13.64
C ALA B 309 54.36 22.20 15.10
N LYS B 310 54.71 21.10 15.78
CA LYS B 310 55.32 21.17 17.09
C LYS B 310 56.72 20.61 16.97
N MET B 311 57.72 21.39 17.38
CA MET B 311 59.09 20.97 17.28
C MET B 311 59.55 20.30 18.56
N ASN B 312 60.47 19.35 18.43
CA ASN B 312 60.91 18.56 19.58
C ASN B 312 61.92 19.38 20.39
N ASP B 313 62.55 18.73 21.36
CA ASP B 313 63.36 19.47 22.32
C ASP B 313 64.77 19.77 21.81
N ALA B 314 65.20 19.16 20.71
CA ALA B 314 66.43 19.62 20.09
C ALA B 314 66.23 20.97 19.41
N PHE B 315 65.11 21.13 18.71
CA PHE B 315 64.84 22.30 17.89
C PHE B 315 64.12 23.40 18.65
N GLY B 316 64.09 23.33 19.98
CA GLY B 316 63.55 24.42 20.76
C GLY B 316 62.34 24.06 21.58
N GLY B 317 61.44 23.26 21.01
CA GLY B 317 60.24 22.89 21.71
C GLY B 317 59.12 23.90 21.58
N GLY B 318 59.11 24.68 20.51
CA GLY B 318 58.07 25.66 20.27
C GLY B 318 57.01 25.14 19.32
N SER B 319 55.88 25.83 19.30
CA SER B 319 54.70 25.32 18.62
C SER B 319 54.01 26.44 17.87
N LEU B 320 53.29 26.06 16.82
CA LEU B 320 52.48 26.99 16.02
C LEU B 320 51.17 26.29 15.70
N THR B 321 50.06 26.90 16.10
CA THR B 321 48.74 26.32 15.92
C THR B 321 47.95 27.12 14.90
N ALA B 322 47.30 26.42 13.97
CA ALA B 322 46.56 27.04 12.90
C ALA B 322 45.08 26.68 12.97
N LEU B 323 44.22 27.69 12.88
CA LEU B 323 42.78 27.46 12.83
C LEU B 323 42.19 28.10 11.57
N PRO B 324 42.15 27.37 10.47
CA PRO B 324 41.52 27.91 9.26
C PRO B 324 40.00 27.98 9.40
N VAL B 325 39.39 28.71 8.47
CA VAL B 325 37.94 28.96 8.45
C VAL B 325 37.47 28.82 7.01
N ILE B 326 36.37 28.08 6.80
CA ILE B 326 35.73 27.93 5.49
C ILE B 326 34.27 28.33 5.65
N GLU B 327 33.69 28.88 4.60
CA GLU B 327 32.25 29.13 4.50
C GLU B 327 31.62 28.19 3.49
N THR B 328 30.46 27.63 3.85
CA THR B 328 29.72 26.70 3.02
C THR B 328 28.44 27.34 2.50
N GLN B 329 27.87 26.72 1.47
CA GLN B 329 26.69 27.25 0.79
C GLN B 329 25.47 26.40 1.17
N ALA B 330 24.70 26.91 2.13
CA ALA B 330 23.47 26.31 2.68
C ALA B 330 23.70 24.95 3.33
N GLY B 331 24.93 24.62 3.72
CA GLY B 331 25.21 23.41 4.45
C GLY B 331 25.85 22.28 3.68
N ASP B 332 26.41 22.53 2.51
CA ASP B 332 27.04 21.47 1.72
C ASP B 332 28.45 21.25 2.24
N VAL B 333 28.70 20.08 2.81
CA VAL B 333 30.01 19.74 3.33
C VAL B 333 30.56 18.70 2.35
N SER B 334 30.00 18.69 1.14
CA SER B 334 30.59 17.87 0.09
C SER B 334 30.92 18.71 -1.13
N ALA B 335 31.11 20.01 -0.96
CA ALA B 335 31.54 20.85 -2.05
C ALA B 335 33.02 20.65 -2.32
N TYR B 336 33.55 21.40 -3.28
CA TYR B 336 34.91 21.16 -3.74
C TYR B 336 35.93 21.64 -2.73
N ILE B 337 35.74 22.84 -2.19
CA ILE B 337 36.71 23.42 -1.25
C ILE B 337 36.57 22.85 0.16
N PRO B 338 35.38 22.67 0.78
CA PRO B 338 35.36 22.06 2.12
C PRO B 338 35.79 20.60 2.18
N THR B 339 36.04 19.93 1.08
CA THR B 339 36.68 18.63 1.12
C THR B 339 38.10 18.68 0.61
N ASN B 340 38.68 19.88 0.51
CA ASN B 340 40.11 20.03 0.38
C ASN B 340 40.76 20.43 1.68
N VAL B 341 39.98 20.87 2.65
CA VAL B 341 40.49 21.28 3.94
C VAL B 341 40.16 20.28 5.04
N ILE B 342 38.98 19.64 4.98
CA ILE B 342 38.65 18.51 5.85
C ILE B 342 39.66 17.37 5.70
N SER B 343 40.17 17.16 4.49
CA SER B 343 41.18 16.14 4.29
C SER B 343 42.60 16.68 4.49
N ILE B 344 42.75 17.81 5.20
CA ILE B 344 44.04 18.33 5.63
C ILE B 344 44.10 18.48 7.14
N THR B 345 43.13 19.14 7.73
CA THR B 345 43.19 19.43 9.14
C THR B 345 42.95 18.17 9.97
N ASP B 346 43.29 18.27 11.26
CA ASP B 346 43.16 17.16 12.22
C ASP B 346 41.88 17.28 13.03
N GLY B 347 40.74 17.33 12.35
CA GLY B 347 39.48 17.55 13.03
C GLY B 347 38.67 18.66 12.38
N GLN B 348 37.45 18.80 12.90
CA GLN B 348 36.52 19.83 12.44
C GLN B 348 35.72 20.34 13.61
N ILE B 349 35.17 21.54 13.49
CA ILE B 349 34.18 22.02 14.45
C ILE B 349 32.96 22.50 13.67
N PHE B 350 31.96 21.63 13.51
CA PHE B 350 30.82 21.97 12.69
C PHE B 350 29.87 22.91 13.42
N LEU B 351 29.42 23.93 12.72
CA LEU B 351 28.40 24.82 13.24
C LEU B 351 27.18 24.75 12.33
N GLU B 352 26.01 24.64 12.93
CA GLU B 352 24.78 24.42 12.19
C GLU B 352 23.98 25.71 12.13
N THR B 353 23.37 25.97 10.98
CA THR B 353 22.52 27.14 10.84
C THR B 353 21.14 26.88 11.44
N GLU B 354 20.81 25.62 11.71
CA GLU B 354 19.54 25.32 12.35
C GLU B 354 19.61 25.53 13.84
N LEU B 355 20.76 25.18 14.44
CA LEU B 355 20.89 25.28 15.90
C LEU B 355 21.05 26.72 16.33
N PHE B 356 21.54 27.58 15.44
CA PHE B 356 21.78 28.97 15.80
C PHE B 356 20.48 29.77 15.85
N TYR B 357 19.53 29.41 14.99
CA TYR B 357 18.26 30.13 14.98
C TYR B 357 17.33 29.64 16.09
N LYS B 358 17.47 28.38 16.48
CA LYS B 358 16.65 27.85 17.56
C LYS B 358 17.03 28.42 18.92
N GLY B 359 18.31 28.74 19.11
CA GLY B 359 18.76 29.34 20.35
C GLY B 359 20.07 28.81 20.92
N ILE B 360 20.48 27.58 20.61
CA ILE B 360 21.69 26.99 21.17
C ILE B 360 22.88 27.67 20.50
N ARG B 361 23.52 28.59 21.23
CA ARG B 361 24.69 29.31 20.76
C ARG B 361 25.80 29.21 21.81
N PRO B 362 27.03 28.80 21.45
CA PRO B 362 27.64 28.47 20.16
C PRO B 362 27.15 27.19 19.54
N ALA B 363 26.55 27.29 18.35
CA ALA B 363 25.79 26.21 17.76
C ALA B 363 26.72 25.14 17.23
N ILE B 364 27.41 24.44 18.12
CA ILE B 364 28.41 23.46 17.75
C ILE B 364 27.74 22.10 17.70
N ASN B 365 27.85 21.44 16.55
CA ASN B 365 27.30 20.11 16.36
C ASN B 365 28.28 19.12 16.98
N VAL B 366 27.88 18.48 18.08
CA VAL B 366 28.81 17.64 18.82
C VAL B 366 28.94 16.26 18.20
N GLY B 367 28.02 15.91 17.30
CA GLY B 367 28.06 14.60 16.70
C GLY B 367 29.00 14.50 15.51
N LEU B 368 29.36 15.65 14.93
CA LEU B 368 30.22 15.66 13.75
C LEU B 368 31.52 16.42 13.95
N SER B 369 31.84 16.84 15.16
CA SER B 369 33.08 17.53 15.45
C SER B 369 34.02 16.59 16.18
N VAL B 370 35.22 16.36 15.63
CA VAL B 370 36.18 15.41 16.17
C VAL B 370 37.53 16.10 16.34
N SER B 371 38.46 15.37 16.97
CA SER B 371 39.87 15.73 17.02
C SER B 371 40.68 14.45 16.93
N ARG B 372 41.47 14.31 15.86
CA ARG B 372 42.20 13.07 15.65
C ARG B 372 43.36 12.92 16.62
N VAL B 373 44.00 14.02 16.97
CA VAL B 373 45.20 13.97 17.80
C VAL B 373 45.01 14.68 19.14
N GLY B 374 44.14 15.68 19.23
CA GLY B 374 43.97 16.41 20.47
C GLY B 374 43.23 15.70 21.60
N SER B 375 43.01 14.40 21.49
CA SER B 375 42.46 13.65 22.61
C SER B 375 43.54 13.33 23.63
N ALA B 376 44.73 12.96 23.16
CA ALA B 376 45.85 12.56 24.01
C ALA B 376 46.53 13.71 24.72
N ALA B 377 46.09 14.95 24.51
CA ALA B 377 46.69 16.12 25.14
C ALA B 377 45.58 17.01 25.68
N GLN B 378 45.12 16.71 26.89
CA GLN B 378 44.37 17.67 27.68
C GLN B 378 44.56 17.32 29.14
N THR B 379 44.01 18.18 30.00
CA THR B 379 44.31 18.11 31.41
C THR B 379 43.62 16.91 32.06
N ARG B 380 44.29 16.30 33.03
CA ARG B 380 43.76 15.14 33.73
C ARG B 380 42.53 15.49 34.56
N ALA B 381 42.39 16.74 34.96
CA ALA B 381 41.20 17.14 35.72
C ALA B 381 39.95 17.13 34.87
N MET B 382 40.09 17.21 33.54
CA MET B 382 38.93 17.28 32.65
C MET B 382 38.64 15.95 31.96
N LYS B 383 39.66 15.10 31.77
CA LYS B 383 39.47 13.81 31.10
C LYS B 383 38.59 12.86 31.91
N GLN B 384 38.55 13.03 33.23
CA GLN B 384 37.71 12.19 34.08
C GLN B 384 36.27 12.66 34.12
N VAL B 385 36.02 13.92 33.79
CA VAL B 385 34.68 14.48 33.82
C VAL B 385 34.10 14.64 32.43
N ALA B 386 34.95 14.86 31.43
CA ALA B 386 34.46 14.92 30.06
C ALA B 386 34.55 13.58 29.37
N GLY B 387 34.83 12.52 30.13
CA GLY B 387 34.66 11.18 29.61
C GLY B 387 33.25 10.67 29.84
N THR B 388 32.54 11.27 30.79
CA THR B 388 31.19 10.83 31.13
C THR B 388 30.15 11.61 30.34
N MET B 389 30.41 12.90 30.11
CA MET B 389 29.48 13.70 29.32
C MET B 389 29.53 13.31 27.85
N LYS B 390 30.65 12.74 27.40
CA LYS B 390 30.71 12.23 26.03
C LYS B 390 29.78 11.04 25.85
N LEU B 391 29.73 10.13 26.83
CA LEU B 391 28.90 8.94 26.69
C LEU B 391 27.44 9.22 27.05
N GLU B 392 27.19 10.13 28.01
CA GLU B 392 25.82 10.47 28.36
C GLU B 392 25.13 11.25 27.25
N LEU B 393 25.89 12.03 26.48
CA LEU B 393 25.34 12.67 25.29
C LEU B 393 25.11 11.66 24.18
N ALA B 394 25.91 10.59 24.15
CA ALA B 394 25.87 9.66 23.03
C ALA B 394 24.62 8.77 23.08
N GLN B 395 24.02 8.62 24.26
CA GLN B 395 22.74 7.92 24.34
C GLN B 395 21.58 8.87 24.04
N TYR B 396 21.83 10.19 24.16
CA TYR B 396 20.77 11.16 23.97
C TYR B 396 20.42 11.33 22.49
N ARG B 397 21.33 10.95 21.60
CA ARG B 397 21.09 11.15 20.18
C ARG B 397 20.34 9.98 19.57
N GLU B 398 20.35 8.82 20.24
CA GLU B 398 19.64 7.66 19.70
C GLU B 398 18.19 7.64 20.16
N VAL B 399 17.93 8.01 21.42
CA VAL B 399 16.58 7.91 21.95
C VAL B 399 15.77 9.15 21.62
N ALA B 400 16.36 10.11 20.92
CA ALA B 400 15.60 11.27 20.48
C ALA B 400 15.12 11.09 19.04
N LEU B 409 6.76 8.40 28.37
CA LEU B 409 5.83 7.48 29.03
C LEU B 409 6.51 6.16 29.34
N ASP B 410 7.81 6.07 29.07
CA ASP B 410 8.58 4.84 29.17
C ASP B 410 9.44 4.87 30.44
N ALA B 411 10.19 3.79 30.65
CA ALA B 411 10.94 3.65 31.90
C ALA B 411 12.37 4.15 31.78
N ALA B 412 13.15 3.57 30.88
CA ALA B 412 14.55 3.96 30.75
C ALA B 412 14.71 5.11 29.77
N THR B 413 13.86 5.17 28.76
CA THR B 413 14.01 6.18 27.72
C THR B 413 13.56 7.54 28.23
N GLN B 414 12.76 7.57 29.30
CA GLN B 414 12.42 8.84 29.94
C GLN B 414 13.58 9.33 30.81
N GLN B 415 14.50 8.44 31.16
CA GLN B 415 15.68 8.87 31.90
C GLN B 415 16.73 9.46 30.98
N LEU B 416 16.98 8.84 29.83
CA LEU B 416 18.06 9.29 28.96
C LEU B 416 17.64 10.51 28.15
N LEU B 417 16.34 10.79 28.08
CA LEU B 417 15.87 11.99 27.40
C LEU B 417 15.90 13.19 28.33
N SER B 418 15.97 12.96 29.63
CA SER B 418 15.78 14.05 30.58
C SER B 418 17.11 14.54 31.15
N ARG B 419 18.15 13.70 31.11
CA ARG B 419 19.46 14.13 31.57
C ARG B 419 20.20 14.88 30.47
N GLY B 420 20.06 14.43 29.23
CA GLY B 420 20.78 15.05 28.14
C GLY B 420 20.21 16.40 27.72
N VAL B 421 19.03 16.74 28.22
CA VAL B 421 18.44 18.05 27.92
C VAL B 421 18.95 19.07 28.93
N ARG B 422 19.63 18.61 29.98
CA ARG B 422 20.39 19.56 30.80
C ARG B 422 21.75 19.83 30.18
N LEU B 423 22.41 18.79 29.69
CA LEU B 423 23.80 18.95 29.25
C LEU B 423 23.88 19.62 27.88
N THR B 424 22.76 19.77 27.18
CA THR B 424 22.78 20.55 25.95
C THR B 424 22.52 22.03 26.26
N GLU B 425 21.73 22.31 27.30
CA GLU B 425 21.56 23.69 27.73
C GLU B 425 22.69 24.11 28.68
N LEU B 426 23.63 23.21 28.94
CA LEU B 426 24.74 23.56 29.81
C LEU B 426 25.87 24.18 29.00
N LEU B 427 26.12 23.68 27.80
CA LEU B 427 27.28 24.09 26.99
C LEU B 427 26.92 25.30 26.13
N LYS B 428 26.40 26.33 26.78
CA LYS B 428 26.06 27.59 26.13
C LYS B 428 26.77 28.71 26.88
N GLN B 429 27.42 29.59 26.14
CA GLN B 429 28.20 30.66 26.75
C GLN B 429 27.96 31.97 26.02
N GLY B 430 27.79 33.05 26.77
CA GLY B 430 27.61 34.36 26.21
C GLY B 430 28.85 34.88 25.51
N GLN B 431 28.71 36.04 24.88
CA GLN B 431 29.74 36.54 24.00
C GLN B 431 30.80 37.31 24.79
N TYR B 432 32.07 37.02 24.50
CA TYR B 432 33.26 37.76 24.97
C TYR B 432 33.43 37.70 26.49
N ALA B 433 33.42 36.47 27.04
CA ALA B 433 33.81 36.21 28.42
C ALA B 433 34.20 34.75 28.62
N PRO B 434 35.33 34.28 28.11
CA PRO B 434 35.71 32.88 28.32
C PRO B 434 36.30 32.66 29.71
N MET B 435 36.21 31.42 30.17
CA MET B 435 36.51 31.03 31.53
C MET B 435 37.75 30.17 31.61
N ALA B 436 38.23 29.99 32.84
CA ALA B 436 39.43 29.20 33.10
C ALA B 436 39.08 27.74 33.31
N ILE B 437 40.11 26.88 33.20
CA ILE B 437 39.90 25.44 33.03
C ILE B 437 39.39 24.80 34.32
N GLU B 438 39.57 25.46 35.47
CA GLU B 438 39.05 24.91 36.71
C GLU B 438 37.64 25.43 36.97
N GLU B 439 37.27 26.54 36.34
CA GLU B 439 35.90 27.01 36.43
C GLU B 439 35.01 26.23 35.47
N GLN B 440 35.62 25.63 34.44
CA GLN B 440 34.87 24.84 33.49
C GLN B 440 34.48 23.49 34.09
N VAL B 441 35.40 22.87 34.82
CA VAL B 441 35.16 21.51 35.32
C VAL B 441 34.36 21.56 36.61
N ALA B 442 34.20 22.75 37.19
CA ALA B 442 33.35 22.89 38.36
C ALA B 442 31.88 22.80 37.98
N VAL B 443 31.55 23.12 36.73
CA VAL B 443 30.15 23.19 36.34
C VAL B 443 29.76 21.97 35.51
N ILE B 444 30.74 21.20 35.04
CA ILE B 444 30.44 19.93 34.39
C ILE B 444 30.35 18.82 35.43
N TYR B 445 31.08 18.97 36.54
CA TYR B 445 30.96 18.04 37.67
C TYR B 445 29.58 18.13 38.32
N ALA B 446 28.89 19.26 38.15
CA ALA B 446 27.49 19.31 38.53
C ALA B 446 26.63 18.56 37.54
N GLY B 447 27.12 18.34 36.32
CA GLY B 447 26.29 17.76 35.29
C GLY B 447 26.30 16.25 35.29
N VAL B 448 27.48 15.64 35.17
CA VAL B 448 27.58 14.20 34.96
C VAL B 448 27.27 13.44 36.24
N ARG B 449 27.49 14.05 37.40
CA ARG B 449 27.07 13.44 38.65
C ARG B 449 25.56 13.57 38.85
N GLY B 450 24.93 14.47 38.10
CA GLY B 450 23.49 14.59 38.11
C GLY B 450 22.93 15.37 39.28
N TYR B 451 23.54 16.48 39.66
CA TYR B 451 23.09 17.21 40.84
C TYR B 451 21.84 18.03 40.55
N LEU B 452 21.66 18.48 39.31
CA LEU B 452 20.57 19.37 38.96
C LEU B 452 19.50 18.69 38.10
N ASP B 453 19.31 17.38 38.29
CA ASP B 453 18.26 16.67 37.55
C ASP B 453 16.87 17.02 38.04
N LYS B 454 16.73 17.64 39.20
CA LYS B 454 15.44 18.10 39.69
C LYS B 454 15.23 19.59 39.43
N LEU B 455 15.91 20.15 38.43
CA LEU B 455 15.76 21.55 38.06
C LEU B 455 15.22 21.64 36.64
N GLU B 456 14.21 22.47 36.45
CA GLU B 456 13.59 22.61 35.13
C GLU B 456 14.57 23.27 34.16
N PRO B 457 14.52 22.92 32.87
CA PRO B 457 15.49 23.51 31.94
C PRO B 457 15.22 24.98 31.59
N SER B 458 14.19 25.61 32.16
CA SER B 458 14.02 27.04 31.96
C SER B 458 14.98 27.86 32.79
N LYS B 459 15.52 27.32 33.88
CA LYS B 459 16.36 28.06 34.80
C LYS B 459 17.69 27.40 35.06
N ILE B 460 18.11 26.46 34.22
CA ILE B 460 19.38 25.75 34.43
C ILE B 460 20.57 26.71 34.29
N THR B 461 20.47 27.65 33.36
CA THR B 461 21.59 28.56 33.11
C THR B 461 21.68 29.62 34.21
N LYS B 462 20.53 29.97 34.80
CA LYS B 462 20.53 30.91 35.92
C LYS B 462 21.21 30.31 37.15
N PHE B 463 21.12 29.00 37.32
CA PHE B 463 21.87 28.32 38.37
C PHE B 463 23.37 28.35 38.09
N GLU B 464 23.76 28.30 36.81
CA GLU B 464 25.17 28.17 36.47
C GLU B 464 25.94 29.46 36.72
N ASN B 465 25.35 30.61 36.38
CA ASN B 465 26.02 31.87 36.63
C ASN B 465 25.89 32.29 38.08
N ALA B 466 24.93 31.70 38.80
CA ALA B 466 24.88 31.87 40.25
C ALA B 466 25.87 30.93 40.94
N PHE B 467 26.35 29.92 40.21
CA PHE B 467 27.33 29.01 40.78
C PHE B 467 28.73 29.58 40.65
N LEU B 468 29.08 30.10 39.47
CA LEU B 468 30.45 30.55 39.24
C LEU B 468 30.74 31.87 39.93
N SER B 469 29.70 32.61 40.31
CA SER B 469 29.90 33.76 41.17
C SER B 469 30.18 33.33 42.60
N HIS B 470 29.49 32.29 43.06
CA HIS B 470 29.57 31.90 44.46
C HIS B 470 30.82 31.09 44.74
N VAL B 471 31.36 30.42 43.72
CA VAL B 471 32.51 29.54 43.95
C VAL B 471 33.81 30.33 43.87
N ILE B 472 33.81 31.44 43.14
CA ILE B 472 35.04 32.23 43.03
C ILE B 472 35.21 33.11 44.25
N SER B 473 34.15 33.78 44.69
CA SER B 473 34.28 34.78 45.74
C SER B 473 34.51 34.13 47.11
N GLN B 474 33.92 32.97 47.36
CA GLN B 474 33.95 32.38 48.69
C GLN B 474 34.89 31.19 48.84
N HIS B 475 35.23 30.48 47.77
CA HIS B 475 36.00 29.24 47.89
C HIS B 475 37.10 29.17 46.85
N GLN B 476 37.89 30.24 46.72
CA GLN B 476 38.81 30.34 45.59
C GLN B 476 40.09 29.54 45.83
N ALA B 477 40.58 29.49 47.07
CA ALA B 477 41.87 28.89 47.35
C ALA B 477 41.84 27.37 47.17
N LEU B 478 40.72 26.75 47.49
CA LEU B 478 40.55 25.34 47.25
C LEU B 478 40.06 25.06 45.84
N LEU B 479 39.62 26.10 45.12
CA LEU B 479 39.41 26.00 43.68
C LEU B 479 40.72 26.14 42.90
N GLY B 480 41.77 26.61 43.55
CA GLY B 480 43.08 26.69 42.92
C GLY B 480 43.90 25.44 43.02
N LYS B 481 43.45 24.45 43.79
CA LYS B 481 44.15 23.17 43.84
C LYS B 481 44.04 22.42 42.52
N ILE B 482 42.91 22.58 41.83
CA ILE B 482 42.68 21.86 40.58
C ILE B 482 43.62 22.37 39.50
N ARG B 483 43.86 23.68 39.45
CA ARG B 483 44.84 24.23 38.54
C ARG B 483 46.25 23.84 38.96
N ALA B 484 46.49 23.76 40.27
CA ALA B 484 47.83 23.46 40.76
C ALA B 484 48.19 22.00 40.55
N ASP B 485 47.33 21.09 41.00
CA ASP B 485 47.64 19.66 40.89
C ASP B 485 47.46 19.16 39.47
N GLY B 486 46.43 19.63 38.77
CA GLY B 486 46.13 19.16 37.43
C GLY B 486 45.21 17.96 37.37
N LYS B 487 44.68 17.51 38.50
CA LYS B 487 43.73 16.40 38.53
C LYS B 487 42.86 16.54 39.76
N ILE B 488 41.74 15.84 39.75
CA ILE B 488 40.79 15.86 40.85
C ILE B 488 41.19 14.70 41.77
N SER B 489 42.02 14.99 42.76
CA SER B 489 42.46 13.96 43.67
C SER B 489 41.36 13.62 44.66
N GLU B 490 41.59 12.55 45.43
CA GLU B 490 40.51 11.92 46.18
C GLU B 490 40.11 12.75 47.39
N GLU B 491 41.02 13.55 47.92
CA GLU B 491 40.64 14.52 48.94
C GLU B 491 39.92 15.71 48.31
N THR B 492 40.36 16.11 47.11
CA THR B 492 39.71 17.21 46.42
C THR B 492 38.33 16.82 45.92
N ASP B 493 38.22 15.60 45.36
CA ASP B 493 36.95 15.08 44.88
C ASP B 493 35.94 14.94 46.02
N ALA B 494 36.43 14.67 47.22
CA ALA B 494 35.53 14.52 48.37
C ALA B 494 34.90 15.86 48.75
N LYS B 495 35.61 16.97 48.54
CA LYS B 495 35.04 18.26 48.90
C LYS B 495 34.41 18.93 47.69
N LEU B 496 34.80 18.54 46.48
CA LEU B 496 34.10 19.03 45.30
C LEU B 496 32.67 18.51 45.26
N LYS B 497 32.42 17.35 45.85
CA LYS B 497 31.06 16.88 46.06
C LYS B 497 30.35 17.71 47.12
N GLU B 498 31.10 18.31 48.03
CA GLU B 498 30.47 19.01 49.15
C GLU B 498 29.93 20.38 48.72
N ILE B 499 30.68 21.10 47.89
CA ILE B 499 30.30 22.49 47.60
C ILE B 499 29.14 22.56 46.61
N VAL B 500 28.80 21.43 45.98
CA VAL B 500 27.65 21.39 45.10
C VAL B 500 26.40 20.97 45.87
N THR B 501 26.55 20.08 46.85
CA THR B 501 25.38 19.54 47.52
C THR B 501 24.79 20.52 48.54
N ASN B 502 25.61 21.45 49.03
CA ASN B 502 25.06 22.42 49.98
C ASN B 502 24.60 23.68 49.27
N PHE B 503 25.13 23.93 48.06
CA PHE B 503 24.71 25.11 47.31
C PHE B 503 23.31 24.92 46.77
N LEU B 504 22.96 23.71 46.35
CA LEU B 504 21.61 23.45 45.86
C LEU B 504 20.61 23.48 47.01
N ALA B 505 21.06 23.23 48.23
CA ALA B 505 20.23 23.51 49.39
C ALA B 505 20.18 25.02 49.65
N GLY B 506 21.26 25.72 49.32
CA GLY B 506 21.29 27.16 49.54
C GLY B 506 20.66 27.94 48.41
N PHE B 507 20.64 27.36 47.20
CA PHE B 507 20.03 28.06 46.07
C PHE B 507 18.53 27.85 46.04
N GLU B 508 17.81 28.96 45.91
CA GLU B 508 16.36 28.95 45.83
C GLU B 508 15.93 29.40 44.44
N ALA B 509 14.91 28.74 43.92
CA ALA B 509 14.47 28.89 42.53
C ALA B 509 13.99 30.29 42.19
N SER C 8 73.68 -24.75 -29.41
CA SER C 8 72.29 -25.10 -29.69
C SER C 8 72.01 -24.78 -31.15
N SER C 9 71.23 -25.63 -31.82
CA SER C 9 71.07 -25.50 -33.27
C SER C 9 70.02 -24.47 -33.63
N ILE C 10 69.23 -24.02 -32.66
CA ILE C 10 68.08 -23.18 -32.99
C ILE C 10 68.51 -21.73 -33.19
N LEU C 11 69.49 -21.26 -32.42
CA LEU C 11 69.93 -19.88 -32.56
C LEU C 11 70.71 -19.66 -33.85
N GLU C 12 71.48 -20.67 -34.26
CA GLU C 12 72.31 -20.53 -35.44
C GLU C 12 71.48 -20.62 -36.72
N GLU C 13 70.37 -21.36 -36.69
CA GLU C 13 69.54 -21.46 -37.88
C GLU C 13 68.63 -20.25 -38.02
N ARG C 14 68.43 -19.51 -36.93
CA ARG C 14 67.66 -18.27 -37.01
C ARG C 14 68.49 -17.14 -37.61
N ILE C 15 69.82 -17.27 -37.59
CA ILE C 15 70.68 -16.16 -37.99
C ILE C 15 71.15 -16.33 -39.42
N LEU C 16 71.02 -17.53 -39.98
CA LEU C 16 71.36 -17.71 -41.40
C LEU C 16 70.15 -17.47 -42.27
N GLY C 17 68.95 -17.49 -41.68
CA GLY C 17 67.76 -17.19 -42.44
C GLY C 17 67.46 -15.71 -42.51
N ALA C 18 68.18 -14.90 -41.73
CA ALA C 18 67.98 -13.47 -41.72
C ALA C 18 68.46 -12.84 -43.01
N ASP C 19 67.65 -11.92 -43.54
CA ASP C 19 67.96 -11.23 -44.78
C ASP C 19 68.40 -9.81 -44.44
N THR C 20 69.62 -9.46 -44.86
CA THR C 20 70.13 -8.10 -44.70
C THR C 20 70.02 -7.34 -46.03
N SER C 21 68.80 -6.97 -46.37
CA SER C 21 68.53 -6.18 -47.56
C SER C 21 68.64 -4.70 -47.22
N VAL C 22 69.22 -3.93 -48.12
CA VAL C 22 69.43 -2.50 -47.95
C VAL C 22 68.90 -1.77 -49.18
N ASP C 23 68.22 -0.65 -48.93
CA ASP C 23 67.69 0.17 -50.01
C ASP C 23 67.59 1.60 -49.53
N LEU C 24 67.37 2.52 -50.48
CA LEU C 24 67.08 3.90 -50.14
C LEU C 24 65.70 4.00 -49.50
N GLU C 25 65.64 4.64 -48.35
CA GLU C 25 64.38 4.88 -47.67
C GLU C 25 63.82 6.23 -48.13
N GLU C 26 62.76 6.65 -47.48
CA GLU C 26 62.26 8.00 -47.60
C GLU C 26 61.99 8.48 -46.19
N THR C 27 62.53 9.64 -45.83
CA THR C 27 63.02 9.85 -44.49
C THR C 27 62.67 11.24 -44.00
N GLY C 28 62.15 11.31 -42.78
CA GLY C 28 61.80 12.60 -42.24
C GLY C 28 62.34 12.85 -40.86
N ARG C 29 63.13 13.91 -40.72
CA ARG C 29 63.73 14.30 -39.45
C ARG C 29 62.65 14.70 -38.45
N VAL C 30 62.89 14.41 -37.18
CA VAL C 30 61.91 14.65 -36.13
C VAL C 30 62.11 16.07 -35.63
N LEU C 31 61.02 16.76 -35.29
CA LEU C 31 61.12 18.13 -34.79
C LEU C 31 60.73 18.22 -33.33
N SER C 32 59.91 17.29 -32.86
CA SER C 32 59.46 17.30 -31.48
C SER C 32 59.08 15.89 -31.10
N ILE C 33 59.15 15.58 -29.81
CA ILE C 33 58.53 14.36 -29.31
C ILE C 33 58.05 14.58 -27.89
N GLY C 34 56.75 14.53 -27.70
CA GLY C 34 56.19 14.67 -26.38
C GLY C 34 54.85 13.98 -26.31
N ASP C 35 54.70 13.09 -25.31
CA ASP C 35 53.44 12.40 -24.97
C ASP C 35 52.92 11.53 -26.11
N GLY C 36 53.79 11.09 -27.00
CA GLY C 36 53.41 10.19 -28.05
C GLY C 36 53.32 10.77 -29.44
N ILE C 37 53.34 12.08 -29.60
CA ILE C 37 53.14 12.73 -30.90
C ILE C 37 54.47 13.23 -31.41
N ALA C 38 54.82 12.85 -32.63
CA ALA C 38 56.11 13.20 -33.21
C ALA C 38 55.92 14.01 -34.49
N ARG C 39 55.92 15.33 -34.39
CA ARG C 39 55.79 16.18 -35.56
C ARG C 39 57.05 16.09 -36.40
N VAL C 40 56.92 15.55 -37.61
CA VAL C 40 58.06 15.19 -38.43
C VAL C 40 58.21 16.18 -39.58
N HIS C 41 59.36 16.86 -39.64
CA HIS C 41 59.72 17.59 -40.84
C HIS C 41 60.12 16.62 -41.92
N GLY C 42 59.79 16.94 -43.16
CA GLY C 42 60.10 16.06 -44.26
C GLY C 42 58.91 15.19 -44.58
N LEU C 43 59.16 13.96 -45.04
CA LEU C 43 58.12 12.97 -45.38
C LEU C 43 57.18 13.54 -46.44
N ARG C 44 57.72 13.72 -47.65
CA ARG C 44 56.97 14.39 -48.70
C ARG C 44 55.81 13.54 -49.20
N ASN C 45 56.10 12.36 -49.72
CA ASN C 45 55.10 11.56 -50.41
C ASN C 45 54.32 10.65 -49.48
N VAL C 46 54.17 10.99 -48.20
CA VAL C 46 53.54 10.09 -47.26
C VAL C 46 52.05 10.11 -47.50
N GLN C 47 51.40 8.97 -47.28
CA GLN C 47 49.95 8.88 -47.32
C GLN C 47 49.36 9.23 -45.97
N ALA C 48 48.05 9.40 -45.93
CA ALA C 48 47.39 9.42 -44.64
C ALA C 48 47.13 7.99 -44.24
N GLU C 49 47.10 7.76 -42.92
CA GLU C 49 47.00 6.44 -42.28
C GLU C 49 48.13 5.48 -42.70
N GLU C 50 49.26 5.98 -43.17
CA GLU C 50 50.37 5.12 -43.51
C GLU C 50 51.10 4.74 -42.24
N MET C 51 51.74 3.57 -42.25
CA MET C 51 52.57 3.10 -41.16
C MET C 51 54.01 3.54 -41.37
N VAL C 52 54.53 4.34 -40.43
CA VAL C 52 55.90 4.82 -40.47
C VAL C 52 56.68 4.13 -39.35
N GLU C 53 57.99 4.00 -39.53
CA GLU C 53 58.83 3.14 -38.70
C GLU C 53 60.02 3.93 -38.20
N PHE C 54 60.10 4.12 -36.88
CA PHE C 54 61.19 4.86 -36.27
C PHE C 54 62.50 4.07 -36.33
N SER C 55 63.58 4.70 -35.86
CA SER C 55 64.89 4.10 -36.05
C SER C 55 65.13 2.93 -35.09
N SER C 56 64.62 3.01 -33.87
CA SER C 56 64.95 2.04 -32.83
C SER C 56 64.20 0.72 -32.96
N GLY C 57 63.24 0.61 -33.87
CA GLY C 57 62.37 -0.55 -33.94
C GLY C 57 60.92 -0.25 -33.64
N LEU C 58 60.59 0.96 -33.21
CA LEU C 58 59.22 1.35 -32.97
C LEU C 58 58.45 1.48 -34.28
N LYS C 59 57.14 1.65 -34.16
CA LYS C 59 56.26 1.74 -35.32
C LYS C 59 55.18 2.77 -35.03
N GLY C 60 54.69 3.43 -36.08
CA GLY C 60 53.73 4.51 -35.90
C GLY C 60 52.92 4.77 -37.16
N MET C 61 51.88 5.59 -37.01
CA MET C 61 50.89 5.83 -38.05
C MET C 61 50.63 7.31 -38.24
N SER C 62 50.91 7.82 -39.43
CA SER C 62 50.87 9.26 -39.68
C SER C 62 49.45 9.72 -39.94
N LEU C 63 48.85 10.40 -38.96
CA LEU C 63 47.43 10.73 -39.10
C LEU C 63 47.22 12.05 -39.82
N ASN C 64 47.69 13.15 -39.24
CA ASN C 64 47.53 14.45 -39.85
C ASN C 64 48.53 14.61 -40.98
N LEU C 65 48.07 15.22 -42.06
CA LEU C 65 48.97 15.82 -43.01
C LEU C 65 48.79 17.32 -42.89
N GLU C 66 49.87 18.05 -43.12
CA GLU C 66 49.90 19.49 -42.95
C GLU C 66 51.02 20.00 -43.83
N PRO C 67 51.04 21.31 -44.16
CA PRO C 67 52.07 21.77 -45.10
C PRO C 67 53.46 21.83 -44.48
N ASP C 68 53.58 22.17 -43.21
CA ASP C 68 54.88 22.22 -42.55
C ASP C 68 55.27 20.88 -41.94
N ASN C 69 54.50 20.38 -40.99
CA ASN C 69 54.80 19.17 -40.24
C ASN C 69 53.86 18.04 -40.65
N VAL C 70 54.09 16.85 -40.07
CA VAL C 70 53.31 15.64 -40.32
C VAL C 70 53.08 14.97 -38.97
N GLY C 71 51.84 14.96 -38.48
CA GLY C 71 51.58 14.38 -37.16
C GLY C 71 51.63 12.86 -37.20
N VAL C 72 52.29 12.26 -36.21
CA VAL C 72 52.53 10.82 -36.14
C VAL C 72 52.29 10.36 -34.71
N VAL C 73 51.56 9.26 -34.53
CA VAL C 73 51.35 8.66 -33.21
C VAL C 73 52.06 7.31 -33.18
N VAL C 74 52.49 6.89 -31.98
CA VAL C 74 53.46 5.81 -31.82
C VAL C 74 52.77 4.57 -31.25
N PHE C 75 53.14 3.41 -31.80
CA PHE C 75 52.68 2.12 -31.30
C PHE C 75 53.75 1.58 -30.36
N GLY C 76 53.76 2.09 -29.14
CA GLY C 76 54.81 1.71 -28.21
C GLY C 76 55.13 2.78 -27.19
N ASN C 77 56.40 3.16 -27.09
CA ASN C 77 56.86 4.03 -26.03
C ASN C 77 57.76 5.12 -26.62
N ASP C 78 57.61 6.34 -26.09
CA ASP C 78 58.21 7.53 -26.70
C ASP C 78 59.47 8.01 -25.99
N LYS C 79 60.19 7.12 -25.30
CA LYS C 79 61.37 7.54 -24.58
C LYS C 79 62.65 7.15 -25.28
N LEU C 80 62.60 6.28 -26.26
CA LEU C 80 63.74 5.97 -27.09
C LEU C 80 63.89 6.94 -28.26
N ILE C 81 63.02 7.92 -28.35
CA ILE C 81 62.92 8.80 -29.52
C ILE C 81 63.39 10.19 -29.11
N LYS C 82 64.43 10.69 -29.75
CA LYS C 82 64.95 12.01 -29.45
C LYS C 82 64.86 12.89 -30.69
N GLU C 83 64.64 14.19 -30.45
CA GLU C 83 64.56 15.21 -31.48
C GLU C 83 65.80 15.23 -32.36
N GLY C 84 65.62 15.01 -33.64
CA GLY C 84 66.72 14.77 -34.54
C GLY C 84 66.81 13.34 -35.03
N ASP C 85 65.82 12.50 -34.75
CA ASP C 85 65.85 11.10 -35.15
C ASP C 85 65.49 10.94 -36.62
N ILE C 86 65.23 9.71 -37.03
CA ILE C 86 64.96 9.35 -38.40
C ILE C 86 63.68 8.55 -38.44
N VAL C 87 62.72 8.98 -39.25
CA VAL C 87 61.46 8.26 -39.45
C VAL C 87 61.45 7.75 -40.88
N LYS C 88 61.17 6.46 -41.05
CA LYS C 88 61.23 5.84 -42.36
C LYS C 88 59.85 5.62 -42.93
N ARG C 89 59.82 5.15 -44.17
CA ARG C 89 58.59 4.88 -44.90
C ARG C 89 58.51 3.38 -45.20
N THR C 90 57.42 2.78 -44.77
CA THR C 90 57.13 1.40 -45.17
C THR C 90 56.50 1.37 -46.55
N GLY C 91 55.36 2.04 -46.72
CA GLY C 91 54.69 2.06 -48.00
C GLY C 91 53.41 1.26 -47.98
N ALA C 92 52.69 1.28 -46.86
CA ALA C 92 51.51 0.45 -46.70
C ALA C 92 50.59 1.05 -45.65
N ILE C 93 49.31 1.19 -45.98
CA ILE C 93 48.32 1.53 -44.98
C ILE C 93 48.17 0.36 -44.03
N VAL C 94 47.86 0.65 -42.76
CA VAL C 94 48.17 -0.25 -41.65
C VAL C 94 47.34 -1.55 -41.70
N ASP C 95 48.05 -2.69 -41.69
CA ASP C 95 47.48 -4.00 -41.95
C ASP C 95 48.00 -5.03 -40.96
N VAL C 96 47.16 -6.03 -40.67
CA VAL C 96 47.44 -7.04 -39.65
C VAL C 96 47.36 -8.41 -40.32
N PRO C 97 48.02 -9.46 -39.82
CA PRO C 97 47.92 -10.77 -40.48
C PRO C 97 46.58 -11.38 -40.18
N VAL C 98 46.19 -12.37 -40.98
CA VAL C 98 44.86 -12.93 -40.88
C VAL C 98 44.94 -14.40 -41.24
N GLY C 99 43.95 -15.18 -40.82
CA GLY C 99 43.91 -16.58 -41.18
C GLY C 99 43.31 -17.39 -40.05
N GLU C 100 43.23 -18.69 -40.30
CA GLU C 100 42.89 -19.66 -39.28
C GLU C 100 44.09 -20.10 -38.48
N GLU C 101 45.29 -19.70 -38.90
CA GLU C 101 46.52 -20.13 -38.24
C GLU C 101 46.73 -19.41 -36.91
N LEU C 102 45.95 -18.37 -36.64
CA LEU C 102 45.97 -17.68 -35.37
C LEU C 102 45.07 -18.32 -34.34
N LEU C 103 44.54 -19.51 -34.59
CA LEU C 103 43.51 -20.04 -33.71
C LEU C 103 44.13 -20.74 -32.52
N GLY C 104 43.70 -20.35 -31.32
CA GLY C 104 44.29 -20.89 -30.12
C GLY C 104 45.47 -20.13 -29.59
N ARG C 105 45.52 -18.82 -29.80
CA ARG C 105 46.66 -18.00 -29.42
C ARG C 105 46.17 -16.81 -28.64
N VAL C 106 47.11 -16.10 -28.01
CA VAL C 106 46.88 -14.77 -27.48
C VAL C 106 47.85 -13.84 -28.19
N VAL C 107 47.32 -12.79 -28.81
CA VAL C 107 48.09 -11.92 -29.68
C VAL C 107 47.90 -10.48 -29.25
N ASP C 108 48.85 -9.62 -29.62
CA ASP C 108 48.71 -8.20 -29.36
C ASP C 108 48.00 -7.53 -30.53
N ALA C 109 47.89 -6.20 -30.47
CA ALA C 109 47.00 -5.49 -31.38
C ALA C 109 47.60 -5.34 -32.78
N LEU C 110 48.80 -5.86 -33.01
CA LEU C 110 49.33 -5.89 -34.37
C LEU C 110 49.70 -7.29 -34.83
N GLY C 111 49.27 -8.33 -34.13
CA GLY C 111 49.46 -9.69 -34.61
C GLY C 111 50.77 -10.34 -34.27
N ASN C 112 51.41 -9.96 -33.17
CA ASN C 112 52.60 -10.63 -32.67
C ASN C 112 52.21 -11.40 -31.41
N ALA C 113 52.70 -12.61 -31.29
CA ALA C 113 52.24 -13.49 -30.22
C ALA C 113 52.83 -13.09 -28.89
N ILE C 114 51.97 -12.98 -27.87
CA ILE C 114 52.43 -12.78 -26.50
C ILE C 114 52.19 -14.02 -25.64
N ASP C 115 52.08 -15.20 -26.25
CA ASP C 115 51.97 -16.44 -25.48
C ASP C 115 53.29 -17.18 -25.44
N GLY C 116 54.14 -16.98 -26.44
CA GLY C 116 55.42 -17.62 -26.47
C GLY C 116 55.46 -19.00 -27.09
N LYS C 117 54.41 -19.39 -27.82
CA LYS C 117 54.47 -20.66 -28.53
C LYS C 117 55.20 -20.51 -29.86
N GLY C 118 55.53 -19.29 -30.25
CA GLY C 118 56.44 -19.08 -31.35
C GLY C 118 55.97 -18.03 -32.34
N PRO C 119 56.54 -18.07 -33.54
CA PRO C 119 55.96 -17.27 -34.63
C PRO C 119 54.73 -17.92 -35.22
N ILE C 120 53.66 -17.15 -35.36
CA ILE C 120 52.49 -17.62 -36.09
C ILE C 120 52.82 -17.67 -37.57
N GLY C 121 52.56 -18.81 -38.20
CA GLY C 121 52.76 -18.89 -39.64
C GLY C 121 51.52 -18.45 -40.37
N SER C 122 51.50 -17.19 -40.82
CA SER C 122 50.34 -16.61 -41.48
C SER C 122 50.76 -16.19 -42.88
N LYS C 123 49.80 -16.19 -43.81
CA LYS C 123 50.10 -16.04 -45.23
C LYS C 123 49.45 -14.83 -45.87
N THR C 124 48.31 -14.37 -45.35
CA THR C 124 47.55 -13.30 -45.98
C THR C 124 47.34 -12.17 -44.98
N ARG C 125 47.35 -10.94 -45.49
CA ARG C 125 47.29 -9.74 -44.67
C ARG C 125 46.09 -8.91 -45.09
N ARG C 126 45.38 -8.35 -44.12
CA ARG C 126 44.12 -7.68 -44.35
C ARG C 126 44.08 -6.42 -43.54
N ARG C 127 43.62 -5.33 -44.14
CA ARG C 127 43.64 -4.01 -43.53
C ARG C 127 42.72 -3.96 -42.30
N VAL C 128 42.95 -2.95 -41.46
CA VAL C 128 42.05 -2.71 -40.35
C VAL C 128 41.07 -1.61 -40.67
N GLY C 129 41.10 -1.08 -41.88
CA GLY C 129 40.18 -0.01 -42.23
C GLY C 129 39.29 -0.31 -43.40
N LEU C 130 38.95 -1.57 -43.62
CA LEU C 130 38.13 -1.92 -44.76
C LEU C 130 36.66 -1.61 -44.53
N LYS C 131 35.87 -1.82 -45.58
CA LYS C 131 34.53 -1.26 -45.72
C LYS C 131 33.47 -2.34 -45.52
N ALA C 132 32.36 -1.93 -44.91
CA ALA C 132 31.24 -2.83 -44.69
C ALA C 132 30.51 -3.10 -46.00
N PRO C 133 29.95 -4.30 -46.19
CA PRO C 133 29.25 -4.58 -47.44
C PRO C 133 27.83 -4.03 -47.44
N GLY C 134 27.33 -3.76 -48.63
CA GLY C 134 26.16 -2.93 -48.79
C GLY C 134 24.83 -3.67 -48.71
N ILE C 135 23.99 -3.48 -49.72
CA ILE C 135 22.59 -3.89 -49.67
C ILE C 135 22.34 -5.18 -50.45
N ILE C 136 22.99 -5.33 -51.60
CA ILE C 136 22.88 -6.55 -52.41
C ILE C 136 23.48 -7.79 -51.72
N PRO C 137 24.74 -7.80 -51.19
CA PRO C 137 25.29 -9.09 -50.75
C PRO C 137 24.89 -9.54 -49.34
N ARG C 138 23.83 -9.01 -48.76
CA ARG C 138 23.34 -9.57 -47.52
C ARG C 138 22.13 -10.47 -47.78
N ILE C 139 21.58 -11.03 -46.69
CA ILE C 139 20.34 -11.80 -46.67
C ILE C 139 19.79 -11.66 -45.25
N SER C 140 18.57 -12.12 -44.99
CA SER C 140 18.03 -12.00 -43.64
C SER C 140 18.58 -13.12 -42.76
N VAL C 141 18.23 -13.06 -41.47
CA VAL C 141 18.84 -13.92 -40.44
C VAL C 141 18.02 -15.20 -40.30
N ARG C 142 18.57 -16.32 -40.77
CA ARG C 142 17.89 -17.61 -40.81
C ARG C 142 18.19 -18.50 -39.60
N GLU C 143 19.38 -18.40 -39.02
CA GLU C 143 19.91 -19.44 -38.14
C GLU C 143 19.79 -19.03 -36.67
N PRO C 144 19.92 -19.98 -35.74
CA PRO C 144 20.07 -19.59 -34.32
C PRO C 144 21.51 -19.57 -33.82
N MET C 145 21.77 -18.80 -32.78
CA MET C 145 23.03 -18.85 -32.03
C MET C 145 22.70 -19.14 -30.58
N GLN C 146 23.07 -20.33 -30.11
CA GLN C 146 22.69 -20.84 -28.79
C GLN C 146 23.70 -20.37 -27.77
N THR C 147 23.23 -19.75 -26.68
CA THR C 147 24.17 -19.34 -25.66
C THR C 147 24.23 -20.34 -24.52
N GLY C 148 23.18 -21.11 -24.31
CA GLY C 148 23.12 -22.00 -23.19
C GLY C 148 22.59 -21.36 -21.93
N ILE C 149 22.48 -20.04 -21.89
CA ILE C 149 21.74 -19.39 -20.83
C ILE C 149 20.26 -19.65 -21.08
N LYS C 150 19.47 -19.76 -20.03
CA LYS C 150 18.08 -20.11 -20.21
C LYS C 150 17.18 -18.89 -20.26
N ALA C 151 17.67 -17.76 -19.73
CA ALA C 151 16.91 -16.52 -19.88
C ALA C 151 17.19 -15.87 -21.21
N VAL C 152 18.29 -16.24 -21.85
CA VAL C 152 18.61 -15.70 -23.16
C VAL C 152 17.94 -16.51 -24.25
N ASP C 153 18.07 -17.83 -24.21
CA ASP C 153 17.64 -18.64 -25.35
C ASP C 153 16.13 -18.70 -25.47
N SER C 154 15.41 -18.55 -24.36
CA SER C 154 13.96 -18.67 -24.41
C SER C 154 13.31 -17.32 -24.66
N LEU C 155 13.73 -16.30 -23.91
CA LEU C 155 13.03 -15.02 -23.88
C LEU C 155 13.63 -13.96 -24.80
N VAL C 156 14.95 -13.85 -24.89
CA VAL C 156 15.59 -12.83 -25.73
C VAL C 156 16.52 -13.53 -26.73
N PRO C 157 16.00 -14.26 -27.72
CA PRO C 157 16.90 -15.02 -28.59
C PRO C 157 17.73 -14.13 -29.50
N ILE C 158 18.84 -14.69 -29.98
CA ILE C 158 19.84 -13.97 -30.76
C ILE C 158 20.14 -14.79 -32.00
N GLY C 159 19.87 -14.21 -33.16
CA GLY C 159 20.16 -14.90 -34.40
C GLY C 159 21.62 -14.85 -34.75
N ARG C 160 21.97 -15.43 -35.89
CA ARG C 160 23.36 -15.40 -36.32
C ARG C 160 23.54 -14.32 -37.37
N GLY C 161 24.32 -13.30 -37.04
CA GLY C 161 24.49 -12.15 -37.87
C GLY C 161 23.85 -10.89 -37.34
N GLN C 162 23.53 -10.86 -36.05
CA GLN C 162 22.77 -9.78 -35.44
C GLN C 162 23.62 -9.15 -34.36
N ARG C 163 23.75 -7.83 -34.38
CA ARG C 163 24.53 -7.14 -33.37
C ARG C 163 23.69 -6.99 -32.12
N GLU C 164 24.11 -7.63 -31.04
CA GLU C 164 23.39 -7.58 -29.77
C GLU C 164 24.25 -6.92 -28.70
N LEU C 165 23.70 -5.95 -27.99
CA LEU C 165 24.46 -5.16 -27.04
C LEU C 165 24.20 -5.64 -25.62
N ILE C 166 25.25 -6.09 -24.95
CA ILE C 166 25.21 -6.39 -23.52
C ILE C 166 25.61 -5.12 -22.80
N ILE C 167 24.68 -4.51 -22.07
CA ILE C 167 24.95 -3.25 -21.42
C ILE C 167 24.63 -3.40 -19.94
N GLY C 168 25.36 -2.66 -19.12
CA GLY C 168 25.13 -2.65 -17.70
C GLY C 168 26.28 -1.99 -16.98
N ASP C 169 26.32 -2.20 -15.67
CA ASP C 169 27.29 -1.57 -14.79
C ASP C 169 28.58 -2.40 -14.71
N ARG C 170 29.41 -2.10 -13.71
CA ARG C 170 30.57 -2.91 -13.40
C ARG C 170 30.19 -3.97 -12.37
N GLN C 171 30.75 -5.18 -12.56
CA GLN C 171 30.54 -6.34 -11.70
C GLN C 171 29.05 -6.71 -11.60
N THR C 172 28.46 -6.98 -12.78
CA THR C 172 27.09 -7.51 -12.85
C THR C 172 26.97 -8.77 -13.71
N GLY C 173 27.93 -9.07 -14.56
CA GLY C 173 27.82 -10.30 -15.30
C GLY C 173 28.10 -10.17 -16.77
N LYS C 174 28.63 -9.02 -17.19
CA LYS C 174 28.79 -8.77 -18.62
C LYS C 174 29.88 -9.63 -19.24
N THR C 175 30.91 -9.97 -18.50
CA THR C 175 31.97 -10.81 -19.05
C THR C 175 31.60 -12.28 -18.96
N SER C 176 30.93 -12.66 -17.88
CA SER C 176 30.55 -14.05 -17.67
C SER C 176 29.49 -14.50 -18.68
N ILE C 177 28.55 -13.62 -19.03
CA ILE C 177 27.54 -13.89 -20.06
C ILE C 177 28.21 -14.21 -21.38
N ALA C 178 29.26 -13.48 -21.72
CA ALA C 178 29.96 -13.68 -22.97
C ALA C 178 31.09 -14.68 -22.86
N ILE C 179 31.23 -15.38 -21.73
CA ILE C 179 32.16 -16.49 -21.65
C ILE C 179 31.46 -17.83 -21.47
N ASP C 180 30.22 -17.86 -20.96
CA ASP C 180 29.42 -19.06 -21.09
C ASP C 180 29.08 -19.32 -22.53
N THR C 181 28.95 -18.25 -23.32
CA THR C 181 28.74 -18.39 -24.76
C THR C 181 29.96 -18.98 -25.46
N ILE C 182 31.18 -18.68 -25.00
CA ILE C 182 32.38 -19.27 -25.61
C ILE C 182 32.46 -20.75 -25.30
N ILE C 183 32.11 -21.11 -24.06
CA ILE C 183 32.21 -22.49 -23.61
C ILE C 183 31.17 -23.36 -24.28
N ASN C 184 29.93 -22.86 -24.36
CA ASN C 184 28.76 -23.64 -24.79
C ASN C 184 28.85 -24.12 -26.23
N GLN C 185 29.63 -23.48 -27.08
CA GLN C 185 29.81 -24.02 -28.42
C GLN C 185 30.83 -25.12 -28.49
N LYS C 186 31.16 -25.77 -27.38
CA LYS C 186 32.10 -26.89 -27.45
C LYS C 186 31.46 -28.09 -28.11
N ARG C 187 30.15 -28.25 -27.93
CA ARG C 187 29.47 -29.46 -28.39
C ARG C 187 29.28 -29.48 -29.90
N PHE C 188 29.24 -28.31 -30.54
CA PHE C 188 29.10 -28.30 -31.99
C PHE C 188 30.44 -28.43 -32.69
N ASN C 189 31.53 -28.03 -32.02
CA ASN C 189 32.83 -27.94 -32.67
C ASN C 189 33.56 -29.27 -32.75
N ASP C 190 33.14 -30.26 -31.97
CA ASP C 190 33.63 -31.62 -32.12
C ASP C 190 32.63 -32.51 -32.84
N GLY C 191 31.51 -31.95 -33.30
CA GLY C 191 30.53 -32.66 -34.09
C GLY C 191 30.99 -32.85 -35.52
N THR C 192 30.02 -33.14 -36.39
CA THR C 192 30.35 -33.59 -37.74
C THR C 192 30.04 -32.60 -38.84
N ASP C 193 28.97 -31.81 -38.72
CA ASP C 193 28.62 -30.88 -39.78
C ASP C 193 29.38 -29.57 -39.62
N GLU C 194 29.76 -29.00 -40.75
CA GLU C 194 30.59 -27.80 -40.79
C GLU C 194 29.77 -26.51 -40.74
N LYS C 195 28.45 -26.61 -40.58
CA LYS C 195 27.57 -25.46 -40.60
C LYS C 195 26.83 -25.26 -39.29
N LYS C 196 27.22 -25.98 -38.25
CA LYS C 196 26.72 -25.70 -36.91
C LYS C 196 27.79 -25.21 -35.98
N LYS C 197 29.03 -25.12 -36.43
CA LYS C 197 30.13 -24.62 -35.61
C LYS C 197 30.02 -23.12 -35.42
N LEU C 198 30.84 -22.59 -34.51
CA LEU C 198 30.89 -21.15 -34.27
C LEU C 198 32.25 -20.82 -33.70
N TYR C 199 33.13 -20.29 -34.54
CA TYR C 199 34.48 -19.91 -34.13
C TYR C 199 34.45 -18.55 -33.45
N CYS C 200 35.16 -18.40 -32.34
CA CYS C 200 34.98 -17.23 -31.49
C CYS C 200 36.26 -16.41 -31.40
N ILE C 201 36.11 -15.16 -30.93
CA ILE C 201 37.15 -14.13 -30.87
C ILE C 201 36.85 -13.23 -29.67
N TYR C 202 37.86 -12.95 -28.85
CA TYR C 202 37.69 -12.07 -27.70
C TYR C 202 38.71 -10.95 -27.77
N VAL C 203 38.24 -9.71 -27.64
CA VAL C 203 39.08 -8.51 -27.73
C VAL C 203 39.09 -7.83 -26.38
N ALA C 204 40.25 -7.75 -25.76
CA ALA C 204 40.43 -7.23 -24.41
C ALA C 204 41.04 -5.86 -24.48
N ILE C 205 40.26 -4.82 -24.19
CA ILE C 205 40.70 -3.44 -24.30
C ILE C 205 40.69 -2.81 -22.92
N GLY C 206 41.84 -2.29 -22.50
CA GLY C 206 41.92 -1.60 -21.23
C GLY C 206 41.82 -2.47 -20.01
N GLN C 207 42.24 -3.74 -20.12
CA GLN C 207 42.16 -4.71 -19.04
C GLN C 207 43.57 -5.04 -18.56
N LYS C 208 43.73 -5.24 -17.26
CA LYS C 208 45.04 -5.60 -16.74
C LYS C 208 45.35 -7.05 -17.06
N ARG C 209 46.64 -7.37 -17.14
CA ARG C 209 47.08 -8.70 -17.57
C ARG C 209 46.79 -9.78 -16.54
N SER C 210 46.40 -9.43 -15.32
CA SER C 210 45.99 -10.41 -14.33
C SER C 210 44.49 -10.62 -14.33
N THR C 211 43.85 -10.42 -15.46
CA THR C 211 42.51 -10.83 -15.82
C THR C 211 42.49 -11.57 -17.15
N VAL C 212 43.34 -11.16 -18.09
CA VAL C 212 43.38 -11.82 -19.38
C VAL C 212 44.24 -13.08 -19.33
N ALA C 213 45.24 -13.15 -18.44
CA ALA C 213 45.96 -14.40 -18.25
C ALA C 213 45.21 -15.37 -17.36
N GLN C 214 44.15 -14.90 -16.71
CA GLN C 214 43.29 -15.74 -15.89
C GLN C 214 42.08 -16.25 -16.64
N LEU C 215 41.65 -15.54 -17.67
CA LEU C 215 40.56 -15.97 -18.53
C LEU C 215 41.02 -17.01 -19.55
N VAL C 216 42.30 -17.01 -19.91
CA VAL C 216 42.84 -18.11 -20.71
C VAL C 216 42.94 -19.40 -19.89
N LYS C 217 42.98 -19.30 -18.56
CA LYS C 217 42.94 -20.50 -17.73
C LYS C 217 41.55 -21.12 -17.72
N ARG C 218 40.52 -20.29 -17.50
CA ARG C 218 39.14 -20.76 -17.50
C ARG C 218 38.72 -21.30 -18.85
N LEU C 219 39.33 -20.82 -19.92
CA LEU C 219 39.06 -21.28 -21.28
C LEU C 219 39.99 -22.39 -21.73
N THR C 220 40.80 -22.98 -20.84
CA THR C 220 41.65 -24.08 -21.25
C THR C 220 41.48 -25.34 -20.44
N ASP C 221 40.80 -25.30 -19.29
CA ASP C 221 40.46 -26.56 -18.65
C ASP C 221 39.30 -27.21 -19.38
N ALA C 222 38.31 -26.42 -19.78
CA ALA C 222 37.18 -26.83 -20.60
C ALA C 222 37.54 -26.97 -22.06
N ASP C 223 38.81 -26.79 -22.42
CA ASP C 223 39.36 -26.96 -23.76
C ASP C 223 38.68 -26.02 -24.76
N ALA C 224 38.24 -24.87 -24.26
CA ALA C 224 37.61 -23.86 -25.08
C ALA C 224 38.62 -23.13 -25.95
N MET C 225 39.88 -23.09 -25.57
CA MET C 225 40.84 -22.29 -26.30
C MET C 225 41.27 -22.89 -27.62
N LYS C 226 40.82 -24.09 -27.97
CA LYS C 226 41.28 -24.65 -29.23
C LYS C 226 40.54 -24.09 -30.43
N TYR C 227 39.49 -23.28 -30.22
CA TYR C 227 38.75 -22.68 -31.32
C TYR C 227 38.59 -21.17 -31.20
N THR C 228 39.33 -20.48 -30.33
CA THR C 228 39.25 -19.02 -30.25
C THR C 228 40.59 -18.35 -30.50
N ILE C 229 40.54 -17.01 -30.62
CA ILE C 229 41.68 -16.11 -30.68
C ILE C 229 41.45 -15.03 -29.63
N VAL C 230 42.53 -14.55 -29.02
CA VAL C 230 42.44 -13.47 -28.04
C VAL C 230 43.35 -12.34 -28.50
N VAL C 231 42.75 -11.28 -29.03
CA VAL C 231 43.47 -10.05 -29.36
C VAL C 231 43.45 -9.17 -28.12
N SER C 232 44.63 -8.74 -27.67
CA SER C 232 44.80 -8.18 -26.35
C SER C 232 45.55 -6.86 -26.44
N ALA C 233 44.91 -5.80 -25.96
CA ALA C 233 45.55 -4.50 -25.77
C ALA C 233 45.24 -4.08 -24.34
N THR C 234 46.22 -4.28 -23.47
CA THR C 234 46.06 -4.09 -22.04
C THR C 234 46.10 -2.61 -21.69
N ALA C 235 45.84 -2.29 -20.42
CA ALA C 235 45.83 -0.90 -19.97
C ALA C 235 47.22 -0.27 -19.96
N SER C 236 48.28 -1.07 -20.00
CA SER C 236 49.63 -0.55 -20.08
C SER C 236 50.04 -0.12 -21.47
N ASP C 237 49.22 -0.42 -22.49
CA ASP C 237 49.65 -0.19 -23.85
C ASP C 237 49.54 1.30 -24.20
N ALA C 238 50.15 1.66 -25.32
CA ALA C 238 50.02 3.00 -25.86
C ALA C 238 48.58 3.25 -26.25
N ALA C 239 48.10 4.47 -26.05
CA ALA C 239 46.75 4.86 -26.44
C ALA C 239 46.41 4.71 -27.93
N PRO C 240 47.36 4.73 -28.88
CA PRO C 240 47.02 4.26 -30.22
C PRO C 240 46.99 2.75 -30.39
N LEU C 241 47.25 1.97 -29.35
CA LEU C 241 47.08 0.53 -29.46
C LEU C 241 45.76 0.04 -28.89
N GLN C 242 45.15 0.80 -27.99
CA GLN C 242 43.78 0.50 -27.60
C GLN C 242 42.76 1.00 -28.60
N TYR C 243 43.12 1.96 -29.45
CA TYR C 243 42.24 2.42 -30.51
C TYR C 243 42.22 1.46 -31.69
N LEU C 244 43.34 0.84 -32.01
CA LEU C 244 43.47 -0.03 -33.16
C LEU C 244 42.98 -1.45 -32.91
N ALA C 245 42.67 -1.80 -31.66
CA ALA C 245 42.41 -3.20 -31.34
C ALA C 245 41.09 -3.73 -31.90
N PRO C 246 39.93 -3.06 -31.74
CA PRO C 246 38.72 -3.64 -32.35
C PRO C 246 38.70 -3.59 -33.85
N TYR C 247 39.45 -2.71 -34.49
CA TYR C 247 39.50 -2.72 -35.93
C TYR C 247 40.41 -3.80 -36.44
N SER C 248 41.28 -4.34 -35.59
CA SER C 248 42.11 -5.48 -35.95
C SER C 248 41.44 -6.80 -35.62
N GLY C 249 40.74 -6.86 -34.49
CA GLY C 249 40.01 -8.07 -34.14
C GLY C 249 38.85 -8.34 -35.08
N CYS C 250 38.16 -7.29 -35.51
CA CYS C 250 37.08 -7.44 -36.47
C CYS C 250 37.57 -7.85 -37.83
N SER C 251 38.85 -7.65 -38.13
CA SER C 251 39.36 -8.01 -39.44
C SER C 251 39.89 -9.43 -39.50
N MET C 252 40.06 -10.09 -38.36
CA MET C 252 40.25 -11.54 -38.33
C MET C 252 38.93 -12.28 -38.35
N GLY C 253 37.88 -11.62 -37.87
CA GLY C 253 36.54 -12.16 -38.03
C GLY C 253 36.12 -12.26 -39.48
N GLU C 254 36.54 -11.32 -40.29
CA GLU C 254 36.19 -11.38 -41.70
C GLU C 254 37.15 -12.18 -42.52
N TYR C 255 37.91 -13.09 -41.94
CA TYR C 255 38.44 -14.18 -42.73
C TYR C 255 37.39 -15.28 -42.83
N PHE C 256 36.71 -15.52 -41.72
CA PHE C 256 35.66 -16.52 -41.65
C PHE C 256 34.48 -16.14 -42.52
N ARG C 257 33.91 -14.95 -42.27
CA ARG C 257 32.66 -14.52 -42.91
C ARG C 257 32.80 -14.36 -44.41
N ASP C 258 33.96 -13.92 -44.89
CA ASP C 258 34.19 -13.81 -46.32
C ASP C 258 34.72 -15.09 -46.94
N ASN C 259 34.67 -16.22 -46.22
CA ASN C 259 35.02 -17.50 -46.81
C ASN C 259 34.03 -18.63 -46.53
N GLY C 260 33.03 -18.40 -45.68
CA GLY C 260 31.96 -19.36 -45.57
C GLY C 260 31.48 -19.62 -44.17
N LYS C 261 32.36 -19.49 -43.19
CA LYS C 261 32.07 -19.98 -41.86
C LYS C 261 31.39 -18.89 -41.05
N HIS C 262 31.26 -19.13 -39.76
CA HIS C 262 30.48 -18.28 -38.89
C HIS C 262 31.35 -17.90 -37.71
N ALA C 263 31.40 -16.61 -37.40
CA ALA C 263 32.30 -16.08 -36.41
C ALA C 263 31.49 -15.38 -35.35
N LEU C 264 32.17 -14.94 -34.30
CA LEU C 264 31.54 -14.28 -33.19
C LEU C 264 32.62 -13.43 -32.57
N ILE C 265 32.27 -12.25 -32.09
CA ILE C 265 33.30 -11.31 -31.65
C ILE C 265 32.76 -10.51 -30.48
N ILE C 266 33.56 -10.40 -29.44
CA ILE C 266 33.18 -9.70 -28.23
C ILE C 266 34.16 -8.56 -28.03
N TYR C 267 33.65 -7.37 -27.83
CA TYR C 267 34.45 -6.19 -27.56
C TYR C 267 34.28 -5.88 -26.08
N ASP C 268 35.32 -6.09 -25.29
CA ASP C 268 35.24 -5.96 -23.84
C ASP C 268 36.29 -4.97 -23.34
N ASP C 269 35.94 -3.68 -23.26
CA ASP C 269 34.68 -3.14 -23.77
C ASP C 269 34.92 -1.95 -24.68
N LEU C 270 33.82 -1.33 -25.10
CA LEU C 270 33.87 -0.27 -26.08
C LEU C 270 33.73 1.11 -25.47
N SER C 271 33.65 1.21 -24.15
CA SER C 271 33.87 2.46 -23.46
C SER C 271 35.33 2.72 -23.15
N LYS C 272 36.24 1.87 -23.61
CA LYS C 272 37.66 2.04 -23.44
C LYS C 272 38.38 2.14 -24.77
N GLN C 273 37.64 2.10 -25.86
CA GLN C 273 38.11 2.42 -27.19
C GLN C 273 37.74 3.84 -27.55
N ALA C 274 37.00 4.51 -26.67
CA ALA C 274 36.62 5.90 -26.83
C ALA C 274 37.56 6.85 -26.09
N VAL C 275 37.96 6.52 -24.86
CA VAL C 275 38.92 7.35 -24.15
C VAL C 275 40.34 7.16 -24.64
N ALA C 276 40.58 6.19 -25.50
CA ALA C 276 41.84 6.11 -26.22
C ALA C 276 41.81 6.89 -27.51
N TYR C 277 40.64 7.32 -27.96
CA TYR C 277 40.48 8.22 -29.08
C TYR C 277 40.40 9.67 -28.63
N ARG C 278 39.89 9.92 -27.42
CA ARG C 278 39.84 11.26 -26.87
C ARG C 278 41.22 11.78 -26.53
N GLN C 279 42.09 10.92 -26.02
CA GLN C 279 43.42 11.35 -25.64
C GLN C 279 44.33 11.44 -26.85
N MET C 280 44.31 10.43 -27.70
CA MET C 280 45.16 10.39 -28.89
C MET C 280 44.90 11.54 -29.84
N SER C 281 43.67 12.07 -29.85
CA SER C 281 43.29 13.14 -30.75
C SER C 281 43.02 14.44 -30.04
N LEU C 282 43.53 14.62 -28.84
CA LEU C 282 43.65 15.93 -28.21
C LEU C 282 45.07 16.43 -28.28
N LEU C 283 46.03 15.53 -28.28
CA LEU C 283 47.44 15.86 -28.40
C LEU C 283 47.87 16.06 -29.84
N LEU C 284 46.96 15.85 -30.79
CA LEU C 284 47.16 16.24 -32.17
C LEU C 284 46.54 17.58 -32.47
N ARG C 285 46.12 18.29 -31.42
CA ARG C 285 45.49 19.61 -31.46
C ARG C 285 44.24 19.61 -32.34
N ARG C 286 43.31 18.76 -31.97
CA ARG C 286 41.99 18.76 -32.58
C ARG C 286 40.98 19.23 -31.56
N PRO C 287 40.06 20.10 -31.95
CA PRO C 287 39.23 20.80 -30.98
C PRO C 287 38.18 19.88 -30.38
N PRO C 288 37.96 19.97 -29.08
CA PRO C 288 37.07 19.02 -28.41
C PRO C 288 35.61 19.30 -28.68
N GLY C 289 34.81 18.24 -28.62
CA GLY C 289 33.36 18.36 -28.71
C GLY C 289 32.71 18.26 -27.35
N ARG C 290 31.73 17.37 -27.19
CA ARG C 290 31.08 17.19 -25.90
C ARG C 290 31.88 16.23 -25.04
N GLU C 291 32.04 16.59 -23.76
CA GLU C 291 32.86 15.86 -22.78
C GLU C 291 34.29 15.64 -23.27
N ALA C 292 34.78 16.59 -24.08
CA ALA C 292 36.04 16.55 -24.82
C ALA C 292 36.17 15.35 -25.73
N TYR C 293 35.08 14.73 -26.13
CA TYR C 293 35.16 13.70 -27.15
C TYR C 293 35.26 14.36 -28.52
N PRO C 294 35.85 13.70 -29.50
CA PRO C 294 35.93 14.32 -30.82
C PRO C 294 34.60 14.41 -31.55
N GLY C 295 34.62 14.90 -32.78
CA GLY C 295 33.38 15.04 -33.52
C GLY C 295 32.81 13.71 -33.94
N ASP C 296 33.67 12.75 -34.24
CA ASP C 296 33.22 11.54 -34.89
C ASP C 296 33.38 10.30 -34.03
N VAL C 297 32.98 10.37 -32.76
CA VAL C 297 32.83 9.15 -31.99
C VAL C 297 31.66 8.31 -32.49
N PHE C 298 30.62 8.93 -33.05
CA PHE C 298 29.58 8.12 -33.68
C PHE C 298 30.11 7.46 -34.94
N TYR C 299 30.96 8.16 -35.69
CA TYR C 299 31.55 7.54 -36.85
C TYR C 299 32.62 6.52 -36.46
N LEU C 300 33.12 6.58 -35.23
CA LEU C 300 34.11 5.63 -34.78
C LEU C 300 33.49 4.27 -34.54
N HIS C 301 32.34 4.22 -33.88
CA HIS C 301 31.67 2.97 -33.58
C HIS C 301 30.84 2.46 -34.74
N SER C 302 30.30 3.35 -35.58
CA SER C 302 29.42 2.91 -36.65
C SER C 302 30.18 2.25 -37.79
N ARG C 303 31.40 2.66 -38.08
CA ARG C 303 32.10 2.01 -39.18
C ARG C 303 32.67 0.65 -38.80
N LEU C 304 32.52 0.27 -37.54
CA LEU C 304 32.93 -0.98 -36.92
C LEU C 304 31.79 -1.98 -36.92
N LEU C 305 30.66 -1.58 -36.38
CA LEU C 305 29.49 -2.41 -36.15
C LEU C 305 28.63 -2.60 -37.38
N GLU C 306 29.09 -2.29 -38.57
CA GLU C 306 28.33 -2.57 -39.78
C GLU C 306 28.99 -3.64 -40.63
N ARG C 307 30.18 -4.11 -40.25
CA ARG C 307 30.78 -5.26 -40.91
C ARG C 307 30.17 -6.56 -40.45
N ALA C 308 29.42 -6.54 -39.34
CA ALA C 308 28.79 -7.72 -38.80
C ALA C 308 27.59 -8.05 -39.69
N ALA C 309 27.88 -8.74 -40.79
CA ALA C 309 26.92 -8.97 -41.86
C ALA C 309 26.30 -10.35 -41.72
N LYS C 310 25.52 -10.74 -42.73
CA LYS C 310 25.02 -12.09 -42.95
C LYS C 310 24.90 -12.22 -44.46
N MET C 311 25.91 -12.82 -45.08
CA MET C 311 25.95 -12.79 -46.52
C MET C 311 24.92 -13.74 -47.14
N ASN C 312 24.58 -13.47 -48.39
CA ASN C 312 23.67 -14.31 -49.15
C ASN C 312 24.36 -15.61 -49.51
N ASP C 313 23.61 -16.53 -50.09
CA ASP C 313 24.18 -17.84 -50.31
C ASP C 313 24.93 -17.98 -51.63
N ALA C 314 24.98 -16.93 -52.45
CA ALA C 314 25.78 -16.93 -53.67
C ALA C 314 27.14 -16.30 -53.45
N PHE C 315 27.48 -15.98 -52.21
CA PHE C 315 28.80 -15.52 -51.81
C PHE C 315 29.47 -16.49 -50.84
N GLY C 316 28.70 -17.32 -50.14
CA GLY C 316 29.23 -18.21 -49.13
C GLY C 316 28.28 -18.38 -47.96
N GLY C 317 27.44 -17.39 -47.70
CA GLY C 317 26.44 -17.56 -46.69
C GLY C 317 26.92 -17.41 -45.27
N GLY C 318 28.16 -17.00 -45.08
CA GLY C 318 28.71 -16.89 -43.74
C GLY C 318 28.17 -15.72 -42.99
N SER C 319 28.36 -15.76 -41.69
CA SER C 319 27.80 -14.80 -40.78
C SER C 319 28.88 -14.30 -39.87
N LEU C 320 28.60 -13.19 -39.20
CA LEU C 320 29.54 -12.62 -38.24
C LEU C 320 28.71 -11.90 -37.17
N THR C 321 28.48 -12.58 -36.06
CA THR C 321 27.74 -11.99 -34.97
C THR C 321 28.65 -10.98 -34.27
N ALA C 322 28.09 -10.12 -33.45
CA ALA C 322 28.93 -9.26 -32.63
C ALA C 322 28.24 -9.02 -31.32
N LEU C 323 29.02 -8.99 -30.25
CA LEU C 323 28.50 -8.78 -28.91
C LEU C 323 29.31 -7.69 -28.21
N PRO C 324 29.01 -6.41 -28.48
CA PRO C 324 29.73 -5.33 -27.80
C PRO C 324 29.29 -5.18 -26.36
N VAL C 325 30.24 -5.06 -25.47
CA VAL C 325 29.99 -4.78 -24.06
C VAL C 325 30.13 -3.29 -23.83
N ILE C 326 29.31 -2.72 -22.96
CA ILE C 326 29.37 -1.29 -22.64
C ILE C 326 29.18 -1.14 -21.15
N GLU C 327 30.13 -0.50 -20.49
CA GLU C 327 30.00 -0.17 -19.08
C GLU C 327 29.41 1.22 -18.94
N THR C 328 28.40 1.36 -18.11
CA THR C 328 27.78 2.66 -17.88
C THR C 328 27.95 3.06 -16.43
N GLN C 329 27.88 4.37 -16.18
CA GLN C 329 28.07 4.92 -14.85
C GLN C 329 26.73 5.06 -14.15
N ALA C 330 26.62 4.46 -12.97
CA ALA C 330 25.45 4.53 -12.08
C ALA C 330 24.17 4.04 -12.74
N GLY C 331 24.29 3.15 -13.72
CA GLY C 331 23.13 2.61 -14.39
C GLY C 331 22.35 3.59 -15.23
N ASP C 332 22.95 4.68 -15.66
CA ASP C 332 22.28 5.67 -16.49
C ASP C 332 22.58 5.40 -17.95
N VAL C 333 21.52 5.22 -18.72
CA VAL C 333 21.65 4.76 -20.10
C VAL C 333 21.57 5.92 -21.08
N SER C 334 21.26 7.13 -20.60
CA SER C 334 21.13 8.32 -21.42
C SER C 334 22.42 9.12 -21.54
N ALA C 335 23.58 8.47 -21.45
CA ALA C 335 24.85 9.17 -21.52
C ALA C 335 25.20 9.41 -22.97
N TYR C 336 26.43 9.85 -23.24
CA TYR C 336 26.76 10.21 -24.61
C TYR C 336 27.13 8.98 -25.43
N ILE C 337 28.07 8.17 -24.94
CA ILE C 337 28.55 6.98 -25.65
C ILE C 337 27.58 5.79 -25.56
N PRO C 338 26.81 5.56 -24.48
CA PRO C 338 25.71 4.59 -24.58
C PRO C 338 24.69 4.83 -25.67
N THR C 339 24.06 6.01 -25.75
CA THR C 339 22.98 6.23 -26.70
C THR C 339 23.46 6.21 -28.14
N ASN C 340 24.72 6.53 -28.39
CA ASN C 340 25.27 6.43 -29.73
C ASN C 340 25.44 5.00 -30.20
N VAL C 341 25.42 4.03 -29.29
CA VAL C 341 25.63 2.63 -29.66
C VAL C 341 24.42 1.76 -29.35
N ILE C 342 23.45 2.24 -28.59
CA ILE C 342 22.12 1.63 -28.56
C ILE C 342 21.48 1.66 -29.94
N SER C 343 21.65 2.76 -30.66
CA SER C 343 20.98 2.93 -31.93
C SER C 343 21.82 2.49 -33.11
N ILE C 344 22.76 1.56 -32.90
CA ILE C 344 23.37 0.83 -34.00
C ILE C 344 23.05 -0.67 -33.95
N THR C 345 22.66 -1.19 -32.80
CA THR C 345 22.51 -2.62 -32.60
C THR C 345 21.03 -2.99 -32.69
N ASP C 346 20.77 -4.23 -33.12
CA ASP C 346 19.39 -4.68 -33.31
C ASP C 346 18.66 -4.85 -32.00
N GLY C 347 19.31 -5.41 -31.00
CA GLY C 347 18.67 -5.61 -29.72
C GLY C 347 19.67 -5.51 -28.60
N GLN C 348 19.16 -5.52 -27.38
CA GLN C 348 19.98 -5.31 -26.20
C GLN C 348 19.68 -6.35 -25.14
N ILE C 349 20.55 -6.42 -24.14
CA ILE C 349 20.37 -7.23 -22.93
C ILE C 349 20.69 -6.36 -21.74
N PHE C 350 19.68 -5.89 -21.03
CA PHE C 350 19.90 -4.93 -19.97
C PHE C 350 20.19 -5.65 -18.66
N LEU C 351 21.46 -5.66 -18.26
CA LEU C 351 21.91 -6.23 -16.99
C LEU C 351 21.83 -5.17 -15.90
N GLU C 352 21.28 -5.53 -14.75
CA GLU C 352 21.04 -4.58 -13.68
C GLU C 352 21.81 -4.99 -12.43
N THR C 353 21.57 -4.27 -11.33
CA THR C 353 22.24 -4.60 -10.08
C THR C 353 21.25 -5.12 -9.06
N GLU C 354 20.04 -4.58 -9.04
CA GLU C 354 19.07 -5.04 -8.05
C GLU C 354 18.52 -6.41 -8.42
N LEU C 355 18.70 -6.82 -9.67
CA LEU C 355 18.39 -8.20 -10.02
C LEU C 355 19.48 -9.14 -9.52
N PHE C 356 20.73 -8.70 -9.60
CA PHE C 356 21.88 -9.51 -9.18
C PHE C 356 21.86 -9.76 -7.69
N TYR C 357 21.30 -8.84 -6.93
CA TYR C 357 21.46 -8.91 -5.48
C TYR C 357 20.23 -9.51 -4.82
N LYS C 358 19.05 -9.30 -5.40
CA LYS C 358 17.86 -10.00 -4.97
C LYS C 358 17.95 -11.49 -5.24
N GLY C 359 18.69 -11.87 -6.28
CA GLY C 359 18.94 -13.28 -6.52
C GLY C 359 18.86 -13.71 -7.96
N ILE C 360 18.32 -12.89 -8.86
CA ILE C 360 18.22 -13.30 -10.25
C ILE C 360 19.61 -13.19 -10.85
N ARG C 361 20.29 -14.32 -10.99
CA ARG C 361 21.59 -14.31 -11.63
C ARG C 361 21.65 -15.40 -12.69
N PRO C 362 21.83 -15.08 -13.97
CA PRO C 362 22.21 -13.84 -14.68
C PRO C 362 21.17 -12.73 -14.63
N ALA C 363 21.62 -11.54 -14.23
CA ALA C 363 20.72 -10.46 -13.85
C ALA C 363 20.19 -9.75 -15.09
N ILE C 364 19.34 -10.42 -15.85
CA ILE C 364 18.82 -9.88 -17.10
C ILE C 364 17.43 -9.31 -16.83
N ASN C 365 17.24 -8.04 -17.17
CA ASN C 365 15.91 -7.41 -17.15
C ASN C 365 15.14 -7.93 -18.35
N VAL C 366 14.31 -8.96 -18.14
CA VAL C 366 13.61 -9.59 -19.27
C VAL C 366 12.44 -8.74 -19.72
N GLY C 367 12.06 -7.74 -18.91
CA GLY C 367 11.07 -6.78 -19.36
C GLY C 367 11.59 -5.85 -20.43
N LEU C 368 12.79 -5.30 -20.23
CA LEU C 368 13.38 -4.30 -21.10
C LEU C 368 14.29 -4.87 -22.17
N SER C 369 14.71 -6.12 -22.06
CA SER C 369 15.68 -6.70 -22.99
C SER C 369 15.01 -6.99 -24.32
N VAL C 370 14.73 -5.93 -25.06
CA VAL C 370 14.03 -6.05 -26.32
C VAL C 370 14.98 -6.62 -27.35
N SER C 371 14.44 -7.20 -28.41
CA SER C 371 15.24 -7.75 -29.49
C SER C 371 14.40 -7.83 -30.75
N ARG C 372 14.86 -7.20 -31.82
CA ARG C 372 14.37 -7.52 -33.15
C ARG C 372 14.76 -8.97 -33.41
N VAL C 373 13.75 -9.84 -33.44
CA VAL C 373 13.92 -11.25 -33.12
C VAL C 373 14.78 -12.02 -34.13
N GLY C 374 15.12 -11.41 -35.25
CA GLY C 374 16.06 -12.03 -36.17
C GLY C 374 15.37 -13.05 -37.04
N SER C 375 14.22 -12.64 -37.60
CA SER C 375 13.27 -13.51 -38.33
C SER C 375 12.78 -14.70 -37.48
N ALA C 376 12.80 -14.51 -36.16
CA ALA C 376 12.29 -15.46 -35.16
C ALA C 376 12.87 -16.85 -35.34
N ALA C 377 14.19 -16.92 -35.43
CA ALA C 377 14.88 -18.20 -35.56
C ALA C 377 15.24 -18.73 -34.18
N GLN C 378 14.22 -18.83 -33.31
CA GLN C 378 14.43 -19.34 -31.97
C GLN C 378 14.82 -20.81 -32.04
N THR C 379 13.82 -21.68 -32.25
CA THR C 379 13.82 -23.01 -32.85
C THR C 379 12.38 -23.51 -32.68
N ARG C 380 12.07 -24.65 -33.29
CA ARG C 380 10.68 -25.06 -33.40
C ARG C 380 10.11 -25.54 -32.06
N ALA C 381 10.88 -26.31 -31.29
CA ALA C 381 10.36 -26.83 -30.02
C ALA C 381 10.35 -25.79 -28.93
N MET C 382 11.35 -24.91 -28.89
CA MET C 382 11.38 -23.84 -27.90
C MET C 382 10.28 -22.82 -28.15
N LYS C 383 9.80 -22.70 -29.39
CA LYS C 383 8.67 -21.82 -29.70
C LYS C 383 7.41 -22.28 -28.99
N GLN C 384 7.27 -23.60 -28.78
CA GLN C 384 6.08 -24.13 -28.12
C GLN C 384 6.09 -23.80 -26.64
N VAL C 385 7.22 -24.01 -25.98
CA VAL C 385 7.25 -23.93 -24.52
C VAL C 385 7.63 -22.53 -24.06
N ALA C 386 8.36 -21.77 -24.88
CA ALA C 386 8.75 -20.43 -24.47
C ALA C 386 7.88 -19.38 -25.15
N GLY C 387 7.06 -19.80 -26.09
CA GLY C 387 5.98 -18.94 -26.53
C GLY C 387 4.97 -18.69 -25.43
N THR C 388 4.53 -19.77 -24.79
CA THR C 388 3.60 -19.63 -23.67
C THR C 388 4.29 -19.09 -22.43
N MET C 389 5.60 -19.32 -22.29
CA MET C 389 6.35 -18.82 -21.15
C MET C 389 6.46 -17.31 -21.18
N LYS C 390 6.69 -16.77 -22.38
CA LYS C 390 6.84 -15.33 -22.59
C LYS C 390 5.58 -14.59 -22.16
N LEU C 391 4.41 -15.17 -22.44
CA LEU C 391 3.15 -14.53 -22.07
C LEU C 391 2.82 -14.77 -20.61
N GLU C 392 3.19 -15.93 -20.06
CA GLU C 392 2.88 -16.21 -18.67
C GLU C 392 3.78 -15.40 -17.74
N LEU C 393 4.98 -15.04 -18.19
CA LEU C 393 5.84 -14.16 -17.41
C LEU C 393 5.41 -12.71 -17.56
N ALA C 394 4.97 -12.32 -18.77
CA ALA C 394 4.48 -10.97 -18.99
C ALA C 394 3.20 -10.71 -18.20
N GLN C 395 2.33 -11.73 -18.10
CA GLN C 395 1.15 -11.64 -17.25
C GLN C 395 1.54 -11.48 -15.79
N TYR C 396 2.67 -12.07 -15.39
CA TYR C 396 3.11 -12.00 -14.01
C TYR C 396 3.55 -10.59 -13.65
N ARG C 397 4.32 -9.94 -14.52
CA ARG C 397 5.02 -8.72 -14.15
C ARG C 397 4.09 -7.54 -14.01
N GLU C 398 2.89 -7.63 -14.58
CA GLU C 398 1.95 -6.51 -14.48
C GLU C 398 1.32 -6.45 -13.11
N VAL C 399 1.36 -7.55 -12.36
CA VAL C 399 0.41 -7.72 -11.26
C VAL C 399 1.11 -8.13 -9.98
N ALA C 400 2.43 -8.21 -10.00
CA ALA C 400 3.18 -8.87 -8.94
C ALA C 400 4.19 -7.94 -8.30
N ALA C 401 3.74 -6.75 -7.92
CA ALA C 401 4.65 -5.77 -7.34
C ALA C 401 4.03 -5.05 -6.17
N PHE C 402 3.37 -5.76 -5.26
CA PHE C 402 2.75 -5.08 -4.14
C PHE C 402 3.65 -5.03 -2.91
N ALA C 403 4.09 -6.20 -2.42
CA ALA C 403 4.79 -6.47 -1.16
C ALA C 403 3.97 -6.15 0.09
N GLN C 404 2.70 -5.74 -0.06
CA GLN C 404 1.80 -5.42 1.04
C GLN C 404 0.42 -5.92 0.64
N PHE C 405 -0.05 -7.00 1.26
CA PHE C 405 -1.32 -7.60 0.90
C PHE C 405 -2.38 -7.31 1.96
N GLY C 406 -3.60 -7.06 1.50
CA GLY C 406 -4.72 -6.87 2.41
C GLY C 406 -5.91 -7.77 2.12
N SER C 407 -6.04 -8.22 0.87
CA SER C 407 -7.18 -9.02 0.44
C SER C 407 -6.68 -10.32 -0.20
N ASP C 408 -7.61 -11.26 -0.38
CA ASP C 408 -7.28 -12.67 -0.62
C ASP C 408 -8.12 -13.19 -1.79
N LEU C 409 -7.47 -13.51 -2.91
CA LEU C 409 -8.16 -13.91 -4.13
C LEU C 409 -7.49 -15.13 -4.77
N ASP C 410 -7.32 -16.21 -4.00
CA ASP C 410 -6.54 -17.38 -4.43
C ASP C 410 -7.08 -18.04 -5.68
N ALA C 411 -8.40 -18.00 -5.90
CA ALA C 411 -8.93 -18.46 -7.16
C ALA C 411 -8.66 -17.49 -8.30
N ALA C 412 -8.36 -16.22 -7.98
CA ALA C 412 -8.39 -15.19 -8.99
C ALA C 412 -6.96 -14.79 -9.33
N THR C 413 -6.16 -14.34 -8.36
CA THR C 413 -4.84 -13.82 -8.71
C THR C 413 -3.72 -14.77 -8.29
N GLN C 414 -3.88 -15.45 -7.15
CA GLN C 414 -2.75 -16.12 -6.51
C GLN C 414 -2.37 -17.40 -7.26
N GLN C 415 -3.18 -17.81 -8.22
CA GLN C 415 -2.81 -18.92 -9.11
C GLN C 415 -1.82 -18.48 -10.16
N LEU C 416 -1.98 -17.27 -10.69
CA LEU C 416 -1.10 -16.81 -11.76
C LEU C 416 0.27 -16.44 -11.23
N LEU C 417 0.34 -15.78 -10.07
CA LEU C 417 1.64 -15.39 -9.55
C LEU C 417 2.39 -16.58 -8.98
N SER C 418 1.71 -17.71 -8.78
CA SER C 418 2.41 -18.93 -8.40
C SER C 418 3.03 -19.61 -9.61
N ARG C 419 2.63 -19.21 -10.81
CA ARG C 419 3.24 -19.77 -12.01
C ARG C 419 4.51 -19.00 -12.38
N GLY C 420 4.64 -17.77 -11.87
CA GLY C 420 5.81 -16.98 -12.20
C GLY C 420 7.02 -17.32 -11.36
N VAL C 421 6.84 -17.48 -10.04
CA VAL C 421 7.95 -17.77 -9.13
C VAL C 421 8.50 -19.17 -9.40
N ARG C 422 7.68 -20.05 -9.95
CA ARG C 422 8.17 -21.34 -10.40
C ARG C 422 8.93 -21.22 -11.71
N LEU C 423 8.65 -20.16 -12.48
CA LEU C 423 9.34 -19.95 -13.75
C LEU C 423 10.45 -18.91 -13.60
N THR C 424 10.38 -18.08 -12.57
CA THR C 424 11.50 -17.19 -12.25
C THR C 424 12.67 -17.97 -11.67
N GLU C 425 12.41 -18.77 -10.64
CA GLU C 425 13.45 -19.58 -10.01
C GLU C 425 13.92 -20.73 -10.91
N LEU C 426 13.19 -21.01 -11.99
CA LEU C 426 13.71 -21.91 -12.99
C LEU C 426 14.76 -21.23 -13.85
N LEU C 427 14.65 -19.90 -14.00
CA LEU C 427 15.49 -19.22 -14.99
C LEU C 427 16.90 -18.95 -14.48
N LYS C 428 17.12 -19.11 -13.17
CA LYS C 428 18.44 -18.89 -12.58
C LYS C 428 19.42 -19.95 -13.04
N GLN C 429 20.69 -19.61 -13.05
CA GLN C 429 21.70 -20.55 -13.52
C GLN C 429 22.96 -20.39 -12.68
N GLY C 430 23.94 -21.23 -12.99
CA GLY C 430 25.18 -21.26 -12.24
C GLY C 430 26.24 -20.42 -12.91
N GLN C 431 27.35 -21.03 -13.29
CA GLN C 431 28.48 -20.32 -13.88
C GLN C 431 29.40 -21.35 -14.52
N TYR C 432 29.76 -21.11 -15.78
CA TYR C 432 30.66 -21.98 -16.57
C TYR C 432 30.14 -23.40 -16.65
N ALA C 433 28.83 -23.56 -16.69
CA ALA C 433 28.17 -24.85 -16.94
C ALA C 433 26.92 -24.58 -17.76
N PRO C 434 27.05 -24.41 -19.07
CA PRO C 434 25.90 -24.09 -19.91
C PRO C 434 25.21 -25.33 -20.47
N MET C 435 23.88 -25.26 -20.55
CA MET C 435 23.04 -26.40 -20.87
C MET C 435 23.02 -26.64 -22.38
N ALA C 436 22.11 -27.48 -22.84
CA ALA C 436 21.84 -27.71 -24.24
C ALA C 436 20.41 -27.29 -24.51
N ILE C 437 19.93 -27.51 -25.74
CA ILE C 437 18.61 -26.96 -26.06
C ILE C 437 17.52 -27.98 -25.77
N GLU C 438 17.83 -29.27 -25.89
CA GLU C 438 16.83 -30.29 -25.58
C GLU C 438 16.81 -30.60 -24.10
N GLU C 439 17.93 -30.37 -23.41
CA GLU C 439 17.90 -30.35 -21.95
C GLU C 439 17.20 -29.11 -21.43
N GLN C 440 17.01 -28.11 -22.30
CA GLN C 440 16.25 -26.93 -21.93
C GLN C 440 14.76 -27.14 -22.17
N VAL C 441 14.40 -27.84 -23.25
CA VAL C 441 12.99 -28.09 -23.57
C VAL C 441 12.35 -28.97 -22.50
N ALA C 442 13.11 -29.92 -21.95
CA ALA C 442 12.59 -30.81 -20.92
C ALA C 442 12.29 -30.07 -19.62
N VAL C 443 13.22 -29.24 -19.15
CA VAL C 443 13.05 -28.58 -17.86
C VAL C 443 12.03 -27.45 -17.96
N ILE C 444 11.82 -26.93 -19.17
CA ILE C 444 10.86 -25.84 -19.34
C ILE C 444 9.45 -26.42 -19.52
N TYR C 445 9.36 -27.62 -20.10
CA TYR C 445 8.10 -28.38 -20.19
C TYR C 445 7.48 -28.58 -18.81
N ALA C 446 8.30 -28.91 -17.81
CA ALA C 446 7.78 -29.27 -16.50
C ALA C 446 7.35 -28.06 -15.71
N GLY C 447 7.66 -26.86 -16.19
CA GLY C 447 7.33 -25.67 -15.42
C GLY C 447 6.00 -25.07 -15.83
N VAL C 448 5.74 -25.04 -17.14
CA VAL C 448 4.56 -24.36 -17.68
C VAL C 448 3.33 -25.26 -17.68
N ARG C 449 3.52 -26.58 -17.66
CA ARG C 449 2.43 -27.54 -17.70
C ARG C 449 1.90 -27.86 -16.31
N GLY C 450 2.06 -26.96 -15.35
CA GLY C 450 1.49 -27.12 -14.03
C GLY C 450 2.12 -28.17 -13.15
N TYR C 451 3.21 -28.82 -13.59
CA TYR C 451 3.79 -29.94 -12.87
C TYR C 451 4.74 -29.51 -11.76
N LEU C 452 4.63 -28.28 -11.26
CA LEU C 452 5.50 -27.81 -10.20
C LEU C 452 4.78 -26.96 -9.17
N ASP C 453 3.47 -26.80 -9.26
CA ASP C 453 2.76 -25.93 -8.34
C ASP C 453 2.55 -26.56 -6.97
N LYS C 454 2.89 -27.83 -6.79
CA LYS C 454 2.78 -28.52 -5.51
C LYS C 454 4.13 -28.68 -4.82
N LEU C 455 5.18 -28.10 -5.39
CA LEU C 455 6.48 -28.02 -4.72
C LEU C 455 6.49 -26.83 -3.77
N GLU C 456 7.66 -26.51 -3.30
CA GLU C 456 7.97 -25.26 -2.65
C GLU C 456 9.02 -24.53 -3.48
N PRO C 457 8.97 -23.19 -3.56
CA PRO C 457 9.92 -22.48 -4.42
C PRO C 457 11.35 -22.52 -3.94
N SER C 458 11.57 -22.83 -2.67
CA SER C 458 12.91 -23.02 -2.13
C SER C 458 13.49 -24.41 -2.44
N LYS C 459 12.84 -25.18 -3.31
CA LYS C 459 13.29 -26.52 -3.65
C LYS C 459 13.37 -26.76 -5.15
N ILE C 460 13.15 -25.74 -5.97
CA ILE C 460 13.09 -25.94 -7.42
C ILE C 460 14.50 -25.98 -8.01
N THR C 461 15.42 -25.20 -7.43
CA THR C 461 16.82 -25.29 -7.81
C THR C 461 17.41 -26.63 -7.42
N LYS C 462 16.87 -27.25 -6.37
CA LYS C 462 17.25 -28.61 -6.01
C LYS C 462 16.53 -29.63 -6.88
N PHE C 463 15.31 -29.30 -7.31
CA PHE C 463 14.53 -30.18 -8.18
C PHE C 463 15.15 -30.30 -9.57
N GLU C 464 15.89 -29.27 -10.00
CA GLU C 464 16.35 -29.19 -11.38
C GLU C 464 17.48 -30.17 -11.65
N ASN C 465 18.45 -30.24 -10.75
CA ASN C 465 19.64 -31.04 -11.01
C ASN C 465 19.36 -32.52 -10.81
N ALA C 466 18.44 -32.84 -9.91
CA ALA C 466 18.01 -34.22 -9.77
C ALA C 466 17.18 -34.67 -10.96
N PHE C 467 16.38 -33.75 -11.51
CA PHE C 467 15.65 -34.03 -12.74
C PHE C 467 16.63 -34.19 -13.91
N LEU C 468 17.60 -33.29 -14.01
CA LEU C 468 18.43 -33.26 -15.20
C LEU C 468 19.37 -34.46 -15.25
N SER C 469 19.82 -34.92 -14.08
CA SER C 469 20.69 -36.09 -14.03
C SER C 469 19.89 -37.36 -14.34
N HIS C 470 18.59 -37.35 -14.07
CA HIS C 470 17.78 -38.54 -14.33
C HIS C 470 17.51 -38.70 -15.82
N VAL C 471 17.40 -37.59 -16.56
CA VAL C 471 17.01 -37.69 -17.96
C VAL C 471 18.22 -37.97 -18.85
N ILE C 472 19.39 -37.43 -18.51
CA ILE C 472 20.59 -37.73 -19.29
C ILE C 472 21.02 -39.18 -19.06
N SER C 473 20.80 -39.69 -17.86
CA SER C 473 21.19 -41.07 -17.55
C SER C 473 20.19 -42.08 -18.09
N GLN C 474 18.93 -41.97 -17.70
CA GLN C 474 17.93 -42.98 -18.04
C GLN C 474 17.15 -42.71 -19.32
N HIS C 475 17.20 -41.51 -19.88
CA HIS C 475 16.31 -41.16 -20.99
C HIS C 475 17.07 -40.54 -22.14
N GLN C 476 18.17 -41.18 -22.57
CA GLN C 476 19.02 -40.55 -23.57
C GLN C 476 18.40 -40.64 -24.96
N ALA C 477 17.58 -41.66 -25.21
CA ALA C 477 16.99 -41.80 -26.52
C ALA C 477 15.74 -40.95 -26.66
N LEU C 478 15.26 -40.40 -25.54
CA LEU C 478 14.16 -39.44 -25.57
C LEU C 478 14.62 -38.11 -26.11
N LEU C 479 15.70 -37.56 -25.54
CA LEU C 479 16.17 -36.23 -25.90
C LEU C 479 16.77 -36.20 -27.29
N GLY C 480 17.12 -37.36 -27.83
CA GLY C 480 17.69 -37.40 -29.17
C GLY C 480 16.63 -37.30 -30.25
N LYS C 481 15.36 -37.42 -29.87
CA LYS C 481 14.29 -37.24 -30.85
C LYS C 481 13.77 -35.81 -30.84
N ILE C 482 14.14 -35.02 -29.82
CA ILE C 482 13.83 -33.60 -29.84
C ILE C 482 14.88 -32.85 -30.64
N ARG C 483 16.15 -33.23 -30.49
CA ARG C 483 17.23 -32.56 -31.20
C ARG C 483 17.24 -32.91 -32.68
N ALA C 484 16.84 -34.14 -33.02
CA ALA C 484 16.86 -34.55 -34.42
C ALA C 484 15.62 -34.06 -35.15
N ASP C 485 14.44 -34.35 -34.61
CA ASP C 485 13.20 -33.97 -35.30
C ASP C 485 12.84 -32.50 -35.14
N GLY C 486 13.59 -31.76 -34.37
CA GLY C 486 13.29 -30.36 -34.17
C GLY C 486 12.15 -30.10 -33.22
N LYS C 487 10.95 -30.57 -33.55
CA LYS C 487 9.75 -30.26 -32.80
C LYS C 487 9.52 -31.27 -31.69
N ILE C 488 8.65 -30.89 -30.76
CA ILE C 488 8.13 -31.80 -29.75
C ILE C 488 6.81 -32.34 -30.28
N SER C 489 6.85 -33.57 -30.78
CA SER C 489 5.70 -34.16 -31.46
C SER C 489 4.66 -34.59 -30.44
N GLU C 490 3.49 -35.00 -30.94
CA GLU C 490 2.39 -35.36 -30.06
C GLU C 490 2.62 -36.69 -29.35
N GLU C 491 3.30 -37.63 -30.01
CA GLU C 491 3.73 -38.83 -29.31
C GLU C 491 4.92 -38.54 -28.41
N THR C 492 5.73 -37.53 -28.76
CA THR C 492 6.79 -37.09 -27.87
C THR C 492 6.22 -36.29 -26.71
N ASP C 493 5.07 -35.64 -26.93
CA ASP C 493 4.34 -35.05 -25.82
C ASP C 493 3.80 -36.13 -24.89
N ALA C 494 3.52 -37.32 -25.44
CA ALA C 494 2.97 -38.40 -24.64
C ALA C 494 4.01 -38.98 -23.69
N LYS C 495 5.22 -39.25 -24.19
CA LYS C 495 6.25 -39.91 -23.38
C LYS C 495 6.72 -39.03 -22.23
N LEU C 496 6.76 -37.71 -22.44
CA LEU C 496 7.22 -36.80 -21.40
C LEU C 496 6.17 -36.63 -20.30
N LYS C 497 4.93 -36.99 -20.58
CA LYS C 497 3.86 -36.77 -19.62
C LYS C 497 3.98 -37.70 -18.43
N GLU C 498 4.57 -38.87 -18.63
CA GLU C 498 4.77 -39.80 -17.52
C GLU C 498 6.03 -39.47 -16.73
N ILE C 499 7.11 -39.11 -17.44
CA ILE C 499 8.45 -39.00 -16.87
C ILE C 499 8.50 -37.93 -15.78
N VAL C 500 7.83 -36.81 -16.02
CA VAL C 500 7.75 -35.76 -15.01
C VAL C 500 6.90 -36.22 -13.83
N THR C 501 5.82 -36.94 -14.10
CA THR C 501 4.92 -37.37 -13.03
C THR C 501 5.46 -38.61 -12.30
N ASN C 502 6.18 -39.48 -13.01
CA ASN C 502 6.85 -40.59 -12.35
C ASN C 502 7.96 -40.10 -11.43
N PHE C 503 8.67 -39.05 -11.86
CA PHE C 503 9.72 -38.48 -11.03
C PHE C 503 9.12 -37.66 -9.89
N LEU C 504 8.00 -36.99 -10.14
CA LEU C 504 7.37 -36.22 -9.08
C LEU C 504 6.73 -37.13 -8.04
N ALA C 505 6.38 -38.36 -8.44
CA ALA C 505 5.86 -39.33 -7.48
C ALA C 505 6.94 -39.76 -6.50
N GLY C 506 8.19 -39.81 -6.94
CA GLY C 506 9.28 -40.18 -6.06
C GLY C 506 10.42 -39.19 -5.98
N PHE C 507 10.12 -37.88 -6.00
CA PHE C 507 11.20 -36.92 -5.89
C PHE C 507 11.61 -36.71 -4.43
N GLU C 508 10.70 -36.21 -3.62
CA GLU C 508 10.95 -36.00 -2.20
C GLU C 508 10.34 -37.18 -1.45
N ALA C 509 11.19 -37.98 -0.81
CA ALA C 509 10.74 -39.14 -0.06
C ALA C 509 11.68 -39.42 1.10
N GLY D 9 38.94 20.50 -68.32
CA GLY D 9 39.33 20.71 -66.93
C GLY D 9 39.87 22.11 -66.70
N ALA D 10 39.60 22.66 -65.53
CA ALA D 10 40.07 24.00 -65.18
C ALA D 10 40.56 24.07 -63.74
N ALA D 11 41.54 24.94 -63.51
CA ALA D 11 42.10 25.17 -62.17
C ALA D 11 42.60 23.92 -61.45
N THR D 12 43.31 23.05 -62.16
CA THR D 12 43.84 21.84 -61.56
C THR D 12 44.68 22.15 -60.32
N GLY D 13 43.99 22.24 -59.19
CA GLY D 13 44.61 22.57 -57.91
C GLY D 13 45.54 21.47 -57.44
N ARG D 14 45.94 21.57 -56.16
CA ARG D 14 46.80 20.60 -55.51
C ARG D 14 46.43 20.52 -54.04
N ILE D 15 46.54 19.31 -53.47
CA ILE D 15 46.13 19.04 -52.09
C ILE D 15 47.23 19.50 -51.14
N VAL D 16 46.87 20.10 -49.99
CA VAL D 16 47.92 20.45 -49.03
C VAL D 16 47.72 19.89 -47.62
N ALA D 17 46.48 19.64 -47.19
CA ALA D 17 46.26 19.37 -45.76
C ALA D 17 45.03 18.51 -45.53
N VAL D 18 45.23 17.21 -45.31
CA VAL D 18 44.13 16.25 -45.13
C VAL D 18 44.02 15.97 -43.63
N ILE D 19 43.17 16.71 -42.92
CA ILE D 19 43.05 16.54 -41.47
C ILE D 19 41.64 16.04 -41.18
N GLY D 20 41.49 14.73 -41.10
CA GLY D 20 40.18 14.12 -40.90
C GLY D 20 39.51 13.81 -42.23
N ALA D 21 38.31 14.35 -42.41
CA ALA D 21 37.63 14.32 -43.69
C ALA D 21 37.47 15.72 -44.28
N VAL D 22 38.47 16.59 -44.09
CA VAL D 22 38.42 17.98 -44.53
C VAL D 22 39.72 18.25 -45.28
N VAL D 23 39.69 18.21 -46.60
CA VAL D 23 40.84 18.38 -47.46
C VAL D 23 40.88 19.83 -47.95
N ASP D 24 42.07 20.44 -47.94
CA ASP D 24 42.26 21.79 -48.46
C ASP D 24 43.10 21.72 -49.73
N VAL D 25 42.66 22.44 -50.77
CA VAL D 25 43.26 22.38 -52.10
C VAL D 25 43.79 23.79 -52.42
N GLN D 26 44.77 23.88 -53.32
CA GLN D 26 45.36 25.16 -53.71
C GLN D 26 45.43 25.30 -55.21
N PHE D 27 44.80 26.34 -55.75
CA PHE D 27 44.60 26.51 -57.19
C PHE D 27 45.58 27.50 -57.79
N ASP D 28 46.18 27.14 -58.91
CA ASP D 28 47.12 28.03 -59.57
C ASP D 28 46.41 29.12 -60.38
N GLU D 29 45.38 28.75 -61.14
CA GLU D 29 44.78 29.68 -62.10
C GLU D 29 43.39 30.14 -61.71
N GLY D 30 42.45 29.22 -61.53
CA GLY D 30 41.06 29.63 -61.39
C GLY D 30 40.36 29.16 -60.15
N LEU D 31 40.00 30.08 -59.30
CA LEU D 31 39.31 29.75 -58.07
C LEU D 31 37.86 29.38 -58.36
N PRO D 32 37.37 28.26 -57.85
CA PRO D 32 35.96 27.91 -58.04
C PRO D 32 35.10 28.50 -56.95
N PRO D 33 33.82 28.74 -57.21
CA PRO D 33 32.94 29.31 -56.20
C PRO D 33 32.64 28.37 -55.05
N ILE D 34 31.88 28.84 -54.06
CA ILE D 34 31.38 27.97 -53.02
C ILE D 34 30.35 27.04 -53.63
N LEU D 35 30.24 25.82 -53.07
CA LEU D 35 29.33 24.76 -53.51
C LEU D 35 29.62 24.36 -54.96
N ASN D 36 30.77 23.70 -55.13
CA ASN D 36 31.10 23.06 -56.40
C ASN D 36 31.46 21.60 -56.17
N ALA D 37 32.04 20.96 -57.18
CA ALA D 37 32.50 19.59 -57.05
C ALA D 37 33.89 19.48 -57.62
N LEU D 38 34.75 18.70 -56.96
CA LEU D 38 36.13 18.52 -57.36
C LEU D 38 36.46 17.05 -57.45
N GLU D 39 37.33 16.69 -58.39
CA GLU D 39 37.58 15.30 -58.76
C GLU D 39 39.05 14.96 -58.50
N VAL D 40 39.31 14.19 -57.46
CA VAL D 40 40.68 13.82 -57.10
C VAL D 40 41.17 12.75 -58.07
N GLN D 41 42.31 13.01 -58.72
CA GLN D 41 42.82 12.12 -59.75
C GLN D 41 43.50 10.89 -59.15
N GLY D 42 43.80 9.94 -60.02
CA GLY D 42 44.69 8.83 -59.68
C GLY D 42 44.13 7.81 -58.71
N ARG D 43 42.82 7.79 -58.49
CA ARG D 43 42.19 6.80 -57.62
C ARG D 43 41.28 5.91 -58.44
N GLU D 44 41.21 4.64 -58.07
CA GLU D 44 40.38 3.71 -58.81
C GLU D 44 38.90 3.87 -58.50
N THR D 45 38.56 4.56 -57.42
CA THR D 45 37.18 4.90 -57.09
C THR D 45 36.99 6.40 -57.31
N ARG D 46 35.74 6.84 -57.30
CA ARG D 46 35.41 8.23 -57.59
C ARG D 46 35.21 8.96 -56.27
N LEU D 47 36.13 9.85 -55.95
CA LEU D 47 36.08 10.66 -54.74
C LEU D 47 35.78 12.09 -55.15
N VAL D 48 34.73 12.66 -54.56
CA VAL D 48 34.21 13.96 -54.96
C VAL D 48 34.30 14.88 -53.74
N LEU D 49 34.87 16.06 -53.94
CA LEU D 49 35.06 17.03 -52.87
C LEU D 49 34.27 18.29 -53.21
N GLU D 50 33.55 18.85 -52.23
CA GLU D 50 32.71 20.00 -52.47
C GLU D 50 33.26 21.23 -51.74
N VAL D 51 33.38 22.34 -52.47
CA VAL D 51 34.03 23.53 -51.95
C VAL D 51 33.13 24.20 -50.92
N ALA D 52 33.72 24.69 -49.85
CA ALA D 52 32.94 25.28 -48.77
C ALA D 52 33.45 26.62 -48.26
N GLN D 53 34.72 26.95 -48.45
CA GLN D 53 35.27 28.21 -47.94
C GLN D 53 36.40 28.65 -48.83
N HIS D 54 36.71 29.94 -48.77
CA HIS D 54 37.81 30.55 -49.50
C HIS D 54 38.74 31.18 -48.48
N LEU D 55 40.02 30.80 -48.49
CA LEU D 55 40.88 31.09 -47.36
C LEU D 55 41.86 32.23 -47.59
N GLY D 56 42.23 32.50 -48.83
CA GLY D 56 43.29 33.45 -49.08
C GLY D 56 44.49 32.72 -49.67
N GLU D 57 45.19 33.41 -50.57
CA GLU D 57 46.30 32.86 -51.38
C GLU D 57 45.82 31.62 -52.15
N SER D 58 44.59 31.71 -52.68
CA SER D 58 44.02 30.76 -53.63
C SER D 58 43.89 29.34 -53.09
N THR D 59 43.64 29.19 -51.79
CA THR D 59 43.36 27.90 -51.21
C THR D 59 41.92 27.85 -50.73
N VAL D 60 41.25 26.75 -51.03
CA VAL D 60 39.88 26.51 -50.62
C VAL D 60 39.86 25.40 -49.57
N ARG D 61 38.72 25.26 -48.90
CA ARG D 61 38.53 24.23 -47.87
C ARG D 61 37.33 23.39 -48.26
N THR D 62 37.59 22.15 -48.68
CA THR D 62 36.56 21.27 -49.20
C THR D 62 36.13 20.25 -48.14
N ILE D 63 35.29 19.30 -48.55
CA ILE D 63 34.84 18.17 -47.72
C ILE D 63 34.74 16.96 -48.64
N ALA D 64 35.39 15.86 -48.26
CA ALA D 64 35.36 14.65 -49.07
C ALA D 64 33.99 13.99 -48.98
N MET D 65 33.69 13.15 -49.98
CA MET D 65 32.48 12.34 -49.97
C MET D 65 32.78 10.84 -49.83
N ASP D 66 34.01 10.48 -49.51
CA ASP D 66 34.40 9.08 -49.40
C ASP D 66 35.53 8.98 -48.38
N GLY D 67 36.30 7.90 -48.45
CA GLY D 67 37.40 7.71 -47.54
C GLY D 67 38.64 8.48 -47.95
N THR D 68 39.29 9.07 -46.96
CA THR D 68 40.46 9.91 -47.13
C THR D 68 41.78 9.17 -46.94
N GLU D 69 41.75 7.84 -46.91
CA GLU D 69 42.98 7.07 -46.95
C GLU D 69 43.67 7.21 -48.30
N GLY D 70 45.00 7.18 -48.27
CA GLY D 70 45.76 7.19 -49.50
C GLY D 70 45.85 8.52 -50.19
N LEU D 71 45.63 9.61 -49.47
CA LEU D 71 45.70 10.96 -50.03
C LEU D 71 47.08 11.55 -49.73
N VAL D 72 47.97 11.49 -50.72
CA VAL D 72 49.30 12.07 -50.64
C VAL D 72 49.24 13.53 -51.05
N ARG D 73 49.88 14.41 -50.27
CA ARG D 73 49.93 15.84 -50.56
C ARG D 73 50.58 16.10 -51.92
N GLY D 74 50.15 17.17 -52.57
CA GLY D 74 50.63 17.46 -53.89
C GLY D 74 49.91 16.72 -54.99
N GLN D 75 48.66 16.36 -54.78
CA GLN D 75 47.89 15.56 -55.72
C GLN D 75 46.90 16.45 -56.48
N LYS D 76 46.80 16.23 -57.79
CA LYS D 76 46.02 17.10 -58.65
C LYS D 76 44.52 16.95 -58.37
N VAL D 77 43.79 18.03 -58.65
CA VAL D 77 42.36 18.13 -58.40
C VAL D 77 41.72 18.88 -59.56
N LEU D 78 40.81 18.24 -60.28
CA LEU D 78 40.17 18.87 -61.44
C LEU D 78 38.98 19.69 -60.98
N ASP D 79 38.20 20.22 -61.93
CA ASP D 79 37.01 20.97 -61.59
C ASP D 79 35.98 20.84 -62.71
N SER D 80 34.72 20.67 -62.33
CA SER D 80 33.65 20.40 -63.27
C SER D 80 32.89 21.63 -63.72
N GLY D 81 32.77 22.63 -62.85
CA GLY D 81 32.12 23.87 -63.22
C GLY D 81 30.73 24.06 -62.68
N ALA D 82 30.29 23.21 -61.76
CA ALA D 82 28.92 23.23 -61.28
C ALA D 82 28.87 22.41 -60.01
N PRO D 83 27.77 22.47 -59.25
CA PRO D 83 27.58 21.49 -58.16
C PRO D 83 27.38 20.06 -58.65
N ILE D 84 27.06 19.14 -57.75
CA ILE D 84 26.99 17.73 -58.10
C ILE D 84 25.79 17.47 -58.99
N LYS D 85 25.99 16.79 -60.11
CA LYS D 85 24.97 16.57 -61.14
C LYS D 85 24.57 15.10 -61.15
N ILE D 86 23.36 14.83 -60.66
CA ILE D 86 22.81 13.48 -60.51
C ILE D 86 22.00 13.15 -61.75
N PRO D 87 21.63 11.89 -62.00
CA PRO D 87 20.58 11.61 -62.99
C PRO D 87 19.21 11.86 -62.37
N VAL D 88 18.25 12.11 -63.26
CA VAL D 88 16.86 12.36 -62.87
C VAL D 88 15.99 12.04 -64.08
N GLY D 89 14.69 11.88 -63.83
CA GLY D 89 13.74 11.64 -64.91
C GLY D 89 12.73 10.58 -64.57
N PRO D 90 12.15 9.94 -65.60
CA PRO D 90 11.25 8.82 -65.35
C PRO D 90 11.96 7.48 -65.23
N GLU D 91 13.15 7.36 -65.80
CA GLU D 91 13.87 6.09 -65.80
C GLU D 91 14.63 5.82 -64.54
N THR D 92 14.41 6.60 -63.48
CA THR D 92 15.06 6.37 -62.20
C THR D 92 14.17 5.60 -61.24
N LEU D 93 13.15 4.91 -61.74
CA LEU D 93 12.18 4.23 -60.89
C LEU D 93 12.55 2.76 -60.73
N GLY D 94 12.35 2.24 -59.53
CA GLY D 94 12.78 0.90 -59.22
C GLY D 94 14.27 0.74 -59.18
N ARG D 95 14.99 1.78 -58.75
CA ARG D 95 16.44 1.80 -58.69
C ARG D 95 16.88 2.23 -57.30
N ILE D 96 18.13 1.92 -56.97
CA ILE D 96 18.78 2.42 -55.76
C ILE D 96 19.95 3.28 -56.21
N MET D 97 20.12 4.45 -55.59
CA MET D 97 21.12 5.38 -56.06
C MET D 97 21.95 5.95 -54.92
N ASN D 98 23.19 6.30 -55.29
CA ASN D 98 24.24 6.85 -54.45
C ASN D 98 24.00 8.34 -54.21
N VAL D 99 24.87 8.95 -53.40
CA VAL D 99 24.75 10.40 -53.12
C VAL D 99 25.13 11.24 -54.34
N ILE D 100 26.09 10.78 -55.13
CA ILE D 100 26.55 11.53 -56.30
C ILE D 100 25.85 10.99 -57.53
N GLY D 101 24.76 10.25 -57.31
CA GLY D 101 23.98 9.73 -58.42
C GLY D 101 24.64 8.60 -59.18
N GLU D 102 24.79 7.44 -58.55
CA GLU D 102 25.37 6.26 -59.17
C GLU D 102 24.54 5.04 -58.78
N PRO D 103 24.57 3.97 -59.58
CA PRO D 103 23.90 2.73 -59.14
C PRO D 103 24.63 1.99 -58.04
N ILE D 104 23.91 1.50 -57.03
CA ILE D 104 24.50 0.64 -56.01
C ILE D 104 23.81 -0.72 -55.92
N ASP D 105 23.03 -1.12 -56.92
CA ASP D 105 22.29 -2.36 -56.83
C ASP D 105 22.74 -3.40 -57.84
N GLU D 106 23.76 -3.08 -58.65
CA GLU D 106 24.37 -3.98 -59.62
C GLU D 106 23.37 -4.45 -60.68
N ARG D 107 22.67 -3.49 -61.27
CA ARG D 107 21.76 -3.74 -62.38
C ARG D 107 22.23 -3.06 -63.66
N GLY D 108 23.34 -2.34 -63.62
CA GLY D 108 23.78 -1.53 -64.73
C GLY D 108 23.59 -0.05 -64.49
N PRO D 109 23.84 0.77 -65.50
CA PRO D 109 23.79 2.22 -65.29
C PRO D 109 22.39 2.78 -65.43
N ILE D 110 22.24 4.04 -65.03
CA ILE D 110 21.00 4.80 -65.18
C ILE D 110 21.09 5.57 -66.47
N LYS D 111 20.24 5.24 -67.44
CA LYS D 111 20.23 5.86 -68.75
C LYS D 111 19.14 6.91 -68.81
N THR D 112 19.48 8.14 -68.42
CA THR D 112 18.55 9.26 -68.47
C THR D 112 19.13 10.35 -69.37
N LYS D 113 18.26 11.28 -69.75
CA LYS D 113 18.63 12.36 -70.64
C LYS D 113 18.56 13.73 -69.97
N GLN D 114 18.50 13.76 -68.65
CA GLN D 114 18.34 15.02 -67.93
C GLN D 114 19.04 14.91 -66.60
N PHE D 115 19.88 15.89 -66.27
CA PHE D 115 20.58 15.92 -65.00
C PHE D 115 20.14 17.15 -64.22
N ALA D 116 20.15 17.04 -62.90
CA ALA D 116 19.73 18.14 -62.04
C ALA D 116 20.79 18.36 -60.98
N ALA D 117 21.37 19.55 -60.96
CA ALA D 117 22.34 19.88 -59.92
C ALA D 117 21.62 20.11 -58.60
N ILE D 118 22.17 19.53 -57.52
CA ILE D 118 21.39 19.32 -56.30
C ILE D 118 21.23 20.57 -55.46
N HIS D 119 21.71 21.72 -55.92
CA HIS D 119 21.63 22.96 -55.15
C HIS D 119 20.70 23.91 -55.89
N ALA D 120 19.47 24.04 -55.40
CA ALA D 120 18.48 24.95 -55.94
C ALA D 120 17.91 25.78 -54.79
N GLU D 121 17.06 26.73 -55.14
CA GLU D 121 16.54 27.70 -54.19
C GLU D 121 15.07 27.45 -53.93
N ALA D 122 14.62 27.94 -52.79
CA ALA D 122 13.25 27.71 -52.36
C ALA D 122 12.28 28.52 -53.22
N PRO D 123 11.18 27.95 -53.68
CA PRO D 123 10.25 28.70 -54.54
C PRO D 123 9.57 29.80 -53.76
N GLU D 124 9.17 30.84 -54.48
CA GLU D 124 8.91 32.13 -53.86
C GLU D 124 7.56 32.15 -53.13
N PHE D 125 7.16 33.33 -52.69
CA PHE D 125 5.91 33.47 -51.96
C PHE D 125 4.71 33.36 -52.89
N MET D 126 4.86 33.77 -54.15
CA MET D 126 3.76 33.81 -55.10
C MET D 126 3.61 32.49 -55.86
N GLU D 127 4.19 31.41 -55.36
CA GLU D 127 4.04 30.07 -55.88
C GLU D 127 3.65 29.12 -54.77
N MET D 128 2.64 29.49 -53.99
CA MET D 128 2.27 28.72 -52.81
C MET D 128 0.80 28.32 -52.90
N SER D 129 0.55 27.05 -53.17
CA SER D 129 -0.80 26.50 -53.08
C SER D 129 -1.26 26.52 -51.63
N VAL D 130 -2.52 26.91 -51.43
CA VAL D 130 -3.04 27.23 -50.11
C VAL D 130 -4.03 26.19 -49.60
N GLU D 131 -4.54 25.31 -50.47
CA GLU D 131 -5.67 24.46 -50.14
C GLU D 131 -5.27 23.32 -49.20
N GLN D 132 -6.20 22.97 -48.33
CA GLN D 132 -6.08 21.79 -47.47
C GLN D 132 -7.13 20.77 -47.87
N GLU D 133 -6.87 19.52 -47.51
CA GLU D 133 -7.69 18.37 -47.87
C GLU D 133 -7.78 17.48 -46.64
N ILE D 134 -8.10 16.20 -46.84
CA ILE D 134 -7.82 15.18 -45.83
C ILE D 134 -7.19 13.99 -46.55
N LEU D 135 -6.57 13.11 -45.76
CA LEU D 135 -5.94 11.91 -46.26
C LEU D 135 -6.22 10.80 -45.27
N VAL D 136 -6.75 9.68 -45.76
CA VAL D 136 -7.09 8.53 -44.92
C VAL D 136 -6.09 7.41 -45.17
N THR D 137 -5.42 7.00 -44.11
CA THR D 137 -4.39 5.97 -44.14
C THR D 137 -4.89 4.62 -43.61
N GLY D 138 -5.83 4.64 -42.67
CA GLY D 138 -6.43 3.43 -42.14
C GLY D 138 -6.19 3.21 -40.67
N ILE D 139 -5.51 4.10 -39.97
CA ILE D 139 -5.09 3.88 -38.58
C ILE D 139 -5.97 4.72 -37.68
N LYS D 140 -6.36 4.17 -36.55
CA LYS D 140 -7.34 4.83 -35.71
C LYS D 140 -6.77 5.94 -34.83
N VAL D 141 -5.47 6.17 -34.84
CA VAL D 141 -4.88 7.31 -34.13
C VAL D 141 -4.46 8.41 -35.10
N VAL D 142 -3.96 8.04 -36.27
CA VAL D 142 -3.69 9.00 -37.34
C VAL D 142 -5.00 9.62 -37.81
N ASP D 143 -5.94 8.80 -38.27
CA ASP D 143 -7.16 9.32 -38.88
C ASP D 143 -8.12 9.94 -37.87
N LEU D 144 -8.00 9.62 -36.59
CA LEU D 144 -8.91 10.25 -35.66
C LEU D 144 -8.32 11.50 -35.04
N LEU D 145 -7.04 11.47 -34.65
CA LEU D 145 -6.50 12.48 -33.74
C LEU D 145 -5.50 13.44 -34.36
N ALA D 146 -4.82 13.06 -35.43
CA ALA D 146 -3.83 13.90 -36.08
C ALA D 146 -3.85 13.69 -37.57
N PRO D 147 -4.95 14.08 -38.23
CA PRO D 147 -5.18 13.61 -39.60
C PRO D 147 -4.25 14.27 -40.59
N TYR D 148 -3.95 13.54 -41.64
CA TYR D 148 -2.96 13.97 -42.61
C TYR D 148 -3.61 14.95 -43.58
N ALA D 149 -2.89 15.32 -44.65
CA ALA D 149 -3.45 16.23 -45.64
C ALA D 149 -2.76 15.94 -46.96
N LYS D 150 -3.52 16.04 -48.05
CA LYS D 150 -3.00 15.73 -49.38
C LYS D 150 -2.07 16.86 -49.80
N GLY D 151 -0.78 16.65 -49.66
CA GLY D 151 0.20 17.68 -49.93
C GLY D 151 0.88 18.26 -48.72
N GLY D 152 0.48 17.86 -47.52
CA GLY D 152 1.03 18.40 -46.30
C GLY D 152 2.42 17.85 -46.02
N LYS D 153 2.90 18.11 -44.82
CA LYS D 153 4.19 17.61 -44.37
C LYS D 153 4.04 16.94 -43.01
N ILE D 154 4.62 15.75 -42.87
CA ILE D 154 4.31 14.80 -41.80
C ILE D 154 5.61 14.32 -41.19
N GLY D 155 5.74 14.45 -39.87
CA GLY D 155 6.94 14.02 -39.16
C GLY D 155 6.63 13.04 -38.05
N LEU D 156 7.46 11.99 -37.96
CA LEU D 156 7.29 10.86 -37.05
C LEU D 156 8.38 10.91 -35.99
N PHE D 157 8.05 11.35 -34.79
CA PHE D 157 9.05 11.57 -33.77
C PHE D 157 9.24 10.32 -32.93
N GLY D 158 9.91 10.44 -31.79
CA GLY D 158 10.04 9.34 -30.86
C GLY D 158 11.45 8.78 -30.84
N GLY D 159 11.77 8.09 -29.75
CA GLY D 159 13.12 7.66 -29.45
C GLY D 159 13.62 6.48 -30.25
N ALA D 160 14.41 5.60 -29.64
CA ALA D 160 14.97 4.46 -30.35
C ALA D 160 14.27 3.19 -29.91
N GLY D 161 13.74 2.43 -30.87
CA GLY D 161 13.03 1.21 -30.57
C GLY D 161 11.57 1.36 -30.22
N VAL D 162 10.91 2.41 -30.68
CA VAL D 162 9.50 2.63 -30.37
C VAL D 162 8.58 2.36 -31.54
N GLY D 163 9.09 2.13 -32.74
CA GLY D 163 8.19 1.79 -33.81
C GLY D 163 8.14 2.72 -35.00
N LYS D 164 9.26 3.32 -35.38
CA LYS D 164 9.28 4.26 -36.49
C LYS D 164 9.60 3.64 -37.83
N THR D 165 10.31 2.53 -37.88
CA THR D 165 10.53 1.88 -39.17
C THR D 165 9.36 0.98 -39.51
N VAL D 166 8.53 0.63 -38.53
CA VAL D 166 7.31 -0.14 -38.78
C VAL D 166 6.17 0.77 -39.21
N LEU D 167 5.94 1.87 -38.48
CA LEU D 167 4.91 2.84 -38.84
C LEU D 167 5.21 3.53 -40.17
N ILE D 168 6.46 3.56 -40.61
CA ILE D 168 6.74 4.15 -41.90
C ILE D 168 6.74 3.12 -43.02
N MET D 169 6.85 1.83 -42.69
CA MET D 169 6.73 0.79 -43.71
C MET D 169 5.33 0.23 -43.80
N GLU D 170 4.47 0.61 -42.86
CA GLU D 170 3.06 0.29 -42.97
C GLU D 170 2.32 1.31 -43.81
N LEU D 171 2.69 2.58 -43.70
CA LEU D 171 2.13 3.61 -44.57
C LEU D 171 2.61 3.47 -46.00
N ILE D 172 3.77 2.87 -46.22
CA ILE D 172 4.17 2.52 -47.58
C ILE D 172 3.25 1.44 -48.15
N ASN D 173 2.77 0.54 -47.29
CA ASN D 173 1.81 -0.47 -47.74
C ASN D 173 0.45 0.15 -47.98
N ASN D 174 -0.03 0.94 -47.02
CA ASN D 174 -1.39 1.48 -47.07
C ASN D 174 -1.56 2.46 -48.22
N VAL D 175 -0.79 3.53 -48.22
CA VAL D 175 -0.99 4.62 -49.16
C VAL D 175 -0.27 4.38 -50.47
N ALA D 176 1.00 3.99 -50.43
CA ALA D 176 1.84 4.01 -51.62
C ALA D 176 1.68 2.80 -52.52
N LYS D 177 0.58 2.05 -52.40
CA LYS D 177 0.17 1.06 -53.40
C LYS D 177 -1.14 1.42 -54.04
N ALA D 178 -2.05 2.05 -53.30
CA ALA D 178 -3.34 2.53 -53.78
C ALA D 178 -3.26 3.97 -54.29
N HIS D 179 -2.11 4.37 -54.82
CA HIS D 179 -1.83 5.74 -55.20
C HIS D 179 -1.50 5.80 -56.68
N GLY D 180 -1.92 6.87 -57.34
CA GLY D 180 -1.63 7.02 -58.75
C GLY D 180 -0.28 7.64 -59.02
N GLY D 181 0.17 8.49 -58.10
CA GLY D 181 1.45 9.16 -58.24
C GLY D 181 2.59 8.34 -57.66
N TYR D 182 3.77 8.95 -57.68
CA TYR D 182 5.01 8.22 -57.44
C TYR D 182 5.53 8.49 -56.04
N SER D 183 6.57 7.74 -55.68
CA SER D 183 7.14 7.79 -54.35
C SER D 183 8.66 7.66 -54.42
N VAL D 184 9.32 8.22 -53.41
CA VAL D 184 10.78 8.17 -53.31
C VAL D 184 11.13 7.87 -51.85
N PHE D 185 11.98 6.87 -51.62
CA PHE D 185 12.53 6.57 -50.31
C PHE D 185 14.01 6.94 -50.28
N ALA D 186 14.36 7.92 -49.44
CA ALA D 186 15.72 8.38 -49.27
C ALA D 186 16.22 7.93 -47.91
N GLY D 187 17.24 7.08 -47.91
CA GLY D 187 17.80 6.58 -46.65
C GLY D 187 19.01 7.35 -46.22
N VAL D 188 18.83 8.24 -45.27
CA VAL D 188 19.89 9.14 -44.80
C VAL D 188 20.47 8.50 -43.54
N GLY D 189 21.46 7.63 -43.72
CA GLY D 189 22.18 7.10 -42.60
C GLY D 189 21.45 6.20 -41.62
N GLU D 190 21.09 4.98 -42.02
CA GLU D 190 20.44 4.04 -41.12
C GLU D 190 21.07 2.66 -41.34
N ARG D 191 20.49 1.63 -40.72
CA ARG D 191 21.11 0.30 -40.72
C ARG D 191 21.01 -0.34 -42.08
N THR D 192 22.13 -0.88 -42.57
CA THR D 192 22.14 -1.47 -43.91
C THR D 192 21.35 -2.78 -43.96
N ARG D 193 21.11 -3.38 -42.79
CA ARG D 193 20.18 -4.50 -42.68
C ARG D 193 18.77 -4.06 -43.08
N GLU D 194 18.28 -2.96 -42.50
CA GLU D 194 16.94 -2.46 -42.77
C GLU D 194 16.78 -1.90 -44.18
N GLY D 195 17.86 -1.66 -44.88
CA GLY D 195 17.83 -1.29 -46.28
C GLY D 195 17.89 -2.47 -47.21
N ASN D 196 17.85 -3.69 -46.68
CA ASN D 196 17.71 -4.90 -47.48
C ASN D 196 16.33 -5.51 -47.38
N ASP D 197 15.59 -5.23 -46.30
CA ASP D 197 14.21 -5.69 -46.20
C ASP D 197 13.33 -4.96 -47.20
N LEU D 198 13.33 -3.62 -47.14
CA LEU D 198 12.47 -2.81 -47.98
C LEU D 198 12.82 -2.89 -49.45
N TYR D 199 14.04 -3.32 -49.79
CA TYR D 199 14.28 -3.66 -51.18
C TYR D 199 13.63 -4.98 -51.55
N HIS D 200 13.44 -5.89 -50.60
CA HIS D 200 12.85 -7.18 -50.89
C HIS D 200 11.42 -7.32 -50.42
N GLU D 201 10.98 -6.44 -49.51
CA GLU D 201 9.58 -6.38 -49.13
C GLU D 201 8.72 -5.81 -50.25
N MET D 202 9.32 -5.13 -51.22
CA MET D 202 8.59 -4.51 -52.31
C MET D 202 8.95 -5.08 -53.66
N ILE D 203 9.73 -6.15 -53.73
CA ILE D 203 9.82 -6.87 -54.99
C ILE D 203 8.70 -7.89 -55.10
N GLU D 204 8.39 -8.58 -54.01
CA GLU D 204 7.27 -9.50 -54.00
C GLU D 204 5.92 -8.81 -53.95
N SER D 205 5.87 -7.54 -53.55
CA SER D 205 4.61 -6.81 -53.45
C SER D 205 4.33 -5.93 -54.66
N GLY D 206 5.06 -6.12 -55.75
CA GLY D 206 4.73 -5.49 -57.02
C GLY D 206 5.13 -4.03 -57.18
N VAL D 207 5.63 -3.36 -56.14
CA VAL D 207 6.01 -1.97 -56.26
C VAL D 207 7.32 -1.82 -57.03
N ILE D 208 8.17 -2.83 -57.04
CA ILE D 208 9.36 -2.86 -57.89
C ILE D 208 9.25 -4.07 -58.79
N ASN D 209 9.46 -3.86 -60.08
CA ASN D 209 9.39 -4.92 -61.08
C ASN D 209 10.72 -4.93 -61.82
N LEU D 210 11.40 -6.07 -61.80
CA LEU D 210 12.78 -6.12 -62.24
C LEU D 210 12.93 -6.47 -63.72
N LYS D 211 11.83 -6.51 -64.49
CA LYS D 211 11.93 -6.91 -65.89
C LYS D 211 11.25 -5.92 -66.85
N ASP D 212 10.19 -5.27 -66.39
CA ASP D 212 9.44 -4.29 -67.17
C ASP D 212 9.51 -2.93 -66.47
N ALA D 213 8.82 -1.95 -67.06
CA ALA D 213 8.99 -0.54 -66.72
C ALA D 213 7.77 0.02 -65.99
N THR D 214 7.21 -0.73 -65.06
CA THR D 214 6.03 -0.31 -64.33
C THR D 214 6.26 -0.29 -62.83
N SER D 215 7.46 0.09 -62.41
CA SER D 215 7.75 0.29 -61.00
C SER D 215 7.28 1.66 -60.56
N LYS D 216 7.02 1.81 -59.27
CA LYS D 216 6.48 3.08 -58.80
C LYS D 216 7.23 3.64 -57.61
N VAL D 217 8.53 3.37 -57.49
CA VAL D 217 9.31 3.90 -56.38
C VAL D 217 10.77 4.07 -56.82
N ALA D 218 11.48 4.98 -56.15
CA ALA D 218 12.89 5.22 -56.37
C ALA D 218 13.59 5.30 -55.02
N LEU D 219 14.79 4.74 -54.93
CA LEU D 219 15.48 4.58 -53.66
C LEU D 219 16.81 5.33 -53.66
N VAL D 220 17.11 6.00 -52.55
CA VAL D 220 18.37 6.73 -52.36
C VAL D 220 18.96 6.29 -51.04
N TYR D 221 20.13 5.65 -51.06
CA TYR D 221 20.64 4.97 -49.88
C TYR D 221 22.11 5.32 -49.59
N GLY D 222 22.32 6.17 -48.60
CA GLY D 222 23.63 6.36 -48.00
C GLY D 222 23.55 6.16 -46.51
N GLN D 223 24.19 5.10 -45.99
CA GLN D 223 23.85 4.56 -44.69
C GLN D 223 24.89 4.95 -43.63
N MET D 224 24.77 4.37 -42.44
CA MET D 224 25.61 4.84 -41.33
C MET D 224 26.98 4.17 -41.31
N ASN D 225 27.40 3.51 -42.37
CA ASN D 225 28.80 3.13 -42.55
C ASN D 225 29.52 4.05 -43.52
N GLU D 226 29.14 5.33 -43.55
CA GLU D 226 29.61 6.29 -44.54
C GLU D 226 30.18 7.52 -43.86
N PRO D 227 31.22 8.14 -44.45
CA PRO D 227 31.88 9.27 -43.80
C PRO D 227 30.93 10.45 -43.67
N PRO D 228 31.05 11.26 -42.62
CA PRO D 228 29.97 12.16 -42.24
C PRO D 228 29.81 13.39 -43.12
N GLY D 229 30.51 13.46 -44.25
CA GLY D 229 30.26 14.47 -45.25
C GLY D 229 29.33 13.96 -46.33
N ALA D 230 29.25 12.65 -46.49
CA ALA D 230 28.30 12.04 -47.41
C ALA D 230 26.98 11.68 -46.75
N ARG D 231 26.90 11.74 -45.44
CA ARG D 231 25.64 11.63 -44.72
C ARG D 231 25.01 12.98 -44.46
N ALA D 232 25.34 13.99 -45.26
CA ALA D 232 24.68 15.28 -45.18
C ALA D 232 24.09 15.70 -46.52
N ARG D 233 24.27 14.89 -47.56
CA ARG D 233 23.87 15.25 -48.91
C ARG D 233 23.04 14.16 -49.59
N VAL D 234 22.65 13.09 -48.87
CA VAL D 234 21.60 12.22 -49.37
C VAL D 234 20.22 12.72 -48.96
N ALA D 235 20.16 13.71 -48.08
CA ALA D 235 18.89 14.38 -47.87
C ALA D 235 18.54 15.28 -49.03
N LEU D 236 19.53 15.71 -49.81
CA LEU D 236 19.31 16.58 -50.95
C LEU D 236 19.30 15.86 -52.27
N THR D 237 19.86 14.66 -52.36
CA THR D 237 19.66 13.86 -53.56
C THR D 237 18.26 13.28 -53.61
N GLY D 238 17.60 13.21 -52.45
CA GLY D 238 16.24 12.75 -52.38
C GLY D 238 15.28 13.72 -53.02
N LEU D 239 15.22 14.96 -52.52
CA LEU D 239 14.24 15.93 -52.96
C LEU D 239 14.69 16.70 -54.20
N THR D 240 15.58 16.13 -54.99
CA THR D 240 15.88 16.53 -56.35
C THR D 240 15.30 15.55 -57.37
N VAL D 241 15.19 14.28 -57.00
CA VAL D 241 14.40 13.34 -57.77
C VAL D 241 12.93 13.54 -57.45
N ALA D 242 12.61 13.90 -56.22
CA ALA D 242 11.24 14.15 -55.79
C ALA D 242 10.78 15.55 -56.07
N GLU D 243 11.39 16.24 -57.03
CA GLU D 243 10.97 17.58 -57.43
C GLU D 243 10.81 17.63 -58.93
N TYR D 244 11.54 16.77 -59.64
CA TYR D 244 11.29 16.62 -61.07
C TYR D 244 9.94 16.00 -61.33
N PHE D 245 9.43 15.21 -60.41
CA PHE D 245 8.10 14.65 -60.56
C PHE D 245 7.00 15.63 -60.19
N ARG D 246 7.33 16.69 -59.46
CA ARG D 246 6.35 17.71 -59.10
C ARG D 246 6.38 18.89 -60.05
N ASP D 247 7.57 19.41 -60.35
CA ASP D 247 7.68 20.60 -61.19
C ASP D 247 7.56 20.27 -62.66
N GLN D 248 8.47 19.46 -63.18
CA GLN D 248 8.58 19.23 -64.62
C GLN D 248 7.36 18.47 -65.16
N GLU D 249 7.19 17.24 -64.72
CA GLU D 249 5.89 16.62 -64.88
C GLU D 249 4.94 17.21 -63.84
N GLY D 250 3.68 17.36 -64.22
CA GLY D 250 2.72 18.00 -63.33
C GLY D 250 2.05 17.05 -62.35
N GLN D 251 2.79 16.03 -61.92
CA GLN D 251 2.25 14.90 -61.20
C GLN D 251 2.05 15.17 -59.73
N ASP D 252 1.87 14.10 -58.96
CA ASP D 252 1.76 14.14 -57.51
C ASP D 252 2.75 13.14 -56.95
N VAL D 253 3.49 13.53 -55.90
CA VAL D 253 4.58 12.70 -55.39
C VAL D 253 4.34 12.43 -53.92
N LEU D 254 5.00 11.39 -53.41
CA LEU D 254 5.11 11.12 -51.98
C LEU D 254 6.58 11.05 -51.59
N LEU D 255 6.94 11.62 -50.45
CA LEU D 255 8.34 11.70 -50.03
C LEU D 255 8.53 10.98 -48.70
N PHE D 256 9.32 9.91 -48.73
CA PHE D 256 9.65 9.12 -47.55
C PHE D 256 11.14 9.26 -47.26
N ILE D 257 11.49 9.72 -46.07
CA ILE D 257 12.88 9.94 -45.67
C ILE D 257 13.08 9.36 -44.27
N ASP D 258 14.09 8.52 -44.13
CA ASP D 258 14.40 7.88 -42.85
C ASP D 258 15.91 7.65 -42.86
N ASN D 259 16.68 8.39 -42.05
CA ASN D 259 16.21 9.30 -40.99
C ASN D 259 16.78 10.70 -41.21
N ILE D 260 16.01 11.75 -40.91
CA ILE D 260 16.42 13.12 -41.24
C ILE D 260 17.22 13.78 -40.12
N PHE D 261 17.28 13.17 -38.94
CA PHE D 261 18.18 13.67 -37.90
C PHE D 261 19.63 13.42 -38.27
N ARG D 262 19.91 12.44 -39.10
CA ARG D 262 21.30 12.20 -39.51
C ARG D 262 21.81 13.22 -40.52
N PHE D 263 20.97 14.14 -40.98
CA PHE D 263 21.44 15.24 -41.81
C PHE D 263 22.03 16.34 -40.94
N THR D 264 21.32 16.69 -39.86
CA THR D 264 21.81 17.68 -38.90
C THR D 264 23.05 17.17 -38.19
N GLN D 265 22.96 15.95 -37.66
CA GLN D 265 23.96 15.37 -36.78
C GLN D 265 25.27 15.09 -37.51
N ALA D 266 25.24 14.91 -38.82
CA ALA D 266 26.46 14.78 -39.61
C ALA D 266 26.99 16.11 -40.07
N GLY D 267 26.46 17.20 -39.56
CA GLY D 267 27.00 18.52 -39.81
C GLY D 267 27.75 19.01 -38.60
N SER D 268 27.48 18.38 -37.46
CA SER D 268 28.21 18.63 -36.22
C SER D 268 29.49 17.82 -36.14
N GLU D 269 29.71 16.89 -37.05
CA GLU D 269 30.91 16.07 -37.06
C GLU D 269 32.05 16.70 -37.82
N VAL D 270 31.80 17.77 -38.56
CA VAL D 270 32.87 18.48 -39.26
C VAL D 270 32.78 19.98 -39.02
N SER D 271 32.18 20.41 -37.91
CA SER D 271 32.06 21.84 -37.71
C SER D 271 33.38 22.46 -37.28
N ALA D 272 33.98 21.95 -36.19
CA ALA D 272 35.21 22.50 -35.67
C ALA D 272 36.42 22.20 -36.53
N LEU D 273 36.42 21.11 -37.30
CA LEU D 273 37.50 20.88 -38.26
C LEU D 273 37.43 21.85 -39.42
N LEU D 274 36.28 22.45 -39.68
CA LEU D 274 36.19 23.50 -40.68
C LEU D 274 36.74 24.82 -40.16
N GLY D 275 36.55 25.10 -38.88
CA GLY D 275 37.10 26.30 -38.30
C GLY D 275 36.11 27.20 -37.61
N ARG D 276 35.00 26.65 -37.12
CA ARG D 276 33.99 27.42 -36.43
C ARG D 276 34.05 27.19 -34.93
N ILE D 277 33.56 28.16 -34.17
CA ILE D 277 33.40 27.98 -32.74
C ILE D 277 32.08 27.24 -32.49
N PRO D 278 32.08 26.13 -31.78
CA PRO D 278 30.83 25.39 -31.58
C PRO D 278 29.86 26.12 -30.67
N SER D 279 28.58 25.98 -30.99
CA SER D 279 27.45 26.64 -30.33
C SER D 279 27.09 25.92 -29.06
N ALA D 280 25.83 26.05 -28.62
CA ALA D 280 25.27 25.21 -27.56
C ALA D 280 25.27 23.73 -27.94
N VAL D 281 24.71 22.85 -27.12
CA VAL D 281 25.27 21.56 -26.66
C VAL D 281 26.26 20.77 -27.53
N GLY D 282 26.60 21.21 -28.72
CA GLY D 282 27.70 20.62 -29.43
C GLY D 282 27.47 20.70 -30.91
N TYR D 283 26.32 21.27 -31.25
CA TYR D 283 25.92 21.41 -32.62
C TYR D 283 26.69 22.53 -33.30
N GLN D 284 26.60 22.58 -34.61
CA GLN D 284 27.26 23.62 -35.38
C GLN D 284 26.49 24.92 -35.18
N PRO D 285 27.12 26.09 -35.42
CA PRO D 285 26.39 27.34 -35.22
C PRO D 285 25.43 27.70 -36.36
N THR D 286 25.32 26.86 -37.38
CA THR D 286 24.41 27.07 -38.51
C THR D 286 23.32 26.02 -38.52
N LEU D 287 22.69 25.77 -37.38
CA LEU D 287 21.69 24.71 -37.29
C LEU D 287 20.43 25.06 -38.06
N ALA D 288 19.76 26.14 -37.66
CA ALA D 288 18.47 26.54 -38.20
C ALA D 288 18.57 27.27 -39.53
N THR D 289 19.72 27.22 -40.18
CA THR D 289 19.93 27.85 -41.47
C THR D 289 20.18 26.84 -42.56
N ASP D 290 21.04 25.85 -42.30
CA ASP D 290 21.22 24.74 -43.24
C ASP D 290 20.03 23.80 -43.23
N MET D 291 19.28 23.77 -42.14
CA MET D 291 18.07 22.98 -42.09
C MET D 291 16.96 23.63 -42.91
N GLY D 292 16.66 24.90 -42.63
CA GLY D 292 15.65 25.63 -43.37
C GLY D 292 16.02 25.95 -44.79
N THR D 293 17.26 25.77 -45.20
CA THR D 293 17.56 25.83 -46.63
C THR D 293 17.00 24.62 -47.34
N MET D 294 16.95 23.47 -46.66
CA MET D 294 16.45 22.22 -47.23
C MET D 294 14.96 22.04 -47.04
N GLN D 295 14.42 22.34 -45.86
CA GLN D 295 13.00 22.13 -45.57
C GLN D 295 12.09 23.20 -46.14
N GLU D 296 12.55 24.03 -47.07
CA GLU D 296 11.68 24.88 -47.85
C GLU D 296 11.60 24.44 -49.29
N ARG D 297 12.49 23.56 -49.73
CA ARG D 297 12.32 22.97 -51.04
C ARG D 297 11.31 21.83 -51.04
N ILE D 298 10.90 21.35 -49.87
CA ILE D 298 9.83 20.35 -49.76
C ILE D 298 8.55 21.13 -49.48
N THR D 299 7.94 21.64 -50.56
CA THR D 299 6.66 22.33 -50.48
C THR D 299 5.83 21.98 -51.71
N THR D 300 4.53 22.24 -51.61
CA THR D 300 3.62 22.10 -52.73
C THR D 300 3.39 23.49 -53.36
N THR D 301 3.85 23.65 -54.59
CA THR D 301 3.66 24.87 -55.33
C THR D 301 2.38 24.75 -56.14
N LYS D 302 2.18 25.66 -57.10
CA LYS D 302 1.03 25.61 -57.97
C LYS D 302 1.32 24.90 -59.28
N LYS D 303 2.40 24.11 -59.33
CA LYS D 303 2.65 23.22 -60.45
C LYS D 303 2.50 21.75 -60.10
N GLY D 304 2.42 21.42 -58.83
CA GLY D 304 2.31 20.03 -58.44
C GLY D 304 2.13 19.94 -56.95
N SER D 305 2.32 18.74 -56.40
CA SER D 305 2.17 18.56 -54.97
C SER D 305 3.17 17.53 -54.47
N ILE D 306 3.46 17.61 -53.17
CA ILE D 306 4.36 16.68 -52.50
C ILE D 306 3.76 16.36 -51.14
N THR D 307 3.62 15.07 -50.82
CA THR D 307 3.19 14.65 -49.50
C THR D 307 4.38 13.97 -48.85
N SER D 308 4.98 14.61 -47.86
CA SER D 308 6.26 14.19 -47.32
C SER D 308 6.09 13.55 -45.96
N VAL D 309 6.63 12.35 -45.79
CA VAL D 309 6.66 11.64 -44.52
C VAL D 309 8.12 11.43 -44.14
N GLN D 310 8.55 12.02 -43.03
CA GLN D 310 9.93 11.96 -42.58
C GLN D 310 10.01 11.42 -41.16
N ALA D 311 10.89 10.44 -40.96
CA ALA D 311 11.15 9.93 -39.62
C ALA D 311 12.18 10.81 -38.94
N ILE D 312 11.96 11.13 -37.67
CA ILE D 312 12.80 12.08 -36.96
C ILE D 312 13.23 11.42 -35.65
N TYR D 313 14.49 11.00 -35.59
CA TYR D 313 15.06 10.46 -34.35
C TYR D 313 15.17 11.56 -33.31
N VAL D 314 14.64 11.30 -32.12
CA VAL D 314 14.82 12.14 -30.95
C VAL D 314 15.92 11.50 -30.11
N PRO D 315 17.07 12.16 -29.92
CA PRO D 315 18.17 11.51 -29.17
C PRO D 315 17.89 11.45 -27.68
N ALA D 316 17.99 10.22 -27.14
CA ALA D 316 17.82 9.91 -25.72
C ALA D 316 16.47 10.34 -25.17
N ASP D 317 15.44 10.23 -26.03
CA ASP D 317 14.03 10.58 -25.72
C ASP D 317 13.87 12.01 -25.24
N ASP D 318 14.78 12.90 -25.64
CA ASP D 318 14.82 14.26 -25.15
C ASP D 318 14.25 15.14 -26.25
N LEU D 319 12.98 15.52 -26.10
CA LEU D 319 12.30 16.27 -27.15
C LEU D 319 12.75 17.72 -27.23
N THR D 320 13.25 18.29 -26.13
CA THR D 320 13.75 19.66 -26.06
C THR D 320 15.18 19.80 -26.54
N ASP D 321 15.73 18.76 -27.14
CA ASP D 321 17.01 18.83 -27.81
C ASP D 321 16.91 19.77 -29.01
N PRO D 322 17.98 20.49 -29.36
CA PRO D 322 17.87 21.46 -30.46
C PRO D 322 17.78 20.86 -31.84
N ALA D 323 18.09 19.60 -32.04
CA ALA D 323 17.92 19.04 -33.38
C ALA D 323 16.47 18.65 -33.68
N PRO D 324 15.66 18.09 -32.72
CA PRO D 324 14.22 17.97 -33.02
C PRO D 324 13.41 19.23 -32.83
N ALA D 325 13.73 20.08 -31.85
CA ALA D 325 12.85 21.21 -31.54
C ALA D 325 12.92 22.33 -32.55
N THR D 326 13.84 22.29 -33.49
CA THR D 326 13.84 23.20 -34.62
C THR D 326 13.24 22.56 -35.85
N THR D 327 12.70 21.35 -35.74
CA THR D 327 12.04 20.70 -36.85
C THR D 327 10.52 20.72 -36.70
N PHE D 328 10.03 21.12 -35.53
CA PHE D 328 8.59 21.21 -35.27
C PHE D 328 7.91 22.37 -35.99
N ALA D 329 8.62 23.14 -36.80
CA ALA D 329 8.01 24.25 -37.52
C ALA D 329 7.98 24.04 -39.01
N HIS D 330 8.69 23.04 -39.52
CA HIS D 330 8.69 22.73 -40.94
C HIS D 330 7.66 21.70 -41.32
N LEU D 331 6.67 21.46 -40.46
CA LEU D 331 5.80 20.31 -40.59
C LEU D 331 4.36 20.70 -40.33
N ASP D 332 3.43 20.06 -41.04
CA ASP D 332 2.01 20.27 -40.79
C ASP D 332 1.49 19.32 -39.72
N ALA D 333 1.97 18.07 -39.72
CA ALA D 333 1.42 17.02 -38.88
C ALA D 333 2.53 16.31 -38.12
N THR D 334 2.35 16.17 -36.81
CA THR D 334 3.30 15.49 -35.94
C THR D 334 2.65 14.28 -35.32
N THR D 335 3.27 13.11 -35.46
CA THR D 335 2.88 11.90 -34.76
C THR D 335 4.01 11.49 -33.84
N VAL D 336 3.85 11.70 -32.54
CA VAL D 336 4.93 11.52 -31.57
C VAL D 336 4.71 10.19 -30.85
N LEU D 337 5.61 9.25 -31.10
CA LEU D 337 5.58 7.94 -30.45
C LEU D 337 6.30 8.04 -29.12
N SER D 338 5.69 7.55 -28.06
CA SER D 338 6.32 7.53 -26.75
C SER D 338 6.80 6.12 -26.45
N ARG D 339 7.49 5.97 -25.33
CA ARG D 339 8.02 4.66 -24.96
C ARG D 339 7.30 4.11 -23.74
N ALA D 340 6.76 4.99 -22.89
CA ALA D 340 5.99 4.53 -21.74
C ALA D 340 4.64 3.96 -22.13
N ILE D 341 4.26 4.11 -23.40
CA ILE D 341 3.01 3.52 -23.90
C ILE D 341 3.29 2.18 -24.56
N ALA D 342 4.39 2.08 -25.32
CA ALA D 342 4.71 0.83 -25.98
C ALA D 342 5.26 -0.21 -25.01
N GLU D 343 5.53 0.20 -23.77
CA GLU D 343 5.88 -0.78 -22.74
C GLU D 343 4.63 -1.46 -22.19
N LEU D 344 3.46 -0.86 -22.41
CA LEU D 344 2.21 -1.51 -22.03
C LEU D 344 1.65 -2.40 -23.12
N GLY D 345 2.41 -2.68 -24.17
CA GLY D 345 1.94 -3.53 -25.23
C GLY D 345 1.10 -2.85 -26.28
N ILE D 346 0.73 -1.59 -26.07
CA ILE D 346 -0.10 -0.83 -27.00
C ILE D 346 0.71 -0.55 -28.26
N TYR D 347 0.19 -0.93 -29.41
CA TYR D 347 0.89 -0.74 -30.67
C TYR D 347 -0.10 -0.39 -31.77
N PRO D 348 0.06 0.73 -32.50
CA PRO D 348 1.07 1.79 -32.54
C PRO D 348 1.18 2.62 -31.28
N ALA D 349 2.41 2.98 -30.95
CA ALA D 349 2.77 3.61 -29.69
C ALA D 349 2.30 5.04 -29.54
N VAL D 350 1.59 5.57 -30.55
CA VAL D 350 1.37 7.00 -30.73
C VAL D 350 0.75 7.64 -29.50
N ASP D 351 1.36 8.70 -29.04
CA ASP D 351 0.87 9.44 -27.90
C ASP D 351 -0.41 10.16 -28.30
N PRO D 352 -1.51 9.97 -27.57
CA PRO D 352 -2.73 10.70 -27.93
C PRO D 352 -2.70 12.17 -27.54
N LEU D 353 -1.98 12.51 -26.48
CA LEU D 353 -2.02 13.89 -26.00
C LEU D 353 -0.83 14.70 -26.48
N ASP D 354 -0.14 14.24 -27.52
CA ASP D 354 1.03 14.99 -27.96
C ASP D 354 1.08 15.08 -29.49
N SER D 355 0.31 14.25 -30.16
CA SER D 355 0.16 14.44 -31.60
C SER D 355 -0.80 15.58 -31.87
N THR D 356 -0.66 16.20 -33.04
CA THR D 356 -1.37 17.43 -33.38
C THR D 356 -1.29 17.63 -34.88
N SER D 357 -2.40 18.07 -35.47
CA SER D 357 -2.42 18.46 -36.87
C SER D 357 -3.00 19.86 -37.01
N ARG D 358 -2.86 20.42 -38.21
CA ARG D 358 -3.38 21.75 -38.48
C ARG D 358 -4.84 21.72 -38.87
N ILE D 359 -5.26 20.65 -39.54
CA ILE D 359 -6.59 20.55 -40.13
C ILE D 359 -7.60 19.98 -39.14
N MET D 360 -7.19 19.76 -37.90
CA MET D 360 -8.17 19.47 -36.88
C MET D 360 -8.93 20.75 -36.61
N ASP D 361 -10.07 20.86 -37.26
CA ASP D 361 -10.74 22.10 -37.59
C ASP D 361 -12.20 21.78 -37.87
N PRO D 362 -13.16 22.42 -37.25
CA PRO D 362 -14.56 22.08 -37.53
C PRO D 362 -15.10 22.57 -38.86
N ASN D 363 -14.22 22.95 -39.79
CA ASN D 363 -14.62 23.39 -41.12
C ASN D 363 -13.98 22.59 -42.23
N ILE D 364 -13.16 21.60 -41.92
CA ILE D 364 -12.57 20.72 -42.93
C ILE D 364 -12.92 19.26 -42.68
N VAL D 365 -12.78 18.79 -41.44
CA VAL D 365 -13.06 17.41 -41.10
C VAL D 365 -14.51 17.20 -40.66
N GLY D 366 -15.26 18.27 -40.41
CA GLY D 366 -16.65 18.17 -40.03
C GLY D 366 -16.84 18.24 -38.52
N SER D 367 -18.03 18.64 -38.12
CA SER D 367 -18.32 18.86 -36.71
C SER D 367 -18.84 17.62 -36.01
N GLU D 368 -18.58 16.44 -36.55
CA GLU D 368 -18.77 15.17 -35.86
C GLU D 368 -17.45 14.46 -35.61
N HIS D 369 -16.54 14.50 -36.60
CA HIS D 369 -15.15 14.11 -36.40
C HIS D 369 -14.49 14.96 -35.31
N TYR D 370 -14.84 16.23 -35.22
CA TYR D 370 -14.17 17.11 -34.27
C TYR D 370 -14.67 16.89 -32.85
N ASP D 371 -15.96 16.61 -32.67
CA ASP D 371 -16.47 16.45 -31.31
C ASP D 371 -16.05 15.12 -30.70
N VAL D 372 -15.66 14.16 -31.54
CA VAL D 372 -15.21 12.87 -31.04
C VAL D 372 -13.77 12.98 -30.55
N ALA D 373 -12.88 13.49 -31.41
CA ALA D 373 -11.46 13.50 -31.10
C ALA D 373 -11.11 14.56 -30.06
N ARG D 374 -12.05 15.41 -29.70
CA ARG D 374 -11.85 16.29 -28.56
C ARG D 374 -12.62 15.78 -27.34
N GLY D 375 -13.00 14.50 -27.36
CA GLY D 375 -13.51 13.87 -26.16
C GLY D 375 -12.71 12.63 -25.80
N VAL D 376 -12.05 12.05 -26.79
CA VAL D 376 -11.03 11.04 -26.54
C VAL D 376 -9.85 11.66 -25.80
N GLN D 377 -9.37 12.80 -26.27
CA GLN D 377 -8.24 13.47 -25.63
C GLN D 377 -8.64 14.09 -24.30
N LYS D 378 -9.92 14.32 -24.08
CA LYS D 378 -10.32 14.94 -22.82
C LYS D 378 -10.54 13.90 -21.74
N ILE D 379 -10.81 12.65 -22.12
CA ILE D 379 -10.98 11.61 -21.12
C ILE D 379 -9.65 10.95 -20.80
N LEU D 380 -8.65 11.14 -21.65
CA LEU D 380 -7.33 10.60 -21.35
C LEU D 380 -6.53 11.54 -20.47
N GLN D 381 -6.83 12.83 -20.51
CA GLN D 381 -6.21 13.75 -19.55
C GLN D 381 -6.97 13.73 -18.24
N ASP D 382 -8.18 13.17 -18.24
CA ASP D 382 -8.91 12.99 -16.99
C ASP D 382 -8.43 11.75 -16.27
N TYR D 383 -7.82 10.83 -17.01
CA TYR D 383 -7.28 9.60 -16.43
C TYR D 383 -6.09 9.90 -15.52
N LYS D 384 -5.17 10.78 -15.97
CA LYS D 384 -3.91 10.97 -15.27
C LYS D 384 -4.09 11.68 -13.94
N SER D 385 -5.18 12.42 -13.77
CA SER D 385 -5.42 13.02 -12.47
C SER D 385 -5.95 11.99 -11.48
N LEU D 386 -6.41 10.84 -11.98
CA LEU D 386 -6.89 9.79 -11.10
C LEU D 386 -5.78 8.81 -10.76
N GLN D 387 -4.77 8.70 -11.63
CA GLN D 387 -3.66 7.78 -11.40
C GLN D 387 -2.77 8.21 -10.24
N ASP D 388 -2.84 9.47 -9.85
CA ASP D 388 -2.07 9.90 -8.69
C ASP D 388 -2.85 9.63 -7.41
N ILE D 389 -4.17 9.40 -7.53
CA ILE D 389 -4.99 9.07 -6.36
C ILE D 389 -4.93 7.57 -6.11
N ILE D 390 -4.82 6.78 -7.17
CA ILE D 390 -4.85 5.32 -7.07
C ILE D 390 -3.59 4.82 -6.37
N ALA D 391 -2.47 5.51 -6.58
CA ALA D 391 -1.19 5.16 -5.97
C ALA D 391 -1.15 5.32 -4.47
N ILE D 392 -2.17 5.92 -3.87
CA ILE D 392 -2.22 6.10 -2.42
C ILE D 392 -3.50 5.49 -1.87
N LEU D 393 -4.65 5.88 -2.44
CA LEU D 393 -5.94 5.42 -1.95
C LEU D 393 -6.29 4.02 -2.39
N GLY D 394 -5.65 3.52 -3.44
CA GLY D 394 -6.05 2.22 -3.95
C GLY D 394 -7.31 2.29 -4.79
N MET D 395 -7.60 1.22 -5.51
CA MET D 395 -8.66 1.27 -6.50
C MET D 395 -10.04 1.18 -5.87
N ASP D 396 -10.19 0.44 -4.79
CA ASP D 396 -11.49 0.23 -4.17
C ASP D 396 -11.82 1.27 -3.10
N GLU D 397 -11.27 2.49 -3.21
CA GLU D 397 -11.69 3.62 -2.41
C GLU D 397 -12.43 4.68 -3.21
N LEU D 398 -12.22 4.72 -4.53
CA LEU D 398 -12.81 5.70 -5.44
C LEU D 398 -14.33 5.66 -5.43
N SER D 399 -14.94 6.73 -5.91
CA SER D 399 -16.39 6.77 -6.00
C SER D 399 -16.85 6.02 -7.25
N GLU D 400 -18.16 5.93 -7.42
CA GLU D 400 -18.71 5.13 -8.53
C GLU D 400 -18.72 5.87 -9.86
N GLU D 401 -18.54 7.18 -9.85
CA GLU D 401 -18.43 7.89 -11.12
C GLU D 401 -17.00 7.82 -11.65
N ASP D 402 -16.02 7.90 -10.76
CA ASP D 402 -14.62 7.91 -11.17
C ASP D 402 -14.15 6.53 -11.56
N LYS D 403 -14.85 5.49 -11.08
CA LYS D 403 -14.57 4.14 -11.54
C LYS D 403 -15.02 3.94 -12.98
N LEU D 404 -16.08 4.66 -13.36
CA LEU D 404 -16.60 4.57 -14.72
C LEU D 404 -15.65 5.25 -15.70
N THR D 405 -14.91 6.26 -15.23
CA THR D 405 -13.96 6.95 -16.08
C THR D 405 -12.78 6.05 -16.43
N VAL D 406 -12.20 5.38 -15.43
CA VAL D 406 -11.00 4.57 -15.60
C VAL D 406 -11.29 3.37 -16.50
N SER D 407 -12.52 2.85 -16.44
CA SER D 407 -12.86 1.66 -17.21
C SER D 407 -13.04 1.99 -18.68
N ARG D 408 -13.69 3.12 -18.99
CA ARG D 408 -13.82 3.56 -20.38
C ARG D 408 -12.48 4.01 -20.94
N ALA D 409 -11.70 4.74 -20.11
CA ALA D 409 -10.40 5.23 -20.56
C ALA D 409 -9.45 4.09 -20.85
N ARG D 410 -9.54 2.99 -20.09
CA ARG D 410 -8.75 1.81 -20.41
C ARG D 410 -9.35 1.04 -21.58
N LYS D 411 -10.65 1.22 -21.82
CA LYS D 411 -11.26 0.65 -23.02
C LYS D 411 -10.86 1.44 -24.25
N ILE D 412 -10.76 2.76 -24.13
CA ILE D 412 -10.36 3.62 -25.23
C ILE D 412 -8.88 3.43 -25.55
N GLN D 413 -8.04 3.34 -24.51
CA GLN D 413 -6.60 3.13 -24.68
C GLN D 413 -6.29 1.83 -25.38
N ARG D 414 -7.06 0.78 -25.07
CA ARG D 414 -6.86 -0.50 -25.72
C ARG D 414 -7.45 -0.50 -27.13
N PHE D 415 -8.42 0.38 -27.39
CA PHE D 415 -9.05 0.41 -28.70
C PHE D 415 -8.26 1.25 -29.68
N LEU D 416 -7.38 2.11 -29.17
CA LEU D 416 -6.51 2.87 -30.06
C LEU D 416 -5.44 1.99 -30.67
N SER D 417 -5.14 0.86 -30.04
CA SER D 417 -4.20 -0.10 -30.58
C SER D 417 -4.81 -0.87 -31.74
N GLN D 418 -3.99 -1.24 -32.71
CA GLN D 418 -4.51 -1.89 -33.89
C GLN D 418 -3.41 -2.76 -34.48
N PRO D 419 -3.73 -3.99 -34.87
CA PRO D 419 -2.73 -4.86 -35.47
C PRO D 419 -2.39 -4.48 -36.90
N PHE D 420 -1.16 -4.04 -37.14
CA PHE D 420 -0.76 -3.71 -38.49
C PHE D 420 -0.52 -4.97 -39.29
N GLN D 421 -0.41 -4.81 -40.60
CA GLN D 421 -0.20 -5.95 -41.47
C GLN D 421 1.26 -6.39 -41.44
N VAL D 422 2.16 -5.50 -41.00
CA VAL D 422 3.58 -5.85 -40.97
C VAL D 422 3.97 -6.45 -39.63
N ALA D 423 3.03 -6.53 -38.70
CA ALA D 423 3.17 -7.33 -37.49
C ALA D 423 2.61 -8.73 -37.66
N GLU D 424 2.61 -9.24 -38.89
CA GLU D 424 2.20 -10.62 -39.13
C GLU D 424 3.40 -11.56 -39.05
N VAL D 425 4.57 -11.02 -38.75
CA VAL D 425 5.74 -11.86 -38.48
C VAL D 425 6.21 -11.67 -37.05
N PHE D 426 5.67 -10.68 -36.35
CA PHE D 426 6.11 -10.42 -34.99
C PHE D 426 5.12 -10.97 -33.97
N THR D 427 3.83 -10.73 -34.16
CA THR D 427 2.82 -11.12 -33.20
C THR D 427 1.99 -12.32 -33.63
N GLY D 428 1.84 -12.55 -34.93
CA GLY D 428 1.07 -13.69 -35.39
C GLY D 428 -0.40 -13.42 -35.55
N HIS D 429 -0.87 -12.22 -35.19
CA HIS D 429 -2.23 -11.75 -35.45
C HIS D 429 -2.46 -11.55 -36.95
N LEU D 430 -3.66 -11.08 -37.28
CA LEU D 430 -3.99 -10.75 -38.66
C LEU D 430 -4.25 -9.24 -38.74
N GLY D 431 -4.02 -8.66 -39.92
CA GLY D 431 -3.97 -7.21 -40.01
C GLY D 431 -5.33 -6.61 -40.29
N LYS D 432 -5.51 -5.37 -39.87
CA LYS D 432 -6.73 -4.61 -40.08
C LYS D 432 -6.44 -3.43 -41.00
N LEU D 433 -7.49 -2.82 -41.54
CA LEU D 433 -7.40 -1.51 -42.22
C LEU D 433 -8.76 -0.82 -42.07
N VAL D 434 -8.90 0.00 -41.05
CA VAL D 434 -10.24 0.47 -40.69
C VAL D 434 -10.62 1.69 -41.53
N PRO D 435 -11.79 1.73 -42.15
CA PRO D 435 -12.24 2.96 -42.81
C PRO D 435 -12.58 4.05 -41.82
N LEU D 436 -12.71 5.27 -42.34
CA LEU D 436 -12.88 6.43 -41.46
C LEU D 436 -14.27 6.48 -40.86
N LYS D 437 -15.30 6.05 -41.62
CA LYS D 437 -16.66 6.17 -41.14
C LYS D 437 -16.94 5.22 -39.98
N GLU D 438 -16.18 4.12 -39.90
CA GLU D 438 -16.33 3.19 -38.79
C GLU D 438 -15.53 3.63 -37.58
N THR D 439 -14.39 4.30 -37.83
CA THR D 439 -13.53 4.80 -36.75
C THR D 439 -14.27 5.82 -35.89
N ILE D 440 -15.02 6.72 -36.53
CA ILE D 440 -15.75 7.74 -35.78
C ILE D 440 -16.90 7.10 -35.03
N LYS D 441 -17.55 6.11 -35.64
CA LYS D 441 -18.74 5.50 -35.03
C LYS D 441 -18.37 4.62 -33.85
N GLY D 442 -17.24 3.92 -33.93
CA GLY D 442 -16.83 3.04 -32.84
C GLY D 442 -16.46 3.80 -31.59
N PHE D 443 -15.68 4.87 -31.73
CA PHE D 443 -15.26 5.66 -30.56
C PHE D 443 -16.40 6.48 -30.01
N GLN D 444 -17.42 6.76 -30.83
CA GLN D 444 -18.56 7.54 -30.36
C GLN D 444 -19.40 6.74 -29.37
N GLN D 445 -19.33 5.41 -29.46
CA GLN D 445 -20.21 4.58 -28.66
C GLN D 445 -19.58 4.20 -27.33
N ILE D 446 -18.25 4.11 -27.26
CA ILE D 446 -17.59 3.81 -25.99
C ILE D 446 -17.73 4.99 -25.04
N LEU D 447 -17.76 6.20 -25.58
CA LEU D 447 -17.98 7.36 -24.74
C LEU D 447 -19.42 7.45 -24.29
N ALA D 448 -20.35 6.89 -25.06
CA ALA D 448 -21.76 6.95 -24.72
C ALA D 448 -22.09 6.00 -23.59
N GLY D 449 -21.66 4.74 -23.71
CA GLY D 449 -21.90 3.76 -22.68
C GLY D 449 -22.43 2.46 -23.23
N GLU D 450 -22.42 2.33 -24.55
CA GLU D 450 -23.03 1.18 -25.20
C GLU D 450 -22.10 -0.02 -25.27
N TYR D 451 -20.98 -0.02 -24.57
CA TYR D 451 -20.19 -1.22 -24.43
C TYR D 451 -19.62 -1.34 -23.02
N ASP D 452 -20.31 -0.75 -22.04
CA ASP D 452 -19.93 -0.78 -20.63
C ASP D 452 -19.99 -2.16 -20.00
N HIS D 453 -20.45 -3.19 -20.72
CA HIS D 453 -20.74 -4.48 -20.16
C HIS D 453 -19.80 -5.57 -20.68
N LEU D 454 -18.63 -5.20 -21.13
CA LEU D 454 -17.69 -6.13 -21.74
C LEU D 454 -16.39 -6.14 -20.95
N PRO D 455 -15.57 -7.18 -21.09
CA PRO D 455 -14.20 -7.13 -20.58
C PRO D 455 -13.29 -6.34 -21.50
N GLU D 456 -12.23 -5.78 -20.90
CA GLU D 456 -11.25 -4.99 -21.63
C GLU D 456 -10.45 -5.80 -22.62
N GLN D 457 -10.33 -7.11 -22.43
CA GLN D 457 -9.48 -7.90 -23.32
C GLN D 457 -10.14 -8.16 -24.66
N ALA D 458 -11.41 -7.82 -24.81
CA ALA D 458 -12.04 -7.85 -26.13
C ALA D 458 -11.45 -6.78 -27.04
N PHE D 459 -11.27 -5.57 -26.49
CA PHE D 459 -10.90 -4.40 -27.28
C PHE D 459 -9.44 -4.40 -27.73
N TYR D 460 -8.58 -5.17 -27.09
CA TYR D 460 -7.17 -5.21 -27.44
C TYR D 460 -6.99 -5.87 -28.80
N MET D 461 -6.43 -5.12 -29.74
CA MET D 461 -5.97 -5.59 -31.05
C MET D 461 -7.11 -6.15 -31.90
N VAL D 462 -8.04 -5.25 -32.22
CA VAL D 462 -9.14 -5.55 -33.14
C VAL D 462 -9.15 -4.50 -34.23
N GLY D 463 -10.13 -4.57 -35.11
CA GLY D 463 -10.37 -3.51 -36.05
C GLY D 463 -11.62 -2.74 -35.66
N PRO D 464 -12.69 -2.92 -36.43
CA PRO D 464 -13.96 -2.26 -36.11
C PRO D 464 -14.55 -2.78 -34.82
N ILE D 465 -15.49 -1.99 -34.30
CA ILE D 465 -16.13 -2.25 -33.01
C ILE D 465 -17.00 -3.52 -33.06
N GLU D 466 -17.35 -3.99 -34.25
CA GLU D 466 -18.11 -5.22 -34.35
C GLU D 466 -17.23 -6.45 -34.20
N GLU D 467 -15.92 -6.28 -34.26
CA GLU D 467 -15.00 -7.38 -33.95
C GLU D 467 -14.70 -7.42 -32.45
N ALA D 468 -15.08 -6.37 -31.73
CA ALA D 468 -14.78 -6.31 -30.31
C ALA D 468 -15.93 -6.84 -29.48
N VAL D 469 -16.96 -7.36 -30.15
CA VAL D 469 -18.01 -8.11 -29.46
C VAL D 469 -18.00 -9.55 -29.93
N ALA D 470 -17.34 -9.82 -31.06
CA ALA D 470 -17.13 -11.19 -31.50
C ALA D 470 -15.97 -11.85 -30.75
N LYS D 471 -15.27 -11.09 -29.90
CA LYS D 471 -14.25 -11.66 -29.04
C LYS D 471 -14.79 -11.90 -27.64
N ALA D 472 -15.73 -11.06 -27.20
CA ALA D 472 -16.28 -11.22 -25.86
C ALA D 472 -17.27 -12.37 -25.79
N ASP D 473 -17.62 -12.95 -26.94
CA ASP D 473 -18.43 -14.17 -26.94
C ASP D 473 -17.54 -15.41 -26.95
N LYS D 474 -16.38 -15.32 -27.58
CA LYS D 474 -15.47 -16.45 -27.58
C LYS D 474 -14.79 -16.63 -26.22
N LEU D 475 -14.58 -15.52 -25.51
CA LEU D 475 -14.02 -15.60 -24.16
C LEU D 475 -15.03 -16.20 -23.18
N ALA D 476 -16.32 -16.03 -23.44
CA ALA D 476 -17.33 -16.52 -22.51
C ALA D 476 -17.72 -17.97 -22.81
N GLU D 477 -17.49 -18.41 -24.05
CA GLU D 477 -17.72 -19.81 -24.39
C GLU D 477 -16.59 -20.72 -23.91
N GLU D 478 -15.35 -20.23 -23.94
CA GLU D 478 -14.19 -21.00 -23.52
C GLU D 478 -13.88 -20.80 -22.04
N HIS D 479 -14.88 -20.46 -21.23
CA HIS D 479 -14.68 -20.10 -19.84
C HIS D 479 -14.68 -21.32 -18.92
N ALA E 10 44.72 66.46 -23.88
CA ALA E 10 46.01 65.78 -23.74
C ALA E 10 46.31 64.93 -24.96
N ALA E 11 46.77 65.59 -26.02
CA ALA E 11 47.18 65.04 -27.33
C ALA E 11 46.02 64.61 -28.22
N THR E 12 46.35 64.12 -29.42
CA THR E 12 45.33 63.68 -30.37
C THR E 12 45.64 62.27 -30.85
N GLY E 13 44.65 61.38 -30.78
CA GLY E 13 44.84 60.02 -31.23
C GLY E 13 43.84 59.55 -32.26
N ARG E 14 44.36 59.02 -33.36
CA ARG E 14 43.52 58.50 -34.43
C ARG E 14 42.93 57.17 -34.01
N ILE E 15 41.76 56.83 -34.55
CA ILE E 15 41.14 55.55 -34.24
C ILE E 15 41.70 54.48 -35.18
N VAL E 16 41.62 53.21 -34.79
CA VAL E 16 42.14 52.17 -35.66
C VAL E 16 41.32 50.90 -35.66
N ALA E 17 40.32 50.74 -34.78
CA ALA E 17 39.45 49.58 -34.83
C ALA E 17 38.15 49.85 -34.08
N VAL E 18 37.04 49.39 -34.65
CA VAL E 18 35.71 49.48 -34.06
C VAL E 18 35.08 48.10 -34.18
N ILE E 19 34.84 47.44 -33.05
CA ILE E 19 34.21 46.12 -33.02
C ILE E 19 33.16 46.10 -31.92
N GLY E 20 31.90 46.30 -32.28
CA GLY E 20 30.87 46.24 -31.27
C GLY E 20 30.86 47.50 -30.44
N ALA E 21 30.77 47.36 -29.13
CA ALA E 21 30.87 48.48 -28.22
C ALA E 21 32.29 48.70 -27.71
N VAL E 22 33.29 48.40 -28.53
CA VAL E 22 34.70 48.43 -28.14
C VAL E 22 35.45 49.22 -29.20
N VAL E 23 36.08 50.33 -28.80
CA VAL E 23 36.81 51.21 -29.69
C VAL E 23 38.29 51.08 -29.31
N ASP E 24 39.17 51.36 -30.28
CA ASP E 24 40.60 51.08 -30.17
C ASP E 24 41.33 52.31 -30.70
N VAL E 25 42.05 53.00 -29.82
CA VAL E 25 42.55 54.35 -30.05
C VAL E 25 44.08 54.36 -29.97
N GLN E 26 44.73 54.78 -31.04
CA GLN E 26 46.19 54.78 -31.10
C GLN E 26 46.75 56.18 -30.95
N PHE E 27 47.23 56.51 -29.75
CA PHE E 27 47.80 57.81 -29.47
C PHE E 27 49.20 57.92 -30.05
N ASP E 28 49.81 59.09 -29.89
CA ASP E 28 51.18 59.30 -30.35
C ASP E 28 52.14 59.66 -29.23
N GLU E 29 51.85 60.69 -28.44
CA GLU E 29 52.71 61.00 -27.30
C GLU E 29 51.98 60.87 -25.97
N GLY E 30 50.87 61.58 -25.79
CA GLY E 30 50.22 61.63 -24.49
C GLY E 30 49.39 60.42 -24.20
N LEU E 31 50.04 59.31 -23.89
CA LEU E 31 49.35 58.06 -23.63
C LEU E 31 48.60 58.17 -22.31
N PRO E 32 47.28 58.07 -22.31
CA PRO E 32 46.53 58.29 -21.08
C PRO E 32 46.65 57.10 -20.14
N PRO E 33 46.50 57.32 -18.84
CA PRO E 33 46.37 56.19 -17.92
C PRO E 33 45.05 55.47 -18.12
N ILE E 34 44.95 54.29 -17.48
CA ILE E 34 43.70 53.55 -17.44
C ILE E 34 42.69 54.34 -16.62
N LEU E 35 41.40 54.21 -17.00
CA LEU E 35 40.23 54.92 -16.46
C LEU E 35 40.24 56.40 -16.81
N ASN E 36 40.72 56.75 -17.99
CA ASN E 36 40.75 58.11 -18.49
C ASN E 36 39.68 58.23 -19.57
N ALA E 37 38.90 59.30 -19.52
CA ALA E 37 37.78 59.48 -20.44
C ALA E 37 38.22 60.22 -21.69
N LEU E 38 37.97 59.62 -22.85
CA LEU E 38 38.26 60.24 -24.14
C LEU E 38 36.98 60.88 -24.69
N GLU E 39 37.14 61.65 -25.76
CA GLU E 39 36.02 62.37 -26.36
C GLU E 39 36.23 62.41 -27.87
N VAL E 40 35.31 61.81 -28.62
CA VAL E 40 35.47 61.70 -30.07
C VAL E 40 35.05 63.00 -30.72
N GLN E 41 35.85 63.48 -31.67
CA GLN E 41 35.60 64.75 -32.35
C GLN E 41 35.13 64.50 -33.77
N GLY E 42 34.23 65.36 -34.24
CA GLY E 42 33.63 65.18 -35.54
C GLY E 42 32.29 64.50 -35.51
N ARG E 43 31.52 64.66 -34.44
CA ARG E 43 30.26 63.97 -34.28
C ARG E 43 29.20 64.95 -33.78
N GLU E 44 28.00 64.42 -33.58
CA GLU E 44 26.81 65.23 -33.31
C GLU E 44 26.65 65.53 -31.83
N THR E 45 26.54 64.50 -31.02
CA THR E 45 26.51 64.64 -29.57
C THR E 45 27.71 63.88 -29.01
N ARG E 46 27.97 64.07 -27.71
CA ARG E 46 29.21 63.58 -27.10
C ARG E 46 29.25 62.07 -27.07
N LEU E 47 30.30 61.49 -27.61
CA LEU E 47 30.60 60.07 -27.50
C LEU E 47 31.88 59.94 -26.70
N VAL E 48 31.78 59.44 -25.47
CA VAL E 48 32.95 59.27 -24.63
C VAL E 48 33.39 57.82 -24.67
N LEU E 49 34.63 57.61 -24.27
CA LEU E 49 35.30 56.31 -24.27
C LEU E 49 36.17 56.28 -23.03
N GLU E 50 36.11 55.21 -22.25
CA GLU E 50 36.85 55.10 -20.99
C GLU E 50 37.90 54.01 -21.12
N VAL E 51 39.17 54.37 -20.88
CA VAL E 51 40.31 53.51 -21.20
C VAL E 51 40.42 52.40 -20.16
N ALA E 52 40.55 51.15 -20.63
CA ALA E 52 40.46 49.98 -19.78
C ALA E 52 41.68 49.08 -19.82
N GLN E 53 42.49 49.12 -20.86
CA GLN E 53 43.71 48.34 -20.97
C GLN E 53 44.80 49.20 -21.57
N HIS E 54 45.98 48.61 -21.72
CA HIS E 54 47.02 49.08 -22.64
C HIS E 54 47.48 47.86 -23.39
N LEU E 55 47.86 48.03 -24.63
CA LEU E 55 48.17 46.87 -25.44
C LEU E 55 49.57 46.89 -25.99
N GLY E 56 50.36 47.91 -25.65
CA GLY E 56 51.63 48.13 -26.30
C GLY E 56 51.42 48.87 -27.60
N GLU E 57 52.56 49.36 -28.14
CA GLU E 57 52.65 50.01 -29.45
C GLU E 57 51.78 51.27 -29.48
N SER E 58 51.71 51.96 -28.33
CA SER E 58 50.95 53.19 -28.10
C SER E 58 49.47 53.04 -28.47
N THR E 59 48.88 51.93 -28.04
CA THR E 59 47.51 51.57 -28.34
C THR E 59 46.78 51.33 -27.03
N VAL E 60 45.61 51.92 -26.87
CA VAL E 60 44.80 51.57 -25.70
C VAL E 60 43.56 50.86 -26.21
N ARG E 61 42.71 50.38 -25.29
CA ARG E 61 41.41 49.85 -25.67
C ARG E 61 40.38 50.31 -24.65
N THR E 62 39.19 50.62 -25.14
CA THR E 62 38.21 51.35 -24.34
C THR E 62 36.79 50.86 -24.60
N ILE E 63 35.92 51.12 -23.63
CA ILE E 63 34.52 50.71 -23.70
C ILE E 63 33.66 51.93 -23.97
N ALA E 64 32.98 51.92 -25.12
CA ALA E 64 32.18 53.06 -25.56
C ALA E 64 30.95 53.22 -24.68
N MET E 65 30.42 54.44 -24.64
CA MET E 65 29.28 54.74 -23.80
C MET E 65 28.11 55.38 -24.53
N ASP E 66 28.06 55.26 -25.85
CA ASP E 66 26.84 55.50 -26.62
C ASP E 66 26.91 54.57 -27.82
N GLY E 67 26.08 54.83 -28.83
CA GLY E 67 26.09 53.98 -30.01
C GLY E 67 27.37 54.15 -30.81
N THR E 68 27.84 53.05 -31.35
CA THR E 68 29.14 53.00 -32.02
C THR E 68 28.94 52.97 -33.53
N GLU E 69 27.97 53.75 -34.02
CA GLU E 69 27.69 53.83 -35.45
C GLU E 69 28.20 55.15 -36.02
N GLY E 70 28.56 55.11 -37.29
CA GLY E 70 29.12 56.28 -37.93
C GLY E 70 30.52 56.65 -37.51
N LEU E 71 31.28 55.71 -36.95
CA LEU E 71 32.66 55.97 -36.57
C LEU E 71 33.58 55.49 -37.70
N VAL E 72 34.39 56.39 -38.20
CA VAL E 72 35.28 56.09 -39.31
C VAL E 72 36.66 55.75 -38.77
N ARG E 73 37.37 54.87 -39.45
CA ARG E 73 38.71 54.47 -39.05
C ARG E 73 39.72 55.57 -39.36
N GLY E 74 39.95 56.46 -38.42
CA GLY E 74 40.85 57.57 -38.65
C GLY E 74 40.41 58.86 -37.99
N GLN E 75 39.28 58.81 -37.29
CA GLN E 75 38.78 59.98 -36.60
C GLN E 75 39.72 60.38 -35.47
N LYS E 76 39.76 61.68 -35.17
CA LYS E 76 40.66 62.22 -34.17
C LYS E 76 39.91 62.38 -32.86
N VAL E 77 40.42 61.74 -31.81
CA VAL E 77 39.78 61.72 -30.49
C VAL E 77 40.76 62.29 -29.48
N LEU E 78 40.28 63.21 -28.66
CA LEU E 78 41.11 63.95 -27.72
C LEU E 78 41.26 63.18 -26.41
N ASP E 79 41.76 63.85 -25.39
CA ASP E 79 41.92 63.27 -24.07
C ASP E 79 41.64 64.32 -23.02
N SER E 80 40.73 64.03 -22.09
CA SER E 80 40.37 65.00 -21.07
C SER E 80 41.43 65.16 -19.99
N GLY E 81 42.36 64.22 -19.87
CA GLY E 81 43.36 64.33 -18.83
C GLY E 81 42.86 64.02 -17.43
N ALA E 82 41.73 63.35 -17.33
CA ALA E 82 41.06 63.03 -16.08
C ALA E 82 40.04 61.95 -16.38
N PRO E 83 39.41 61.32 -15.39
CA PRO E 83 38.27 60.44 -15.70
C PRO E 83 37.02 61.21 -16.09
N ILE E 84 35.89 60.49 -16.19
CA ILE E 84 34.61 61.12 -16.46
C ILE E 84 34.29 62.09 -15.33
N LYS E 85 34.27 63.38 -15.65
CA LYS E 85 34.00 64.41 -14.66
C LYS E 85 32.54 64.83 -14.77
N ILE E 86 31.89 64.97 -13.63
CA ILE E 86 30.44 65.20 -13.63
C ILE E 86 30.10 66.45 -12.83
N PRO E 87 29.02 67.13 -13.15
CA PRO E 87 28.57 68.25 -12.32
C PRO E 87 28.16 67.85 -10.92
N VAL E 88 28.96 68.27 -9.94
CA VAL E 88 28.75 67.94 -8.54
C VAL E 88 28.48 69.23 -7.79
N GLY E 89 27.29 69.36 -7.23
CA GLY E 89 26.95 70.58 -6.53
C GLY E 89 25.67 70.53 -5.73
N PRO E 90 25.26 71.67 -5.19
CA PRO E 90 23.97 71.77 -4.52
C PRO E 90 22.86 72.09 -5.50
N GLU E 91 23.23 72.57 -6.68
CA GLU E 91 22.27 72.88 -7.73
C GLU E 91 22.08 71.73 -8.70
N THR E 92 22.34 70.51 -8.27
CA THR E 92 22.07 69.34 -9.08
C THR E 92 20.88 68.54 -8.57
N LEU E 93 20.30 68.92 -7.43
CA LEU E 93 19.09 68.28 -6.94
C LEU E 93 17.88 68.78 -7.71
N GLY E 94 16.93 67.88 -7.93
CA GLY E 94 15.82 68.17 -8.79
C GLY E 94 16.12 68.07 -10.26
N ARG E 95 17.23 67.48 -10.64
CA ARG E 95 17.61 67.36 -12.04
C ARG E 95 17.85 65.90 -12.38
N ILE E 96 18.03 65.64 -13.67
CA ILE E 96 18.26 64.30 -14.18
C ILE E 96 19.49 64.38 -15.07
N MET E 97 20.40 63.42 -14.95
CA MET E 97 21.54 63.37 -15.84
C MET E 97 21.90 61.92 -16.11
N ASN E 98 22.56 61.69 -17.23
CA ASN E 98 23.00 60.35 -17.57
C ASN E 98 24.44 60.17 -17.06
N VAL E 99 25.14 59.14 -17.56
CA VAL E 99 26.38 58.66 -16.95
C VAL E 99 27.49 59.70 -17.08
N ILE E 100 27.40 60.60 -18.06
CA ILE E 100 28.48 61.55 -18.31
C ILE E 100 28.01 62.99 -18.11
N GLY E 101 27.09 63.19 -17.18
CA GLY E 101 26.80 64.51 -16.67
C GLY E 101 25.84 65.37 -17.45
N GLU E 102 25.51 65.00 -18.69
CA GLU E 102 24.62 65.81 -19.51
C GLU E 102 23.20 65.78 -18.96
N PRO E 103 22.53 66.93 -18.89
CA PRO E 103 21.13 66.92 -18.45
C PRO E 103 20.22 66.36 -19.52
N ILE E 104 19.21 65.58 -19.12
CA ILE E 104 18.29 64.99 -20.09
C ILE E 104 16.83 65.27 -19.75
N ASP E 105 16.56 66.11 -18.77
CA ASP E 105 15.20 66.60 -18.59
C ASP E 105 14.96 67.89 -19.35
N GLU E 106 16.02 68.45 -19.96
CA GLU E 106 15.97 69.60 -20.87
C GLU E 106 15.34 70.83 -20.21
N ARG E 107 15.70 71.04 -18.95
CA ARG E 107 15.23 72.16 -18.16
C ARG E 107 16.24 73.30 -18.13
N GLY E 108 17.32 73.19 -18.88
CA GLY E 108 18.42 74.14 -18.80
C GLY E 108 19.67 73.45 -18.32
N PRO E 109 20.85 74.00 -18.66
CA PRO E 109 22.10 73.33 -18.30
C PRO E 109 22.42 73.48 -16.83
N ILE E 110 23.10 72.47 -16.28
CA ILE E 110 23.45 72.49 -14.87
C ILE E 110 24.65 73.40 -14.66
N LYS E 111 24.42 74.54 -14.03
CA LYS E 111 25.43 75.58 -13.88
C LYS E 111 26.15 75.35 -12.56
N THR E 112 27.33 74.75 -12.63
CA THR E 112 28.06 74.33 -11.44
C THR E 112 29.50 74.80 -11.54
N LYS E 113 30.20 74.74 -10.41
CA LYS E 113 31.51 75.39 -10.31
C LYS E 113 32.66 74.40 -10.47
N GLN E 114 32.66 73.33 -9.71
CA GLN E 114 33.75 72.37 -9.75
C GLN E 114 33.20 71.00 -10.13
N PHE E 115 34.07 70.18 -10.71
CA PHE E 115 33.71 68.85 -11.17
C PHE E 115 34.44 67.83 -10.32
N ALA E 116 34.02 66.56 -10.44
CA ALA E 116 34.64 65.46 -9.73
C ALA E 116 34.68 64.25 -10.64
N ALA E 117 35.76 63.48 -10.56
CA ALA E 117 35.84 62.24 -11.32
C ALA E 117 35.12 61.12 -10.59
N ILE E 118 34.70 60.10 -11.35
CA ILE E 118 33.87 59.06 -10.77
C ILE E 118 34.66 57.91 -10.18
N HIS E 119 35.94 57.78 -10.52
CA HIS E 119 36.78 56.71 -10.01
C HIS E 119 37.68 57.24 -8.90
N ALA E 120 37.49 56.73 -7.71
CA ALA E 120 38.36 57.05 -6.58
C ALA E 120 38.77 55.77 -5.90
N GLU E 121 39.42 55.88 -4.75
CA GLU E 121 39.76 54.73 -3.93
C GLU E 121 38.93 54.76 -2.66
N ALA E 122 39.06 53.70 -1.87
CA ALA E 122 38.25 53.53 -0.68
C ALA E 122 38.70 54.50 0.41
N PRO E 123 37.86 54.71 1.43
CA PRO E 123 38.33 55.41 2.63
C PRO E 123 39.50 54.70 3.30
N GLU E 124 40.30 55.49 4.02
CA GLU E 124 41.53 54.97 4.59
C GLU E 124 41.25 54.18 5.86
N PHE E 125 42.26 53.43 6.30
CA PHE E 125 42.13 52.58 7.48
C PHE E 125 41.93 53.39 8.75
N MET E 126 42.47 54.60 8.80
CA MET E 126 42.34 55.45 9.98
C MET E 126 41.38 56.61 9.77
N GLU E 127 40.40 56.44 8.88
CA GLU E 127 39.31 57.39 8.69
C GLU E 127 37.97 56.84 9.13
N MET E 128 37.91 55.58 9.56
CA MET E 128 36.65 54.91 9.79
C MET E 128 36.00 55.39 11.09
N SER E 129 34.85 54.80 11.40
CA SER E 129 34.20 54.97 12.68
C SER E 129 34.08 53.61 13.34
N VAL E 130 34.23 53.58 14.66
CA VAL E 130 34.39 52.34 15.40
C VAL E 130 33.27 52.07 16.39
N GLU E 131 32.25 52.93 16.45
CA GLU E 131 31.10 52.74 17.31
C GLU E 131 29.84 52.72 16.45
N GLN E 132 29.18 51.56 16.40
CA GLN E 132 28.06 51.37 15.50
C GLN E 132 26.83 52.11 15.99
N GLU E 133 26.19 52.86 15.08
CA GLU E 133 25.03 53.64 15.41
C GLU E 133 23.88 53.26 14.50
N ILE E 134 22.68 53.65 14.91
CA ILE E 134 21.45 53.19 14.30
C ILE E 134 20.75 54.38 13.66
N LEU E 135 20.61 54.35 12.33
CA LEU E 135 19.94 55.41 11.58
C LEU E 135 18.44 55.20 11.69
N VAL E 136 17.78 56.02 12.50
CA VAL E 136 16.34 55.98 12.54
C VAL E 136 15.80 56.60 11.25
N THR E 137 14.77 55.98 10.69
CA THR E 137 14.02 56.56 9.59
C THR E 137 12.74 57.18 10.09
N GLY E 138 11.90 56.38 10.73
CA GLY E 138 10.68 56.86 11.32
C GLY E 138 9.55 55.87 11.12
N ILE E 139 9.78 54.92 10.23
CA ILE E 139 8.81 53.87 9.95
C ILE E 139 8.77 52.89 11.12
N LYS E 140 7.57 52.39 11.42
CA LYS E 140 7.38 51.63 12.65
C LYS E 140 7.98 50.23 12.56
N VAL E 141 7.80 49.55 11.44
CA VAL E 141 8.32 48.20 11.36
C VAL E 141 9.83 48.21 11.14
N VAL E 142 10.35 49.21 10.45
CA VAL E 142 11.74 49.17 10.04
C VAL E 142 12.65 49.57 11.20
N ASP E 143 12.19 50.49 12.04
CA ASP E 143 12.98 50.95 13.18
C ASP E 143 13.16 49.85 14.22
N LEU E 144 12.16 48.99 14.38
CA LEU E 144 12.13 48.05 15.49
C LEU E 144 12.61 46.65 15.09
N LEU E 145 11.93 46.03 14.14
CA LEU E 145 12.14 44.61 13.91
C LEU E 145 13.27 44.31 12.95
N ALA E 146 13.80 45.32 12.29
CA ALA E 146 14.95 45.15 11.41
C ALA E 146 15.65 46.49 11.23
N PRO E 147 16.38 46.98 12.23
CA PRO E 147 16.82 48.37 12.20
C PRO E 147 17.98 48.61 11.25
N TYR E 148 18.01 49.82 10.70
CA TYR E 148 19.06 50.20 9.78
C TYR E 148 20.29 50.63 10.56
N ALA E 149 21.47 50.36 10.01
CA ALA E 149 22.69 50.90 10.57
C ALA E 149 22.93 52.27 9.98
N LYS E 150 24.07 52.89 10.25
CA LYS E 150 24.50 54.08 9.53
C LYS E 150 25.79 53.75 8.82
N GLY E 151 25.81 53.99 7.51
CA GLY E 151 26.83 53.42 6.68
C GLY E 151 26.53 52.03 6.20
N GLY E 152 25.48 51.42 6.71
CA GLY E 152 25.16 50.06 6.37
C GLY E 152 24.55 49.93 4.99
N LYS E 153 24.33 48.67 4.60
CA LYS E 153 23.75 48.33 3.31
C LYS E 153 22.49 47.53 3.55
N ILE E 154 21.47 47.74 2.72
CA ILE E 154 20.15 47.16 2.91
C ILE E 154 19.80 46.37 1.66
N GLY E 155 18.98 45.35 1.82
CA GLY E 155 18.37 44.65 0.70
C GLY E 155 16.87 44.84 0.75
N LEU E 156 16.27 45.06 -0.41
CA LEU E 156 14.83 45.30 -0.53
C LEU E 156 14.24 44.28 -1.50
N PHE E 157 13.44 43.37 -0.98
CA PHE E 157 12.85 42.30 -1.76
C PHE E 157 11.37 42.54 -1.97
N GLY E 158 10.91 42.29 -3.19
CA GLY E 158 9.52 42.53 -3.54
C GLY E 158 9.41 43.40 -4.77
N GLY E 159 8.74 42.90 -5.79
CA GLY E 159 8.76 43.58 -7.08
C GLY E 159 7.72 44.67 -7.21
N ALA E 160 6.92 44.61 -8.27
CA ALA E 160 5.88 45.59 -8.51
C ALA E 160 4.54 45.04 -8.08
N GLY E 161 3.71 45.89 -7.48
CA GLY E 161 2.42 45.50 -6.98
C GLY E 161 2.35 45.29 -5.48
N VAL E 162 3.31 45.84 -4.73
CA VAL E 162 3.42 45.56 -3.29
C VAL E 162 3.38 46.80 -2.44
N GLY E 163 3.53 47.99 -3.01
CA GLY E 163 3.65 49.20 -2.20
C GLY E 163 5.09 49.60 -2.00
N LYS E 164 5.83 49.68 -3.10
CA LYS E 164 7.30 49.75 -3.12
C LYS E 164 7.83 51.16 -3.35
N THR E 165 7.38 51.82 -4.42
CA THR E 165 7.83 53.18 -4.72
C THR E 165 7.30 54.16 -3.69
N VAL E 166 6.14 53.87 -3.08
CA VAL E 166 5.66 54.71 -1.99
C VAL E 166 6.56 54.56 -0.75
N LEU E 167 7.27 53.45 -0.62
CA LEU E 167 8.24 53.33 0.46
C LEU E 167 9.51 54.12 0.18
N ILE E 168 9.92 54.18 -1.09
CA ILE E 168 11.16 54.89 -1.44
C ILE E 168 10.99 56.38 -1.20
N MET E 169 9.87 56.95 -1.63
CA MET E 169 9.66 58.39 -1.46
C MET E 169 9.38 58.75 0.00
N GLU E 170 8.87 57.83 0.79
CA GLU E 170 8.66 58.12 2.21
C GLU E 170 9.97 58.10 2.98
N LEU E 171 10.95 57.32 2.52
CA LEU E 171 12.30 57.39 3.07
C LEU E 171 12.92 58.76 2.84
N ILE E 172 12.74 59.30 1.63
CA ILE E 172 13.37 60.58 1.30
C ILE E 172 12.63 61.73 1.96
N ASN E 173 11.34 61.60 2.23
CA ASN E 173 10.65 62.62 3.00
C ASN E 173 10.67 62.33 4.50
N ASN E 174 11.67 61.59 4.98
CA ASN E 174 11.88 61.44 6.41
C ASN E 174 13.35 61.74 6.73
N VAL E 175 14.23 61.47 5.77
CA VAL E 175 15.64 61.76 5.96
C VAL E 175 15.91 63.25 5.90
N ALA E 176 15.01 64.03 5.31
CA ALA E 176 15.21 65.46 5.20
C ALA E 176 14.35 66.25 6.16
N LYS E 177 13.62 65.58 7.03
CA LYS E 177 12.82 66.25 8.04
C LYS E 177 13.39 66.13 9.44
N ALA E 178 14.40 65.29 9.65
CA ALA E 178 15.08 65.25 10.93
C ALA E 178 16.59 65.12 10.81
N HIS E 179 17.14 64.78 9.65
CA HIS E 179 18.56 64.50 9.52
C HIS E 179 19.30 65.46 8.60
N GLY E 180 18.67 65.94 7.53
CA GLY E 180 19.25 66.99 6.74
C GLY E 180 20.17 66.56 5.63
N GLY E 181 20.25 65.27 5.34
CA GLY E 181 21.08 64.78 4.26
C GLY E 181 20.25 64.47 3.05
N TYR E 182 20.68 64.97 1.90
CA TYR E 182 19.97 64.70 0.67
C TYR E 182 20.29 63.29 0.17
N SER E 183 19.73 62.92 -0.96
CA SER E 183 19.82 61.55 -1.45
C SER E 183 20.23 61.56 -2.90
N VAL E 184 20.35 60.37 -3.46
CA VAL E 184 20.54 60.15 -4.88
C VAL E 184 19.65 58.96 -5.24
N PHE E 185 19.00 59.02 -6.40
CA PHE E 185 18.48 57.84 -7.06
C PHE E 185 19.40 57.46 -8.20
N ALA E 186 19.69 56.18 -8.34
CA ALA E 186 20.57 55.72 -9.43
C ALA E 186 19.94 54.48 -10.06
N GLY E 187 19.07 54.68 -11.04
CA GLY E 187 18.47 53.56 -11.74
C GLY E 187 19.47 52.96 -12.69
N VAL E 188 19.81 51.69 -12.49
CA VAL E 188 20.81 51.01 -13.31
C VAL E 188 20.08 50.15 -14.32
N GLY E 189 20.14 50.53 -15.58
CA GLY E 189 19.52 49.75 -16.64
C GLY E 189 18.00 49.73 -16.56
N GLU E 190 17.38 50.84 -16.17
CA GLU E 190 15.97 50.85 -15.84
C GLU E 190 15.13 51.00 -17.10
N ARG E 191 13.83 50.79 -16.97
CA ARG E 191 12.88 50.96 -18.07
C ARG E 191 12.59 52.43 -18.32
N THR E 192 12.59 52.81 -19.60
CA THR E 192 12.31 54.19 -19.97
C THR E 192 10.85 54.54 -19.74
N ARG E 193 9.97 53.55 -19.85
CA ARG E 193 8.55 53.76 -19.60
C ARG E 193 8.27 54.03 -18.12
N GLU E 194 9.07 53.44 -17.24
CA GLU E 194 8.86 53.56 -15.80
C GLU E 194 9.79 54.59 -15.16
N GLY E 195 10.76 55.12 -15.91
CA GLY E 195 11.47 56.28 -15.44
C GLY E 195 10.65 57.54 -15.48
N ASN E 196 9.60 57.56 -16.29
CA ASN E 196 8.72 58.72 -16.40
C ASN E 196 7.58 58.70 -15.41
N ASP E 197 7.03 57.53 -15.07
CA ASP E 197 6.05 57.48 -13.99
C ASP E 197 6.70 57.62 -12.63
N LEU E 198 8.02 57.46 -12.55
CA LEU E 198 8.74 57.75 -11.32
C LEU E 198 8.98 59.24 -11.19
N TYR E 199 9.43 59.87 -12.28
CA TYR E 199 9.58 61.32 -12.34
C TYR E 199 8.25 62.02 -12.08
N HIS E 200 7.18 61.60 -12.75
CA HIS E 200 5.94 62.35 -12.67
C HIS E 200 5.16 62.08 -11.40
N GLU E 201 5.50 61.03 -10.66
CA GLU E 201 4.96 60.83 -9.32
C GLU E 201 5.75 61.59 -8.29
N MET E 202 7.05 61.74 -8.51
CA MET E 202 7.89 62.49 -7.60
C MET E 202 7.58 63.97 -7.64
N ILE E 203 7.09 64.48 -8.79
CA ILE E 203 6.74 65.89 -8.91
C ILE E 203 5.49 66.19 -8.09
N GLU E 204 4.46 65.36 -8.23
CA GLU E 204 3.19 65.59 -7.56
C GLU E 204 3.20 65.16 -6.11
N SER E 205 4.31 64.60 -5.61
CA SER E 205 4.40 64.20 -4.22
C SER E 205 5.23 65.15 -3.39
N GLY E 206 6.11 65.93 -4.00
CA GLY E 206 6.78 67.02 -3.31
C GLY E 206 8.27 66.87 -3.14
N VAL E 207 8.90 65.83 -3.67
CA VAL E 207 10.33 65.68 -3.44
C VAL E 207 11.14 66.39 -4.51
N ILE E 208 10.69 66.42 -5.77
CA ILE E 208 11.32 67.23 -6.80
C ILE E 208 10.36 68.36 -7.14
N ASN E 209 10.89 69.57 -7.27
CA ASN E 209 10.07 70.75 -7.45
C ASN E 209 10.69 71.58 -8.56
N LEU E 210 9.92 71.83 -9.62
CA LEU E 210 10.41 72.43 -10.85
C LEU E 210 10.37 73.95 -10.84
N LYS E 211 10.42 74.57 -9.66
CA LYS E 211 10.29 76.03 -9.58
C LYS E 211 11.41 76.68 -8.79
N ASP E 212 11.98 75.99 -7.81
CA ASP E 212 12.76 76.68 -6.80
C ASP E 212 13.90 75.79 -6.33
N ALA E 213 14.47 76.11 -5.17
CA ALA E 213 15.57 75.39 -4.55
C ALA E 213 15.10 74.47 -3.42
N THR E 214 13.98 73.78 -3.62
CA THR E 214 13.35 72.98 -2.58
C THR E 214 13.17 71.55 -3.07
N SER E 215 14.25 70.96 -3.59
CA SER E 215 14.27 69.57 -3.99
C SER E 215 15.07 68.72 -3.00
N LYS E 216 14.93 67.41 -3.14
CA LYS E 216 15.60 66.50 -2.22
C LYS E 216 16.35 65.38 -2.94
N VAL E 217 15.91 64.99 -4.12
CA VAL E 217 16.46 63.83 -4.80
C VAL E 217 17.23 64.32 -6.02
N ALA E 218 18.24 63.56 -6.43
CA ALA E 218 19.02 63.88 -7.61
C ALA E 218 19.05 62.64 -8.50
N LEU E 219 18.14 62.59 -9.46
CA LEU E 219 17.99 61.42 -10.31
C LEU E 219 19.17 61.28 -11.27
N VAL E 220 19.71 60.07 -11.39
CA VAL E 220 20.77 59.76 -12.35
C VAL E 220 20.31 58.53 -13.11
N TYR E 221 19.76 58.70 -14.31
CA TYR E 221 19.12 57.61 -15.03
C TYR E 221 20.03 57.10 -16.14
N GLY E 222 20.63 55.93 -15.94
CA GLY E 222 21.17 55.14 -17.01
C GLY E 222 20.14 54.09 -17.35
N GLN E 223 19.71 54.07 -18.60
CA GLN E 223 18.52 53.32 -18.96
C GLN E 223 18.87 52.15 -19.87
N MET E 224 17.85 51.33 -20.11
CA MET E 224 18.06 49.95 -20.56
C MET E 224 18.53 49.85 -22.00
N ASN E 225 18.41 50.90 -22.80
CA ASN E 225 18.80 50.81 -24.20
C ASN E 225 20.16 51.45 -24.47
N GLU E 226 20.94 51.72 -23.42
CA GLU E 226 22.28 52.29 -23.37
C GLU E 226 23.31 51.20 -23.15
N PRO E 227 24.43 51.28 -23.87
CA PRO E 227 25.33 50.11 -24.08
C PRO E 227 25.92 49.59 -22.78
N PRO E 228 26.42 48.33 -22.74
CA PRO E 228 26.80 47.73 -21.46
C PRO E 228 27.97 48.42 -20.77
N GLY E 229 28.84 49.09 -21.53
CA GLY E 229 29.89 49.88 -20.91
C GLY E 229 29.35 51.06 -20.14
N ALA E 230 28.18 51.56 -20.52
CA ALA E 230 27.56 52.69 -19.85
C ALA E 230 26.46 52.27 -18.88
N ARG E 231 26.33 50.98 -18.61
CA ARG E 231 25.37 50.52 -17.62
C ARG E 231 26.03 50.13 -16.31
N ALA E 232 27.29 49.72 -16.35
CA ALA E 232 28.00 49.40 -15.11
C ALA E 232 28.36 50.67 -14.35
N ARG E 233 28.72 51.74 -15.06
CA ARG E 233 29.22 52.98 -14.49
C ARG E 233 28.13 53.91 -14.00
N VAL E 234 26.91 53.43 -13.76
CA VAL E 234 25.86 54.33 -13.35
C VAL E 234 25.78 54.39 -11.82
N ALA E 235 26.23 53.35 -11.14
CA ALA E 235 26.24 53.38 -9.70
C ALA E 235 27.45 54.12 -9.16
N LEU E 236 28.46 54.36 -9.99
CA LEU E 236 29.59 55.18 -9.56
C LEU E 236 29.28 56.66 -9.72
N THR E 237 28.52 57.02 -10.74
CA THR E 237 28.12 58.40 -10.98
C THR E 237 27.05 58.85 -9.99
N GLY E 238 26.25 57.92 -9.50
CA GLY E 238 25.33 58.20 -8.43
C GLY E 238 25.93 58.04 -7.07
N LEU E 239 27.18 57.58 -7.01
CA LEU E 239 27.94 57.58 -5.76
C LEU E 239 28.80 58.83 -5.65
N THR E 240 29.33 59.28 -6.79
CA THR E 240 30.16 60.47 -6.84
C THR E 240 29.37 61.71 -6.45
N VAL E 241 28.10 61.77 -6.83
CA VAL E 241 27.24 62.87 -6.42
C VAL E 241 26.96 62.77 -4.93
N ALA E 242 26.89 61.56 -4.40
CA ALA E 242 26.49 61.31 -3.02
C ALA E 242 27.58 61.61 -2.01
N GLU E 243 28.78 62.02 -2.44
CA GLU E 243 29.87 62.26 -1.52
C GLU E 243 30.09 63.73 -1.22
N TYR E 244 29.63 64.64 -2.09
CA TYR E 244 29.66 66.06 -1.77
C TYR E 244 28.82 66.37 -0.54
N PHE E 245 27.75 65.63 -0.33
CA PHE E 245 26.95 65.78 0.87
C PHE E 245 27.44 64.90 2.00
N ARG E 246 28.60 64.27 1.82
CA ARG E 246 29.35 63.65 2.90
C ARG E 246 30.68 64.35 3.12
N ASP E 247 31.49 64.48 2.07
CA ASP E 247 32.80 65.11 2.21
C ASP E 247 32.66 66.62 2.36
N GLN E 248 32.11 67.27 1.34
CA GLN E 248 32.14 68.71 1.26
C GLN E 248 31.04 69.39 2.06
N GLU E 249 30.11 68.64 2.66
CA GLU E 249 29.09 69.28 3.46
C GLU E 249 28.89 68.61 4.81
N GLY E 250 29.18 67.32 4.91
CA GLY E 250 28.96 66.61 6.15
C GLY E 250 27.51 66.38 6.52
N GLN E 251 26.82 65.52 5.77
CA GLN E 251 25.45 65.13 6.07
C GLN E 251 25.32 63.62 5.96
N ASP E 252 24.11 63.13 6.18
CA ASP E 252 23.81 61.69 6.19
C ASP E 252 23.09 61.30 4.90
N VAL E 253 23.87 60.98 3.88
CA VAL E 253 23.34 60.71 2.54
C VAL E 253 22.62 59.38 2.52
N LEU E 254 21.60 59.28 1.65
CA LEU E 254 21.01 58.02 1.21
C LEU E 254 21.34 57.79 -0.26
N LEU E 255 21.10 56.58 -0.74
CA LEU E 255 21.45 56.23 -2.11
C LEU E 255 20.67 54.99 -2.50
N PHE E 256 19.84 55.08 -3.53
CA PHE E 256 19.02 53.96 -3.99
C PHE E 256 19.54 53.46 -5.32
N ILE E 257 19.72 52.15 -5.42
CA ILE E 257 20.16 51.51 -6.66
C ILE E 257 19.08 50.52 -7.05
N ASP E 258 18.60 50.61 -8.28
CA ASP E 258 17.49 49.78 -8.76
C ASP E 258 17.89 49.15 -10.09
N ASN E 259 18.40 47.92 -10.07
CA ASN E 259 18.64 47.16 -8.85
C ASN E 259 20.02 46.56 -8.90
N ILE E 260 20.42 45.89 -7.81
CA ILE E 260 21.80 45.45 -7.65
C ILE E 260 22.15 44.25 -8.52
N PHE E 261 21.18 43.64 -9.20
CA PHE E 261 21.47 42.56 -10.13
C PHE E 261 21.86 43.08 -11.51
N ARG E 262 21.27 44.20 -11.93
CA ARG E 262 21.61 44.75 -13.24
C ARG E 262 22.94 45.47 -13.24
N PHE E 263 23.45 45.83 -12.06
CA PHE E 263 24.85 46.26 -11.95
C PHE E 263 25.77 45.08 -12.23
N THR E 264 25.45 43.92 -11.65
CA THR E 264 26.24 42.72 -11.76
C THR E 264 26.18 42.11 -13.16
N GLN E 265 24.99 42.08 -13.74
CA GLN E 265 24.79 41.51 -15.06
C GLN E 265 25.49 42.33 -16.13
N ALA E 266 25.58 43.64 -15.95
CA ALA E 266 26.26 44.48 -16.93
C ALA E 266 27.77 44.39 -16.83
N GLY E 267 28.31 44.04 -15.66
CA GLY E 267 29.74 43.80 -15.56
C GLY E 267 30.17 42.56 -16.29
N SER E 268 29.29 41.56 -16.38
CA SER E 268 29.59 40.34 -17.10
C SER E 268 29.52 40.52 -18.59
N GLU E 269 28.87 41.57 -19.07
CA GLU E 269 28.81 41.85 -20.49
C GLU E 269 30.02 42.61 -20.98
N VAL E 270 30.52 43.56 -20.16
CA VAL E 270 31.77 44.24 -20.46
C VAL E 270 32.92 43.26 -20.47
N SER E 271 32.98 42.39 -19.45
CA SER E 271 34.08 41.46 -19.28
C SER E 271 34.11 40.38 -20.34
N ALA E 272 32.99 40.14 -21.00
CA ALA E 272 32.94 39.14 -22.07
C ALA E 272 33.08 39.76 -23.44
N LEU E 273 32.98 41.09 -23.56
CA LEU E 273 33.29 41.74 -24.82
C LEU E 273 34.78 41.96 -24.98
N LEU E 274 35.53 41.99 -23.89
CA LEU E 274 36.98 42.10 -23.93
C LEU E 274 37.62 40.76 -24.25
N GLY E 275 37.18 39.70 -23.58
CA GLY E 275 37.66 38.37 -23.91
C GLY E 275 37.97 37.49 -22.72
N ARG E 276 37.70 37.98 -21.51
CA ARG E 276 38.06 37.23 -20.31
C ARG E 276 37.18 36.00 -20.13
N ILE E 277 37.81 34.90 -19.76
CA ILE E 277 37.17 33.58 -19.60
C ILE E 277 36.27 33.61 -18.37
N PRO E 278 35.01 33.17 -18.46
CA PRO E 278 34.08 33.35 -17.35
C PRO E 278 34.29 32.37 -16.21
N SER E 279 33.74 32.75 -15.07
CA SER E 279 33.81 32.11 -13.76
C SER E 279 32.84 30.94 -13.67
N ALA E 280 32.38 30.64 -12.45
CA ALA E 280 31.18 29.85 -12.22
C ALA E 280 29.96 30.57 -12.78
N VAL E 281 28.75 30.05 -12.61
CA VAL E 281 27.74 29.79 -13.65
C VAL E 281 27.70 30.61 -14.95
N GLY E 282 28.53 31.64 -15.11
CA GLY E 282 28.62 32.39 -16.34
C GLY E 282 29.05 33.81 -16.13
N TYR E 283 29.19 34.21 -14.85
CA TYR E 283 29.61 35.54 -14.49
C TYR E 283 31.09 35.76 -14.80
N GLN E 284 31.57 36.90 -14.46
CA GLN E 284 32.89 37.38 -14.76
C GLN E 284 33.87 36.97 -13.65
N PRO E 285 35.18 36.84 -13.95
CA PRO E 285 36.10 36.39 -12.90
C PRO E 285 36.27 37.38 -11.77
N THR E 286 36.11 38.66 -12.06
CA THR E 286 36.37 39.75 -11.11
C THR E 286 35.11 40.14 -10.38
N LEU E 287 34.26 39.17 -10.07
CA LEU E 287 32.91 39.44 -9.60
C LEU E 287 32.88 40.00 -8.20
N ALA E 288 33.78 39.55 -7.34
CA ALA E 288 33.76 40.03 -5.96
C ALA E 288 34.58 41.29 -5.75
N THR E 289 35.63 41.50 -6.56
CA THR E 289 36.38 42.74 -6.48
C THR E 289 35.61 43.91 -7.08
N ASP E 290 34.91 43.66 -8.19
CA ASP E 290 34.10 44.71 -8.82
C ASP E 290 32.97 45.14 -7.91
N MET E 291 32.38 44.20 -7.19
CA MET E 291 31.41 44.58 -6.17
C MET E 291 32.13 45.18 -4.97
N GLY E 292 33.39 44.81 -4.75
CA GLY E 292 34.13 45.34 -3.61
C GLY E 292 34.43 46.82 -3.77
N THR E 293 34.98 47.22 -4.91
CA THR E 293 35.38 48.60 -5.13
C THR E 293 34.20 49.55 -5.25
N MET E 294 32.99 49.04 -5.48
CA MET E 294 31.82 49.89 -5.40
C MET E 294 31.26 49.92 -3.98
N GLN E 295 31.20 48.78 -3.31
CA GLN E 295 30.52 48.72 -2.02
C GLN E 295 31.39 49.19 -0.88
N GLU E 296 32.69 49.34 -1.10
CA GLU E 296 33.55 49.82 -0.02
C GLU E 296 33.59 51.33 0.08
N ARG E 297 33.12 52.04 -0.94
CA ARG E 297 33.09 53.49 -0.87
C ARG E 297 31.88 54.01 -0.12
N ILE E 298 31.04 53.13 0.43
CA ILE E 298 29.89 53.53 1.22
C ILE E 298 30.19 53.22 2.69
N THR E 299 30.81 54.15 3.40
CA THR E 299 31.13 53.94 4.81
C THR E 299 30.72 55.13 5.63
N THR E 300 31.13 55.15 6.88
CA THR E 300 30.88 56.25 7.81
C THR E 300 32.23 56.85 8.18
N THR E 301 32.68 57.85 7.43
CA THR E 301 33.94 58.50 7.74
C THR E 301 33.73 59.49 8.89
N LYS E 302 34.76 60.28 9.20
CA LYS E 302 34.68 61.18 10.33
C LYS E 302 33.88 62.43 10.01
N LYS E 303 33.83 62.83 8.73
CA LYS E 303 33.04 64.00 8.35
C LYS E 303 31.54 63.67 8.35
N GLY E 304 31.14 62.73 7.51
CA GLY E 304 29.76 62.29 7.45
C GLY E 304 29.64 60.81 7.20
N SER E 305 28.75 60.41 6.28
CA SER E 305 28.54 59.01 5.96
C SER E 305 27.79 58.91 4.65
N ILE E 306 27.77 57.72 4.08
CA ILE E 306 26.82 57.37 3.03
C ILE E 306 26.07 56.13 3.51
N THR E 307 24.76 56.16 3.46
CA THR E 307 23.97 54.96 3.65
C THR E 307 23.57 54.46 2.26
N SER E 308 23.14 53.21 2.16
CA SER E 308 22.70 52.68 0.87
C SER E 308 21.45 51.83 1.08
N VAL E 309 20.61 51.75 0.06
CA VAL E 309 19.41 50.92 0.02
C VAL E 309 19.31 50.33 -1.37
N GLN E 310 19.39 49.01 -1.49
CA GLN E 310 19.54 48.37 -2.79
C GLN E 310 18.49 47.28 -2.94
N ALA E 311 17.82 47.25 -4.08
CA ALA E 311 16.87 46.18 -4.36
C ALA E 311 17.60 45.01 -4.99
N ILE E 312 17.16 43.79 -4.67
CA ILE E 312 17.85 42.57 -5.10
C ILE E 312 16.86 41.67 -5.83
N TYR E 313 17.30 41.12 -6.96
CA TYR E 313 16.54 40.12 -7.71
C TYR E 313 17.25 38.79 -7.62
N VAL E 314 16.54 37.76 -7.16
CA VAL E 314 17.10 36.44 -6.92
C VAL E 314 16.73 35.55 -8.09
N PRO E 315 17.67 35.17 -8.95
CA PRO E 315 17.31 34.45 -10.18
C PRO E 315 17.02 32.98 -9.92
N ALA E 316 15.90 32.51 -10.50
CA ALA E 316 15.47 31.11 -10.48
C ALA E 316 15.24 30.57 -9.07
N ASP E 317 14.86 31.47 -8.16
CA ASP E 317 14.60 31.17 -6.73
C ASP E 317 15.82 30.55 -6.04
N ASP E 318 17.01 30.86 -6.51
CA ASP E 318 18.24 30.21 -6.09
C ASP E 318 19.01 31.16 -5.19
N LEU E 319 18.86 31.01 -3.88
CA LEU E 319 19.55 31.90 -2.96
C LEU E 319 21.04 31.61 -2.85
N THR E 320 21.56 30.58 -3.51
CA THR E 320 22.99 30.30 -3.54
C THR E 320 23.57 30.52 -4.92
N ASP E 321 22.87 31.28 -5.76
CA ASP E 321 23.40 31.66 -7.05
C ASP E 321 24.59 32.60 -6.85
N PRO E 322 25.58 32.57 -7.76
CA PRO E 322 26.81 33.38 -7.53
C PRO E 322 26.59 34.88 -7.40
N ALA E 323 25.56 35.44 -8.02
CA ALA E 323 25.36 36.88 -7.87
C ALA E 323 24.66 37.29 -6.57
N PRO E 324 23.59 36.63 -6.08
CA PRO E 324 23.10 37.01 -4.75
C PRO E 324 23.89 36.44 -3.59
N ALA E 325 24.74 35.43 -3.82
CA ALA E 325 25.68 35.02 -2.78
C ALA E 325 26.68 36.14 -2.48
N THR E 326 27.26 36.72 -3.53
CA THR E 326 28.27 37.76 -3.37
C THR E 326 27.68 39.05 -2.82
N THR E 327 26.42 39.33 -3.13
CA THR E 327 25.80 40.55 -2.63
C THR E 327 25.40 40.40 -1.17
N PHE E 328 25.04 39.19 -0.74
CA PHE E 328 24.67 38.96 0.65
C PHE E 328 25.86 39.05 1.60
N ALA E 329 27.08 38.93 1.08
CA ALA E 329 28.27 39.06 1.91
C ALA E 329 28.49 40.48 2.40
N HIS E 330 27.85 41.46 1.77
CA HIS E 330 28.00 42.87 2.14
C HIS E 330 26.82 43.42 2.90
N LEU E 331 25.71 42.70 3.01
CA LEU E 331 24.49 43.30 3.54
C LEU E 331 24.50 43.35 5.06
N ASP E 332 23.83 44.36 5.59
CA ASP E 332 23.61 44.50 7.01
C ASP E 332 22.14 44.40 7.41
N ALA E 333 21.25 44.20 6.45
CA ALA E 333 19.83 44.08 6.71
C ALA E 333 19.17 43.42 5.51
N THR E 334 17.88 43.14 5.65
CA THR E 334 17.02 42.79 4.53
C THR E 334 15.66 43.41 4.77
N THR E 335 14.92 43.66 3.69
CA THR E 335 13.52 44.03 3.78
C THR E 335 12.77 43.23 2.72
N VAL E 336 11.68 42.59 3.12
CA VAL E 336 10.89 41.75 2.23
C VAL E 336 9.48 42.31 2.12
N LEU E 337 9.08 42.60 0.88
CA LEU E 337 7.72 43.00 0.57
C LEU E 337 7.02 41.81 -0.07
N SER E 338 5.94 41.36 0.54
CA SER E 338 5.25 40.14 0.10
C SER E 338 3.82 40.48 -0.28
N ARG E 339 3.22 39.60 -1.07
CA ARG E 339 1.92 39.89 -1.66
C ARG E 339 0.80 39.72 -0.63
N ALA E 340 1.03 38.91 0.40
CA ALA E 340 -0.05 38.50 1.28
C ALA E 340 -0.39 39.57 2.31
N ILE E 341 0.61 40.33 2.76
CA ILE E 341 0.37 41.31 3.84
C ILE E 341 -0.38 42.52 3.29
N ALA E 342 -0.32 42.74 1.98
CA ALA E 342 -1.14 43.79 1.38
C ALA E 342 -2.62 43.44 1.40
N GLU E 343 -2.94 42.14 1.37
CA GLU E 343 -4.33 41.71 1.36
C GLU E 343 -4.99 41.95 2.71
N LEU E 344 -4.21 41.95 3.77
CA LEU E 344 -4.77 42.19 5.09
C LEU E 344 -5.12 43.66 5.28
N GLY E 345 -4.56 44.53 4.44
CA GLY E 345 -4.81 45.96 4.54
C GLY E 345 -3.72 46.74 5.23
N ILE E 346 -2.52 46.17 5.36
CA ILE E 346 -1.48 46.72 6.22
C ILE E 346 -0.41 47.38 5.35
N TYR E 347 -0.05 48.62 5.69
CA TYR E 347 0.83 49.42 4.87
C TYR E 347 1.94 50.05 5.70
N PRO E 348 3.22 49.90 5.30
CA PRO E 348 3.78 49.23 4.13
C PRO E 348 3.79 47.70 4.25
N ALA E 349 3.83 47.02 3.12
CA ALA E 349 3.69 45.57 3.12
C ALA E 349 5.01 44.93 3.54
N VAL E 350 5.25 44.87 4.85
CA VAL E 350 6.52 44.36 5.37
C VAL E 350 6.25 43.08 6.15
N ASP E 351 7.02 42.04 5.82
CA ASP E 351 6.89 40.72 6.44
C ASP E 351 7.79 40.67 7.67
N PRO E 352 7.26 40.75 8.89
CA PRO E 352 8.15 40.93 10.05
C PRO E 352 8.79 39.64 10.53
N LEU E 353 8.58 38.51 9.83
CA LEU E 353 9.24 37.27 10.23
C LEU E 353 10.38 36.92 9.29
N ASP E 354 10.38 37.45 8.08
CA ASP E 354 11.41 37.15 7.09
C ASP E 354 12.31 38.34 6.77
N SER E 355 12.18 39.45 7.50
CA SER E 355 13.04 40.60 7.35
C SER E 355 14.00 40.64 8.53
N THR E 356 15.30 40.71 8.24
CA THR E 356 16.34 40.50 9.22
C THR E 356 17.13 41.80 9.42
N SER E 357 18.08 41.77 10.35
CA SER E 357 19.07 42.82 10.51
C SER E 357 20.25 42.24 11.29
N ARG E 358 21.46 42.47 10.77
CA ARG E 358 22.64 41.84 11.34
C ARG E 358 23.02 42.49 12.67
N ILE E 359 22.59 43.72 12.90
CA ILE E 359 22.99 44.40 14.13
C ILE E 359 21.95 44.15 15.23
N MET E 360 21.05 43.20 15.00
CA MET E 360 20.12 42.80 16.05
C MET E 360 20.88 42.02 17.12
N ASP E 361 21.35 42.74 18.14
CA ASP E 361 22.25 42.21 19.15
C ASP E 361 22.29 43.20 20.29
N PRO E 362 22.28 42.76 21.56
CA PRO E 362 22.14 43.73 22.67
C PRO E 362 23.33 44.62 22.89
N ASN E 363 24.50 44.27 22.36
CA ASN E 363 25.65 45.15 22.50
C ASN E 363 25.58 46.35 21.57
N ILE E 364 24.83 46.24 20.48
CA ILE E 364 24.72 47.31 19.47
C ILE E 364 23.47 48.14 19.67
N VAL E 365 22.33 47.50 19.86
CA VAL E 365 21.07 48.21 19.99
C VAL E 365 20.64 48.46 21.44
N GLY E 366 21.30 47.83 22.40
CA GLY E 366 20.97 48.04 23.80
C GLY E 366 20.18 46.88 24.38
N SER E 367 19.83 47.03 25.65
CA SER E 367 19.08 45.98 26.33
C SER E 367 17.58 46.15 26.20
N GLU E 368 17.08 47.39 26.19
CA GLU E 368 15.64 47.59 26.09
C GLU E 368 15.12 47.27 24.70
N HIS E 369 15.88 47.64 23.66
CA HIS E 369 15.43 47.40 22.30
C HIS E 369 15.53 45.94 21.90
N TYR E 370 16.39 45.14 22.54
CA TYR E 370 16.49 43.74 22.15
C TYR E 370 15.38 42.90 22.75
N ASP E 371 15.06 43.12 24.02
CA ASP E 371 14.03 42.33 24.70
C ASP E 371 12.60 42.81 24.40
N VAL E 372 12.40 43.62 23.37
CA VAL E 372 11.09 43.89 22.81
C VAL E 372 10.96 43.33 21.40
N ALA E 373 11.97 43.54 20.56
CA ALA E 373 11.98 42.99 19.21
C ALA E 373 12.32 41.51 19.19
N ARG E 374 12.57 40.89 20.34
CA ARG E 374 12.57 39.45 20.49
C ARG E 374 11.28 38.95 21.12
N GLY E 375 10.58 39.80 21.86
CA GLY E 375 9.27 39.47 22.39
C GLY E 375 8.18 39.56 21.35
N VAL E 376 8.09 40.68 20.62
CA VAL E 376 7.11 40.81 19.55
C VAL E 376 7.45 39.99 18.33
N GLN E 377 8.68 39.49 18.24
CA GLN E 377 9.01 38.50 17.22
C GLN E 377 8.53 37.12 17.60
N LYS E 378 8.31 36.88 18.89
CA LYS E 378 7.89 35.58 19.41
C LYS E 378 6.39 35.39 19.34
N ILE E 379 5.61 36.43 19.68
CA ILE E 379 4.16 36.35 19.72
C ILE E 379 3.54 36.16 18.35
N LEU E 380 4.26 36.46 17.27
CA LEU E 380 3.75 36.26 15.92
C LEU E 380 4.22 34.96 15.30
N GLN E 381 4.98 34.13 16.03
CA GLN E 381 5.42 32.84 15.50
C GLN E 381 4.45 31.71 15.83
N ASP E 382 3.86 31.73 17.03
CA ASP E 382 2.93 30.69 17.42
C ASP E 382 1.56 30.89 16.79
N TYR E 383 1.22 32.14 16.46
CA TYR E 383 -0.03 32.42 15.77
C TYR E 383 -0.01 31.84 14.35
N LYS E 384 1.15 31.79 13.72
CA LYS E 384 1.26 31.10 12.44
C LYS E 384 1.15 29.59 12.61
N SER E 385 1.49 29.07 13.79
CA SER E 385 1.33 27.65 14.06
C SER E 385 -0.13 27.27 14.27
N LEU E 386 -0.80 27.96 15.18
CA LEU E 386 -2.21 27.70 15.47
C LEU E 386 -3.16 28.48 14.56
N GLN E 387 -2.68 28.87 13.38
CA GLN E 387 -3.53 29.27 12.27
C GLN E 387 -4.02 28.05 11.49
N ASP E 388 -3.71 26.85 11.99
CA ASP E 388 -4.20 25.59 11.46
C ASP E 388 -5.17 24.88 12.40
N ILE E 389 -4.86 24.90 13.71
CA ILE E 389 -5.73 24.28 14.72
C ILE E 389 -7.07 24.99 14.78
N ILE E 390 -7.05 26.33 14.76
CA ILE E 390 -8.29 27.11 14.68
C ILE E 390 -8.92 27.01 13.30
N ALA E 391 -8.20 26.51 12.29
CA ALA E 391 -8.72 26.37 10.94
C ALA E 391 -9.31 24.99 10.67
N ILE E 392 -9.14 24.04 11.59
CA ILE E 392 -9.72 22.70 11.43
C ILE E 392 -10.60 22.35 12.62
N LEU E 393 -10.07 22.47 13.83
CA LEU E 393 -10.78 22.00 15.01
C LEU E 393 -11.89 22.97 15.41
N GLY E 394 -11.58 24.24 15.56
CA GLY E 394 -12.61 25.21 15.87
C GLY E 394 -12.06 26.38 16.66
N MET E 395 -12.98 27.16 17.21
CA MET E 395 -12.63 28.42 17.85
C MET E 395 -12.60 28.35 19.37
N ASP E 396 -13.68 27.92 20.02
CA ASP E 396 -13.74 27.90 21.48
C ASP E 396 -12.95 26.76 22.10
N GLU E 397 -12.39 25.87 21.28
CA GLU E 397 -11.70 24.68 21.74
C GLU E 397 -10.23 24.94 22.07
N LEU E 398 -9.70 26.10 21.71
CA LEU E 398 -8.40 26.50 22.21
C LEU E 398 -8.55 26.98 23.65
N SER E 399 -7.44 26.97 24.39
CA SER E 399 -7.50 27.23 25.81
C SER E 399 -7.78 28.72 26.10
N GLU E 400 -8.00 29.02 27.38
CA GLU E 400 -8.21 30.40 27.79
C GLU E 400 -6.92 31.20 27.77
N GLU E 401 -5.78 30.54 27.88
CA GLU E 401 -4.51 31.19 27.64
C GLU E 401 -4.15 31.21 26.15
N ASP E 402 -5.00 30.63 25.31
CA ASP E 402 -4.89 30.76 23.88
C ASP E 402 -5.93 31.73 23.33
N LYS E 403 -6.77 32.30 24.19
CA LYS E 403 -7.58 33.45 23.82
C LYS E 403 -6.86 34.76 24.08
N LEU E 404 -5.60 34.70 24.48
CA LEU E 404 -4.74 35.86 24.59
C LEU E 404 -3.64 35.90 23.53
N THR E 405 -3.25 34.75 22.98
CA THR E 405 -2.40 34.74 21.79
C THR E 405 -3.20 34.95 20.50
N VAL E 406 -4.52 35.01 20.60
CA VAL E 406 -5.35 35.47 19.50
C VAL E 406 -5.45 36.99 19.54
N SER E 407 -5.58 37.56 20.73
CA SER E 407 -5.67 39.01 20.88
C SER E 407 -4.33 39.68 20.59
N ARG E 408 -3.29 39.32 21.33
CA ARG E 408 -2.02 40.03 21.28
C ARG E 408 -1.13 39.60 20.11
N ALA E 409 -1.62 38.78 19.19
CA ALA E 409 -1.02 38.64 17.87
C ALA E 409 -1.94 39.19 16.78
N ARG E 410 -3.01 39.87 17.18
CA ARG E 410 -3.87 40.65 16.30
C ARG E 410 -3.74 42.14 16.56
N LYS E 411 -3.61 42.53 17.82
CA LYS E 411 -3.42 43.93 18.15
C LYS E 411 -2.07 44.46 17.72
N ILE E 412 -1.06 43.58 17.60
CA ILE E 412 0.29 44.00 17.23
C ILE E 412 0.47 44.12 15.73
N GLN E 413 0.01 43.15 14.93
CA GLN E 413 0.31 43.21 13.49
C GLN E 413 -0.58 44.16 12.72
N ARG E 414 -1.42 44.95 13.41
CA ARG E 414 -2.04 46.13 12.84
C ARG E 414 -1.31 47.41 13.24
N PHE E 415 -0.65 47.42 14.39
CA PHE E 415 0.21 48.53 14.78
C PHE E 415 1.55 48.51 14.06
N LEU E 416 1.79 47.57 13.15
CA LEU E 416 2.85 47.68 12.15
C LEU E 416 2.41 48.40 10.89
N SER E 417 1.36 49.21 10.96
CA SER E 417 0.87 49.98 9.83
C SER E 417 0.94 51.46 10.16
N GLN E 418 1.06 52.29 9.12
CA GLN E 418 1.44 53.67 9.28
C GLN E 418 0.98 54.51 8.10
N PRO E 419 0.31 55.63 8.36
CA PRO E 419 -0.09 56.50 7.25
C PRO E 419 1.08 57.32 6.73
N PHE E 420 1.47 57.09 5.48
CA PHE E 420 2.63 57.76 4.92
C PHE E 420 2.32 59.23 4.63
N GLN E 421 3.37 60.00 4.32
CA GLN E 421 3.20 61.42 4.11
C GLN E 421 3.25 61.77 2.62
N VAL E 422 3.94 60.96 1.82
CA VAL E 422 4.10 61.28 0.40
C VAL E 422 2.84 60.92 -0.38
N ALA E 423 2.04 60.00 0.15
CA ALA E 423 0.69 59.74 -0.37
C ALA E 423 -0.32 60.47 0.51
N GLU E 424 -0.30 61.79 0.39
CA GLU E 424 -1.11 62.63 1.28
C GLU E 424 -2.54 62.76 0.77
N VAL E 425 -2.71 62.89 -0.54
CA VAL E 425 -4.03 63.17 -1.10
C VAL E 425 -4.85 61.90 -1.23
N PHE E 426 -4.19 60.74 -1.32
CA PHE E 426 -4.91 59.49 -1.56
C PHE E 426 -5.62 59.02 -0.29
N THR E 427 -4.87 58.87 0.80
CA THR E 427 -5.50 58.43 2.05
C THR E 427 -6.31 59.54 2.68
N GLY E 428 -6.00 60.81 2.37
CA GLY E 428 -6.63 61.94 3.02
C GLY E 428 -6.21 62.18 4.46
N HIS E 429 -5.41 61.30 5.05
CA HIS E 429 -4.97 61.43 6.42
C HIS E 429 -3.59 62.08 6.44
N LEU E 430 -3.30 62.76 7.55
CA LEU E 430 -2.02 63.42 7.69
C LEU E 430 -0.91 62.40 7.94
N GLY E 431 0.23 62.60 7.27
CA GLY E 431 1.34 61.67 7.43
C GLY E 431 2.04 61.86 8.76
N LYS E 432 2.14 60.76 9.52
CA LYS E 432 2.64 60.79 10.88
C LYS E 432 4.06 60.24 10.92
N LEU E 433 4.87 60.80 11.83
CA LEU E 433 6.21 60.32 12.10
C LEU E 433 6.30 59.95 13.58
N VAL E 434 7.05 58.90 13.88
CA VAL E 434 7.26 58.45 15.25
C VAL E 434 8.75 58.25 15.48
N PRO E 435 9.33 58.85 16.52
CA PRO E 435 10.74 58.59 16.84
C PRO E 435 10.93 57.21 17.45
N LEU E 436 12.20 56.91 17.76
CA LEU E 436 12.58 55.54 18.05
C LEU E 436 12.20 55.13 19.47
N LYS E 437 12.03 56.10 20.36
CA LYS E 437 11.56 55.75 21.71
C LYS E 437 10.04 55.69 21.76
N GLU E 438 9.38 56.09 20.67
CA GLU E 438 7.93 55.97 20.59
C GLU E 438 7.52 54.68 19.92
N THR E 439 8.45 54.04 19.20
CA THR E 439 8.21 52.68 18.74
C THR E 439 8.29 51.71 19.91
N ILE E 440 9.25 51.91 20.82
CA ILE E 440 9.48 50.97 21.91
C ILE E 440 8.44 51.13 23.01
N LYS E 441 7.98 52.36 23.27
CA LYS E 441 7.00 52.58 24.31
C LYS E 441 5.63 52.00 23.96
N GLY E 442 5.36 51.79 22.68
CA GLY E 442 4.07 51.29 22.27
C GLY E 442 4.00 49.78 22.12
N PHE E 443 5.09 49.14 21.71
CA PHE E 443 5.06 47.70 21.52
C PHE E 443 5.14 46.93 22.83
N GLN E 444 5.74 47.52 23.87
CA GLN E 444 5.87 46.83 25.14
C GLN E 444 4.52 46.70 25.84
N GLN E 445 3.59 47.61 25.59
CA GLN E 445 2.34 47.62 26.34
C GLN E 445 1.28 46.73 25.74
N ILE E 446 1.57 46.10 24.60
CA ILE E 446 0.63 45.13 24.05
C ILE E 446 0.97 43.71 24.49
N LEU E 447 2.26 43.39 24.63
CA LEU E 447 2.64 42.12 25.25
C LEU E 447 2.40 42.13 26.75
N ALA E 448 2.51 43.30 27.38
CA ALA E 448 2.09 43.44 28.78
C ALA E 448 0.58 43.43 28.93
N GLY E 449 -0.16 43.70 27.85
CA GLY E 449 -1.60 43.65 27.90
C GLY E 449 -2.25 44.74 28.71
N GLU E 450 -1.62 45.92 28.79
CA GLU E 450 -2.26 47.04 29.47
C GLU E 450 -3.43 47.58 28.67
N TYR E 451 -3.39 47.42 27.35
CA TYR E 451 -4.46 47.84 26.46
C TYR E 451 -5.21 46.63 25.90
N ASP E 452 -5.46 45.64 26.76
CA ASP E 452 -6.21 44.45 26.38
C ASP E 452 -7.68 44.72 26.11
N HIS E 453 -8.20 45.89 26.50
CA HIS E 453 -9.60 46.25 26.29
C HIS E 453 -9.78 47.14 25.07
N LEU E 454 -9.00 46.92 24.01
CA LEU E 454 -9.10 47.74 22.81
C LEU E 454 -9.46 46.86 21.62
N PRO E 455 -10.38 47.28 20.77
CA PRO E 455 -10.71 46.47 19.59
C PRO E 455 -9.59 46.50 18.56
N GLU E 456 -9.53 45.43 17.77
CA GLU E 456 -8.44 45.20 16.84
C GLU E 456 -8.48 46.08 15.61
N GLN E 457 -9.52 46.90 15.46
CA GLN E 457 -9.60 47.84 14.36
C GLN E 457 -9.06 49.21 14.73
N ALA E 458 -9.03 49.55 16.02
CA ALA E 458 -8.53 50.85 16.43
C ALA E 458 -7.02 50.95 16.40
N PHE E 459 -6.32 49.87 16.08
CA PHE E 459 -4.87 49.84 15.97
C PHE E 459 -4.42 50.05 14.54
N TYR E 460 -5.13 50.87 13.77
CA TYR E 460 -4.97 50.93 12.33
C TYR E 460 -4.64 52.36 11.90
N MET E 461 -3.44 52.53 11.32
CA MET E 461 -2.99 53.76 10.66
C MET E 461 -2.94 54.95 11.62
N VAL E 462 -2.27 54.75 12.75
CA VAL E 462 -2.10 55.82 13.74
C VAL E 462 -0.62 56.13 13.87
N GLY E 463 -0.28 57.08 14.74
CA GLY E 463 1.10 57.47 14.97
C GLY E 463 1.64 56.90 16.27
N PRO E 464 1.65 57.71 17.33
CA PRO E 464 2.11 57.21 18.63
C PRO E 464 1.13 56.27 19.31
N ILE E 465 1.44 55.91 20.55
CA ILE E 465 0.53 55.08 21.34
C ILE E 465 -0.67 55.91 21.79
N GLU E 466 -0.48 57.23 21.91
CA GLU E 466 -1.56 58.09 22.39
C GLU E 466 -2.62 58.34 21.34
N GLU E 467 -2.38 57.89 20.10
CA GLU E 467 -3.37 58.11 19.05
C GLU E 467 -4.31 56.92 18.91
N ALA E 468 -3.76 55.72 19.02
CA ALA E 468 -4.57 54.51 18.91
C ALA E 468 -5.62 54.58 20.01
N VAL E 469 -5.17 54.94 21.21
CA VAL E 469 -6.07 55.07 22.36
C VAL E 469 -7.09 56.19 22.07
N ALA E 470 -6.61 57.29 21.51
CA ALA E 470 -7.47 58.41 21.18
C ALA E 470 -8.48 58.02 20.12
N LYS E 471 -8.03 57.25 19.13
CA LYS E 471 -8.89 56.80 18.04
C LYS E 471 -10.01 55.91 18.53
N ALA E 472 -9.69 55.04 19.47
CA ALA E 472 -10.67 54.11 20.02
C ALA E 472 -11.81 54.82 20.74
N ASP E 473 -11.49 55.86 21.50
CA ASP E 473 -12.50 56.59 22.26
C ASP E 473 -13.55 57.22 21.35
N LYS E 474 -13.10 57.78 20.24
CA LYS E 474 -13.99 58.42 19.27
C LYS E 474 -14.97 57.44 18.60
N LEU E 475 -14.50 56.23 18.33
CA LEU E 475 -15.34 55.23 17.68
C LEU E 475 -16.57 54.91 18.50
N ALA E 476 -17.69 54.71 17.80
CA ALA E 476 -18.97 54.39 18.43
C ALA E 476 -19.30 55.37 19.54
N GLY F 9 80.82 15.33 -17.94
CA GLY F 9 80.06 16.49 -18.39
C GLY F 9 79.60 16.32 -19.83
N ALA F 10 78.58 15.48 -20.03
CA ALA F 10 78.05 15.24 -21.36
C ALA F 10 77.46 16.50 -22.00
N ALA F 11 76.72 17.29 -21.21
CA ALA F 11 76.11 18.49 -21.75
C ALA F 11 75.97 19.62 -20.74
N THR F 12 75.93 20.85 -21.24
CA THR F 12 75.76 22.04 -20.42
C THR F 12 74.58 22.85 -20.93
N GLY F 13 73.69 23.27 -20.03
CA GLY F 13 72.51 24.03 -20.42
C GLY F 13 72.24 25.21 -19.53
N ARG F 14 71.52 26.19 -20.07
CA ARG F 14 71.17 27.39 -19.34
C ARG F 14 69.66 27.56 -19.24
N ILE F 15 69.16 27.91 -18.06
CA ILE F 15 67.73 28.08 -17.89
C ILE F 15 67.27 29.20 -18.82
N VAL F 16 66.16 28.98 -19.53
CA VAL F 16 65.63 29.96 -20.46
C VAL F 16 64.30 30.54 -20.02
N ALA F 17 63.43 29.69 -19.49
CA ALA F 17 62.14 30.14 -19.01
C ALA F 17 61.77 29.36 -17.77
N VAL F 18 60.99 29.99 -16.89
CA VAL F 18 60.61 29.39 -15.62
C VAL F 18 59.15 29.75 -15.40
N ILE F 19 58.28 28.74 -15.38
CA ILE F 19 56.87 28.92 -15.03
C ILE F 19 56.59 27.93 -13.92
N GLY F 20 56.55 28.39 -12.68
CA GLY F 20 56.21 27.53 -11.56
C GLY F 20 57.19 26.40 -11.34
N ALA F 21 56.75 25.18 -11.66
CA ALA F 21 57.60 24.00 -11.56
C ALA F 21 57.90 23.39 -12.92
N VAL F 22 57.83 24.18 -13.98
CA VAL F 22 58.14 23.71 -15.32
C VAL F 22 59.25 24.62 -15.84
N VAL F 23 60.48 24.23 -15.60
CA VAL F 23 61.65 24.99 -16.03
C VAL F 23 61.99 24.59 -17.46
N ASP F 24 62.17 25.58 -18.32
CA ASP F 24 62.69 25.37 -19.65
C ASP F 24 64.20 25.57 -19.63
N VAL F 25 64.90 24.81 -20.48
CA VAL F 25 66.35 24.71 -20.45
C VAL F 25 66.82 24.45 -21.88
N GLN F 26 67.77 25.24 -22.38
CA GLN F 26 68.30 25.04 -23.72
C GLN F 26 69.70 24.47 -23.68
N PHE F 27 69.91 23.37 -24.39
CA PHE F 27 71.23 22.79 -24.57
C PHE F 27 71.84 23.23 -25.88
N ASP F 28 73.10 22.90 -26.08
CA ASP F 28 73.81 23.30 -27.28
C ASP F 28 74.28 22.12 -28.13
N GLU F 29 74.80 21.07 -27.49
CA GLU F 29 74.95 19.78 -28.15
C GLU F 29 74.79 18.72 -27.08
N GLY F 30 74.34 17.54 -27.49
CA GLY F 30 74.04 16.50 -26.52
C GLY F 30 72.71 16.71 -25.83
N LEU F 31 71.63 16.61 -26.59
CA LEU F 31 70.30 16.66 -26.01
C LEU F 31 70.07 15.44 -25.11
N PRO F 32 69.56 15.62 -23.89
CA PRO F 32 69.27 14.47 -23.05
C PRO F 32 68.03 13.74 -23.53
N PRO F 33 68.03 12.42 -23.53
CA PRO F 33 66.79 11.69 -23.81
C PRO F 33 65.77 11.87 -22.71
N ILE F 34 64.52 11.51 -23.03
CA ILE F 34 63.40 11.83 -22.16
C ILE F 34 63.48 11.03 -20.87
N LEU F 35 63.16 11.69 -19.76
CA LEU F 35 63.30 11.17 -18.39
C LEU F 35 64.74 10.82 -18.06
N ASN F 36 65.66 11.73 -18.37
CA ASN F 36 66.96 11.73 -17.74
C ASN F 36 66.88 12.59 -16.48
N ALA F 37 68.02 12.88 -15.88
CA ALA F 37 68.07 13.83 -14.78
C ALA F 37 69.09 14.89 -15.12
N LEU F 38 68.79 16.13 -14.71
CA LEU F 38 69.66 17.27 -14.93
C LEU F 38 69.99 17.90 -13.58
N GLU F 39 71.23 18.34 -13.41
CA GLU F 39 71.66 18.87 -12.12
C GLU F 39 71.92 20.36 -12.23
N VAL F 40 71.15 21.14 -11.47
CA VAL F 40 71.25 22.60 -11.49
C VAL F 40 72.41 23.04 -10.61
N GLN F 41 73.43 23.65 -11.22
CA GLN F 41 74.61 24.11 -10.50
C GLN F 41 74.37 25.48 -9.89
N GLY F 42 74.83 25.65 -8.67
CA GLY F 42 74.76 26.95 -8.04
C GLY F 42 73.61 27.09 -7.09
N ARG F 43 73.32 26.02 -6.35
CA ARG F 43 72.29 26.05 -5.32
C ARG F 43 72.84 25.43 -4.05
N GLU F 44 72.16 25.72 -2.93
CA GLU F 44 72.61 25.19 -1.66
C GLU F 44 72.23 23.72 -1.49
N THR F 45 71.09 23.31 -2.03
CA THR F 45 70.55 21.96 -1.90
C THR F 45 70.80 21.26 -3.25
N ARG F 46 70.24 20.07 -3.44
CA ARG F 46 70.26 19.41 -4.73
C ARG F 46 68.98 19.74 -5.48
N LEU F 47 69.11 20.19 -6.73
CA LEU F 47 67.96 20.47 -7.58
C LEU F 47 68.11 19.62 -8.84
N VAL F 48 67.21 18.66 -9.02
CA VAL F 48 67.27 17.73 -10.13
C VAL F 48 66.08 17.97 -11.06
N LEU F 49 66.38 18.18 -12.34
CA LEU F 49 65.37 18.40 -13.36
C LEU F 49 65.26 17.14 -14.20
N GLU F 50 64.04 16.71 -14.48
CA GLU F 50 63.79 15.51 -15.27
C GLU F 50 63.12 15.88 -16.58
N VAL F 51 63.74 15.51 -17.69
CA VAL F 51 63.31 15.92 -19.02
C VAL F 51 61.96 15.30 -19.35
N ALA F 52 61.01 16.14 -19.78
CA ALA F 52 59.69 15.70 -20.19
C ALA F 52 59.45 15.75 -21.69
N GLN F 53 59.89 16.80 -22.38
CA GLN F 53 59.54 17.03 -23.78
C GLN F 53 60.80 17.30 -24.58
N HIS F 54 60.61 17.68 -25.84
CA HIS F 54 61.67 18.12 -26.75
C HIS F 54 61.04 19.18 -27.64
N LEU F 55 61.18 20.45 -27.30
CA LEU F 55 60.39 21.49 -27.95
C LEU F 55 60.97 22.00 -29.26
N GLY F 56 61.94 21.32 -29.86
CA GLY F 56 62.42 21.80 -31.14
C GLY F 56 63.64 22.69 -31.04
N GLU F 57 64.58 22.49 -31.97
CA GLU F 57 65.87 23.21 -32.14
C GLU F 57 66.62 23.37 -30.81
N SER F 58 67.04 22.21 -30.28
CA SER F 58 67.90 22.04 -29.11
C SER F 58 67.34 22.75 -27.88
N THR F 59 66.19 22.28 -27.42
CA THR F 59 65.52 22.88 -26.28
C THR F 59 64.63 21.81 -25.67
N VAL F 60 64.76 21.57 -24.38
CA VAL F 60 63.93 20.61 -23.70
C VAL F 60 63.05 21.36 -22.72
N ARG F 61 62.03 20.67 -22.23
CA ARG F 61 61.17 21.22 -21.21
C ARG F 61 61.11 20.21 -20.07
N THR F 62 61.44 20.65 -18.87
CA THR F 62 61.69 19.75 -17.76
C THR F 62 60.66 19.99 -16.65
N ILE F 63 60.59 19.04 -15.71
CA ILE F 63 59.78 19.17 -14.51
C ILE F 63 60.70 18.96 -13.31
N ALA F 64 60.65 19.88 -12.37
CA ALA F 64 61.61 19.96 -11.28
C ALA F 64 61.09 19.25 -10.03
N MET F 65 62.01 18.64 -9.29
CA MET F 65 61.65 17.86 -8.11
C MET F 65 61.58 18.69 -6.83
N ASP F 66 62.37 19.75 -6.71
CA ASP F 66 62.27 20.66 -5.59
C ASP F 66 61.92 22.05 -6.10
N GLY F 67 61.93 23.03 -5.19
CA GLY F 67 61.47 24.36 -5.51
C GLY F 67 62.37 25.09 -6.49
N THR F 68 61.78 25.95 -7.29
CA THR F 68 62.46 26.65 -8.37
C THR F 68 62.68 28.13 -8.10
N GLU F 69 62.27 28.63 -6.93
CA GLU F 69 62.48 30.02 -6.60
C GLU F 69 63.95 30.36 -6.48
N GLY F 70 64.34 31.51 -7.00
CA GLY F 70 65.73 31.93 -6.99
C GLY F 70 66.52 31.58 -8.23
N LEU F 71 65.91 30.96 -9.22
CA LEU F 71 66.59 30.66 -10.47
C LEU F 71 66.56 31.89 -11.37
N VAL F 72 67.67 32.12 -12.06
CA VAL F 72 67.76 33.19 -13.04
C VAL F 72 68.00 32.56 -14.39
N ARG F 73 67.74 33.32 -15.44
CA ARG F 73 68.03 32.83 -16.78
C ARG F 73 69.53 32.83 -17.01
N GLY F 74 69.98 31.86 -17.79
CA GLY F 74 71.40 31.67 -18.02
C GLY F 74 72.09 30.80 -17.00
N GLN F 75 71.43 30.48 -15.89
CA GLN F 75 72.01 29.66 -14.84
C GLN F 75 72.28 28.25 -15.35
N LYS F 76 73.48 27.74 -15.11
CA LYS F 76 73.95 26.52 -15.76
C LYS F 76 73.21 25.30 -15.25
N VAL F 77 73.14 24.28 -16.10
CA VAL F 77 72.45 23.02 -15.83
C VAL F 77 73.27 21.90 -16.44
N LEU F 78 73.54 20.85 -15.66
CA LEU F 78 74.46 19.78 -16.03
C LEU F 78 73.71 18.46 -16.15
N ASP F 79 74.14 17.62 -17.08
CA ASP F 79 73.45 16.40 -17.47
C ASP F 79 74.04 15.19 -16.73
N SER F 80 73.18 14.44 -16.04
CA SER F 80 73.63 13.27 -15.28
C SER F 80 74.03 12.13 -16.19
N GLY F 81 73.08 11.60 -16.95
CA GLY F 81 73.35 10.49 -17.84
C GLY F 81 72.36 9.35 -17.63
N ALA F 82 71.54 9.46 -16.60
CA ALA F 82 70.69 8.36 -16.16
C ALA F 82 69.46 8.93 -15.50
N PRO F 83 68.36 8.14 -15.37
CA PRO F 83 67.21 8.60 -14.59
C PRO F 83 67.48 8.76 -13.10
N ILE F 84 66.45 9.11 -12.34
CA ILE F 84 66.57 9.15 -10.89
C ILE F 84 66.80 7.73 -10.40
N LYS F 85 67.96 7.49 -9.79
CA LYS F 85 68.29 6.20 -9.20
C LYS F 85 68.30 6.33 -7.69
N ILE F 86 67.94 5.26 -7.00
CA ILE F 86 67.88 5.25 -5.54
C ILE F 86 68.69 4.05 -5.07
N PRO F 87 69.23 4.10 -3.85
CA PRO F 87 69.95 2.92 -3.32
C PRO F 87 68.96 1.89 -2.83
N VAL F 88 69.03 0.68 -3.37
CA VAL F 88 68.10 -0.37 -2.97
C VAL F 88 68.90 -1.56 -2.47
N GLY F 89 68.30 -2.32 -1.57
CA GLY F 89 68.96 -3.43 -0.94
C GLY F 89 68.37 -3.73 0.42
N PRO F 90 68.99 -4.64 1.18
CA PRO F 90 68.46 -5.00 2.50
C PRO F 90 68.79 -3.99 3.58
N GLU F 91 69.62 -2.99 3.32
CA GLU F 91 69.92 -1.95 4.29
C GLU F 91 68.91 -0.82 4.26
N THR F 92 67.95 -0.87 3.33
CA THR F 92 66.90 0.13 3.22
C THR F 92 65.81 -0.03 4.27
N LEU F 93 65.86 -1.10 5.05
CA LEU F 93 64.81 -1.38 6.02
C LEU F 93 65.03 -0.56 7.28
N GLY F 94 64.00 0.11 7.75
CA GLY F 94 64.17 0.99 8.87
C GLY F 94 64.65 2.38 8.52
N ARG F 95 64.72 2.71 7.24
CA ARG F 95 65.16 4.02 6.79
C ARG F 95 64.04 4.71 6.03
N ILE F 96 64.01 6.03 6.13
CA ILE F 96 63.04 6.87 5.44
C ILE F 96 63.75 7.58 4.30
N MET F 97 63.10 7.70 3.15
CA MET F 97 63.71 8.28 1.97
C MET F 97 62.80 9.35 1.41
N ASN F 98 63.32 10.09 0.42
CA ASN F 98 62.50 10.99 -0.37
C ASN F 98 62.62 10.60 -1.83
N VAL F 99 62.13 11.48 -2.71
CA VAL F 99 61.86 11.16 -4.12
C VAL F 99 63.14 10.81 -4.88
N ILE F 100 64.29 11.30 -4.40
CA ILE F 100 65.55 11.06 -5.08
C ILE F 100 66.43 10.13 -4.24
N GLY F 101 65.88 9.64 -3.15
CA GLY F 101 66.58 8.61 -2.40
C GLY F 101 67.72 9.10 -1.53
N GLU F 102 67.44 10.03 -0.66
CA GLU F 102 68.42 10.53 0.29
C GLU F 102 67.88 10.33 1.69
N PRO F 103 68.72 10.00 2.66
CA PRO F 103 68.20 9.67 3.99
C PRO F 103 67.69 10.91 4.70
N ILE F 104 66.40 10.90 5.03
CA ILE F 104 65.80 11.99 5.77
C ILE F 104 65.46 11.58 7.19
N ASP F 105 66.13 10.55 7.71
CA ASP F 105 66.04 10.15 9.10
C ASP F 105 67.18 10.69 9.95
N GLU F 106 68.08 11.48 9.35
CA GLU F 106 69.31 12.06 9.95
C GLU F 106 70.18 11.02 10.67
N ARG F 107 70.13 9.76 10.26
CA ARG F 107 70.98 8.72 10.81
C ARG F 107 72.11 8.33 9.87
N GLY F 108 72.39 9.13 8.87
CA GLY F 108 73.54 8.91 8.03
C GLY F 108 73.18 8.23 6.73
N PRO F 109 74.18 7.99 5.88
CA PRO F 109 73.90 7.52 4.53
C PRO F 109 73.41 6.08 4.48
N ILE F 110 72.89 5.70 3.32
CA ILE F 110 72.46 4.33 3.05
C ILE F 110 73.49 3.71 2.12
N LYS F 111 74.17 2.68 2.59
CA LYS F 111 75.31 2.09 1.88
C LYS F 111 74.92 0.73 1.34
N THR F 112 74.50 0.68 0.08
CA THR F 112 74.17 -0.58 -0.55
C THR F 112 75.14 -0.83 -1.68
N LYS F 113 75.04 -2.02 -2.28
CA LYS F 113 75.99 -2.40 -3.32
C LYS F 113 75.46 -2.04 -4.71
N GLN F 114 74.16 -1.79 -4.82
CA GLN F 114 73.51 -1.61 -6.10
C GLN F 114 72.53 -0.45 -6.03
N PHE F 115 72.14 0.04 -7.21
CA PHE F 115 71.22 1.16 -7.35
C PHE F 115 70.14 0.80 -8.36
N ALA F 116 68.91 1.27 -8.11
CA ALA F 116 67.77 0.94 -8.94
C ALA F 116 67.12 2.20 -9.49
N ALA F 117 66.92 2.24 -10.81
CA ALA F 117 66.26 3.37 -11.45
C ALA F 117 64.78 3.43 -11.08
N ILE F 118 64.22 4.63 -11.18
CA ILE F 118 62.82 4.83 -10.82
C ILE F 118 61.90 4.30 -11.92
N HIS F 119 62.33 4.41 -13.17
CA HIS F 119 61.48 4.09 -14.31
C HIS F 119 61.90 2.75 -14.91
N ALA F 120 61.02 1.77 -14.81
CA ALA F 120 61.21 0.49 -15.48
C ALA F 120 59.88 0.03 -16.05
N GLU F 121 59.93 -0.99 -16.88
CA GLU F 121 58.77 -1.40 -17.65
C GLU F 121 57.84 -2.30 -16.83
N ALA F 122 56.90 -2.92 -17.53
CA ALA F 122 55.91 -3.77 -16.91
C ALA F 122 56.26 -5.24 -17.13
N PRO F 123 55.75 -6.16 -16.32
CA PRO F 123 55.98 -7.58 -16.60
C PRO F 123 55.19 -8.03 -17.81
N GLU F 124 55.65 -9.12 -18.42
CA GLU F 124 55.08 -9.57 -19.68
C GLU F 124 53.78 -10.34 -19.41
N PHE F 125 53.26 -10.98 -20.46
CA PHE F 125 52.07 -11.81 -20.27
C PHE F 125 52.44 -13.12 -19.59
N MET F 126 53.53 -13.74 -20.01
CA MET F 126 53.90 -15.08 -19.56
C MET F 126 54.72 -15.07 -18.29
N GLU F 127 54.59 -14.03 -17.48
CA GLU F 127 55.19 -13.98 -16.16
C GLU F 127 54.13 -13.71 -15.11
N MET F 128 52.89 -14.06 -15.41
CA MET F 128 51.80 -13.83 -14.47
C MET F 128 51.50 -15.10 -13.70
N SER F 129 51.05 -14.94 -12.47
CA SER F 129 50.62 -16.05 -11.64
C SER F 129 49.15 -15.91 -11.31
N VAL F 130 48.39 -16.97 -11.56
CA VAL F 130 46.93 -16.93 -11.47
C VAL F 130 46.39 -17.47 -10.17
N GLU F 131 47.23 -18.05 -9.32
CA GLU F 131 46.78 -18.78 -8.15
C GLU F 131 46.15 -17.87 -7.11
N GLN F 132 44.94 -18.20 -6.68
CA GLN F 132 44.19 -17.40 -5.75
C GLN F 132 43.98 -18.17 -4.45
N GLU F 133 43.99 -17.45 -3.33
CA GLU F 133 43.72 -18.00 -2.03
C GLU F 133 42.87 -16.99 -1.27
N ILE F 134 42.74 -17.17 0.03
CA ILE F 134 42.02 -16.23 0.87
C ILE F 134 42.94 -15.79 2.00
N LEU F 135 43.04 -14.49 2.21
CA LEU F 135 43.77 -13.92 3.33
C LEU F 135 42.73 -13.52 4.36
N VAL F 136 42.59 -14.33 5.40
CA VAL F 136 41.64 -13.99 6.45
C VAL F 136 42.23 -12.86 7.29
N THR F 137 41.43 -11.81 7.48
CA THR F 137 41.89 -10.61 8.15
C THR F 137 41.45 -10.56 9.60
N GLY F 138 40.15 -10.64 9.85
CA GLY F 138 39.66 -10.52 11.20
C GLY F 138 38.60 -9.46 11.26
N ILE F 139 38.12 -9.05 10.09
CA ILE F 139 37.04 -8.06 9.98
C ILE F 139 35.85 -8.75 9.34
N LYS F 140 34.68 -8.59 9.95
CA LYS F 140 33.51 -9.36 9.54
C LYS F 140 33.00 -8.95 8.17
N VAL F 141 33.02 -7.65 7.87
CA VAL F 141 32.52 -7.15 6.59
C VAL F 141 33.38 -7.62 5.44
N VAL F 142 34.65 -7.86 5.68
CA VAL F 142 35.55 -8.26 4.62
C VAL F 142 35.65 -9.78 4.52
N ASP F 143 35.58 -10.48 5.65
CA ASP F 143 35.67 -11.94 5.60
C ASP F 143 34.44 -12.55 4.94
N LEU F 144 33.27 -12.03 5.27
CA LEU F 144 32.04 -12.65 4.79
C LEU F 144 31.74 -12.27 3.35
N LEU F 145 31.52 -10.97 3.09
CA LEU F 145 30.94 -10.49 1.85
C LEU F 145 31.95 -10.27 0.74
N ALA F 146 33.21 -10.01 1.05
CA ALA F 146 34.19 -9.58 0.04
C ALA F 146 35.59 -10.01 0.46
N PRO F 147 35.92 -11.29 0.32
CA PRO F 147 37.18 -11.78 0.90
C PRO F 147 38.40 -11.39 0.10
N TYR F 148 39.43 -10.96 0.82
CA TYR F 148 40.71 -10.58 0.23
C TYR F 148 41.47 -11.80 -0.20
N ALA F 149 42.44 -11.62 -1.08
CA ALA F 149 43.23 -12.73 -1.56
C ALA F 149 44.66 -12.62 -1.00
N LYS F 150 45.50 -13.57 -1.39
CA LYS F 150 46.89 -13.60 -0.99
C LYS F 150 47.69 -13.39 -2.26
N GLY F 151 47.91 -12.14 -2.62
CA GLY F 151 48.62 -11.81 -3.82
C GLY F 151 47.86 -10.96 -4.81
N GLY F 152 46.87 -10.19 -4.38
CA GLY F 152 46.05 -9.41 -5.28
C GLY F 152 45.83 -7.99 -4.77
N LYS F 153 45.49 -7.10 -5.70
CA LYS F 153 45.33 -5.69 -5.38
C LYS F 153 44.02 -5.44 -4.66
N ILE F 154 44.02 -4.47 -3.77
CA ILE F 154 42.87 -4.13 -2.93
C ILE F 154 42.72 -2.63 -2.93
N GLY F 155 41.50 -2.12 -3.04
CA GLY F 155 41.26 -0.69 -2.95
C GLY F 155 40.31 -0.36 -1.82
N LEU F 156 40.50 0.82 -1.25
CA LEU F 156 39.62 1.30 -0.17
C LEU F 156 39.11 2.70 -0.54
N PHE F 157 38.00 2.74 -1.30
CA PHE F 157 37.46 3.99 -1.79
C PHE F 157 36.68 4.69 -0.70
N GLY F 158 36.80 6.01 -0.64
CA GLY F 158 36.19 6.75 0.44
C GLY F 158 36.39 8.23 0.25
N GLY F 159 35.50 9.00 0.87
CA GLY F 159 35.52 10.44 0.73
C GLY F 159 36.58 11.08 1.61
N ALA F 160 36.17 12.14 2.29
CA ALA F 160 37.06 12.82 3.23
C ALA F 160 36.44 12.74 4.62
N GLY F 161 36.99 11.87 5.47
CA GLY F 161 36.52 11.75 6.83
C GLY F 161 35.69 10.50 7.08
N VAL F 162 35.91 9.45 6.30
CA VAL F 162 35.15 8.22 6.44
C VAL F 162 35.95 7.10 7.12
N GLY F 163 37.26 7.03 6.95
CA GLY F 163 38.00 5.93 7.53
C GLY F 163 38.90 5.11 6.64
N LYS F 164 39.44 5.69 5.57
CA LYS F 164 40.33 4.94 4.68
C LYS F 164 41.71 4.70 5.24
N THR F 165 42.06 5.23 6.40
CA THR F 165 43.39 4.97 6.92
C THR F 165 43.36 4.33 8.29
N VAL F 166 42.31 4.54 9.09
CA VAL F 166 42.07 3.68 10.23
C VAL F 166 41.84 2.24 9.76
N LEU F 167 41.23 2.08 8.60
CA LEU F 167 41.11 0.77 7.99
C LEU F 167 42.46 0.25 7.49
N ILE F 168 43.36 1.13 7.08
CA ILE F 168 44.66 0.64 6.62
C ILE F 168 45.64 0.44 7.77
N MET F 169 45.37 1.02 8.94
CA MET F 169 46.16 0.78 10.14
C MET F 169 45.77 -0.51 10.84
N GLU F 170 44.65 -1.12 10.43
CA GLU F 170 44.24 -2.44 10.90
C GLU F 170 44.89 -3.55 10.07
N LEU F 171 44.87 -3.43 8.76
CA LEU F 171 45.52 -4.41 7.90
C LEU F 171 47.04 -4.38 7.99
N ILE F 172 47.63 -3.48 8.76
CA ILE F 172 49.00 -3.64 9.23
C ILE F 172 49.03 -4.37 10.56
N ASN F 173 48.15 -3.95 11.47
CA ASN F 173 48.07 -4.50 12.81
C ASN F 173 47.60 -5.95 12.85
N ASN F 174 47.03 -6.45 11.76
CA ASN F 174 46.59 -7.84 11.69
C ASN F 174 47.37 -8.69 10.71
N VAL F 175 47.99 -8.08 9.71
CA VAL F 175 48.67 -8.83 8.66
C VAL F 175 50.18 -8.65 8.72
N ALA F 176 50.66 -7.45 9.05
CA ALA F 176 52.09 -7.24 9.07
C ALA F 176 52.75 -7.74 10.35
N LYS F 177 51.98 -8.15 11.33
CA LYS F 177 52.56 -8.81 12.50
C LYS F 177 52.80 -10.28 12.22
N ALA F 178 51.78 -10.97 11.71
CA ALA F 178 51.86 -12.38 11.35
C ALA F 178 52.44 -12.62 9.97
N HIS F 179 53.13 -11.64 9.39
CA HIS F 179 53.80 -11.88 8.13
C HIS F 179 55.21 -12.38 8.39
N GLY F 180 55.74 -13.11 7.43
CA GLY F 180 57.07 -13.68 7.57
C GLY F 180 58.11 -12.95 6.76
N GLY F 181 57.73 -12.45 5.60
CA GLY F 181 58.63 -11.67 4.77
C GLY F 181 58.69 -10.22 5.18
N TYR F 182 59.05 -9.38 4.23
CA TYR F 182 59.33 -7.98 4.49
C TYR F 182 58.06 -7.14 4.35
N SER F 183 58.20 -5.83 4.31
CA SER F 183 57.07 -4.91 4.19
C SER F 183 57.58 -3.58 3.65
N VAL F 184 56.73 -2.88 2.91
CA VAL F 184 57.06 -1.57 2.36
C VAL F 184 55.85 -0.66 2.53
N PHE F 185 56.06 0.53 3.07
CA PHE F 185 55.01 1.54 3.17
C PHE F 185 55.40 2.72 2.30
N ALA F 186 54.40 3.39 1.73
CA ALA F 186 54.62 4.60 0.95
C ALA F 186 53.59 5.64 1.32
N GLY F 187 54.03 6.88 1.45
CA GLY F 187 53.11 7.97 1.68
C GLY F 187 53.16 8.93 0.53
N VAL F 188 52.06 9.09 -0.19
CA VAL F 188 52.00 9.92 -1.38
C VAL F 188 50.99 11.02 -1.10
N GLY F 189 51.45 12.19 -0.71
CA GLY F 189 50.56 13.33 -0.65
C GLY F 189 49.61 13.39 0.50
N GLU F 190 49.89 12.70 1.60
CA GLU F 190 49.08 12.88 2.80
C GLU F 190 49.94 13.44 3.93
N ARG F 191 49.28 13.82 5.03
CA ARG F 191 49.84 14.79 5.95
C ARG F 191 50.99 14.20 6.77
N THR F 192 51.81 15.08 7.33
CA THR F 192 53.14 14.71 7.82
C THR F 192 53.15 14.32 9.28
N ARG F 193 52.19 14.76 10.09
CA ARG F 193 52.15 14.25 11.45
C ARG F 193 51.70 12.80 11.50
N GLU F 194 50.90 12.34 10.54
CA GLU F 194 50.57 10.93 10.43
C GLU F 194 51.74 10.11 9.94
N GLY F 195 52.66 10.73 9.22
CA GLY F 195 53.89 10.06 8.83
C GLY F 195 54.98 10.09 9.86
N ASN F 196 54.73 10.76 10.98
CA ASN F 196 55.61 10.76 12.13
C ASN F 196 55.15 9.76 13.17
N ASP F 197 53.83 9.55 13.32
CA ASP F 197 53.29 8.56 14.23
C ASP F 197 53.31 7.16 13.68
N LEU F 198 53.90 6.94 12.51
CA LEU F 198 54.20 5.60 12.05
C LEU F 198 55.64 5.22 12.32
N TYR F 199 56.50 6.20 12.59
CA TYR F 199 57.86 5.99 13.06
C TYR F 199 57.91 5.77 14.56
N HIS F 200 57.13 6.51 15.33
CA HIS F 200 57.08 6.33 16.77
C HIS F 200 55.98 5.37 17.19
N GLU F 201 55.60 4.45 16.32
CA GLU F 201 54.78 3.31 16.66
C GLU F 201 55.30 2.01 16.07
N MET F 202 56.34 2.08 15.25
CA MET F 202 57.05 0.91 14.76
C MET F 202 58.43 0.79 15.35
N ILE F 203 58.91 1.80 16.05
CA ILE F 203 60.10 1.67 16.89
C ILE F 203 59.73 1.04 18.22
N GLU F 204 58.60 1.48 18.80
CA GLU F 204 58.16 0.97 20.09
C GLU F 204 57.76 -0.49 20.00
N SER F 205 57.18 -0.90 18.88
CA SER F 205 56.70 -2.26 18.71
C SER F 205 57.62 -3.13 17.86
N GLY F 206 58.92 -2.92 17.92
CA GLY F 206 59.88 -3.88 17.45
C GLY F 206 59.98 -4.09 15.95
N VAL F 207 59.24 -3.34 15.14
CA VAL F 207 59.34 -3.51 13.70
C VAL F 207 60.53 -2.74 13.14
N ILE F 208 60.81 -1.55 13.68
CA ILE F 208 62.04 -0.82 13.39
C ILE F 208 63.05 -1.12 14.50
N ASN F 209 64.23 -1.59 14.11
CA ASN F 209 65.32 -1.84 15.04
C ASN F 209 66.46 -0.88 14.73
N LEU F 210 66.69 0.07 15.64
CA LEU F 210 67.70 1.10 15.41
C LEU F 210 69.12 0.61 15.60
N LYS F 211 69.32 -0.57 16.17
CA LYS F 211 70.64 -0.97 16.65
C LYS F 211 71.30 -2.09 15.85
N ASP F 212 70.54 -2.90 15.13
CA ASP F 212 71.13 -3.92 14.27
C ASP F 212 70.22 -4.14 13.07
N ALA F 213 70.41 -5.26 12.38
CA ALA F 213 69.78 -5.52 11.08
C ALA F 213 68.59 -6.45 11.18
N THR F 214 67.73 -6.28 12.18
CA THR F 214 66.57 -7.14 12.36
C THR F 214 65.26 -6.37 12.18
N SER F 215 65.20 -5.51 11.16
CA SER F 215 64.01 -4.72 10.88
C SER F 215 63.32 -5.23 9.63
N LYS F 216 62.01 -5.06 9.61
CA LYS F 216 61.14 -5.68 8.61
C LYS F 216 60.60 -4.72 7.57
N VAL F 217 60.31 -3.48 7.94
CA VAL F 217 59.61 -2.54 7.08
C VAL F 217 60.57 -1.51 6.51
N ALA F 218 60.32 -1.10 5.27
CA ALA F 218 60.93 0.06 4.64
C ALA F 218 59.92 1.19 4.60
N LEU F 219 60.41 2.41 4.47
CA LEU F 219 59.55 3.58 4.41
C LEU F 219 60.02 4.52 3.31
N VAL F 220 59.07 5.16 2.63
CA VAL F 220 59.32 6.13 1.55
C VAL F 220 58.28 7.23 1.68
N TYR F 221 58.69 8.50 1.60
CA TYR F 221 57.78 9.58 1.94
C TYR F 221 57.90 10.77 1.00
N GLY F 222 56.79 11.17 0.39
CA GLY F 222 56.61 12.50 -0.17
C GLY F 222 55.23 13.04 0.15
N GLN F 223 55.14 14.11 0.93
CA GLN F 223 53.90 14.51 1.57
C GLN F 223 53.27 15.69 0.87
N MET F 224 52.30 16.33 1.53
CA MET F 224 51.52 17.41 0.93
C MET F 224 52.13 18.77 1.16
N ASN F 225 53.45 18.87 1.23
CA ASN F 225 54.11 20.16 1.17
C ASN F 225 55.01 20.29 -0.05
N GLU F 226 55.20 19.23 -0.80
CA GLU F 226 56.18 19.22 -1.87
C GLU F 226 55.68 19.99 -3.09
N PRO F 227 56.58 20.36 -4.01
CA PRO F 227 56.14 20.77 -5.33
C PRO F 227 55.55 19.59 -6.08
N PRO F 228 54.64 19.84 -7.03
CA PRO F 228 53.95 18.75 -7.72
C PRO F 228 54.79 18.03 -8.77
N GLY F 229 56.09 18.19 -8.82
CA GLY F 229 56.90 17.25 -9.57
C GLY F 229 57.46 16.15 -8.71
N ALA F 230 57.26 16.25 -7.41
CA ALA F 230 57.68 15.26 -6.43
C ALA F 230 56.57 14.30 -6.04
N ARG F 231 55.36 14.82 -5.80
CA ARG F 231 54.23 13.95 -5.54
C ARG F 231 53.87 13.09 -6.74
N ALA F 232 54.14 13.57 -7.95
CA ALA F 232 53.92 12.77 -9.15
C ALA F 232 54.96 11.67 -9.34
N ARG F 233 56.01 11.64 -8.53
CA ARG F 233 57.06 10.63 -8.69
C ARG F 233 57.48 9.96 -7.40
N VAL F 234 56.85 10.27 -6.27
CA VAL F 234 57.22 9.55 -5.06
C VAL F 234 56.59 8.17 -5.05
N ALA F 235 55.50 7.95 -5.79
CA ALA F 235 54.86 6.65 -5.81
C ALA F 235 55.62 5.64 -6.63
N LEU F 236 56.43 6.09 -7.58
CA LEU F 236 57.32 5.19 -8.30
C LEU F 236 58.61 4.91 -7.54
N THR F 237 58.76 5.44 -6.34
CA THR F 237 59.96 5.20 -5.54
C THR F 237 59.78 4.05 -4.58
N GLY F 238 58.74 4.08 -3.74
CA GLY F 238 58.38 2.93 -2.93
C GLY F 238 58.01 1.72 -3.75
N LEU F 239 57.54 1.92 -4.97
CA LEU F 239 57.32 0.84 -5.91
C LEU F 239 58.60 0.19 -6.39
N THR F 240 59.75 0.82 -6.21
CA THR F 240 61.00 0.21 -6.65
C THR F 240 61.71 -0.51 -5.52
N VAL F 241 61.56 -0.04 -4.28
CA VAL F 241 62.12 -0.78 -3.16
C VAL F 241 61.32 -2.04 -2.87
N ALA F 242 60.08 -2.12 -3.34
CA ALA F 242 59.23 -3.30 -3.21
C ALA F 242 59.25 -4.16 -4.45
N GLU F 243 60.24 -4.00 -5.32
CA GLU F 243 60.51 -4.91 -6.41
C GLU F 243 61.83 -5.61 -6.28
N TYR F 244 62.81 -5.01 -5.59
CA TYR F 244 64.05 -5.71 -5.29
C TYR F 244 63.77 -6.85 -4.32
N PHE F 245 62.88 -6.61 -3.36
CA PHE F 245 62.43 -7.62 -2.42
C PHE F 245 61.47 -8.61 -3.03
N ARG F 246 61.25 -8.56 -4.35
CA ARG F 246 60.42 -9.52 -5.07
C ARG F 246 61.22 -10.28 -6.11
N ASP F 247 61.95 -9.58 -6.97
CA ASP F 247 62.64 -10.23 -8.08
C ASP F 247 64.03 -10.72 -7.73
N GLN F 248 64.78 -9.99 -6.89
CA GLN F 248 66.16 -10.37 -6.64
C GLN F 248 66.39 -11.02 -5.29
N GLU F 249 65.52 -10.80 -4.31
CA GLU F 249 65.59 -11.56 -3.07
C GLU F 249 64.56 -12.67 -2.98
N GLY F 250 63.43 -12.54 -3.67
CA GLY F 250 62.41 -13.57 -3.65
C GLY F 250 61.72 -13.70 -2.31
N GLN F 251 60.98 -12.69 -1.92
CA GLN F 251 60.23 -12.73 -0.68
C GLN F 251 58.76 -12.58 -0.99
N ASP F 252 57.96 -12.43 0.05
CA ASP F 252 56.53 -12.18 -0.06
C ASP F 252 56.27 -10.86 0.64
N VAL F 253 56.22 -9.78 -0.13
CA VAL F 253 56.20 -8.43 0.42
C VAL F 253 54.79 -7.88 0.46
N LEU F 254 54.50 -7.15 1.51
CA LEU F 254 53.33 -6.30 1.51
C LEU F 254 53.67 -4.96 0.87
N LEU F 255 52.64 -4.14 0.67
CA LEU F 255 52.79 -2.80 0.09
C LEU F 255 51.55 -2.00 0.44
N PHE F 256 51.71 -0.94 1.21
CA PHE F 256 50.60 -0.11 1.64
C PHE F 256 50.80 1.28 1.07
N ILE F 257 49.83 1.76 0.29
CA ILE F 257 49.90 3.05 -0.37
C ILE F 257 48.76 3.93 0.12
N ASP F 258 49.08 5.12 0.59
CA ASP F 258 48.08 6.07 1.04
C ASP F 258 48.71 7.45 0.91
N ASN F 259 48.28 8.26 -0.06
CA ASN F 259 47.08 8.07 -0.87
C ASN F 259 47.47 8.07 -2.36
N ILE F 260 46.83 7.24 -3.18
CA ILE F 260 47.24 7.08 -4.57
C ILE F 260 46.47 8.02 -5.51
N PHE F 261 45.48 8.76 -4.99
CA PHE F 261 44.83 9.77 -5.81
C PHE F 261 45.77 10.91 -6.14
N ARG F 262 46.64 11.28 -5.21
CA ARG F 262 47.54 12.41 -5.41
C ARG F 262 48.64 12.14 -6.42
N PHE F 263 48.76 10.91 -6.94
CA PHE F 263 49.57 10.68 -8.12
C PHE F 263 48.95 11.33 -9.35
N THR F 264 47.64 11.50 -9.34
CA THR F 264 46.85 12.01 -10.45
C THR F 264 46.37 13.45 -10.24
N GLN F 265 45.98 13.81 -9.01
CA GLN F 265 45.67 15.20 -8.69
C GLN F 265 46.86 16.12 -8.94
N ALA F 266 48.06 15.66 -8.61
CA ALA F 266 49.27 16.43 -8.86
C ALA F 266 49.91 16.07 -10.17
N GLY F 267 49.13 15.68 -11.16
CA GLY F 267 49.64 15.43 -12.48
C GLY F 267 48.84 16.23 -13.48
N SER F 268 47.69 16.75 -13.00
CA SER F 268 46.90 17.74 -13.72
C SER F 268 47.17 19.13 -13.23
N GLU F 269 48.24 19.32 -12.47
CA GLU F 269 48.71 20.64 -12.09
C GLU F 269 49.96 21.02 -12.84
N VAL F 270 50.63 20.06 -13.48
CA VAL F 270 51.76 20.33 -14.36
C VAL F 270 51.45 19.98 -15.80
N SER F 271 50.22 19.58 -16.10
CA SER F 271 49.83 19.25 -17.46
C SER F 271 49.25 20.43 -18.18
N ALA F 272 48.79 21.45 -17.46
CA ALA F 272 48.31 22.67 -18.10
C ALA F 272 49.47 23.46 -18.70
N LEU F 273 50.62 23.45 -18.03
CA LEU F 273 51.77 24.26 -18.38
C LEU F 273 52.71 23.58 -19.36
N LEU F 274 52.45 22.31 -19.69
CA LEU F 274 53.17 21.66 -20.77
C LEU F 274 52.56 21.93 -22.14
N GLY F 275 51.41 22.59 -22.19
CA GLY F 275 50.79 22.94 -23.46
C GLY F 275 49.81 21.93 -24.02
N ARG F 276 48.81 21.55 -23.22
CA ARG F 276 47.89 20.49 -23.59
C ARG F 276 46.45 20.96 -23.43
N ILE F 277 45.61 20.65 -24.42
CA ILE F 277 44.18 20.94 -24.31
C ILE F 277 43.56 20.04 -23.25
N PRO F 278 42.75 20.55 -22.34
CA PRO F 278 42.21 19.68 -21.29
C PRO F 278 41.02 18.86 -21.74
N SER F 279 40.93 17.65 -21.18
CA SER F 279 39.80 16.74 -21.32
C SER F 279 38.67 17.14 -20.39
N ALA F 280 37.80 16.20 -20.02
CA ALA F 280 36.63 16.44 -19.18
C ALA F 280 37.04 16.89 -17.78
N VAL F 281 36.14 16.98 -16.81
CA VAL F 281 35.97 18.05 -15.81
C VAL F 281 37.20 18.91 -15.37
N GLY F 282 38.40 18.62 -15.86
CA GLY F 282 39.53 19.51 -15.72
C GLY F 282 40.83 18.74 -15.75
N TYR F 283 40.72 17.43 -15.88
CA TYR F 283 41.87 16.53 -15.79
C TYR F 283 42.71 16.60 -17.05
N GLN F 284 43.87 15.96 -16.97
CA GLN F 284 44.82 15.93 -18.05
C GLN F 284 44.27 15.08 -19.19
N PRO F 285 44.79 15.25 -20.41
CA PRO F 285 44.36 14.37 -21.50
C PRO F 285 44.81 12.94 -21.33
N THR F 286 45.96 12.70 -20.70
CA THR F 286 46.45 11.36 -20.43
C THR F 286 46.17 10.94 -19.00
N LEU F 287 44.89 10.84 -18.62
CA LEU F 287 44.57 10.46 -17.24
C LEU F 287 44.77 8.98 -17.03
N ALA F 288 44.44 8.15 -18.02
CA ALA F 288 44.32 6.72 -17.83
C ALA F 288 45.34 5.93 -18.63
N THR F 289 46.44 6.56 -19.02
CA THR F 289 47.60 5.82 -19.48
C THR F 289 48.76 5.89 -18.52
N ASP F 290 48.90 6.99 -17.78
CA ASP F 290 49.93 7.04 -16.75
C ASP F 290 49.53 6.22 -15.53
N MET F 291 48.22 6.06 -15.27
CA MET F 291 47.77 5.20 -14.20
C MET F 291 47.94 3.73 -14.56
N GLY F 292 47.72 3.36 -15.81
CA GLY F 292 47.97 2.00 -16.22
C GLY F 292 49.40 1.66 -16.49
N THR F 293 50.32 2.57 -16.23
CA THR F 293 51.74 2.28 -16.27
C THR F 293 52.35 2.24 -14.87
N MET F 294 51.71 2.88 -13.90
CA MET F 294 52.12 2.73 -12.52
C MET F 294 51.54 1.48 -11.89
N GLN F 295 50.26 1.20 -12.16
CA GLN F 295 49.56 0.05 -11.60
C GLN F 295 49.88 -1.26 -12.29
N GLU F 296 50.50 -1.24 -13.44
CA GLU F 296 50.80 -2.50 -14.13
C GLU F 296 52.12 -3.10 -13.68
N ARG F 297 52.79 -2.47 -12.73
CA ARG F 297 54.02 -3.00 -12.15
C ARG F 297 53.79 -3.53 -10.74
N ILE F 298 52.65 -3.25 -10.13
CA ILE F 298 52.34 -3.74 -8.79
C ILE F 298 51.64 -5.08 -8.98
N THR F 299 52.42 -6.13 -9.21
CA THR F 299 51.82 -7.42 -9.52
C THR F 299 52.48 -8.53 -8.72
N THR F 300 51.68 -9.55 -8.42
CA THR F 300 52.21 -10.87 -8.13
C THR F 300 52.69 -11.49 -9.42
N THR F 301 53.84 -12.15 -9.38
CA THR F 301 54.39 -12.74 -10.58
C THR F 301 54.87 -14.14 -10.23
N LYS F 302 55.64 -14.75 -11.14
CA LYS F 302 56.24 -16.05 -10.90
C LYS F 302 57.50 -15.99 -10.05
N LYS F 303 57.94 -14.80 -9.63
CA LYS F 303 59.17 -14.62 -8.86
C LYS F 303 58.94 -14.11 -7.46
N GLY F 304 57.74 -13.68 -7.14
CA GLY F 304 57.46 -13.24 -5.79
C GLY F 304 55.99 -12.99 -5.65
N SER F 305 55.57 -12.16 -4.69
CA SER F 305 54.14 -11.86 -4.55
C SER F 305 54.01 -10.57 -3.78
N ILE F 306 53.37 -9.57 -4.36
CA ILE F 306 53.09 -8.31 -3.68
C ILE F 306 51.61 -8.26 -3.36
N THR F 307 51.28 -7.98 -2.12
CA THR F 307 49.90 -7.91 -1.68
C THR F 307 49.56 -6.45 -1.42
N SER F 308 49.03 -5.80 -2.45
CA SER F 308 48.82 -4.36 -2.42
C SER F 308 47.61 -4.02 -1.57
N VAL F 309 47.68 -2.90 -0.86
CA VAL F 309 46.50 -2.30 -0.26
C VAL F 309 46.63 -0.81 -0.54
N GLN F 310 45.76 -0.27 -1.38
CA GLN F 310 45.82 1.13 -1.76
C GLN F 310 44.60 1.85 -1.27
N ALA F 311 44.79 3.00 -0.65
CA ALA F 311 43.68 3.86 -0.30
C ALA F 311 43.48 4.86 -1.43
N ILE F 312 42.24 5.06 -1.84
CA ILE F 312 41.87 5.89 -2.98
C ILE F 312 40.86 6.93 -2.51
N TYR F 313 41.00 8.15 -3.00
CA TYR F 313 40.14 9.26 -2.64
C TYR F 313 39.15 9.52 -3.75
N VAL F 314 37.91 9.83 -3.39
CA VAL F 314 36.88 10.21 -4.36
C VAL F 314 36.58 11.69 -4.18
N PRO F 315 36.62 12.50 -5.25
CA PRO F 315 36.56 13.95 -5.08
C PRO F 315 35.12 14.42 -4.88
N ALA F 316 34.91 15.16 -3.80
CA ALA F 316 33.62 15.76 -3.40
C ALA F 316 32.52 14.71 -3.23
N ASP F 317 32.89 13.49 -2.83
CA ASP F 317 32.01 12.33 -2.66
C ASP F 317 31.26 12.02 -3.97
N ASP F 318 32.03 11.62 -4.97
CA ASP F 318 31.49 11.30 -6.28
C ASP F 318 32.28 10.13 -6.83
N LEU F 319 31.59 9.04 -7.14
CA LEU F 319 32.22 7.84 -7.65
C LEU F 319 32.26 7.77 -9.16
N THR F 320 31.63 8.71 -9.85
CA THR F 320 31.66 8.76 -11.31
C THR F 320 32.69 9.75 -11.83
N ASP F 321 33.42 10.42 -10.94
CA ASP F 321 34.53 11.29 -11.30
C ASP F 321 35.61 10.48 -12.01
N PRO F 322 36.29 11.06 -13.00
CA PRO F 322 37.18 10.25 -13.85
C PRO F 322 38.42 9.70 -13.14
N ALA F 323 38.86 10.29 -12.04
CA ALA F 323 40.04 9.76 -11.36
C ALA F 323 39.76 8.54 -10.49
N PRO F 324 38.67 8.46 -9.70
CA PRO F 324 38.40 7.17 -9.05
C PRO F 324 37.89 6.11 -10.01
N ALA F 325 37.01 6.46 -10.92
CA ALA F 325 36.29 5.49 -11.72
C ALA F 325 37.12 4.88 -12.84
N THR F 326 38.40 5.19 -12.96
CA THR F 326 39.26 4.44 -13.86
C THR F 326 40.24 3.55 -13.10
N THR F 327 40.25 3.64 -11.77
CA THR F 327 41.06 2.75 -10.95
C THR F 327 40.45 1.37 -10.80
N PHE F 328 39.13 1.24 -11.06
CA PHE F 328 38.37 0.04 -10.74
C PHE F 328 38.80 -1.15 -11.58
N ALA F 329 39.34 -0.92 -12.76
CA ALA F 329 39.73 -2.03 -13.62
C ALA F 329 41.05 -2.64 -13.24
N HIS F 330 41.69 -2.13 -12.19
CA HIS F 330 43.03 -2.53 -11.81
C HIS F 330 43.04 -3.27 -10.48
N LEU F 331 41.88 -3.57 -9.93
CA LEU F 331 41.77 -4.16 -8.61
C LEU F 331 41.40 -5.62 -8.72
N ASP F 332 41.39 -6.28 -7.57
CA ASP F 332 40.75 -7.57 -7.38
C ASP F 332 39.65 -7.47 -6.35
N ALA F 333 39.93 -6.96 -5.18
CA ALA F 333 38.91 -6.70 -4.20
C ALA F 333 38.56 -5.23 -4.28
N THR F 334 37.57 -4.82 -3.52
CA THR F 334 37.04 -3.47 -3.54
C THR F 334 36.28 -3.26 -2.25
N THR F 335 36.52 -2.16 -1.58
CA THR F 335 35.81 -1.85 -0.36
C THR F 335 35.33 -0.41 -0.45
N VAL F 336 34.19 -0.20 -1.11
CA VAL F 336 33.65 1.13 -1.20
C VAL F 336 33.06 1.53 0.14
N LEU F 337 33.65 2.54 0.75
CA LEU F 337 33.11 3.10 1.97
C LEU F 337 32.05 4.13 1.63
N SER F 338 31.38 4.67 2.65
CA SER F 338 30.26 5.56 2.42
C SER F 338 30.14 6.59 3.53
N ARG F 339 29.46 7.69 3.23
CA ARG F 339 29.31 8.75 4.23
C ARG F 339 28.03 8.57 5.01
N ALA F 340 26.92 8.25 4.33
CA ALA F 340 25.63 8.19 5.00
C ALA F 340 25.51 6.98 5.91
N ILE F 341 26.27 5.92 5.62
CA ILE F 341 26.40 4.80 6.54
C ILE F 341 27.01 5.27 7.85
N ALA F 342 28.14 5.98 7.76
CA ALA F 342 28.86 6.49 8.92
C ALA F 342 28.14 7.61 9.65
N GLU F 343 27.02 8.11 9.13
CA GLU F 343 26.20 9.03 9.91
C GLU F 343 25.33 8.28 10.90
N LEU F 344 25.10 6.98 10.65
CA LEU F 344 24.36 6.15 11.57
C LEU F 344 25.24 5.66 12.71
N GLY F 345 26.50 5.39 12.41
CA GLY F 345 27.45 4.89 13.39
C GLY F 345 28.08 3.57 13.03
N ILE F 346 27.74 3.02 11.88
CA ILE F 346 28.28 1.72 11.46
C ILE F 346 29.72 1.94 11.03
N TYR F 347 30.66 1.52 11.88
CA TYR F 347 32.08 1.63 11.59
C TYR F 347 32.72 0.27 11.66
N PRO F 348 33.45 -0.17 10.63
CA PRO F 348 33.87 0.38 9.34
C PRO F 348 32.73 0.62 8.38
N ALA F 349 32.56 1.84 7.90
CA ALA F 349 31.40 2.18 7.09
C ALA F 349 31.58 1.64 5.70
N VAL F 350 31.50 0.32 5.55
CA VAL F 350 31.65 -0.36 4.28
C VAL F 350 30.28 -0.50 3.66
N ASP F 351 30.18 -0.27 2.37
CA ASP F 351 28.93 -0.47 1.67
C ASP F 351 28.84 -1.95 1.28
N PRO F 352 27.90 -2.72 1.85
CA PRO F 352 27.90 -4.16 1.59
C PRO F 352 27.40 -4.50 0.20
N LEU F 353 26.77 -3.53 -0.45
CA LEU F 353 26.18 -3.74 -1.76
C LEU F 353 27.14 -3.34 -2.87
N ASP F 354 28.16 -2.56 -2.55
CA ASP F 354 29.06 -2.03 -3.57
C ASP F 354 30.44 -2.69 -3.55
N SER F 355 30.68 -3.62 -2.64
CA SER F 355 32.00 -4.22 -2.46
C SER F 355 32.03 -5.60 -3.09
N THR F 356 33.08 -5.88 -3.86
CA THR F 356 33.14 -7.12 -4.62
C THR F 356 34.36 -7.94 -4.24
N SER F 357 34.56 -9.02 -4.98
CA SER F 357 35.78 -9.80 -5.03
C SER F 357 35.76 -10.66 -6.27
N ARG F 358 36.86 -11.34 -6.54
CA ARG F 358 36.90 -12.32 -7.60
C ARG F 358 37.00 -13.74 -7.07
N ILE F 359 37.16 -13.92 -5.76
CA ILE F 359 37.24 -15.24 -5.16
C ILE F 359 35.97 -15.63 -4.42
N MET F 360 35.01 -14.72 -4.26
CA MET F 360 33.70 -15.11 -3.76
C MET F 360 33.02 -15.99 -4.80
N ASP F 361 32.99 -17.28 -4.52
CA ASP F 361 32.75 -18.37 -5.45
C ASP F 361 32.52 -19.61 -4.61
N PRO F 362 31.56 -20.48 -4.95
CA PRO F 362 31.26 -21.60 -4.05
C PRO F 362 32.33 -22.67 -4.02
N ASN F 363 33.19 -22.74 -5.03
CA ASN F 363 34.28 -23.70 -5.03
C ASN F 363 35.52 -23.21 -4.30
N ILE F 364 35.70 -21.91 -4.18
CA ILE F 364 36.86 -21.34 -3.51
C ILE F 364 36.56 -21.01 -2.06
N VAL F 365 35.52 -20.21 -1.81
CA VAL F 365 35.27 -19.80 -0.43
C VAL F 365 34.46 -20.84 0.32
N GLY F 366 34.12 -21.96 -0.33
CA GLY F 366 33.38 -23.02 0.31
C GLY F 366 31.89 -22.83 0.19
N SER F 367 31.19 -23.87 -0.23
CA SER F 367 29.78 -23.77 -0.59
C SER F 367 28.86 -23.47 0.58
N GLU F 368 29.30 -23.67 1.82
CA GLU F 368 28.50 -23.23 2.95
C GLU F 368 28.63 -21.72 3.14
N HIS F 369 29.84 -21.19 2.96
CA HIS F 369 30.06 -19.76 3.12
C HIS F 369 29.42 -18.97 2.01
N TYR F 370 29.48 -19.48 0.79
CA TYR F 370 28.93 -18.80 -0.38
C TYR F 370 27.42 -18.61 -0.30
N ASP F 371 26.72 -19.43 0.47
CA ASP F 371 25.28 -19.30 0.60
C ASP F 371 24.85 -18.39 1.74
N VAL F 372 25.72 -18.17 2.72
CA VAL F 372 25.46 -17.11 3.69
C VAL F 372 25.84 -15.77 3.08
N ALA F 373 26.72 -15.78 2.07
CA ALA F 373 27.10 -14.55 1.41
C ALA F 373 25.96 -14.02 0.55
N ARG F 374 25.56 -14.78 -0.47
CA ARG F 374 24.51 -14.35 -1.37
C ARG F 374 23.15 -14.27 -0.68
N GLY F 375 22.96 -14.98 0.41
CA GLY F 375 21.70 -14.92 1.10
C GLY F 375 21.54 -13.77 2.04
N VAL F 376 22.63 -13.06 2.33
CA VAL F 376 22.55 -11.89 3.19
C VAL F 376 22.57 -10.62 2.35
N GLN F 377 22.97 -10.69 1.08
CA GLN F 377 22.72 -9.59 0.17
C GLN F 377 21.26 -9.55 -0.26
N LYS F 378 20.61 -10.71 -0.37
CA LYS F 378 19.21 -10.76 -0.77
C LYS F 378 18.31 -10.11 0.26
N ILE F 379 18.61 -10.27 1.54
CA ILE F 379 17.78 -9.66 2.56
C ILE F 379 18.11 -8.18 2.73
N LEU F 380 19.26 -7.74 2.24
CA LEU F 380 19.71 -6.36 2.38
C LEU F 380 19.17 -5.50 1.25
N GLN F 381 19.11 -6.05 0.04
CA GLN F 381 18.50 -5.37 -1.09
C GLN F 381 17.01 -5.12 -0.84
N ASP F 382 16.30 -6.09 -0.29
CA ASP F 382 14.87 -5.98 -0.04
C ASP F 382 14.52 -4.99 1.05
N TYR F 383 15.48 -4.57 1.87
CA TYR F 383 15.25 -3.47 2.79
C TYR F 383 15.41 -2.14 2.09
N LYS F 384 16.29 -2.09 1.08
CA LYS F 384 16.49 -0.88 0.31
C LYS F 384 15.32 -0.61 -0.62
N SER F 385 14.74 -1.66 -1.19
CA SER F 385 13.68 -1.52 -2.19
C SER F 385 12.33 -1.15 -1.60
N LEU F 386 12.23 -0.87 -0.31
CA LEU F 386 10.97 -0.40 0.27
C LEU F 386 11.14 0.93 0.97
N GLN F 387 12.26 1.62 0.80
CA GLN F 387 12.49 2.85 1.52
C GLN F 387 11.70 4.02 0.98
N ASP F 388 11.17 3.90 -0.24
CA ASP F 388 10.24 4.90 -0.74
C ASP F 388 8.94 4.88 0.06
N ILE F 389 8.44 3.68 0.34
CA ILE F 389 7.12 3.52 0.93
C ILE F 389 7.17 3.73 2.44
N ILE F 390 8.26 3.31 3.09
CA ILE F 390 8.38 3.46 4.54
C ILE F 390 8.55 4.93 4.92
N ALA F 391 9.24 5.70 4.08
CA ALA F 391 9.49 7.10 4.40
C ALA F 391 8.23 7.94 4.26
N ILE F 392 7.42 7.69 3.23
CA ILE F 392 6.19 8.45 3.05
C ILE F 392 5.12 7.88 3.96
N LEU F 393 4.73 6.63 3.71
CA LEU F 393 3.50 6.07 4.27
C LEU F 393 3.67 5.68 5.73
N GLY F 394 4.54 4.72 6.00
CA GLY F 394 4.79 4.27 7.35
C GLY F 394 5.23 2.82 7.35
N MET F 395 5.69 2.39 8.52
CA MET F 395 5.99 0.98 8.72
C MET F 395 4.71 0.16 8.77
N ASP F 396 3.69 0.69 9.41
CA ASP F 396 2.39 0.12 9.71
C ASP F 396 1.52 -0.12 8.51
N GLU F 397 1.89 0.12 7.27
CA GLU F 397 1.11 -0.28 6.10
C GLU F 397 1.83 -1.36 5.30
N LEU F 398 2.46 -2.29 5.99
CA LEU F 398 3.18 -3.38 5.36
C LEU F 398 2.52 -4.71 5.69
N SER F 399 2.94 -5.75 4.99
CA SER F 399 2.43 -7.09 5.21
C SER F 399 3.11 -7.69 6.44
N GLU F 400 2.94 -9.00 6.66
CA GLU F 400 3.62 -9.62 7.77
C GLU F 400 4.89 -10.33 7.36
N GLU F 401 5.03 -10.67 6.09
CA GLU F 401 6.30 -11.19 5.61
C GLU F 401 7.32 -10.09 5.42
N ASP F 402 6.88 -8.88 5.07
CA ASP F 402 7.78 -7.75 4.86
C ASP F 402 7.81 -6.81 6.05
N LYS F 403 7.41 -7.29 7.22
CA LYS F 403 7.91 -6.77 8.49
C LYS F 403 8.90 -7.74 9.10
N LEU F 404 9.40 -8.67 8.29
CA LEU F 404 10.33 -9.69 8.73
C LEU F 404 11.48 -9.82 7.74
N THR F 405 11.52 -8.99 6.70
CA THR F 405 12.79 -8.64 6.08
C THR F 405 13.23 -7.23 6.46
N VAL F 406 12.42 -6.52 7.24
CA VAL F 406 12.83 -5.23 7.78
C VAL F 406 13.47 -5.39 9.14
N SER F 407 12.87 -6.19 10.00
CA SER F 407 13.43 -6.40 11.34
C SER F 407 14.61 -7.34 11.34
N ARG F 408 14.76 -8.17 10.33
CA ARG F 408 15.93 -9.03 10.24
C ARG F 408 17.11 -8.39 9.53
N ALA F 409 16.87 -7.36 8.71
CA ALA F 409 17.94 -6.66 8.03
C ALA F 409 18.40 -5.41 8.76
N ARG F 410 17.82 -5.12 9.92
CA ARG F 410 18.36 -4.15 10.85
C ARG F 410 19.14 -4.80 11.98
N LYS F 411 18.98 -6.10 12.18
CA LYS F 411 19.89 -6.88 13.01
C LYS F 411 21.15 -7.27 12.25
N ILE F 412 21.14 -7.20 10.93
CA ILE F 412 22.29 -7.62 10.15
C ILE F 412 23.22 -6.45 9.88
N GLN F 413 22.67 -5.25 9.64
CA GLN F 413 23.47 -4.05 9.50
C GLN F 413 24.28 -3.74 10.74
N ARG F 414 23.64 -3.86 11.91
CA ARG F 414 24.33 -3.60 13.17
C ARG F 414 25.36 -4.66 13.48
N PHE F 415 25.17 -5.87 12.97
CA PHE F 415 26.14 -6.95 13.20
C PHE F 415 27.19 -6.97 12.10
N LEU F 416 27.53 -5.81 11.57
CA LEU F 416 28.69 -5.72 10.69
C LEU F 416 29.70 -4.70 11.23
N SER F 417 29.33 -4.02 12.31
CA SER F 417 30.21 -3.06 12.96
C SER F 417 31.01 -3.73 14.07
N GLN F 418 32.33 -3.56 14.02
CA GLN F 418 33.32 -4.22 14.86
C GLN F 418 34.24 -3.19 15.49
N PRO F 419 34.60 -3.35 16.77
CA PRO F 419 35.58 -2.44 17.36
C PRO F 419 36.98 -2.80 16.93
N PHE F 420 37.74 -1.83 16.45
CA PHE F 420 39.07 -2.07 15.92
C PHE F 420 40.12 -1.93 17.01
N GLN F 421 41.31 -2.48 16.72
CA GLN F 421 42.41 -2.40 17.67
C GLN F 421 43.00 -1.00 17.72
N VAL F 422 43.07 -0.31 16.58
CA VAL F 422 43.70 1.00 16.54
C VAL F 422 42.77 2.06 17.10
N ALA F 423 41.51 1.75 17.29
CA ALA F 423 40.52 2.71 17.74
C ALA F 423 40.21 2.61 19.22
N GLU F 424 41.04 1.91 20.00
CA GLU F 424 40.83 1.85 21.44
C GLU F 424 41.08 3.20 22.09
N VAL F 425 42.00 4.00 21.53
CA VAL F 425 42.38 5.26 22.14
C VAL F 425 41.31 6.32 21.91
N PHE F 426 40.46 6.14 20.91
CA PHE F 426 39.39 7.11 20.69
C PHE F 426 38.28 6.94 21.72
N THR F 427 37.64 5.77 21.72
CA THR F 427 36.39 5.56 22.45
C THR F 427 36.54 4.72 23.71
N GLY F 428 37.69 4.09 23.92
CA GLY F 428 37.88 3.29 25.13
C GLY F 428 37.13 1.97 25.10
N HIS F 429 37.15 1.28 23.98
CA HIS F 429 36.50 -0.02 23.82
C HIS F 429 37.50 -1.00 23.22
N LEU F 430 37.49 -2.22 23.73
CA LEU F 430 38.51 -3.20 23.37
C LEU F 430 38.37 -3.65 21.93
N GLY F 431 39.49 -3.63 21.21
CA GLY F 431 39.48 -4.10 19.84
C GLY F 431 39.32 -5.61 19.77
N LYS F 432 38.38 -6.05 18.93
CA LYS F 432 38.01 -7.44 18.81
C LYS F 432 38.46 -7.99 17.47
N LEU F 433 39.05 -9.17 17.49
CA LEU F 433 39.32 -9.93 16.28
C LEU F 433 38.46 -11.19 16.33
N VAL F 434 37.69 -11.43 15.28
CA VAL F 434 36.88 -12.63 15.15
C VAL F 434 37.61 -13.55 14.17
N PRO F 435 37.46 -14.86 14.26
CA PRO F 435 37.97 -15.73 13.21
C PRO F 435 36.94 -15.86 12.10
N LEU F 436 37.30 -16.62 11.07
CA LEU F 436 36.39 -16.76 9.93
C LEU F 436 35.20 -17.64 10.28
N LYS F 437 35.42 -18.74 10.99
CA LYS F 437 34.38 -19.75 11.15
C LYS F 437 33.33 -19.34 12.18
N GLU F 438 33.57 -18.25 12.90
CA GLU F 438 32.63 -17.81 13.89
C GLU F 438 31.79 -16.62 13.40
N THR F 439 31.96 -16.22 12.13
CA THR F 439 31.06 -15.28 11.47
C THR F 439 30.03 -15.97 10.61
N ILE F 440 30.42 -17.02 9.87
CA ILE F 440 29.47 -17.83 9.11
C ILE F 440 28.46 -18.47 10.04
N LYS F 441 28.95 -19.01 11.16
CA LYS F 441 28.08 -19.60 12.16
C LYS F 441 27.20 -18.56 12.83
N GLY F 442 27.66 -17.31 12.90
CA GLY F 442 26.92 -16.26 13.58
C GLY F 442 25.95 -15.50 12.75
N PHE F 443 25.96 -15.68 11.43
CA PHE F 443 24.97 -15.07 10.56
C PHE F 443 23.87 -16.03 10.15
N GLN F 444 24.16 -17.34 10.14
CA GLN F 444 23.13 -18.35 9.95
C GLN F 444 22.14 -18.38 11.09
N GLN F 445 22.50 -17.87 12.26
CA GLN F 445 21.59 -17.74 13.38
C GLN F 445 20.92 -16.38 13.42
N ILE F 446 20.94 -15.64 12.33
CA ILE F 446 20.10 -14.45 12.19
C ILE F 446 19.25 -14.65 10.94
N LEU F 447 19.75 -15.45 10.01
CA LEU F 447 18.99 -15.74 8.81
C LEU F 447 17.94 -16.82 9.04
N ALA F 448 18.27 -17.82 9.86
CA ALA F 448 17.29 -18.85 10.18
C ALA F 448 16.25 -18.35 11.16
N GLY F 449 16.62 -17.40 12.00
CA GLY F 449 15.61 -16.75 12.82
C GLY F 449 15.61 -17.19 14.26
N GLU F 450 16.80 -17.41 14.82
CA GLU F 450 16.90 -17.88 16.20
C GLU F 450 16.94 -16.75 17.20
N TYR F 451 17.31 -15.55 16.78
CA TYR F 451 17.51 -14.43 17.70
C TYR F 451 16.44 -13.36 17.52
N ASP F 452 15.26 -13.75 17.06
CA ASP F 452 14.24 -12.78 16.69
C ASP F 452 13.55 -12.15 17.88
N HIS F 453 13.93 -12.52 19.10
CA HIS F 453 13.40 -11.90 20.31
C HIS F 453 14.36 -10.90 20.92
N LEU F 454 15.66 -11.04 20.65
CA LEU F 454 16.65 -10.08 21.14
C LEU F 454 16.47 -8.76 20.42
N PRO F 455 16.66 -7.63 21.10
CA PRO F 455 16.58 -6.33 20.41
C PRO F 455 17.75 -6.07 19.48
N GLU F 456 17.75 -4.90 18.83
CA GLU F 456 18.76 -4.57 17.84
C GLU F 456 19.92 -3.76 18.42
N GLN F 457 19.76 -3.21 19.62
CA GLN F 457 20.84 -2.57 20.35
C GLN F 457 21.84 -3.57 20.92
N ALA F 458 21.59 -4.86 20.79
CA ALA F 458 22.50 -5.88 21.28
C ALA F 458 23.44 -6.41 20.22
N PHE F 459 23.13 -6.20 18.94
CA PHE F 459 23.98 -6.67 17.86
C PHE F 459 25.05 -5.65 17.47
N TYR F 460 25.19 -4.58 18.22
CA TYR F 460 25.91 -3.38 17.82
C TYR F 460 27.25 -3.29 18.53
N MET F 461 28.32 -3.16 17.75
CA MET F 461 29.70 -2.96 18.24
C MET F 461 30.14 -4.08 19.16
N VAL F 462 29.94 -5.31 18.71
CA VAL F 462 30.38 -6.50 19.43
C VAL F 462 31.21 -7.33 18.48
N GLY F 463 31.90 -8.32 19.04
CA GLY F 463 32.85 -9.08 18.29
C GLY F 463 32.24 -10.35 17.75
N PRO F 464 32.52 -11.49 18.39
CA PRO F 464 31.82 -12.72 18.04
C PRO F 464 30.40 -12.71 18.61
N ILE F 465 29.61 -13.66 18.13
CA ILE F 465 28.15 -13.62 18.27
C ILE F 465 27.72 -13.81 19.73
N GLU F 466 28.57 -14.42 20.56
CA GLU F 466 28.21 -14.67 21.96
C GLU F 466 28.20 -13.40 22.78
N GLU F 467 28.82 -12.33 22.27
CA GLU F 467 28.74 -11.04 22.96
C GLU F 467 27.41 -10.36 22.68
N ALA F 468 26.75 -10.74 21.59
CA ALA F 468 25.45 -10.15 21.27
C ALA F 468 24.37 -10.63 22.23
N VAL F 469 24.41 -11.91 22.60
CA VAL F 469 23.46 -12.42 23.58
C VAL F 469 23.87 -11.99 24.99
N ALA F 470 25.15 -11.64 25.17
CA ALA F 470 25.61 -11.16 26.47
C ALA F 470 25.24 -9.70 26.67
N LYS F 471 25.33 -8.90 25.61
CA LYS F 471 24.87 -7.52 25.67
C LYS F 471 23.35 -7.46 25.81
N ALA F 472 22.65 -8.47 25.25
CA ALA F 472 21.21 -8.57 25.44
C ALA F 472 20.88 -9.04 26.84
N ASP F 473 21.81 -9.76 27.47
CA ASP F 473 21.60 -10.21 28.84
C ASP F 473 21.72 -9.05 29.81
N LYS F 474 22.58 -8.08 29.48
CA LYS F 474 22.78 -6.92 30.36
C LYS F 474 21.54 -6.07 30.47
N LEU F 475 21.03 -5.58 29.34
CA LEU F 475 19.77 -4.84 29.39
C LEU F 475 18.61 -5.80 29.55
N ALA F 476 17.80 -5.53 30.56
CA ALA F 476 16.68 -6.41 30.87
C ALA F 476 15.51 -5.60 31.40
N SER G 1 9.92 26.81 -3.12
CA SER G 1 10.24 27.59 -4.30
C SER G 1 9.19 27.37 -5.39
N SER G 2 7.91 27.47 -5.01
CA SER G 2 6.80 27.19 -5.90
C SER G 2 5.90 28.40 -6.16
N ASP G 3 6.02 29.46 -5.38
CA ASP G 3 5.14 30.62 -5.55
C ASP G 3 5.75 31.66 -6.50
N THR G 4 6.23 31.22 -7.66
CA THR G 4 6.92 32.06 -8.63
C THR G 4 6.92 31.27 -9.94
N PRO G 5 6.70 31.92 -11.08
CA PRO G 5 6.88 31.21 -12.37
C PRO G 5 8.30 30.74 -12.61
N GLU G 6 9.29 31.41 -12.03
CA GLU G 6 10.68 30.99 -12.18
C GLU G 6 10.97 29.73 -11.39
N GLY G 7 10.41 29.62 -10.18
CA GLY G 7 10.52 28.40 -9.42
C GLY G 7 9.71 27.28 -10.06
N VAL G 8 10.32 26.09 -10.14
CA VAL G 8 9.76 25.01 -10.94
C VAL G 8 8.53 24.42 -10.26
N ARG G 9 7.67 23.81 -11.07
CA ARG G 9 6.44 23.18 -10.61
C ARG G 9 6.31 21.82 -11.28
N SER G 10 5.21 21.14 -10.98
CA SER G 10 4.98 19.76 -11.39
C SER G 10 3.78 19.69 -12.33
N GLY G 11 3.68 18.56 -13.03
CA GLY G 11 2.57 18.30 -13.90
C GLY G 11 1.49 17.47 -13.23
N ALA G 12 0.50 17.10 -14.01
CA ALA G 12 -0.55 16.19 -13.57
C ALA G 12 -0.24 14.80 -14.12
N GLY G 13 -0.29 13.81 -13.25
CA GLY G 13 0.12 12.47 -13.61
C GLY G 13 1.60 12.40 -13.85
N ALA G 14 2.38 12.71 -12.81
CA ALA G 14 3.82 12.60 -12.83
C ALA G 14 4.33 11.48 -11.93
N VAL G 15 3.48 10.94 -11.06
CA VAL G 15 3.88 9.84 -10.18
C VAL G 15 4.22 8.60 -10.99
N ARG G 16 3.43 8.30 -12.00
CA ARG G 16 3.72 7.19 -12.88
C ARG G 16 4.68 7.60 -14.00
N ASP G 17 5.06 8.87 -14.06
CA ASP G 17 6.09 9.29 -15.01
C ASP G 17 7.49 9.00 -14.52
N ALA G 18 7.71 8.98 -13.21
CA ALA G 18 9.02 8.66 -12.65
C ALA G 18 9.40 7.21 -12.89
N GLY G 19 8.65 6.28 -12.32
CA GLY G 19 8.96 4.87 -12.42
C GLY G 19 9.53 4.32 -11.13
N GLY G 20 9.01 4.78 -10.00
CA GLY G 20 9.61 4.47 -8.73
C GLY G 20 9.11 3.20 -8.09
N ALA G 21 8.66 3.31 -6.85
CA ALA G 21 7.95 2.23 -6.16
C ALA G 21 6.58 2.70 -5.73
N PHE G 22 6.11 3.83 -6.25
CA PHE G 22 4.71 4.21 -6.23
C PHE G 22 4.10 4.11 -7.62
N GLY G 23 4.94 4.17 -8.65
CA GLY G 23 4.44 3.98 -10.00
C GLY G 23 4.19 2.52 -10.31
N LYS G 24 4.88 1.65 -9.57
CA LYS G 24 4.72 0.21 -9.65
C LYS G 24 3.60 -0.24 -8.71
N LYS G 25 3.46 0.43 -7.58
CA LYS G 25 2.41 0.10 -6.61
C LYS G 25 1.04 0.50 -7.15
N GLU G 26 1.01 1.26 -8.26
CA GLU G 26 -0.25 1.69 -8.84
C GLU G 26 -0.53 0.98 -10.15
N GLN G 27 0.52 0.62 -10.89
CA GLN G 27 0.32 -0.12 -12.14
C GLN G 27 -0.15 -1.53 -11.86
N ALA G 28 0.23 -2.09 -10.71
CA ALA G 28 -0.20 -3.44 -10.36
C ALA G 28 -1.52 -3.43 -9.63
N ASP G 29 -1.82 -2.37 -8.87
CA ASP G 29 -3.09 -2.26 -8.16
C ASP G 29 -4.26 -2.18 -9.12
N GLU G 30 -4.05 -1.63 -10.31
CA GLU G 30 -5.13 -1.55 -11.28
C GLU G 30 -5.38 -2.88 -11.96
N GLU G 31 -4.36 -3.73 -12.05
CA GLU G 31 -4.59 -5.05 -12.64
C GLU G 31 -5.21 -6.01 -11.64
N ARG G 32 -5.06 -5.74 -10.35
CA ARG G 32 -5.66 -6.61 -9.35
C ARG G 32 -7.12 -6.25 -9.11
N TYR G 33 -7.60 -5.18 -9.73
CA TYR G 33 -9.03 -4.89 -9.73
C TYR G 33 -9.67 -5.28 -11.05
N PHE G 34 -9.09 -4.83 -12.16
CA PHE G 34 -9.73 -5.02 -13.45
C PHE G 34 -9.39 -6.37 -14.07
N ARG G 35 -8.93 -7.32 -13.26
CA ARG G 35 -8.86 -8.70 -13.71
C ARG G 35 -10.01 -9.50 -13.11
N ALA G 36 -10.55 -9.03 -12.00
CA ALA G 36 -11.60 -9.76 -11.32
C ALA G 36 -12.98 -9.22 -11.69
N ARG G 37 -13.05 -7.99 -12.20
CA ARG G 37 -14.27 -7.54 -12.87
C ARG G 37 -14.38 -8.15 -14.25
N ALA G 38 -13.28 -8.70 -14.77
CA ALA G 38 -13.29 -9.27 -16.10
C ALA G 38 -13.85 -10.68 -16.11
N ARG G 39 -14.23 -11.20 -14.94
CA ARG G 39 -14.94 -12.48 -14.90
C ARG G 39 -16.23 -12.38 -14.09
N GLU G 40 -16.56 -11.20 -13.57
CA GLU G 40 -17.96 -10.93 -13.27
C GLU G 40 -18.73 -10.65 -14.54
N GLN G 41 -18.10 -9.87 -15.41
CA GLN G 41 -18.64 -9.51 -16.70
C GLN G 41 -18.67 -10.68 -17.68
N LEU G 42 -17.61 -11.49 -17.66
CA LEU G 42 -17.50 -12.62 -18.56
C LEU G 42 -18.57 -13.70 -18.34
N ALA G 43 -18.88 -13.97 -17.07
CA ALA G 43 -19.88 -14.97 -16.71
C ALA G 43 -21.28 -14.57 -17.17
N ALA G 44 -21.59 -13.28 -17.03
CA ALA G 44 -22.90 -12.74 -17.40
C ALA G 44 -23.19 -12.64 -18.90
N LEU G 45 -22.16 -12.79 -19.73
CA LEU G 45 -22.32 -12.67 -21.18
C LEU G 45 -23.26 -13.70 -21.80
N LYS G 46 -23.21 -14.95 -21.35
CA LYS G 46 -24.08 -15.96 -21.93
C LYS G 46 -25.54 -15.59 -21.71
N LYS G 47 -25.85 -15.16 -20.50
CA LYS G 47 -27.22 -14.75 -20.16
C LYS G 47 -27.68 -13.48 -20.87
N HIS G 48 -26.81 -12.49 -20.97
CA HIS G 48 -27.14 -11.22 -21.61
C HIS G 48 -27.46 -11.39 -23.08
N HIS G 49 -26.66 -12.21 -23.75
CA HIS G 49 -26.85 -12.48 -25.17
C HIS G 49 -28.19 -13.16 -25.42
N GLU G 50 -28.54 -14.10 -24.54
CA GLU G 50 -29.81 -14.82 -24.62
C GLU G 50 -30.97 -13.85 -24.46
N ASN G 51 -30.81 -12.96 -23.49
CA ASN G 51 -31.78 -11.94 -23.13
C ASN G 51 -32.09 -11.01 -24.29
N GLU G 52 -31.08 -10.72 -25.10
CA GLU G 52 -31.26 -9.86 -26.26
C GLU G 52 -32.22 -10.53 -27.24
N ILE G 53 -32.05 -11.83 -27.43
CA ILE G 53 -32.92 -12.60 -28.32
C ILE G 53 -34.35 -12.62 -27.77
N SER G 54 -34.46 -12.75 -26.45
CA SER G 54 -35.75 -12.79 -25.78
C SER G 54 -36.54 -11.50 -25.97
N HIS G 55 -35.84 -10.37 -25.89
CA HIS G 55 -36.48 -9.06 -26.05
C HIS G 55 -35.59 -8.10 -26.83
N ALA H 1 22.07 10.00 -10.96
CA ALA H 1 21.74 11.33 -10.44
C ALA H 1 22.01 12.41 -11.49
N THR H 2 21.29 12.35 -12.60
CA THR H 2 21.42 13.33 -13.68
C THR H 2 20.43 14.47 -13.47
N LEU H 3 20.28 15.36 -14.44
CA LEU H 3 19.33 16.44 -14.23
C LEU H 3 17.89 16.00 -14.51
N LYS H 4 17.71 15.06 -15.44
CA LYS H 4 16.36 14.59 -15.71
C LYS H 4 15.83 13.75 -14.56
N ASP H 5 16.67 12.87 -14.01
CA ASP H 5 16.24 11.93 -12.99
C ASP H 5 15.88 12.62 -11.68
N ILE H 6 16.61 13.69 -11.35
CA ILE H 6 16.32 14.45 -10.13
C ILE H 6 15.00 15.18 -10.29
N THR H 7 14.71 15.67 -11.51
CA THR H 7 13.50 16.44 -11.74
C THR H 7 12.26 15.57 -11.65
N ARG H 8 12.28 14.39 -12.28
CA ARG H 8 11.11 13.53 -12.33
C ARG H 8 10.81 12.93 -10.97
N ARG H 9 11.84 12.69 -10.17
CA ARG H 9 11.61 12.24 -8.80
C ARG H 9 11.08 13.39 -7.95
N LEU H 10 11.62 14.58 -8.13
CA LEU H 10 11.16 15.72 -7.33
C LEU H 10 9.76 16.13 -7.74
N LYS H 11 9.39 15.95 -9.01
CA LYS H 11 8.05 16.27 -9.46
C LYS H 11 7.03 15.29 -8.89
N SER H 12 7.45 14.06 -8.63
CA SER H 12 6.55 13.05 -8.09
C SER H 12 6.13 13.37 -6.67
N ILE H 13 7.08 13.79 -5.85
CA ILE H 13 6.79 14.00 -4.43
C ILE H 13 6.09 15.34 -4.23
N LYS H 14 6.07 16.18 -5.26
CA LYS H 14 5.26 17.38 -5.18
C LYS H 14 3.79 17.06 -5.42
N ASN H 15 3.52 16.00 -6.18
CA ASN H 15 2.16 15.49 -6.32
C ASN H 15 1.67 14.86 -5.02
N ILE H 16 2.50 13.98 -4.44
CA ILE H 16 2.14 13.23 -3.24
C ILE H 16 1.98 14.16 -2.04
N GLN H 17 2.60 15.34 -2.10
CA GLN H 17 2.42 16.31 -1.04
C GLN H 17 1.04 16.96 -1.08
N LYS H 18 0.46 17.12 -2.28
CA LYS H 18 -0.86 17.73 -2.38
C LYS H 18 -1.95 16.75 -1.97
N ILE H 19 -1.84 15.51 -2.46
CA ILE H 19 -2.87 14.50 -2.31
C ILE H 19 -3.06 14.14 -0.85
N THR H 20 -1.98 14.05 -0.09
CA THR H 20 -2.10 13.70 1.32
C THR H 20 -2.52 14.91 2.16
N LYS H 21 -2.36 16.12 1.63
CA LYS H 21 -2.80 17.28 2.38
C LYS H 21 -4.25 17.59 2.10
N SER H 22 -4.76 17.17 0.94
CA SER H 22 -6.20 17.19 0.72
C SER H 22 -6.88 16.11 1.52
N MET H 23 -6.30 14.91 1.50
CA MET H 23 -6.86 13.74 2.17
C MET H 23 -6.90 13.90 3.69
N LYS H 24 -6.10 14.80 4.24
CA LYS H 24 -6.26 15.13 5.65
C LYS H 24 -7.47 16.03 5.84
N MET H 25 -7.77 16.90 4.87
CA MET H 25 -8.90 17.80 5.02
C MET H 25 -10.23 17.08 4.80
N VAL H 26 -10.22 15.99 4.04
CA VAL H 26 -11.40 15.14 3.92
C VAL H 26 -11.67 14.43 5.22
N ALA H 27 -10.63 13.84 5.82
CA ALA H 27 -10.80 13.01 7.00
C ALA H 27 -10.83 13.83 8.27
N ALA H 28 -10.64 15.15 8.16
CA ALA H 28 -10.84 16.01 9.31
C ALA H 28 -12.31 16.31 9.50
N ALA H 29 -13.11 16.18 8.44
CA ALA H 29 -14.54 16.43 8.56
C ALA H 29 -15.26 15.16 8.98
N LYS H 30 -14.80 14.01 8.50
CA LYS H 30 -15.41 12.74 8.86
C LYS H 30 -15.23 12.44 10.34
N TYR H 31 -14.05 12.75 10.90
CA TYR H 31 -13.87 12.62 12.32
C TYR H 31 -14.74 13.62 13.08
N ALA H 32 -14.95 14.81 12.50
CA ALA H 32 -15.67 15.85 13.22
C ALA H 32 -17.15 15.56 13.30
N ARG H 33 -17.68 14.74 12.39
CA ARG H 33 -19.04 14.22 12.54
C ARG H 33 -19.04 12.99 13.43
N ALA H 34 -18.04 12.13 13.27
CA ALA H 34 -18.02 10.87 14.02
C ALA H 34 -17.58 11.10 15.46
N GLU H 35 -17.17 12.32 15.80
CA GLU H 35 -17.07 12.69 17.20
C GLU H 35 -18.44 13.05 17.75
N ARG H 36 -19.30 13.62 16.90
CA ARG H 36 -20.61 14.08 17.36
C ARG H 36 -21.56 12.91 17.65
N ASP H 37 -21.55 11.89 16.79
CA ASP H 37 -22.57 10.85 16.88
C ASP H 37 -22.33 9.90 18.06
N LEU H 38 -21.09 9.83 18.54
CA LEU H 38 -20.75 8.80 19.52
C LEU H 38 -21.34 9.11 20.89
N LYS H 39 -21.40 10.39 21.26
CA LYS H 39 -21.91 10.74 22.58
C LYS H 39 -23.41 10.51 22.79
N PRO H 40 -24.29 10.56 21.77
CA PRO H 40 -25.61 9.93 21.97
C PRO H 40 -25.55 8.44 22.25
N ALA H 41 -24.78 7.69 21.46
CA ALA H 41 -24.71 6.25 21.68
C ALA H 41 -23.78 5.89 22.83
N ARG H 42 -23.20 6.88 23.50
CA ARG H 42 -22.49 6.63 24.73
C ARG H 42 -23.44 6.24 25.86
N VAL H 43 -24.65 6.81 25.85
CA VAL H 43 -25.61 6.51 26.92
C VAL H 43 -26.40 5.26 26.60
N TYR H 44 -26.30 4.78 25.36
CA TYR H 44 -26.92 3.51 25.02
C TYR H 44 -26.14 2.34 25.62
N GLY H 45 -24.80 2.42 25.59
CA GLY H 45 -23.99 1.39 26.22
C GLY H 45 -23.76 1.64 27.70
N ILE H 46 -24.35 2.72 28.23
CA ILE H 46 -24.42 2.92 29.67
C ILE H 46 -25.39 1.91 30.28
N GLY H 47 -26.50 1.64 29.58
CA GLY H 47 -27.54 0.80 30.14
C GLY H 47 -27.16 -0.66 30.24
N SER H 48 -26.45 -1.18 29.23
CA SER H 48 -26.14 -2.60 29.24
C SER H 48 -24.98 -2.91 30.18
N LEU H 49 -24.12 -1.94 30.45
CA LEU H 49 -23.12 -2.11 31.50
C LEU H 49 -23.76 -2.05 32.88
N ALA H 50 -24.83 -1.24 33.02
CA ALA H 50 -25.46 -1.05 34.32
C ALA H 50 -26.24 -2.28 34.74
N LEU H 51 -26.57 -3.14 33.77
CA LEU H 51 -27.14 -4.45 34.10
C LEU H 51 -26.16 -5.28 34.92
N TYR H 52 -24.87 -5.22 34.60
CA TYR H 52 -23.94 -6.18 35.17
C TYR H 52 -23.30 -5.67 36.46
N GLU H 53 -23.54 -4.39 36.81
CA GLU H 53 -23.03 -3.90 38.10
C GLU H 53 -23.90 -4.40 39.25
N LYS H 54 -25.21 -4.36 39.07
CA LYS H 54 -26.10 -4.75 40.16
C LYS H 54 -26.24 -6.26 40.22
N ALA H 55 -26.02 -6.94 39.10
CA ALA H 55 -26.03 -8.39 39.01
C ALA H 55 -24.71 -8.84 38.41
N ASP H 56 -23.80 -9.32 39.27
CA ASP H 56 -22.43 -9.62 38.87
C ASP H 56 -22.37 -11.06 38.35
N ILE H 57 -22.40 -11.20 37.02
CA ILE H 57 -22.42 -12.52 36.40
C ILE H 57 -21.06 -12.79 35.75
N LYS H 58 -20.60 -14.03 35.84
CA LYS H 58 -19.33 -14.46 35.28
C LYS H 58 -19.51 -15.77 34.53
N VAL H 59 -18.51 -16.11 33.71
CA VAL H 59 -18.47 -17.42 33.05
C VAL H 59 -17.87 -18.44 34.03
N PRO H 60 -18.70 -19.36 34.57
CA PRO H 60 -18.32 -20.09 35.79
C PRO H 60 -17.15 -21.06 35.67
N GLU H 61 -17.22 -22.09 34.83
CA GLU H 61 -16.12 -23.03 34.83
C GLU H 61 -15.59 -23.42 33.44
N ASP H 62 -16.47 -23.62 32.46
CA ASP H 62 -16.14 -24.31 31.20
C ASP H 62 -17.34 -24.32 30.27
N LYS H 63 -17.10 -24.24 28.97
CA LYS H 63 -18.14 -24.28 27.95
C LYS H 63 -17.78 -25.31 26.88
N LYS H 64 -18.79 -25.71 26.11
CA LYS H 64 -18.57 -26.66 25.03
C LYS H 64 -18.22 -25.97 23.73
N LYS H 65 -18.75 -24.76 23.50
CA LYS H 65 -18.55 -24.00 22.28
C LYS H 65 -18.16 -22.57 22.66
N HIS H 66 -17.82 -21.75 21.66
CA HIS H 66 -17.37 -20.39 21.94
C HIS H 66 -17.48 -19.54 20.68
N LEU H 67 -17.44 -18.21 20.87
CA LEU H 67 -17.39 -17.23 19.79
C LEU H 67 -16.32 -16.18 20.04
N ILE H 68 -15.76 -15.67 18.96
CA ILE H 68 -14.91 -14.48 18.99
C ILE H 68 -15.35 -13.57 17.84
N ILE H 69 -15.69 -12.33 18.17
CA ILE H 69 -16.14 -11.35 17.18
C ILE H 69 -15.16 -10.20 17.16
N GLY H 70 -14.74 -9.78 15.97
CA GLY H 70 -13.84 -8.64 15.86
C GLY H 70 -14.24 -7.66 14.78
N VAL H 71 -14.42 -6.38 15.15
CA VAL H 71 -14.90 -5.36 14.24
C VAL H 71 -13.71 -4.62 13.63
N SER H 72 -13.93 -4.06 12.45
CA SER H 72 -13.00 -3.18 11.75
C SER H 72 -13.75 -2.52 10.60
N SER H 73 -13.03 -1.76 9.79
CA SER H 73 -13.52 -1.27 8.52
C SER H 73 -12.97 -2.17 7.42
N ASP H 74 -13.21 -1.78 6.17
CA ASP H 74 -12.55 -2.40 5.04
C ASP H 74 -11.40 -1.56 4.50
N ARG H 75 -11.24 -0.34 5.02
CA ARG H 75 -10.30 0.63 4.46
C ARG H 75 -8.96 0.58 5.19
N GLY H 76 -7.89 0.73 4.42
CA GLY H 76 -6.56 0.80 4.98
C GLY H 76 -6.17 2.20 5.37
N LEU H 77 -4.84 2.41 5.49
CA LEU H 77 -4.21 3.69 5.78
C LEU H 77 -4.70 4.30 7.08
N CYS H 78 -4.74 3.49 8.14
CA CYS H 78 -5.14 3.96 9.45
C CYS H 78 -4.12 3.64 10.53
N GLY H 79 -2.99 3.04 10.19
CA GLY H 79 -1.92 2.86 11.16
C GLY H 79 -1.93 1.54 11.91
N ALA H 80 -2.39 1.57 13.17
CA ALA H 80 -2.38 0.38 13.99
C ALA H 80 -3.76 0.12 14.59
N ILE H 81 -4.78 0.12 13.74
CA ILE H 81 -6.13 -0.21 14.17
C ILE H 81 -6.42 -1.70 13.94
N HIS H 82 -6.08 -2.21 12.76
CA HIS H 82 -6.45 -3.58 12.43
C HIS H 82 -5.52 -4.59 13.09
N SER H 83 -4.24 -4.28 13.20
CA SER H 83 -3.33 -5.21 13.84
C SER H 83 -3.33 -5.08 15.36
N SER H 84 -4.06 -4.11 15.90
CA SER H 84 -4.31 -4.04 17.33
C SER H 84 -5.53 -4.87 17.74
N VAL H 85 -6.16 -5.53 16.79
CA VAL H 85 -7.33 -6.37 17.04
C VAL H 85 -7.08 -7.82 16.65
N ALA H 86 -6.41 -8.05 15.52
CA ALA H 86 -6.09 -9.42 15.10
C ALA H 86 -5.05 -10.05 16.03
N LYS H 87 -4.04 -9.29 16.45
CA LYS H 87 -3.05 -9.82 17.38
C LYS H 87 -3.60 -9.97 18.79
N GLN H 88 -4.67 -9.25 19.12
CA GLN H 88 -5.39 -9.53 20.36
C GLN H 88 -6.19 -10.82 20.25
N ILE H 89 -6.70 -11.11 19.05
CA ILE H 89 -7.53 -12.31 18.85
C ILE H 89 -6.67 -13.57 18.90
N LYS H 90 -5.49 -13.54 18.30
CA LYS H 90 -4.58 -14.68 18.40
C LYS H 90 -3.95 -14.82 19.79
N SER H 91 -4.10 -13.83 20.66
CA SER H 91 -3.65 -13.90 22.03
C SER H 91 -4.68 -14.54 22.96
N GLU H 92 -5.78 -15.07 22.41
CA GLU H 92 -6.80 -15.67 23.27
C GLU H 92 -7.15 -17.08 22.82
N VAL H 93 -7.15 -17.33 21.52
CA VAL H 93 -7.36 -18.69 21.04
C VAL H 93 -6.15 -19.57 21.30
N ALA H 94 -4.96 -18.98 21.47
CA ALA H 94 -3.85 -19.73 22.05
C ALA H 94 -4.05 -19.94 23.55
N ASN H 95 -4.59 -18.92 24.22
CA ASN H 95 -4.93 -19.06 25.63
C ASN H 95 -6.09 -20.02 25.83
N LEU H 96 -7.02 -20.06 24.90
CA LEU H 96 -8.05 -21.09 24.86
C LEU H 96 -7.53 -22.25 24.03
N THR H 97 -8.42 -23.17 23.63
CA THR H 97 -8.12 -24.48 23.02
C THR H 97 -7.11 -25.31 23.81
N ALA H 98 -7.04 -25.09 25.12
CA ALA H 98 -6.32 -25.95 26.05
C ALA H 98 -7.20 -26.36 27.22
N ALA H 99 -8.20 -25.54 27.54
CA ALA H 99 -9.27 -25.93 28.45
C ALA H 99 -10.33 -26.79 27.77
N GLY H 100 -10.21 -27.03 26.46
CA GLY H 100 -11.00 -28.01 25.77
C GLY H 100 -12.18 -27.47 25.00
N LYS H 101 -12.50 -26.19 25.13
CA LYS H 101 -13.67 -25.62 24.48
C LYS H 101 -13.40 -25.40 22.99
N GLU H 102 -14.46 -25.54 22.20
CA GLU H 102 -14.36 -25.31 20.76
C GLU H 102 -14.63 -23.85 20.46
N VAL H 103 -13.75 -23.24 19.67
CA VAL H 103 -13.85 -21.82 19.33
C VAL H 103 -14.13 -21.70 17.84
N LYS H 104 -14.98 -20.73 17.50
CA LYS H 104 -15.27 -20.39 16.11
C LYS H 104 -15.42 -18.88 16.04
N ILE H 105 -14.65 -18.24 15.16
CA ILE H 105 -14.59 -16.78 15.12
C ILE H 105 -15.44 -16.28 13.96
N VAL H 106 -15.90 -15.04 14.09
CA VAL H 106 -16.55 -14.31 13.00
C VAL H 106 -15.95 -12.92 12.92
N GLY H 107 -15.55 -12.51 11.72
CA GLY H 107 -14.96 -11.21 11.53
C GLY H 107 -15.80 -10.31 10.65
N VAL H 108 -16.41 -9.29 11.27
CA VAL H 108 -17.19 -8.30 10.53
C VAL H 108 -16.26 -7.27 9.93
N GLY H 109 -16.36 -7.07 8.62
CA GLY H 109 -15.40 -6.27 7.91
C GLY H 109 -14.39 -7.14 7.19
N ASP H 110 -13.81 -6.61 6.13
CA ASP H 110 -12.90 -7.40 5.31
C ASP H 110 -11.50 -7.50 5.91
N LYS H 111 -11.04 -6.47 6.62
CA LYS H 111 -9.63 -6.40 6.98
C LYS H 111 -9.23 -7.34 8.11
N ILE H 112 -10.18 -7.81 8.93
CA ILE H 112 -9.86 -8.84 9.91
C ILE H 112 -9.64 -10.17 9.22
N ARG H 113 -10.54 -10.52 8.29
CA ARG H 113 -10.47 -11.77 7.56
C ARG H 113 -9.24 -11.83 6.65
N GLY H 114 -8.69 -10.69 6.24
CA GLY H 114 -7.47 -10.72 5.46
C GLY H 114 -6.27 -11.15 6.27
N ILE H 115 -6.19 -10.72 7.53
CA ILE H 115 -5.07 -11.08 8.38
C ILE H 115 -5.15 -12.54 8.80
N LEU H 116 -6.34 -13.00 9.14
CA LEU H 116 -6.54 -14.30 9.79
C LEU H 116 -7.09 -15.35 8.84
N HIS H 117 -6.64 -15.39 7.59
CA HIS H 117 -7.04 -16.44 6.67
C HIS H 117 -5.90 -17.38 6.32
N ARG H 118 -4.70 -17.17 6.88
CA ARG H 118 -3.58 -18.07 6.63
C ARG H 118 -3.30 -19.00 7.80
N THR H 119 -3.71 -18.64 9.02
CA THR H 119 -3.57 -19.51 10.18
C THR H 119 -4.90 -19.95 10.76
N HIS H 120 -5.91 -19.08 10.78
CA HIS H 120 -7.19 -19.37 11.41
C HIS H 120 -8.28 -19.51 10.36
N SER H 121 -7.96 -20.14 9.24
CA SER H 121 -8.88 -20.28 8.12
C SER H 121 -9.99 -21.27 8.36
N ASP H 122 -10.05 -21.94 9.52
CA ASP H 122 -11.00 -23.01 9.74
C ASP H 122 -12.10 -22.68 10.73
N GLN H 123 -11.91 -21.68 11.57
CA GLN H 123 -12.87 -21.36 12.63
C GLN H 123 -13.78 -20.21 12.24
N PHE H 124 -14.17 -20.15 10.97
CA PHE H 124 -14.97 -19.06 10.42
C PHE H 124 -16.41 -19.51 10.22
N LEU H 125 -17.33 -18.92 10.98
CA LEU H 125 -18.74 -19.16 10.72
C LEU H 125 -19.17 -18.47 9.45
N VAL H 126 -19.12 -17.14 9.44
CA VAL H 126 -19.51 -16.30 8.31
C VAL H 126 -18.53 -15.14 8.25
N THR H 127 -18.57 -14.40 7.14
CA THR H 127 -17.83 -13.16 7.00
C THR H 127 -18.78 -12.09 6.49
N PHE H 128 -18.45 -10.83 6.75
CA PHE H 128 -19.24 -9.71 6.24
C PHE H 128 -18.37 -8.88 5.31
N LYS H 129 -18.96 -7.83 4.76
CA LYS H 129 -18.24 -6.87 3.94
C LYS H 129 -18.97 -5.53 4.03
N GLU H 130 -18.38 -4.52 3.38
CA GLU H 130 -18.99 -3.20 3.15
C GLU H 130 -19.33 -2.49 4.46
N VAL H 131 -18.35 -2.40 5.35
CA VAL H 131 -18.52 -1.78 6.66
C VAL H 131 -17.78 -0.45 6.65
N GLY H 132 -18.44 0.61 7.10
CA GLY H 132 -17.78 1.86 7.37
C GLY H 132 -17.54 2.75 6.16
N ARG H 133 -17.91 2.33 4.95
CA ARG H 133 -17.80 3.22 3.81
C ARG H 133 -18.86 4.31 3.86
N LYS H 134 -20.10 3.92 4.07
CA LYS H 134 -21.15 4.79 4.58
C LYS H 134 -21.01 4.78 6.09
N PRO H 135 -21.55 5.78 6.79
CA PRO H 135 -21.51 5.74 8.26
C PRO H 135 -22.29 4.57 8.82
N PRO H 136 -21.77 3.91 9.86
CA PRO H 136 -22.48 2.78 10.44
C PRO H 136 -23.66 3.24 11.27
N THR H 137 -24.65 2.33 11.38
CA THR H 137 -25.95 2.66 11.95
C THR H 137 -26.43 1.57 12.89
N PHE H 138 -27.72 1.61 13.26
CA PHE H 138 -28.28 0.55 14.09
C PHE H 138 -28.88 -0.57 13.28
N GLY H 139 -29.44 -0.27 12.11
CA GLY H 139 -29.90 -1.31 11.21
C GLY H 139 -28.78 -2.16 10.64
N ASP H 140 -27.55 -1.65 10.67
CA ASP H 140 -26.39 -2.43 10.30
C ASP H 140 -26.06 -3.47 11.36
N ALA H 141 -26.33 -3.17 12.62
CA ALA H 141 -26.11 -4.13 13.70
C ALA H 141 -27.20 -5.18 13.78
N SER H 142 -28.32 -4.96 13.11
CA SER H 142 -29.40 -5.94 13.05
C SER H 142 -29.31 -6.85 11.83
N VAL H 143 -28.31 -6.65 10.97
CA VAL H 143 -28.01 -7.64 9.95
C VAL H 143 -26.92 -8.59 10.45
N ILE H 144 -25.98 -8.09 11.26
CA ILE H 144 -24.99 -8.96 11.88
C ILE H 144 -25.64 -9.89 12.89
N ALA H 145 -26.56 -9.37 13.69
CA ALA H 145 -27.18 -10.17 14.74
C ALA H 145 -28.28 -11.08 14.22
N LEU H 146 -28.78 -10.86 13.00
CA LEU H 146 -29.81 -11.73 12.44
C LEU H 146 -29.21 -12.90 11.67
N GLU H 147 -28.17 -12.66 10.88
CA GLU H 147 -27.50 -13.75 10.20
C GLU H 147 -26.68 -14.60 11.16
N LEU H 148 -26.40 -14.09 12.36
CA LEU H 148 -25.73 -14.87 13.39
C LEU H 148 -26.64 -15.93 14.00
N LEU H 149 -27.95 -15.84 13.78
CA LEU H 149 -28.89 -16.85 14.25
C LEU H 149 -29.29 -17.85 13.18
N ASN H 150 -29.19 -17.46 11.91
CA ASN H 150 -29.42 -18.37 10.78
C ASN H 150 -28.16 -19.17 10.47
N SER H 151 -27.56 -19.78 11.48
CA SER H 151 -26.29 -20.44 11.37
C SER H 151 -26.26 -21.82 12.01
N GLY H 152 -27.17 -22.11 12.94
CA GLY H 152 -27.20 -23.39 13.62
C GLY H 152 -26.26 -23.52 14.80
N TYR H 153 -25.18 -22.75 14.82
CA TYR H 153 -24.18 -22.83 15.88
C TYR H 153 -24.77 -22.34 17.20
N GLU H 154 -25.07 -23.28 18.09
CA GLU H 154 -25.38 -22.92 19.46
C GLU H 154 -24.10 -22.41 20.12
N PHE H 155 -24.13 -21.17 20.61
CA PHE H 155 -22.97 -20.62 21.30
C PHE H 155 -23.37 -20.25 22.72
N ASP H 156 -22.50 -20.61 23.66
CA ASP H 156 -22.75 -20.41 25.08
C ASP H 156 -21.80 -19.45 25.76
N GLU H 157 -20.73 -19.00 25.11
CA GLU H 157 -19.88 -17.94 25.64
C GLU H 157 -19.13 -17.26 24.49
N GLY H 158 -19.10 -15.94 24.49
CA GLY H 158 -18.38 -15.23 23.45
C GLY H 158 -17.88 -13.90 23.96
N SER H 159 -17.26 -13.16 23.05
CA SER H 159 -16.81 -11.80 23.34
C SER H 159 -16.59 -11.05 22.04
N ILE H 160 -16.55 -9.73 22.15
CA ILE H 160 -16.31 -8.84 21.02
C ILE H 160 -15.15 -7.93 21.39
N ILE H 161 -14.34 -7.59 20.38
CA ILE H 161 -13.13 -6.79 20.58
C ILE H 161 -13.18 -5.58 19.65
N PHE H 162 -13.07 -4.38 20.23
CA PHE H 162 -13.16 -3.13 19.50
C PHE H 162 -12.24 -2.11 20.13
N ASN H 163 -11.93 -1.06 19.37
CA ASN H 163 -11.06 0.00 19.85
C ASN H 163 -11.87 1.09 20.56
N ARG H 164 -11.69 1.21 21.88
CA ARG H 164 -12.37 2.25 22.63
C ARG H 164 -11.66 3.56 22.38
N PHE H 165 -12.35 4.47 21.70
CA PHE H 165 -11.82 5.78 21.36
C PHE H 165 -11.55 6.61 22.60
N ARG H 166 -10.28 6.96 22.81
CA ARG H 166 -9.88 7.80 23.93
C ARG H 166 -9.69 9.25 23.53
N SER H 167 -8.78 9.52 22.60
CA SER H 167 -8.47 10.88 22.18
C SER H 167 -8.15 10.87 20.69
N VAL H 168 -7.65 12.01 20.21
CA VAL H 168 -7.37 12.13 18.78
C VAL H 168 -6.11 11.36 18.43
N ILE H 169 -5.19 11.24 19.39
CA ILE H 169 -3.95 10.51 19.14
C ILE H 169 -4.09 9.06 19.60
N SER H 170 -4.84 8.83 20.69
CA SER H 170 -4.80 7.57 21.42
C SER H 170 -6.12 6.81 21.31
N TYR H 171 -6.02 5.51 21.03
CA TYR H 171 -7.14 4.59 21.12
C TYR H 171 -6.68 3.38 21.94
N LYS H 172 -7.62 2.71 22.58
CA LYS H 172 -7.31 1.54 23.41
C LYS H 172 -8.19 0.38 22.98
N THR H 173 -7.55 -0.70 22.53
CA THR H 173 -8.27 -1.93 22.24
C THR H 173 -8.73 -2.59 23.52
N GLU H 174 -10.03 -2.75 23.68
CA GLU H 174 -10.59 -3.40 24.85
C GLU H 174 -11.42 -4.61 24.46
N GLU H 175 -11.85 -5.35 25.46
CA GLU H 175 -12.70 -6.52 25.29
C GLU H 175 -13.90 -6.41 26.23
N LYS H 176 -14.99 -7.07 25.86
CA LYS H 176 -16.18 -7.08 26.70
C LYS H 176 -16.84 -8.45 26.59
N PRO H 177 -17.33 -9.02 27.70
CA PRO H 177 -17.82 -10.39 27.67
C PRO H 177 -19.29 -10.49 27.28
N ILE H 178 -19.67 -11.66 26.75
CA ILE H 178 -21.00 -11.92 26.24
C ILE H 178 -21.51 -13.21 26.87
N PHE H 179 -22.63 -13.12 27.58
CA PHE H 179 -23.29 -14.28 28.17
C PHE H 179 -24.50 -14.62 27.33
N SER H 180 -24.49 -15.80 26.71
CA SER H 180 -25.44 -16.12 25.66
C SER H 180 -26.28 -17.36 25.89
N LEU H 181 -25.81 -18.34 26.65
CA LEU H 181 -26.71 -19.41 27.04
C LEU H 181 -27.58 -18.93 28.19
N ASP H 182 -28.79 -19.52 28.28
CA ASP H 182 -29.69 -19.17 29.37
C ASP H 182 -29.24 -19.75 30.69
N THR H 183 -28.34 -20.73 30.68
CA THR H 183 -27.85 -21.34 31.91
C THR H 183 -27.00 -20.37 32.72
N VAL H 184 -26.02 -19.74 32.07
CA VAL H 184 -25.16 -18.78 32.74
C VAL H 184 -25.92 -17.48 32.98
N ALA H 185 -26.93 -17.19 32.16
CA ALA H 185 -27.73 -15.98 32.32
C ALA H 185 -28.74 -16.08 33.45
N SER H 186 -28.97 -17.27 33.99
CA SER H 186 -29.88 -17.49 35.12
C SER H 186 -29.07 -18.10 36.25
N ALA H 187 -28.60 -17.25 37.16
CA ALA H 187 -27.68 -17.65 38.23
C ALA H 187 -28.14 -16.95 39.50
N GLU H 188 -27.25 -16.91 40.50
CA GLU H 188 -27.64 -16.54 41.87
C GLU H 188 -28.06 -15.08 41.98
N SER H 189 -27.45 -14.18 41.19
CA SER H 189 -27.88 -12.78 41.20
C SER H 189 -29.25 -12.61 40.58
N MET H 190 -29.66 -13.52 39.70
CA MET H 190 -30.97 -13.49 39.05
C MET H 190 -32.06 -14.13 39.88
N SER H 191 -31.81 -14.40 41.16
CA SER H 191 -32.83 -14.99 42.02
C SER H 191 -33.89 -13.98 42.42
N ILE H 192 -33.51 -12.73 42.62
CA ILE H 192 -34.47 -11.68 42.94
C ILE H 192 -35.31 -11.33 41.72
N TYR H 193 -34.77 -11.54 40.53
CA TYR H 193 -35.35 -11.02 39.30
C TYR H 193 -36.60 -11.80 38.90
N ASP H 194 -37.66 -11.03 38.63
CA ASP H 194 -39.05 -11.44 38.54
C ASP H 194 -39.42 -11.92 37.15
N ASP H 195 -40.67 -11.66 36.76
CA ASP H 195 -41.53 -12.36 35.79
C ASP H 195 -40.91 -12.97 34.53
N ILE H 196 -39.69 -12.59 34.16
CA ILE H 196 -39.05 -13.15 32.98
C ILE H 196 -38.86 -14.65 33.15
N ASP H 197 -39.19 -15.39 32.10
CA ASP H 197 -39.14 -16.84 32.09
C ASP H 197 -37.81 -17.26 31.46
N ALA H 198 -37.66 -18.57 31.19
CA ALA H 198 -36.59 -19.01 30.31
C ALA H 198 -36.87 -18.59 28.88
N ASP H 199 -38.15 -18.48 28.52
CA ASP H 199 -38.49 -18.09 27.15
C ASP H 199 -38.41 -16.58 26.98
N VAL H 200 -38.48 -15.83 28.08
CA VAL H 200 -38.32 -14.37 27.97
C VAL H 200 -36.84 -14.00 28.01
N LEU H 201 -36.06 -14.74 28.79
CA LEU H 201 -34.60 -14.58 28.77
C LEU H 201 -34.01 -15.07 27.45
N ARG H 202 -34.77 -15.89 26.71
CA ARG H 202 -34.44 -16.14 25.32
C ARG H 202 -34.61 -14.88 24.47
N ASN H 203 -35.61 -14.05 24.82
CA ASN H 203 -35.88 -12.86 24.02
C ASN H 203 -34.96 -11.71 24.40
N TYR H 204 -34.68 -11.53 25.70
CA TYR H 204 -34.00 -10.34 26.17
C TYR H 204 -32.52 -10.35 25.82
N GLN H 205 -31.87 -11.50 25.91
CA GLN H 205 -30.44 -11.58 25.63
C GLN H 205 -30.16 -11.42 24.14
N GLU H 206 -31.14 -11.70 23.30
CA GLU H 206 -30.91 -11.60 21.87
C GLU H 206 -30.90 -10.15 21.40
N TYR H 207 -31.70 -9.29 22.04
CA TYR H 207 -31.65 -7.87 21.73
C TYR H 207 -30.35 -7.24 22.21
N SER H 208 -29.73 -7.85 23.21
CA SER H 208 -28.44 -7.37 23.68
C SER H 208 -27.33 -7.68 22.68
N LEU H 209 -27.53 -8.70 21.84
CA LEU H 209 -26.52 -9.01 20.83
C LEU H 209 -26.55 -7.98 19.72
N ALA H 210 -27.73 -7.53 19.31
CA ALA H 210 -27.78 -6.43 18.37
C ALA H 210 -27.36 -5.12 19.01
N ASN H 211 -27.58 -5.00 20.33
CA ASN H 211 -27.15 -3.81 21.06
C ASN H 211 -25.62 -3.73 21.15
N ILE H 212 -24.97 -4.83 21.55
CA ILE H 212 -23.55 -4.74 21.91
C ILE H 212 -22.68 -4.77 20.67
N ILE H 213 -23.27 -5.09 19.52
CA ILE H 213 -22.55 -4.87 18.27
C ILE H 213 -22.71 -3.41 17.84
N TYR H 214 -23.82 -2.78 18.23
CA TYR H 214 -24.01 -1.37 17.88
C TYR H 214 -23.13 -0.46 18.72
N TYR H 215 -22.82 -0.85 19.96
CA TYR H 215 -21.91 -0.04 20.76
C TYR H 215 -20.49 -0.09 20.22
N SER H 216 -20.17 -1.17 19.51
CA SER H 216 -18.83 -1.32 18.94
C SER H 216 -18.81 -0.96 17.46
N LEU H 217 -19.93 -0.52 16.91
CA LEU H 217 -19.88 0.10 15.58
C LEU H 217 -19.73 1.60 15.69
N LYS H 218 -19.84 2.13 16.92
CA LYS H 218 -19.67 3.57 17.10
C LYS H 218 -18.33 3.90 17.72
N GLU H 219 -17.60 2.89 18.20
CA GLU H 219 -16.28 3.17 18.77
C GLU H 219 -15.18 2.99 17.73
N SER H 220 -15.24 1.92 16.95
CA SER H 220 -14.14 1.60 16.05
C SER H 220 -14.22 2.39 14.75
N THR H 221 -15.24 3.24 14.59
CA THR H 221 -15.34 4.04 13.38
C THR H 221 -14.77 5.43 13.60
N THR H 222 -14.95 5.98 14.81
CA THR H 222 -14.29 7.24 15.15
C THR H 222 -12.78 7.06 15.23
N SER H 223 -12.31 5.97 15.85
CA SER H 223 -10.87 5.73 15.99
C SER H 223 -10.24 5.34 14.67
N GLU H 224 -11.03 4.88 13.71
CA GLU H 224 -10.45 4.57 12.41
C GLU H 224 -10.35 5.82 11.56
N GLN H 225 -11.12 6.85 11.91
CA GLN H 225 -11.06 8.10 11.16
C GLN H 225 -10.00 9.04 11.73
N SER H 226 -9.89 9.10 13.06
CA SER H 226 -8.95 10.02 13.69
C SER H 226 -7.52 9.47 13.68
N ALA H 227 -7.35 8.22 13.24
CA ALA H 227 -6.02 7.73 12.91
C ALA H 227 -5.80 7.74 11.41
N ARG H 228 -6.82 8.15 10.65
CA ARG H 228 -6.62 8.42 9.23
C ARG H 228 -6.33 9.89 9.02
N MET H 229 -6.48 10.69 10.08
CA MET H 229 -6.06 12.08 10.02
C MET H 229 -4.61 12.24 10.48
N THR H 230 -4.26 11.59 11.59
CA THR H 230 -2.95 11.77 12.19
C THR H 230 -1.85 11.09 11.38
N ALA H 231 -2.19 9.99 10.71
CA ALA H 231 -1.21 9.29 9.90
C ALA H 231 -1.12 9.89 8.50
N MET H 232 -1.93 10.91 8.22
CA MET H 232 -1.81 11.62 6.96
C MET H 232 -1.10 12.95 7.13
N ASP H 233 -1.14 13.50 8.34
CA ASP H 233 -0.27 14.62 8.68
C ASP H 233 1.19 14.19 8.64
N ASN H 234 1.48 12.94 9.02
CA ASN H 234 2.86 12.48 9.09
C ASN H 234 3.32 11.90 7.77
N ALA H 235 2.43 11.82 6.79
CA ALA H 235 2.88 11.57 5.42
C ALA H 235 3.07 12.87 4.69
N SER H 236 2.55 13.96 5.27
CA SER H 236 2.68 15.28 4.66
C SER H 236 3.87 16.04 5.26
N LYS H 237 4.19 15.80 6.52
CA LYS H 237 5.43 16.34 7.08
C LYS H 237 6.63 15.62 6.50
N ASN H 238 6.49 14.33 6.21
CA ASN H 238 7.61 13.55 5.72
C ASN H 238 7.80 13.72 4.23
N ALA H 239 6.95 14.52 3.59
CA ALA H 239 7.15 14.83 2.19
C ALA H 239 7.73 16.23 2.02
N SER H 240 7.53 17.09 3.01
CA SER H 240 8.14 18.42 2.98
C SER H 240 9.64 18.31 3.21
N GLU H 241 10.08 17.31 3.97
CA GLU H 241 11.50 17.15 4.24
C GLU H 241 12.21 16.43 3.11
N MET H 242 11.47 15.93 2.12
CA MET H 242 12.11 15.15 1.07
C MET H 242 12.23 15.96 -0.20
N ILE H 243 11.46 17.04 -0.32
CA ILE H 243 11.57 17.90 -1.49
C ILE H 243 12.53 19.06 -1.22
N ASP H 244 12.62 19.48 0.05
CA ASP H 244 13.56 20.53 0.40
C ASP H 244 14.99 20.01 0.41
N LYS H 245 15.16 18.70 0.56
CA LYS H 245 16.45 18.08 0.39
C LYS H 245 16.68 17.73 -1.08
N LEU H 246 15.62 17.79 -1.89
CA LEU H 246 15.76 17.50 -3.31
C LEU H 246 15.72 18.77 -4.14
N THR H 247 15.29 19.89 -3.56
CA THR H 247 15.48 21.16 -4.25
C THR H 247 16.94 21.53 -4.26
N LEU H 248 17.62 21.32 -3.13
CA LEU H 248 19.03 21.69 -2.99
C LEU H 248 19.92 20.87 -3.91
N THR H 249 19.68 19.57 -3.99
CA THR H 249 20.38 18.71 -4.93
C THR H 249 20.07 19.11 -6.37
N PHE H 250 18.85 19.61 -6.61
CA PHE H 250 18.49 20.05 -7.95
C PHE H 250 19.19 21.35 -8.29
N ASN H 251 19.31 22.25 -7.32
CA ASN H 251 19.93 23.55 -7.56
C ASN H 251 21.41 23.43 -7.86
N ARG H 252 22.15 22.62 -7.09
CA ARG H 252 23.55 22.36 -7.39
C ARG H 252 23.72 21.62 -8.70
N THR H 253 22.79 20.74 -9.05
CA THR H 253 22.94 20.00 -10.29
C THR H 253 22.53 20.86 -11.48
N ARG H 254 21.71 21.88 -11.24
CA ARG H 254 21.40 22.81 -12.32
C ARG H 254 22.59 23.69 -12.63
N GLN H 255 23.24 24.22 -11.58
CA GLN H 255 24.37 25.11 -11.75
C GLN H 255 25.58 24.41 -12.34
N ALA H 256 25.71 23.11 -12.11
CA ALA H 256 26.92 22.40 -12.52
C ALA H 256 26.85 21.93 -13.96
N VAL H 257 25.73 22.16 -14.63
CA VAL H 257 25.62 21.80 -16.05
C VAL H 257 25.67 23.07 -16.91
N ILE H 258 25.35 24.22 -16.32
CA ILE H 258 25.65 25.49 -16.97
C ILE H 258 27.15 25.66 -17.08
N THR H 259 27.88 25.33 -16.00
CA THR H 259 29.33 25.48 -15.99
C THR H 259 29.98 24.43 -16.89
N LYS H 260 29.41 23.23 -16.92
CA LYS H 260 30.00 22.14 -17.69
C LYS H 260 29.92 22.40 -19.18
N GLU H 261 28.78 22.90 -19.66
CA GLU H 261 28.64 23.12 -21.10
C GLU H 261 29.39 24.37 -21.53
N LEU H 262 29.64 25.29 -20.60
CA LEU H 262 30.28 26.55 -20.95
C LEU H 262 31.79 26.37 -21.11
N ILE H 263 32.39 25.51 -20.29
CA ILE H 263 33.81 25.20 -20.43
C ILE H 263 34.06 24.39 -21.70
N GLU H 264 33.03 23.70 -22.19
CA GLU H 264 33.13 23.00 -23.47
C GLU H 264 33.20 23.98 -24.64
N ILE H 265 32.74 25.22 -24.45
CA ILE H 265 32.74 26.20 -25.53
C ILE H 265 33.98 27.07 -25.44
N ILE H 266 34.32 27.51 -24.22
CA ILE H 266 35.53 28.28 -23.95
C ILE H 266 36.76 27.52 -24.41
N SER H 267 36.78 26.21 -24.18
CA SER H 267 37.91 25.40 -24.63
C SER H 267 37.75 25.01 -26.09
N GLY H 268 36.56 25.20 -26.66
CA GLY H 268 36.38 24.90 -28.07
C GLY H 268 36.77 26.06 -28.97
N ALA H 269 36.65 27.28 -28.46
CA ALA H 269 37.13 28.44 -29.19
C ALA H 269 38.65 28.56 -29.11
N ALA H 270 39.20 28.38 -27.91
CA ALA H 270 40.62 28.66 -27.69
C ALA H 270 41.50 27.55 -28.23
N ALA H 271 40.92 26.46 -28.70
CA ALA H 271 41.72 25.38 -29.27
C ALA H 271 41.86 25.52 -30.77
N LEU H 272 41.23 26.52 -31.35
CA LEU H 272 41.26 26.73 -32.78
C LEU H 272 42.60 27.28 -33.24
N GLY I 1 -39.80 8.12 43.26
CA GLY I 1 -38.79 8.42 44.26
C GLY I 1 -37.45 7.78 43.99
N GLN I 2 -36.42 8.62 43.85
CA GLN I 2 -35.02 8.21 43.66
C GLN I 2 -34.85 7.30 42.46
N MET I 3 -35.54 7.61 41.36
CA MET I 3 -35.60 6.75 40.19
C MET I 3 -35.01 7.48 39.00
N SER I 4 -33.86 7.01 38.53
CA SER I 4 -33.23 7.56 37.33
C SER I 4 -33.90 6.97 36.11
N PHE I 5 -34.81 7.72 35.51
CA PHE I 5 -35.52 7.29 34.31
C PHE I 5 -34.60 7.48 33.11
N THR I 6 -33.99 6.40 32.65
CA THR I 6 -33.16 6.42 31.46
C THR I 6 -34.03 5.96 30.32
N PHE I 7 -33.85 6.56 29.15
CA PHE I 7 -34.65 6.32 27.96
C PHE I 7 -33.90 6.97 26.81
N ALA I 8 -33.69 6.20 25.73
CA ALA I 8 -32.91 6.71 24.61
C ALA I 8 -33.30 5.97 23.34
N SER I 9 -32.44 6.13 22.34
CA SER I 9 -32.59 5.59 21.00
C SER I 9 -31.24 5.73 20.31
N PRO I 10 -31.02 5.03 19.19
CA PRO I 10 -29.74 5.24 18.50
C PRO I 10 -29.60 6.60 17.84
N THR I 11 -30.71 7.24 17.45
CA THR I 11 -30.60 8.53 16.79
C THR I 11 -30.43 9.65 17.79
N GLN I 12 -31.44 9.88 18.64
CA GLN I 12 -31.43 11.01 19.54
C GLN I 12 -31.86 10.54 20.92
N VAL I 13 -31.12 11.01 21.92
CA VAL I 13 -31.36 10.64 23.31
C VAL I 13 -32.57 11.41 23.82
N PHE I 14 -33.55 10.67 24.33
CA PHE I 14 -34.76 11.21 24.93
C PHE I 14 -34.54 11.41 26.42
N PHE I 15 -35.64 11.49 27.20
CA PHE I 15 -35.60 11.71 28.65
C PHE I 15 -34.60 10.78 29.34
N ASN I 16 -33.53 11.38 29.87
CA ASN I 16 -32.34 10.61 30.23
C ASN I 16 -31.88 10.99 31.62
N GLY I 17 -31.82 10.00 32.51
CA GLY I 17 -31.17 10.18 33.80
C GLY I 17 -31.89 11.10 34.75
N ALA I 18 -33.16 11.39 34.46
CA ALA I 18 -33.93 12.37 35.20
C ALA I 18 -34.92 11.67 36.12
N ASN I 19 -35.16 12.27 37.27
CA ASN I 19 -36.09 11.71 38.25
C ASN I 19 -37.51 12.00 37.78
N VAL I 20 -38.12 11.05 37.09
CA VAL I 20 -39.47 11.18 36.56
C VAL I 20 -40.33 10.16 37.30
N ARG I 21 -41.62 10.45 37.46
CA ARG I 21 -42.41 9.67 38.41
C ARG I 21 -42.85 8.34 37.82
N GLN I 22 -43.69 8.36 36.79
CA GLN I 22 -44.37 7.15 36.34
C GLN I 22 -44.22 6.98 34.85
N VAL I 23 -43.93 5.74 34.42
CA VAL I 23 -43.65 5.42 33.03
C VAL I 23 -44.66 4.35 32.60
N ASP I 24 -45.16 4.47 31.38
CA ASP I 24 -46.00 3.44 30.78
C ASP I 24 -45.14 2.61 29.84
N VAL I 25 -45.23 1.30 29.96
CA VAL I 25 -44.43 0.38 29.15
C VAL I 25 -45.35 -0.48 28.30
N PRO I 26 -45.29 -0.39 26.98
CA PRO I 26 -46.15 -1.22 26.13
C PRO I 26 -45.56 -2.59 25.87
N THR I 27 -46.17 -3.63 26.43
CA THR I 27 -45.45 -4.89 26.54
C THR I 27 -46.41 -6.05 26.27
N GLN I 28 -45.96 -7.11 25.58
CA GLN I 28 -46.69 -8.37 25.54
C GLN I 28 -46.73 -8.92 26.97
N THR I 29 -47.92 -9.37 27.39
CA THR I 29 -48.46 -9.39 28.75
C THR I 29 -48.64 -7.96 29.27
N GLY I 30 -49.27 -7.11 28.47
CA GLY I 30 -49.91 -5.87 28.90
C GLY I 30 -48.98 -4.77 29.39
N ALA I 31 -49.60 -3.69 29.83
CA ALA I 31 -48.90 -2.50 30.31
C ALA I 31 -48.99 -2.47 31.83
N PHE I 32 -47.89 -2.05 32.47
CA PHE I 32 -47.80 -2.06 33.92
C PHE I 32 -47.09 -0.82 34.41
N GLY I 33 -47.66 -0.16 35.40
CA GLY I 33 -47.08 1.08 35.90
C GLY I 33 -45.88 0.84 36.79
N ILE I 34 -44.90 1.73 36.66
CA ILE I 34 -43.66 1.68 37.41
C ILE I 34 -43.85 2.56 38.63
N LEU I 35 -43.99 1.95 39.81
CA LEU I 35 -44.34 2.70 41.01
C LEU I 35 -43.24 2.56 42.04
N ALA I 36 -42.14 3.30 41.84
CA ALA I 36 -41.23 3.80 42.87
C ALA I 36 -40.49 2.78 43.73
N SER I 37 -40.92 1.51 43.73
CA SER I 37 -40.13 0.39 44.20
C SER I 37 -40.52 -0.83 43.37
N HIS I 38 -40.65 -0.64 42.06
CA HIS I 38 -41.16 -1.68 41.17
C HIS I 38 -40.20 -2.86 41.12
N VAL I 39 -40.78 -4.05 40.98
CA VAL I 39 -40.01 -5.29 41.11
C VAL I 39 -39.19 -5.50 39.84
N PRO I 40 -37.90 -5.81 39.95
CA PRO I 40 -37.03 -5.88 38.76
C PRO I 40 -37.41 -7.01 37.80
N THR I 41 -37.55 -6.66 36.53
CA THR I 41 -38.02 -7.53 35.47
C THR I 41 -37.39 -7.09 34.16
N LEU I 42 -36.81 -8.03 33.43
CA LEU I 42 -36.07 -7.73 32.22
C LEU I 42 -36.90 -7.91 30.95
N GLN I 43 -38.18 -7.58 30.98
CA GLN I 43 -39.06 -7.90 29.87
C GLN I 43 -38.86 -6.94 28.70
N VAL I 44 -38.94 -7.48 27.48
CA VAL I 44 -38.87 -6.72 26.24
C VAL I 44 -40.27 -6.28 25.85
N LEU I 45 -40.36 -5.39 24.84
CA LEU I 45 -41.58 -4.61 24.61
C LEU I 45 -42.31 -5.00 23.33
N ARG I 46 -43.59 -4.58 23.24
CA ARG I 46 -44.37 -4.60 22.01
C ARG I 46 -44.60 -3.17 21.52
N PRO I 47 -45.05 -2.97 20.28
CA PRO I 47 -45.43 -1.64 19.81
C PRO I 47 -46.52 -0.97 20.63
N GLY I 48 -46.31 0.30 20.96
CA GLY I 48 -47.28 1.05 21.71
C GLY I 48 -46.69 2.35 22.22
N LEU I 49 -47.48 3.05 23.03
CA LEU I 49 -47.09 4.36 23.53
C LEU I 49 -46.34 4.26 24.84
N VAL I 50 -45.58 5.32 25.16
CA VAL I 50 -45.11 5.56 26.51
C VAL I 50 -45.56 6.95 26.92
N VAL I 51 -46.46 7.02 27.89
CA VAL I 51 -46.94 8.28 28.43
C VAL I 51 -46.31 8.45 29.80
N VAL I 52 -45.30 9.31 29.87
CA VAL I 52 -44.40 9.36 31.02
C VAL I 52 -44.77 10.58 31.86
N HIS I 53 -44.86 10.36 33.17
CA HIS I 53 -45.51 11.29 34.09
C HIS I 53 -44.47 12.01 34.94
N ALA I 54 -44.43 13.34 34.84
CA ALA I 54 -43.51 14.14 35.64
C ALA I 54 -44.27 15.27 36.32
N GLU I 55 -43.54 16.02 37.16
CA GLU I 55 -44.15 17.12 37.91
C GLU I 55 -44.18 18.41 37.10
N ASP I 56 -43.79 18.34 35.82
CA ASP I 56 -43.67 19.54 34.99
C ASP I 56 -44.98 19.91 34.28
N GLY I 57 -46.08 19.98 35.02
CA GLY I 57 -47.33 20.42 34.45
C GLY I 57 -48.15 19.30 33.84
N THR I 58 -47.69 18.74 32.72
CA THR I 58 -48.45 17.70 32.05
C THR I 58 -47.49 16.68 31.46
N THR I 59 -48.06 15.54 31.06
CA THR I 59 -47.27 14.42 30.58
C THR I 59 -46.90 14.59 29.11
N SER I 60 -45.85 13.87 28.70
CA SER I 60 -45.41 13.85 27.31
C SER I 60 -45.97 12.60 26.65
N LYS I 61 -45.94 12.57 25.32
CA LYS I 61 -46.39 11.41 24.56
C LYS I 61 -45.32 11.01 23.55
N TYR I 62 -45.03 9.72 23.49
CA TYR I 62 -44.07 9.15 22.56
C TYR I 62 -44.65 7.89 21.95
N PHE I 63 -43.81 7.13 21.27
CA PHE I 63 -44.21 5.88 20.63
C PHE I 63 -42.98 5.02 20.38
N VAL I 64 -42.95 3.83 20.97
CA VAL I 64 -41.81 2.92 20.88
C VAL I 64 -42.13 1.83 19.86
N SER I 65 -41.21 1.61 18.93
CA SER I 65 -41.40 0.53 17.97
C SER I 65 -41.21 -0.84 18.61
N SER I 66 -40.02 -1.09 19.14
CA SER I 66 -39.71 -2.35 19.80
C SER I 66 -38.61 -2.14 20.82
N GLY I 67 -39.01 -2.09 22.09
CA GLY I 67 -38.07 -1.71 23.13
C GLY I 67 -37.71 -2.82 24.08
N SER I 68 -37.04 -2.48 25.18
CA SER I 68 -36.64 -3.42 26.21
C SER I 68 -36.54 -2.68 27.54
N VAL I 69 -37.02 -3.31 28.60
CA VAL I 69 -36.83 -2.80 29.97
C VAL I 69 -35.68 -3.57 30.59
N THR I 70 -34.86 -2.89 31.38
CA THR I 70 -34.04 -3.55 32.39
C THR I 70 -34.11 -2.69 33.64
N VAL I 71 -35.09 -2.94 34.49
CA VAL I 71 -35.21 -2.29 35.79
C VAL I 71 -34.37 -3.10 36.77
N ASN I 72 -33.47 -2.42 37.48
CA ASN I 72 -32.43 -3.09 38.23
C ASN I 72 -32.84 -3.35 39.67
N ALA I 73 -31.86 -3.72 40.49
CA ALA I 73 -32.11 -4.06 41.89
C ALA I 73 -32.46 -2.82 42.70
N ASP I 74 -31.72 -1.73 42.51
CA ASP I 74 -32.10 -0.46 43.10
C ASP I 74 -33.17 0.21 42.24
N SER I 75 -33.52 1.44 42.62
CA SER I 75 -34.53 2.19 41.88
C SER I 75 -33.89 2.87 40.66
N SER I 76 -33.70 2.08 39.61
CA SER I 76 -33.14 2.56 38.35
C SER I 76 -33.67 1.72 37.21
N VAL I 77 -34.63 2.28 36.47
CA VAL I 77 -35.15 1.63 35.27
C VAL I 77 -34.47 2.26 34.06
N GLN I 78 -34.01 1.42 33.16
CA GLN I 78 -33.44 1.85 31.89
C GLN I 78 -34.33 1.34 30.78
N LEU I 79 -34.85 2.25 29.97
CA LEU I 79 -35.67 1.89 28.82
C LEU I 79 -34.87 2.16 27.56
N LEU I 80 -35.00 1.28 26.57
CA LEU I 80 -34.37 1.44 25.27
C LEU I 80 -35.46 1.43 24.22
N ALA I 81 -35.09 1.79 22.99
CA ALA I 81 -36.03 1.90 21.89
C ALA I 81 -35.26 1.96 20.58
N GLU I 82 -35.66 1.15 19.61
CA GLU I 82 -35.10 1.31 18.28
C GLU I 82 -35.64 2.58 17.62
N GLU I 83 -36.97 2.75 17.61
CA GLU I 83 -37.61 3.93 17.03
C GLU I 83 -38.55 4.52 18.08
N ALA I 84 -38.03 5.43 18.89
CA ALA I 84 -38.88 6.18 19.82
C ALA I 84 -39.42 7.41 19.10
N VAL I 85 -40.37 7.16 18.21
CA VAL I 85 -40.83 8.17 17.28
C VAL I 85 -41.81 9.10 17.99
N THR I 86 -41.85 10.35 17.56
CA THR I 86 -42.90 11.26 17.97
C THR I 86 -44.14 11.03 17.12
N LEU I 87 -45.31 11.31 17.69
CA LEU I 87 -46.55 10.90 17.05
C LEU I 87 -46.93 11.83 15.90
N ASP I 88 -46.67 13.14 16.05
CA ASP I 88 -47.24 14.14 15.17
C ASP I 88 -46.67 14.11 13.76
N MET I 89 -45.56 13.40 13.53
CA MET I 89 -44.98 13.26 12.22
C MET I 89 -45.53 12.05 11.46
N LEU I 90 -46.70 11.55 11.85
CA LEU I 90 -47.32 10.40 11.22
C LEU I 90 -48.50 10.84 10.37
N ASP I 91 -48.67 10.16 9.24
CA ASP I 91 -49.71 10.51 8.27
C ASP I 91 -50.83 9.49 8.32
N PRO I 92 -52.04 9.88 8.69
CA PRO I 92 -53.13 8.89 8.80
C PRO I 92 -53.62 8.35 7.48
N GLY I 93 -53.43 9.07 6.37
CA GLY I 93 -54.07 8.69 5.12
C GLY I 93 -53.50 7.43 4.49
N VAL I 94 -52.17 7.33 4.44
CA VAL I 94 -51.55 6.10 3.93
C VAL I 94 -51.57 5.00 4.98
N ALA I 95 -51.80 5.34 6.25
CA ALA I 95 -51.63 4.38 7.33
C ALA I 95 -52.83 3.45 7.45
N LYS I 96 -54.00 3.88 6.98
CA LYS I 96 -55.18 3.03 7.12
C LYS I 96 -55.18 1.93 6.07
N ALA I 97 -54.73 2.26 4.86
CA ALA I 97 -54.84 1.32 3.73
C ALA I 97 -53.89 0.14 3.88
N ASN I 98 -52.89 0.27 4.76
CA ASN I 98 -51.98 -0.84 5.04
C ASN I 98 -52.71 -1.95 5.79
N LEU I 99 -53.62 -1.58 6.69
CA LEU I 99 -54.30 -2.57 7.53
C LEU I 99 -55.23 -3.46 6.71
N GLU I 100 -55.96 -2.88 5.75
CA GLU I 100 -56.80 -3.68 4.88
C GLU I 100 -55.98 -4.38 3.80
N LYS I 101 -54.75 -3.90 3.56
CA LYS I 101 -53.89 -4.51 2.54
C LYS I 101 -53.43 -5.89 2.98
N ALA I 102 -52.87 -5.99 4.19
CA ALA I 102 -52.23 -7.23 4.61
C ALA I 102 -53.25 -8.32 4.89
N GLN I 103 -54.44 -7.96 5.36
CA GLN I 103 -55.49 -8.94 5.57
C GLN I 103 -56.01 -9.48 4.24
N SER I 104 -55.89 -8.67 3.19
CA SER I 104 -56.25 -9.14 1.85
C SER I 104 -55.19 -10.08 1.29
N GLU I 105 -53.98 -10.03 1.83
CA GLU I 105 -52.91 -10.92 1.41
C GLU I 105 -52.67 -12.07 2.37
N LEU I 106 -53.61 -12.37 3.25
CA LEU I 106 -53.41 -13.43 4.23
C LEU I 106 -53.39 -14.81 3.58
N LEU I 107 -54.33 -15.05 2.65
CA LEU I 107 -54.47 -16.37 2.05
C LEU I 107 -53.61 -16.56 0.82
N GLY I 108 -52.72 -15.62 0.51
CA GLY I 108 -51.72 -15.82 -0.51
C GLY I 108 -50.42 -16.37 0.01
N ALA I 109 -50.40 -16.84 1.26
CA ALA I 109 -49.20 -17.35 1.91
C ALA I 109 -49.24 -18.87 1.87
N ALA I 110 -48.42 -19.45 0.99
CA ALA I 110 -48.37 -20.91 0.82
C ALA I 110 -47.45 -21.59 1.82
N ASP I 111 -46.72 -20.84 2.64
CA ASP I 111 -45.87 -21.39 3.68
C ASP I 111 -46.45 -21.08 5.06
N GLU I 112 -45.77 -21.56 6.09
CA GLU I 112 -46.23 -21.37 7.47
C GLU I 112 -45.44 -20.31 8.22
N ALA I 113 -44.31 -19.87 7.68
CA ALA I 113 -43.52 -18.84 8.35
C ALA I 113 -44.08 -17.45 8.06
N SER I 114 -44.42 -17.18 6.80
CA SER I 114 -44.91 -15.86 6.44
C SER I 114 -46.34 -15.64 6.92
N ARG I 115 -47.08 -16.73 7.17
CA ARG I 115 -48.46 -16.59 7.62
C ARG I 115 -48.52 -16.06 9.04
N ALA I 116 -47.48 -16.32 9.85
CA ALA I 116 -47.33 -15.62 11.12
C ALA I 116 -46.87 -14.19 10.90
N GLU I 117 -46.11 -13.95 9.83
CA GLU I 117 -45.51 -12.64 9.61
C GLU I 117 -46.55 -11.61 9.22
N ILE I 118 -47.56 -12.02 8.44
CA ILE I 118 -48.63 -11.08 8.11
C ILE I 118 -49.51 -10.86 9.33
N GLN I 119 -49.57 -11.84 10.23
CA GLN I 119 -50.23 -11.64 11.52
C GLN I 119 -49.43 -10.67 12.39
N ILE I 120 -48.11 -10.64 12.22
CA ILE I 120 -47.30 -9.63 12.89
C ILE I 120 -47.59 -8.25 12.31
N ARG I 121 -47.75 -8.17 10.97
CA ARG I 121 -47.88 -6.89 10.29
C ARG I 121 -49.20 -6.21 10.64
N ILE I 122 -50.28 -6.98 10.75
CA ILE I 122 -51.56 -6.35 11.09
C ILE I 122 -51.58 -5.95 12.56
N GLU I 123 -50.81 -6.66 13.41
CA GLU I 123 -50.75 -6.32 14.82
C GLU I 123 -49.96 -5.04 15.03
N ALA I 124 -48.89 -4.85 14.25
CA ALA I 124 -48.17 -3.59 14.27
C ALA I 124 -49.01 -2.46 13.66
N ASN I 125 -49.82 -2.80 12.67
CA ASN I 125 -50.65 -1.77 12.04
C ASN I 125 -51.93 -1.52 12.84
N GLU I 126 -52.38 -2.51 13.62
CA GLU I 126 -53.50 -2.24 14.53
C GLU I 126 -53.02 -1.44 15.72
N ALA I 127 -51.72 -1.51 16.03
CA ALA I 127 -51.18 -0.81 17.19
C ALA I 127 -51.23 0.71 17.00
N LEU I 128 -51.09 1.17 15.76
CA LEU I 128 -51.06 2.61 15.52
C LEU I 128 -52.45 3.19 15.36
N VAL I 129 -53.42 2.39 14.90
CA VAL I 129 -54.71 2.97 14.54
C VAL I 129 -55.58 3.19 15.78
N LYS I 130 -55.37 2.40 16.83
CA LYS I 130 -55.97 2.75 18.12
C LYS I 130 -55.26 3.95 18.72
N ALA I 131 -53.97 4.10 18.41
CA ALA I 131 -53.18 5.19 18.96
C ALA I 131 -53.56 6.52 18.34
N LEU I 132 -53.97 6.50 17.08
CA LEU I 132 -54.17 7.75 16.36
C LEU I 132 -55.65 8.02 16.14
N VAL J 1 -44.70 -16.50 25.10
CA VAL J 1 -44.95 -17.28 23.90
C VAL J 1 -46.15 -16.69 23.17
N ALA J 2 -46.04 -16.56 21.85
CA ALA J 2 -47.14 -16.04 21.05
C ALA J 2 -47.11 -16.74 19.70
N TYR J 3 -47.82 -16.17 18.72
CA TYR J 3 -48.01 -16.84 17.45
C TYR J 3 -46.76 -16.77 16.58
N TRP J 4 -45.87 -15.82 16.82
CA TRP J 4 -44.59 -15.83 16.13
C TRP J 4 -43.73 -16.98 16.62
N ARG J 5 -43.83 -17.32 17.90
CA ARG J 5 -43.28 -18.59 18.36
C ARG J 5 -44.14 -19.74 17.84
N GLN J 6 -43.54 -20.93 17.80
CA GLN J 6 -44.07 -22.12 17.11
C GLN J 6 -44.38 -21.84 15.63
N ALA J 7 -43.62 -20.91 15.04
CA ALA J 7 -43.75 -20.59 13.62
C ALA J 7 -42.43 -20.42 12.91
N GLY J 8 -41.32 -20.27 13.64
CA GLY J 8 -40.01 -20.14 13.04
C GLY J 8 -39.41 -18.76 13.05
N LEU J 9 -40.02 -17.81 13.75
CA LEU J 9 -39.54 -16.43 13.81
C LEU J 9 -39.05 -16.12 15.22
N SER J 10 -38.47 -14.92 15.37
CA SER J 10 -37.75 -14.54 16.58
C SER J 10 -38.08 -13.10 16.92
N TYR J 11 -37.26 -12.50 17.79
CA TYR J 11 -37.55 -11.15 18.25
C TYR J 11 -36.86 -10.11 17.38
N ILE J 12 -35.69 -10.45 16.85
CA ILE J 12 -34.99 -9.52 15.96
C ILE J 12 -35.72 -9.42 14.63
N ARG J 13 -36.36 -10.51 14.21
CA ARG J 13 -37.24 -10.47 13.06
C ARG J 13 -38.49 -9.67 13.37
N TYR J 14 -38.95 -9.72 14.61
CA TYR J 14 -40.10 -8.94 15.04
C TYR J 14 -39.76 -7.46 15.09
N SER J 15 -38.51 -7.14 15.41
CA SER J 15 -38.13 -5.74 15.61
C SER J 15 -37.84 -5.05 14.29
N GLN J 16 -37.46 -5.82 13.26
CA GLN J 16 -37.19 -5.20 11.95
C GLN J 16 -38.49 -4.78 11.27
N ILE J 17 -39.58 -5.51 11.52
CA ILE J 17 -40.83 -5.23 10.82
C ILE J 17 -41.59 -4.10 11.48
N CYS J 18 -41.74 -4.15 12.81
CA CYS J 18 -42.52 -3.10 13.48
C CYS J 18 -41.70 -1.83 13.65
N ALA J 19 -40.43 -1.84 13.24
CA ALA J 19 -39.74 -0.58 13.00
C ALA J 19 -40.14 0.00 11.66
N LYS J 20 -40.09 -0.82 10.60
CA LYS J 20 -40.42 -0.35 9.26
C LYS J 20 -41.90 -0.01 9.13
N ALA J 21 -42.75 -0.77 9.83
CA ALA J 21 -44.19 -0.49 9.79
C ALA J 21 -44.51 0.84 10.46
N VAL J 22 -43.74 1.23 11.47
CA VAL J 22 -43.84 2.58 11.98
C VAL J 22 -43.20 3.56 11.01
N ARG J 23 -42.02 3.21 10.48
CA ARG J 23 -41.22 4.17 9.73
C ARG J 23 -41.79 4.43 8.34
N ASP J 24 -42.65 3.54 7.84
CA ASP J 24 -43.30 3.83 6.57
C ASP J 24 -44.58 4.63 6.79
N ALA J 25 -45.02 4.76 8.03
CA ALA J 25 -46.28 5.44 8.31
C ALA J 25 -46.08 6.94 8.49
N LEU J 26 -44.83 7.41 8.44
CA LEU J 26 -44.51 8.82 8.61
C LEU J 26 -45.05 9.69 7.49
N LYS J 27 -45.13 10.99 7.75
CA LYS J 27 -45.45 11.98 6.72
C LYS J 27 -44.31 12.07 5.71
N ALA J 28 -44.59 12.72 4.58
CA ALA J 28 -43.55 12.92 3.57
C ALA J 28 -42.80 14.22 3.79
N GLU J 29 -42.35 14.42 5.04
CA GLU J 29 -41.48 15.54 5.38
C GLU J 29 -40.28 14.99 6.12
N PHE J 30 -40.51 13.93 6.91
CA PHE J 30 -39.46 13.24 7.65
C PHE J 30 -39.09 11.92 7.01
N LYS J 31 -39.07 11.84 5.67
CA LYS J 31 -38.75 10.58 5.01
C LYS J 31 -37.27 10.25 5.13
N ALA J 32 -36.41 11.28 5.19
CA ALA J 32 -34.96 11.06 5.21
C ALA J 32 -34.51 10.44 6.53
N ASN J 33 -35.31 10.58 7.59
CA ASN J 33 -34.96 9.95 8.86
C ASN J 33 -35.24 8.45 8.83
N ALA J 34 -36.13 8.02 7.94
CA ALA J 34 -36.24 6.60 7.65
C ALA J 34 -35.05 6.12 6.83
N GLU J 35 -34.40 7.04 6.11
CA GLU J 35 -33.18 6.72 5.40
C GLU J 35 -31.96 6.92 6.30
N LYS J 36 -32.15 7.56 7.46
CA LYS J 36 -31.07 7.67 8.43
C LYS J 36 -30.69 6.31 8.99
N THR J 37 -31.68 5.42 9.20
CA THR J 37 -31.36 4.08 9.66
C THR J 37 -30.66 3.28 8.56
N SER J 38 -31.39 2.97 7.48
CA SER J 38 -30.88 2.33 6.24
C SER J 38 -30.03 1.10 6.54
N GLY J 39 -30.69 0.05 7.04
CA GLY J 39 -29.97 -1.14 7.46
C GLY J 39 -29.30 -1.86 6.30
N SER J 40 -29.77 -1.65 5.08
CA SER J 40 -29.18 -2.22 3.88
C SER J 40 -27.90 -1.47 3.52
N ASN J 41 -26.89 -1.64 4.38
CA ASN J 41 -25.51 -1.31 4.06
C ASN J 41 -24.58 -2.50 4.20
N VAL J 42 -24.73 -3.30 5.25
CA VAL J 42 -23.84 -4.44 5.45
C VAL J 42 -24.20 -5.56 4.48
N LYS J 43 -23.17 -6.16 3.90
CA LYS J 43 -23.33 -7.29 3.00
C LYS J 43 -22.89 -8.57 3.69
N ILE J 44 -23.26 -9.70 3.11
CA ILE J 44 -22.93 -11.01 3.65
C ILE J 44 -22.33 -11.87 2.55
N VAL J 45 -21.11 -12.35 2.77
CA VAL J 45 -20.49 -13.34 1.91
C VAL J 45 -20.13 -14.55 2.77
N LYS J 46 -20.41 -15.74 2.26
CA LYS J 46 -20.22 -16.98 3.00
C LYS J 46 -18.90 -17.62 2.59
N VAL J 47 -18.41 -18.54 3.42
CA VAL J 47 -17.16 -19.22 3.13
C VAL J 47 -17.35 -20.22 2.00
N LYS J 48 -18.56 -20.76 1.86
CA LYS J 48 -18.84 -21.78 0.87
C LYS J 48 -20.14 -21.49 0.14
N PHE K 1 43.12 40.55 -57.36
CA PHE K 1 44.50 40.18 -57.10
C PHE K 1 45.12 39.53 -58.34
N ALA K 2 46.42 39.25 -58.29
CA ALA K 2 47.12 38.66 -59.41
C ALA K 2 47.84 37.38 -58.98
N LYS K 3 48.25 36.59 -59.97
CA LYS K 3 48.99 35.36 -59.71
C LYS K 3 50.48 35.65 -59.70
N LEU K 4 51.22 34.83 -58.97
CA LEU K 4 52.62 35.09 -58.69
C LEU K 4 53.45 33.85 -58.99
N VAL K 5 54.76 34.07 -59.17
CA VAL K 5 55.67 33.00 -59.53
C VAL K 5 55.90 32.09 -58.33
N ARG K 6 55.89 30.79 -58.56
CA ARG K 6 56.00 29.83 -57.46
C ARG K 6 57.44 29.67 -57.04
N PRO K 7 57.80 30.00 -55.81
CA PRO K 7 59.15 29.72 -55.31
C PRO K 7 59.37 28.23 -55.15
N PRO K 8 60.55 27.72 -55.48
CA PRO K 8 60.77 26.26 -55.47
C PRO K 8 61.03 25.66 -54.10
N VAL K 9 60.88 26.42 -53.00
CA VAL K 9 60.97 25.87 -51.65
C VAL K 9 59.61 25.84 -50.97
N GLN K 10 58.93 27.00 -50.96
CA GLN K 10 57.62 27.19 -50.32
C GLN K 10 57.68 26.88 -48.82
N ILE K 11 58.47 27.67 -48.10
CA ILE K 11 58.48 27.62 -46.64
C ILE K 11 57.25 28.32 -46.10
N TYR K 12 57.03 28.19 -44.81
CA TYR K 12 55.85 28.72 -44.14
C TYR K 12 56.31 29.51 -42.93
N GLY K 13 55.36 30.14 -42.25
CA GLY K 13 55.66 30.96 -41.09
C GLY K 13 55.76 32.43 -41.45
N ILE K 14 56.23 33.22 -40.48
CA ILE K 14 56.33 34.66 -40.69
C ILE K 14 57.50 35.01 -41.60
N GLU K 15 58.42 34.08 -41.82
CA GLU K 15 59.48 34.29 -42.80
C GLU K 15 58.94 34.19 -44.21
N GLY K 16 58.35 33.05 -44.56
CA GLY K 16 57.95 32.73 -45.92
C GLY K 16 56.79 33.53 -46.46
N ARG K 17 56.07 34.26 -45.61
CA ARG K 17 55.17 35.28 -46.12
C ARG K 17 55.95 36.38 -46.82
N TYR K 18 56.87 37.02 -46.08
CA TYR K 18 57.65 38.11 -46.63
C TYR K 18 58.75 37.62 -47.56
N ALA K 19 59.23 36.39 -47.38
CA ALA K 19 60.30 35.90 -48.23
C ALA K 19 59.81 35.31 -49.54
N THR K 20 58.50 35.29 -49.77
CA THR K 20 57.93 34.99 -51.08
C THR K 20 57.37 36.21 -51.77
N ALA K 21 56.94 37.20 -50.98
CA ALA K 21 56.57 38.49 -51.53
C ALA K 21 57.78 39.22 -52.10
N LEU K 22 58.97 38.91 -51.60
CA LEU K 22 60.19 39.44 -52.18
C LEU K 22 60.65 38.64 -53.39
N TYR K 23 60.44 37.31 -53.38
CA TYR K 23 60.85 36.50 -54.51
C TYR K 23 59.95 36.74 -55.71
N SER K 24 58.66 36.97 -55.48
CA SER K 24 57.74 37.21 -56.57
C SER K 24 57.93 38.61 -57.14
N ALA K 25 58.23 39.59 -56.29
CA ALA K 25 58.39 40.95 -56.75
C ALA K 25 59.69 41.15 -57.51
N ALA K 26 60.75 40.46 -57.11
CA ALA K 26 62.03 40.60 -57.79
C ALA K 26 62.17 39.70 -59.00
N SER K 27 61.38 38.63 -59.09
CA SER K 27 61.41 37.82 -60.31
C SER K 27 60.73 38.54 -61.46
N LYS K 28 59.79 39.44 -61.15
CA LYS K 28 59.38 40.44 -62.11
C LYS K 28 60.54 41.40 -62.35
N GLN K 29 60.68 41.85 -63.60
CA GLN K 29 61.76 42.67 -64.15
C GLN K 29 63.12 41.96 -64.14
N ASN K 30 63.14 40.66 -63.83
CA ASN K 30 64.34 39.82 -63.80
C ASN K 30 65.43 40.40 -62.90
N LYS K 31 65.04 40.74 -61.69
CA LYS K 31 65.92 41.32 -60.68
C LYS K 31 66.34 40.28 -59.65
N LEU K 32 66.60 39.05 -60.07
CA LEU K 32 66.76 37.94 -59.13
C LEU K 32 68.20 37.74 -58.69
N GLU K 33 69.10 37.52 -59.65
CA GLU K 33 70.51 37.30 -59.30
C GLU K 33 71.19 38.55 -58.79
N GLN K 34 70.61 39.73 -59.06
CA GLN K 34 71.15 40.98 -58.55
C GLN K 34 70.83 41.17 -57.08
N VAL K 35 69.57 40.92 -56.69
CA VAL K 35 69.07 41.32 -55.38
C VAL K 35 69.71 40.55 -54.24
N GLU K 36 70.27 39.37 -54.50
CA GLU K 36 70.97 38.63 -53.46
C GLU K 36 72.28 39.30 -53.09
N LYS K 37 72.90 40.00 -54.04
CA LYS K 37 74.09 40.78 -53.75
C LYS K 37 73.78 42.00 -52.88
N GLU K 38 72.59 42.56 -53.02
CA GLU K 38 72.17 43.67 -52.17
C GLU K 38 71.64 43.23 -50.83
N LEU K 39 71.07 42.03 -50.74
CA LEU K 39 70.58 41.57 -49.45
C LEU K 39 71.70 41.07 -48.56
N LEU K 40 72.88 40.82 -49.12
CA LEU K 40 74.04 40.43 -48.33
C LEU K 40 74.82 41.64 -47.83
N ARG K 41 74.47 42.84 -48.26
CA ARG K 41 75.09 44.05 -47.75
C ARG K 41 74.28 44.71 -46.65
N VAL K 42 72.96 44.53 -46.65
CA VAL K 42 72.17 44.84 -45.46
C VAL K 42 72.36 43.74 -44.43
N ALA K 43 72.81 42.55 -44.84
CA ALA K 43 73.12 41.47 -43.93
C ALA K 43 74.40 41.69 -43.13
N GLN K 44 75.11 42.79 -43.37
CA GLN K 44 76.24 43.18 -42.55
C GLN K 44 75.99 44.44 -41.74
N ILE K 45 75.19 45.37 -42.26
CA ILE K 45 74.93 46.61 -41.53
C ILE K 45 73.86 46.46 -40.47
N LEU K 46 73.18 45.31 -40.43
CA LEU K 46 72.21 45.07 -39.37
C LEU K 46 72.90 44.81 -38.04
N LYS K 47 74.07 44.16 -38.08
CA LYS K 47 74.80 43.82 -36.87
C LYS K 47 75.77 44.97 -36.57
N GLU K 48 75.26 45.96 -35.84
CA GLU K 48 76.01 47.15 -35.49
C GLU K 48 75.47 47.65 -34.16
N PRO K 49 76.35 47.94 -33.19
CA PRO K 49 75.89 48.39 -31.87
C PRO K 49 75.23 49.77 -31.85
N LYS K 50 75.09 50.45 -32.99
CA LYS K 50 74.18 51.59 -33.09
C LYS K 50 72.95 51.29 -33.94
N VAL K 51 73.10 50.43 -34.96
CA VAL K 51 71.95 50.08 -35.80
C VAL K 51 71.07 49.06 -35.12
N ALA K 52 71.66 47.98 -34.58
CA ALA K 52 70.89 47.00 -33.83
C ALA K 52 70.50 47.50 -32.44
N ALA K 53 71.04 48.64 -32.00
CA ALA K 53 70.59 49.23 -30.74
C ALA K 53 69.18 49.78 -30.88
N SER K 54 68.83 50.32 -32.05
CA SER K 54 67.43 50.60 -32.38
C SER K 54 67.14 50.01 -33.76
N ILE K 55 66.96 48.69 -33.78
CA ILE K 55 66.23 47.99 -34.83
C ILE K 55 65.36 47.00 -34.09
N MET K 56 65.68 46.78 -32.81
CA MET K 56 64.95 45.88 -31.94
C MET K 56 64.58 46.57 -30.63
N ASN K 57 64.78 47.86 -30.54
CA ASN K 57 64.35 48.62 -29.38
C ASN K 57 62.86 48.89 -29.49
N PRO K 58 62.06 48.53 -28.50
CA PRO K 58 60.64 48.89 -28.53
C PRO K 58 60.43 50.38 -28.29
N TYR K 59 61.16 50.96 -27.34
CA TYR K 59 60.89 52.31 -26.86
C TYR K 59 61.85 53.31 -27.51
N VAL K 60 61.61 53.58 -28.79
CA VAL K 60 62.23 54.74 -29.41
C VAL K 60 61.13 55.66 -29.95
N LYS K 61 60.39 55.19 -30.96
CA LYS K 61 59.13 55.73 -31.48
C LYS K 61 58.65 54.79 -32.57
N ARG K 62 57.35 54.77 -32.83
CA ARG K 62 56.84 53.98 -33.95
C ARG K 62 57.27 54.55 -35.29
N SER K 63 57.48 55.87 -35.35
CA SER K 63 57.71 56.57 -36.59
C SER K 63 59.19 56.76 -36.92
N VAL K 64 60.04 57.01 -35.91
CA VAL K 64 61.41 57.39 -36.19
C VAL K 64 62.30 56.21 -36.56
N LYS K 65 61.81 54.98 -36.41
CA LYS K 65 62.51 53.84 -36.97
C LYS K 65 62.18 53.62 -38.43
N VAL K 66 61.33 54.45 -39.01
CA VAL K 66 61.02 54.37 -40.42
C VAL K 66 61.85 55.35 -41.23
N LYS K 67 62.03 56.57 -40.72
CA LYS K 67 62.86 57.54 -41.42
C LYS K 67 64.34 57.27 -41.24
N SER K 68 64.73 56.63 -40.13
CA SER K 68 66.15 56.39 -39.87
C SER K 68 66.70 55.27 -40.72
N LEU K 69 65.89 54.29 -41.10
CA LEU K 69 66.38 53.26 -41.98
C LEU K 69 66.18 53.60 -43.45
N SER K 70 65.18 54.43 -43.77
CA SER K 70 64.97 54.82 -45.16
C SER K 70 66.07 55.77 -45.63
N ASP K 71 66.52 56.66 -44.74
CA ASP K 71 67.70 57.46 -45.04
C ASP K 71 68.94 56.58 -45.13
N MET K 72 68.98 55.50 -44.35
CA MET K 72 70.13 54.62 -44.34
C MET K 72 70.17 53.68 -45.54
N THR K 73 69.01 53.23 -46.03
CA THR K 73 69.01 52.19 -47.06
C THR K 73 69.23 52.75 -48.46
N ALA K 74 69.15 54.06 -48.64
CA ALA K 74 69.17 54.64 -49.98
C ALA K 74 70.51 55.27 -50.33
N LYS K 75 71.19 55.86 -49.34
CA LYS K 75 72.30 56.75 -49.66
C LYS K 75 73.57 55.99 -50.02
N GLU K 76 73.77 54.80 -49.47
CA GLU K 76 75.12 54.26 -49.50
C GLU K 76 75.40 53.47 -50.79
N LYS K 77 74.51 52.56 -51.21
CA LYS K 77 74.77 51.85 -52.45
C LYS K 77 73.56 51.73 -53.37
N PHE K 78 72.38 51.47 -52.83
CA PHE K 78 71.31 50.86 -53.62
C PHE K 78 69.99 51.58 -53.42
N SER K 79 69.22 51.68 -54.51
CA SER K 79 67.80 52.04 -54.43
C SER K 79 66.89 51.12 -55.23
N PRO K 80 66.94 49.78 -55.00
CA PRO K 80 66.01 48.90 -55.71
C PRO K 80 64.71 48.76 -54.94
N LEU K 81 63.89 47.76 -55.30
CA LEU K 81 62.70 47.40 -54.56
C LEU K 81 62.96 46.88 -53.13
N THR K 82 64.22 46.67 -52.71
CA THR K 82 64.47 46.35 -51.31
C THR K 82 64.29 47.55 -50.41
N SER K 83 64.46 48.77 -50.94
CA SER K 83 64.27 49.96 -50.13
C SER K 83 62.81 50.13 -49.72
N ASN K 84 61.89 49.61 -50.52
CA ASN K 84 60.48 49.55 -50.14
C ASN K 84 60.22 48.43 -49.13
N LEU K 85 60.97 47.33 -49.24
CA LEU K 85 60.78 46.17 -48.37
C LEU K 85 61.21 46.47 -46.95
N ILE K 86 62.37 47.12 -46.77
CA ILE K 86 62.80 47.54 -45.44
C ILE K 86 61.84 48.57 -44.88
N ASN K 87 61.26 49.41 -45.74
CA ASN K 87 60.20 50.31 -45.33
C ASN K 87 58.89 49.58 -45.08
N LEU K 88 58.71 48.37 -45.65
CA LEU K 88 57.49 47.61 -45.44
C LEU K 88 57.51 46.85 -44.12
N LEU K 89 58.65 46.21 -43.81
CA LEU K 89 58.81 45.51 -42.54
C LEU K 89 58.76 46.48 -41.37
N ALA K 90 59.35 47.66 -41.53
CA ALA K 90 59.41 48.62 -40.44
C ALA K 90 58.07 49.28 -40.19
N GLU K 91 57.24 49.40 -41.23
CA GLU K 91 55.91 49.97 -41.06
C GLU K 91 54.95 49.03 -40.38
N ASN K 92 55.24 47.73 -40.34
CA ASN K 92 54.34 46.73 -39.78
C ASN K 92 54.69 46.33 -38.36
N GLY K 93 55.96 46.28 -38.01
CA GLY K 93 56.35 45.89 -36.68
C GLY K 93 57.17 44.62 -36.67
N ARG K 94 57.61 44.18 -37.84
CA ARG K 94 58.37 42.95 -37.99
C ARG K 94 59.87 43.20 -38.12
N LEU K 95 60.39 44.22 -37.46
CA LEU K 95 61.82 44.47 -37.54
C LEU K 95 62.65 43.42 -36.79
N SER K 96 62.06 42.75 -35.80
CA SER K 96 62.77 41.73 -35.05
C SER K 96 63.10 40.52 -35.91
N SER K 97 62.20 40.17 -36.82
CA SER K 97 62.37 39.01 -37.67
C SER K 97 63.11 39.32 -38.98
N THR K 98 63.79 40.46 -39.03
CA THR K 98 64.54 40.82 -40.24
C THR K 98 65.71 39.88 -40.58
N PRO K 99 66.54 39.36 -39.64
CA PRO K 99 67.51 38.34 -40.05
C PRO K 99 66.88 37.02 -40.45
N GLY K 100 65.64 36.75 -40.01
CA GLY K 100 64.98 35.52 -40.41
C GLY K 100 64.62 35.49 -41.89
N VAL K 101 64.25 36.65 -42.45
CA VAL K 101 63.76 36.71 -43.82
C VAL K 101 64.90 36.49 -44.80
N ILE K 102 66.07 37.04 -44.51
CA ILE K 102 67.20 36.91 -45.42
C ILE K 102 67.82 35.53 -45.33
N SER K 103 67.71 34.87 -44.18
CA SER K 103 68.08 33.45 -44.11
C SER K 103 67.03 32.59 -44.77
N ALA K 104 65.81 33.09 -44.91
CA ALA K 104 64.74 32.44 -45.64
C ALA K 104 64.77 32.72 -47.12
N PHE K 105 65.22 33.93 -47.49
CA PHE K 105 65.37 34.24 -48.91
C PHE K 105 66.59 33.55 -49.49
N SER K 106 67.60 33.27 -48.65
CA SER K 106 68.81 32.63 -49.14
C SER K 106 68.56 31.16 -49.46
N THR K 107 67.83 30.46 -48.59
CA THR K 107 67.49 29.07 -48.88
C THR K 107 66.48 28.95 -49.99
N MET K 108 65.71 30.01 -50.26
CA MET K 108 64.77 30.00 -51.38
C MET K 108 65.49 30.27 -52.69
N MET K 109 66.51 31.12 -52.67
CA MET K 109 67.27 31.42 -53.87
C MET K 109 68.34 30.40 -54.16
N SER K 110 68.73 29.59 -53.18
CA SER K 110 69.81 28.64 -53.40
C SER K 110 69.36 27.48 -54.28
N VAL K 111 68.10 27.08 -54.16
CA VAL K 111 67.59 25.89 -54.85
C VAL K 111 67.33 26.16 -56.32
N HIS K 112 67.48 27.42 -56.74
CA HIS K 112 67.35 27.76 -58.14
C HIS K 112 68.51 27.20 -58.96
N ARG K 113 69.62 26.86 -58.30
CA ARG K 113 70.70 26.11 -58.92
C ARG K 113 71.34 25.07 -57.99
N GLY K 114 70.85 24.89 -56.76
CA GLY K 114 71.55 24.15 -55.74
C GLY K 114 71.01 22.75 -55.52
N GLU K 115 71.43 22.15 -54.39
CA GLU K 115 71.30 20.72 -54.19
C GLU K 115 70.71 20.28 -52.86
N VAL K 116 70.68 21.13 -51.84
CA VAL K 116 70.37 20.81 -50.44
C VAL K 116 71.27 19.66 -50.00
N PRO K 117 72.52 19.96 -49.61
CA PRO K 117 73.61 18.98 -49.60
C PRO K 117 73.40 17.73 -48.75
N CYS K 118 74.21 16.72 -49.06
CA CYS K 118 74.26 15.46 -48.34
C CYS K 118 75.12 15.58 -47.09
N SER K 119 75.09 14.56 -46.24
CA SER K 119 75.80 14.58 -44.96
C SER K 119 76.44 13.21 -44.71
N VAL K 120 77.69 13.04 -45.16
CA VAL K 120 78.43 11.81 -44.88
C VAL K 120 78.86 11.83 -43.41
N THR K 121 78.51 10.78 -42.68
CA THR K 121 78.73 10.71 -41.24
C THR K 121 79.40 9.38 -40.91
N THR K 122 80.72 9.30 -41.02
CA THR K 122 81.37 8.00 -40.83
C THR K 122 82.37 7.93 -39.68
N ALA K 123 83.48 8.67 -39.74
CA ALA K 123 84.65 8.40 -38.89
C ALA K 123 85.65 9.54 -39.09
N SER K 124 86.86 9.34 -38.59
CA SER K 124 87.99 10.20 -38.90
C SER K 124 88.23 10.22 -40.41
N PRO K 125 88.66 11.36 -40.98
CA PRO K 125 88.57 11.55 -42.43
C PRO K 125 89.50 10.67 -43.23
N LEU K 126 89.28 10.72 -44.54
CA LEU K 126 89.79 9.76 -45.51
C LEU K 126 90.72 10.44 -46.51
N ASP K 127 91.22 9.64 -47.45
CA ASP K 127 92.22 10.10 -48.40
C ASP K 127 91.53 10.69 -49.64
N GLU K 128 92.31 10.92 -50.70
CA GLU K 128 91.75 11.54 -51.89
C GLU K 128 91.18 10.52 -52.84
N ALA K 129 91.68 9.29 -52.83
CA ALA K 129 91.27 8.30 -53.83
C ALA K 129 89.91 7.69 -53.50
N THR K 130 89.50 7.76 -52.25
CA THR K 130 88.18 7.26 -51.86
C THR K 130 87.16 8.38 -51.65
N LEU K 131 87.60 9.64 -51.66
CA LEU K 131 86.65 10.75 -51.51
C LEU K 131 86.24 11.35 -52.85
N THR K 132 87.16 11.42 -53.81
CA THR K 132 86.79 12.02 -55.10
C THR K 132 85.87 11.10 -55.89
N GLU K 133 85.80 9.82 -55.55
CA GLU K 133 84.76 8.97 -56.10
C GLU K 133 83.40 9.35 -55.50
N LEU K 134 83.31 9.48 -54.17
CA LEU K 134 82.05 9.84 -53.54
C LEU K 134 81.66 11.30 -53.79
N LYS K 135 82.57 12.14 -54.26
CA LYS K 135 82.21 13.43 -54.79
C LYS K 135 81.90 13.38 -56.28
N THR K 136 81.91 12.19 -56.89
CA THR K 136 81.54 12.02 -58.28
C THR K 136 80.48 10.94 -58.47
N VAL K 137 80.51 9.87 -57.69
CA VAL K 137 79.43 8.89 -57.76
C VAL K 137 78.16 9.40 -57.08
N LEU K 138 78.25 10.46 -56.27
CA LEU K 138 77.07 11.13 -55.75
C LEU K 138 76.52 12.14 -56.74
N LYS K 139 77.27 12.45 -57.80
CA LYS K 139 76.76 13.25 -58.92
C LYS K 139 76.05 12.38 -59.95
N SER K 140 76.34 11.07 -59.98
CA SER K 140 75.68 10.21 -60.95
C SER K 140 74.21 9.98 -60.63
N PHE K 141 73.78 10.26 -59.40
CA PHE K 141 72.39 10.06 -59.03
C PHE K 141 71.49 11.14 -59.63
N LEU K 142 71.88 12.41 -59.46
CA LEU K 142 70.93 13.51 -59.65
C LEU K 142 70.62 13.74 -61.12
N SER K 143 71.65 14.09 -61.90
CA SER K 143 71.60 14.22 -63.36
C SER K 143 70.59 15.27 -63.82
N LYS K 144 70.82 16.52 -63.39
CA LYS K 144 69.95 17.60 -63.85
C LYS K 144 70.72 18.91 -64.10
N GLY K 145 72.00 18.83 -64.47
CA GLY K 145 72.79 20.02 -64.76
C GLY K 145 73.08 20.86 -63.54
N GLN K 146 73.81 20.30 -62.58
CA GLN K 146 73.94 20.91 -61.27
C GLN K 146 75.36 20.71 -60.73
N ILE K 147 75.72 21.53 -59.73
CA ILE K 147 77.07 21.53 -59.15
C ILE K 147 76.94 21.30 -57.65
N LEU K 148 77.27 20.08 -57.21
CA LEU K 148 76.91 19.54 -55.90
C LEU K 148 77.70 20.19 -54.76
N LYS K 149 77.13 20.10 -53.55
CA LYS K 149 77.77 20.54 -52.31
C LYS K 149 77.52 19.51 -51.23
N LEU K 150 78.20 19.65 -50.09
CA LEU K 150 78.31 18.54 -49.15
C LEU K 150 78.67 19.06 -47.75
N GLU K 151 78.33 18.27 -46.72
CA GLU K 151 78.77 18.47 -45.35
C GLU K 151 79.35 17.16 -44.80
N VAL K 152 80.25 17.28 -43.80
CA VAL K 152 80.88 16.13 -43.15
C VAL K 152 80.82 16.33 -41.64
N LYS K 153 80.41 15.30 -40.91
CA LYS K 153 80.39 15.34 -39.44
C LYS K 153 80.80 13.98 -38.89
N VAL K 154 81.74 13.98 -37.95
CA VAL K 154 82.38 12.75 -37.48
C VAL K 154 81.63 12.22 -36.26
N ASP K 155 81.26 10.94 -36.30
CA ASP K 155 80.57 10.29 -35.17
C ASP K 155 81.09 8.88 -34.97
N PRO K 156 81.51 8.50 -33.75
CA PRO K 156 82.06 7.17 -33.54
C PRO K 156 81.07 6.14 -33.01
N SER K 157 79.86 6.55 -32.64
CA SER K 157 78.88 5.58 -32.13
C SER K 157 78.38 4.67 -33.23
N ILE K 158 78.27 5.18 -34.45
CA ILE K 158 78.30 4.33 -35.63
C ILE K 158 79.68 3.69 -35.68
N MET K 159 79.72 2.37 -35.51
CA MET K 159 81.01 1.73 -35.32
C MET K 159 81.74 1.51 -36.63
N GLY K 160 81.04 1.05 -37.67
CA GLY K 160 81.74 0.57 -38.85
C GLY K 160 81.17 0.89 -40.21
N GLY K 161 80.47 2.03 -40.36
CA GLY K 161 79.85 2.37 -41.62
C GLY K 161 79.79 3.87 -41.86
N MET K 162 78.98 4.24 -42.85
CA MET K 162 78.69 5.61 -43.20
C MET K 162 77.21 5.75 -43.50
N ILE K 163 76.59 6.83 -43.03
CA ILE K 163 75.24 7.18 -43.45
C ILE K 163 75.34 8.43 -44.31
N VAL K 164 74.43 8.56 -45.26
CA VAL K 164 74.40 9.67 -46.21
C VAL K 164 72.94 10.02 -46.49
N ARG K 165 72.68 11.30 -46.75
CA ARG K 165 71.31 11.80 -46.91
C ARG K 165 71.23 12.72 -48.13
N ILE K 166 71.00 12.15 -49.30
CA ILE K 166 70.80 12.96 -50.49
C ILE K 166 69.36 13.50 -50.43
N GLY K 167 69.20 14.71 -49.90
CA GLY K 167 67.88 15.26 -49.71
C GLY K 167 67.20 14.66 -48.50
N GLU K 168 66.24 13.77 -48.72
CA GLU K 168 65.55 13.03 -47.68
C GLU K 168 65.57 11.54 -48.00
N LYS K 169 66.75 11.01 -48.31
CA LYS K 169 66.91 9.65 -48.83
C LYS K 169 67.38 8.63 -47.79
N TYR K 170 68.50 8.88 -47.11
CA TYR K 170 68.98 8.11 -45.96
C TYR K 170 69.22 6.63 -46.30
N VAL K 171 70.24 6.38 -47.11
CA VAL K 171 70.72 5.01 -47.26
C VAL K 171 71.73 4.68 -46.15
N ASP K 172 71.29 3.87 -45.19
CA ASP K 172 71.97 3.62 -43.92
C ASP K 172 72.71 2.30 -44.01
N MET K 173 74.02 2.36 -43.83
CA MET K 173 74.86 1.16 -43.75
C MET K 173 75.90 1.40 -42.65
N SER K 174 75.69 0.77 -41.50
CA SER K 174 76.36 1.14 -40.27
C SER K 174 76.33 -0.05 -39.32
N ALA K 175 76.58 0.20 -38.03
CA ALA K 175 76.44 -0.80 -36.99
C ALA K 175 75.10 -0.72 -36.27
N LYS K 176 74.05 -0.32 -36.99
CA LYS K 176 72.68 -0.61 -36.58
C LYS K 176 72.38 -2.09 -36.70
N THR K 177 73.10 -2.80 -37.58
CA THR K 177 72.88 -4.19 -37.91
C THR K 177 73.22 -5.16 -36.77
N LYS K 178 73.63 -4.67 -35.61
CA LYS K 178 73.64 -5.47 -34.39
C LYS K 178 72.27 -5.54 -33.76
N ILE K 179 71.49 -4.47 -33.85
CA ILE K 179 70.11 -4.48 -33.35
C ILE K 179 69.21 -5.31 -34.25
N GLN K 180 69.55 -5.40 -35.55
CA GLN K 180 68.79 -6.24 -36.47
C GLN K 180 69.01 -7.73 -36.22
N LYS K 181 69.94 -8.11 -35.36
CA LYS K 181 70.10 -9.49 -34.92
C LYS K 181 69.26 -9.80 -33.69
N LEU K 182 68.17 -9.05 -33.48
CA LEU K 182 67.14 -9.41 -32.52
C LEU K 182 66.35 -10.62 -33.00
N SER K 183 66.28 -10.83 -34.32
CA SER K 183 65.53 -11.95 -34.88
C SER K 183 66.11 -13.30 -34.51
N ARG K 184 67.38 -13.34 -34.12
CA ARG K 184 67.95 -14.55 -33.55
C ARG K 184 67.35 -14.85 -32.18
N ALA K 185 67.08 -13.81 -31.39
CA ALA K 185 66.48 -13.94 -30.08
C ALA K 185 64.96 -13.84 -30.11
N MET K 186 64.35 -13.75 -31.29
CA MET K 186 62.93 -13.49 -31.42
C MET K 186 62.15 -14.70 -31.96
N ARG K 187 62.53 -15.91 -31.54
CA ARG K 187 61.82 -17.18 -31.86
C ARG K 187 61.62 -17.46 -33.35
N PRO L 1 -75.54 -16.10 16.53
CA PRO L 1 -76.58 -17.13 16.38
C PRO L 1 -77.07 -17.23 14.96
N PRO L 2 -77.06 -16.12 14.24
CA PRO L 2 -77.51 -16.11 12.84
C PRO L 2 -76.62 -17.00 11.99
N LEU L 3 -75.32 -16.95 12.23
CA LEU L 3 -74.37 -17.76 11.49
C LEU L 3 -74.64 -19.24 11.75
N PRO L 4 -74.92 -19.57 13.01
CA PRO L 4 -75.23 -20.96 13.39
C PRO L 4 -76.50 -21.42 12.69
N GLU L 5 -77.49 -20.54 12.61
CA GLU L 5 -78.75 -20.87 11.94
C GLU L 5 -78.49 -21.12 10.46
N HIS L 6 -77.66 -20.33 9.81
CA HIS L 6 -77.43 -20.56 8.37
C HIS L 6 -76.79 -21.92 8.10
N GLY L 7 -75.80 -22.27 8.92
CA GLY L 7 -75.10 -23.53 8.79
C GLY L 7 -76.02 -24.70 8.97
N GLY L 8 -76.92 -24.60 9.93
CA GLY L 8 -77.88 -25.66 10.19
C GLY L 8 -78.77 -25.87 8.98
N LYS L 9 -79.21 -24.79 8.35
CA LYS L 9 -80.06 -24.89 7.18
C LYS L 9 -79.32 -25.59 6.06
N VAL L 10 -78.05 -25.22 5.88
CA VAL L 10 -77.26 -25.84 4.82
C VAL L 10 -77.11 -27.34 5.07
N ARG L 11 -76.87 -27.70 6.33
CA ARG L 11 -76.71 -29.09 6.72
C ARG L 11 -78.00 -29.86 6.46
N LEU L 12 -79.13 -29.24 6.77
CA LEU L 12 -80.42 -29.87 6.56
C LEU L 12 -80.63 -30.14 5.07
N GLY L 13 -80.29 -29.23 4.18
CA GLY L 13 -80.51 -29.54 2.76
C GLY L 13 -79.70 -30.71 2.21
N LEU L 14 -78.43 -30.76 2.59
CA LEU L 14 -77.51 -31.79 2.14
C LEU L 14 -77.96 -33.17 2.59
N ILE L 15 -78.45 -33.25 3.81
CA ILE L 15 -78.92 -34.51 4.36
C ILE L 15 -80.10 -35.02 3.53
N PRO L 16 -81.01 -34.13 3.17
CA PRO L 16 -82.17 -34.51 2.35
C PRO L 16 -81.70 -35.03 1.00
N GLU L 17 -80.72 -34.36 0.41
CA GLU L 17 -80.22 -34.82 -0.88
C GLU L 17 -79.61 -36.23 -0.76
N GLU L 18 -78.87 -36.46 0.32
CA GLU L 18 -78.25 -37.74 0.56
C GLU L 18 -79.31 -38.82 0.73
N PHE L 19 -80.37 -38.48 1.44
CA PHE L 19 -81.47 -39.41 1.68
C PHE L 19 -82.11 -39.80 0.35
N PHE L 20 -82.30 -38.81 -0.52
CA PHE L 20 -82.90 -39.11 -1.82
C PHE L 20 -82.01 -40.06 -2.62
N GLN L 21 -80.70 -39.81 -2.57
CA GLN L 21 -79.78 -40.68 -3.30
C GLN L 21 -79.84 -42.11 -2.76
N PHE L 22 -79.92 -42.23 -1.43
CA PHE L 22 -79.99 -43.54 -0.79
C PHE L 22 -81.26 -44.26 -1.20
N LEU L 23 -82.36 -43.52 -1.26
CA LEU L 23 -83.64 -44.09 -1.65
C LEU L 23 -83.57 -44.63 -3.06
N TYR L 24 -82.92 -43.88 -3.96
CA TYR L 24 -82.81 -44.36 -5.35
C TYR L 24 -82.02 -45.68 -5.40
N PRO L 25 -80.94 -45.73 -4.63
CA PRO L 25 -80.11 -46.93 -4.59
C PRO L 25 -80.94 -48.11 -4.08
N LYS L 26 -81.73 -47.87 -3.04
CA LYS L 26 -82.56 -48.92 -2.45
C LYS L 26 -83.58 -49.42 -3.46
N THR L 27 -84.15 -48.49 -4.23
CA THR L 27 -85.13 -48.82 -5.25
C THR L 27 -84.53 -49.70 -6.35
N GLY L 28 -83.29 -49.44 -6.76
CA GLY L 28 -82.70 -50.25 -7.81
C GLY L 28 -82.51 -51.75 -7.53
N VAL L 29 -82.09 -52.05 -6.31
CA VAL L 29 -81.80 -53.36 -5.77
C VAL L 29 -83.04 -54.16 -5.36
N THR L 30 -84.22 -53.70 -5.77
CA THR L 30 -85.45 -54.41 -5.38
C THR L 30 -85.59 -55.90 -5.82
N GLY L 31 -85.20 -56.26 -7.04
CA GLY L 31 -85.28 -57.63 -7.47
C GLY L 31 -84.31 -58.59 -6.83
N PRO L 32 -83.04 -58.23 -6.69
CA PRO L 32 -81.99 -59.24 -6.46
C PRO L 32 -81.65 -59.56 -5.01
N TYR L 33 -82.43 -59.10 -4.03
CA TYR L 33 -82.07 -59.26 -2.63
C TYR L 33 -82.82 -60.44 -1.99
N VAL L 34 -82.06 -61.44 -1.52
CA VAL L 34 -82.65 -62.64 -0.94
C VAL L 34 -82.01 -62.95 0.42
N LEU L 35 -81.35 -61.94 1.02
CA LEU L 35 -80.63 -62.14 2.28
C LEU L 35 -81.42 -61.71 3.50
N GLY L 36 -81.85 -60.44 3.54
CA GLY L 36 -82.43 -59.91 4.75
C GLY L 36 -83.80 -60.49 5.06
N THR L 37 -84.59 -60.79 4.03
CA THR L 37 -85.96 -61.23 4.26
C THR L 37 -86.02 -62.68 4.72
N GLY L 38 -84.88 -63.37 4.74
CA GLY L 38 -84.83 -64.65 5.43
C GLY L 38 -84.69 -64.49 6.93
N LEU L 39 -84.03 -63.42 7.37
CA LEU L 39 -83.70 -63.28 8.79
C LEU L 39 -84.45 -62.12 9.43
N ILE L 40 -85.28 -61.40 8.67
CA ILE L 40 -86.02 -60.29 9.25
C ILE L 40 -87.22 -60.78 10.05
N LEU L 41 -87.48 -62.08 10.01
CA LEU L 41 -88.62 -62.63 10.73
C LEU L 41 -88.27 -63.00 12.16
N TYR L 42 -87.07 -63.54 12.38
CA TYR L 42 -86.66 -63.91 13.73
C TYR L 42 -86.48 -62.68 14.60
N LEU L 43 -86.11 -61.55 13.99
CA LEU L 43 -86.11 -60.29 14.71
C LEU L 43 -87.50 -59.66 14.72
N LEU L 44 -88.47 -60.28 14.03
CA LEU L 44 -89.85 -59.83 14.15
C LEU L 44 -90.66 -60.76 15.02
N SER L 45 -90.21 -62.01 15.17
CA SER L 45 -90.92 -62.94 16.04
C SER L 45 -90.45 -62.85 17.48
N LYS L 46 -89.12 -62.75 17.68
CA LYS L 46 -88.59 -62.60 19.04
C LYS L 46 -88.93 -61.23 19.60
N GLU L 47 -89.06 -60.23 18.73
CA GLU L 47 -89.54 -58.92 19.19
C GLU L 47 -91.03 -58.98 19.50
N ILE L 48 -91.71 -60.02 19.04
CA ILE L 48 -93.07 -60.27 19.51
C ILE L 48 -93.06 -61.16 20.74
N TYR L 49 -91.87 -61.57 21.23
CA TYR L 49 -91.86 -62.38 22.45
C TYR L 49 -91.53 -61.54 23.70
N VAL L 50 -90.28 -61.10 23.84
CA VAL L 50 -89.87 -60.65 25.16
C VAL L 50 -88.96 -59.42 25.23
N ILE L 51 -88.49 -58.91 24.10
CA ILE L 51 -87.22 -58.19 24.11
C ILE L 51 -87.39 -56.72 24.49
N THR L 52 -88.58 -56.31 24.91
CA THR L 52 -88.78 -54.92 25.30
C THR L 52 -88.61 -54.75 26.80
N ALA L 53 -87.79 -53.77 27.19
CA ALA L 53 -87.50 -53.46 28.59
C ALA L 53 -86.97 -52.04 28.68
N GLU L 54 -86.32 -51.74 29.81
CA GLU L 54 -85.54 -50.50 29.96
C GLU L 54 -84.13 -50.67 29.38
N THR L 55 -84.10 -50.83 28.06
CA THR L 55 -82.86 -50.99 27.33
C THR L 55 -82.91 -50.19 26.03
N PHE L 56 -83.33 -48.93 26.11
CA PHE L 56 -83.02 -48.00 25.04
C PHE L 56 -81.59 -47.47 25.20
N SER L 57 -80.96 -47.76 26.34
CA SER L 57 -79.53 -47.52 26.50
C SER L 57 -78.72 -48.69 25.97
N ALA L 58 -79.39 -49.65 25.34
CA ALA L 58 -78.67 -50.67 24.60
C ALA L 58 -78.19 -50.12 23.27
N ILE L 59 -78.99 -49.25 22.65
CA ILE L 59 -78.64 -48.71 21.34
C ILE L 59 -77.58 -47.64 21.48
N SER L 60 -77.63 -46.84 22.54
CA SER L 60 -76.73 -45.71 22.67
C SER L 60 -75.34 -46.15 23.10
N THR L 61 -75.21 -47.36 23.67
CA THR L 61 -73.89 -47.93 23.89
C THR L 61 -73.44 -48.70 22.67
N ILE L 62 -74.33 -48.88 21.70
CA ILE L 62 -73.96 -49.45 20.41
C ILE L 62 -73.88 -48.35 19.36
N GLY L 63 -74.49 -47.19 19.63
CA GLY L 63 -74.36 -46.06 18.73
C GLY L 63 -73.02 -45.35 18.86
N VAL L 64 -72.50 -45.24 20.09
CA VAL L 64 -71.20 -44.64 20.31
C VAL L 64 -70.10 -45.53 19.76
N LEU L 65 -70.31 -46.85 19.78
CA LEU L 65 -69.32 -47.74 19.21
C LEU L 65 -69.35 -47.76 17.68
N VAL L 66 -70.28 -47.03 17.07
CA VAL L 66 -70.21 -46.87 15.61
C VAL L 66 -69.32 -45.68 15.25
N TYR L 67 -69.34 -44.61 16.06
CA TYR L 67 -68.49 -43.44 15.80
C TYR L 67 -67.01 -43.75 15.94
N ILE L 68 -66.66 -44.81 16.64
CA ILE L 68 -65.26 -45.13 16.83
C ILE L 68 -64.76 -45.97 15.66
N VAL L 69 -65.69 -46.50 14.86
CA VAL L 69 -65.30 -47.18 13.64
C VAL L 69 -64.81 -46.18 12.58
N LYS L 70 -65.30 -44.93 12.66
CA LYS L 70 -64.76 -43.82 11.88
C LYS L 70 -63.27 -43.62 12.13
N LYS L 71 -62.88 -43.46 13.40
CA LYS L 71 -61.47 -43.25 13.71
C LYS L 71 -60.68 -44.54 13.63
N TYR L 72 -61.36 -45.68 13.49
CA TYR L 72 -60.66 -46.95 13.37
C TYR L 72 -59.99 -47.06 12.01
N GLY L 73 -60.52 -46.36 11.01
CA GLY L 73 -59.85 -46.30 9.72
C GLY L 73 -58.62 -45.42 9.75
N ALA L 74 -58.44 -44.67 10.85
CA ALA L 74 -57.16 -44.02 11.09
C ALA L 74 -56.33 -44.80 12.11
N SER L 75 -56.96 -45.76 12.79
CA SER L 75 -56.22 -46.59 13.73
C SER L 75 -55.40 -47.64 13.00
N ILE L 76 -55.86 -47.93 11.79
CA ILE L 76 -55.22 -48.87 10.88
C ILE L 76 -53.88 -48.32 10.44
N GLY L 77 -53.86 -47.03 10.10
CA GLY L 77 -52.63 -46.40 9.67
C GLY L 77 -51.65 -46.45 10.82
N ALA L 78 -52.15 -46.17 12.03
CA ALA L 78 -51.32 -46.21 13.22
C ALA L 78 -50.85 -47.64 13.45
N PHE L 79 -51.76 -48.60 13.27
CA PHE L 79 -51.42 -50.00 13.42
C PHE L 79 -50.38 -50.40 12.38
N ALA L 80 -50.58 -49.94 11.14
CA ALA L 80 -49.63 -50.25 10.07
C ALA L 80 -48.29 -49.61 10.40
N ASP L 81 -48.34 -48.37 10.88
CA ASP L 81 -47.15 -47.64 11.26
C ASP L 81 -46.47 -48.32 12.44
N LYS L 82 -47.28 -48.81 13.38
CA LYS L 82 -46.70 -49.49 14.53
C LYS L 82 -45.95 -50.70 14.03
N LEU L 83 -44.73 -50.83 14.53
CA LEU L 83 -43.72 -51.89 14.25
C LEU L 83 -42.98 -51.73 12.92
N ASN L 84 -43.33 -50.71 12.15
CA ASN L 84 -42.64 -50.45 10.90
C ASN L 84 -41.24 -50.08 11.35
N GLU L 85 -41.21 -49.30 12.43
CA GLU L 85 -39.95 -48.88 13.02
C GLU L 85 -39.29 -50.12 13.63
N GLN L 86 -40.09 -50.95 14.29
CA GLN L 86 -39.58 -52.16 14.90
C GLN L 86 -39.02 -53.12 13.87
N LYS L 87 -39.74 -53.33 12.76
CA LYS L 87 -39.20 -54.21 11.72
C LYS L 87 -37.96 -53.54 11.13
N ILE L 88 -38.04 -52.23 10.90
CA ILE L 88 -36.88 -51.50 10.43
C ILE L 88 -35.88 -51.59 11.55
N ALA L 89 -36.35 -51.44 12.80
CA ALA L 89 -35.40 -51.58 13.90
C ALA L 89 -34.62 -52.88 13.79
N GLN L 90 -35.17 -53.87 13.09
CA GLN L 90 -34.46 -55.14 12.92
C GLN L 90 -33.64 -55.13 11.63
N LEU L 91 -34.02 -54.27 10.67
CA LEU L 91 -33.31 -54.23 9.40
C LEU L 91 -31.95 -53.55 9.56
N GLU L 92 -31.80 -52.72 10.60
CA GLU L 92 -30.55 -52.00 10.80
C GLU L 92 -29.44 -52.95 11.28
N GLU L 93 -29.81 -53.99 12.02
CA GLU L 93 -28.80 -54.87 12.59
C GLU L 93 -28.30 -55.89 11.57
N VAL L 94 -29.19 -56.34 10.67
CA VAL L 94 -28.78 -57.27 9.64
C VAL L 94 -27.96 -56.55 8.56
N LYS L 95 -28.13 -55.24 8.46
CA LYS L 95 -27.37 -54.49 7.46
C LYS L 95 -26.02 -54.05 8.00
N GLN L 96 -25.96 -53.73 9.29
CA GLN L 96 -24.71 -53.19 9.83
C GLN L 96 -23.66 -54.29 10.00
N ALA L 97 -24.09 -55.51 10.32
CA ALA L 97 -23.15 -56.54 10.77
C ALA L 97 -22.38 -57.12 9.60
N SER L 98 -23.03 -57.21 8.44
CA SER L 98 -22.37 -57.75 7.26
C SER L 98 -21.34 -56.78 6.70
N ILE L 99 -21.73 -55.52 6.51
CA ILE L 99 -20.91 -54.57 5.78
C ILE L 99 -19.72 -54.12 6.63
N LYS L 100 -19.88 -54.12 7.96
CA LYS L 100 -18.78 -53.74 8.83
C LYS L 100 -17.72 -54.83 8.91
N GLN L 101 -18.08 -56.06 8.52
CA GLN L 101 -17.14 -57.17 8.65
C GLN L 101 -16.47 -57.50 7.32
N ILE L 102 -17.23 -57.43 6.21
CA ILE L 102 -16.73 -57.93 4.92
C ILE L 102 -15.62 -57.03 4.39
N GLN L 103 -15.63 -55.75 4.75
CA GLN L 103 -14.52 -54.88 4.37
C GLN L 103 -13.33 -55.11 5.27
N ASP L 104 -13.58 -55.46 6.54
CA ASP L 104 -12.50 -55.74 7.49
C ASP L 104 -11.74 -57.00 7.10
N ALA L 105 -12.42 -57.95 6.46
CA ALA L 105 -11.74 -59.15 5.98
C ALA L 105 -10.92 -58.86 4.74
N ILE L 106 -11.21 -57.75 4.05
CA ILE L 106 -10.52 -57.43 2.81
C ILE L 106 -9.31 -56.54 3.08
N ASP L 107 -9.45 -55.57 3.99
CA ASP L 107 -8.32 -54.67 4.25
C ASP L 107 -7.24 -55.36 5.08
N LEU L 108 -7.63 -56.20 6.05
CA LEU L 108 -6.64 -56.86 6.88
C LEU L 108 -5.91 -57.96 6.12
N GLU L 109 -6.53 -58.48 5.06
CA GLU L 109 -5.79 -59.35 4.16
C GLU L 109 -4.84 -58.54 3.29
N LYS L 110 -5.32 -57.43 2.74
CA LYS L 110 -4.51 -56.64 1.82
C LYS L 110 -3.52 -55.75 2.57
N SER L 111 -3.65 -55.64 3.90
CA SER L 111 -2.63 -54.94 4.68
C SER L 111 -1.37 -55.77 4.78
N GLN L 112 -1.51 -57.10 4.88
CA GLN L 112 -0.33 -57.97 4.90
C GLN L 112 0.13 -58.28 3.48
N GLN L 113 -0.78 -58.19 2.51
CA GLN L 113 -0.43 -58.41 1.11
C GLN L 113 0.50 -57.32 0.59
N ALA L 114 0.12 -56.06 0.75
CA ALA L 114 0.95 -54.97 0.23
C ALA L 114 2.13 -54.67 1.15
N LEU L 115 2.14 -55.23 2.37
CA LEU L 115 3.28 -55.04 3.26
C LEU L 115 4.50 -55.82 2.78
N VAL L 116 4.28 -57.05 2.32
CA VAL L 116 5.43 -57.89 1.95
C VAL L 116 5.98 -57.48 0.60
N GLN L 117 5.23 -56.68 -0.16
CA GLN L 117 5.80 -56.00 -1.31
C GLN L 117 6.56 -54.74 -0.88
N LYS L 118 6.31 -54.26 0.33
CA LYS L 118 7.11 -53.15 0.87
C LYS L 118 8.34 -53.67 1.59
N ARG L 119 8.31 -54.93 2.03
CA ARG L 119 9.48 -55.49 2.70
C ARG L 119 10.59 -55.82 1.72
N HIS L 120 10.23 -56.13 0.47
CA HIS L 120 11.24 -56.54 -0.50
C HIS L 120 11.85 -55.33 -1.21
N TYR L 121 11.19 -54.16 -1.11
CA TYR L 121 11.76 -52.95 -1.68
C TYR L 121 13.02 -52.51 -0.96
N LEU L 122 13.07 -52.71 0.36
CA LEU L 122 14.21 -52.22 1.13
C LEU L 122 15.43 -53.12 0.95
N PHE L 123 15.24 -54.30 0.35
CA PHE L 123 16.37 -55.19 0.11
C PHE L 123 16.91 -55.05 -1.31
N ASP L 124 16.10 -54.53 -2.24
CA ASP L 124 16.66 -54.11 -3.52
C ASP L 124 17.50 -52.84 -3.35
N VAL L 125 17.08 -51.94 -2.45
CA VAL L 125 17.79 -50.68 -2.27
C VAL L 125 19.08 -50.92 -1.48
N GLN L 126 19.08 -51.86 -0.54
CA GLN L 126 20.29 -52.12 0.22
C GLN L 126 21.33 -52.86 -0.63
N ARG L 127 20.88 -53.69 -1.57
CA ARG L 127 21.82 -54.54 -2.31
C ARG L 127 22.57 -53.76 -3.38
N ASN L 128 21.99 -52.66 -3.87
CA ASN L 128 22.69 -51.89 -4.89
C ASN L 128 23.47 -50.73 -4.27
N ASN L 129 23.06 -50.27 -3.08
CA ASN L 129 23.76 -49.17 -2.43
C ASN L 129 25.14 -49.59 -1.94
N ILE L 130 25.24 -50.77 -1.30
CA ILE L 130 26.53 -51.23 -0.81
C ILE L 130 27.38 -51.76 -1.97
N ALA L 131 26.74 -52.24 -3.04
CA ALA L 131 27.49 -52.67 -4.21
C ALA L 131 28.09 -51.47 -4.95
N MET L 132 27.43 -50.31 -4.87
CA MET L 132 27.94 -49.13 -5.56
C MET L 132 28.91 -48.35 -4.69
N ALA L 133 28.65 -48.28 -3.38
CA ALA L 133 29.51 -47.51 -2.48
C ALA L 133 30.86 -48.19 -2.29
N LEU L 134 30.91 -49.52 -2.46
CA LEU L 134 32.18 -50.20 -2.54
C LEU L 134 32.86 -49.94 -3.87
N GLU L 135 32.06 -49.74 -4.92
CA GLU L 135 32.61 -49.59 -6.27
C GLU L 135 33.12 -48.17 -6.49
N VAL L 136 32.62 -47.20 -5.73
CA VAL L 136 33.05 -45.81 -5.92
C VAL L 136 34.46 -45.62 -5.38
N THR L 137 34.88 -46.50 -4.47
CA THR L 137 36.23 -46.38 -3.91
C THR L 137 37.22 -47.13 -4.80
N TYR L 138 36.71 -47.92 -5.75
CA TYR L 138 37.57 -48.76 -6.56
C TYR L 138 38.44 -47.93 -7.52
N ARG L 139 37.83 -47.17 -8.42
CA ARG L 139 38.65 -46.37 -9.35
C ARG L 139 39.25 -45.16 -8.64
N GLU L 140 38.66 -44.75 -7.51
CA GLU L 140 39.23 -43.65 -6.73
C GLU L 140 40.53 -44.09 -6.08
N ARG L 141 40.66 -45.39 -5.77
CA ARG L 141 41.97 -45.95 -5.46
C ARG L 141 42.88 -45.92 -6.68
N LEU L 142 42.31 -46.19 -7.88
CA LEU L 142 43.11 -46.14 -9.10
C LEU L 142 43.43 -44.71 -9.52
N HIS L 143 42.51 -43.78 -9.23
CA HIS L 143 42.68 -42.38 -9.62
C HIS L 143 43.91 -41.76 -8.95
N ARG L 144 44.11 -42.05 -7.66
CA ARG L 144 45.18 -41.39 -6.92
C ARG L 144 46.55 -41.91 -7.35
N VAL L 145 46.63 -43.20 -7.73
CA VAL L 145 47.86 -43.73 -8.31
C VAL L 145 48.06 -43.20 -9.72
N TYR L 146 46.95 -43.05 -10.47
CA TYR L 146 47.01 -42.36 -11.76
C TYR L 146 47.39 -40.90 -11.59
N LYS L 147 46.99 -40.29 -10.46
CA LYS L 147 47.40 -38.92 -10.17
C LYS L 147 48.88 -38.84 -9.87
N GLU L 148 49.40 -39.81 -9.10
CA GLU L 148 50.74 -39.67 -8.55
C GLU L 148 51.81 -40.01 -9.59
N ILE L 149 51.46 -40.85 -10.57
CA ILE L 149 52.45 -41.25 -11.57
C ILE L 149 52.67 -40.14 -12.60
N LYS L 150 51.76 -39.16 -12.66
CA LYS L 150 52.00 -38.01 -13.53
C LYS L 150 52.79 -36.94 -12.80
N ASN L 151 52.57 -36.80 -11.49
CA ASN L 151 53.14 -35.69 -10.74
C ASN L 151 54.64 -35.85 -10.57
N ARG L 152 55.12 -37.09 -10.53
CA ARG L 152 56.56 -37.33 -10.51
C ARG L 152 57.15 -37.15 -11.91
N LEU L 153 56.33 -37.37 -12.94
CA LEU L 153 56.74 -37.01 -14.29
C LEU L 153 56.65 -35.50 -14.51
N ASP L 154 55.63 -34.86 -13.91
CA ASP L 154 55.43 -33.43 -14.11
C ASP L 154 56.52 -32.61 -13.44
N TYR L 155 57.04 -33.09 -12.32
CA TYR L 155 58.12 -32.38 -11.63
C TYR L 155 59.40 -32.40 -12.45
N HIS L 156 59.64 -33.48 -13.20
CA HIS L 156 60.91 -33.59 -13.91
C HIS L 156 60.88 -32.81 -15.22
N ILE L 157 59.72 -32.72 -15.86
CA ILE L 157 59.64 -31.99 -17.13
C ILE L 157 59.48 -30.49 -16.88
N SER L 158 59.06 -30.12 -15.66
CA SER L 158 59.00 -28.70 -15.32
C SER L 158 60.35 -28.20 -14.82
N VAL L 159 61.27 -29.12 -14.52
CA VAL L 159 62.63 -28.73 -14.19
C VAL L 159 63.49 -28.72 -15.46
N GLN L 160 63.19 -29.62 -16.40
CA GLN L 160 63.91 -29.68 -17.67
C GLN L 160 63.69 -28.43 -18.50
N ASN L 161 62.49 -27.83 -18.41
CA ASN L 161 62.17 -26.70 -19.27
C ASN L 161 62.68 -25.39 -18.67
N MET L 162 62.68 -25.29 -17.34
CA MET L 162 63.09 -24.04 -16.70
C MET L 162 64.59 -23.84 -16.75
N MET L 163 65.36 -24.94 -16.73
CA MET L 163 66.81 -24.83 -16.81
C MET L 163 67.27 -24.61 -18.26
N ARG L 164 66.41 -24.92 -19.22
CA ARG L 164 66.70 -24.54 -20.60
C ARG L 164 66.48 -23.06 -20.81
N GLN L 165 65.47 -22.49 -20.14
CA GLN L 165 65.16 -21.08 -20.34
C GLN L 165 66.20 -20.17 -19.69
N LYS L 166 66.68 -20.54 -18.51
CA LYS L 166 67.74 -19.77 -17.85
C LYS L 166 69.05 -19.89 -18.61
N GLU L 167 69.27 -21.01 -19.29
CA GLU L 167 70.50 -21.18 -20.06
C GLU L 167 70.41 -20.44 -21.39
N GLN L 168 69.21 -20.32 -21.96
CA GLN L 168 69.05 -19.77 -23.30
C GLN L 168 69.39 -18.29 -23.33
N GLU L 169 68.93 -17.52 -22.34
CA GLU L 169 69.16 -16.08 -22.33
C GLU L 169 70.63 -15.75 -22.08
N HIS L 170 71.32 -16.56 -21.29
CA HIS L 170 72.75 -16.32 -21.05
C HIS L 170 73.58 -16.62 -22.29
N MET L 171 73.16 -17.62 -23.07
CA MET L 171 73.89 -17.99 -24.28
C MET L 171 73.78 -16.90 -25.35
N ILE L 172 72.66 -16.18 -25.36
CA ILE L 172 72.45 -15.11 -26.32
C ILE L 172 73.33 -13.92 -25.99
N ARG L 173 73.36 -13.52 -24.72
CA ARG L 173 74.08 -12.31 -24.33
C ARG L 173 75.58 -12.51 -24.39
N TRP L 174 76.06 -13.76 -24.33
CA TRP L 174 77.50 -13.98 -24.44
C TRP L 174 77.98 -13.73 -25.87
N VAL L 175 77.22 -14.17 -26.86
CA VAL L 175 77.58 -13.89 -28.25
C VAL L 175 77.37 -12.41 -28.55
N GLU L 176 76.42 -11.78 -27.88
CA GLU L 176 76.09 -10.40 -28.19
C GLU L 176 77.07 -9.42 -27.57
N LYS L 177 77.46 -9.65 -26.31
CA LYS L 177 78.32 -8.70 -25.62
C LYS L 177 79.78 -8.89 -26.03
N HIS L 178 80.09 -10.00 -26.69
CA HIS L 178 81.48 -10.22 -27.09
C HIS L 178 81.75 -9.64 -28.48
N VAL L 179 80.69 -9.40 -29.26
CA VAL L 179 80.89 -8.93 -30.63
C VAL L 179 81.09 -7.42 -30.65
N VAL L 180 80.82 -6.75 -29.52
CA VAL L 180 80.96 -5.30 -29.45
C VAL L 180 82.43 -4.91 -29.50
N GLN L 181 83.29 -5.68 -28.84
CA GLN L 181 84.70 -5.35 -28.82
C GLN L 181 85.41 -5.89 -30.05
N SER L 182 84.89 -6.96 -30.64
CA SER L 182 85.52 -7.56 -31.81
C SER L 182 85.33 -6.69 -33.04
N ILE L 183 84.20 -5.98 -33.11
CA ILE L 183 83.97 -5.10 -34.26
C ILE L 183 84.68 -3.76 -34.04
N SER L 184 85.04 -3.45 -32.80
CA SER L 184 85.61 -2.15 -32.49
C SER L 184 87.11 -2.14 -32.74
N ALA L 185 87.75 -3.31 -32.70
CA ALA L 185 89.21 -3.35 -32.68
C ALA L 185 89.81 -3.27 -34.09
N GLN L 186 89.02 -3.61 -35.11
CA GLN L 186 89.57 -3.76 -36.45
C GLN L 186 89.87 -2.40 -37.08
N GLN L 187 90.99 -2.33 -37.79
CA GLN L 187 91.42 -1.10 -38.43
C GLN L 187 91.86 -1.27 -39.88
N GLU L 188 92.16 -2.49 -40.33
CA GLU L 188 92.51 -2.70 -41.73
C GLU L 188 91.29 -3.08 -42.55
N LYS L 189 90.39 -3.89 -41.99
CA LYS L 189 89.23 -4.35 -42.75
C LYS L 189 88.19 -3.26 -42.93
N GLU L 190 88.29 -2.17 -42.17
CA GLU L 190 87.36 -1.06 -42.35
C GLU L 190 87.59 -0.37 -43.70
N THR L 191 88.84 -0.32 -44.16
CA THR L 191 89.11 0.22 -45.48
C THR L 191 88.59 -0.73 -46.56
N ILE L 192 88.61 -2.03 -46.29
CA ILE L 192 87.92 -2.98 -47.14
C ILE L 192 86.42 -2.76 -47.08
N ALA L 193 85.92 -2.39 -45.89
CA ALA L 193 84.47 -2.22 -45.72
C ALA L 193 83.97 -0.95 -46.40
N LYS L 194 84.85 0.02 -46.63
CA LYS L 194 84.39 1.26 -47.24
C LYS L 194 84.25 1.14 -48.74
N CYS L 195 85.15 0.40 -49.39
CA CYS L 195 85.12 0.31 -50.85
C CYS L 195 83.94 -0.52 -51.33
N ILE L 196 83.50 -1.50 -50.54
CA ILE L 196 82.29 -2.22 -50.88
C ILE L 196 81.06 -1.36 -50.58
N ALA L 197 81.15 -0.50 -49.57
CA ALA L 197 80.08 0.46 -49.30
C ALA L 197 79.96 1.49 -50.42
N ASP L 198 81.08 1.83 -51.07
CA ASP L 198 81.01 2.60 -52.30
C ASP L 198 80.41 1.80 -53.43
N LEU L 199 80.79 0.51 -53.53
CA LEU L 199 80.34 -0.29 -54.65
C LEU L 199 78.87 -0.67 -54.52
N LYS L 200 78.37 -0.77 -53.28
CA LYS L 200 76.94 -0.96 -53.09
C LYS L 200 76.15 0.27 -53.50
N LEU L 201 76.68 1.46 -53.18
CA LEU L 201 76.02 2.69 -53.60
C LEU L 201 76.18 2.91 -55.10
N LEU L 202 77.32 2.51 -55.66
CA LEU L 202 77.48 2.50 -57.11
C LEU L 202 76.51 1.53 -57.76
N ALA L 203 76.27 0.39 -57.12
CA ALA L 203 75.25 -0.53 -57.62
C ALA L 203 73.84 0.01 -57.36
N LYS L 204 73.67 0.81 -56.30
CA LYS L 204 72.32 1.22 -55.90
C LYS L 204 71.73 2.23 -56.86
N LYS L 205 72.52 3.22 -57.29
CA LYS L 205 71.98 4.25 -58.17
C LYS L 205 71.83 3.74 -59.59
N ALA L 206 72.47 2.61 -59.90
CA ALA L 206 72.42 2.08 -61.26
C ALA L 206 71.07 1.46 -61.56
N GLN L 207 70.43 0.85 -60.55
CA GLN L 207 69.14 0.20 -60.80
C GLN L 207 68.00 1.20 -60.75
N ALA L 208 68.23 2.38 -60.16
CA ALA L 208 67.19 3.41 -60.15
C ALA L 208 67.05 4.04 -61.53
N GLN L 209 68.15 4.52 -62.10
CA GLN L 209 68.16 5.11 -63.42
C GLN L 209 69.04 4.31 -64.37
N VAL M 1 75.28 -7.22 -44.75
CA VAL M 1 76.39 -7.24 -43.81
C VAL M 1 76.84 -8.68 -43.56
N GLN M 2 77.32 -9.35 -44.62
CA GLN M 2 77.77 -10.73 -44.47
C GLN M 2 79.09 -10.80 -43.71
N LYS M 3 79.80 -9.68 -43.60
CA LYS M 3 80.95 -9.63 -42.71
C LYS M 3 80.50 -9.61 -41.25
N LEU M 4 79.24 -9.22 -40.99
CA LEU M 4 78.70 -9.37 -39.65
C LEU M 4 78.03 -10.74 -39.49
N PHE M 5 77.65 -11.35 -40.61
CA PHE M 5 77.09 -12.70 -40.58
C PHE M 5 78.12 -13.72 -40.13
N VAL M 6 79.37 -13.54 -40.55
CA VAL M 6 80.41 -14.48 -40.11
C VAL M 6 80.83 -14.18 -38.67
N ASP M 7 80.63 -12.94 -38.20
CA ASP M 7 81.25 -12.55 -36.94
C ASP M 7 80.34 -12.83 -35.74
N LYS M 8 79.09 -13.23 -36.00
CA LYS M 8 78.23 -13.64 -34.89
C LYS M 8 78.07 -15.16 -34.85
N ILE M 9 78.44 -15.84 -35.93
CA ILE M 9 78.54 -17.30 -35.90
C ILE M 9 79.86 -17.72 -35.24
N ARG M 10 80.95 -17.02 -35.56
CA ARG M 10 82.26 -17.41 -35.07
C ARG M 10 82.42 -17.14 -33.58
N GLU M 11 81.67 -16.17 -33.04
CA GLU M 11 81.61 -16.02 -31.59
C GLU M 11 80.37 -16.69 -31.01
N TYR M 12 79.68 -17.50 -31.81
CA TYR M 12 78.77 -18.47 -31.24
C TYR M 12 79.47 -19.80 -31.02
N ARG M 13 80.43 -20.14 -31.90
CA ARG M 13 81.20 -21.38 -31.75
C ARG M 13 82.05 -21.35 -30.49
N THR M 14 82.50 -20.16 -30.08
CA THR M 14 83.26 -20.03 -28.84
C THR M 14 82.40 -20.36 -27.63
N LYS M 15 81.10 -20.08 -27.70
CA LYS M 15 80.17 -20.47 -26.64
C LYS M 15 79.96 -21.98 -26.62
N ARG M 16 80.21 -22.65 -27.74
CA ARG M 16 80.03 -24.11 -27.76
C ARG M 16 81.21 -24.84 -27.13
N GLN M 17 82.21 -24.09 -26.63
CA GLN M 17 83.23 -24.67 -25.77
C GLN M 17 82.89 -24.42 -24.31
N THR M 18 82.20 -25.37 -23.70
CA THR M 18 81.64 -25.18 -22.36
C THR M 18 82.03 -26.36 -21.50
N SER M 19 82.30 -26.09 -20.22
CA SER M 19 82.66 -27.10 -19.25
C SER M 19 81.57 -27.35 -18.22
N GLY M 20 81.11 -26.32 -17.52
CA GLY M 20 80.21 -26.52 -16.40
C GLY M 20 78.96 -25.67 -16.33
N GLY M 21 78.34 -25.38 -17.47
CA GLY M 21 77.14 -24.56 -17.48
C GLY M 21 77.39 -23.14 -17.94
N PRO M 22 77.49 -22.20 -17.01
CA PRO M 22 77.80 -20.82 -17.38
C PRO M 22 79.29 -20.54 -17.45
N VAL M 23 79.64 -19.59 -18.31
CA VAL M 23 81.03 -19.16 -18.42
C VAL M 23 81.36 -18.06 -17.42
N ASP M 24 80.48 -17.07 -17.23
CA ASP M 24 80.73 -15.98 -16.31
C ASP M 24 79.62 -15.86 -15.28
N ALA M 25 79.18 -16.99 -14.72
CA ALA M 25 78.12 -16.95 -13.72
C ALA M 25 78.61 -16.33 -12.42
N GLY M 26 79.60 -16.94 -11.79
CA GLY M 26 80.10 -16.49 -10.51
C GLY M 26 79.07 -16.67 -9.41
N PRO M 27 78.68 -15.58 -8.77
CA PRO M 27 77.61 -15.65 -7.76
C PRO M 27 76.26 -15.30 -8.36
N GLU M 28 76.24 -14.95 -9.64
CA GLU M 28 75.01 -14.51 -10.28
C GLU M 28 74.15 -15.69 -10.71
N TYR M 29 74.70 -16.54 -11.59
CA TYR M 29 73.92 -17.63 -12.16
C TYR M 29 73.72 -18.75 -11.14
N GLN M 30 74.63 -18.86 -10.17
CA GLN M 30 74.51 -19.89 -9.15
C GLN M 30 73.37 -19.58 -8.19
N GLN M 31 73.15 -18.30 -7.89
CA GLN M 31 72.07 -17.94 -6.99
C GLN M 31 70.72 -17.92 -7.70
N ASP M 32 70.70 -17.48 -8.96
CA ASP M 32 69.43 -17.33 -9.68
C ASP M 32 68.84 -18.68 -10.08
N LEU M 33 69.70 -19.62 -10.53
CA LEU M 33 69.20 -20.93 -10.91
C LEU M 33 68.85 -21.77 -9.70
N ASP M 34 69.33 -21.38 -8.52
CA ASP M 34 68.94 -22.05 -7.28
C ASP M 34 67.72 -21.38 -6.66
N ARG M 35 67.54 -20.08 -6.90
CA ARG M 35 66.33 -19.41 -6.44
C ARG M 35 65.13 -19.86 -7.27
N GLU M 36 65.34 -20.12 -8.56
CA GLU M 36 64.25 -20.52 -9.42
C GLU M 36 63.93 -22.00 -9.26
N LEU M 37 64.93 -22.80 -8.89
CA LEU M 37 64.70 -24.24 -8.72
C LEU M 37 63.88 -24.51 -7.47
N PHE M 38 63.96 -23.63 -6.47
CA PHE M 38 63.10 -23.75 -5.30
C PHE M 38 61.66 -23.41 -5.65
N LYS M 39 61.46 -22.38 -6.48
CA LYS M 39 60.12 -21.87 -6.74
C LYS M 39 59.31 -22.81 -7.62
N LEU M 40 59.98 -23.69 -8.37
CA LEU M 40 59.27 -24.73 -9.09
C LEU M 40 58.94 -25.91 -8.18
N LYS M 41 59.39 -25.85 -6.93
CA LYS M 41 59.08 -26.87 -5.93
C LYS M 41 58.44 -26.31 -4.67
N GLN M 42 58.47 -24.99 -4.46
CA GLN M 42 58.03 -24.41 -3.19
C GLN M 42 56.52 -24.47 -3.04
N MET M 43 55.79 -23.77 -3.91
CA MET M 43 54.34 -23.81 -3.92
C MET M 43 53.80 -25.00 -4.71
N TYR M 44 54.68 -25.84 -5.24
CA TYR M 44 54.23 -27.00 -6.02
C TYR M 44 54.09 -28.24 -5.13
N GLY M 45 55.14 -28.61 -4.41
CA GLY M 45 55.06 -29.74 -3.52
C GLY M 45 56.44 -30.36 -3.30
N LYS M 46 56.47 -31.28 -2.35
CA LYS M 46 57.68 -32.04 -2.01
C LYS M 46 57.57 -33.40 -2.68
N ALA M 47 58.37 -33.60 -3.73
CA ALA M 47 58.28 -34.81 -4.54
C ALA M 47 59.68 -35.36 -4.80
N ASP M 48 59.83 -36.66 -4.58
CA ASP M 48 61.08 -37.36 -4.85
C ASP M 48 61.15 -37.74 -6.33
N MET M 49 62.09 -38.61 -6.68
CA MET M 49 62.36 -38.90 -8.09
C MET M 49 61.51 -40.03 -8.64
N ASN M 50 61.34 -41.12 -7.89
CA ASN M 50 60.75 -42.33 -8.46
C ASN M 50 59.76 -43.02 -7.52
N THR M 51 59.41 -42.41 -6.40
CA THR M 51 58.57 -43.07 -5.39
C THR M 51 57.15 -43.20 -5.90
N PHE M 52 56.61 -44.42 -5.85
CA PHE M 52 55.29 -44.75 -6.36
C PHE M 52 54.21 -44.28 -5.39
N PRO M 53 52.94 -44.49 -5.71
CA PRO M 53 51.86 -44.09 -4.78
C PRO M 53 51.66 -45.14 -3.70
N ASN M 54 51.80 -44.71 -2.44
CA ASN M 54 51.71 -45.60 -1.30
C ASN M 54 50.64 -45.07 -0.35
N PHE M 55 49.47 -45.74 -0.35
CA PHE M 55 48.34 -45.35 0.49
C PHE M 55 47.43 -46.56 0.65
N THR M 56 46.25 -46.33 1.25
CA THR M 56 45.26 -47.37 1.50
C THR M 56 43.94 -46.70 1.80
N PHE M 57 42.85 -47.25 1.25
CA PHE M 57 41.52 -46.68 1.38
C PHE M 57 40.60 -47.64 2.09
N GLU M 58 39.70 -47.10 2.90
CA GLU M 58 38.67 -47.89 3.59
C GLU M 58 37.29 -47.43 3.15
N ASP M 59 36.42 -48.41 2.86
CA ASP M 59 35.10 -48.11 2.31
C ASP M 59 34.08 -47.89 3.42
N PRO M 60 32.83 -47.59 3.06
CA PRO M 60 31.81 -47.34 4.09
C PRO M 60 31.31 -48.65 4.69
N LYS M 61 31.29 -48.71 6.03
CA LYS M 61 30.85 -49.91 6.72
C LYS M 61 29.34 -50.07 6.56
N PHE M 62 28.93 -51.27 6.14
CA PHE M 62 27.53 -51.55 5.81
C PHE M 62 26.79 -51.94 7.08
N GLU M 63 26.14 -50.96 7.70
CA GLU M 63 25.30 -51.23 8.86
C GLU M 63 24.01 -51.91 8.43
N ALA M 64 23.34 -52.51 9.41
CA ALA M 64 22.06 -53.19 9.19
C ALA M 64 20.93 -52.35 9.77
N VAL M 65 19.70 -52.72 9.40
CA VAL M 65 18.51 -52.05 9.87
C VAL M 65 17.66 -53.06 10.65
N GLU M 66 17.33 -52.72 11.89
CA GLU M 66 16.48 -53.55 12.72
C GLU M 66 15.01 -53.23 12.45
N LYS M 67 14.21 -54.28 12.30
CA LYS M 67 12.83 -54.06 11.90
C LYS M 67 11.90 -55.18 12.35
N PRO M 68 11.23 -55.06 13.49
CA PRO M 68 10.08 -55.92 13.76
C PRO M 68 8.92 -55.51 12.86
N GLN M 69 8.32 -56.51 12.23
CA GLN M 69 7.44 -56.23 11.10
C GLN M 69 6.16 -57.05 11.26
N SER M 70 5.37 -57.12 10.19
CA SER M 70 4.02 -57.69 10.15
C SER M 70 3.12 -57.05 11.21
N ARG N 1 33.61 -53.26 -17.72
CA ARG N 1 32.77 -52.26 -17.06
C ARG N 1 31.87 -52.90 -16.01
N LYS N 2 32.40 -53.10 -14.82
CA LYS N 2 31.67 -53.76 -13.74
C LYS N 2 30.66 -52.79 -13.13
N LEU N 3 29.40 -52.92 -13.53
CA LEU N 3 28.36 -52.01 -13.06
C LEU N 3 27.04 -52.77 -12.99
N ALA N 4 26.27 -52.50 -11.96
CA ALA N 4 24.99 -53.17 -11.76
C ALA N 4 23.83 -52.23 -12.02
N LEU N 5 22.73 -52.80 -12.52
CA LEU N 5 21.47 -52.08 -12.65
C LEU N 5 20.63 -52.32 -11.40
N LYS N 6 19.36 -51.93 -11.47
CA LYS N 6 18.44 -52.04 -10.35
C LYS N 6 17.02 -52.03 -10.90
N ALA N 7 16.05 -51.82 -10.02
CA ALA N 7 14.66 -51.62 -10.39
C ALA N 7 14.23 -50.21 -9.99
N ILE N 8 13.06 -49.81 -10.47
CA ILE N 8 12.49 -48.51 -10.11
C ILE N 8 11.91 -48.65 -8.71
N ASP N 9 12.64 -48.12 -7.72
CA ASP N 9 12.28 -48.27 -6.33
C ASP N 9 12.33 -46.95 -5.57
N TRP N 10 11.63 -45.91 -6.03
CA TRP N 10 11.70 -44.62 -5.37
C TRP N 10 10.38 -44.24 -4.72
N VAL N 11 9.28 -44.83 -5.18
CA VAL N 11 7.94 -44.36 -4.80
C VAL N 11 7.60 -44.81 -3.38
N ALA N 12 7.54 -46.12 -3.14
CA ALA N 12 7.09 -46.62 -1.85
C ALA N 12 8.26 -47.01 -0.95
N PHE N 13 9.49 -46.76 -1.40
CA PHE N 13 10.66 -47.17 -0.62
C PHE N 13 10.86 -46.26 0.59
N GLY N 14 10.34 -45.04 0.52
CA GLY N 14 10.30 -44.19 1.70
C GLY N 14 9.12 -44.51 2.59
N GLU N 15 8.21 -45.36 2.10
CA GLU N 15 7.05 -45.82 2.86
C GLU N 15 7.28 -47.17 3.50
N ILE N 16 8.50 -47.45 3.97
CA ILE N 16 8.89 -48.72 4.59
C ILE N 16 8.05 -49.02 5.83
N ILE N 17 7.65 -47.96 6.53
CA ILE N 17 6.77 -47.97 7.70
C ILE N 17 7.39 -48.80 8.82
N PRO N 18 8.49 -48.32 9.43
CA PRO N 18 8.95 -48.92 10.69
C PRO N 18 8.22 -48.33 11.88
N ARG N 19 8.65 -48.67 13.10
CA ARG N 19 8.06 -48.10 14.31
C ARG N 19 8.51 -46.64 14.41
N ASN N 20 7.77 -45.77 13.69
CA ASN N 20 8.06 -44.35 13.51
C ASN N 20 9.46 -44.10 12.94
N GLN N 21 9.98 -45.04 12.16
CA GLN N 21 11.34 -44.95 11.64
C GLN N 21 11.36 -44.32 10.26
N LYS N 22 10.85 -43.09 10.21
CA LYS N 22 10.80 -42.36 8.94
C LYS N 22 12.19 -41.93 8.49
N ALA N 23 13.08 -41.67 9.45
CA ALA N 23 14.43 -41.23 9.11
C ALA N 23 15.28 -42.38 8.56
N ILE N 24 14.84 -43.62 8.80
CA ILE N 24 15.57 -44.78 8.32
C ILE N 24 15.52 -44.88 6.80
N ALA N 25 14.38 -44.50 6.21
CA ALA N 25 14.26 -44.54 4.75
C ALA N 25 14.56 -43.17 4.14
N ASN N 26 14.26 -42.08 4.87
CA ASN N 26 14.48 -40.74 4.33
C ASN N 26 15.96 -40.41 4.26
N SER N 27 16.78 -41.10 5.06
CA SER N 27 18.23 -41.02 4.85
C SER N 27 18.69 -42.06 3.84
N LEU N 28 17.88 -43.09 3.62
CA LEU N 28 18.33 -44.21 2.78
C LEU N 28 18.32 -43.84 1.30
N LYS N 29 17.27 -43.15 0.85
CA LYS N 29 17.23 -42.71 -0.55
C LYS N 29 18.19 -41.55 -0.76
N SER N 30 18.50 -40.80 0.30
CA SER N 30 19.42 -39.67 0.20
C SER N 30 20.84 -40.13 -0.06
N TRP N 31 21.23 -41.27 0.53
CA TRP N 31 22.50 -41.89 0.16
C TRP N 31 22.43 -42.50 -1.23
N ASN N 32 21.23 -42.88 -1.67
CA ASN N 32 21.09 -43.63 -2.90
C ASN N 32 21.28 -42.76 -4.13
N GLU N 33 20.94 -41.48 -4.04
CA GLU N 33 21.02 -40.60 -5.20
C GLU N 33 22.46 -40.23 -5.53
N THR N 34 23.21 -39.82 -4.51
CA THR N 34 24.57 -39.35 -4.73
C THR N 34 25.51 -40.50 -5.08
N LEU N 35 25.23 -41.70 -4.57
CA LEU N 35 26.13 -42.82 -4.78
C LEU N 35 25.97 -43.40 -6.19
N SER N 36 24.88 -43.06 -6.88
CA SER N 36 24.58 -43.72 -8.15
C SER N 36 25.47 -43.22 -9.28
N THR N 37 25.43 -41.92 -9.58
CA THR N 37 26.20 -41.38 -10.69
C THR N 37 27.68 -41.29 -10.35
N ARG N 38 28.01 -41.20 -9.07
CA ARG N 38 29.41 -41.08 -8.66
C ARG N 38 30.14 -42.39 -8.81
N LEU N 39 29.47 -43.52 -8.56
CA LEU N 39 30.11 -44.81 -8.73
C LEU N 39 30.05 -45.27 -10.18
N ALA N 40 29.18 -44.65 -10.98
CA ALA N 40 29.16 -44.92 -12.41
C ALA N 40 30.43 -44.39 -13.08
N ALA N 41 30.91 -43.23 -12.63
CA ALA N 41 32.14 -42.68 -13.18
C ALA N 41 33.37 -43.36 -12.60
N LEU N 42 33.19 -44.22 -11.60
CA LEU N 42 34.25 -45.15 -11.19
C LEU N 42 34.26 -46.45 -12.01
N PRO N 43 33.12 -47.02 -12.40
CA PRO N 43 33.04 -48.49 -12.56
C PRO N 43 33.75 -49.06 -13.79
N GLU N 44 33.96 -48.30 -14.87
CA GLU N 44 34.33 -48.93 -16.13
C GLU N 44 35.82 -49.25 -16.22
N LYS N 45 36.68 -48.22 -16.30
CA LYS N 45 38.11 -48.40 -16.60
C LYS N 45 38.93 -47.14 -16.35
N PRO N 46 40.23 -47.26 -16.15
CA PRO N 46 41.08 -46.08 -16.02
C PRO N 46 41.54 -45.58 -17.38
N PRO N 47 41.95 -44.32 -17.47
CA PRO N 47 42.33 -43.76 -18.78
C PRO N 47 43.71 -44.21 -19.20
N ALA N 48 44.15 -43.64 -20.33
CA ALA N 48 45.40 -44.05 -20.97
C ALA N 48 46.60 -43.62 -20.12
N ILE N 49 47.67 -44.40 -20.17
CA ILE N 49 48.86 -44.10 -19.39
C ILE N 49 49.59 -42.91 -19.98
N ASP N 50 49.48 -41.76 -19.32
CA ASP N 50 50.23 -40.59 -19.75
C ASP N 50 51.55 -40.47 -19.01
N TRP N 51 51.92 -41.51 -18.26
CA TRP N 51 53.24 -41.56 -17.64
C TRP N 51 54.30 -41.97 -18.66
N ALA N 52 53.93 -42.83 -19.62
CA ALA N 52 54.90 -43.31 -20.60
C ALA N 52 55.09 -42.31 -21.73
N TYR N 53 54.22 -41.30 -21.81
CA TYR N 53 54.25 -40.40 -22.96
C TYR N 53 55.38 -39.39 -22.85
N TYR N 54 55.45 -38.66 -21.73
CA TYR N 54 56.39 -37.55 -21.65
C TYR N 54 57.72 -37.99 -21.05
N LYS N 55 57.78 -39.21 -20.52
CA LYS N 55 59.06 -39.72 -20.03
C LYS N 55 59.93 -40.21 -21.18
N ALA N 56 59.32 -40.55 -22.32
CA ALA N 56 60.10 -40.94 -23.49
C ALA N 56 60.77 -39.72 -24.13
N THR N 57 60.08 -38.59 -24.16
CA THR N 57 60.67 -37.37 -24.69
C THR N 57 61.62 -36.73 -23.68
N VAL N 58 61.49 -37.09 -22.40
CA VAL N 58 62.46 -36.68 -21.40
C VAL N 58 63.68 -37.57 -21.53
N ALA N 59 64.87 -36.97 -21.46
CA ALA N 59 66.11 -37.72 -21.61
C ALA N 59 66.66 -38.24 -20.30
N LYS N 60 66.33 -37.62 -19.18
CA LYS N 60 66.86 -38.01 -17.88
C LYS N 60 66.17 -39.29 -17.42
N ALA N 61 66.72 -40.42 -17.87
CA ALA N 61 66.19 -41.74 -17.52
C ALA N 61 66.90 -42.25 -16.27
N GLY N 62 66.77 -43.54 -15.98
CA GLY N 62 67.28 -44.11 -14.76
C GLY N 62 66.22 -44.20 -13.68
N LEU N 63 65.66 -43.07 -13.28
CA LEU N 63 64.53 -43.03 -12.36
C LEU N 63 63.23 -42.63 -13.05
N VAL N 64 63.20 -42.62 -14.38
CA VAL N 64 62.03 -42.15 -15.11
C VAL N 64 61.34 -43.32 -15.80
N ASP N 65 62.05 -43.98 -16.71
CA ASP N 65 61.46 -45.11 -17.42
C ASP N 65 61.44 -46.36 -16.55
N ASP N 66 62.28 -46.37 -15.51
CA ASP N 66 62.30 -47.52 -14.60
C ASP N 66 61.21 -47.41 -13.55
N PHE N 67 60.87 -46.19 -13.13
CA PHE N 67 59.78 -46.01 -12.17
C PHE N 67 58.44 -46.34 -12.79
N GLU N 68 58.25 -46.00 -14.07
CA GLU N 68 57.03 -46.38 -14.77
C GLU N 68 57.04 -47.86 -15.11
N LYS N 69 58.23 -48.48 -15.13
CA LYS N 69 58.31 -49.92 -15.38
C LYS N 69 58.03 -50.72 -14.12
N LYS N 70 58.41 -50.17 -12.95
CA LYS N 70 58.24 -50.91 -11.70
C LYS N 70 56.85 -50.70 -11.13
N PHE N 71 56.39 -49.45 -11.06
CA PHE N 71 55.13 -49.11 -10.39
C PHE N 71 53.90 -49.46 -11.22
N ASN N 72 54.07 -49.80 -12.51
CA ASN N 72 52.96 -50.20 -13.36
C ASN N 72 53.03 -51.68 -13.73
N ALA N 73 53.51 -52.53 -12.83
CA ALA N 73 53.59 -53.95 -13.11
C ALA N 73 52.97 -54.80 -12.00
N LEU N 74 52.00 -54.22 -11.27
CA LEU N 74 51.38 -54.90 -10.15
C LEU N 74 49.86 -54.87 -10.30
N LYS N 75 49.16 -55.46 -9.34
CA LYS N 75 47.72 -55.62 -9.37
C LYS N 75 47.02 -54.46 -8.65
N VAL N 76 45.77 -54.23 -9.04
CA VAL N 76 44.95 -53.17 -8.45
C VAL N 76 44.48 -53.60 -7.07
N PRO N 77 44.71 -52.79 -6.02
CA PRO N 77 44.19 -53.15 -4.70
C PRO N 77 42.70 -52.92 -4.61
N VAL N 78 41.92 -54.00 -4.64
CA VAL N 78 40.47 -53.92 -4.69
C VAL N 78 39.92 -53.84 -3.27
N PRO N 79 38.62 -53.72 -3.11
CA PRO N 79 38.06 -53.55 -1.76
C PRO N 79 37.70 -54.88 -1.11
N GLU N 80 37.26 -54.84 0.14
CA GLU N 80 36.89 -56.04 0.88
C GLU N 80 35.36 -56.20 0.88
N ASP N 81 34.93 -57.47 0.88
CA ASP N 81 33.51 -57.81 0.81
C ASP N 81 33.02 -58.16 2.21
N LYS N 82 32.69 -57.11 2.97
CA LYS N 82 32.26 -57.28 4.36
C LYS N 82 30.74 -57.28 4.51
N TYR N 83 29.99 -57.05 3.44
CA TYR N 83 28.53 -56.93 3.52
C TYR N 83 27.89 -58.23 3.02
N THR N 84 27.83 -59.22 3.90
CA THR N 84 27.14 -60.47 3.63
C THR N 84 26.22 -60.94 4.74
N ALA N 85 26.42 -60.49 5.99
CA ALA N 85 25.67 -61.03 7.12
C ALA N 85 24.23 -60.53 7.12
N LEU N 86 24.04 -59.22 6.91
CA LEU N 86 22.69 -58.66 6.91
C LEU N 86 21.97 -58.92 5.59
N VAL N 87 22.65 -59.54 4.64
CA VAL N 87 22.01 -59.85 3.35
C VAL N 87 20.99 -60.97 3.51
N ASP N 88 21.35 -62.01 4.26
CA ASP N 88 20.47 -63.17 4.40
C ASP N 88 19.68 -63.12 5.69
N ALA N 89 20.29 -62.62 6.77
CA ALA N 89 19.67 -62.70 8.09
C ALA N 89 18.55 -61.68 8.25
N GLU N 90 18.63 -60.57 7.53
CA GLU N 90 17.55 -59.58 7.61
C GLU N 90 16.42 -59.90 6.66
N GLU N 91 16.71 -60.65 5.59
CA GLU N 91 15.72 -60.86 4.53
C GLU N 91 14.66 -61.87 4.95
N GLN N 92 15.09 -63.04 5.44
CA GLN N 92 14.16 -64.15 5.63
C GLN N 92 13.26 -63.93 6.84
N GLU N 93 13.66 -63.05 7.76
CA GLU N 93 12.83 -62.81 8.94
C GLU N 93 11.59 -62.00 8.61
N ASP N 94 11.62 -61.28 7.49
CA ASP N 94 10.41 -60.61 7.01
C ASP N 94 9.58 -61.54 6.13
N VAL N 95 10.24 -62.52 5.49
CA VAL N 95 9.50 -63.50 4.69
C VAL N 95 8.91 -64.57 5.60
N LYS N 96 9.56 -64.86 6.72
CA LYS N 96 8.98 -65.77 7.70
C LYS N 96 7.81 -65.12 8.42
N ARG N 97 7.85 -63.79 8.56
CA ARG N 97 6.73 -63.06 9.13
C ARG N 97 5.59 -62.93 8.13
N CYS N 98 5.88 -63.19 6.85
CA CYS N 98 4.83 -63.19 5.84
C CYS N 98 3.97 -64.45 5.95
N ALA N 99 4.54 -65.52 6.49
CA ALA N 99 3.82 -66.79 6.55
C ALA N 99 2.73 -66.77 7.61
N GLU N 100 3.03 -66.23 8.78
CA GLU N 100 2.05 -66.22 9.86
C GLU N 100 1.00 -65.14 9.66
N PHE N 101 1.41 -63.98 9.13
CA PHE N 101 0.50 -62.84 9.05
C PHE N 101 -0.48 -62.97 7.89
N LEU N 102 -0.13 -63.79 6.89
CA LEU N 102 -1.07 -64.05 5.80
C LEU N 102 -2.08 -65.11 6.18
N SER N 103 -1.79 -65.88 7.25
CA SER N 103 -2.73 -66.90 7.70
C SER N 103 -3.53 -66.42 8.91
N LEU N 104 -2.93 -65.56 9.74
CA LEU N 104 -3.68 -64.96 10.85
C LEU N 104 -4.69 -63.94 10.34
N SER N 105 -4.45 -63.37 9.16
CA SER N 105 -5.47 -62.56 8.51
C SER N 105 -6.44 -63.44 7.74
N LYS N 106 -6.03 -64.66 7.40
CA LYS N 106 -6.89 -65.56 6.64
C LYS N 106 -7.98 -66.14 7.52
N ALA N 107 -7.66 -66.45 8.77
CA ALA N 107 -8.68 -66.87 9.73
C ALA N 107 -9.61 -65.71 10.06
N ARG N 108 -9.05 -64.50 10.15
CA ARG N 108 -9.86 -63.30 10.31
C ARG N 108 -10.70 -63.02 9.06
N ILE N 109 -10.27 -63.54 7.91
CA ILE N 109 -11.12 -63.54 6.72
C ILE N 109 -12.08 -64.72 6.76
N GLU N 110 -11.65 -65.84 7.35
CA GLU N 110 -12.51 -67.03 7.40
C GLU N 110 -13.60 -66.89 8.45
N ALA N 111 -13.27 -66.28 9.59
CA ALA N 111 -14.30 -66.06 10.61
C ALA N 111 -15.27 -64.97 10.18
N TYR N 112 -14.79 -64.01 9.39
CA TYR N 112 -15.68 -62.98 8.84
C TYR N 112 -16.50 -63.54 7.68
N GLU N 113 -16.02 -64.62 7.04
CA GLU N 113 -16.83 -65.30 6.04
C GLU N 113 -17.88 -66.18 6.68
N LYS N 114 -17.65 -66.59 7.93
CA LYS N 114 -18.65 -67.37 8.66
C LYS N 114 -19.62 -66.47 9.40
N GLU N 115 -19.21 -65.23 9.69
CA GLU N 115 -20.05 -64.32 10.46
C GLU N 115 -21.19 -63.77 9.62
N LEU N 116 -20.99 -63.64 8.32
CA LEU N 116 -22.05 -63.14 7.45
C LEU N 116 -22.97 -64.27 7.00
N GLU N 117 -22.42 -65.48 6.83
CA GLU N 117 -23.23 -66.60 6.39
C GLU N 117 -24.17 -67.09 7.48
N LYS N 118 -23.81 -66.82 8.75
CA LYS N 118 -24.75 -67.09 9.85
C LYS N 118 -25.82 -66.01 9.93
N MET N 119 -25.53 -64.82 9.39
CA MET N 119 -26.52 -63.75 9.37
C MET N 119 -27.58 -64.00 8.28
N LYS N 120 -27.23 -64.80 7.26
CA LYS N 120 -28.22 -65.20 6.27
C LYS N 120 -29.05 -66.38 6.77
N ASN N 121 -28.57 -67.05 7.82
CA ASN N 121 -29.28 -68.20 8.36
C ASN N 121 -30.50 -67.78 9.18
N ILE N 122 -30.37 -66.65 9.86
CA ILE N 122 -31.41 -66.19 10.79
C ILE N 122 -32.79 -65.88 10.22
N ILE N 123 -32.86 -65.21 9.08
CA ILE N 123 -34.17 -64.90 8.52
C ILE N 123 -34.40 -65.36 7.09
N PRO N 124 -35.40 -66.22 6.92
CA PRO N 124 -35.80 -66.67 5.58
C PRO N 124 -36.94 -65.81 5.02
N PHE N 125 -37.58 -65.02 5.88
CA PHE N 125 -38.69 -64.16 5.52
C PHE N 125 -38.81 -63.01 6.51
N ASP N 126 -39.55 -61.97 6.14
CA ASP N 126 -39.74 -60.83 7.03
C ASP N 126 -40.45 -61.28 8.30
N GLN N 127 -41.45 -62.14 8.15
CA GLN N 127 -42.20 -62.67 9.28
C GLN N 127 -41.65 -63.99 9.78
N MET N 128 -40.32 -64.13 9.86
CA MET N 128 -39.71 -65.45 9.89
C MET N 128 -39.86 -66.15 11.23
N THR N 129 -39.21 -65.64 12.28
CA THR N 129 -39.05 -66.46 13.47
C THR N 129 -38.77 -65.57 14.68
N ILE N 130 -39.10 -66.09 15.86
CA ILE N 130 -38.87 -65.33 17.08
C ILE N 130 -37.66 -65.86 17.82
N GLU N 131 -37.04 -66.91 17.30
CA GLU N 131 -35.82 -67.44 17.92
C GLU N 131 -34.63 -67.32 17.00
N ASP N 132 -34.86 -67.33 15.69
CA ASP N 132 -33.76 -67.14 14.74
C ASP N 132 -33.31 -65.69 14.72
N LEU N 133 -34.22 -64.77 15.07
CA LEU N 133 -33.83 -63.38 15.29
C LEU N 133 -33.26 -63.19 16.68
N ASN N 134 -33.25 -64.26 17.49
CA ASN N 134 -32.69 -64.17 18.83
C ASN N 134 -31.25 -64.64 18.87
N GLU N 135 -30.52 -64.47 17.77
CA GLU N 135 -29.08 -64.70 17.81
C GLU N 135 -28.31 -63.38 17.77
N VAL N 136 -28.63 -62.52 16.80
CA VAL N 136 -27.92 -61.25 16.66
C VAL N 136 -28.32 -60.29 17.77
N PHE N 137 -29.58 -59.89 17.77
CA PHE N 137 -30.14 -59.10 18.87
C PHE N 137 -30.21 -59.95 20.12
N PRO N 138 -29.81 -59.41 21.24
CA PRO N 138 -29.48 -60.29 22.37
C PRO N 138 -30.62 -60.51 23.36
N GLU N 139 -30.44 -61.52 24.20
CA GLU N 139 -31.22 -61.71 25.40
C GLU N 139 -30.24 -62.03 26.52
N THR N 140 -30.71 -61.93 27.76
CA THR N 140 -29.79 -62.06 28.89
C THR N 140 -30.53 -62.73 30.05
N LYS N 141 -29.95 -62.63 31.24
CA LYS N 141 -30.56 -63.15 32.45
C LYS N 141 -31.48 -62.10 33.07
N LEU N 142 -31.97 -62.37 34.28
CA LEU N 142 -32.93 -61.50 34.96
C LEU N 142 -32.27 -60.17 35.28
N ASP N 143 -33.01 -59.09 35.00
CA ASP N 143 -32.65 -57.71 35.33
C ASP N 143 -31.34 -57.28 34.66
N LYS N 144 -31.34 -57.35 33.34
CA LYS N 144 -30.24 -56.77 32.59
C LYS N 144 -30.62 -55.46 31.94
N LYS N 145 -31.70 -55.44 31.15
CA LYS N 145 -32.14 -54.25 30.43
C LYS N 145 -32.72 -53.27 31.44
N LYS N 146 -31.97 -52.22 31.76
CA LYS N 146 -32.41 -51.23 32.74
C LYS N 146 -33.59 -50.43 32.21
N TYR N 147 -33.44 -49.78 31.07
CA TYR N 147 -34.52 -49.02 30.49
C TYR N 147 -35.51 -49.95 29.81
N UNK O 1 -86.34 -84.01 0.26
CA UNK O 1 -87.55 -83.20 0.18
C UNK O 1 -87.23 -81.84 -0.44
N UNK O 2 -88.06 -80.85 -0.11
CA UNK O 2 -87.87 -79.43 -0.43
C UNK O 2 -87.78 -79.07 -1.91
N UNK O 3 -88.82 -78.38 -2.39
CA UNK O 3 -88.84 -77.90 -3.77
C UNK O 3 -88.86 -76.37 -3.82
N UNK O 4 -88.50 -75.82 -4.98
CA UNK O 4 -88.45 -74.37 -5.15
C UNK O 4 -89.77 -73.83 -5.67
N UNK O 5 -90.76 -74.72 -5.79
CA UNK O 5 -92.10 -74.32 -6.17
C UNK O 5 -93.04 -74.49 -4.98
N UNK O 6 -92.76 -75.51 -4.18
CA UNK O 6 -93.53 -75.77 -2.96
C UNK O 6 -93.22 -74.72 -1.92
N UNK O 7 -92.00 -74.21 -1.98
CA UNK O 7 -91.56 -73.14 -1.10
C UNK O 7 -92.32 -71.86 -1.39
N UNK O 8 -92.71 -71.67 -2.65
CA UNK O 8 -93.54 -70.54 -3.04
C UNK O 8 -94.96 -70.72 -2.52
N UNK O 9 -95.38 -71.98 -2.55
CA UNK O 9 -96.66 -72.39 -2.02
C UNK O 9 -96.65 -72.18 -0.51
N UNK O 10 -95.49 -72.49 0.04
CA UNK O 10 -95.20 -72.36 1.44
C UNK O 10 -95.27 -70.90 1.81
N UNK O 11 -94.78 -70.01 0.95
CA UNK O 11 -94.88 -68.59 1.24
C UNK O 11 -96.35 -68.13 1.23
N UNK O 12 -97.07 -68.57 0.20
CA UNK O 12 -98.49 -68.23 0.04
C UNK O 12 -99.28 -68.86 1.18
N UNK O 13 -98.92 -70.09 1.50
CA UNK O 13 -99.55 -70.84 2.57
C UNK O 13 -99.32 -70.12 3.89
N UNK O 14 -98.10 -69.63 4.10
CA UNK O 14 -97.75 -68.91 5.31
C UNK O 14 -98.57 -67.64 5.41
N UNK O 15 -98.75 -66.95 4.29
CA UNK O 15 -99.54 -65.73 4.31
C UNK O 15 -100.98 -66.06 4.72
N UNK O 16 -101.52 -67.13 4.16
CA UNK O 16 -102.87 -67.54 4.48
C UNK O 16 -102.99 -67.91 5.96
N UNK O 17 -101.98 -68.62 6.44
CA UNK O 17 -101.91 -69.07 7.82
C UNK O 17 -101.87 -67.88 8.74
N UNK O 18 -101.11 -66.85 8.37
CA UNK O 18 -100.99 -65.64 9.18
C UNK O 18 -102.33 -64.95 9.23
N UNK O 19 -103.02 -64.91 8.09
CA UNK O 19 -104.32 -64.28 8.06
C UNK O 19 -105.28 -65.00 8.98
N UNK O 20 -105.24 -66.33 8.95
CA UNK O 20 -106.09 -67.13 9.82
C UNK O 20 -105.70 -66.83 11.26
N UNK O 21 -104.39 -66.70 11.49
CA UNK O 21 -103.86 -66.39 12.81
C UNK O 21 -104.32 -65.01 13.27
N UNK O 22 -104.36 -64.06 12.33
CA UNK O 22 -104.78 -62.69 12.63
C UNK O 22 -106.22 -62.68 13.12
N UNK O 23 -107.08 -63.48 12.47
CA UNK O 23 -108.47 -63.57 12.88
C UNK O 23 -108.57 -64.14 14.28
N UNK O 24 -107.75 -65.16 14.56
CA UNK O 24 -107.70 -65.80 15.86
C UNK O 24 -107.24 -64.80 16.92
N UNK O 25 -106.26 -63.97 16.56
CA UNK O 25 -105.73 -62.96 17.46
C UNK O 25 -106.82 -61.96 17.84
N UNK O 26 -107.63 -61.58 16.85
CA UNK O 26 -108.73 -60.65 17.10
C UNK O 26 -109.71 -61.26 18.08
N UNK O 27 -110.01 -62.55 17.88
CA UNK O 27 -110.91 -63.27 18.77
C UNK O 27 -110.28 -63.33 20.15
N UNK O 28 -108.97 -63.55 20.18
CA UNK O 28 -108.22 -63.63 21.43
C UNK O 28 -108.13 -62.24 22.06
N UNK O 29 -107.90 -61.24 21.23
CA UNK O 29 -107.81 -59.85 21.67
C UNK O 29 -109.14 -59.40 22.26
N UNK O 30 -110.23 -59.81 21.61
CA UNK O 30 -111.56 -59.47 22.07
C UNK O 30 -111.80 -60.09 23.45
N UNK O 31 -111.31 -61.31 23.63
CA UNK O 31 -111.49 -61.99 24.90
C UNK O 31 -110.68 -61.28 26.00
N UNK O 32 -109.46 -60.91 25.64
CA UNK O 32 -108.53 -60.23 26.53
C UNK O 32 -109.11 -58.88 26.89
N UNK O 33 -109.64 -58.17 25.91
CA UNK O 33 -110.28 -56.90 26.23
C UNK O 33 -111.50 -57.19 27.10
N UNK O 34 -112.24 -58.21 26.71
CA UNK O 34 -113.40 -58.67 27.42
C UNK O 34 -112.98 -59.17 28.79
N UNK O 35 -111.84 -59.87 28.87
CA UNK O 35 -111.47 -60.37 30.17
C UNK O 35 -110.77 -59.30 30.99
N UNK O 36 -109.92 -58.53 30.32
CA UNK O 36 -109.17 -57.47 30.97
C UNK O 36 -110.14 -56.44 31.50
N UNK O 37 -111.15 -56.08 30.71
CA UNK O 37 -112.11 -55.10 31.21
C UNK O 37 -112.85 -55.73 32.38
N UNK O 38 -113.27 -56.97 32.18
CA UNK O 38 -113.97 -57.77 33.16
C UNK O 38 -113.11 -58.13 34.35
N UNK O 39 -111.85 -58.49 34.11
CA UNK O 39 -111.04 -58.87 35.25
C UNK O 39 -110.32 -57.65 35.82
N UNK O 40 -109.81 -56.81 34.94
CA UNK O 40 -109.11 -55.60 35.33
C UNK O 40 -110.06 -54.67 36.07
N UNK O 41 -111.28 -54.56 35.58
CA UNK O 41 -112.28 -53.71 36.22
C UNK O 41 -112.56 -54.23 37.62
N UNK O 42 -112.69 -55.54 37.75
CA UNK O 42 -112.96 -56.15 39.05
C UNK O 42 -111.81 -55.86 40.02
N UNK O 43 -110.58 -55.98 39.50
CA UNK O 43 -109.39 -55.74 40.30
C UNK O 43 -109.36 -54.28 40.76
N UNK O 44 -109.72 -53.37 39.86
CA UNK O 44 -109.75 -51.95 40.18
C UNK O 44 -110.76 -51.68 41.27
N UNK O 45 -111.92 -52.33 41.18
CA UNK O 45 -112.95 -52.15 42.19
C UNK O 45 -112.45 -52.64 43.54
N UNK O 46 -111.77 -53.78 43.53
CA UNK O 46 -111.24 -54.34 44.78
C UNK O 46 -110.21 -53.39 45.38
N UNK O 47 -109.37 -52.81 44.53
CA UNK O 47 -108.33 -51.88 44.98
C UNK O 47 -108.98 -50.64 45.60
N UNK O 48 -110.05 -50.17 44.98
CA UNK O 48 -110.77 -49.00 45.48
C UNK O 48 -111.35 -49.31 46.85
N UNK O 49 -111.92 -50.51 46.98
CA UNK O 49 -112.48 -50.94 48.25
C UNK O 49 -111.38 -51.02 49.29
N UNK O 50 -110.22 -51.50 48.86
CA UNK O 50 -109.08 -51.65 49.76
C UNK O 50 -108.57 -50.27 50.17
N UNK O 51 -108.52 -49.36 49.20
CA UNK O 51 -108.07 -48.00 49.45
C UNK O 51 -109.00 -47.31 50.43
N UNK O 52 -110.31 -47.53 50.27
CA UNK O 52 -111.30 -46.95 51.17
C UNK O 52 -111.09 -47.50 52.57
N UNK O 53 -110.83 -48.79 52.68
CA UNK O 53 -110.59 -49.42 53.98
C UNK O 53 -109.35 -48.82 54.62
N UNK O 54 -108.31 -48.60 53.82
CA UNK O 54 -107.07 -48.02 54.30
C UNK O 54 -107.32 -46.61 54.82
N UNK O 55 -108.14 -45.85 54.11
CA UNK O 55 -108.49 -44.50 54.49
C UNK O 55 -109.23 -44.52 55.82
N UNK O 56 -110.13 -45.48 55.97
CA UNK O 56 -110.89 -45.63 57.20
C UNK O 56 -109.94 -45.93 58.35
N UNK O 57 -108.96 -46.80 58.10
CA UNK O 57 -107.97 -47.16 59.11
C UNK O 57 -107.16 -45.92 59.51
N UNK O 58 -106.81 -45.11 58.53
CA UNK O 58 -106.05 -43.88 58.77
C UNK O 58 -106.87 -42.94 59.64
N UNK O 59 -108.17 -42.84 59.36
CA UNK O 59 -109.06 -41.99 60.13
C UNK O 59 -109.12 -42.51 61.57
N UNK O 60 -109.21 -43.82 61.71
CA UNK O 60 -109.24 -44.47 63.01
C UNK O 60 -107.94 -44.19 63.73
N UNK O 61 -106.84 -44.24 62.98
CA UNK O 61 -105.54 -43.98 63.56
C UNK O 61 -105.46 -42.52 64.02
N UNK O 62 -105.99 -41.62 63.20
CA UNK O 62 -106.00 -40.20 63.52
C UNK O 62 -106.83 -39.94 64.77
N UNK O 63 -107.96 -40.64 64.89
CA UNK O 63 -108.83 -40.50 66.05
C UNK O 63 -108.19 -41.06 67.30
N ALA P 1 -63.55 -83.90 26.74
CA ALA P 1 -64.27 -82.75 26.20
C ALA P 1 -63.40 -81.50 26.25
N SER P 2 -62.20 -81.65 26.82
CA SER P 2 -61.29 -80.51 26.91
C SER P 2 -60.64 -80.23 25.56
N VAL P 3 -60.34 -81.27 24.79
CA VAL P 3 -59.79 -81.07 23.44
C VAL P 3 -60.89 -80.66 22.48
N VAL P 4 -62.16 -80.80 22.90
CA VAL P 4 -63.26 -80.31 22.09
C VAL P 4 -63.40 -78.81 22.25
N PRO P 5 -63.44 -78.25 23.46
CA PRO P 5 -63.59 -76.79 23.57
C PRO P 5 -62.31 -76.04 23.25
N LEU P 6 -61.15 -76.68 23.39
CA LEU P 6 -59.90 -76.02 23.04
C LEU P 6 -59.74 -75.91 21.54
N LYS P 7 -60.35 -76.82 20.78
CA LYS P 7 -60.27 -76.74 19.33
C LYS P 7 -61.41 -75.89 18.77
N ASP P 8 -62.20 -75.25 19.64
CA ASP P 8 -63.16 -74.27 19.17
C ASP P 8 -62.52 -72.90 19.08
N ARG P 9 -61.75 -72.51 20.10
CA ARG P 9 -61.12 -71.19 20.10
C ARG P 9 -59.98 -71.14 19.10
N ARG P 10 -59.16 -72.18 19.05
CA ARG P 10 -58.03 -72.17 18.15
C ARG P 10 -58.44 -72.10 16.68
N LEU P 11 -59.42 -72.93 16.31
CA LEU P 11 -59.90 -72.94 14.93
C LEU P 11 -60.59 -71.62 14.57
N LEU P 12 -61.42 -71.14 15.48
CA LEU P 12 -62.18 -69.92 15.27
C LEU P 12 -61.30 -68.67 15.16
N GLU P 13 -60.30 -68.56 16.03
CA GLU P 13 -59.44 -67.39 16.03
C GLU P 13 -58.65 -67.23 14.74
N VAL P 14 -58.09 -68.34 14.24
CA VAL P 14 -57.33 -68.26 13.00
C VAL P 14 -58.23 -67.87 11.84
N LYS P 15 -59.40 -68.50 11.78
CA LYS P 15 -60.37 -68.23 10.72
C LYS P 15 -60.96 -66.82 10.75
N LEU P 16 -61.31 -66.36 11.95
CA LEU P 16 -61.94 -65.04 12.08
C LEU P 16 -61.09 -63.84 11.67
N GLY P 17 -59.83 -63.82 12.07
CA GLY P 17 -58.98 -62.69 11.72
C GLY P 17 -57.55 -62.99 11.30
N GLU P 18 -56.70 -63.31 12.25
CA GLU P 18 -55.30 -63.56 11.90
C GLU P 18 -54.60 -64.71 12.61
N LEU P 19 -53.68 -65.33 11.89
CA LEU P 19 -52.86 -66.43 12.39
C LEU P 19 -51.74 -65.90 13.28
N ASP P 27 -46.54 -68.73 6.18
CA ASP P 27 -47.44 -69.02 5.07
C ASP P 27 -48.84 -69.02 5.64
N PHE P 28 -48.90 -68.91 6.96
CA PHE P 28 -50.15 -68.89 7.72
C PHE P 28 -50.34 -67.54 8.38
N THR P 29 -49.26 -66.85 8.70
CA THR P 29 -49.37 -65.48 9.18
C THR P 29 -49.90 -64.55 8.10
N PRO P 30 -49.42 -64.62 6.86
CA PRO P 30 -49.98 -63.73 5.83
C PRO P 30 -51.36 -64.16 5.38
N SER P 31 -51.80 -65.36 5.78
CA SER P 31 -53.18 -65.75 5.51
C SER P 31 -54.15 -64.87 6.28
N GLY P 32 -53.72 -64.35 7.42
CA GLY P 32 -54.52 -63.35 8.11
C GLY P 32 -54.24 -61.95 7.62
N ILE P 33 -53.24 -61.78 6.74
CA ILE P 33 -52.93 -60.45 6.25
C ILE P 33 -53.99 -59.99 5.26
N ALA P 34 -54.42 -60.88 4.37
CA ALA P 34 -55.66 -60.63 3.67
C ALA P 34 -56.83 -60.69 4.65
N GLY P 35 -56.79 -61.68 5.54
CA GLY P 35 -57.81 -61.84 6.56
C GLY P 35 -59.10 -62.46 6.07
N ALA P 36 -59.84 -63.09 6.98
CA ALA P 36 -61.22 -63.48 6.72
C ALA P 36 -62.19 -62.39 7.18
N PHE P 37 -61.68 -61.16 7.34
CA PHE P 37 -62.53 -60.04 7.72
C PHE P 37 -63.51 -59.69 6.61
N GLN P 38 -63.11 -59.94 5.35
CA GLN P 38 -64.06 -59.81 4.24
C GLN P 38 -65.18 -60.83 4.37
N ARG P 39 -64.88 -61.99 4.96
CA ARG P 39 -65.94 -62.94 5.25
C ARG P 39 -66.75 -62.49 6.46
N GLY P 40 -66.10 -61.84 7.42
CA GLY P 40 -66.82 -61.45 8.61
C GLY P 40 -67.63 -60.18 8.43
N TYR P 41 -67.50 -59.54 7.26
CA TYR P 41 -67.95 -58.17 7.12
C TYR P 41 -69.46 -58.06 7.00
N TYR P 42 -70.08 -59.02 6.33
CA TYR P 42 -71.39 -58.78 5.71
C TYR P 42 -72.52 -58.81 6.73
N ARG P 43 -72.21 -59.02 8.00
CA ARG P 43 -73.27 -59.23 8.97
C ARG P 43 -73.90 -57.91 9.41
N TYR P 44 -73.11 -56.83 9.52
CA TYR P 44 -73.72 -55.69 10.19
C TYR P 44 -74.60 -54.88 9.24
N TYR P 45 -74.01 -53.97 8.46
CA TYR P 45 -74.53 -53.67 7.13
C TYR P 45 -73.37 -53.54 6.14
N ASN P 46 -72.57 -52.48 6.32
CA ASN P 46 -71.26 -52.30 5.71
C ASN P 46 -70.33 -51.54 6.65
N LYS P 47 -70.91 -50.82 7.61
CA LYS P 47 -70.36 -49.62 8.22
C LYS P 47 -69.06 -49.79 9.03
N TYR P 48 -68.90 -50.92 9.73
CA TYR P 48 -67.68 -51.14 10.48
C TYR P 48 -66.54 -51.54 9.52
N VAL P 49 -66.03 -50.56 8.79
CA VAL P 49 -65.12 -50.82 7.68
C VAL P 49 -63.67 -50.76 8.15
N ASN P 50 -63.47 -50.33 9.38
CA ASN P 50 -62.12 -50.04 9.89
C ASN P 50 -61.38 -51.28 10.37
N VAL P 51 -61.85 -52.47 10.00
CA VAL P 51 -61.33 -53.69 10.58
C VAL P 51 -59.99 -54.13 10.00
N LYS P 52 -59.35 -53.27 9.20
CA LYS P 52 -58.19 -53.66 8.40
C LYS P 52 -56.99 -54.05 9.25
N LYS P 53 -56.58 -53.16 10.16
CA LYS P 53 -55.54 -53.52 11.11
C LYS P 53 -55.96 -53.33 12.56
N GLY P 54 -57.01 -52.56 12.83
CA GLY P 54 -57.71 -52.72 14.08
C GLY P 54 -59.02 -53.42 13.80
N SER P 55 -59.08 -54.75 14.00
CA SER P 55 -60.16 -55.58 13.44
C SER P 55 -61.39 -55.65 14.32
N VAL P 56 -62.48 -55.03 13.87
CA VAL P 56 -63.69 -54.94 14.68
C VAL P 56 -64.41 -56.29 14.69
N ALA P 57 -64.59 -56.89 13.52
CA ALA P 57 -65.40 -58.10 13.41
C ALA P 57 -64.70 -59.29 14.04
N GLY P 58 -63.39 -59.21 14.23
CA GLY P 58 -62.70 -60.19 15.03
C GLY P 58 -63.08 -60.11 16.50
N LEU P 59 -63.21 -58.90 17.02
CA LEU P 59 -63.48 -58.76 18.45
C LEU P 59 -64.97 -58.66 18.73
N SER P 60 -65.73 -57.98 17.87
CA SER P 60 -67.09 -57.62 18.22
C SER P 60 -68.06 -58.80 18.10
N MET P 61 -67.54 -60.00 17.80
CA MET P 61 -68.39 -61.19 17.81
C MET P 61 -68.41 -61.84 19.19
N VAL P 62 -67.26 -61.86 19.87
CA VAL P 62 -67.20 -62.39 21.23
C VAL P 62 -68.05 -61.54 22.16
N LEU P 63 -67.94 -60.22 22.05
CA LEU P 63 -68.71 -59.33 22.90
C LEU P 63 -70.19 -59.33 22.51
N ALA P 64 -70.52 -59.74 21.30
CA ALA P 64 -71.92 -59.94 20.98
C ALA P 64 -72.39 -61.30 21.46
N ALA P 65 -71.46 -62.22 21.68
CA ALA P 65 -71.83 -63.52 22.25
C ALA P 65 -72.00 -63.43 23.77
N TYR P 66 -71.20 -62.58 24.42
CA TYR P 66 -71.26 -62.47 25.87
C TYR P 66 -72.47 -61.66 26.32
N VAL P 67 -73.08 -60.90 25.42
CA VAL P 67 -74.32 -60.20 25.78
C VAL P 67 -75.50 -61.16 25.76
N VAL P 68 -75.66 -61.93 24.69
CA VAL P 68 -76.83 -62.80 24.56
C VAL P 68 -76.70 -64.00 25.48
N PHE P 69 -75.48 -64.31 25.94
CA PHE P 69 -75.32 -65.32 26.97
C PHE P 69 -75.76 -64.79 28.33
N ASN P 70 -75.62 -63.49 28.56
CA ASN P 70 -76.07 -62.94 29.82
C ASN P 70 -77.50 -62.43 29.72
N TYR P 71 -78.12 -62.53 28.56
CA TYR P 71 -79.54 -62.22 28.49
C TYR P 71 -80.37 -63.38 29.01
N CYS P 72 -79.78 -64.57 29.08
CA CYS P 72 -80.54 -65.74 29.51
C CYS P 72 -80.77 -65.74 31.01
N ARG P 73 -79.76 -65.34 31.79
CA ARG P 73 -79.89 -65.35 33.25
C ARG P 73 -80.87 -64.28 33.71
N SER P 74 -80.90 -63.16 33.02
CA SER P 74 -81.75 -62.05 33.44
C SER P 74 -83.20 -62.30 33.06
N TYR P 75 -83.46 -63.31 32.23
CA TYR P 75 -84.79 -63.47 31.65
C TYR P 75 -85.83 -63.89 32.68
N LYS P 76 -85.40 -64.65 33.68
CA LYS P 76 -86.30 -65.14 34.70
C LYS P 76 -86.82 -64.01 35.59
N GLU P 77 -86.00 -62.98 35.77
CA GLU P 77 -86.33 -61.95 36.74
C GLU P 77 -87.24 -60.87 36.15
N LEU P 78 -86.97 -60.45 34.91
CA LEU P 78 -87.67 -59.32 34.31
C LEU P 78 -88.73 -59.75 33.32
N LYS P 79 -89.53 -60.76 33.69
CA LYS P 79 -90.58 -61.39 32.89
C LYS P 79 -91.50 -60.44 32.11
N HIS P 80 -92.37 -59.67 32.79
CA HIS P 80 -93.12 -58.51 32.29
C HIS P 80 -94.12 -58.81 31.17
N GLU P 81 -94.14 -60.04 30.66
CA GLU P 81 -94.92 -60.33 29.46
C GLU P 81 -96.35 -60.69 29.82
N ARG P 82 -97.30 -60.14 29.07
CA ARG P 82 -98.70 -60.40 29.30
C ARG P 82 -99.11 -61.72 28.64
N LEU P 83 -100.42 -61.91 28.51
CA LEU P 83 -100.97 -63.11 27.86
C LEU P 83 -101.11 -62.87 26.34
N ARG P 84 -100.03 -62.36 25.76
CA ARG P 84 -100.01 -61.93 24.38
C ARG P 84 -98.57 -61.77 23.93
N LYS P 85 -98.43 -61.09 22.79
CA LYS P 85 -97.13 -60.67 22.27
C LYS P 85 -97.07 -59.15 22.22
N TYR P 86 -95.87 -58.63 22.01
CA TYR P 86 -95.69 -57.19 21.92
C TYR P 86 -96.03 -56.70 20.51
N HIS P 87 -95.82 -55.39 20.30
CA HIS P 87 -96.03 -54.77 19.00
C HIS P 87 -95.08 -55.34 17.96
N UNK Q 1 -104.02 -59.35 -12.24
CA UNK Q 1 -104.71 -59.57 -13.50
C UNK Q 1 -105.44 -60.90 -13.49
N UNK Q 2 -106.29 -61.12 -14.49
CA UNK Q 2 -106.96 -62.41 -14.67
C UNK Q 2 -105.94 -63.43 -15.17
N UNK Q 3 -104.99 -62.95 -15.96
CA UNK Q 3 -103.88 -63.75 -16.41
C UNK Q 3 -102.88 -63.95 -15.28
N UNK Q 4 -102.94 -63.07 -14.28
CA UNK Q 4 -102.16 -63.23 -13.06
C UNK Q 4 -103.01 -63.90 -11.98
N UNK Q 5 -104.17 -64.42 -12.38
CA UNK Q 5 -105.05 -65.15 -11.48
C UNK Q 5 -105.12 -66.62 -11.86
N UNK Q 6 -105.25 -66.88 -13.15
CA UNK Q 6 -105.32 -68.26 -13.66
C UNK Q 6 -103.95 -68.92 -13.61
N UNK Q 7 -102.90 -68.11 -13.76
CA UNK Q 7 -101.53 -68.61 -13.70
C UNK Q 7 -101.15 -68.99 -12.27
N UNK Q 8 -101.81 -68.35 -11.30
CA UNK Q 8 -101.64 -68.70 -9.90
C UNK Q 8 -102.22 -70.08 -9.65
N UNK Q 9 -103.40 -70.33 -10.23
CA UNK Q 9 -104.07 -71.61 -10.12
C UNK Q 9 -103.37 -72.66 -10.98
N UNK Q 10 -102.74 -72.21 -12.05
CA UNK Q 10 -101.97 -73.09 -12.91
C UNK Q 10 -100.70 -73.51 -12.18
N UNK Q 11 -100.12 -72.56 -11.45
CA UNK Q 11 -98.96 -72.86 -10.63
C UNK Q 11 -99.38 -73.74 -9.47
N UNK Q 12 -100.57 -73.50 -8.95
CA UNK Q 12 -101.13 -74.29 -7.85
C UNK Q 12 -101.38 -75.73 -8.28
N UNK Q 13 -101.76 -75.90 -9.54
CA UNK Q 13 -101.89 -77.23 -10.10
C UNK Q 13 -100.50 -77.81 -10.32
N UNK Q 14 -99.57 -76.95 -10.74
CA UNK Q 14 -98.21 -77.37 -11.01
C UNK Q 14 -97.47 -77.70 -9.72
N UNK Q 15 -97.81 -76.97 -8.66
CA UNK Q 15 -97.19 -77.21 -7.37
C UNK Q 15 -97.71 -78.50 -6.78
N UNK Q 16 -99.03 -78.62 -6.67
CA UNK Q 16 -99.68 -79.75 -6.00
C UNK Q 16 -99.45 -81.07 -6.69
N UNK Q 17 -99.16 -81.03 -7.99
CA UNK Q 17 -98.75 -82.21 -8.72
C UNK Q 17 -97.38 -82.68 -8.22
N UNK Q 18 -96.53 -81.72 -7.90
CA UNK Q 18 -95.19 -82.04 -7.43
C UNK Q 18 -95.12 -82.05 -5.91
N UNK Q 19 -96.01 -81.31 -5.26
CA UNK Q 19 -96.02 -81.23 -3.80
C UNK Q 19 -96.51 -82.53 -3.20
N UNK Q 20 -97.63 -83.02 -3.72
CA UNK Q 20 -98.19 -84.28 -3.26
C UNK Q 20 -97.33 -85.45 -3.71
N UNK Q 21 -96.55 -85.22 -4.76
CA UNK Q 21 -95.52 -86.18 -5.17
C UNK Q 21 -94.41 -86.22 -4.12
N UNK Q 22 -94.15 -85.08 -3.49
CA UNK Q 22 -93.04 -84.95 -2.56
C UNK Q 22 -93.45 -85.17 -1.11
N UNK Q 23 -94.61 -84.64 -0.73
CA UNK Q 23 -95.08 -84.72 0.65
C UNK Q 23 -95.42 -86.15 1.03
N UNK Q 24 -95.94 -86.91 0.07
CA UNK Q 24 -96.25 -88.31 0.30
C UNK Q 24 -94.96 -89.11 0.32
N UNK Q 25 -93.99 -88.72 -0.50
CA UNK Q 25 -92.71 -89.40 -0.58
C UNK Q 25 -91.92 -89.18 0.70
N UNK Q 26 -92.03 -87.99 1.26
CA UNK Q 26 -91.39 -87.67 2.52
C UNK Q 26 -92.08 -88.41 3.65
N UNK Q 27 -93.39 -88.55 3.53
CA UNK Q 27 -94.18 -89.34 4.48
C UNK Q 27 -93.79 -90.81 4.39
N UNK Q 28 -93.52 -91.25 3.16
CA UNK Q 28 -93.06 -92.61 2.92
C UNK Q 28 -91.62 -92.78 3.36
N UNK Q 29 -90.85 -91.69 3.30
CA UNK Q 29 -89.46 -91.68 3.74
C UNK Q 29 -89.39 -91.89 5.24
N UNK Q 30 -90.40 -91.41 5.93
CA UNK Q 30 -90.56 -91.69 7.35
C UNK Q 30 -91.14 -93.07 7.56
N UNK Q 31 -92.07 -93.45 6.68
CA UNK Q 31 -92.86 -94.68 6.86
C UNK Q 31 -92.03 -95.95 6.70
N UNK Q 32 -91.24 -96.01 5.63
CA UNK Q 32 -90.44 -97.20 5.36
C UNK Q 32 -89.29 -97.32 6.36
N UNK Q 33 -88.85 -96.19 6.89
CA UNK Q 33 -87.78 -96.16 7.87
C UNK Q 33 -88.29 -96.61 9.23
N UNK Q 34 -89.37 -95.99 9.68
CA UNK Q 34 -89.88 -96.20 11.03
C UNK Q 34 -91.01 -97.23 11.10
N UNK Q 35 -90.97 -98.24 10.24
CA UNK Q 35 -91.96 -99.30 10.28
C UNK Q 35 -91.50 -100.42 11.21
N UNK Q 36 -90.22 -100.42 11.53
CA UNK Q 36 -89.63 -101.44 12.39
C UNK Q 36 -89.83 -101.10 13.86
N UNK Q 37 -89.12 -101.83 14.72
CA UNK Q 37 -89.16 -101.64 16.18
C UNK Q 37 -88.68 -100.24 16.62
N UNK Q 38 -87.66 -99.78 15.86
CA UNK Q 38 -86.83 -98.54 15.79
C UNK Q 38 -85.35 -98.87 15.73
N UNK Q 39 -84.87 -98.97 14.50
CA UNK Q 39 -83.48 -99.22 14.19
C UNK Q 39 -83.03 -97.96 13.47
N UNK Q 40 -84.03 -97.15 13.12
CA UNK Q 40 -83.80 -95.88 12.41
C UNK Q 40 -82.91 -95.97 11.16
N UNK Q 41 -82.72 -94.80 10.55
CA UNK Q 41 -81.87 -94.67 9.38
C UNK Q 41 -81.08 -93.35 9.49
N UNK Q 42 -80.40 -93.19 10.60
CA UNK Q 42 -79.70 -91.95 10.92
C UNK Q 42 -78.42 -91.80 10.10
N UNK Q 43 -77.80 -90.62 10.21
CA UNK Q 43 -76.53 -90.37 9.54
C UNK Q 43 -75.38 -90.84 10.44
N UNK Q 44 -75.31 -92.16 10.63
CA UNK Q 44 -74.36 -92.85 11.50
C UNK Q 44 -74.35 -92.32 12.94
N UNK Q 45 -75.45 -92.54 13.66
CA UNK Q 45 -75.59 -92.02 15.01
C UNK Q 45 -74.77 -92.81 16.01
N UNK Q 46 -73.74 -92.17 16.56
CA UNK Q 46 -72.86 -92.80 17.52
C UNK Q 46 -72.25 -91.72 18.42
N UNK Q 47 -72.40 -90.48 17.98
CA UNK Q 47 -71.97 -89.27 18.67
C UNK Q 47 -70.49 -89.29 19.06
N UNK Q 48 -69.63 -88.96 18.11
CA UNK Q 48 -68.18 -88.78 18.31
C UNK Q 48 -67.46 -89.94 19.01
N UNK Q 49 -67.47 -91.12 18.41
CA UNK Q 49 -66.88 -92.30 19.02
C UNK Q 49 -65.51 -92.66 18.45
N UNK Q 50 -65.49 -93.45 17.39
CA UNK Q 50 -64.24 -93.91 16.80
C UNK Q 50 -64.05 -93.40 15.37
N UNK Q 51 -65.15 -93.15 14.68
CA UNK Q 51 -65.10 -92.56 13.35
C UNK Q 51 -64.90 -91.06 13.48
N UNK Q 52 -64.01 -90.51 12.67
CA UNK Q 52 -63.73 -89.08 12.69
C UNK Q 52 -64.62 -88.35 11.70
N UNK Q 53 -65.54 -89.08 11.08
CA UNK Q 53 -66.49 -88.50 10.13
C UNK Q 53 -67.78 -88.08 10.83
N UNK Q 54 -67.70 -87.84 12.14
CA UNK Q 54 -68.82 -87.34 12.92
C UNK Q 54 -68.67 -85.84 13.14
N UNK Q 55 -67.85 -85.23 12.30
CA UNK Q 55 -67.76 -83.78 12.25
C UNK Q 55 -68.35 -83.37 10.91
N UNK Q 56 -68.03 -84.17 9.90
CA UNK Q 56 -68.58 -84.00 8.56
C UNK Q 56 -70.06 -84.33 8.59
N UNK Q 57 -70.42 -85.37 9.35
CA UNK Q 57 -71.82 -85.71 9.57
C UNK Q 57 -72.46 -84.70 10.51
N UNK Q 58 -71.63 -83.99 11.27
CA UNK Q 58 -72.10 -82.91 12.11
C UNK Q 58 -72.20 -81.63 11.28
N UNK Q 59 -71.78 -81.72 10.03
CA UNK Q 59 -72.05 -80.67 9.07
C UNK Q 59 -73.00 -81.21 8.01
N UNK Q 60 -73.33 -82.51 8.07
CA UNK Q 60 -74.26 -83.10 7.14
C UNK Q 60 -75.63 -83.26 7.76
N UNK Q 61 -75.69 -83.21 9.09
CA UNK Q 61 -76.95 -83.27 9.80
C UNK Q 61 -77.70 -81.97 9.64
N UNK Q 62 -77.04 -80.88 10.02
CA UNK Q 62 -77.65 -79.55 9.99
C UNK Q 62 -77.78 -79.00 8.57
N UNK Q 63 -77.10 -79.61 7.61
CA UNK Q 63 -77.27 -79.24 6.22
C UNK Q 63 -78.41 -80.07 5.63
N UNK Q 64 -78.68 -81.20 6.28
CA UNK Q 64 -79.90 -81.92 5.96
C UNK Q 64 -81.02 -81.23 6.72
N UNK Q 65 -80.66 -80.58 7.81
CA UNK Q 65 -81.62 -79.77 8.57
C UNK Q 65 -81.52 -78.31 8.16
N UNK Q 66 -80.94 -78.07 6.99
CA UNK Q 66 -80.90 -76.73 6.41
C UNK Q 66 -82.25 -76.40 5.84
N UNK Q 67 -83.02 -77.45 5.57
CA UNK Q 67 -84.41 -77.32 5.19
C UNK Q 67 -85.19 -76.78 6.36
N UNK Q 68 -84.82 -77.23 7.56
CA UNK Q 68 -85.56 -76.89 8.77
C UNK Q 68 -85.45 -75.42 9.11
N UNK Q 69 -84.30 -74.84 8.85
CA UNK Q 69 -84.11 -73.41 9.04
C UNK Q 69 -84.97 -72.68 8.02
N UNK Q 70 -84.97 -73.22 6.80
CA UNK Q 70 -85.82 -72.70 5.74
C UNK Q 70 -87.28 -73.05 6.00
N UNK Q 71 -87.53 -74.09 6.77
CA UNK Q 71 -88.89 -74.42 7.19
C UNK Q 71 -89.34 -73.40 8.21
N UNK Q 72 -88.39 -72.94 9.02
CA UNK Q 72 -88.67 -71.92 10.01
C UNK Q 72 -88.77 -70.56 9.33
N UNK Q 73 -88.22 -70.48 8.11
CA UNK Q 73 -88.29 -69.25 7.32
C UNK Q 73 -89.67 -69.02 6.71
N UNK Q 74 -90.52 -70.02 6.82
CA UNK Q 74 -91.91 -69.88 6.43
C UNK Q 74 -92.71 -69.56 7.68
N UNK Q 75 -92.47 -70.33 8.73
CA UNK Q 75 -93.27 -70.29 9.95
C UNK Q 75 -93.13 -68.97 10.69
N UNK Q 76 -92.00 -68.31 10.50
CA UNK Q 76 -91.74 -67.03 11.14
C UNK Q 76 -92.56 -65.92 10.50
N UNK Q 77 -92.96 -66.14 9.25
CA UNK Q 77 -93.79 -65.19 8.54
C UNK Q 77 -95.23 -65.30 8.97
N UNK Q 78 -95.58 -66.46 9.52
CA UNK Q 78 -96.95 -66.74 9.95
C UNK Q 78 -97.34 -65.83 11.11
N UNK Q 79 -96.61 -65.91 12.22
CA UNK Q 79 -96.88 -65.10 13.40
C UNK Q 79 -96.58 -63.62 13.15
N UNK Q 80 -95.80 -63.36 12.11
CA UNK Q 80 -95.49 -62.00 11.68
C UNK Q 80 -96.73 -61.24 11.24
N UNK Q 81 -97.34 -61.69 10.15
CA UNK Q 81 -98.46 -60.96 9.57
C UNK Q 81 -99.76 -61.22 10.33
N UNK Q 82 -99.73 -62.18 11.25
CA UNK Q 82 -100.91 -62.61 11.99
C UNK Q 82 -101.54 -61.51 12.84
N UNK Q 83 -100.75 -60.82 13.64
CA UNK Q 83 -101.28 -59.77 14.52
C UNK Q 83 -101.69 -58.56 13.68
N UNK Q 84 -100.98 -58.37 12.58
CA UNK Q 84 -101.19 -57.30 11.61
C UNK Q 84 -101.15 -55.91 12.25
N GLN R 1 -48.31 -79.09 34.13
CA GLN R 1 -47.82 -78.39 35.31
C GLN R 1 -46.73 -77.40 34.93
N PHE R 2 -46.78 -76.90 33.70
CA PHE R 2 -45.80 -75.94 33.21
C PHE R 2 -46.32 -74.51 33.35
N GLN R 3 -47.29 -74.31 34.24
CA GLN R 3 -47.67 -72.97 34.67
C GLN R 3 -46.85 -72.59 35.90
N PHE R 4 -45.78 -73.33 36.16
CA PHE R 4 -44.87 -73.07 37.27
C PHE R 4 -43.49 -72.62 36.84
N THR R 5 -42.79 -73.42 36.03
CA THR R 5 -41.36 -73.17 35.82
C THR R 5 -41.12 -72.03 34.84
N GLY R 6 -42.18 -71.56 34.19
CA GLY R 6 -42.04 -70.31 33.45
C GLY R 6 -41.94 -69.12 34.36
N ILE R 7 -42.63 -69.18 35.51
CA ILE R 7 -42.64 -68.07 36.47
C ILE R 7 -42.15 -68.51 37.85
N LYS R 8 -41.29 -69.52 37.92
CA LYS R 8 -40.83 -69.95 39.24
C LYS R 8 -39.64 -69.14 39.70
N LYS R 9 -38.88 -68.57 38.77
CA LYS R 9 -37.82 -67.66 39.15
C LYS R 9 -38.38 -66.36 39.69
N TYR R 10 -39.62 -66.03 39.30
CA TYR R 10 -40.25 -64.80 39.76
C TYR R 10 -40.80 -64.95 41.16
N PHE R 11 -41.24 -66.16 41.52
CA PHE R 11 -42.04 -66.32 42.73
C PHE R 11 -41.21 -66.11 43.98
N ASN R 12 -40.17 -66.92 44.20
CA ASN R 12 -39.37 -66.82 45.42
C ASN R 12 -38.53 -65.55 45.46
N SER R 13 -38.51 -64.78 44.37
CA SER R 13 -38.02 -63.40 44.43
C SER R 13 -38.94 -62.51 45.25
N TYR R 14 -40.20 -62.37 44.83
CA TYR R 14 -41.06 -61.36 45.43
C TYR R 14 -42.19 -61.94 46.30
N THR R 15 -42.39 -63.26 46.34
CA THR R 15 -43.43 -63.79 47.22
C THR R 15 -42.96 -63.81 48.68
N LEU R 16 -41.70 -63.45 48.90
CA LEU R 16 -41.21 -63.26 50.26
C LEU R 16 -41.98 -62.15 50.96
N THR R 17 -42.42 -61.15 50.20
CA THR R 17 -43.24 -60.11 50.79
C THR R 17 -44.63 -60.11 50.16
N GLY R 18 -44.73 -60.61 48.93
CA GLY R 18 -45.98 -60.49 48.19
C GLY R 18 -46.98 -61.55 48.59
N ARG R 19 -46.50 -62.71 49.06
CA ARG R 19 -47.38 -63.79 49.46
C ARG R 19 -47.65 -63.74 50.96
N MET R 20 -48.20 -62.62 51.38
CA MET R 20 -48.65 -62.38 52.75
C MET R 20 -50.16 -62.24 52.78
N ASN R 21 -50.86 -63.15 52.11
CA ASN R 21 -52.31 -63.12 52.10
C ASN R 21 -52.91 -63.57 53.43
N CYS R 22 -52.03 -63.82 54.40
CA CYS R 22 -52.46 -64.26 55.72
C CYS R 22 -53.34 -63.18 56.33
N VAL R 23 -52.92 -61.94 56.17
CA VAL R 23 -53.71 -60.82 56.69
C VAL R 23 -55.05 -60.78 55.96
N LEU R 24 -54.99 -60.97 54.64
CA LEU R 24 -56.20 -60.98 53.82
C LEU R 24 -57.08 -62.14 54.24
N ALA R 25 -56.46 -63.30 54.45
CA ALA R 25 -57.19 -64.49 54.85
C ALA R 25 -57.83 -64.32 56.22
N THR R 26 -57.09 -63.71 57.14
CA THR R 26 -57.60 -63.49 58.50
C THR R 26 -58.81 -62.58 58.48
N TYR R 27 -58.74 -61.54 57.67
CA TYR R 27 -59.84 -60.58 57.56
C TYR R 27 -61.08 -61.25 56.98
N GLY R 28 -60.88 -62.10 55.98
CA GLY R 28 -61.98 -62.79 55.35
C GLY R 28 -62.73 -63.73 56.27
N GLY R 29 -61.98 -64.46 57.10
CA GLY R 29 -62.60 -65.38 58.03
C GLY R 29 -63.46 -64.63 59.04
N ILE R 30 -62.94 -63.51 59.53
CA ILE R 30 -63.65 -62.70 60.50
C ILE R 30 -64.92 -62.12 59.87
N ALA R 31 -64.82 -61.70 58.62
CA ALA R 31 -65.95 -61.12 57.91
C ALA R 31 -67.09 -62.13 57.76
N LEU R 32 -66.75 -63.38 57.47
CA LEU R 32 -67.78 -64.40 57.35
C LEU R 32 -68.49 -64.61 58.68
N LEU R 33 -67.71 -64.61 59.76
CA LEU R 33 -68.26 -64.82 61.10
C LEU R 33 -69.23 -63.73 61.56
N VAL R 34 -68.91 -62.47 61.32
CA VAL R 34 -69.81 -61.39 61.74
C VAL R 34 -71.16 -61.47 61.03
N LEU R 35 -71.12 -61.80 59.74
CA LEU R 35 -72.35 -61.91 58.96
C LEU R 35 -73.22 -63.02 59.53
N TYR R 36 -72.59 -64.14 59.88
CA TYR R 36 -73.28 -65.28 60.47
C TYR R 36 -73.85 -64.89 61.82
N PHE R 37 -73.08 -64.12 62.58
CA PHE R 37 -73.48 -63.67 63.92
C PHE R 37 -74.74 -62.81 63.89
N LYS R 38 -74.84 -61.91 62.92
CA LYS R 38 -76.01 -61.05 62.83
C LYS R 38 -77.22 -61.80 62.31
N LEU R 39 -77.00 -62.82 61.49
CA LEU R 39 -78.11 -63.64 61.03
C LEU R 39 -78.50 -64.66 62.08
N ARG R 40 -77.59 -64.95 63.02
CA ARG R 40 -77.95 -65.79 64.16
C ARG R 40 -78.88 -65.06 65.10
N SER R 41 -78.63 -63.77 65.32
CA SER R 41 -79.53 -62.97 66.15
C SER R 41 -80.65 -62.35 65.33
N LYS R 42 -80.60 -62.54 64.00
CA LYS R 42 -81.61 -62.07 63.04
C LYS R 42 -81.87 -60.56 63.10
N UNK S 1 -37.23 -26.40 73.09
CA UNK S 1 -36.35 -27.52 72.81
C UNK S 1 -36.52 -28.04 71.39
N UNK S 2 -36.41 -27.16 70.41
CA UNK S 2 -36.36 -27.57 69.01
C UNK S 2 -34.99 -28.20 68.77
N UNK S 3 -34.97 -29.31 68.05
CA UNK S 3 -33.76 -30.11 67.77
C UNK S 3 -33.00 -30.55 69.01
N UNK S 4 -33.70 -30.75 70.13
CA UNK S 4 -33.13 -31.35 71.32
C UNK S 4 -33.24 -32.87 71.18
N UNK S 5 -34.48 -33.33 71.07
CA UNK S 5 -34.79 -34.62 70.47
C UNK S 5 -34.91 -34.33 68.99
N UNK S 6 -33.77 -34.39 68.30
CA UNK S 6 -33.60 -33.79 66.99
C UNK S 6 -34.32 -34.51 65.85
N UNK S 7 -33.94 -34.16 64.62
CA UNK S 7 -34.53 -34.76 63.44
C UNK S 7 -34.03 -36.20 63.28
N UNK S 8 -33.10 -36.41 62.35
CA UNK S 8 -32.40 -37.69 62.12
C UNK S 8 -33.27 -38.94 61.95
N UNK S 9 -34.53 -38.74 61.56
CA UNK S 9 -35.56 -39.79 61.41
C UNK S 9 -35.82 -40.61 62.67
N UNK S 10 -36.77 -41.55 62.55
CA UNK S 10 -37.12 -42.57 63.56
C UNK S 10 -37.41 -42.06 64.96
N UNK S 11 -36.38 -41.53 65.61
CA UNK S 11 -36.41 -41.11 67.01
C UNK S 11 -37.42 -40.01 67.34
N UNK S 12 -37.94 -39.32 66.33
CA UNK S 12 -38.96 -38.32 66.57
C UNK S 12 -40.30 -38.99 66.83
N UNK S 13 -40.65 -39.97 66.01
CA UNK S 13 -41.98 -40.58 66.06
C UNK S 13 -42.06 -41.88 66.85
N UNK S 14 -40.92 -42.53 67.09
CA UNK S 14 -40.96 -43.73 67.92
C UNK S 14 -41.44 -43.26 69.31
N UNK S 15 -40.95 -42.10 69.74
CA UNK S 15 -41.30 -41.48 71.01
C UNK S 15 -42.79 -41.17 71.06
N UNK S 16 -43.35 -40.72 69.94
CA UNK S 16 -44.78 -40.41 69.87
C UNK S 16 -45.60 -41.68 70.13
N UNK S 17 -45.16 -42.79 69.54
CA UNK S 17 -45.81 -44.08 69.72
C UNK S 17 -45.72 -44.49 71.19
N UNK S 18 -44.55 -44.26 71.79
CA UNK S 18 -44.33 -44.58 73.20
C UNK S 18 -45.27 -43.76 74.08
N UNK S 19 -45.46 -42.49 73.72
CA UNK S 19 -46.35 -41.58 74.44
C UNK S 19 -47.78 -42.10 74.35
N UNK S 20 -48.15 -42.58 73.16
CA UNK S 20 -49.49 -43.14 72.97
C UNK S 20 -49.68 -44.36 73.86
N UNK S 21 -48.64 -45.19 73.95
CA UNK S 21 -48.69 -46.37 74.80
C UNK S 21 -48.85 -45.96 76.26
N UNK S 22 -48.14 -44.91 76.67
CA UNK S 22 -48.21 -44.40 78.03
C UNK S 22 -49.62 -43.91 78.32
N UNK S 23 -50.22 -43.24 77.36
CA UNK S 23 -51.59 -42.74 77.50
C UNK S 23 -52.55 -43.90 77.67
N UNK S 24 -52.33 -44.96 76.90
CA UNK S 24 -53.16 -46.16 77.00
C UNK S 24 -53.03 -46.78 78.37
N UNK S 25 -51.80 -46.81 78.90
CA UNK S 25 -51.55 -47.37 80.23
C UNK S 25 -52.28 -46.56 81.29
N UNK S 26 -52.26 -45.24 81.12
CA UNK S 26 -52.95 -44.34 82.03
C UNK S 26 -54.45 -44.64 82.03
N UNK S 27 -54.99 -44.89 80.84
CA UNK S 27 -56.41 -45.22 80.71
C UNK S 27 -56.71 -46.52 81.44
N UNK S 28 -55.81 -47.50 81.31
CA UNK S 28 -55.97 -48.78 81.99
C UNK S 28 -55.95 -48.60 83.50
N UNK S 29 -55.08 -47.72 83.98
CA UNK S 29 -54.94 -47.42 85.40
C UNK S 29 -54.83 -48.69 86.25
N ASP T 5 -77.33 -56.69 46.35
CA ASP T 5 -77.03 -55.27 46.24
C ASP T 5 -76.00 -54.94 47.31
N THR T 6 -76.49 -54.52 48.48
CA THR T 6 -75.65 -54.37 49.66
C THR T 6 -75.31 -55.78 50.13
N SER T 7 -74.30 -56.36 49.49
CA SER T 7 -74.43 -57.72 48.97
C SER T 7 -74.63 -58.83 50.00
N THR T 8 -73.54 -59.41 50.55
CA THR T 8 -73.25 -59.91 51.91
C THR T 8 -72.08 -60.90 51.84
N TRP T 9 -71.51 -61.23 53.00
CA TRP T 9 -71.04 -62.58 53.32
C TRP T 9 -69.78 -63.10 52.62
N PHE T 10 -69.39 -62.52 51.48
CA PHE T 10 -68.02 -62.47 50.94
C PHE T 10 -67.21 -63.74 50.67
N ILE T 11 -67.76 -64.96 50.86
CA ILE T 11 -66.95 -66.18 50.70
C ILE T 11 -66.62 -66.44 49.25
N THR T 12 -67.34 -65.77 48.37
CA THR T 12 -67.25 -65.76 46.93
C THR T 12 -66.02 -64.97 46.50
N ILE T 13 -66.14 -64.21 45.42
CA ILE T 13 -65.18 -63.85 44.38
C ILE T 13 -63.69 -63.90 44.69
N THR T 14 -63.28 -63.60 45.93
CA THR T 14 -61.88 -63.28 46.21
C THR T 14 -60.96 -64.48 46.07
N SER T 15 -61.50 -65.69 46.10
CA SER T 15 -60.68 -66.85 45.83
C SER T 15 -60.59 -67.11 44.34
N MET T 16 -61.43 -66.42 43.56
CA MET T 16 -61.41 -66.58 42.12
C MET T 16 -60.70 -65.40 41.47
N ILE T 17 -60.01 -64.58 42.27
CA ILE T 17 -59.23 -63.48 41.70
C ILE T 17 -57.76 -63.85 41.60
N MET T 18 -57.28 -64.75 42.46
CA MET T 18 -55.86 -65.03 42.47
C MET T 18 -55.53 -66.14 41.49
N THR T 19 -56.55 -66.89 41.09
CA THR T 19 -56.36 -67.77 39.94
C THR T 19 -56.19 -66.95 38.67
N LEU T 20 -56.77 -65.75 38.65
CA LEU T 20 -56.64 -64.91 37.46
C LEU T 20 -55.24 -64.34 37.34
N PHE T 21 -54.56 -64.16 38.48
CA PHE T 21 -53.21 -63.62 38.41
C PHE T 21 -52.19 -64.75 38.28
N ILE T 22 -52.64 -65.92 37.83
CA ILE T 22 -51.76 -66.87 37.18
C ILE T 22 -51.90 -66.75 35.67
N LEU T 23 -53.05 -66.26 35.21
CA LEU T 23 -53.22 -66.06 33.77
C LEU T 23 -52.46 -64.84 33.28
N PHE T 24 -52.67 -63.69 33.93
CA PHE T 24 -52.14 -62.44 33.41
C PHE T 24 -50.64 -62.37 33.55
N GLN T 25 -50.06 -63.15 34.45
CA GLN T 25 -48.61 -63.22 34.52
C GLN T 25 -48.08 -64.26 33.56
N LEU T 26 -48.97 -64.91 32.80
CA LEU T 26 -48.50 -65.84 31.79
C LEU T 26 -48.49 -65.18 30.42
N LYS T 27 -49.52 -64.39 30.12
CA LYS T 27 -49.60 -63.76 28.82
C LYS T 27 -48.60 -62.63 28.68
N ILE T 28 -48.58 -61.72 29.66
CA ILE T 28 -47.90 -60.44 29.55
C ILE T 28 -46.41 -60.67 29.77
N SER T 29 -46.06 -61.85 30.28
CA SER T 29 -44.65 -62.18 30.49
C SER T 29 -43.94 -62.43 29.17
N ASN T 30 -44.68 -62.85 28.14
CA ASN T 30 -44.08 -63.07 26.83
C ASN T 30 -44.33 -61.85 25.96
N TYR T 31 -43.71 -60.72 26.31
CA TYR T 31 -43.90 -59.53 25.51
C TYR T 31 -42.58 -59.03 24.93
N SER T 32 -42.55 -58.85 23.61
CA SER T 32 -41.37 -58.34 22.96
C SER T 32 -41.29 -56.87 23.30
N TYR T 33 -40.10 -56.39 23.63
CA TYR T 33 -39.92 -54.99 23.99
C TYR T 33 -38.91 -54.34 23.06
N PRO T 34 -39.26 -53.17 22.52
CA PRO T 34 -38.34 -52.46 21.62
C PRO T 34 -37.08 -52.06 22.38
N ALA T 35 -37.24 -51.61 23.62
CA ALA T 35 -36.11 -51.20 24.44
C ALA T 35 -35.17 -52.38 24.72
N SER T 36 -35.73 -53.54 25.01
CA SER T 36 -34.93 -54.73 25.28
C SER T 36 -34.14 -55.12 24.04
N PRO T 37 -34.78 -55.03 22.88
CA PRO T 37 -34.17 -55.34 21.59
C PRO T 37 -33.04 -54.36 21.31
N GLU T 38 -33.26 -53.10 21.65
CA GLU T 38 -32.27 -52.06 21.46
C GLU T 38 -31.04 -52.40 22.28
N SER T 39 -31.24 -52.92 23.49
CA SER T 39 -30.11 -53.27 24.34
C SER T 39 -29.31 -54.46 23.82
N ILE T 40 -29.80 -55.16 22.79
CA ILE T 40 -29.01 -56.20 22.16
C ILE T 40 -28.41 -55.72 20.85
N GLU T 41 -28.38 -54.40 20.64
CA GLU T 41 -27.91 -53.82 19.39
C GLU T 41 -26.41 -53.58 19.35
N LEU T 42 -25.76 -53.39 20.50
CA LEU T 42 -24.34 -53.09 20.49
C LEU T 42 -23.47 -54.27 20.91
N LYS T 43 -24.09 -55.40 21.29
CA LYS T 43 -23.35 -56.56 21.77
C LYS T 43 -22.56 -57.28 20.67
N THR T 44 -22.89 -57.05 19.40
CA THR T 44 -22.21 -57.76 18.32
C THR T 44 -21.01 -57.00 17.76
N GLN T 45 -20.95 -55.69 17.96
CA GLN T 45 -19.96 -54.86 17.28
C GLN T 45 -18.58 -54.98 17.91
N LYS T 46 -18.45 -54.69 19.20
CA LYS T 46 -17.14 -54.47 19.81
C LYS T 46 -16.40 -55.76 20.14
N HIS T 47 -17.04 -56.92 19.99
CA HIS T 47 -16.29 -58.17 20.04
C HIS T 47 -15.50 -58.36 18.75
N SER T 48 -16.10 -58.03 17.60
CA SER T 48 -15.41 -58.08 16.32
C SER T 48 -14.43 -56.92 16.15
N THR T 49 -14.65 -55.82 16.87
CA THR T 49 -13.75 -54.68 16.78
C THR T 49 -12.39 -54.98 17.39
N PRO T 50 -12.36 -55.61 18.57
CA PRO T 50 -11.10 -56.05 19.14
C PRO T 50 -10.57 -57.29 18.44
N TRP T 51 -11.44 -58.03 17.74
CA TRP T 51 -10.99 -59.14 16.90
C TRP T 51 -10.18 -58.64 15.71
N GLU T 52 -10.45 -57.41 15.25
CA GLU T 52 -9.57 -56.76 14.29
C GLU T 52 -8.20 -56.49 14.89
N MET T 53 -8.15 -56.20 16.20
CA MET T 53 -6.87 -56.04 16.88
C MET T 53 -6.29 -57.39 17.30
N LYS T 54 -7.09 -58.46 17.21
CA LYS T 54 -6.55 -59.79 17.48
C LYS T 54 -5.63 -60.25 16.35
N TRP T 55 -5.86 -59.77 15.13
CA TRP T 55 -4.93 -60.04 14.04
C TRP T 55 -3.88 -58.94 13.93
N THR T 56 -4.11 -57.80 14.57
CA THR T 56 -3.10 -56.75 14.59
C THR T 56 -1.97 -57.06 15.55
N LYS T 57 -2.26 -57.84 16.60
CA LYS T 57 -1.21 -58.31 17.49
C LYS T 57 -0.63 -59.63 17.02
N ILE T 58 -1.42 -60.44 16.31
CA ILE T 58 -0.92 -61.70 15.75
C ILE T 58 0.07 -61.47 14.62
N TYR T 59 -0.01 -60.32 13.95
CA TYR T 59 1.01 -59.96 12.98
C TYR T 59 2.14 -59.15 13.62
N LEU T 60 1.82 -58.00 14.20
CA LEU T 60 2.83 -57.12 14.77
C LEU T 60 3.27 -57.61 16.15
N ASN U 2 -96.73 -25.95 33.21
CA ASN U 2 -97.11 -27.35 33.32
C ASN U 2 -97.12 -28.02 31.95
N GLU U 3 -95.98 -27.98 31.27
CA GLU U 3 -95.88 -28.50 29.91
C GLU U 3 -95.32 -29.92 29.87
N ASN U 4 -94.10 -30.07 30.38
CA ASN U 4 -93.34 -31.30 30.27
C ASN U 4 -93.22 -31.93 31.65
N LEU U 5 -94.08 -32.92 31.90
CA LEU U 5 -94.08 -33.65 33.16
C LEU U 5 -93.19 -34.87 33.01
N PHE U 6 -92.07 -34.89 33.73
CA PHE U 6 -91.25 -36.08 33.84
C PHE U 6 -92.03 -37.18 34.55
N ALA U 7 -91.64 -38.42 34.31
CA ALA U 7 -92.17 -39.56 35.04
C ALA U 7 -91.03 -40.28 35.73
N SER U 8 -91.37 -41.25 36.56
CA SER U 8 -90.39 -42.15 37.15
C SER U 8 -91.00 -43.53 37.24
N PHE U 9 -90.16 -44.55 37.33
CA PHE U 9 -90.59 -45.91 37.59
C PHE U 9 -89.88 -46.40 38.84
N ILE U 10 -90.62 -47.06 39.72
CA ILE U 10 -90.08 -47.59 40.97
C ILE U 10 -89.80 -49.07 40.76
N ALA U 11 -88.52 -49.44 40.76
CA ALA U 11 -88.13 -50.81 40.51
C ALA U 11 -86.82 -51.06 41.23
N PRO U 12 -86.62 -52.25 41.81
CA PRO U 12 -85.37 -52.52 42.51
C PRO U 12 -84.20 -52.67 41.56
N THR U 13 -83.09 -52.05 41.92
CA THR U 13 -81.86 -52.04 41.12
C THR U 13 -80.92 -53.10 41.67
N MET U 14 -80.72 -54.17 40.91
CA MET U 14 -80.23 -55.44 41.44
C MET U 14 -78.80 -55.70 41.00
N MET U 15 -77.88 -55.63 41.95
CA MET U 15 -76.53 -56.15 41.79
C MET U 15 -76.52 -57.59 42.30
N GLY U 16 -77.09 -58.50 41.53
CA GLY U 16 -77.13 -59.89 41.93
C GLY U 16 -75.78 -60.56 41.88
N LEU U 17 -75.71 -61.84 42.24
CA LEU U 17 -74.39 -62.46 42.20
C LEU U 17 -74.48 -63.79 41.47
N PRO U 18 -74.47 -63.80 40.14
CA PRO U 18 -74.39 -65.07 39.41
C PRO U 18 -72.97 -65.63 39.43
N ILE U 19 -72.78 -66.70 38.65
CA ILE U 19 -71.57 -67.53 38.71
C ILE U 19 -70.37 -66.73 38.23
N VAL U 20 -69.50 -66.36 39.18
CA VAL U 20 -68.48 -65.35 38.93
C VAL U 20 -67.19 -65.90 38.33
N THR U 21 -66.82 -67.14 38.65
CA THR U 21 -65.47 -67.59 38.28
C THR U 21 -65.36 -67.91 36.79
N LEU U 22 -66.48 -67.87 36.07
CA LEU U 22 -66.41 -67.81 34.62
C LEU U 22 -66.20 -66.38 34.16
N ILE U 23 -66.84 -65.43 34.83
CA ILE U 23 -66.86 -64.06 34.34
C ILE U 23 -65.51 -63.39 34.60
N ILE U 24 -64.78 -63.87 35.61
CA ILE U 24 -63.44 -63.34 35.87
C ILE U 24 -62.47 -63.79 34.80
N MET U 25 -62.55 -65.07 34.41
CA MET U 25 -61.58 -65.63 33.48
C MET U 25 -61.78 -65.09 32.06
N PHE U 26 -62.95 -64.53 31.76
CA PHE U 26 -63.28 -64.23 30.38
C PHE U 26 -62.50 -63.06 29.78
N PRO U 27 -62.23 -61.95 30.50
CA PRO U 27 -61.32 -60.97 29.89
C PRO U 27 -59.84 -61.33 29.97
N SER U 28 -59.50 -62.61 30.13
CA SER U 28 -58.14 -63.02 29.82
C SER U 28 -58.03 -63.48 28.38
N LEU U 29 -59.08 -64.12 27.88
CA LEU U 29 -59.01 -64.70 26.54
C LEU U 29 -59.34 -63.68 25.46
N LEU U 30 -59.58 -62.42 25.84
CA LEU U 30 -59.66 -61.37 24.84
C LEU U 30 -58.28 -60.96 24.35
N PHE U 31 -57.25 -61.24 25.15
CA PHE U 31 -55.90 -60.85 24.77
C PHE U 31 -55.11 -62.10 24.44
N PRO U 32 -54.67 -62.27 23.21
CA PRO U 32 -53.81 -63.41 22.86
C PRO U 32 -52.34 -63.02 22.95
N THR U 33 -51.48 -64.01 22.82
CA THR U 33 -50.04 -63.79 22.82
C THR U 33 -49.35 -64.59 21.71
N PRO U 34 -48.62 -63.91 20.82
CA PRO U 34 -48.08 -64.64 19.67
C PRO U 34 -46.64 -65.04 19.87
N LYS U 35 -46.33 -66.24 19.38
CA LYS U 35 -44.95 -66.75 19.33
C LYS U 35 -44.33 -66.53 17.96
N ARG U 36 -44.35 -65.30 17.46
CA ARG U 36 -43.87 -64.99 16.13
C ARG U 36 -43.20 -63.63 16.15
N LEU U 37 -42.41 -63.34 15.11
CA LEU U 37 -41.72 -62.06 15.10
C LEU U 37 -42.66 -60.94 14.66
N ILE U 38 -43.14 -61.01 13.43
CA ILE U 38 -44.18 -60.09 13.01
C ILE U 38 -45.51 -60.67 13.43
N ASN U 39 -46.39 -59.83 13.96
CA ASN U 39 -47.67 -60.31 14.42
C ASN U 39 -48.79 -59.86 13.47
N ASN U 40 -50.03 -60.01 13.91
CA ASN U 40 -51.16 -60.12 13.02
C ASN U 40 -52.14 -58.98 13.20
N ARG U 41 -51.64 -57.76 13.38
CA ARG U 41 -52.35 -56.47 13.28
C ARG U 41 -53.61 -56.36 14.14
N THR U 42 -53.81 -57.25 15.11
CA THR U 42 -54.77 -57.02 16.19
C THR U 42 -54.15 -57.28 17.55
N ILE U 43 -53.09 -58.08 17.63
CA ILE U 43 -52.25 -58.05 18.81
C ILE U 43 -51.30 -56.88 18.73
N SER U 44 -50.96 -56.45 17.51
CA SER U 44 -49.92 -55.45 17.34
C SER U 44 -50.34 -54.07 17.83
N ILE U 45 -51.63 -53.82 18.00
CA ILE U 45 -52.03 -52.58 18.64
C ILE U 45 -52.36 -52.81 20.10
N GLN U 46 -52.33 -54.07 20.56
CA GLN U 46 -52.30 -54.31 21.99
C GLN U 46 -50.86 -54.24 22.49
N GLN U 47 -49.91 -54.72 21.68
CA GLN U 47 -48.51 -54.75 22.07
C GLN U 47 -47.91 -53.35 22.09
N TRP U 48 -48.46 -52.44 21.30
CA TRP U 48 -47.97 -51.07 21.31
C TRP U 48 -48.53 -50.32 22.51
N LEU U 49 -49.74 -50.69 22.94
CA LEU U 49 -50.43 -49.93 23.98
C LEU U 49 -49.78 -50.17 25.34
N ILE U 50 -49.08 -51.30 25.48
CA ILE U 50 -48.35 -51.58 26.71
C ILE U 50 -47.04 -50.81 26.72
N GLN U 51 -46.41 -50.73 25.56
CA GLN U 51 -45.11 -50.09 25.47
C GLN U 51 -45.25 -48.68 25.98
N LEU U 52 -46.33 -47.99 25.62
CA LEU U 52 -46.49 -46.65 26.16
C LEU U 52 -46.46 -46.65 27.67
N THR U 53 -47.45 -47.28 28.31
CA THR U 53 -47.64 -47.07 29.74
C THR U 53 -46.78 -48.02 30.56
N SER U 54 -45.84 -48.72 29.92
CA SER U 54 -44.73 -49.26 30.68
C SER U 54 -43.59 -48.27 30.76
N LYS U 55 -43.68 -47.18 30.00
CA LYS U 55 -42.64 -46.16 30.06
C LYS U 55 -43.07 -44.97 30.91
N GLN U 56 -44.07 -45.16 31.77
CA GLN U 56 -44.43 -44.09 32.70
C GLN U 56 -44.47 -44.61 34.15
N MET U 57 -44.68 -45.90 34.33
CA MET U 57 -44.48 -46.49 35.64
C MET U 57 -43.06 -47.06 35.77
N MET U 58 -42.20 -46.76 34.79
CA MET U 58 -40.79 -47.12 34.91
C MET U 58 -39.96 -45.90 35.27
N ALA U 59 -40.36 -44.73 34.77
CA ALA U 59 -39.47 -43.58 34.76
C ALA U 59 -39.28 -42.99 36.15
N ILE U 60 -40.33 -43.04 36.98
CA ILE U 60 -40.25 -42.41 38.30
C ILE U 60 -39.31 -43.18 39.21
N HIS U 61 -39.39 -44.51 39.19
CA HIS U 61 -38.78 -45.31 40.25
C HIS U 61 -37.27 -45.34 40.11
N ASN U 62 -36.76 -45.91 39.01
CA ASN U 62 -35.34 -45.87 38.62
C ASN U 62 -34.43 -46.41 39.72
N GLN U 63 -34.69 -47.64 40.12
CA GLN U 63 -34.01 -48.23 41.26
C GLN U 63 -33.75 -49.69 40.94
N LYS U 64 -33.47 -50.45 42.00
CA LYS U 64 -33.67 -51.88 41.92
C LYS U 64 -35.02 -52.27 42.51
N GLY U 65 -35.96 -51.33 42.49
CA GLY U 65 -37.37 -51.61 42.72
C GLY U 65 -38.11 -51.61 41.39
N GLN U 66 -37.34 -51.76 40.31
CA GLN U 66 -37.95 -51.86 38.98
C GLN U 66 -38.43 -53.26 38.72
N THR U 67 -38.02 -54.22 39.56
CA THR U 67 -38.46 -55.60 39.40
C THR U 67 -39.95 -55.71 39.67
N TRP U 68 -40.47 -54.85 40.53
CA TRP U 68 -41.87 -54.88 40.91
C TRP U 68 -42.78 -54.40 39.78
N SER U 69 -42.22 -53.67 38.82
CA SER U 69 -43.05 -52.90 37.89
C SER U 69 -43.58 -53.75 36.74
N LEU U 70 -43.03 -54.95 36.58
CA LEU U 70 -43.55 -55.82 35.52
C LEU U 70 -44.86 -56.46 35.94
N MET U 71 -45.19 -56.41 37.24
CA MET U 71 -46.49 -56.86 37.70
C MET U 71 -47.54 -55.76 37.58
N LEU U 72 -47.13 -54.51 37.79
CA LEU U 72 -48.09 -53.40 37.89
C LEU U 72 -48.75 -53.10 36.56
N MET U 73 -48.19 -53.61 35.47
CA MET U 73 -48.87 -53.48 34.18
C MET U 73 -49.82 -54.63 33.92
N SER U 74 -49.80 -55.66 34.76
CA SER U 74 -50.85 -56.66 34.69
C SER U 74 -52.04 -56.21 35.48
N LEU U 75 -51.80 -55.42 36.51
CA LEU U 75 -52.87 -54.90 37.35
C LEU U 75 -53.69 -53.87 36.61
N ILE U 76 -53.12 -53.24 35.57
CA ILE U 76 -53.84 -52.18 34.88
C ILE U 76 -54.68 -52.76 33.75
N MET U 77 -54.30 -53.94 33.25
CA MET U 77 -55.06 -54.53 32.14
C MET U 77 -56.28 -55.29 32.64
N PHE U 78 -56.24 -55.77 33.87
CA PHE U 78 -57.38 -56.52 34.39
C PHE U 78 -58.54 -55.59 34.72
N ILE U 79 -58.31 -54.56 35.54
CA ILE U 79 -59.40 -53.65 35.85
C ILE U 79 -59.53 -52.58 34.78
N GLY U 80 -58.62 -52.56 33.82
CA GLY U 80 -58.87 -51.80 32.62
C GLY U 80 -59.85 -52.51 31.70
N SER U 81 -59.84 -53.84 31.73
CA SER U 81 -60.77 -54.59 30.89
C SER U 81 -62.09 -54.83 31.60
N THR U 82 -62.04 -55.24 32.87
CA THR U 82 -63.25 -55.63 33.58
C THR U 82 -64.07 -54.42 34.03
N ASN U 83 -63.61 -53.22 33.72
CA ASN U 83 -64.47 -52.06 33.85
C ASN U 83 -65.01 -51.62 32.50
N ILE U 84 -64.41 -52.11 31.41
CA ILE U 84 -64.82 -51.68 30.08
C ILE U 84 -65.75 -52.70 29.43
N LEU U 85 -65.74 -53.94 29.92
CA LEU U 85 -66.65 -54.94 29.38
C LEU U 85 -68.07 -54.65 29.79
N GLY U 86 -68.26 -54.13 31.00
CA GLY U 86 -69.59 -54.01 31.56
C GLY U 86 -70.48 -52.94 31.00
N LEU U 87 -69.98 -52.16 30.05
CA LEU U 87 -70.80 -51.12 29.45
C LEU U 87 -71.80 -51.69 28.46
N LEU U 88 -71.60 -52.96 28.08
CA LEU U 88 -72.48 -53.69 27.18
C LEU U 88 -73.89 -53.83 27.77
N PRO U 89 -74.91 -54.21 26.93
CA PRO U 89 -76.30 -54.31 27.41
C PRO U 89 -76.58 -55.05 28.71
N HIS U 90 -76.22 -56.32 28.82
CA HIS U 90 -76.55 -57.07 30.03
C HIS U 90 -75.34 -57.78 30.61
N SER U 91 -74.20 -57.11 30.69
CA SER U 91 -73.03 -57.77 31.24
C SER U 91 -72.85 -57.46 32.72
N PHE U 92 -71.94 -58.19 33.34
CA PHE U 92 -71.71 -58.15 34.78
C PHE U 92 -70.23 -57.98 35.04
N THR U 93 -69.87 -56.92 35.84
CA THR U 93 -68.53 -56.52 36.24
C THR U 93 -68.18 -57.09 37.60
N PRO U 94 -67.06 -57.80 37.73
CA PRO U 94 -66.65 -58.24 39.06
C PRO U 94 -66.15 -57.13 39.97
N THR U 95 -65.66 -56.00 39.44
CA THR U 95 -65.26 -54.90 40.32
C THR U 95 -66.44 -54.05 40.77
N THR U 96 -67.66 -54.49 40.56
CA THR U 96 -68.80 -53.85 41.20
C THR U 96 -68.89 -54.23 42.65
N GLN U 97 -68.68 -55.50 42.97
CA GLN U 97 -68.83 -55.97 44.34
C GLN U 97 -67.64 -55.53 45.16
N LEU U 98 -67.86 -55.24 46.43
CA LEU U 98 -66.81 -54.65 47.27
C LEU U 98 -65.88 -55.73 47.82
N SER U 99 -66.13 -56.99 47.48
CA SER U 99 -65.40 -58.09 48.10
C SER U 99 -63.98 -58.19 47.58
N MET U 100 -63.82 -58.24 46.26
CA MET U 100 -62.50 -58.51 45.71
C MET U 100 -61.59 -57.29 45.82
N ASN U 101 -62.19 -56.09 45.88
CA ASN U 101 -61.36 -54.89 45.96
C ASN U 101 -60.70 -54.76 47.33
N LEU U 102 -61.31 -55.36 48.35
CA LEU U 102 -60.64 -55.47 49.63
C LEU U 102 -59.64 -56.62 49.63
N GLY U 103 -59.60 -57.38 48.55
CA GLY U 103 -58.51 -58.32 48.36
C GLY U 103 -57.55 -57.86 47.28
N MET U 104 -57.81 -56.71 46.68
CA MET U 104 -56.82 -56.12 45.76
C MET U 104 -56.01 -55.05 46.47
N ALA U 105 -56.59 -54.39 47.46
CA ALA U 105 -55.86 -53.37 48.19
C ALA U 105 -54.88 -53.99 49.18
N ILE U 106 -55.39 -54.81 50.09
CA ILE U 106 -54.61 -55.19 51.27
C ILE U 106 -53.45 -56.13 50.98
N PRO U 107 -53.55 -57.11 50.05
CA PRO U 107 -52.32 -57.84 49.70
C PRO U 107 -51.34 -57.07 48.85
N LEU U 108 -51.70 -55.87 48.39
CA LEU U 108 -50.76 -55.06 47.65
C LEU U 108 -50.22 -53.94 48.51
N TRP U 109 -51.09 -53.33 49.32
CA TRP U 109 -50.68 -52.22 50.17
C TRP U 109 -49.73 -52.68 51.26
N SER U 110 -50.00 -53.83 51.86
CA SER U 110 -49.11 -54.34 52.91
C SER U 110 -47.93 -55.07 52.30
N ALA U 111 -47.88 -55.20 50.98
CA ALA U 111 -46.66 -55.65 50.34
C ALA U 111 -45.67 -54.51 50.19
N THR U 112 -46.11 -53.28 50.50
CA THR U 112 -45.22 -52.13 50.36
C THR U 112 -44.56 -51.77 51.67
N VAL U 113 -45.30 -51.82 52.78
CA VAL U 113 -44.71 -51.42 54.06
C VAL U 113 -43.79 -52.52 54.56
N PHE U 114 -43.91 -53.73 54.03
CA PHE U 114 -42.98 -54.78 54.42
C PHE U 114 -41.85 -54.90 53.42
N THR U 115 -41.76 -53.96 52.47
CA THR U 115 -40.65 -54.00 51.53
C THR U 115 -39.44 -53.29 52.09
N GLY U 116 -39.65 -52.14 52.72
CA GLY U 116 -38.54 -51.42 53.33
C GLY U 116 -38.19 -51.97 54.71
N PHE U 117 -39.16 -52.61 55.37
CA PHE U 117 -38.91 -53.16 56.68
C PHE U 117 -38.09 -54.43 56.64
N ARG U 118 -37.85 -55.00 55.46
CA ARG U 118 -36.92 -56.11 55.29
C ARG U 118 -35.57 -55.66 54.78
N TYR U 119 -35.40 -54.36 54.52
CA TYR U 119 -34.10 -53.91 54.06
C TYR U 119 -33.59 -52.70 54.83
N LYS U 120 -34.48 -51.75 55.13
CA LYS U 120 -34.06 -50.51 55.77
C LYS U 120 -34.15 -50.64 57.29
N THR U 121 -35.33 -51.04 57.79
CA THR U 121 -35.68 -51.46 59.15
C THR U 121 -35.72 -50.29 60.13
N LYS U 122 -35.21 -49.14 59.74
CA LYS U 122 -35.37 -47.99 60.62
C LYS U 122 -35.96 -46.78 59.92
N THR U 123 -35.49 -46.47 58.72
CA THR U 123 -35.83 -45.19 58.13
C THR U 123 -37.03 -45.27 57.21
N SER U 124 -37.65 -46.45 57.10
CA SER U 124 -38.87 -46.54 56.31
C SER U 124 -40.01 -45.80 57.01
N LEU U 125 -40.22 -46.05 58.29
CA LEU U 125 -41.21 -45.33 59.08
C LEU U 125 -40.56 -44.29 59.98
N ALA U 126 -39.28 -44.02 59.78
CA ALA U 126 -38.75 -42.74 60.18
C ALA U 126 -38.95 -41.69 59.10
N HIS U 127 -39.65 -42.05 58.02
CA HIS U 127 -40.27 -41.06 57.14
C HIS U 127 -41.40 -40.32 57.82
N PHE U 128 -41.85 -40.79 58.98
CA PHE U 128 -42.70 -39.99 59.85
C PHE U 128 -42.01 -38.74 60.36
N LEU U 129 -40.68 -38.64 60.25
CA LEU U 129 -40.04 -37.40 60.66
C LEU U 129 -39.82 -36.51 59.44
N PRO U 130 -40.61 -35.44 59.27
CA PRO U 130 -40.56 -34.69 58.02
C PRO U 130 -39.40 -33.71 57.90
N GLN U 131 -38.99 -33.07 58.99
CA GLN U 131 -38.13 -31.90 58.87
C GLN U 131 -37.37 -31.65 60.15
N GLY U 132 -36.77 -30.46 60.25
CA GLY U 132 -35.91 -30.04 61.33
C GLY U 132 -36.70 -29.61 62.54
N THR U 133 -37.12 -30.60 63.32
CA THR U 133 -38.20 -30.66 64.29
C THR U 133 -38.40 -29.43 65.17
N PRO U 134 -39.52 -28.71 65.03
CA PRO U 134 -39.89 -27.71 66.01
C PRO U 134 -40.48 -28.37 67.24
N ALA U 135 -40.55 -27.61 68.32
CA ALA U 135 -41.05 -28.16 69.57
C ALA U 135 -42.57 -28.27 69.76
N LEU U 136 -43.46 -27.31 69.34
CA LEU U 136 -44.82 -27.37 69.90
C LEU U 136 -45.72 -28.39 69.22
N LEU U 137 -45.26 -29.02 68.15
CA LEU U 137 -46.09 -29.91 67.35
C LEU U 137 -45.40 -31.22 67.00
N ILE U 138 -44.82 -31.91 67.97
CA ILE U 138 -44.53 -33.33 67.78
C ILE U 138 -45.72 -34.23 68.04
N PRO U 139 -46.48 -34.12 69.16
CA PRO U 139 -47.64 -35.03 69.29
C PRO U 139 -48.79 -34.71 68.37
N MET U 140 -48.88 -33.48 67.85
CA MET U 140 -49.95 -33.19 66.91
C MET U 140 -49.62 -33.73 65.53
N LEU U 141 -48.37 -34.15 65.31
CA LEU U 141 -47.98 -34.60 63.99
C LEU U 141 -48.07 -36.12 63.86
N VAL U 142 -47.50 -36.84 64.82
CA VAL U 142 -47.34 -38.28 64.66
C VAL U 142 -48.60 -39.02 65.14
N ILE U 143 -49.65 -38.28 65.48
CA ILE U 143 -50.97 -38.90 65.53
C ILE U 143 -51.76 -38.58 64.28
N ILE U 144 -51.24 -37.68 63.44
CA ILE U 144 -51.92 -37.34 62.19
C ILE U 144 -51.35 -38.13 61.04
N GLU U 145 -50.02 -38.18 60.92
CA GLU U 145 -49.40 -38.84 59.79
C GLU U 145 -49.42 -40.35 59.94
N THR U 146 -49.92 -40.87 61.06
CA THR U 146 -50.14 -42.30 61.13
C THR U 146 -51.61 -42.65 60.95
N ILE U 147 -52.51 -41.70 61.19
CA ILE U 147 -53.92 -41.97 60.92
C ILE U 147 -54.21 -41.76 59.45
N SER U 148 -53.30 -41.08 58.74
CA SER U 148 -53.43 -41.02 57.29
C SER U 148 -52.52 -42.04 56.62
N LEU U 149 -52.03 -43.02 57.38
CA LEU U 149 -51.38 -44.17 56.75
C LEU U 149 -52.34 -45.35 56.68
N PHE U 150 -53.07 -45.60 57.77
CA PHE U 150 -53.93 -46.78 57.79
C PHE U 150 -55.22 -46.52 57.04
N ILE U 151 -55.49 -45.27 56.70
CA ILE U 151 -56.60 -44.96 55.82
C ILE U 151 -56.33 -45.47 54.42
N GLN U 152 -55.06 -45.52 54.02
CA GLN U 152 -54.68 -45.82 52.64
C GLN U 152 -55.21 -47.13 52.03
N PRO U 153 -55.28 -48.29 52.75
CA PRO U 153 -55.94 -49.45 52.11
C PRO U 153 -57.43 -49.26 51.91
N VAL U 154 -58.08 -48.62 52.86
CA VAL U 154 -59.49 -48.29 52.70
C VAL U 154 -59.65 -47.16 51.70
N ALA U 155 -58.67 -46.26 51.64
CA ALA U 155 -58.73 -45.17 50.68
C ALA U 155 -58.50 -45.68 49.26
N LEU U 156 -57.88 -46.85 49.12
CA LEU U 156 -57.52 -47.33 47.79
C LEU U 156 -58.62 -48.19 47.20
N ALA U 157 -59.30 -48.97 48.04
CA ALA U 157 -60.32 -49.86 47.52
C ALA U 157 -61.67 -49.18 47.39
N VAL U 158 -62.05 -48.37 48.37
CA VAL U 158 -63.41 -47.84 48.40
C VAL U 158 -63.59 -46.77 47.33
N ARG U 159 -62.50 -46.15 46.88
CA ARG U 159 -62.65 -45.17 45.80
C ARG U 159 -62.92 -45.85 44.46
N LEU U 160 -62.66 -47.16 44.36
CA LEU U 160 -62.88 -47.85 43.10
C LEU U 160 -64.28 -48.42 43.01
N THR U 161 -64.77 -49.01 44.11
CA THR U 161 -66.08 -49.64 44.05
C THR U 161 -67.20 -48.62 44.06
N ALA U 162 -66.95 -47.44 44.60
CA ALA U 162 -68.06 -46.55 44.89
C ALA U 162 -68.47 -45.74 43.66
N ASN U 163 -67.54 -45.49 42.74
CA ASN U 163 -67.88 -44.69 41.56
C ASN U 163 -68.12 -45.55 40.33
N ILE U 164 -67.61 -46.78 40.32
CA ILE U 164 -67.92 -47.71 39.24
C ILE U 164 -69.39 -48.06 39.25
N THR U 165 -69.93 -48.41 40.43
CA THR U 165 -71.35 -48.71 40.53
C THR U 165 -72.18 -47.46 40.39
N ALA U 166 -71.61 -46.30 40.71
CA ALA U 166 -72.35 -45.06 40.54
C ALA U 166 -72.53 -44.72 39.07
N GLY U 167 -71.67 -45.25 38.21
CA GLY U 167 -71.92 -45.11 36.79
C GLY U 167 -73.08 -45.97 36.33
N HIS U 168 -73.31 -47.10 36.98
CA HIS U 168 -74.27 -48.05 36.46
C HIS U 168 -75.70 -47.63 36.81
N LEU U 169 -75.87 -46.87 37.87
CA LEU U 169 -77.22 -46.48 38.28
C LEU U 169 -77.78 -45.36 37.40
N LEU U 170 -76.92 -44.43 36.98
CA LEU U 170 -77.37 -43.39 36.08
C LEU U 170 -77.58 -43.92 34.68
N ILE U 171 -76.93 -45.05 34.36
CA ILE U 171 -77.24 -45.76 33.13
C ILE U 171 -78.66 -46.29 33.17
N HIS U 172 -79.05 -46.86 34.32
CA HIS U 172 -80.38 -47.43 34.44
C HIS U 172 -81.45 -46.33 34.56
N LEU U 173 -81.23 -45.38 35.47
CA LEU U 173 -82.31 -44.47 35.87
C LEU U 173 -82.62 -43.44 34.79
N ILE U 174 -81.60 -42.89 34.15
CA ILE U 174 -81.84 -42.06 32.98
C ILE U 174 -82.37 -42.91 31.83
N GLY U 175 -81.91 -44.17 31.76
CA GLY U 175 -82.41 -45.06 30.72
C GLY U 175 -83.82 -45.54 30.99
N GLY U 176 -84.14 -45.80 32.26
CA GLY U 176 -85.46 -46.31 32.58
C GLY U 176 -86.53 -45.24 32.48
N ALA U 177 -86.13 -43.98 32.55
CA ALA U 177 -87.10 -42.89 32.40
C ALA U 177 -87.48 -42.68 30.95
N THR U 178 -86.69 -43.22 30.01
CA THR U 178 -87.11 -43.24 28.62
C THR U 178 -88.28 -44.19 28.41
N LEU U 179 -88.18 -45.40 28.99
CA LEU U 179 -89.20 -46.42 28.80
C LEU U 179 -90.52 -46.00 29.38
N ALA U 180 -90.49 -45.28 30.50
CA ALA U 180 -91.71 -44.86 31.16
C ALA U 180 -92.07 -43.44 30.75
N LEU U 181 -91.79 -43.08 29.51
CA LEU U 181 -92.08 -41.72 29.07
C LEU U 181 -93.12 -41.76 27.96
N LEU U 182 -94.22 -42.47 28.22
CA LEU U 182 -95.38 -42.50 27.34
C LEU U 182 -96.22 -41.23 27.40
N ASN U 183 -95.77 -40.21 28.13
CA ASN U 183 -96.23 -38.83 27.97
C ASN U 183 -95.46 -38.22 26.79
N ILE U 184 -95.50 -36.89 26.68
CA ILE U 184 -95.10 -36.09 25.51
C ILE U 184 -93.73 -36.49 24.94
N ASN U 185 -93.70 -36.76 23.63
CA ASN U 185 -92.62 -37.51 22.99
C ASN U 185 -91.44 -36.66 22.57
N THR U 186 -91.49 -35.35 22.77
CA THR U 186 -90.38 -34.48 22.43
C THR U 186 -89.23 -34.65 23.40
N MET U 187 -89.55 -34.82 24.67
CA MET U 187 -88.54 -34.89 25.71
C MET U 187 -87.87 -36.26 25.77
N THR U 188 -88.40 -37.25 25.05
CA THR U 188 -87.78 -38.58 25.04
C THR U 188 -86.42 -38.56 24.38
N ALA U 189 -86.25 -37.74 23.34
CA ALA U 189 -84.98 -37.70 22.62
C ALA U 189 -83.91 -37.05 23.47
N PHE U 190 -84.28 -36.04 24.25
CA PHE U 190 -83.30 -35.28 25.03
C PHE U 190 -82.75 -36.14 26.17
N ILE U 191 -83.56 -37.02 26.72
CA ILE U 191 -83.08 -37.98 27.71
C ILE U 191 -82.22 -39.05 27.03
N THR U 192 -82.57 -39.40 25.79
CA THR U 192 -81.73 -40.32 25.03
C THR U 192 -80.40 -39.67 24.67
N PHE U 193 -80.43 -38.37 24.34
CA PHE U 193 -79.19 -37.70 23.99
C PHE U 193 -78.33 -37.46 25.24
N THR U 194 -78.96 -37.39 26.41
CA THR U 194 -78.21 -37.35 27.65
C THR U 194 -77.50 -38.67 27.90
N ILE U 195 -78.12 -39.78 27.49
CA ILE U 195 -77.53 -41.10 27.70
C ILE U 195 -76.27 -41.25 26.86
N LEU U 196 -76.35 -40.90 25.58
CA LEU U 196 -75.22 -41.16 24.71
C LEU U 196 -74.09 -40.17 24.92
N ILE U 197 -74.32 -39.12 25.71
CA ILE U 197 -73.21 -38.36 26.25
C ILE U 197 -72.67 -39.05 27.49
N LEU U 198 -73.55 -39.60 28.33
CA LEU U 198 -73.13 -40.17 29.59
C LEU U 198 -72.34 -41.45 29.39
N LEU U 199 -72.58 -42.15 28.28
CA LEU U 199 -71.82 -43.34 27.98
C LEU U 199 -70.43 -43.00 27.49
N THR U 200 -70.25 -41.79 26.97
CA THR U 200 -68.90 -41.33 26.66
C THR U 200 -68.15 -40.99 27.93
N ILE U 201 -68.85 -40.42 28.93
CA ILE U 201 -68.20 -40.12 30.21
C ILE U 201 -67.88 -41.42 30.94
N LEU U 202 -68.66 -42.48 30.68
CA LEU U 202 -68.38 -43.75 31.33
C LEU U 202 -67.32 -44.56 30.59
N GLU U 203 -66.61 -43.95 29.67
CA GLU U 203 -65.29 -44.46 29.34
C GLU U 203 -64.22 -43.71 30.10
N PHE U 204 -64.57 -43.10 31.23
CA PHE U 204 -63.58 -42.79 32.25
C PHE U 204 -63.37 -43.97 33.19
N ALA U 205 -63.91 -45.14 32.85
CA ALA U 205 -63.55 -46.36 33.56
C ALA U 205 -62.17 -46.86 33.16
N VAL U 206 -61.62 -46.30 32.08
CA VAL U 206 -60.21 -46.48 31.83
C VAL U 206 -59.42 -45.45 32.63
N ALA U 207 -59.98 -44.25 32.80
CA ALA U 207 -59.27 -43.18 33.48
C ALA U 207 -59.12 -43.44 34.96
N LEU U 208 -59.94 -44.36 35.50
CA LEU U 208 -59.89 -44.64 36.91
C LEU U 208 -59.01 -45.85 37.19
N ILE U 209 -58.16 -46.22 36.23
CA ILE U 209 -57.20 -47.28 36.50
C ILE U 209 -55.80 -46.70 36.52
N GLN U 210 -55.61 -45.58 35.84
CA GLN U 210 -54.46 -44.74 36.14
C GLN U 210 -54.46 -44.33 37.60
N ALA U 211 -55.61 -43.92 38.15
CA ALA U 211 -55.66 -43.55 39.56
C ALA U 211 -55.82 -44.76 40.47
N TYR U 212 -55.35 -45.92 40.04
CA TYR U 212 -55.20 -47.05 40.95
C TYR U 212 -53.80 -47.63 40.86
N VAL U 213 -53.23 -47.69 39.67
CA VAL U 213 -51.85 -48.15 39.62
C VAL U 213 -50.90 -47.04 40.07
N PHE U 214 -51.26 -45.78 39.80
CA PHE U 214 -50.31 -44.70 40.06
C PHE U 214 -50.20 -44.39 41.55
N THR U 215 -51.33 -44.32 42.26
CA THR U 215 -51.24 -44.12 43.70
C THR U 215 -50.87 -45.40 44.41
N LEU U 216 -50.64 -46.47 43.66
CA LEU U 216 -49.90 -47.60 44.19
C LEU U 216 -48.40 -47.41 43.96
N LEU U 217 -48.01 -46.69 42.90
CA LEU U 217 -46.59 -46.42 42.73
C LEU U 217 -46.11 -45.40 43.74
N VAL U 218 -46.86 -44.31 43.91
CA VAL U 218 -46.51 -43.30 44.89
C VAL U 218 -46.53 -43.91 46.28
N SER U 219 -47.45 -44.83 46.52
CA SER U 219 -47.39 -45.59 47.77
C SER U 219 -46.35 -46.70 47.72
N LEU U 220 -45.61 -46.82 46.61
CA LEU U 220 -44.43 -47.67 46.63
C LEU U 220 -43.16 -46.85 46.56
N TYR U 221 -43.16 -45.79 45.74
CA TYR U 221 -41.98 -44.95 45.58
C TYR U 221 -41.63 -44.22 46.88
N LEU U 222 -42.65 -43.82 47.63
CA LEU U 222 -42.42 -43.08 48.87
C LEU U 222 -41.82 -43.99 49.93
N HIS U 223 -42.35 -45.20 50.08
CA HIS U 223 -41.78 -46.12 51.04
C HIS U 223 -40.45 -46.67 50.55
N ASP U 224 -40.28 -46.80 49.25
CA ASP U 224 -39.05 -47.35 48.72
C ASP U 224 -38.64 -46.66 47.44
N ILE V 1 -87.36 -31.87 75.86
CA ILE V 1 -87.86 -31.08 74.74
C ILE V 1 -87.10 -29.75 74.66
N ASP V 2 -86.83 -29.15 75.83
CA ASP V 2 -86.00 -27.95 75.86
C ASP V 2 -84.56 -28.29 75.51
N THR V 3 -84.13 -29.48 75.91
CA THR V 3 -82.78 -29.93 75.56
C THR V 3 -82.71 -30.36 74.10
N ALA V 4 -83.85 -30.62 73.48
CA ALA V 4 -83.84 -31.01 72.07
C ALA V 4 -83.44 -29.87 71.17
N ALA V 5 -83.96 -28.67 71.42
CA ALA V 5 -83.62 -27.53 70.58
C ALA V 5 -82.27 -26.95 70.95
N LYS V 6 -81.82 -27.16 72.19
CA LYS V 6 -80.55 -26.61 72.60
C LYS V 6 -79.39 -27.36 71.97
N PHE V 7 -79.53 -28.67 71.83
CA PHE V 7 -78.37 -29.46 71.46
C PHE V 7 -78.20 -29.49 69.95
N ILE V 8 -79.22 -29.08 69.20
CA ILE V 8 -79.05 -28.96 67.76
C ILE V 8 -78.42 -27.63 67.37
N GLY V 9 -78.88 -26.54 68.01
CA GLY V 9 -78.45 -25.23 67.56
C GLY V 9 -77.03 -24.91 67.95
N ALA V 10 -76.54 -25.56 69.02
CA ALA V 10 -75.13 -25.44 69.38
C ALA V 10 -74.25 -26.10 68.33
N GLY V 11 -74.71 -27.20 67.75
CA GLY V 11 -74.01 -27.77 66.61
C GLY V 11 -74.32 -27.04 65.32
N ALA V 12 -75.50 -26.44 65.25
CA ALA V 12 -75.87 -25.72 64.04
C ALA V 12 -75.17 -24.37 63.97
N ALA V 13 -74.66 -23.87 65.09
CA ALA V 13 -73.96 -22.60 65.05
C ALA V 13 -72.50 -22.78 64.69
N THR V 14 -71.90 -23.92 65.09
CA THR V 14 -70.46 -24.06 64.96
C THR V 14 -70.05 -24.54 63.57
N VAL V 15 -70.99 -24.52 62.63
CA VAL V 15 -70.64 -24.65 61.22
C VAL V 15 -70.25 -23.26 60.73
N GLY V 16 -70.51 -22.24 61.54
CA GLY V 16 -70.09 -20.89 61.19
C GLY V 16 -68.59 -20.68 61.28
N VAL V 17 -67.89 -21.59 61.95
CA VAL V 17 -66.45 -21.43 62.09
C VAL V 17 -65.74 -22.12 60.93
N ALA V 18 -66.49 -22.85 60.12
CA ALA V 18 -65.96 -23.47 58.92
C ALA V 18 -65.57 -22.42 57.89
N GLY V 19 -66.41 -21.37 57.76
CA GLY V 19 -66.10 -20.31 56.81
C GLY V 19 -64.89 -19.49 57.22
N SER V 20 -64.62 -19.41 58.52
CA SER V 20 -63.36 -18.81 58.96
C SER V 20 -62.20 -19.72 58.64
N GLY V 21 -62.43 -21.03 58.58
CA GLY V 21 -61.36 -21.94 58.23
C GLY V 21 -60.99 -21.83 56.76
N ALA V 22 -61.90 -21.33 55.93
CA ALA V 22 -61.59 -21.13 54.52
C ALA V 22 -60.79 -19.85 54.32
N GLY V 23 -61.25 -18.75 54.91
CA GLY V 23 -60.63 -17.47 54.67
C GLY V 23 -59.27 -17.34 55.33
N ILE V 24 -58.98 -18.21 56.29
CA ILE V 24 -57.68 -18.18 56.94
C ILE V 24 -56.64 -18.91 56.09
N GLY V 25 -57.10 -19.67 55.11
CA GLY V 25 -56.16 -20.43 54.30
C GLY V 25 -55.49 -19.56 53.25
N THR V 26 -56.23 -18.59 52.71
CA THR V 26 -55.68 -17.74 51.67
C THR V 26 -54.64 -16.78 52.24
N VAL V 27 -54.82 -16.35 53.48
CA VAL V 27 -53.97 -15.33 54.09
C VAL V 27 -52.57 -15.88 54.35
N PHE V 28 -52.46 -17.17 54.62
CA PHE V 28 -51.13 -17.75 54.65
C PHE V 28 -50.81 -18.40 53.31
N GLY V 29 -51.72 -18.25 52.35
CA GLY V 29 -51.45 -18.79 51.02
C GLY V 29 -51.00 -17.72 50.05
N SER V 30 -51.61 -16.54 50.09
CA SER V 30 -51.22 -15.48 49.18
C SER V 30 -49.93 -14.84 49.63
N MET V 31 -49.65 -14.87 50.93
CA MET V 31 -48.36 -14.39 51.44
C MET V 31 -47.23 -15.28 50.98
N ILE V 32 -47.53 -16.53 50.64
CA ILE V 32 -46.51 -17.39 50.04
C ILE V 32 -46.14 -16.90 48.65
N ILE V 33 -47.13 -16.60 47.81
CA ILE V 33 -46.81 -16.07 46.49
C ILE V 33 -46.60 -14.57 46.54
N GLY V 34 -46.87 -13.95 47.68
CA GLY V 34 -46.54 -12.55 47.83
C GLY V 34 -45.08 -12.34 48.19
N TYR V 35 -44.54 -13.18 49.05
CA TYR V 35 -43.17 -13.03 49.47
C TYR V 35 -42.23 -13.66 48.46
N ALA V 36 -42.75 -14.57 47.62
CA ALA V 36 -41.90 -15.32 46.71
C ALA V 36 -41.27 -14.43 45.65
N ARG V 37 -41.98 -13.40 45.22
CA ARG V 37 -41.41 -12.43 44.29
C ARG V 37 -40.42 -11.53 45.01
N ASN V 38 -40.81 -11.01 46.16
CA ASN V 38 -40.22 -9.82 46.74
C ASN V 38 -39.72 -10.11 48.16
N PRO V 39 -38.47 -10.46 48.34
CA PRO V 39 -37.98 -10.73 49.70
C PRO V 39 -37.68 -9.47 50.52
N SER V 40 -38.75 -8.79 50.92
CA SER V 40 -38.71 -7.69 51.86
C SER V 40 -39.52 -8.04 53.08
N LEU V 41 -39.24 -9.21 53.66
CA LEU V 41 -40.18 -9.90 54.54
C LEU V 41 -40.32 -9.22 55.89
N LYS V 42 -39.21 -8.80 56.51
CA LYS V 42 -39.26 -8.24 57.86
C LYS V 42 -40.02 -6.92 57.92
N GLN V 43 -40.22 -6.27 56.78
CA GLN V 43 -41.12 -5.14 56.63
C GLN V 43 -42.56 -5.62 56.53
N GLN V 44 -43.43 -4.77 55.99
CA GLN V 44 -44.85 -4.86 56.25
C GLN V 44 -45.55 -6.01 55.53
N LEU V 45 -44.81 -7.00 55.02
CA LEU V 45 -45.46 -8.25 54.62
C LEU V 45 -46.07 -8.95 55.81
N PHE V 46 -45.23 -9.33 56.78
CA PHE V 46 -45.66 -10.12 57.91
C PHE V 46 -46.60 -9.32 58.80
N SER V 47 -46.41 -8.00 58.86
CA SER V 47 -47.33 -7.16 59.62
C SER V 47 -48.69 -7.09 58.94
N TYR V 48 -48.72 -7.26 57.63
CA TYR V 48 -50.02 -7.39 56.98
C TYR V 48 -50.49 -8.84 56.97
N ALA V 49 -49.61 -9.77 57.36
CA ALA V 49 -50.03 -11.16 57.48
C ALA V 49 -50.73 -11.40 58.81
N ILE V 50 -50.21 -10.82 59.90
CA ILE V 50 -50.77 -11.07 61.22
C ILE V 50 -52.09 -10.34 61.39
N LEU V 51 -52.20 -9.16 60.79
CA LEU V 51 -53.47 -8.44 60.82
C LEU V 51 -54.53 -9.19 60.03
N GLY V 52 -54.13 -9.82 58.91
CA GLY V 52 -55.10 -10.58 58.14
C GLY V 52 -55.53 -11.84 58.83
N PHE V 53 -54.63 -12.44 59.61
CA PHE V 53 -54.97 -13.65 60.36
C PHE V 53 -55.94 -13.34 61.48
N ALA V 54 -55.67 -12.31 62.26
CA ALA V 54 -56.45 -12.06 63.47
C ALA V 54 -57.72 -11.30 63.16
N LEU V 55 -58.02 -11.07 61.88
CA LEU V 55 -59.28 -10.43 61.53
C LEU V 55 -60.28 -11.43 61.00
N SER V 56 -59.80 -12.48 60.32
CA SER V 56 -60.70 -13.56 59.91
C SER V 56 -61.10 -14.40 61.11
N GLU V 57 -60.24 -14.46 62.13
CA GLU V 57 -60.57 -15.13 63.38
C GLU V 57 -61.77 -14.46 64.05
N ALA V 58 -61.84 -13.14 63.96
CA ALA V 58 -62.87 -12.40 64.68
C ALA V 58 -64.21 -12.45 63.96
N MET V 59 -64.24 -13.05 62.76
CA MET V 59 -65.54 -13.43 62.20
C MET V 59 -65.83 -14.90 62.46
N GLY V 60 -64.83 -15.66 62.91
CA GLY V 60 -65.09 -17.01 63.37
C GLY V 60 -65.32 -17.09 64.86
N LEU V 61 -64.59 -16.30 65.64
CA LEU V 61 -64.74 -16.34 67.08
C LEU V 61 -66.03 -15.66 67.53
N PHE V 62 -66.54 -14.73 66.71
CA PHE V 62 -67.70 -13.96 67.15
C PHE V 62 -68.96 -14.79 67.10
N CYS V 63 -69.01 -15.78 66.21
CA CYS V 63 -70.11 -16.73 66.24
C CYS V 63 -69.97 -17.69 67.41
N LEU V 64 -68.73 -18.01 67.80
CA LEU V 64 -68.48 -18.98 68.87
C LEU V 64 -68.94 -18.45 70.22
N MET V 65 -68.75 -17.15 70.47
CA MET V 65 -69.33 -16.55 71.66
C MET V 65 -70.85 -16.59 71.61
N VAL V 66 -71.41 -16.37 70.41
CA VAL V 66 -72.85 -16.52 70.23
C VAL V 66 -73.24 -17.99 70.30
N ALA V 67 -72.31 -18.89 69.94
CA ALA V 67 -72.59 -20.32 70.02
C ALA V 67 -72.70 -20.78 71.47
N PHE V 68 -71.87 -20.24 72.36
CA PHE V 68 -72.00 -20.60 73.77
C PHE V 68 -73.14 -19.85 74.44
N LEU V 69 -73.58 -18.75 73.80
CA LEU V 69 -74.73 -18.00 74.33
C LEU V 69 -76.01 -18.79 74.20
N ILE V 70 -76.11 -19.66 73.19
CA ILE V 70 -77.30 -20.48 73.00
C ILE V 70 -77.43 -21.50 74.14
N LEU V 71 -76.30 -22.07 74.56
CA LEU V 71 -76.35 -23.07 75.61
C LEU V 71 -76.67 -22.46 76.97
N PHE V 72 -76.27 -21.21 77.18
CA PHE V 72 -76.55 -20.52 78.44
C PHE V 72 -77.20 -19.17 78.19
N ILE W 1 -85.21 -39.48 74.47
CA ILE W 1 -85.28 -38.34 73.56
C ILE W 1 -84.15 -37.36 73.88
N ASP W 2 -83.59 -37.48 75.09
CA ASP W 2 -82.46 -36.64 75.46
C ASP W 2 -81.20 -37.08 74.73
N THR W 3 -81.03 -38.39 74.54
CA THR W 3 -79.89 -38.86 73.76
C THR W 3 -80.15 -38.66 72.27
N ALA W 4 -81.42 -38.46 71.89
CA ALA W 4 -81.75 -38.23 70.49
C ALA W 4 -81.21 -36.88 70.00
N ALA W 5 -81.12 -35.90 70.89
CA ALA W 5 -80.50 -34.63 70.51
C ALA W 5 -79.00 -34.68 70.68
N LYS W 6 -78.51 -35.65 71.47
CA LYS W 6 -77.07 -35.84 71.62
C LYS W 6 -76.44 -36.36 70.35
N PHE W 7 -77.23 -37.00 69.49
CA PHE W 7 -76.68 -37.61 68.29
C PHE W 7 -76.76 -36.67 67.10
N ILE W 8 -77.86 -35.93 66.97
CA ILE W 8 -78.04 -35.06 65.81
C ILE W 8 -77.28 -33.75 66.00
N GLY W 9 -76.85 -33.48 67.24
CA GLY W 9 -76.09 -32.27 67.49
C GLY W 9 -74.65 -32.38 67.01
N ALA W 10 -74.04 -33.55 67.21
CA ALA W 10 -72.71 -33.79 66.67
C ALA W 10 -72.78 -34.15 65.19
N GLY W 11 -73.99 -34.27 64.65
CA GLY W 11 -74.14 -34.52 63.22
C GLY W 11 -73.79 -33.31 62.38
N ALA W 12 -74.14 -32.11 62.84
CA ALA W 12 -73.78 -30.93 62.08
C ALA W 12 -72.55 -30.25 62.65
N ALA W 13 -72.13 -30.64 63.85
CA ALA W 13 -71.00 -29.98 64.49
C ALA W 13 -69.68 -30.42 63.88
N THR W 14 -69.67 -31.53 63.15
CA THR W 14 -68.45 -31.96 62.50
C THR W 14 -68.41 -31.52 61.04
N VAL W 15 -69.33 -30.64 60.65
CA VAL W 15 -69.29 -30.01 59.34
C VAL W 15 -68.28 -28.86 59.41
N GLY W 16 -67.98 -28.42 60.62
CA GLY W 16 -67.00 -27.35 60.79
C GLY W 16 -65.57 -27.80 60.51
N VAL W 17 -65.35 -29.11 60.37
CA VAL W 17 -64.02 -29.56 59.99
C VAL W 17 -63.87 -29.54 58.47
N ALA W 18 -64.98 -29.41 57.74
CA ALA W 18 -64.91 -29.30 56.28
C ALA W 18 -64.36 -27.93 55.89
N GLY W 19 -64.52 -26.95 56.77
CA GLY W 19 -63.92 -25.64 56.52
C GLY W 19 -62.40 -25.69 56.57
N SER W 20 -61.85 -26.63 57.34
CA SER W 20 -60.41 -26.85 57.28
C SER W 20 -60.07 -27.82 56.17
N GLY W 21 -61.07 -28.28 55.42
CA GLY W 21 -60.78 -29.06 54.24
C GLY W 21 -60.46 -28.21 53.03
N ALA W 22 -61.37 -27.33 52.66
CA ALA W 22 -61.16 -26.52 51.46
C ALA W 22 -60.22 -25.36 51.74
N GLY W 23 -60.04 -25.02 53.02
CA GLY W 23 -59.11 -23.95 53.35
C GLY W 23 -57.67 -24.40 53.35
N ILE W 24 -57.46 -25.71 53.38
CA ILE W 24 -56.09 -26.23 53.32
C ILE W 24 -55.75 -26.62 51.90
N GLY W 25 -56.74 -26.65 51.02
CA GLY W 25 -56.48 -26.99 49.63
C GLY W 25 -55.83 -25.86 48.87
N THR W 26 -55.94 -24.65 49.41
CA THR W 26 -55.28 -23.50 48.79
C THR W 26 -53.85 -23.38 49.24
N VAL W 27 -53.63 -23.45 50.56
CA VAL W 27 -52.34 -23.07 51.12
C VAL W 27 -51.30 -24.17 50.86
N PHE W 28 -51.74 -25.34 50.41
CA PHE W 28 -50.79 -26.31 49.91
C PHE W 28 -50.66 -26.23 48.41
N GLY W 29 -51.63 -25.60 47.76
CA GLY W 29 -51.51 -25.37 46.33
C GLY W 29 -50.78 -24.09 46.01
N SER W 30 -50.71 -23.18 46.98
CA SER W 30 -49.98 -21.93 46.77
C SER W 30 -48.49 -22.10 47.00
N MET W 31 -48.09 -23.22 47.59
CA MET W 31 -46.67 -23.54 47.66
C MET W 31 -46.24 -24.31 46.41
N ILE W 32 -47.17 -24.51 45.48
CA ILE W 32 -46.76 -25.00 44.16
C ILE W 32 -46.43 -23.84 43.25
N ILE W 33 -47.39 -22.92 43.10
CA ILE W 33 -47.28 -21.83 42.12
C ILE W 33 -46.21 -20.83 42.56
N GLY W 34 -45.92 -20.78 43.86
CA GLY W 34 -44.93 -19.82 44.33
C GLY W 34 -43.62 -20.47 44.74
N TYR W 35 -43.37 -21.68 44.25
CA TYR W 35 -42.07 -22.30 44.50
C TYR W 35 -41.18 -22.21 43.28
N ALA W 36 -41.77 -22.39 42.09
CA ALA W 36 -40.99 -22.44 40.86
C ALA W 36 -40.39 -21.08 40.52
N ARG W 37 -41.10 -20.02 40.87
CA ARG W 37 -40.64 -18.66 40.56
C ARG W 37 -39.45 -18.28 41.41
N ASN W 38 -39.23 -18.97 42.53
CA ASN W 38 -38.16 -18.62 43.45
C ASN W 38 -37.77 -19.86 44.26
N PRO W 39 -36.76 -20.60 43.86
CA PRO W 39 -36.31 -21.74 44.66
C PRO W 39 -35.48 -21.37 45.89
N SER W 40 -36.19 -21.05 46.99
CA SER W 40 -35.59 -20.82 48.30
C SER W 40 -36.42 -21.49 49.40
N LEU W 41 -36.68 -22.79 49.29
CA LEU W 41 -37.69 -23.42 50.14
C LEU W 41 -37.19 -23.66 51.56
N LYS W 42 -35.89 -23.92 51.72
CA LYS W 42 -35.34 -24.23 53.04
C LYS W 42 -35.27 -23.01 53.93
N GLN W 43 -35.45 -21.82 53.36
CA GLN W 43 -35.68 -20.57 54.06
C GLN W 43 -37.17 -20.51 54.41
N GLN W 44 -37.69 -19.34 54.71
CA GLN W 44 -38.99 -19.25 55.39
C GLN W 44 -40.17 -19.54 54.46
N LEU W 45 -39.92 -20.08 53.27
CA LEU W 45 -41.03 -20.40 52.36
C LEU W 45 -41.77 -21.64 52.83
N PHE W 46 -41.05 -22.70 53.18
CA PHE W 46 -41.70 -23.90 53.69
C PHE W 46 -42.19 -23.68 55.11
N SER W 47 -41.51 -22.81 55.85
CA SER W 47 -41.86 -22.57 57.24
C SER W 47 -43.13 -21.74 57.35
N TYR W 48 -43.47 -20.97 56.31
CA TYR W 48 -44.71 -20.21 56.36
C TYR W 48 -45.86 -21.00 55.77
N ALA W 49 -45.60 -22.23 55.36
CA ALA W 49 -46.70 -23.13 55.04
C ALA W 49 -47.04 -24.00 56.24
N ILE W 50 -46.04 -24.37 57.05
CA ILE W 50 -46.28 -25.19 58.23
C ILE W 50 -47.02 -24.39 59.29
N LEU W 51 -46.66 -23.12 59.45
CA LEU W 51 -47.53 -22.21 60.19
C LEU W 51 -48.89 -22.09 59.51
N GLY W 52 -48.90 -22.09 58.18
CA GLY W 52 -50.16 -21.99 57.46
C GLY W 52 -50.95 -23.28 57.47
N PHE W 53 -50.27 -24.41 57.69
CA PHE W 53 -50.99 -25.68 57.82
C PHE W 53 -51.51 -25.87 59.23
N ALA W 54 -50.66 -25.65 60.25
CA ALA W 54 -51.02 -26.01 61.61
C ALA W 54 -52.06 -25.07 62.18
N LEU W 55 -51.92 -23.78 61.96
CA LEU W 55 -52.87 -22.83 62.53
C LEU W 55 -54.16 -22.81 61.71
N SER W 56 -54.12 -23.38 60.51
CA SER W 56 -55.37 -23.67 59.82
C SER W 56 -55.92 -25.00 60.27
N GLU W 57 -55.07 -25.86 60.82
CA GLU W 57 -55.53 -27.14 61.34
C GLU W 57 -56.18 -26.98 62.70
N ALA W 58 -55.75 -25.96 63.45
CA ALA W 58 -56.21 -25.78 64.82
C ALA W 58 -57.68 -25.40 64.87
N MET W 59 -58.22 -24.85 63.78
CA MET W 59 -59.65 -24.61 63.74
C MET W 59 -60.36 -25.80 63.12
N GLY W 60 -59.60 -26.82 62.72
CA GLY W 60 -60.23 -28.06 62.29
C GLY W 60 -60.52 -28.98 63.45
N LEU W 61 -59.52 -29.25 64.29
CA LEU W 61 -59.72 -30.19 65.39
C LEU W 61 -60.47 -29.54 66.55
N PHE W 62 -60.59 -28.22 66.56
CA PHE W 62 -61.40 -27.58 67.58
C PHE W 62 -62.88 -27.83 67.34
N CYS W 63 -63.29 -27.87 66.07
CA CYS W 63 -64.68 -28.16 65.76
C CYS W 63 -64.93 -29.66 65.71
N LEU W 64 -63.88 -30.45 65.93
CA LEU W 64 -64.06 -31.87 66.22
C LEU W 64 -64.32 -32.09 67.71
N MET W 65 -63.66 -31.30 68.56
CA MET W 65 -63.74 -31.50 70.00
C MET W 65 -65.06 -30.99 70.56
N VAL W 66 -65.78 -30.20 69.76
CA VAL W 66 -67.15 -29.85 70.14
C VAL W 66 -68.04 -31.08 70.06
N ALA W 67 -67.84 -31.92 69.05
CA ALA W 67 -68.71 -33.08 68.84
C ALA W 67 -68.49 -34.14 69.91
N PHE W 68 -67.28 -34.23 70.48
CA PHE W 68 -67.08 -35.07 71.65
C PHE W 68 -67.76 -34.46 72.88
N LEU W 69 -67.54 -33.17 73.11
CA LEU W 69 -67.98 -32.57 74.37
C LEU W 69 -69.46 -32.22 74.35
N ILE W 70 -70.10 -32.25 73.18
CA ILE W 70 -71.55 -32.13 73.19
C ILE W 70 -72.19 -33.46 73.56
N LEU W 71 -71.52 -34.57 73.24
CA LEU W 71 -72.13 -35.88 73.39
C LEU W 71 -71.96 -36.42 74.81
N PHE W 72 -70.74 -36.37 75.33
CA PHE W 72 -70.49 -36.79 76.71
C PHE W 72 -70.85 -35.71 77.71
N ILE X 1 -86.88 -44.45 68.45
CA ILE X 1 -86.51 -43.04 68.40
C ILE X 1 -84.98 -42.94 68.47
N ASP X 2 -84.36 -43.98 69.02
CA ASP X 2 -82.90 -44.08 68.98
C ASP X 2 -82.45 -44.35 67.55
N THR X 3 -83.23 -45.14 66.80
CA THR X 3 -82.83 -45.48 65.45
C THR X 3 -83.02 -44.30 64.50
N ALA X 4 -84.13 -43.56 64.68
CA ALA X 4 -84.50 -42.53 63.70
C ALA X 4 -83.57 -41.32 63.77
N ALA X 5 -83.17 -40.92 64.97
CA ALA X 5 -82.26 -39.79 65.10
C ALA X 5 -80.85 -40.15 64.64
N LYS X 6 -80.51 -41.43 64.68
CA LYS X 6 -79.26 -41.88 64.06
C LYS X 6 -79.33 -41.72 62.54
N PHE X 7 -80.52 -41.88 61.95
CA PHE X 7 -80.66 -41.86 60.50
C PHE X 7 -80.43 -40.45 59.95
N ILE X 8 -80.88 -39.44 60.69
CA ILE X 8 -80.58 -38.05 60.31
C ILE X 8 -79.26 -37.62 60.96
N GLY X 9 -78.79 -38.36 61.95
CA GLY X 9 -77.54 -38.02 62.60
C GLY X 9 -76.34 -38.22 61.71
N ALA X 10 -76.36 -39.26 60.87
CA ALA X 10 -75.26 -39.46 59.93
C ALA X 10 -75.50 -38.70 58.64
N GLY X 11 -76.73 -38.23 58.42
CA GLY X 11 -77.01 -37.49 57.20
C GLY X 11 -76.39 -36.11 57.18
N ALA X 12 -76.37 -35.44 58.34
CA ALA X 12 -75.72 -34.13 58.42
C ALA X 12 -74.21 -34.26 58.38
N ALA X 13 -73.68 -35.36 58.90
CA ALA X 13 -72.22 -35.50 58.98
C ALA X 13 -71.64 -36.10 57.72
N THR X 14 -72.46 -36.30 56.70
CA THR X 14 -71.96 -36.79 55.42
C THR X 14 -71.14 -35.72 54.73
N VAL X 15 -71.51 -34.46 54.93
CA VAL X 15 -71.04 -33.35 54.11
C VAL X 15 -69.72 -32.80 54.62
N GLY X 16 -69.09 -33.52 55.55
CA GLY X 16 -67.76 -33.14 55.98
C GLY X 16 -66.71 -33.39 54.91
N VAL X 17 -67.03 -34.23 53.93
CA VAL X 17 -66.08 -34.49 52.85
C VAL X 17 -66.13 -33.36 51.83
N ALA X 18 -67.21 -32.56 51.85
CA ALA X 18 -67.46 -31.50 50.87
C ALA X 18 -66.42 -30.39 50.92
N GLY X 19 -65.72 -30.28 52.05
CA GLY X 19 -64.54 -29.44 52.09
C GLY X 19 -63.35 -30.07 51.39
N SER X 20 -63.12 -31.35 51.63
CA SER X 20 -62.03 -32.03 50.94
C SER X 20 -62.42 -32.39 49.52
N GLY X 21 -63.72 -32.37 49.23
CA GLY X 21 -64.18 -32.73 47.89
C GLY X 21 -63.88 -31.66 46.87
N ALA X 22 -63.56 -30.45 47.32
CA ALA X 22 -63.13 -29.41 46.39
C ALA X 22 -61.79 -28.82 46.78
N GLY X 23 -61.33 -29.11 48.00
CA GLY X 23 -59.99 -28.72 48.36
C GLY X 23 -58.94 -29.55 47.65
N ILE X 24 -59.35 -30.69 47.10
CA ILE X 24 -58.42 -31.46 46.28
C ILE X 24 -58.49 -30.99 44.83
N GLY X 25 -59.49 -30.17 44.50
CA GLY X 25 -59.53 -29.60 43.17
C GLY X 25 -58.59 -28.43 43.00
N THR X 26 -58.34 -27.70 44.08
CA THR X 26 -57.47 -26.52 44.00
C THR X 26 -56.01 -26.92 43.85
N VAL X 27 -55.54 -27.83 44.69
CA VAL X 27 -54.12 -28.16 44.71
C VAL X 27 -53.75 -28.99 43.49
N PHE X 28 -54.71 -29.69 42.91
CA PHE X 28 -54.42 -30.32 41.63
C PHE X 28 -54.83 -29.41 40.48
N GLY X 29 -55.35 -28.23 40.80
CA GLY X 29 -55.44 -27.18 39.80
C GLY X 29 -54.35 -26.14 39.96
N SER X 30 -53.38 -26.41 40.82
CA SER X 30 -52.29 -25.46 41.00
C SER X 30 -50.96 -26.11 40.67
N MET X 31 -51.00 -27.35 40.16
CA MET X 31 -49.80 -27.93 39.60
C MET X 31 -49.93 -28.06 38.09
N ILE X 32 -51.14 -27.85 37.57
CA ILE X 32 -51.29 -27.60 36.14
C ILE X 32 -50.61 -26.28 35.77
N ILE X 33 -50.56 -25.33 36.70
CA ILE X 33 -50.04 -24.00 36.35
C ILE X 33 -48.61 -23.82 36.88
N GLY X 34 -48.18 -24.68 37.80
CA GLY X 34 -46.82 -24.57 38.27
C GLY X 34 -45.89 -25.47 37.50
N TYR X 35 -46.43 -26.39 36.72
CA TYR X 35 -45.62 -27.13 35.76
C TYR X 35 -45.61 -26.42 34.41
N ALA X 36 -46.65 -25.62 34.12
CA ALA X 36 -46.69 -24.87 32.88
C ALA X 36 -45.61 -23.79 32.83
N ARG X 37 -45.39 -23.09 33.94
CA ARG X 37 -44.42 -22.01 33.97
C ARG X 37 -43.00 -22.55 33.95
N ASN X 38 -42.69 -23.49 34.82
CA ASN X 38 -41.34 -23.98 34.94
C ASN X 38 -41.40 -25.50 34.90
N PRO X 39 -41.09 -26.12 33.81
CA PRO X 39 -41.01 -27.58 33.77
C PRO X 39 -39.85 -28.16 34.58
N SER X 40 -40.08 -28.29 35.89
CA SER X 40 -39.25 -29.05 36.81
C SER X 40 -40.11 -29.87 37.77
N LEU X 41 -41.06 -30.66 37.25
CA LEU X 41 -42.03 -31.32 38.12
C LEU X 41 -41.41 -32.50 38.86
N LYS X 42 -40.37 -33.11 38.29
CA LYS X 42 -39.84 -34.38 38.78
C LYS X 42 -39.15 -34.24 40.12
N GLN X 43 -38.75 -33.02 40.48
CA GLN X 43 -38.30 -32.66 41.81
C GLN X 43 -39.53 -32.40 42.67
N GLN X 44 -39.38 -31.55 43.69
CA GLN X 44 -40.41 -31.20 44.67
C GLN X 44 -41.78 -30.87 44.07
N LEU X 45 -41.86 -30.50 42.79
CA LEU X 45 -43.06 -29.86 42.29
C LEU X 45 -44.19 -30.85 42.00
N PHE X 46 -43.95 -32.15 42.16
CA PHE X 46 -45.07 -33.10 42.15
C PHE X 46 -45.30 -33.68 43.53
N SER X 47 -44.23 -33.87 44.28
CA SER X 47 -44.35 -34.44 45.61
C SER X 47 -44.87 -33.43 46.62
N TYR X 48 -45.08 -32.20 46.18
CA TYR X 48 -45.72 -31.22 47.03
C TYR X 48 -47.21 -31.15 46.76
N ALA X 49 -47.70 -31.93 45.80
CA ALA X 49 -49.14 -31.99 45.58
C ALA X 49 -49.75 -33.24 46.19
N ILE X 50 -49.01 -34.36 46.15
CA ILE X 50 -49.44 -35.59 46.82
C ILE X 50 -49.33 -35.44 48.33
N LEU X 51 -48.26 -34.82 48.80
CA LEU X 51 -48.18 -34.40 50.19
C LEU X 51 -49.23 -33.34 50.50
N GLY X 52 -49.64 -32.58 49.49
CA GLY X 52 -50.81 -31.74 49.65
C GLY X 52 -52.09 -32.55 49.65
N PHE X 53 -52.08 -33.70 48.98
CA PHE X 53 -53.28 -34.52 48.88
C PHE X 53 -53.44 -35.44 50.09
N ALA X 54 -52.32 -35.93 50.62
CA ALA X 54 -52.38 -36.76 51.81
C ALA X 54 -52.88 -35.98 53.01
N LEU X 55 -52.40 -34.75 53.17
CA LEU X 55 -52.79 -33.97 54.34
C LEU X 55 -54.07 -33.18 54.08
N SER X 56 -54.76 -33.48 52.97
CA SER X 56 -56.09 -32.89 52.78
C SER X 56 -57.14 -33.96 52.54
N GLU X 57 -56.74 -35.16 52.13
CA GLU X 57 -57.68 -36.27 52.12
C GLU X 57 -57.55 -37.08 53.40
N ALA X 58 -56.73 -36.60 54.34
CA ALA X 58 -56.83 -37.08 55.71
C ALA X 58 -58.11 -36.59 56.37
N MET X 59 -58.73 -35.53 55.82
CA MET X 59 -59.85 -34.89 56.49
C MET X 59 -61.16 -35.15 55.75
N GLY X 60 -61.10 -35.85 54.64
CA GLY X 60 -62.33 -36.22 53.96
C GLY X 60 -62.99 -37.43 54.59
N LEU X 61 -62.22 -38.50 54.77
CA LEU X 61 -62.75 -39.71 55.39
C LEU X 61 -62.67 -39.63 56.92
N PHE X 62 -62.14 -38.52 57.44
CA PHE X 62 -62.04 -38.31 58.87
C PHE X 62 -63.41 -38.10 59.47
N CYS X 63 -64.27 -37.44 58.69
CA CYS X 63 -65.59 -37.10 59.20
C CYS X 63 -66.60 -38.22 58.95
N LEU X 64 -66.43 -38.97 57.85
CA LEU X 64 -67.31 -40.10 57.58
C LEU X 64 -67.05 -41.25 58.55
N MET X 65 -65.87 -41.27 59.17
CA MET X 65 -65.63 -42.22 60.26
C MET X 65 -66.50 -41.88 61.47
N VAL X 66 -66.80 -40.59 61.68
CA VAL X 66 -67.68 -40.21 62.77
C VAL X 66 -69.13 -40.52 62.41
N ALA X 67 -69.50 -40.34 61.14
CA ALA X 67 -70.86 -40.65 60.70
C ALA X 67 -71.12 -42.14 60.71
N PHE X 68 -70.07 -42.96 60.70
CA PHE X 68 -70.24 -44.39 60.96
C PHE X 68 -70.36 -44.66 62.45
N LEU X 69 -69.53 -44.00 63.26
CA LEU X 69 -69.52 -44.30 64.70
C LEU X 69 -70.73 -43.70 65.41
N ILE X 70 -71.51 -42.87 64.71
CA ILE X 70 -72.81 -42.46 65.25
C ILE X 70 -73.91 -43.39 64.75
N LEU X 71 -73.62 -44.19 63.74
CA LEU X 71 -74.65 -45.07 63.19
C LEU X 71 -74.66 -46.41 63.92
N PHE X 72 -73.50 -47.03 64.08
CA PHE X 72 -73.42 -48.33 64.74
C PHE X 72 -72.51 -48.29 65.96
N ILE Y 1 -92.28 -43.28 61.16
CA ILE Y 1 -91.55 -42.35 62.01
C ILE Y 1 -90.15 -42.13 61.49
N ASP Y 2 -89.40 -43.22 61.27
CA ASP Y 2 -88.07 -43.09 60.69
C ASP Y 2 -88.14 -43.06 59.17
N THR Y 3 -89.35 -43.17 58.61
CA THR Y 3 -89.55 -43.11 57.17
C THR Y 3 -89.16 -41.74 56.62
N ALA Y 4 -89.46 -40.68 57.36
CA ALA Y 4 -88.88 -39.37 57.04
C ALA Y 4 -87.40 -39.34 57.36
N ALA Y 5 -86.98 -40.02 58.43
CA ALA Y 5 -85.57 -40.04 58.82
C ALA Y 5 -84.75 -40.87 57.84
N LYS Y 6 -85.41 -41.80 57.14
CA LYS Y 6 -84.79 -42.38 55.95
C LYS Y 6 -84.55 -41.32 54.89
N PHE Y 7 -85.39 -40.30 54.83
CA PHE Y 7 -85.33 -39.37 53.71
C PHE Y 7 -84.29 -38.27 53.94
N ILE Y 8 -84.39 -37.58 55.08
CA ILE Y 8 -83.56 -36.39 55.26
C ILE Y 8 -82.11 -36.77 55.51
N GLY Y 9 -81.88 -37.91 56.17
CA GLY Y 9 -80.53 -38.42 56.29
C GLY Y 9 -79.93 -38.79 54.95
N ALA Y 10 -80.79 -39.17 54.01
CA ALA Y 10 -80.38 -39.23 52.62
C ALA Y 10 -80.46 -37.86 51.97
N GLY Y 11 -81.41 -37.03 52.39
CA GLY Y 11 -81.58 -35.73 51.76
C GLY Y 11 -80.52 -34.74 52.17
N ALA Y 12 -79.86 -34.98 53.30
CA ALA Y 12 -78.74 -34.14 53.69
C ALA Y 12 -77.42 -34.70 53.19
N ALA Y 13 -77.39 -36.00 52.90
CA ALA Y 13 -76.15 -36.63 52.51
C ALA Y 13 -75.72 -36.22 51.11
N THR Y 14 -76.67 -35.73 50.31
CA THR Y 14 -76.39 -35.49 48.90
C THR Y 14 -75.68 -34.16 48.69
N VAL Y 15 -75.73 -33.25 49.66
CA VAL Y 15 -75.19 -31.91 49.43
C VAL Y 15 -73.71 -31.89 49.80
N GLY Y 16 -73.18 -33.02 50.24
CA GLY Y 16 -71.74 -33.11 50.40
C GLY Y 16 -71.01 -33.30 49.08
N VAL Y 17 -71.75 -33.48 47.98
CA VAL Y 17 -71.10 -33.56 46.68
C VAL Y 17 -70.83 -32.16 46.15
N ALA Y 18 -71.46 -31.16 46.78
CA ALA Y 18 -71.48 -29.80 46.25
C ALA Y 18 -70.11 -29.13 46.31
N GLY Y 19 -69.21 -29.69 47.11
CA GLY Y 19 -67.81 -29.36 46.94
C GLY Y 19 -67.31 -29.73 45.56
N SER Y 20 -67.38 -31.02 45.20
CA SER Y 20 -66.72 -31.49 44.00
C SER Y 20 -67.44 -31.08 42.73
N GLY Y 21 -68.64 -30.51 42.86
CA GLY Y 21 -69.23 -29.81 41.74
C GLY Y 21 -68.49 -28.53 41.41
N ALA Y 22 -67.80 -27.96 42.39
CA ALA Y 22 -66.98 -26.80 42.13
C ALA Y 22 -65.50 -27.15 42.05
N GLY Y 23 -65.11 -28.26 42.67
CA GLY Y 23 -63.70 -28.63 42.72
C GLY Y 23 -63.14 -29.03 41.37
N ILE Y 24 -63.99 -29.55 40.49
CA ILE Y 24 -63.54 -29.79 39.12
C ILE Y 24 -63.71 -28.51 38.30
N GLY Y 25 -64.46 -27.54 38.82
CA GLY Y 25 -64.54 -26.26 38.13
C GLY Y 25 -63.25 -25.48 38.25
N THR Y 26 -62.52 -25.70 39.34
CA THR Y 26 -61.19 -25.13 39.45
C THR Y 26 -60.26 -25.72 38.42
N VAL Y 27 -60.21 -27.05 38.33
CA VAL Y 27 -59.11 -27.71 37.65
C VAL Y 27 -59.28 -27.62 36.13
N PHE Y 28 -60.46 -27.24 35.65
CA PHE Y 28 -60.61 -27.00 34.22
C PHE Y 28 -60.48 -25.51 33.89
N GLY Y 29 -60.90 -24.64 34.79
CA GLY Y 29 -60.57 -23.24 34.63
C GLY Y 29 -59.10 -22.96 34.85
N SER Y 30 -58.44 -23.78 35.67
CA SER Y 30 -57.03 -23.53 35.95
C SER Y 30 -56.15 -24.22 34.92
N MET Y 31 -56.74 -24.87 33.93
CA MET Y 31 -55.91 -25.52 32.94
C MET Y 31 -55.72 -24.63 31.72
N ILE Y 32 -56.76 -23.88 31.36
CA ILE Y 32 -56.69 -23.01 30.19
C ILE Y 32 -55.72 -21.85 30.43
N ILE Y 33 -55.59 -21.39 31.68
CA ILE Y 33 -54.55 -20.39 31.97
C ILE Y 33 -53.21 -21.06 32.24
N GLY Y 34 -53.18 -22.39 32.31
CA GLY Y 34 -51.91 -23.07 32.24
C GLY Y 34 -51.57 -23.44 30.82
N TYR Y 35 -52.52 -23.24 29.91
CA TYR Y 35 -52.32 -23.66 28.53
C TYR Y 35 -52.03 -22.47 27.63
N ALA Y 36 -52.71 -21.35 27.88
CA ALA Y 36 -52.51 -20.16 27.04
C ALA Y 36 -51.13 -19.56 27.25
N ARG Y 37 -50.51 -19.82 28.40
CA ARG Y 37 -49.13 -19.44 28.59
C ARG Y 37 -48.21 -20.32 27.76
N ASN Y 38 -48.47 -21.62 27.74
CA ASN Y 38 -47.51 -22.57 27.21
C ASN Y 38 -48.22 -23.61 26.37
N PRO Y 39 -48.35 -23.43 25.04
CA PRO Y 39 -49.08 -24.40 24.20
C PRO Y 39 -48.33 -25.70 23.93
N SER Y 40 -48.26 -26.55 24.93
CA SER Y 40 -47.71 -27.90 24.85
C SER Y 40 -48.70 -28.91 25.42
N LEU Y 41 -49.95 -28.88 24.94
CA LEU Y 41 -51.05 -29.59 25.59
C LEU Y 41 -50.89 -31.10 25.54
N LYS Y 42 -50.18 -31.61 24.54
CA LYS Y 42 -50.08 -33.06 24.37
C LYS Y 42 -49.11 -33.67 25.37
N GLN Y 43 -48.36 -32.81 26.06
CA GLN Y 43 -47.51 -33.23 27.16
C GLN Y 43 -48.32 -33.41 28.43
N GLN Y 44 -47.61 -33.45 29.56
CA GLN Y 44 -48.20 -33.90 30.80
C GLN Y 44 -49.15 -32.88 31.43
N LEU Y 45 -49.39 -31.75 30.78
CA LEU Y 45 -50.33 -30.77 31.33
C LEU Y 45 -51.77 -31.26 31.22
N PHE Y 46 -52.12 -31.89 30.10
CA PHE Y 46 -53.47 -32.44 30.00
C PHE Y 46 -53.63 -33.72 30.82
N SER Y 47 -52.52 -34.43 31.04
CA SER Y 47 -52.59 -35.63 31.85
C SER Y 47 -52.77 -35.30 33.34
N TYR Y 48 -52.50 -34.06 33.73
CA TYR Y 48 -52.79 -33.66 35.09
C TYR Y 48 -54.16 -33.02 35.20
N ALA Y 49 -54.88 -32.96 34.09
CA ALA Y 49 -56.26 -32.50 34.17
C ALA Y 49 -57.19 -33.66 34.53
N ILE Y 50 -56.87 -34.86 34.05
CA ILE Y 50 -57.75 -36.01 34.23
C ILE Y 50 -57.50 -36.67 35.56
N LEU Y 51 -56.23 -36.81 35.96
CA LEU Y 51 -55.92 -37.35 37.27
C LEU Y 51 -56.40 -36.42 38.38
N GLY Y 52 -56.37 -35.11 38.13
CA GLY Y 52 -57.02 -34.19 39.04
C GLY Y 52 -58.54 -34.28 38.97
N PHE Y 53 -59.07 -34.63 37.81
CA PHE Y 53 -60.51 -34.85 37.68
C PHE Y 53 -60.91 -36.15 38.38
N ALA Y 54 -60.14 -37.21 38.16
CA ALA Y 54 -60.51 -38.53 38.68
C ALA Y 54 -60.35 -38.59 40.20
N LEU Y 55 -59.32 -37.93 40.72
CA LEU Y 55 -59.12 -37.92 42.17
C LEU Y 55 -60.14 -37.01 42.85
N SER Y 56 -60.75 -36.10 42.09
CA SER Y 56 -61.80 -35.28 42.66
C SER Y 56 -63.16 -35.97 42.55
N GLU Y 57 -63.38 -36.74 41.49
CA GLU Y 57 -64.63 -37.49 41.38
C GLU Y 57 -64.58 -38.74 42.24
N ALA Y 58 -63.37 -39.19 42.60
CA ALA Y 58 -63.24 -40.26 43.59
C ALA Y 58 -63.75 -39.79 44.95
N MET Y 59 -63.48 -38.54 45.31
CA MET Y 59 -64.10 -37.96 46.50
C MET Y 59 -65.45 -37.33 46.15
N GLY Y 60 -65.90 -37.47 44.91
CA GLY Y 60 -67.20 -36.93 44.55
C GLY Y 60 -68.32 -37.93 44.73
N LEU Y 61 -68.19 -39.12 44.13
CA LEU Y 61 -69.32 -40.02 44.01
C LEU Y 61 -69.57 -40.78 45.31
N PHE Y 62 -68.53 -41.01 46.09
CA PHE Y 62 -68.69 -41.86 47.28
C PHE Y 62 -69.30 -41.09 48.44
N CYS Y 63 -69.59 -39.80 48.23
CA CYS Y 63 -70.50 -39.12 49.12
C CYS Y 63 -71.95 -39.52 48.82
N LEU Y 64 -72.22 -39.94 47.58
CA LEU Y 64 -73.55 -40.47 47.28
C LEU Y 64 -73.65 -41.94 47.66
N MET Y 65 -72.52 -42.56 48.03
CA MET Y 65 -72.54 -43.93 48.56
C MET Y 65 -73.28 -43.99 49.88
N VAL Y 66 -73.09 -42.98 50.73
CA VAL Y 66 -73.75 -42.97 52.04
C VAL Y 66 -75.21 -42.54 51.87
N ALA Y 67 -75.56 -42.00 50.71
CA ALA Y 67 -76.95 -41.62 50.47
C ALA Y 67 -77.84 -42.84 50.28
N PHE Y 68 -77.40 -43.81 49.48
CA PHE Y 68 -78.25 -44.96 49.19
C PHE Y 68 -78.33 -45.91 50.37
N LEU Y 69 -77.26 -46.02 51.16
CA LEU Y 69 -77.24 -46.94 52.30
C LEU Y 69 -78.22 -46.51 53.37
N ILE Y 70 -78.42 -45.21 53.52
CA ILE Y 70 -79.45 -44.71 54.42
C ILE Y 70 -80.83 -45.02 53.85
N LEU Y 71 -80.97 -44.94 52.52
CA LEU Y 71 -82.21 -45.37 51.90
C LEU Y 71 -82.36 -46.89 51.97
N PHE Y 72 -81.47 -47.62 51.31
CA PHE Y 72 -81.61 -49.07 51.20
C PHE Y 72 -80.76 -49.78 52.25
N ILE Z 1 -97.96 -37.00 56.58
CA ILE Z 1 -96.64 -37.52 56.91
C ILE Z 1 -95.97 -38.04 55.63
N ASP Z 2 -96.78 -38.41 54.63
CA ASP Z 2 -96.19 -38.88 53.38
C ASP Z 2 -95.67 -37.72 52.55
N THR Z 3 -96.52 -36.71 52.31
CA THR Z 3 -96.11 -35.55 51.53
C THR Z 3 -95.23 -34.64 52.39
N ALA Z 4 -95.28 -34.81 53.71
CA ALA Z 4 -94.34 -34.11 54.58
C ALA Z 4 -92.93 -34.63 54.41
N ALA Z 5 -92.77 -35.95 54.30
CA ALA Z 5 -91.43 -36.52 54.26
C ALA Z 5 -90.79 -36.34 52.89
N LYS Z 6 -91.59 -36.33 51.83
CA LYS Z 6 -91.06 -36.34 50.48
C LYS Z 6 -90.41 -35.01 50.12
N PHE Z 7 -91.05 -33.90 50.48
CA PHE Z 7 -90.66 -32.62 49.92
C PHE Z 7 -89.40 -32.06 50.56
N ILE Z 8 -89.16 -32.36 51.84
CA ILE Z 8 -87.98 -31.80 52.50
C ILE Z 8 -86.78 -32.72 52.32
N GLY Z 9 -86.98 -33.84 51.63
CA GLY Z 9 -85.86 -34.55 51.07
C GLY Z 9 -85.55 -34.09 49.65
N ALA Z 10 -86.51 -33.40 49.03
CA ALA Z 10 -86.34 -32.96 47.64
C ALA Z 10 -85.71 -31.58 47.58
N GLY Z 11 -86.12 -30.67 48.45
CA GLY Z 11 -85.53 -29.35 48.47
C GLY Z 11 -84.11 -29.37 48.99
N ALA Z 12 -83.82 -30.25 49.93
CA ALA Z 12 -82.49 -30.30 50.52
C ALA Z 12 -81.52 -31.05 49.63
N ALA Z 13 -81.99 -31.57 48.51
CA ALA Z 13 -81.09 -32.20 47.54
C ALA Z 13 -80.72 -31.22 46.43
N THR Z 14 -81.56 -30.20 46.21
CA THR Z 14 -81.37 -29.30 45.09
C THR Z 14 -80.37 -28.20 45.47
N VAL Z 15 -79.87 -28.24 46.70
CA VAL Z 15 -78.83 -27.32 47.14
C VAL Z 15 -77.52 -27.73 46.47
N GLY Z 16 -77.36 -29.02 46.22
CA GLY Z 16 -76.12 -29.51 45.66
C GLY Z 16 -75.95 -29.21 44.18
N VAL Z 17 -77.04 -28.84 43.51
CA VAL Z 17 -76.97 -28.60 42.06
C VAL Z 17 -76.63 -27.15 41.76
N ALA Z 18 -76.68 -26.30 42.76
CA ALA Z 18 -76.08 -24.97 42.64
C ALA Z 18 -74.73 -24.98 43.33
N GLY Z 19 -74.32 -26.17 43.81
CA GLY Z 19 -72.96 -26.33 44.31
C GLY Z 19 -71.96 -26.49 43.19
N SER Z 20 -72.43 -26.65 41.95
CA SER Z 20 -71.53 -26.68 40.81
C SER Z 20 -71.63 -25.40 39.98
N GLY Z 21 -72.45 -24.46 40.42
CA GLY Z 21 -72.41 -23.14 39.79
C GLY Z 21 -71.15 -22.38 40.14
N ALA Z 22 -70.60 -22.63 41.33
CA ALA Z 22 -69.39 -21.95 41.75
C ALA Z 22 -68.17 -22.47 41.02
N GLY Z 23 -68.29 -23.60 40.34
CA GLY Z 23 -67.20 -24.09 39.51
C GLY Z 23 -67.16 -23.44 38.14
N ILE Z 24 -68.33 -23.25 37.52
CA ILE Z 24 -68.36 -22.64 36.19
C ILE Z 24 -68.20 -21.14 36.29
N GLY Z 25 -68.28 -20.59 37.50
CA GLY Z 25 -67.73 -19.27 37.70
C GLY Z 25 -66.24 -19.24 37.42
N THR Z 26 -65.54 -20.29 37.85
CA THR Z 26 -64.12 -20.36 37.57
C THR Z 26 -63.86 -20.80 36.15
N VAL Z 27 -64.68 -21.71 35.61
CA VAL Z 27 -64.45 -22.23 34.26
C VAL Z 27 -64.68 -21.14 33.22
N PHE Z 28 -65.82 -20.47 33.27
CA PHE Z 28 -66.12 -19.44 32.31
C PHE Z 28 -65.36 -18.17 32.64
N GLY Z 29 -64.95 -18.01 33.90
CA GLY Z 29 -64.27 -16.80 34.30
C GLY Z 29 -62.77 -16.84 34.03
N SER Z 30 -62.14 -18.00 34.19
CA SER Z 30 -60.71 -18.07 33.97
C SER Z 30 -60.38 -18.21 32.50
N MET Z 31 -61.37 -18.14 31.62
CA MET Z 31 -61.09 -18.00 30.21
C MET Z 31 -60.60 -16.60 29.90
N ILE Z 32 -61.00 -15.64 30.74
CA ILE Z 32 -60.69 -14.23 30.53
C ILE Z 32 -59.19 -14.00 30.65
N ILE Z 33 -58.59 -14.53 31.71
CA ILE Z 33 -57.18 -14.27 31.98
C ILE Z 33 -56.30 -15.08 31.04
N GLY Z 34 -56.86 -16.12 30.41
CA GLY Z 34 -56.09 -16.83 29.42
C GLY Z 34 -56.15 -16.17 28.05
N TYR Z 35 -57.30 -15.59 27.73
CA TYR Z 35 -57.51 -15.02 26.39
C TYR Z 35 -56.72 -13.75 26.19
N ALA Z 36 -56.43 -13.03 27.29
CA ALA Z 36 -55.72 -11.75 27.19
C ALA Z 36 -54.23 -11.94 27.02
N ARG Z 37 -53.67 -13.05 27.52
CA ARG Z 37 -52.26 -13.29 27.28
C ARG Z 37 -52.04 -13.69 25.83
N ASN Z 38 -52.92 -14.52 25.28
CA ASN Z 38 -52.72 -15.09 23.96
C ASN Z 38 -54.05 -15.10 23.22
N PRO Z 39 -54.17 -14.42 22.09
CA PRO Z 39 -55.40 -14.58 21.28
C PRO Z 39 -55.31 -15.64 20.19
N SER Z 40 -55.18 -16.89 20.60
CA SER Z 40 -55.41 -18.02 19.71
C SER Z 40 -56.78 -18.62 19.98
N LEU Z 41 -57.81 -17.94 19.49
CA LEU Z 41 -59.16 -18.02 20.07
C LEU Z 41 -59.90 -19.29 19.68
N LYS Z 42 -60.03 -19.54 18.37
CA LYS Z 42 -60.80 -20.70 17.92
C LYS Z 42 -59.97 -22.00 17.96
N GLN Z 43 -58.87 -22.01 18.72
CA GLN Z 43 -58.04 -23.17 19.00
C GLN Z 43 -58.75 -23.97 20.09
N GLN Z 44 -58.04 -24.87 20.75
CA GLN Z 44 -58.62 -25.64 21.84
C GLN Z 44 -58.95 -24.80 23.07
N LEU Z 45 -58.59 -23.51 23.06
CA LEU Z 45 -58.80 -22.59 24.17
C LEU Z 45 -60.28 -22.46 24.53
N PHE Z 46 -61.13 -22.08 23.57
CA PHE Z 46 -62.56 -22.02 23.85
C PHE Z 46 -63.14 -23.42 23.94
N SER Z 47 -62.52 -24.39 23.29
CA SER Z 47 -63.06 -25.74 23.32
C SER Z 47 -62.69 -26.47 24.60
N TYR Z 48 -61.58 -26.08 25.25
CA TYR Z 48 -61.31 -26.63 26.57
C TYR Z 48 -62.29 -26.10 27.61
N ALA Z 49 -62.89 -24.94 27.32
CA ALA Z 49 -63.94 -24.41 28.19
C ALA Z 49 -65.19 -25.28 28.12
N ILE Z 50 -65.53 -25.79 26.93
CA ILE Z 50 -66.68 -26.68 26.79
C ILE Z 50 -66.42 -28.00 27.49
N LEU Z 51 -65.16 -28.46 27.50
CA LEU Z 51 -64.82 -29.62 28.33
C LEU Z 51 -64.87 -29.26 29.82
N GLY Z 52 -64.77 -27.98 30.15
CA GLY Z 52 -65.02 -27.58 31.52
C GLY Z 52 -66.49 -27.29 31.78
N PHE Z 53 -67.16 -26.64 30.83
CA PHE Z 53 -68.51 -26.13 31.06
C PHE Z 53 -69.53 -27.25 31.17
N ALA Z 54 -69.37 -28.31 30.36
CA ALA Z 54 -70.38 -29.36 30.35
C ALA Z 54 -69.98 -30.53 31.22
N LEU Z 55 -68.75 -30.55 31.73
CA LEU Z 55 -68.39 -31.57 32.72
C LEU Z 55 -68.69 -31.08 34.12
N SER Z 56 -68.58 -29.77 34.36
CA SER Z 56 -68.96 -29.23 35.66
C SER Z 56 -70.47 -29.13 35.81
N GLU Z 57 -71.17 -28.91 34.69
CA GLU Z 57 -72.63 -29.03 34.70
C GLU Z 57 -73.05 -30.49 34.84
N ALA Z 58 -72.16 -31.42 34.49
CA ALA Z 58 -72.47 -32.85 34.60
C ALA Z 58 -72.45 -33.31 36.05
N MET Z 59 -71.89 -32.50 36.95
CA MET Z 59 -72.12 -32.73 38.37
C MET Z 59 -73.28 -31.87 38.85
N GLY Z 60 -73.66 -30.87 38.06
CA GLY Z 60 -74.84 -30.08 38.40
C GLY Z 60 -76.12 -30.82 38.10
N LEU Z 61 -76.24 -31.40 36.90
CA LEU Z 61 -77.42 -32.20 36.58
C LEU Z 61 -77.27 -33.64 37.05
N PHE Z 62 -76.23 -33.91 37.84
CA PHE Z 62 -76.12 -35.20 38.52
C PHE Z 62 -77.21 -35.36 39.56
N CYS Z 63 -77.25 -34.46 40.54
CA CYS Z 63 -78.10 -34.69 41.72
C CYS Z 63 -79.55 -34.38 41.42
N LEU Z 64 -79.83 -33.70 40.31
CA LEU Z 64 -81.20 -33.26 40.03
C LEU Z 64 -82.12 -34.43 39.69
N MET Z 65 -81.57 -35.51 39.13
CA MET Z 65 -82.35 -36.72 38.99
C MET Z 65 -82.56 -37.39 40.34
N VAL Z 66 -81.57 -37.30 41.23
CA VAL Z 66 -81.64 -37.93 42.56
C VAL Z 66 -82.67 -37.22 43.43
N ALA Z 67 -82.87 -35.93 43.21
CA ALA Z 67 -83.97 -35.24 43.85
C ALA Z 67 -85.31 -35.74 43.32
N PHE Z 68 -85.42 -35.91 42.00
CA PHE Z 68 -86.65 -36.45 41.45
C PHE Z 68 -86.73 -37.96 41.61
N LEU Z 69 -85.64 -38.59 42.05
CA LEU Z 69 -85.69 -40.00 42.43
C LEU Z 69 -86.42 -40.16 43.76
N ILE Z 70 -86.43 -39.10 44.58
CA ILE Z 70 -87.08 -39.14 45.89
C ILE Z 70 -88.30 -38.20 45.89
N LEU Z 71 -88.64 -37.64 44.74
CA LEU Z 71 -89.97 -37.07 44.62
C LEU Z 71 -91.02 -38.18 44.60
N PHE Z 72 -90.72 -39.29 43.93
CA PHE Z 72 -91.67 -40.38 43.77
C PHE Z 72 -91.37 -41.54 44.70
N ILE AA 1 -99.61 -30.79 59.03
CA ILE AA 1 -98.30 -31.40 58.85
C ILE AA 1 -97.82 -31.10 57.43
N ASP AA 2 -98.77 -30.73 56.56
CA ASP AA 2 -98.40 -30.29 55.22
C ASP AA 2 -97.77 -28.91 55.27
N THR AA 3 -98.24 -28.06 56.19
CA THR AA 3 -97.71 -26.71 56.29
C THR AA 3 -96.30 -26.70 56.87
N ALA AA 4 -95.98 -27.70 57.71
CA ALA AA 4 -94.67 -27.74 58.35
C ALA AA 4 -93.61 -28.24 57.39
N ALA AA 5 -94.01 -28.71 56.21
CA ALA AA 5 -93.03 -29.21 55.26
C ALA AA 5 -92.80 -28.22 54.13
N LYS AA 6 -93.82 -27.44 53.76
CA LYS AA 6 -93.69 -26.55 52.62
C LYS AA 6 -92.76 -25.39 52.93
N PHE AA 7 -92.64 -25.01 54.21
CA PHE AA 7 -91.92 -23.78 54.56
C PHE AA 7 -90.47 -24.08 54.85
N ILE AA 8 -90.17 -25.27 55.36
CA ILE AA 8 -88.79 -25.69 55.53
C ILE AA 8 -88.19 -26.10 54.19
N GLY AA 9 -89.04 -26.55 53.26
CA GLY AA 9 -88.54 -27.03 51.98
C GLY AA 9 -87.97 -25.93 51.11
N ALA AA 10 -88.73 -24.84 50.94
CA ALA AA 10 -88.28 -23.75 50.07
C ALA AA 10 -87.11 -23.00 50.68
N GLY AA 11 -87.10 -22.86 52.01
CA GLY AA 11 -85.99 -22.20 52.67
C GLY AA 11 -84.72 -23.04 52.62
N ALA AA 12 -84.87 -24.36 52.58
CA ALA AA 12 -83.73 -25.20 52.29
C ALA AA 12 -83.31 -25.05 50.83
N ALA AA 13 -84.29 -24.82 49.94
CA ALA AA 13 -83.97 -24.79 48.52
C ALA AA 13 -83.37 -23.46 48.09
N THR AA 14 -83.28 -22.50 49.02
CA THR AA 14 -82.76 -21.18 48.68
C THR AA 14 -81.25 -21.11 48.91
N VAL AA 15 -80.73 -22.07 49.67
CA VAL AA 15 -79.35 -22.11 50.14
C VAL AA 15 -78.36 -22.13 49.00
N GLY AA 16 -78.73 -22.76 47.89
CA GLY AA 16 -77.77 -23.02 46.83
C GLY AA 16 -77.34 -21.78 46.08
N VAL AA 17 -78.18 -20.74 46.07
CA VAL AA 17 -77.94 -19.56 45.24
C VAL AA 17 -76.75 -18.77 45.78
N ALA AA 18 -76.41 -19.00 47.06
CA ALA AA 18 -75.14 -18.57 47.63
C ALA AA 18 -73.95 -19.14 46.88
N GLY AA 19 -74.09 -20.33 46.32
CA GLY AA 19 -73.05 -20.84 45.45
C GLY AA 19 -72.92 -20.04 44.16
N SER AA 20 -74.02 -19.44 43.69
CA SER AA 20 -73.98 -18.73 42.43
C SER AA 20 -73.27 -17.39 42.55
N GLY AA 21 -73.55 -16.64 43.62
CA GLY AA 21 -72.90 -15.36 43.81
C GLY AA 21 -71.42 -15.51 44.11
N ALA AA 22 -71.03 -16.65 44.66
CA ALA AA 22 -69.64 -16.84 45.06
C ALA AA 22 -68.78 -17.24 43.87
N GLY AA 23 -69.42 -17.53 42.74
CA GLY AA 23 -68.66 -17.66 41.51
C GLY AA 23 -68.82 -16.46 40.61
N ILE AA 24 -69.93 -15.73 40.76
CA ILE AA 24 -70.24 -14.63 39.86
C ILE AA 24 -69.41 -13.40 40.22
N GLY AA 25 -68.83 -13.40 41.41
CA GLY AA 25 -67.85 -12.38 41.72
C GLY AA 25 -66.52 -12.65 41.04
N THR AA 26 -66.28 -13.91 40.70
CA THR AA 26 -65.02 -14.24 40.04
C THR AA 26 -65.04 -13.84 38.57
N VAL AA 27 -66.23 -13.86 37.96
CA VAL AA 27 -66.31 -13.63 36.52
C VAL AA 27 -66.24 -12.14 36.21
N PHE AA 28 -66.35 -11.29 37.21
CA PHE AA 28 -65.97 -9.90 37.00
C PHE AA 28 -64.63 -9.61 37.67
N GLY AA 29 -64.24 -10.47 38.60
CA GLY AA 29 -62.94 -10.33 39.23
C GLY AA 29 -61.84 -10.93 38.38
N SER AA 30 -62.21 -11.54 37.27
CA SER AA 30 -61.20 -11.90 36.29
C SER AA 30 -61.19 -10.90 35.14
N MET AA 31 -62.25 -10.10 35.01
CA MET AA 31 -62.27 -9.13 33.92
C MET AA 31 -61.62 -7.82 34.36
N ILE AA 32 -61.59 -7.56 35.67
CA ILE AA 32 -60.78 -6.45 36.21
C ILE AA 32 -59.31 -6.68 35.92
N ILE AA 33 -58.81 -7.89 36.22
CA ILE AA 33 -57.43 -8.22 35.91
C ILE AA 33 -57.28 -8.52 34.42
N GLY AA 34 -58.39 -8.73 33.72
CA GLY AA 34 -58.29 -8.96 32.29
C GLY AA 34 -58.00 -7.69 31.51
N TYR AA 35 -58.80 -6.66 31.72
CA TYR AA 35 -58.65 -5.41 30.98
C TYR AA 35 -57.42 -4.64 31.47
N ALA AA 36 -56.99 -4.89 32.70
CA ALA AA 36 -55.85 -4.15 33.24
C ALA AA 36 -54.52 -4.72 32.76
N ARG AA 37 -54.56 -5.81 31.99
CA ARG AA 37 -53.33 -6.28 31.37
C ARG AA 37 -53.25 -5.86 29.91
N ASN AA 38 -54.38 -5.87 29.21
CA ASN AA 38 -54.44 -5.66 27.78
C ASN AA 38 -55.77 -4.96 27.50
N PRO AA 39 -55.77 -3.67 27.21
CA PRO AA 39 -57.04 -2.95 26.97
C PRO AA 39 -57.76 -3.41 25.70
N SER AA 40 -58.43 -4.55 25.81
CA SER AA 40 -59.24 -5.17 24.78
C SER AA 40 -60.69 -5.25 25.22
N LEU AA 41 -61.21 -4.13 25.73
CA LEU AA 41 -62.52 -4.08 26.36
C LEU AA 41 -63.65 -4.21 25.35
N LYS AA 42 -63.68 -3.35 24.33
CA LYS AA 42 -64.81 -3.26 23.41
C LYS AA 42 -64.92 -4.49 22.51
N GLN AA 43 -63.82 -5.22 22.36
CA GLN AA 43 -63.82 -6.52 21.70
C GLN AA 43 -64.25 -7.61 22.68
N GLN AA 44 -63.96 -8.88 22.35
CA GLN AA 44 -64.72 -10.04 22.83
C GLN AA 44 -64.65 -10.25 24.34
N LEU AA 45 -63.81 -9.50 25.06
CA LEU AA 45 -63.58 -9.80 26.48
C LEU AA 45 -64.79 -9.44 27.33
N PHE AA 46 -65.34 -8.23 27.13
CA PHE AA 46 -66.44 -7.79 27.97
C PHE AA 46 -67.71 -8.57 27.67
N SER AA 47 -67.87 -9.04 26.44
CA SER AA 47 -69.06 -9.79 26.07
C SER AA 47 -69.07 -11.17 26.73
N TYR AA 48 -67.87 -11.69 27.06
CA TYR AA 48 -67.79 -12.94 27.80
C TYR AA 48 -68.30 -12.77 29.22
N ALA AA 49 -68.08 -11.61 29.83
CA ALA AA 49 -68.62 -11.36 31.15
C ALA AA 49 -70.13 -11.18 31.09
N ILE AA 50 -70.64 -10.71 29.95
CA ILE AA 50 -72.09 -10.67 29.74
C ILE AA 50 -72.64 -12.07 29.61
N LEU AA 51 -71.89 -12.96 28.93
CA LEU AA 51 -72.26 -14.37 28.94
C LEU AA 51 -71.99 -14.98 30.31
N GLY AA 52 -70.94 -14.50 31.00
CA GLY AA 52 -70.56 -15.12 32.26
C GLY AA 52 -71.53 -14.82 33.39
N PHE AA 53 -72.13 -13.64 33.38
CA PHE AA 53 -73.20 -13.35 34.33
C PHE AA 53 -74.46 -14.09 33.93
N ALA AA 54 -74.72 -14.22 32.63
CA ALA AA 54 -75.97 -14.83 32.18
C ALA AA 54 -75.96 -16.35 32.40
N LEU AA 55 -74.79 -16.97 32.32
CA LEU AA 55 -74.74 -18.42 32.43
C LEU AA 55 -74.89 -18.89 33.87
N SER AA 56 -74.03 -18.40 34.76
CA SER AA 56 -73.98 -18.95 36.11
C SER AA 56 -75.19 -18.54 36.93
N GLU AA 57 -75.88 -17.47 36.51
CA GLU AA 57 -77.12 -17.11 37.18
C GLU AA 57 -78.24 -18.06 36.77
N ALA AA 58 -78.12 -18.66 35.59
CA ALA AA 58 -79.10 -19.66 35.17
C ALA AA 58 -78.93 -20.96 35.95
N MET AA 59 -77.71 -21.24 36.43
CA MET AA 59 -77.55 -22.29 37.42
C MET AA 59 -78.13 -21.86 38.76
N GLY AA 60 -78.20 -20.55 39.00
CA GLY AA 60 -78.68 -20.07 40.28
C GLY AA 60 -80.18 -19.86 40.31
N LEU AA 61 -80.73 -19.19 39.30
CA LEU AA 61 -82.12 -18.73 39.39
C LEU AA 61 -83.11 -19.86 39.20
N PHE AA 62 -82.68 -20.97 38.61
CA PHE AA 62 -83.53 -22.16 38.53
C PHE AA 62 -83.77 -22.76 39.92
N CYS AA 63 -82.78 -22.65 40.80
CA CYS AA 63 -82.91 -23.21 42.15
C CYS AA 63 -83.93 -22.44 42.96
N LEU AA 64 -84.13 -21.17 42.64
CA LEU AA 64 -85.20 -20.40 43.25
C LEU AA 64 -86.56 -20.89 42.76
N MET AA 65 -86.63 -21.29 41.48
CA MET AA 65 -87.88 -21.83 40.92
C MET AA 65 -88.22 -23.18 41.54
N VAL AA 66 -87.20 -23.90 42.00
CA VAL AA 66 -87.41 -25.13 42.77
C VAL AA 66 -88.10 -24.81 44.10
N ALA AA 67 -87.77 -23.66 44.69
CA ALA AA 67 -88.37 -23.30 45.97
C ALA AA 67 -89.84 -22.94 45.83
N PHE AA 68 -90.24 -22.48 44.64
CA PHE AA 68 -91.62 -22.00 44.46
C PHE AA 68 -92.60 -23.16 44.40
N LEU AA 69 -92.22 -24.27 43.75
CA LEU AA 69 -93.13 -25.39 43.59
C LEU AA 69 -93.28 -26.16 44.90
N ILE AA 70 -92.28 -26.06 45.78
CA ILE AA 70 -92.46 -26.54 47.15
C ILE AA 70 -93.41 -25.64 47.89
N LEU AA 71 -93.29 -24.32 47.70
CA LEU AA 71 -94.23 -23.39 48.31
C LEU AA 71 -95.60 -23.47 47.65
N PHE AA 72 -95.64 -23.68 46.34
CA PHE AA 72 -96.90 -23.87 45.64
C PHE AA 72 -97.01 -25.27 45.03
N ILE BA 1 -97.46 -24.85 66.51
CA ILE BA 1 -96.89 -25.71 65.47
C ILE BA 1 -97.06 -25.06 64.09
N ASP BA 2 -98.18 -24.36 63.91
CA ASP BA 2 -98.40 -23.62 62.68
C ASP BA 2 -97.48 -22.41 62.61
N THR BA 3 -97.20 -21.80 63.76
CA THR BA 3 -96.24 -20.69 63.81
C THR BA 3 -94.81 -21.19 63.74
N ALA BA 4 -94.59 -22.48 64.05
CA ALA BA 4 -93.24 -23.02 64.07
C ALA BA 4 -92.67 -23.16 62.66
N ALA BA 5 -93.54 -23.40 61.68
CA ALA BA 5 -93.09 -23.53 60.30
C ALA BA 5 -92.61 -22.21 59.73
N LYS BA 6 -93.14 -21.10 60.25
CA LYS BA 6 -92.65 -19.78 59.90
C LYS BA 6 -91.20 -19.59 60.32
N PHE BA 7 -90.84 -20.12 61.49
CA PHE BA 7 -89.54 -19.81 62.08
C PHE BA 7 -88.43 -20.65 61.46
N ILE BA 8 -88.76 -21.86 61.03
CA ILE BA 8 -87.74 -22.81 60.63
C ILE BA 8 -87.23 -22.50 59.23
N GLY BA 9 -88.03 -21.78 58.44
CA GLY BA 9 -87.70 -21.62 57.03
C GLY BA 9 -86.74 -20.48 56.77
N ALA BA 10 -86.93 -19.36 57.47
CA ALA BA 10 -86.17 -18.16 57.15
C ALA BA 10 -84.73 -18.28 57.64
N GLY BA 11 -84.52 -18.98 58.76
CA GLY BA 11 -83.16 -19.22 59.21
C GLY BA 11 -82.40 -20.15 58.30
N ALA BA 12 -83.14 -21.01 57.58
CA ALA BA 12 -82.51 -21.82 56.54
C ALA BA 12 -82.24 -20.99 55.29
N ALA BA 13 -83.18 -20.14 54.90
CA ALA BA 13 -83.00 -19.32 53.69
C ALA BA 13 -82.11 -18.12 53.96
N THR BA 14 -81.72 -17.92 55.22
CA THR BA 14 -80.80 -16.86 55.60
C THR BA 14 -79.42 -17.09 54.98
N VAL BA 15 -79.04 -18.35 54.82
CA VAL BA 15 -77.66 -18.72 54.57
C VAL BA 15 -77.36 -18.58 53.07
N GLY BA 16 -78.39 -18.28 52.28
CA GLY BA 16 -78.15 -18.06 50.86
C GLY BA 16 -77.48 -16.73 50.55
N VAL BA 17 -77.19 -15.94 51.59
CA VAL BA 17 -76.46 -14.70 51.41
C VAL BA 17 -75.01 -14.86 51.90
N ALA BA 18 -74.68 -16.02 52.46
CA ALA BA 18 -73.34 -16.28 52.95
C ALA BA 18 -72.33 -16.36 51.81
N GLY BA 19 -72.70 -17.04 50.74
CA GLY BA 19 -71.83 -17.09 49.58
C GLY BA 19 -71.80 -15.78 48.83
N SER BA 20 -72.95 -15.11 48.74
CA SER BA 20 -72.98 -13.78 48.14
C SER BA 20 -72.27 -12.75 49.01
N GLY BA 21 -72.09 -13.07 50.29
CA GLY BA 21 -71.19 -12.28 51.11
C GLY BA 21 -69.75 -12.43 50.69
N ALA BA 22 -69.31 -13.65 50.41
CA ALA BA 22 -67.94 -13.84 49.92
C ALA BA 22 -67.87 -13.57 48.43
N GLY BA 23 -69.02 -13.46 47.76
CA GLY BA 23 -69.03 -13.18 46.33
C GLY BA 23 -68.74 -11.74 46.01
N ILE BA 24 -68.70 -10.88 47.04
CA ILE BA 24 -68.26 -9.50 46.84
C ILE BA 24 -66.89 -9.29 47.45
N GLY BA 25 -66.40 -10.28 48.19
CA GLY BA 25 -65.08 -10.15 48.79
C GLY BA 25 -63.97 -10.39 47.80
N THR BA 26 -64.28 -11.04 46.69
CA THR BA 26 -63.22 -11.35 45.73
C THR BA 26 -63.16 -10.30 44.63
N VAL BA 27 -64.27 -9.61 44.38
CA VAL BA 27 -64.28 -8.55 43.38
C VAL BA 27 -63.50 -7.34 43.88
N PHE BA 28 -63.27 -7.26 45.19
CA PHE BA 28 -62.34 -6.25 45.71
C PHE BA 28 -60.96 -6.84 45.89
N GLY BA 29 -60.86 -8.17 45.88
CA GLY BA 29 -59.54 -8.80 45.91
C GLY BA 29 -58.90 -8.81 44.55
N SER BA 30 -59.65 -8.44 43.52
CA SER BA 30 -59.06 -8.28 42.20
C SER BA 30 -58.50 -6.87 42.01
N MET BA 31 -59.23 -5.86 42.47
CA MET BA 31 -58.91 -4.49 42.12
C MET BA 31 -57.70 -4.00 42.89
N ILE BA 32 -57.36 -4.68 43.97
CA ILE BA 32 -56.05 -4.53 44.58
C ILE BA 32 -54.97 -4.98 43.62
N ILE BA 33 -55.07 -6.23 43.16
CA ILE BA 33 -54.01 -6.80 42.33
C ILE BA 33 -54.21 -6.40 40.87
N GLY BA 34 -55.35 -5.76 40.56
CA GLY BA 34 -55.53 -5.25 39.21
C GLY BA 34 -54.93 -3.87 39.02
N TYR BA 35 -55.18 -2.96 39.96
CA TYR BA 35 -54.67 -1.60 39.86
C TYR BA 35 -53.17 -1.55 40.03
N ALA BA 36 -52.60 -2.50 40.78
CA ALA BA 36 -51.19 -2.42 41.13
C ALA BA 36 -50.29 -2.76 39.96
N ARG BA 37 -50.87 -3.13 38.82
CA ARG BA 37 -50.10 -3.15 37.57
C ARG BA 37 -50.27 -1.85 36.80
N ASN BA 38 -51.51 -1.44 36.55
CA ASN BA 38 -51.83 -0.43 35.56
C ASN BA 38 -52.58 0.71 36.22
N PRO BA 39 -51.90 1.76 36.65
CA PRO BA 39 -52.61 2.92 37.26
C PRO BA 39 -53.43 3.72 36.24
N SER BA 40 -54.60 3.19 35.95
CA SER BA 40 -55.64 3.81 35.16
C SER BA 40 -56.93 3.83 35.97
N LEU BA 41 -56.82 4.35 37.19
CA LEU BA 41 -57.75 4.04 38.27
C LEU BA 41 -59.12 4.65 38.05
N LYS BA 42 -59.19 5.99 37.95
CA LYS BA 42 -60.46 6.72 37.88
C LYS BA 42 -61.28 6.38 36.64
N GLN BA 43 -60.66 5.80 35.63
CA GLN BA 43 -61.33 5.27 34.46
C GLN BA 43 -61.93 3.90 34.79
N GLN BA 44 -62.26 3.12 33.75
CA GLN BA 44 -63.23 2.03 33.88
C GLN BA 44 -62.70 0.83 34.67
N LEU BA 45 -61.55 0.95 35.33
CA LEU BA 45 -61.17 -0.06 36.31
C LEU BA 45 -62.09 -0.02 37.53
N PHE BA 46 -62.26 1.16 38.13
CA PHE BA 46 -63.09 1.24 39.33
C PHE BA 46 -64.56 1.22 38.97
N SER BA 47 -64.92 1.73 37.79
CA SER BA 47 -66.32 1.84 37.42
C SER BA 47 -66.93 0.47 37.16
N TYR BA 48 -66.10 -0.51 36.82
CA TYR BA 48 -66.62 -1.86 36.65
C TYR BA 48 -66.77 -2.58 37.98
N ALA BA 49 -65.89 -2.29 38.95
CA ALA BA 49 -65.99 -2.96 40.24
C ALA BA 49 -67.18 -2.44 41.04
N ILE BA 50 -67.70 -1.27 40.68
CA ILE BA 50 -68.95 -0.81 41.26
C ILE BA 50 -70.10 -1.67 40.79
N LEU BA 51 -70.12 -1.99 39.50
CA LEU BA 51 -71.23 -2.73 38.92
C LEU BA 51 -71.27 -4.18 39.41
N GLY BA 52 -70.10 -4.77 39.63
CA GLY BA 52 -70.05 -6.14 40.10
C GLY BA 52 -70.54 -6.29 41.52
N PHE BA 53 -70.42 -5.23 42.31
CA PHE BA 53 -70.88 -5.29 43.70
C PHE BA 53 -72.40 -5.22 43.77
N ALA BA 54 -72.99 -4.18 43.16
CA ALA BA 54 -74.42 -3.92 43.32
C ALA BA 54 -75.27 -4.97 42.63
N LEU BA 55 -74.70 -5.65 41.63
CA LEU BA 55 -75.41 -6.76 41.02
C LEU BA 55 -75.40 -7.98 41.91
N SER BA 56 -74.25 -8.29 42.53
CA SER BA 56 -74.13 -9.53 43.30
C SER BA 56 -74.81 -9.42 44.66
N GLU BA 57 -74.76 -8.24 45.29
CA GLU BA 57 -75.41 -8.10 46.59
C GLU BA 57 -76.91 -8.02 46.43
N ALA BA 58 -77.39 -7.60 45.26
CA ALA BA 58 -78.82 -7.61 44.99
C ALA BA 58 -79.34 -9.04 44.93
N MET BA 59 -78.55 -9.96 44.37
CA MET BA 59 -78.96 -11.35 44.35
C MET BA 59 -78.82 -11.99 45.72
N GLY BA 60 -77.99 -11.39 46.58
CA GLY BA 60 -78.04 -11.75 47.98
C GLY BA 60 -79.22 -11.11 48.69
N LEU BA 61 -79.58 -9.90 48.28
CA LEU BA 61 -80.66 -9.17 48.96
C LEU BA 61 -82.02 -9.76 48.60
N PHE BA 62 -82.16 -10.30 47.38
CA PHE BA 62 -83.40 -10.98 47.03
C PHE BA 62 -83.53 -12.30 47.79
N CYS BA 63 -82.40 -12.88 48.19
CA CYS BA 63 -82.45 -14.05 49.05
C CYS BA 63 -82.92 -13.69 50.45
N LEU BA 64 -82.71 -12.44 50.85
CA LEU BA 64 -83.27 -11.98 52.12
C LEU BA 64 -84.72 -11.56 51.95
N MET BA 65 -85.14 -11.25 50.73
CA MET BA 65 -86.53 -10.87 50.51
C MET BA 65 -87.46 -12.07 50.65
N VAL BA 66 -86.99 -13.26 50.24
CA VAL BA 66 -87.82 -14.45 50.41
C VAL BA 66 -87.81 -14.88 51.86
N ALA BA 67 -86.81 -14.43 52.64
CA ALA BA 67 -86.79 -14.73 54.07
C ALA BA 67 -87.92 -14.02 54.79
N PHE BA 68 -88.37 -12.88 54.26
CA PHE BA 68 -89.45 -12.15 54.89
C PHE BA 68 -90.81 -12.78 54.56
N LEU BA 69 -90.96 -13.31 53.35
CA LEU BA 69 -92.22 -13.92 52.96
C LEU BA 69 -92.45 -15.24 53.67
N ILE BA 70 -91.36 -15.98 53.94
CA ILE BA 70 -91.46 -17.12 54.84
C ILE BA 70 -91.74 -16.65 56.26
N LEU BA 71 -91.19 -15.50 56.63
CA LEU BA 71 -91.51 -14.93 57.94
C LEU BA 71 -92.93 -14.38 57.97
N PHE BA 72 -93.37 -13.78 56.87
CA PHE BA 72 -94.71 -13.22 56.81
C PHE BA 72 -95.49 -13.75 55.62
N ILE CA 1 -92.84 -26.79 72.61
CA ILE CA 1 -92.90 -26.79 71.17
C ILE CA 1 -92.75 -25.36 70.67
N ASP CA 2 -93.18 -24.41 71.50
CA ASP CA 2 -93.04 -23.01 71.14
C ASP CA 2 -91.62 -22.52 71.32
N THR CA 3 -90.85 -23.21 72.16
CA THR CA 3 -89.46 -22.81 72.35
C THR CA 3 -88.54 -23.40 71.29
N ALA CA 4 -88.97 -24.50 70.64
CA ALA CA 4 -88.06 -25.23 69.77
C ALA CA 4 -87.86 -24.52 68.44
N ALA CA 5 -88.86 -23.75 68.00
CA ALA CA 5 -88.74 -23.01 66.76
C ALA CA 5 -87.89 -21.76 66.95
N LYS CA 6 -87.62 -21.38 68.20
CA LYS CA 6 -86.74 -20.24 68.46
C LYS CA 6 -85.29 -20.59 68.17
N PHE CA 7 -84.91 -21.85 68.38
CA PHE CA 7 -83.49 -22.16 68.41
C PHE CA 7 -83.00 -22.68 67.06
N ILE CA 8 -83.90 -23.29 66.28
CA ILE CA 8 -83.55 -23.60 64.89
C ILE CA 8 -83.36 -22.32 64.11
N GLY CA 9 -84.22 -21.33 64.32
CA GLY CA 9 -84.01 -20.01 63.73
C GLY CA 9 -82.80 -19.30 64.32
N ALA CA 10 -82.39 -19.71 65.53
CA ALA CA 10 -81.15 -19.18 66.09
C ALA CA 10 -79.94 -19.89 65.51
N GLY CA 11 -80.02 -21.21 65.38
CA GLY CA 11 -78.86 -21.96 64.93
C GLY CA 11 -78.63 -21.85 63.44
N ALA CA 12 -79.69 -21.87 62.64
CA ALA CA 12 -79.52 -21.93 61.19
C ALA CA 12 -79.21 -20.56 60.61
N ALA CA 13 -79.61 -19.49 61.28
CA ALA CA 13 -79.36 -18.16 60.74
C ALA CA 13 -77.93 -17.71 61.02
N THR CA 14 -77.31 -18.27 62.05
CA THR CA 14 -75.98 -17.83 62.46
C THR CA 14 -74.93 -18.41 61.53
N VAL CA 15 -75.32 -19.45 60.78
CA VAL CA 15 -74.49 -20.16 59.80
C VAL CA 15 -73.93 -19.24 58.75
N GLY CA 16 -74.73 -18.24 58.35
CA GLY CA 16 -74.38 -17.45 57.18
C GLY CA 16 -73.29 -16.44 57.45
N VAL CA 17 -72.87 -16.30 58.71
CA VAL CA 17 -71.79 -15.39 59.05
C VAL CA 17 -70.45 -16.03 58.72
N ALA CA 18 -70.47 -17.31 58.35
CA ALA CA 18 -69.26 -18.00 57.94
C ALA CA 18 -68.77 -17.52 56.59
N GLY CA 19 -69.72 -17.17 55.71
CA GLY CA 19 -69.37 -16.84 54.35
C GLY CA 19 -68.59 -15.55 54.23
N SER CA 20 -69.01 -14.51 54.96
CA SER CA 20 -68.32 -13.23 54.87
C SER CA 20 -67.01 -13.26 55.64
N GLY CA 21 -66.86 -14.21 56.55
CA GLY CA 21 -65.57 -14.42 57.17
C GLY CA 21 -64.58 -15.04 56.21
N ALA CA 22 -65.08 -15.72 55.18
CA ALA CA 22 -64.20 -16.25 54.15
C ALA CA 22 -63.80 -15.17 53.16
N GLY CA 23 -64.61 -14.11 53.07
CA GLY CA 23 -64.35 -13.08 52.07
C GLY CA 23 -63.23 -12.15 52.47
N ILE CA 24 -63.11 -11.86 53.76
CA ILE CA 24 -62.10 -10.90 54.19
C ILE CA 24 -60.74 -11.57 54.33
N GLY CA 25 -60.67 -12.87 54.10
CA GLY CA 25 -59.39 -13.51 53.91
C GLY CA 25 -58.87 -13.30 52.51
N THR CA 26 -59.78 -13.11 51.56
CA THR CA 26 -59.37 -12.83 50.19
C THR CA 26 -58.78 -11.43 50.07
N VAL CA 27 -59.48 -10.43 50.60
CA VAL CA 27 -59.08 -9.04 50.35
C VAL CA 27 -57.83 -8.70 51.14
N PHE CA 28 -57.62 -9.35 52.28
CA PHE CA 28 -56.38 -9.14 53.00
C PHE CA 28 -55.31 -10.06 52.51
N GLY CA 29 -55.70 -11.10 51.78
CA GLY CA 29 -54.71 -11.88 51.08
C GLY CA 29 -54.24 -11.16 49.82
N SER CA 30 -55.12 -10.37 49.22
CA SER CA 30 -54.80 -9.77 47.94
C SER CA 30 -54.00 -8.49 48.11
N MET CA 31 -54.06 -7.88 49.29
CA MET CA 31 -53.27 -6.69 49.56
C MET CA 31 -51.81 -7.06 49.79
N ILE CA 32 -51.54 -8.31 50.13
CA ILE CA 32 -50.16 -8.73 50.31
C ILE CA 32 -49.49 -8.90 48.96
N ILE CA 33 -50.25 -9.33 47.96
CA ILE CA 33 -49.64 -9.61 46.66
C ILE CA 33 -49.67 -8.36 45.79
N GLY CA 34 -50.62 -7.46 46.02
CA GLY CA 34 -50.64 -6.22 45.28
C GLY CA 34 -49.51 -5.29 45.69
N TYR CA 35 -49.13 -5.34 46.96
CA TYR CA 35 -48.04 -4.48 47.44
C TYR CA 35 -46.70 -4.97 46.90
N ALA CA 36 -46.56 -6.27 46.64
CA ALA CA 36 -45.25 -6.80 46.27
C ALA CA 36 -44.88 -6.46 44.84
N ARG CA 37 -45.83 -5.95 44.05
CA ARG CA 37 -45.48 -5.34 42.77
C ARG CA 37 -44.95 -3.93 42.96
N ASN CA 38 -45.78 -3.05 43.48
CA ASN CA 38 -45.67 -1.62 43.33
C ASN CA 38 -45.79 -0.98 44.71
N PRO CA 39 -44.68 -0.76 45.41
CA PRO CA 39 -44.78 -0.12 46.74
C PRO CA 39 -45.20 1.35 46.67
N SER CA 40 -46.50 1.53 46.42
CA SER CA 40 -47.24 2.76 46.56
C SER CA 40 -48.33 2.55 47.59
N LEU CA 41 -47.92 1.94 48.71
CA LEU CA 41 -48.86 1.21 49.55
C LEU CA 41 -49.74 2.13 50.37
N LYS CA 42 -49.18 3.20 50.94
CA LYS CA 42 -49.93 4.04 51.84
C LYS CA 42 -50.95 4.91 51.10
N GLN CA 43 -50.89 4.92 49.77
CA GLN CA 43 -51.92 5.47 48.90
C GLN CA 43 -53.05 4.46 48.75
N GLN CA 44 -53.87 4.62 47.71
CA GLN CA 44 -55.15 3.92 47.61
C GLN CA 44 -55.00 2.40 47.41
N LEU CA 45 -53.78 1.85 47.46
CA LEU CA 45 -53.61 0.40 47.52
C LEU CA 45 -54.16 -0.16 48.82
N PHE CA 46 -53.67 0.33 49.96
CA PHE CA 46 -54.15 -0.16 51.25
C PHE CA 46 -55.55 0.37 51.54
N SER CA 47 -55.87 1.55 51.01
CA SER CA 47 -57.17 2.15 51.33
C SER CA 47 -58.31 1.42 50.64
N TYR CA 48 -58.03 0.72 49.54
CA TYR CA 48 -59.05 -0.08 48.90
C TYR CA 48 -59.33 -1.36 49.67
N ALA CA 49 -58.37 -1.81 50.48
CA ALA CA 49 -58.64 -2.95 51.35
C ALA CA 49 -59.63 -2.58 52.44
N ILE CA 50 -59.46 -1.41 53.07
CA ILE CA 50 -60.38 -0.98 54.12
C ILE CA 50 -61.69 -0.50 53.50
N LEU CA 51 -61.67 -0.15 52.22
CA LEU CA 51 -62.91 -0.07 51.47
C LEU CA 51 -63.60 -1.43 51.41
N GLY CA 52 -62.85 -2.47 51.05
CA GLY CA 52 -63.48 -3.76 50.77
C GLY CA 52 -63.83 -4.52 52.02
N PHE CA 53 -62.97 -4.44 53.03
CA PHE CA 53 -63.20 -5.11 54.29
C PHE CA 53 -64.46 -4.61 55.00
N ALA CA 54 -64.74 -3.31 54.93
CA ALA CA 54 -65.94 -2.81 55.58
C ALA CA 54 -67.18 -3.19 54.78
N LEU CA 55 -67.03 -3.47 53.50
CA LEU CA 55 -68.20 -3.71 52.67
C LEU CA 55 -68.62 -5.17 52.72
N SER CA 56 -67.65 -6.07 52.94
CA SER CA 56 -67.99 -7.48 53.04
C SER CA 56 -68.55 -7.81 54.42
N GLU CA 57 -67.97 -7.22 55.47
CA GLU CA 57 -68.45 -7.44 56.83
C GLU CA 57 -69.83 -6.82 57.04
N ALA CA 58 -70.18 -5.81 56.24
CA ALA CA 58 -71.51 -5.23 56.31
C ALA CA 58 -72.56 -6.22 55.82
N MET CA 59 -72.18 -7.08 54.88
CA MET CA 59 -73.10 -8.13 54.46
C MET CA 59 -73.22 -9.21 55.52
N GLY CA 60 -72.10 -9.56 56.16
CA GLY CA 60 -72.13 -10.63 57.14
C GLY CA 60 -72.85 -10.23 58.41
N LEU CA 61 -72.73 -8.96 58.79
CA LEU CA 61 -73.52 -8.47 59.90
C LEU CA 61 -74.98 -8.36 59.52
N PHE CA 62 -75.27 -8.10 58.24
CA PHE CA 62 -76.64 -8.07 57.77
C PHE CA 62 -77.26 -9.46 57.82
N CYS CA 63 -76.43 -10.49 57.67
CA CYS CA 63 -76.87 -11.85 57.93
C CYS CA 63 -77.13 -12.07 59.41
N LEU CA 64 -76.26 -11.53 60.27
CA LEU CA 64 -76.35 -11.82 61.69
C LEU CA 64 -77.47 -11.00 62.34
N MET CA 65 -77.96 -9.97 61.65
CA MET CA 65 -78.96 -9.09 62.24
C MET CA 65 -80.33 -9.76 62.28
N VAL CA 66 -80.58 -10.73 61.41
CA VAL CA 66 -81.87 -11.42 61.44
C VAL CA 66 -81.88 -12.44 62.57
N ALA CA 67 -80.69 -12.80 63.09
CA ALA CA 67 -80.63 -13.75 64.19
C ALA CA 67 -81.16 -13.12 65.47
N PHE CA 68 -81.07 -11.80 65.57
CA PHE CA 68 -81.59 -11.13 66.76
C PHE CA 68 -83.04 -10.70 66.57
N LEU CA 69 -83.49 -10.61 65.31
CA LEU CA 69 -84.89 -10.33 65.08
C LEU CA 69 -85.75 -11.58 65.24
N ILE CA 70 -85.32 -12.67 64.63
CA ILE CA 70 -86.18 -13.85 64.56
C ILE CA 70 -86.15 -14.61 65.87
N LEU CA 71 -85.11 -14.41 66.69
CA LEU CA 71 -85.11 -15.02 68.01
C LEU CA 71 -86.01 -14.22 68.94
N PHE CA 72 -86.13 -12.93 68.70
CA PHE CA 72 -86.90 -12.07 69.57
C PHE CA 72 -87.99 -11.33 68.81
N UNK DA 1 -54.12 -16.11 44.51
CA UNK DA 1 -55.22 -15.24 44.88
C UNK DA 1 -56.26 -15.17 43.76
N UNK DA 2 -55.89 -15.59 42.56
CA UNK DA 2 -56.81 -15.60 41.45
C UNK DA 2 -57.77 -16.77 41.60
N UNK DA 3 -57.26 -17.86 42.17
CA UNK DA 3 -58.01 -19.09 42.29
C UNK DA 3 -58.60 -19.25 43.70
N UNK DA 4 -58.48 -18.20 44.48
CA UNK DA 4 -58.91 -18.25 45.86
C UNK DA 4 -60.37 -17.89 46.01
N UNK DA 5 -60.87 -17.07 45.10
CA UNK DA 5 -62.21 -16.51 45.22
C UNK DA 5 -63.23 -17.59 44.97
N UNK DA 6 -62.92 -18.51 44.07
CA UNK DA 6 -63.76 -19.66 43.84
C UNK DA 6 -63.61 -20.58 45.03
N UNK DA 7 -62.41 -20.63 45.61
CA UNK DA 7 -62.16 -21.43 46.81
C UNK DA 7 -62.84 -20.77 48.00
N UNK DA 8 -62.97 -19.45 47.95
CA UNK DA 8 -63.74 -18.72 48.95
C UNK DA 8 -65.21 -19.01 48.73
N UNK DA 9 -65.57 -19.16 47.46
CA UNK DA 9 -66.93 -19.50 47.05
C UNK DA 9 -67.16 -21.00 47.15
N UNK DA 10 -66.10 -21.72 47.45
CA UNK DA 10 -66.19 -23.14 47.73
C UNK DA 10 -66.53 -23.38 49.17
N UNK DA 11 -66.07 -22.48 50.04
CA UNK DA 11 -66.53 -22.47 51.43
C UNK DA 11 -67.44 -21.24 51.66
N UNK DA 12 -68.15 -20.87 50.59
CA UNK DA 12 -69.34 -20.03 50.69
C UNK DA 12 -70.52 -20.88 50.22
N UNK DA 13 -70.20 -21.91 49.42
CA UNK DA 13 -71.15 -22.93 49.00
C UNK DA 13 -71.17 -24.09 50.00
N UNK DA 14 -70.13 -24.15 50.81
CA UNK DA 14 -70.05 -25.13 51.90
C UNK DA 14 -70.55 -24.50 53.17
N UNK DA 15 -70.30 -23.21 53.32
CA UNK DA 15 -70.78 -22.44 54.46
C UNK DA 15 -72.30 -22.41 54.48
N UNK DA 16 -72.88 -22.07 53.34
CA UNK DA 16 -74.31 -21.98 53.17
C UNK DA 16 -75.04 -23.32 53.18
N UNK DA 17 -74.29 -24.39 53.01
CA UNK DA 17 -74.83 -25.73 52.78
C UNK DA 17 -75.59 -26.30 53.96
N UNK DA 18 -75.01 -26.21 55.15
CA UNK DA 18 -75.54 -26.89 56.32
C UNK DA 18 -76.81 -26.27 56.90
N UNK DA 19 -77.16 -25.08 56.41
CA UNK DA 19 -78.33 -24.33 56.90
C UNK DA 19 -79.64 -24.99 56.52
N UNK DA 20 -79.71 -25.48 55.28
CA UNK DA 20 -80.91 -26.16 54.79
C UNK DA 20 -81.01 -27.54 55.46
N UNK DA 21 -79.88 -28.08 55.86
CA UNK DA 21 -79.83 -29.26 56.70
C UNK DA 21 -80.20 -28.90 58.13
N UNK DA 22 -79.74 -27.72 58.57
CA UNK DA 22 -80.12 -27.20 59.89
C UNK DA 22 -81.60 -26.87 59.91
N UNK DA 23 -82.11 -26.49 58.74
CA UNK DA 23 -83.55 -26.39 58.52
C UNK DA 23 -84.14 -27.78 58.59
N UNK DA 24 -83.52 -28.74 57.91
CA UNK DA 24 -84.02 -30.10 57.84
C UNK DA 24 -83.91 -30.84 59.18
N UNK DA 25 -82.82 -30.65 59.91
CA UNK DA 25 -82.62 -31.41 61.14
C UNK DA 25 -83.51 -30.88 62.25
N UNK DA 26 -84.04 -29.68 62.06
CA UNK DA 26 -85.04 -29.15 62.97
C UNK DA 26 -86.45 -29.46 62.46
N UNK DA 27 -86.55 -29.75 61.17
CA UNK DA 27 -87.85 -29.96 60.52
C UNK DA 27 -88.54 -31.19 61.07
N UNK DA 28 -87.79 -32.28 61.09
CA UNK DA 28 -88.27 -33.52 61.69
C UNK DA 28 -88.31 -33.36 63.20
N UNK DA 29 -87.45 -32.51 63.74
CA UNK DA 29 -87.50 -32.20 65.17
C UNK DA 29 -88.75 -31.37 65.48
N UNK DA 30 -89.13 -30.48 64.58
CA UNK DA 30 -90.39 -29.73 64.73
C UNK DA 30 -91.57 -30.66 64.50
N UNK DA 31 -91.37 -31.64 63.63
CA UNK DA 31 -92.42 -32.61 63.33
C UNK DA 31 -92.63 -33.56 64.50
N UNK DA 32 -91.53 -34.03 65.10
CA UNK DA 32 -91.60 -34.99 66.21
C UNK DA 32 -92.05 -34.30 67.49
N UNK DA 33 -91.87 -32.99 67.55
CA UNK DA 33 -92.44 -32.18 68.61
C UNK DA 33 -93.96 -32.17 68.46
N UNK DA 34 -94.41 -32.10 67.21
CA UNK DA 34 -95.83 -32.12 66.88
C UNK DA 34 -96.34 -33.56 66.82
N UNK DA 35 -95.42 -34.51 66.76
CA UNK DA 35 -95.79 -35.92 66.79
C UNK DA 35 -95.65 -36.47 68.20
N UNK DA 36 -95.66 -35.58 69.18
CA UNK DA 36 -95.55 -35.98 70.57
C UNK DA 36 -96.86 -35.75 71.33
N UNK DA 37 -97.67 -34.81 70.84
CA UNK DA 37 -98.94 -34.46 71.50
C UNK DA 37 -100.04 -34.09 70.51
N UNK DA 38 -99.69 -33.29 69.50
CA UNK DA 38 -100.67 -32.83 68.51
C UNK DA 38 -101.14 -33.96 67.61
N UNK DA 39 -100.28 -34.97 67.43
CA UNK DA 39 -100.61 -36.10 66.56
C UNK DA 39 -101.43 -37.16 67.28
N UNK DA 40 -100.76 -37.94 68.14
CA UNK DA 40 -101.33 -39.07 68.89
C UNK DA 40 -102.02 -40.08 67.98
N UNK DA 41 -101.22 -40.91 67.33
CA UNK DA 41 -101.75 -41.93 66.42
C UNK DA 41 -101.47 -43.33 66.92
N UNK DA 42 -102.39 -44.26 66.66
CA UNK DA 42 -102.25 -45.65 67.07
C UNK DA 42 -103.08 -46.57 66.18
PG ATP EA . 3.31 27.07 -33.26
O1G ATP EA . 3.77 25.69 -33.63
O2G ATP EA . 3.04 27.97 -34.43
O3G ATP EA . 4.04 27.71 -32.13
PB ATP EA . 1.22 28.02 -31.73
O1B ATP EA . 1.58 27.79 -30.31
O2B ATP EA . 1.59 29.33 -32.37
O3B ATP EA . 1.87 26.85 -32.60
PA ATP EA . -1.21 27.64 -33.22
O1A ATP EA . -0.39 26.96 -34.28
O2A ATP EA . -1.93 28.92 -33.56
O3A ATP EA . -0.37 27.77 -31.86
O5' ATP EA . -2.32 26.59 -32.78
C5' ATP EA . -2.29 25.28 -33.33
C4' ATP EA . -3.67 24.68 -33.24
O4' ATP EA . -4.35 25.19 -32.09
C3' ATP EA . -4.49 25.10 -34.43
O3' ATP EA . -4.69 23.96 -35.26
C2' ATP EA . -5.80 25.57 -33.86
O2' ATP EA . -6.86 24.77 -34.42
C1' ATP EA . -5.73 25.28 -32.39
N9 ATP EA . -6.33 26.36 -31.58
C8 ATP EA . -5.69 27.45 -31.16
N7 ATP EA . -6.50 28.23 -30.42
C5 ATP EA . -7.69 27.62 -30.34
C6 ATP EA . -8.97 27.90 -29.70
N6 ATP EA . -9.16 29.03 -28.99
N1 ATP EA . -9.96 27.02 -29.86
C2 ATP EA . -9.78 25.90 -30.58
N3 ATP EA . -8.63 25.58 -31.18
C4 ATP EA . -7.56 26.39 -31.11
MG MG FA . 3.31 30.04 -34.79
PG ATP GA . 30.55 36.14 8.04
O1G ATP GA . 29.65 35.78 6.90
O2G ATP GA . 30.62 37.62 8.31
O3G ATP GA . 31.87 35.44 8.00
PB ATP GA . 30.69 34.95 10.56
O1B ATP GA . 30.92 33.50 10.27
O2B ATP GA . 31.85 35.85 10.85
O3B ATP GA . 29.83 35.58 9.37
PA ATP GA . 29.98 35.86 13.08
O1A ATP GA . 30.33 37.27 12.75
O2A ATP GA . 30.94 35.10 13.95
O3A ATP GA . 29.64 35.04 11.76
O5' ATP GA . 28.55 35.90 13.77
C5' ATP GA . 28.13 37.16 14.24
C4' ATP GA . 26.84 37.01 15.01
O4' ATP GA . 26.88 35.78 15.74
C3' ATP GA . 26.73 38.10 16.06
O3' ATP GA . 25.80 39.12 15.67
C2' ATP GA . 26.23 37.41 17.30
O2' ATP GA . 24.93 37.90 17.62
C1' ATP GA . 26.14 35.95 16.94
N9 ATP GA . 26.73 35.13 18.01
C8 ATP GA . 27.85 34.40 17.90
N7 ATP GA . 28.13 33.76 19.05
C5 ATP GA . 27.15 34.07 19.93
C6 ATP GA . 26.83 33.72 21.34
N6 ATP GA . 27.64 32.91 22.04
N1 ATP GA . 25.73 34.25 21.88
C2 ATP GA . 24.93 35.08 21.18
N3 ATP GA . 25.15 35.42 19.91
C4 ATP GA . 26.24 34.97 19.24
MG MG HA . 34.44 36.00 9.74
PG ATP IA . 34.08 -5.82 -14.67
O1G ATP IA . 33.18 -4.71 -14.24
O2G ATP IA . 35.36 -5.92 -13.91
O3G ATP IA . 34.22 -6.01 -16.16
PB ATP IA . 31.97 -7.59 -15.00
O1B ATP IA . 30.95 -6.48 -14.93
O2B ATP IA . 32.42 -8.16 -16.30
O3B ATP IA . 33.25 -7.09 -14.19
PA ATP IA . 31.96 -10.28 -14.08
O1A ATP IA . 33.38 -10.29 -13.62
O2A ATP IA . 31.66 -11.01 -15.36
O3A ATP IA . 31.40 -8.78 -14.09
O5' ATP IA . 31.08 -10.88 -12.89
C5' ATP IA . 31.11 -10.20 -11.64
C4' ATP IA . 30.86 -11.16 -10.47
O4' ATP IA . 29.63 -11.86 -10.63
C3' ATP IA . 31.96 -12.20 -10.39
O3' ATP IA . 32.40 -12.29 -9.04
C2' ATP IA . 31.30 -13.51 -10.75
O2' ATP IA . 31.86 -14.54 -9.96
C1' ATP IA . 29.84 -13.25 -10.45
N9 ATP IA . 29.02 -14.02 -11.41
C8 ATP IA . 29.26 -14.09 -12.73
N7 ATP IA . 28.35 -14.89 -13.34
C5 ATP IA . 27.51 -15.33 -12.38
C6 ATP IA . 26.33 -16.20 -12.35
N6 ATP IA . 25.86 -16.76 -13.48
N1 ATP IA . 25.76 -16.42 -11.15
C2 ATP IA . 26.22 -15.85 -10.03
N3 ATP IA . 27.29 -15.05 -10.00
C4 ATP IA . 27.97 -14.76 -11.12
MG MG JA . 33.62 -7.13 -17.80
PB ADP KA . 13.25 2.07 -34.49
O1B ADP KA . 13.67 2.96 -35.62
O2B ADP KA . 14.33 1.93 -33.46
O3B ADP KA . 11.92 2.36 -33.87
PA ADP KA . 11.93 -0.43 -35.22
O1A ADP KA . 12.28 -1.51 -36.21
O2A ADP KA . 10.64 0.27 -35.39
O3A ADP KA . 13.16 0.62 -35.21
O5' ADP KA . 11.87 -1.15 -33.81
C5' ADP KA . 10.60 -1.33 -33.20
C4' ADP KA . 10.60 -2.70 -32.53
O4' ADP KA . 9.28 -3.02 -32.09
C3' ADP KA . 11.02 -3.79 -33.50
O3' ADP KA . 12.29 -4.32 -33.12
C2' ADP KA . 10.03 -4.89 -33.36
O2' ADP KA . 10.67 -6.01 -32.77
C1' ADP KA . 9.00 -4.37 -32.40
N9 ADP KA . 7.68 -4.52 -33.07
C8 ADP KA . 7.35 -5.48 -33.94
N7 ADP KA . 6.07 -5.36 -34.37
C5 ADP KA . 5.56 -4.29 -33.74
C6 ADP KA . 4.28 -3.59 -33.70
N6 ADP KA . 3.23 -3.99 -34.45
N1 ADP KA . 4.18 -2.50 -32.89
C2 ADP KA . 5.15 -2.04 -32.08
N3 ADP KA . 6.36 -2.67 -32.15
C4 ADP KA . 6.61 -3.76 -32.88
MG MG LA . 14.61 2.40 -37.34
PB ADP MA . 40.41 9.77 6.21
O1B ADP MA . 41.32 9.51 5.04
O2B ADP MA . 39.89 11.17 6.29
O3B ADP MA . 39.39 8.72 6.45
PA ADP MA . 41.01 9.04 8.88
O1A ADP MA . 40.64 7.60 8.73
O2A ADP MA . 42.13 9.41 9.81
O3A ADP MA . 41.41 9.62 7.43
O5' ADP MA . 39.73 9.80 9.40
C5' ADP MA . 38.60 9.02 9.72
C4' ADP MA . 37.95 9.50 11.00
O4' ADP MA . 36.74 8.74 11.19
C3' ADP MA . 38.77 9.24 12.23
O3' ADP MA . 39.31 10.44 12.75
C2' ADP MA . 37.81 8.70 13.27
O2' ADP MA . 37.32 9.78 14.05
C1' ADP MA . 36.64 8.16 12.48
N9 ADP MA . 36.77 6.69 12.37
C8 ADP MA . 37.33 6.04 11.34
N7 ADP MA . 37.30 4.71 11.50
C5 ADP MA . 36.71 4.48 12.68
C6 ADP MA . 36.36 3.29 13.47
N6 ADP MA . 36.65 2.06 13.01
N1 ADP MA . 35.76 3.48 14.66
C2 ADP MA . 35.47 4.71 15.12
N3 ADP MA . 35.75 5.83 14.45
C4 ADP MA . 36.37 5.79 13.25
MG MG NA . 43.48 9.71 5.49
#